data_2B9V
#
_entry.id   2B9V
#
_cell.length_a   98.369
_cell.length_b   275.594
_cell.length_c   197.953
_cell.angle_alpha   90.00
_cell.angle_beta   90.11
_cell.angle_gamma   90.00
#
_symmetry.space_group_name_H-M   'P 1 21 1'
#
loop_
_entity.id
_entity.type
_entity.pdbx_description
1 polymer 'Alpha-amino acid ester hydrolase'
2 water water
#
_entity_poly.entity_id   1
_entity_poly.type   'polypeptide(L)'
_entity_poly.pdbx_seq_one_letter_code
;APAADAAQAHDPLSVQTGSDIPASVHMPTDQQRDYIKREVMVPMRDGVKLYTVIVIPKNARNAPILLTRTPYNAKGRANR
VPNALTMREVLPQGDDVFVEGGYIRVFQDIRGKYGSQGDYVMTRPPHGPLNPTKTDETTDAWDTVDWLVHNVPESNGRVG
MTGSSYEGFTVVMALLDPHPALKVAAPESPMVDGWMGDDWFHYGAFRQGAFDYFVSQMTARGGGNDIPRRDADDYTNFLK
AGSAGSFATQAGLDQYPFWQRMHAHPAYDAFWQGQALDKILAQRKPTVPMLWEQGLWDQEDMWGAIHAWQALKDADVKAP
NTLVMGPWRHSGVNYNGSTLGPLEFEGDTAHQYRRDVFRPFFDEYLKPGSASVHLPDAIIYNTGDQKWDYYRSWPSVCES
NCTGGLTPLYLADGHGLSFTHPAADGADSYVSDPAHPVPFISRPFAFAQSSRWKPWLVQDQREAESRPDVVTYETEVLDE
PVRVSGVPVADLFAATSGTDSDWVVKLIDVQPAMTPDDPKMGGYELPVSMDIFRGRYRKDFAKPEALQPDATLHYHFTLP
AVNHVFAKGHRIMVQIQSSWFPLYDRNPQKFVPNIFDAKPADYTVATQSIHHGGKEATSILLPVVKQKLGPEQKLISEED
LNSAVDHHHHHH
;
_entity_poly.pdbx_strand_id   A,B,C,D,E,F,G,H,I,J,K,L,M,N,O,P
#
# COMPACT_ATOMS: atom_id res chain seq x y z
N HIS A 10 74.85 -90.25 -90.98
CA HIS A 10 73.72 -89.76 -90.12
C HIS A 10 74.19 -88.99 -88.87
N ASP A 11 73.55 -87.84 -88.64
CA ASP A 11 73.87 -86.96 -87.51
C ASP A 11 73.39 -87.62 -86.21
N PRO A 12 74.33 -87.96 -85.31
CA PRO A 12 73.95 -88.62 -84.06
C PRO A 12 73.19 -87.74 -83.09
N LEU A 13 73.28 -86.41 -83.23
CA LEU A 13 72.54 -85.51 -82.36
C LEU A 13 71.12 -85.22 -82.82
N SER A 14 70.67 -85.97 -83.83
CA SER A 14 69.30 -85.85 -84.36
C SER A 14 68.64 -87.19 -84.69
N VAL A 15 69.41 -88.12 -85.22
CA VAL A 15 68.90 -89.43 -85.61
C VAL A 15 69.52 -90.50 -84.76
N GLN A 16 68.69 -91.22 -84.02
CA GLN A 16 69.15 -92.32 -83.18
C GLN A 16 68.65 -93.61 -83.80
N THR A 17 69.58 -94.46 -84.21
CA THR A 17 69.28 -95.79 -84.76
C THR A 17 69.66 -96.88 -83.78
N GLY A 18 70.37 -96.53 -82.72
CA GLY A 18 70.79 -97.45 -81.67
C GLY A 18 69.86 -97.30 -80.47
N SER A 19 70.43 -97.41 -79.28
CA SER A 19 69.65 -97.34 -78.03
C SER A 19 69.93 -96.09 -77.18
N ASP A 20 68.87 -95.56 -76.57
CA ASP A 20 68.99 -94.41 -75.68
C ASP A 20 69.37 -94.86 -74.26
N ILE A 21 69.48 -96.18 -74.05
CA ILE A 21 69.90 -96.72 -72.76
C ILE A 21 71.41 -97.00 -72.80
N PRO A 22 72.22 -96.25 -72.02
CA PRO A 22 73.67 -96.49 -72.03
C PRO A 22 74.02 -97.89 -71.55
N GLN A 32 80.44 -86.78 -54.48
CA GLN A 32 79.71 -85.92 -53.56
C GLN A 32 79.25 -86.57 -52.25
N ARG A 33 79.30 -87.90 -52.18
CA ARG A 33 78.89 -88.66 -51.00
C ARG A 33 79.84 -88.53 -49.85
N ASP A 34 79.35 -88.76 -48.64
CA ASP A 34 80.21 -88.73 -47.45
C ASP A 34 80.49 -90.13 -46.92
N TYR A 35 80.36 -91.13 -47.80
CA TYR A 35 80.61 -92.52 -47.45
C TYR A 35 80.94 -93.27 -48.74
N ILE A 36 81.50 -94.46 -48.56
CA ILE A 36 81.80 -95.34 -49.69
C ILE A 36 81.09 -96.65 -49.38
N LYS A 37 80.52 -97.26 -50.42
CA LYS A 37 79.82 -98.51 -50.23
C LYS A 37 80.58 -99.57 -51.00
N ARG A 38 80.89 -100.68 -50.34
CA ARG A 38 81.56 -101.82 -50.95
C ARG A 38 80.62 -103.02 -50.86
N GLU A 39 80.59 -103.82 -51.92
CA GLU A 39 79.82 -105.04 -52.00
C GLU A 39 80.84 -106.14 -52.19
N VAL A 40 80.83 -107.13 -51.30
CA VAL A 40 81.80 -108.22 -51.39
C VAL A 40 81.11 -109.57 -51.18
N MET A 41 81.64 -110.61 -51.83
CA MET A 41 81.12 -111.96 -51.67
C MET A 41 82.13 -112.60 -50.72
N VAL A 42 81.74 -112.78 -49.45
CA VAL A 42 82.60 -113.34 -48.42
C VAL A 42 82.46 -114.86 -48.37
N PRO A 43 83.55 -115.60 -48.65
CA PRO A 43 83.45 -117.04 -48.66
C PRO A 43 83.41 -117.67 -47.28
N MET A 44 82.51 -118.62 -47.07
CA MET A 44 82.41 -119.33 -45.80
C MET A 44 83.37 -120.52 -45.85
N ARG A 45 83.47 -121.26 -44.75
CA ARG A 45 84.37 -122.40 -44.67
C ARG A 45 84.10 -123.49 -45.70
N ASP A 46 82.85 -123.64 -46.12
CA ASP A 46 82.46 -124.66 -47.10
C ASP A 46 82.45 -124.16 -48.53
N GLY A 47 82.89 -122.92 -48.75
CA GLY A 47 82.93 -122.38 -50.09
C GLY A 47 81.77 -121.51 -50.53
N VAL A 48 80.65 -121.59 -49.82
CA VAL A 48 79.47 -120.77 -50.10
C VAL A 48 79.79 -119.29 -49.83
N LYS A 49 79.46 -118.40 -50.77
CA LYS A 49 79.79 -117.00 -50.62
C LYS A 49 78.56 -116.18 -50.28
N LEU A 50 78.66 -115.32 -49.27
CA LEU A 50 77.53 -114.49 -48.83
C LEU A 50 77.66 -113.02 -49.24
N TYR A 51 76.58 -112.46 -49.77
CA TYR A 51 76.61 -111.08 -50.21
C TYR A 51 76.72 -110.11 -49.04
N THR A 52 77.82 -109.37 -48.99
CA THR A 52 78.06 -108.48 -47.87
C THR A 52 78.24 -107.05 -48.34
N VAL A 53 77.54 -106.11 -47.69
CA VAL A 53 77.58 -104.68 -47.98
C VAL A 53 78.23 -103.92 -46.83
N ILE A 54 79.26 -103.15 -47.15
CA ILE A 54 80.04 -102.43 -46.17
C ILE A 54 79.94 -100.93 -46.45
N VAL A 55 79.43 -100.19 -45.48
CA VAL A 55 79.29 -98.75 -45.63
C VAL A 55 80.28 -98.07 -44.69
N ILE A 56 81.23 -97.37 -45.27
CA ILE A 56 82.31 -96.73 -44.56
C ILE A 56 82.27 -95.21 -44.69
N PRO A 57 82.35 -94.47 -43.57
CA PRO A 57 82.37 -93.01 -43.65
C PRO A 57 83.64 -92.54 -44.35
N LYS A 58 83.59 -91.45 -45.10
CA LYS A 58 84.80 -90.96 -45.78
C LYS A 58 85.91 -90.60 -44.81
N ASN A 59 87.15 -90.90 -45.19
CA ASN A 59 88.30 -90.65 -44.32
C ASN A 59 88.23 -91.38 -42.97
N ALA A 60 87.50 -92.50 -42.94
CA ALA A 60 87.35 -93.25 -41.70
C ALA A 60 88.66 -93.98 -41.54
N ARG A 61 89.18 -94.00 -40.31
CA ARG A 61 90.42 -94.68 -39.99
C ARG A 61 90.24 -95.19 -38.56
N ASN A 62 90.59 -96.46 -38.34
CA ASN A 62 90.45 -97.12 -37.04
C ASN A 62 89.00 -97.05 -36.51
N ALA A 63 88.04 -97.28 -37.40
CA ALA A 63 86.62 -97.24 -37.05
C ALA A 63 86.07 -98.62 -36.66
N PRO A 64 85.23 -98.68 -35.63
CA PRO A 64 84.62 -99.97 -35.31
C PRO A 64 83.57 -100.38 -36.34
N ILE A 65 83.26 -101.68 -36.39
CA ILE A 65 82.28 -102.25 -37.30
C ILE A 65 81.02 -102.67 -36.55
N LEU A 66 79.87 -102.31 -37.08
CA LEU A 66 78.59 -102.71 -36.53
C LEU A 66 78.02 -103.67 -37.58
N LEU A 67 77.80 -104.93 -37.21
CA LEU A 67 77.34 -105.95 -38.16
C LEU A 67 75.95 -106.50 -37.91
N THR A 68 75.18 -106.70 -38.99
CA THR A 68 73.85 -107.29 -38.95
C THR A 68 73.75 -108.32 -40.08
N ARG A 69 73.24 -109.51 -39.77
CA ARG A 69 73.09 -110.58 -40.76
C ARG A 69 71.59 -110.71 -40.94
N THR A 70 71.12 -110.69 -42.18
CA THR A 70 69.69 -110.65 -42.43
C THR A 70 69.16 -111.53 -43.56
N PRO A 71 67.87 -111.93 -43.46
CA PRO A 71 67.17 -112.58 -44.54
C PRO A 71 66.27 -111.59 -45.30
N TYR A 72 66.39 -110.29 -45.00
CA TYR A 72 65.52 -109.29 -45.61
C TYR A 72 66.20 -108.35 -46.59
N ASN A 73 67.12 -108.86 -47.40
CA ASN A 73 67.79 -108.10 -48.44
C ASN A 73 68.75 -107.01 -47.94
N ALA A 74 70.00 -107.41 -47.75
CA ALA A 74 71.05 -106.53 -47.28
C ALA A 74 71.28 -105.30 -48.19
N LYS A 75 71.15 -105.47 -49.50
CA LYS A 75 71.32 -104.33 -50.41
C LYS A 75 70.29 -103.27 -50.08
N GLY A 76 69.05 -103.70 -49.92
CA GLY A 76 67.97 -102.77 -49.57
C GLY A 76 68.08 -102.18 -48.18
N ARG A 77 68.53 -102.98 -47.21
CA ARG A 77 68.67 -102.53 -45.83
C ARG A 77 69.66 -101.38 -45.69
N ALA A 78 70.71 -101.40 -46.51
CA ALA A 78 71.72 -100.35 -46.50
C ALA A 78 71.45 -99.30 -47.57
N ASN A 79 70.19 -99.17 -47.98
CA ASN A 79 69.70 -98.24 -49.01
C ASN A 79 68.33 -97.67 -48.66
N ARG A 80 68.19 -97.21 -47.43
CA ARG A 80 66.94 -96.64 -46.91
C ARG A 80 66.47 -95.60 -47.92
N VAL A 81 67.36 -94.67 -48.26
CA VAL A 81 67.11 -93.71 -49.32
C VAL A 81 68.11 -94.21 -50.38
N PRO A 82 67.61 -94.79 -51.47
CA PRO A 82 68.51 -95.35 -52.48
C PRO A 82 69.62 -94.45 -53.00
N ASN A 83 70.87 -94.92 -52.86
CA ASN A 83 72.03 -94.20 -53.37
C ASN A 83 72.12 -92.76 -52.89
N ALA A 84 71.67 -92.53 -51.65
CA ALA A 84 71.65 -91.18 -51.08
C ALA A 84 73.04 -90.61 -50.99
N LEU A 85 73.09 -89.28 -50.94
CA LEU A 85 74.35 -88.57 -50.85
C LEU A 85 74.95 -88.59 -49.45
N THR A 86 74.19 -88.91 -48.40
CA THR A 86 74.73 -88.93 -47.05
C THR A 86 74.56 -90.30 -46.40
N MET A 87 75.49 -90.64 -45.52
CA MET A 87 75.43 -91.96 -44.87
C MET A 87 74.19 -92.04 -43.98
N ARG A 88 73.86 -90.91 -43.37
CA ARG A 88 72.70 -90.80 -42.49
C ARG A 88 71.44 -91.22 -43.21
N GLU A 89 71.26 -90.80 -44.46
CA GLU A 89 70.12 -91.18 -45.28
C GLU A 89 70.16 -92.63 -45.79
N VAL A 90 71.34 -93.13 -46.10
CA VAL A 90 71.43 -94.45 -46.72
C VAL A 90 71.17 -95.56 -45.70
N LEU A 91 71.50 -95.30 -44.43
CA LEU A 91 71.29 -96.26 -43.37
C LEU A 91 69.98 -96.07 -42.61
N PRO A 92 69.46 -97.16 -42.00
CA PRO A 92 68.21 -97.06 -41.27
C PRO A 92 68.19 -96.06 -40.13
N GLN A 93 66.97 -95.66 -39.74
CA GLN A 93 66.80 -94.72 -38.63
C GLN A 93 67.47 -95.20 -37.34
N GLY A 94 67.42 -96.51 -37.10
CA GLY A 94 68.02 -97.12 -35.91
C GLY A 94 69.53 -97.06 -35.80
N ASP A 95 70.20 -96.79 -36.91
CA ASP A 95 71.68 -96.69 -36.97
C ASP A 95 72.14 -95.24 -36.84
N ASP A 96 71.21 -94.32 -36.59
CA ASP A 96 71.53 -92.90 -36.47
C ASP A 96 72.67 -92.55 -35.52
N VAL A 97 72.67 -93.12 -34.32
CA VAL A 97 73.71 -92.80 -33.35
C VAL A 97 75.07 -93.36 -33.75
N PHE A 98 75.08 -94.41 -34.56
CA PHE A 98 76.33 -95.02 -35.00
C PHE A 98 76.91 -94.30 -36.22
N VAL A 99 76.02 -93.65 -36.97
CA VAL A 99 76.48 -92.84 -38.10
C VAL A 99 77.15 -91.63 -37.49
N GLU A 100 76.54 -91.04 -36.47
CA GLU A 100 77.13 -89.91 -35.76
C GLU A 100 78.45 -90.24 -35.06
N GLY A 101 78.62 -91.47 -34.61
CA GLY A 101 79.86 -91.88 -33.95
C GLY A 101 80.97 -92.37 -34.88
N GLY A 102 80.73 -92.36 -36.18
CA GLY A 102 81.74 -92.79 -37.14
C GLY A 102 81.96 -94.28 -37.38
N TYR A 103 80.95 -95.10 -37.06
CA TYR A 103 81.06 -96.53 -37.26
C TYR A 103 80.95 -96.95 -38.72
N ILE A 104 81.56 -98.08 -39.02
CA ILE A 104 81.42 -98.69 -40.32
C ILE A 104 80.21 -99.58 -40.14
N ARG A 105 79.31 -99.61 -41.11
CA ARG A 105 78.12 -100.44 -41.03
C ARG A 105 78.14 -101.58 -42.03
N VAL A 106 77.90 -102.81 -41.55
CA VAL A 106 77.86 -104.01 -42.38
C VAL A 106 76.54 -104.74 -42.29
N PHE A 107 75.96 -105.02 -43.45
CA PHE A 107 74.73 -105.79 -43.64
C PHE A 107 75.12 -106.95 -44.54
N GLN A 108 74.71 -108.15 -44.16
CA GLN A 108 75.02 -109.37 -44.89
C GLN A 108 73.80 -110.22 -45.06
N ASP A 109 73.61 -110.71 -46.28
CA ASP A 109 72.53 -111.63 -46.63
C ASP A 109 72.91 -113.02 -46.10
N ILE A 110 72.07 -113.59 -45.26
CA ILE A 110 72.32 -114.93 -44.73
C ILE A 110 72.31 -115.98 -45.86
N ARG A 111 72.88 -117.14 -45.54
CA ARG A 111 72.98 -118.27 -46.45
C ARG A 111 71.62 -118.55 -47.07
N GLY A 112 71.59 -118.55 -48.40
CA GLY A 112 70.40 -118.90 -49.16
C GLY A 112 69.41 -117.82 -49.51
N LYS A 113 69.68 -116.57 -49.13
CA LYS A 113 68.81 -115.45 -49.40
C LYS A 113 69.47 -114.36 -50.24
N TYR A 114 68.65 -113.74 -51.09
CA TYR A 114 69.00 -112.64 -52.00
C TYR A 114 70.32 -112.79 -52.75
N GLY A 115 71.36 -112.06 -52.36
CA GLY A 115 72.62 -112.15 -53.07
C GLY A 115 73.56 -113.26 -52.64
N SER A 116 73.17 -114.03 -51.63
CA SER A 116 74.01 -115.09 -51.10
C SER A 116 73.74 -116.41 -51.78
N GLN A 117 74.76 -117.26 -51.81
CA GLN A 117 74.66 -118.60 -52.38
C GLN A 117 74.18 -119.51 -51.25
N GLY A 118 74.02 -120.79 -51.54
CA GLY A 118 73.66 -121.77 -50.51
C GLY A 118 72.20 -122.12 -50.38
N ASP A 119 71.92 -123.04 -49.47
CA ASP A 119 70.55 -123.49 -49.24
C ASP A 119 70.00 -122.72 -48.08
N TYR A 120 68.78 -122.22 -48.22
CA TYR A 120 68.11 -121.51 -47.14
C TYR A 120 67.32 -122.48 -46.28
N VAL A 121 67.47 -122.35 -44.98
CA VAL A 121 66.72 -123.18 -44.03
C VAL A 121 66.17 -122.17 -43.03
N MET A 122 64.85 -122.13 -42.90
CA MET A 122 64.17 -121.25 -41.97
C MET A 122 64.70 -121.44 -40.57
N THR A 123 65.15 -120.35 -39.93
CA THR A 123 65.71 -120.36 -38.59
C THR A 123 66.61 -121.58 -38.42
N ARG A 124 67.62 -121.65 -39.28
CA ARG A 124 68.50 -122.79 -39.33
C ARG A 124 68.93 -123.23 -37.94
N PRO A 125 68.58 -124.46 -37.53
CA PRO A 125 69.00 -124.92 -36.21
C PRO A 125 70.52 -125.02 -36.07
N PRO A 126 71.02 -124.94 -34.82
CA PRO A 126 72.45 -125.05 -34.56
C PRO A 126 72.96 -126.47 -34.78
N HIS A 127 74.27 -126.63 -34.91
CA HIS A 127 74.83 -127.94 -35.14
C HIS A 127 74.30 -128.86 -34.05
N GLY A 128 73.82 -130.03 -34.44
CA GLY A 128 73.27 -130.99 -33.50
C GLY A 128 72.34 -131.96 -34.20
N PRO A 129 71.38 -132.53 -33.46
CA PRO A 129 70.46 -133.49 -34.07
C PRO A 129 69.59 -132.91 -35.20
N LEU A 130 69.32 -131.61 -35.16
CA LEU A 130 68.53 -130.96 -36.20
C LEU A 130 69.34 -130.34 -37.34
N ASN A 131 70.67 -130.45 -37.28
CA ASN A 131 71.59 -129.95 -38.29
C ASN A 131 72.94 -130.67 -38.21
N PRO A 132 73.08 -131.82 -38.90
CA PRO A 132 74.33 -132.58 -38.86
C PRO A 132 75.42 -132.15 -39.83
N THR A 133 75.23 -131.03 -40.52
CA THR A 133 76.22 -130.51 -41.46
C THR A 133 77.35 -129.81 -40.70
N LYS A 134 78.36 -129.40 -41.44
CA LYS A 134 79.52 -128.70 -40.88
C LYS A 134 79.27 -127.21 -40.62
N THR A 135 78.19 -126.63 -41.14
CA THR A 135 77.93 -125.20 -40.94
C THR A 135 76.55 -124.90 -40.36
N ASP A 136 76.42 -123.69 -39.83
CA ASP A 136 75.17 -123.15 -39.29
C ASP A 136 75.32 -121.63 -39.20
N GLU A 137 74.33 -120.94 -38.64
CA GLU A 137 74.40 -119.50 -38.52
C GLU A 137 75.56 -119.02 -37.66
N THR A 138 75.98 -119.86 -36.71
CA THR A 138 77.09 -119.55 -35.83
C THR A 138 78.42 -119.56 -36.57
N THR A 139 78.66 -120.59 -37.40
CA THR A 139 79.92 -120.64 -38.15
C THR A 139 79.96 -119.57 -39.25
N ASP A 140 78.82 -119.33 -39.88
CA ASP A 140 78.70 -118.29 -40.91
C ASP A 140 79.05 -116.94 -40.29
N ALA A 141 78.53 -116.65 -39.10
CA ALA A 141 78.88 -115.41 -38.42
C ALA A 141 80.37 -115.38 -38.05
N TRP A 142 80.93 -116.53 -37.67
CA TRP A 142 82.33 -116.62 -37.29
C TRP A 142 83.23 -116.32 -38.49
N ASP A 143 82.92 -116.95 -39.62
CA ASP A 143 83.67 -116.76 -40.85
C ASP A 143 83.54 -115.32 -41.35
N THR A 144 82.37 -114.71 -41.17
CA THR A 144 82.14 -113.32 -41.58
C THR A 144 82.94 -112.36 -40.73
N VAL A 145 82.96 -112.53 -39.41
CA VAL A 145 83.75 -111.63 -38.57
C VAL A 145 85.25 -111.77 -38.87
N ASP A 146 85.71 -113.00 -39.08
CA ASP A 146 87.11 -113.28 -39.38
C ASP A 146 87.54 -112.51 -40.61
N TRP A 147 86.70 -112.60 -41.65
CA TRP A 147 86.97 -111.92 -42.90
C TRP A 147 87.00 -110.40 -42.71
N LEU A 148 86.04 -109.83 -42.00
CA LEU A 148 85.99 -108.40 -41.78
C LEU A 148 87.19 -107.77 -41.08
N VAL A 149 87.69 -108.41 -40.03
CA VAL A 149 88.84 -107.86 -39.31
C VAL A 149 90.14 -107.95 -40.09
N HIS A 150 90.24 -108.81 -41.09
CA HIS A 150 91.44 -108.94 -41.90
C HIS A 150 91.34 -108.19 -43.23
N ASN A 151 90.14 -107.79 -43.65
CA ASN A 151 89.91 -107.18 -44.96
C ASN A 151 89.18 -105.83 -44.99
N VAL A 152 89.24 -105.07 -43.90
CA VAL A 152 88.64 -103.74 -43.86
C VAL A 152 89.68 -102.83 -43.21
N PRO A 153 90.64 -102.31 -43.99
CA PRO A 153 91.72 -101.46 -43.48
C PRO A 153 91.30 -100.20 -42.73
N GLU A 154 90.14 -99.67 -43.06
CA GLU A 154 89.65 -98.49 -42.38
C GLU A 154 89.12 -98.79 -40.97
N SER A 155 88.92 -100.06 -40.61
CA SER A 155 88.41 -100.42 -39.29
C SER A 155 89.53 -100.64 -38.28
N ASN A 156 89.14 -100.79 -37.01
CA ASN A 156 90.06 -101.12 -35.93
C ASN A 156 90.04 -102.61 -35.55
N GLY A 157 89.37 -103.43 -36.37
CA GLY A 157 89.28 -104.86 -36.15
C GLY A 157 88.40 -105.30 -34.99
N ARG A 158 87.55 -104.40 -34.51
CA ARG A 158 86.62 -104.67 -33.40
C ARG A 158 85.23 -104.65 -34.02
N VAL A 159 84.43 -105.67 -33.70
CA VAL A 159 83.10 -105.82 -34.25
C VAL A 159 82.05 -105.95 -33.16
N GLY A 160 80.93 -105.26 -33.38
CA GLY A 160 79.76 -105.33 -32.51
C GLY A 160 78.63 -105.83 -33.39
N MET A 161 77.79 -106.73 -32.90
CA MET A 161 76.65 -107.22 -33.65
C MET A 161 75.33 -106.76 -33.04
N THR A 162 74.37 -106.49 -33.92
CA THR A 162 73.03 -106.07 -33.52
C THR A 162 72.01 -106.46 -34.58
N GLY A 163 70.74 -106.31 -34.22
CA GLY A 163 69.66 -106.61 -35.15
C GLY A 163 68.40 -107.02 -34.43
N SER A 164 67.28 -106.75 -35.08
CA SER A 164 65.97 -107.02 -34.50
C SER A 164 65.29 -108.18 -35.24
N SER A 165 64.41 -108.89 -34.53
CA SER A 165 63.65 -110.00 -35.07
C SER A 165 64.55 -111.15 -35.58
N TYR A 166 64.49 -111.50 -36.86
CA TYR A 166 65.34 -112.53 -37.42
C TYR A 166 66.79 -112.06 -37.36
N GLU A 167 66.98 -110.74 -37.49
CA GLU A 167 68.30 -110.11 -37.40
C GLU A 167 68.86 -110.28 -35.99
N GLY A 168 67.97 -110.42 -35.01
CA GLY A 168 68.31 -110.70 -33.61
C GLY A 168 68.69 -112.16 -33.42
N PHE A 169 67.99 -113.04 -34.13
CA PHE A 169 68.29 -114.47 -34.13
C PHE A 169 69.75 -114.74 -34.56
N THR A 170 70.17 -114.05 -35.61
CA THR A 170 71.52 -114.20 -36.13
C THR A 170 72.57 -113.72 -35.14
N VAL A 171 72.19 -112.78 -34.28
CA VAL A 171 73.09 -112.33 -33.21
C VAL A 171 73.21 -113.42 -32.17
N VAL A 172 72.07 -113.92 -31.70
CA VAL A 172 72.02 -114.97 -30.70
C VAL A 172 72.82 -116.17 -31.19
N MET A 173 72.65 -116.54 -32.47
CA MET A 173 73.37 -117.66 -33.04
C MET A 173 74.87 -117.42 -33.01
N ALA A 174 75.33 -116.21 -33.30
CA ALA A 174 76.75 -115.89 -33.21
C ALA A 174 77.26 -116.05 -31.77
N LEU A 175 76.41 -115.71 -30.80
CA LEU A 175 76.78 -115.78 -29.39
C LEU A 175 77.04 -117.20 -28.89
N LEU A 176 76.56 -118.21 -29.63
CA LEU A 176 76.76 -119.59 -29.24
C LEU A 176 78.23 -119.96 -29.33
N ASP A 177 78.95 -119.34 -30.26
CA ASP A 177 80.39 -119.55 -30.41
C ASP A 177 80.97 -118.34 -31.15
N PRO A 178 81.13 -117.23 -30.42
CA PRO A 178 81.57 -115.97 -31.04
C PRO A 178 83.03 -115.85 -31.44
N HIS A 179 83.30 -115.13 -32.52
CA HIS A 179 84.67 -114.87 -32.95
C HIS A 179 85.29 -113.98 -31.86
N PRO A 180 86.59 -114.15 -31.54
CA PRO A 180 87.24 -113.30 -30.53
C PRO A 180 87.13 -111.80 -30.82
N ALA A 181 86.99 -111.43 -32.09
CA ALA A 181 86.84 -110.04 -32.47
C ALA A 181 85.47 -109.45 -32.18
N LEU A 182 84.50 -110.29 -31.84
CA LEU A 182 83.13 -109.89 -31.54
C LEU A 182 83.13 -109.40 -30.09
N LYS A 183 83.25 -108.09 -29.95
CA LYS A 183 83.41 -107.50 -28.61
C LYS A 183 82.14 -107.18 -27.85
N VAL A 184 81.01 -107.13 -28.54
CA VAL A 184 79.78 -106.75 -27.90
C VAL A 184 78.59 -107.06 -28.79
N ALA A 185 77.47 -107.34 -28.14
CA ALA A 185 76.25 -107.75 -28.83
C ALA A 185 74.98 -107.12 -28.28
N ALA A 186 74.01 -106.92 -29.17
CA ALA A 186 72.72 -106.32 -28.87
C ALA A 186 71.56 -107.00 -29.63
N PRO A 187 71.10 -108.17 -29.14
CA PRO A 187 69.95 -108.80 -29.76
C PRO A 187 68.68 -108.03 -29.38
N GLU A 188 67.94 -107.62 -30.41
CA GLU A 188 66.73 -106.86 -30.22
C GLU A 188 65.56 -107.73 -30.63
N SER A 189 64.56 -107.85 -29.76
CA SER A 189 63.41 -108.69 -30.02
C SER A 189 63.78 -109.93 -30.84
N PRO A 190 64.70 -110.76 -30.34
CA PRO A 190 65.10 -111.90 -31.15
C PRO A 190 64.10 -113.05 -31.17
N MET A 191 64.21 -113.89 -32.19
CA MET A 191 63.43 -115.11 -32.31
C MET A 191 64.29 -116.10 -31.51
N VAL A 192 63.78 -116.61 -30.39
CA VAL A 192 64.50 -117.52 -29.50
C VAL A 192 63.81 -118.88 -29.35
N ASP A 193 62.52 -118.85 -29.02
CA ASP A 193 61.70 -120.05 -28.93
C ASP A 193 60.35 -119.82 -29.63
N GLY A 194 60.30 -120.25 -30.89
CA GLY A 194 59.13 -120.08 -31.73
C GLY A 194 57.85 -120.77 -31.31
N TRP A 195 57.94 -121.75 -30.41
CA TRP A 195 56.79 -122.51 -29.91
C TRP A 195 56.25 -122.04 -28.57
N MET A 196 57.12 -121.61 -27.67
CA MET A 196 56.73 -121.13 -26.35
C MET A 196 56.08 -119.76 -26.35
N GLY A 197 56.63 -118.82 -27.11
CA GLY A 197 56.01 -117.51 -27.16
C GLY A 197 56.55 -116.47 -28.11
N ASP A 198 57.16 -116.88 -29.22
CA ASP A 198 57.68 -115.94 -30.20
C ASP A 198 56.75 -115.93 -31.42
N ASP A 199 57.24 -116.28 -32.60
CA ASP A 199 56.47 -116.15 -33.83
C ASP A 199 55.45 -117.21 -34.24
N TRP A 200 55.78 -118.49 -34.05
CA TRP A 200 54.90 -119.54 -34.55
C TRP A 200 53.73 -119.93 -33.66
N PHE A 201 53.99 -120.11 -32.37
CA PHE A 201 52.97 -120.45 -31.41
C PHE A 201 53.22 -119.68 -30.10
N HIS A 202 52.16 -119.57 -29.28
CA HIS A 202 52.18 -119.02 -27.93
C HIS A 202 51.57 -120.13 -27.09
N TYR A 203 52.39 -120.79 -26.26
CA TYR A 203 51.93 -121.91 -25.44
C TYR A 203 51.10 -122.88 -26.29
N GLY A 204 51.62 -123.23 -27.46
CA GLY A 204 50.94 -124.18 -28.34
C GLY A 204 49.83 -123.67 -29.24
N ALA A 205 49.42 -122.42 -29.03
CA ALA A 205 48.38 -121.83 -29.84
C ALA A 205 49.06 -121.25 -31.09
N PHE A 206 48.68 -121.76 -32.26
CA PHE A 206 49.24 -121.33 -33.53
C PHE A 206 48.83 -119.96 -34.01
N ARG A 207 49.83 -119.21 -34.49
CA ARG A 207 49.68 -117.84 -34.97
C ARG A 207 49.56 -117.88 -36.49
N GLN A 208 48.37 -117.55 -37.00
CA GLN A 208 48.06 -117.68 -38.42
C GLN A 208 48.66 -116.67 -39.39
N GLY A 209 49.40 -115.67 -38.90
CA GLY A 209 50.10 -114.73 -39.77
C GLY A 209 51.31 -115.39 -40.41
N ALA A 210 51.77 -116.49 -39.81
CA ALA A 210 52.93 -117.21 -40.29
C ALA A 210 52.83 -117.64 -41.73
N PHE A 211 51.61 -117.83 -42.24
CA PHE A 211 51.47 -118.30 -43.62
C PHE A 211 52.01 -117.32 -44.63
N ASP A 212 51.67 -116.06 -44.49
CA ASP A 212 52.14 -115.02 -45.36
C ASP A 212 53.66 -114.91 -45.27
N TYR A 213 54.17 -114.98 -44.04
CA TYR A 213 55.60 -114.88 -43.83
C TYR A 213 56.31 -116.00 -44.59
N PHE A 214 55.78 -117.22 -44.54
CA PHE A 214 56.39 -118.33 -45.25
C PHE A 214 56.47 -118.12 -46.75
N VAL A 215 55.34 -117.79 -47.37
CA VAL A 215 55.26 -117.61 -48.82
C VAL A 215 56.13 -116.43 -49.25
N SER A 216 56.21 -115.40 -48.42
CA SER A 216 57.00 -114.22 -48.70
C SER A 216 58.53 -114.45 -48.67
N GLN A 217 59.00 -115.27 -47.73
CA GLN A 217 60.41 -115.55 -47.49
C GLN A 217 60.94 -116.87 -48.03
N MET A 218 60.06 -117.76 -48.45
CA MET A 218 60.51 -119.07 -48.95
C MET A 218 60.02 -119.48 -50.33
N THR A 219 59.48 -118.52 -51.08
CA THR A 219 59.03 -118.79 -52.43
C THR A 219 60.24 -118.78 -53.36
N ALA A 220 61.17 -117.87 -53.12
CA ALA A 220 62.36 -117.75 -53.94
C ALA A 220 63.55 -117.34 -53.09
N ARG A 221 64.74 -117.43 -53.68
CA ARG A 221 65.97 -116.96 -53.04
C ARG A 221 65.76 -115.49 -52.69
N GLY A 222 65.32 -114.70 -53.67
CA GLY A 222 65.07 -113.27 -53.49
C GLY A 222 63.66 -113.04 -52.96
N GLY A 223 63.04 -111.95 -53.42
CA GLY A 223 61.71 -111.57 -52.97
C GLY A 223 60.60 -112.51 -53.36
N GLY A 224 59.56 -112.60 -52.52
CA GLY A 224 58.39 -113.43 -52.78
C GLY A 224 57.18 -112.53 -52.66
N ASN A 225 55.99 -113.14 -52.74
CA ASN A 225 54.71 -112.41 -52.63
C ASN A 225 53.86 -112.89 -51.46
N ASP A 226 52.77 -112.18 -51.21
CA ASP A 226 51.82 -112.60 -50.18
C ASP A 226 50.86 -113.60 -50.82
N ILE A 227 50.00 -114.18 -49.99
CA ILE A 227 49.02 -115.13 -50.44
C ILE A 227 47.80 -114.36 -50.91
N PRO A 228 47.34 -114.59 -52.15
CA PRO A 228 46.16 -113.91 -52.67
C PRO A 228 44.93 -114.18 -51.81
N ARG A 229 44.15 -113.16 -51.49
CA ARG A 229 42.95 -113.29 -50.66
C ARG A 229 41.60 -113.11 -51.37
N ARG A 230 40.60 -113.86 -50.89
CA ARG A 230 39.24 -113.79 -51.41
C ARG A 230 38.53 -112.56 -50.84
N ASP A 231 38.62 -112.40 -49.52
CA ASP A 231 37.97 -111.31 -48.79
C ASP A 231 38.98 -110.30 -48.24
N ALA A 232 38.52 -109.06 -48.07
CA ALA A 232 39.33 -107.98 -47.52
C ALA A 232 39.63 -108.22 -46.04
N ASP A 233 38.77 -108.97 -45.34
CA ASP A 233 38.86 -109.28 -43.90
C ASP A 233 39.38 -110.70 -43.64
N ASP A 234 40.51 -110.79 -42.97
CA ASP A 234 41.09 -112.08 -42.64
C ASP A 234 40.24 -112.87 -41.63
N TYR A 235 39.42 -112.18 -40.84
CA TYR A 235 38.49 -112.88 -39.97
C TYR A 235 37.61 -113.79 -40.85
N THR A 236 37.11 -113.24 -41.95
CA THR A 236 36.29 -114.00 -42.91
C THR A 236 37.09 -115.08 -43.66
N ASN A 237 38.22 -114.70 -44.24
CA ASN A 237 39.04 -115.64 -45.00
C ASN A 237 39.39 -116.89 -44.19
N PHE A 238 39.91 -116.71 -42.97
CA PHE A 238 40.25 -117.86 -42.13
C PHE A 238 39.04 -118.62 -41.60
N LEU A 239 37.96 -117.93 -41.27
CA LEU A 239 36.78 -118.62 -40.77
C LEU A 239 36.15 -119.50 -41.86
N LYS A 240 36.15 -119.04 -43.11
CA LYS A 240 35.60 -119.81 -44.21
C LYS A 240 36.49 -120.97 -44.60
N ALA A 241 37.81 -120.85 -44.38
CA ALA A 241 38.76 -121.90 -44.69
C ALA A 241 38.64 -123.05 -43.69
N GLY A 242 38.28 -122.71 -42.45
CA GLY A 242 38.10 -123.68 -41.39
C GLY A 242 39.35 -123.70 -40.52
N SER A 243 40.10 -124.78 -40.62
CA SER A 243 41.29 -124.96 -39.82
C SER A 243 42.48 -124.28 -40.48
N ALA A 244 43.58 -124.14 -39.76
CA ALA A 244 44.79 -123.53 -40.29
C ALA A 244 45.39 -124.39 -41.38
N GLY A 245 45.34 -125.71 -41.24
CA GLY A 245 45.89 -126.59 -42.26
C GLY A 245 45.10 -126.46 -43.55
N SER A 246 43.80 -126.25 -43.42
CA SER A 246 42.93 -126.14 -44.57
C SER A 246 43.30 -124.90 -45.37
N PHE A 247 43.52 -123.79 -44.66
CA PHE A 247 43.94 -122.56 -45.30
C PHE A 247 45.31 -122.72 -45.97
N ALA A 248 46.22 -123.41 -45.29
CA ALA A 248 47.55 -123.67 -45.80
C ALA A 248 47.44 -124.44 -47.12
N THR A 249 46.65 -125.51 -47.12
CA THR A 249 46.48 -126.34 -48.31
C THR A 249 45.95 -125.52 -49.48
N GLN A 250 44.90 -124.74 -49.22
CA GLN A 250 44.31 -123.88 -50.24
C GLN A 250 45.31 -122.85 -50.76
N ALA A 251 46.28 -122.45 -49.96
CA ALA A 251 47.26 -121.46 -50.40
C ALA A 251 48.50 -122.11 -51.04
N GLY A 252 48.51 -123.44 -51.18
CA GLY A 252 49.62 -124.15 -51.80
C GLY A 252 50.84 -124.36 -50.92
N LEU A 253 50.68 -124.24 -49.60
CA LEU A 253 51.79 -124.41 -48.67
C LEU A 253 52.24 -125.86 -48.44
N ASP A 254 51.42 -126.81 -48.85
CA ASP A 254 51.81 -128.21 -48.71
C ASP A 254 53.09 -128.62 -49.43
N GLN A 255 53.55 -127.79 -50.37
CA GLN A 255 54.79 -128.03 -51.12
C GLN A 255 56.01 -127.35 -50.49
N TYR A 256 55.82 -126.61 -49.40
CA TYR A 256 56.90 -125.91 -48.71
C TYR A 256 57.43 -126.79 -47.57
N PRO A 257 58.71 -127.21 -47.62
CA PRO A 257 59.32 -128.05 -46.59
C PRO A 257 59.19 -127.58 -45.15
N PHE A 258 59.35 -126.29 -44.89
CA PHE A 258 59.23 -125.83 -43.53
C PHE A 258 57.84 -126.04 -42.96
N TRP A 259 56.80 -125.79 -43.76
CA TRP A 259 55.44 -126.01 -43.30
C TRP A 259 55.16 -127.50 -43.06
N GLN A 260 55.77 -128.34 -43.88
CA GLN A 260 55.62 -129.78 -43.69
C GLN A 260 56.15 -130.16 -42.31
N ARG A 261 57.27 -129.58 -41.91
CA ARG A 261 57.85 -129.90 -40.61
C ARG A 261 57.02 -129.40 -39.44
N MET A 262 56.62 -128.14 -39.50
CA MET A 262 55.77 -127.54 -38.46
C MET A 262 54.46 -128.31 -38.31
N HIS A 263 53.86 -128.67 -39.44
CA HIS A 263 52.61 -129.40 -39.44
C HIS A 263 52.74 -130.72 -38.69
N ALA A 264 53.89 -131.35 -38.83
CA ALA A 264 54.12 -132.65 -38.21
C ALA A 264 54.48 -132.55 -36.71
N HIS A 265 54.86 -131.35 -36.27
CA HIS A 265 55.26 -131.13 -34.89
C HIS A 265 54.46 -130.04 -34.18
N PRO A 266 53.14 -130.22 -34.02
CA PRO A 266 52.32 -129.24 -33.33
C PRO A 266 52.66 -129.12 -31.85
N ALA A 267 53.19 -130.17 -31.22
CA ALA A 267 53.53 -130.13 -29.78
C ALA A 267 55.00 -129.76 -29.57
N TYR A 268 55.35 -129.44 -28.34
CA TYR A 268 56.72 -129.07 -27.99
C TYR A 268 57.57 -130.32 -27.81
N ASP A 269 57.81 -131.01 -28.92
CA ASP A 269 58.63 -132.22 -28.97
C ASP A 269 60.08 -131.86 -29.24
N ALA A 270 60.93 -132.86 -29.52
CA ALA A 270 62.36 -132.69 -29.81
C ALA A 270 62.64 -131.63 -30.88
N PHE A 271 61.80 -131.57 -31.90
CA PHE A 271 61.98 -130.60 -32.98
C PHE A 271 62.04 -129.17 -32.43
N TRP A 272 61.10 -128.78 -31.57
CA TRP A 272 61.10 -127.45 -31.00
C TRP A 272 62.06 -127.30 -29.84
N GLN A 273 62.18 -128.32 -28.99
CA GLN A 273 63.12 -128.24 -27.87
C GLN A 273 64.55 -128.05 -28.39
N GLY A 274 64.86 -128.65 -29.52
CA GLY A 274 66.18 -128.53 -30.13
C GLY A 274 66.46 -127.18 -30.75
N GLN A 275 65.46 -126.29 -30.74
CA GLN A 275 65.59 -124.93 -31.25
C GLN A 275 65.31 -123.89 -30.17
N ALA A 276 65.22 -124.29 -28.90
CA ALA A 276 65.01 -123.33 -27.82
C ALA A 276 66.38 -122.71 -27.54
N LEU A 277 66.65 -121.54 -28.11
CA LEU A 277 67.97 -120.92 -27.93
C LEU A 277 68.27 -120.41 -26.53
N ASP A 278 67.24 -120.09 -25.75
CA ASP A 278 67.49 -119.61 -24.39
C ASP A 278 68.16 -120.67 -23.51
N LYS A 279 67.78 -121.92 -23.73
CA LYS A 279 68.33 -123.04 -22.97
C LYS A 279 69.73 -123.39 -23.49
N ILE A 280 69.88 -123.38 -24.81
CA ILE A 280 71.16 -123.69 -25.42
C ILE A 280 72.19 -122.63 -25.06
N LEU A 281 71.81 -121.37 -25.10
CA LEU A 281 72.75 -120.30 -24.80
C LEU A 281 73.21 -120.37 -23.36
N ALA A 282 72.30 -120.68 -22.45
CA ALA A 282 72.63 -120.80 -21.04
C ALA A 282 73.67 -121.88 -20.78
N GLN A 283 73.65 -122.93 -21.60
CA GLN A 283 74.61 -124.02 -21.48
C GLN A 283 76.00 -123.61 -21.97
N ARG A 284 76.03 -122.70 -22.94
CA ARG A 284 77.25 -122.21 -23.54
C ARG A 284 77.91 -121.09 -22.70
N LYS A 285 77.10 -120.30 -22.00
CA LYS A 285 77.60 -119.24 -21.12
C LYS A 285 78.58 -118.30 -21.78
N PRO A 286 78.13 -117.45 -22.74
CA PRO A 286 79.02 -116.53 -23.42
C PRO A 286 79.52 -115.40 -22.52
N THR A 287 80.71 -114.88 -22.81
CA THR A 287 81.34 -113.81 -22.05
C THR A 287 81.40 -112.49 -22.84
N VAL A 288 80.68 -112.44 -23.94
CA VAL A 288 80.58 -111.23 -24.75
C VAL A 288 79.55 -110.34 -24.06
N PRO A 289 79.90 -109.08 -23.75
CA PRO A 289 78.93 -108.20 -23.08
C PRO A 289 77.67 -108.12 -23.92
N MET A 290 76.52 -108.26 -23.27
CA MET A 290 75.23 -108.29 -23.94
C MET A 290 74.22 -107.28 -23.45
N LEU A 291 73.45 -106.79 -24.41
CA LEU A 291 72.37 -105.86 -24.16
C LEU A 291 71.15 -106.52 -24.81
N TRP A 292 70.26 -107.06 -24.01
CA TRP A 292 69.06 -107.72 -24.53
C TRP A 292 67.95 -106.70 -24.55
N GLU A 293 67.24 -106.59 -25.67
CA GLU A 293 66.15 -105.62 -25.79
C GLU A 293 64.85 -106.21 -26.33
N GLN A 294 63.73 -105.69 -25.86
CA GLN A 294 62.42 -106.06 -26.40
C GLN A 294 61.43 -105.01 -25.99
N GLY A 295 60.34 -104.89 -26.75
CA GLY A 295 59.32 -103.93 -26.41
C GLY A 295 58.39 -104.52 -25.38
N LEU A 296 57.86 -103.67 -24.52
CA LEU A 296 56.89 -104.11 -23.51
C LEU A 296 55.62 -104.61 -24.20
N TRP A 297 55.37 -104.08 -25.40
CA TRP A 297 54.24 -104.49 -26.20
C TRP A 297 54.72 -105.08 -27.51
N ASP A 298 55.71 -105.96 -27.40
CA ASP A 298 56.27 -106.66 -28.56
C ASP A 298 55.25 -107.69 -29.05
N GLN A 299 54.63 -107.38 -30.18
CA GLN A 299 53.57 -108.22 -30.73
C GLN A 299 54.01 -109.40 -31.60
N GLU A 300 55.32 -109.66 -31.70
CA GLU A 300 55.84 -110.78 -32.48
C GLU A 300 56.83 -111.70 -31.75
N ASP A 301 57.73 -111.15 -30.94
CA ASP A 301 58.72 -111.93 -30.23
C ASP A 301 58.76 -111.50 -28.75
N MET A 302 57.68 -111.72 -28.02
CA MET A 302 57.59 -111.34 -26.61
C MET A 302 58.41 -112.20 -25.62
N TRP A 303 58.67 -113.44 -26.01
CA TRP A 303 59.37 -114.41 -25.16
C TRP A 303 60.89 -114.30 -25.15
N GLY A 304 61.45 -114.16 -26.34
CA GLY A 304 62.87 -114.10 -26.62
C GLY A 304 63.87 -113.48 -25.67
N ALA A 305 63.99 -112.17 -25.79
CA ALA A 305 64.95 -111.38 -25.03
C ALA A 305 64.95 -111.61 -23.54
N ILE A 306 63.79 -111.54 -22.90
CA ILE A 306 63.67 -111.66 -21.45
C ILE A 306 63.99 -113.07 -20.96
N HIS A 307 63.52 -114.09 -21.67
CA HIS A 307 63.80 -115.45 -21.27
C HIS A 307 65.26 -115.82 -21.46
N ALA A 308 65.86 -115.27 -22.52
CA ALA A 308 67.28 -115.49 -22.83
C ALA A 308 68.13 -114.80 -21.77
N TRP A 309 67.77 -113.57 -21.44
CA TRP A 309 68.50 -112.82 -20.43
C TRP A 309 68.42 -113.45 -19.05
N GLN A 310 67.23 -113.92 -18.70
CA GLN A 310 66.99 -114.54 -17.41
C GLN A 310 67.76 -115.86 -17.29
N ALA A 311 67.84 -116.62 -18.37
CA ALA A 311 68.58 -117.90 -18.38
C ALA A 311 70.09 -117.69 -18.22
N LEU A 312 70.60 -116.59 -18.79
CA LEU A 312 72.02 -116.29 -18.65
C LEU A 312 72.34 -115.79 -17.25
N LYS A 313 71.39 -115.05 -16.70
CA LYS A 313 71.53 -114.51 -15.37
C LYS A 313 71.55 -115.68 -14.39
N ASP A 314 70.62 -116.62 -14.55
CA ASP A 314 70.52 -117.81 -13.67
C ASP A 314 71.74 -118.73 -13.79
N ALA A 315 72.36 -118.78 -14.96
CA ALA A 315 73.56 -119.61 -15.17
C ALA A 315 74.81 -118.83 -14.75
N ASP A 316 74.59 -117.69 -14.12
CA ASP A 316 75.64 -116.82 -13.63
C ASP A 316 76.66 -116.46 -14.70
N VAL A 317 76.20 -115.88 -15.80
CA VAL A 317 77.05 -115.51 -16.91
C VAL A 317 78.14 -114.52 -16.45
N LYS A 318 79.37 -114.71 -16.92
CA LYS A 318 80.48 -113.87 -16.51
C LYS A 318 80.76 -112.73 -17.48
N ALA A 319 79.74 -111.90 -17.66
CA ALA A 319 79.83 -110.76 -18.57
C ALA A 319 78.66 -109.81 -18.32
N PRO A 320 78.80 -108.53 -18.69
CA PRO A 320 77.65 -107.62 -18.59
C PRO A 320 76.49 -108.23 -19.37
N ASN A 321 75.32 -108.23 -18.75
CA ASN A 321 74.12 -108.86 -19.28
C ASN A 321 72.98 -108.02 -18.74
N THR A 322 72.56 -107.05 -19.54
CA THR A 322 71.50 -106.12 -19.17
C THR A 322 70.31 -106.30 -20.09
N LEU A 323 69.12 -106.18 -19.51
CA LEU A 323 67.84 -106.25 -20.20
C LEU A 323 67.29 -104.83 -20.34
N VAL A 324 66.79 -104.51 -21.53
CA VAL A 324 66.18 -103.20 -21.76
C VAL A 324 64.81 -103.44 -22.36
N MET A 325 63.80 -102.82 -21.77
CA MET A 325 62.42 -102.91 -22.26
C MET A 325 61.80 -101.53 -22.25
N GLY A 326 61.46 -101.07 -23.45
CA GLY A 326 60.84 -99.76 -23.65
C GLY A 326 59.38 -99.87 -24.00
N PRO A 327 58.70 -98.72 -24.14
CA PRO A 327 57.27 -98.71 -24.47
C PRO A 327 57.08 -98.83 -25.99
N TRP A 328 57.55 -99.94 -26.53
CA TRP A 328 57.56 -100.13 -27.97
C TRP A 328 56.82 -101.34 -28.47
N ARG A 329 56.62 -101.34 -29.78
CA ARG A 329 56.08 -102.50 -30.47
C ARG A 329 57.30 -103.25 -30.98
N HIS A 330 57.10 -104.40 -31.61
CA HIS A 330 58.20 -105.19 -32.14
C HIS A 330 59.06 -104.35 -33.06
N SER A 331 60.35 -104.30 -32.76
CA SER A 331 61.37 -103.54 -33.50
C SER A 331 61.20 -102.03 -33.37
N GLY A 332 60.30 -101.59 -32.51
CA GLY A 332 60.06 -100.16 -32.31
C GLY A 332 61.24 -99.37 -31.82
N VAL A 333 62.17 -100.07 -31.16
CA VAL A 333 63.41 -99.48 -30.69
C VAL A 333 64.21 -98.89 -31.84
N ASN A 334 64.01 -99.36 -33.08
CA ASN A 334 64.75 -98.80 -34.21
C ASN A 334 64.11 -97.64 -34.97
N TYR A 335 63.02 -97.11 -34.39
CA TYR A 335 62.25 -96.03 -34.99
C TYR A 335 61.90 -95.00 -33.94
N ASN A 336 60.74 -94.34 -34.05
CA ASN A 336 60.36 -93.32 -33.09
C ASN A 336 59.51 -93.92 -31.97
N GLY A 337 59.89 -93.71 -30.72
CA GLY A 337 59.17 -94.25 -29.56
C GLY A 337 58.40 -93.24 -28.75
N SER A 338 57.90 -92.22 -29.42
CA SER A 338 57.12 -91.17 -28.78
C SER A 338 55.70 -91.60 -28.51
N THR A 339 55.21 -92.53 -29.33
CA THR A 339 53.84 -92.99 -29.26
C THR A 339 53.72 -94.45 -29.70
N LEU A 340 52.56 -95.01 -29.43
CA LEU A 340 52.20 -96.37 -29.79
C LEU A 340 50.67 -96.36 -29.75
N GLY A 341 50.09 -96.43 -30.93
CA GLY A 341 48.65 -96.34 -31.03
C GLY A 341 48.29 -94.98 -30.50
N PRO A 342 47.29 -94.89 -29.61
CA PRO A 342 46.86 -93.62 -29.06
C PRO A 342 47.65 -93.20 -27.83
N LEU A 343 48.57 -94.05 -27.37
CA LEU A 343 49.37 -93.73 -26.20
C LEU A 343 50.50 -92.78 -26.56
N GLU A 344 50.83 -91.91 -25.61
CA GLU A 344 51.91 -90.93 -25.71
C GLU A 344 52.88 -91.16 -24.56
N PHE A 345 54.18 -91.21 -24.85
CA PHE A 345 55.21 -91.43 -23.85
C PHE A 345 56.06 -90.19 -23.71
N GLU A 346 57.01 -90.17 -22.76
CA GLU A 346 57.86 -88.99 -22.57
C GLU A 346 59.02 -88.86 -23.54
N GLY A 347 58.72 -88.32 -24.72
CA GLY A 347 59.72 -88.13 -25.77
C GLY A 347 60.00 -89.40 -26.56
N ASP A 348 60.93 -89.30 -27.50
CA ASP A 348 61.30 -90.42 -28.35
C ASP A 348 62.15 -91.37 -27.51
N THR A 349 61.45 -92.25 -26.82
CA THR A 349 62.07 -93.20 -25.90
C THR A 349 63.04 -94.12 -26.61
N ALA A 350 62.80 -94.42 -27.87
CA ALA A 350 63.67 -95.24 -28.69
C ALA A 350 64.99 -94.49 -28.89
N HIS A 351 64.94 -93.24 -29.32
CA HIS A 351 66.16 -92.45 -29.52
C HIS A 351 66.94 -92.28 -28.20
N GLN A 352 66.22 -92.09 -27.10
CA GLN A 352 66.80 -91.96 -25.78
C GLN A 352 67.66 -93.17 -25.45
N TYR A 353 67.09 -94.36 -25.65
CA TYR A 353 67.82 -95.58 -25.43
C TYR A 353 69.04 -95.66 -26.35
N ARG A 354 68.83 -95.43 -27.64
CA ARG A 354 69.91 -95.53 -28.61
C ARG A 354 71.09 -94.63 -28.29
N ARG A 355 70.78 -93.41 -27.85
CA ARG A 355 71.77 -92.41 -27.55
C ARG A 355 72.43 -92.55 -26.19
N ASP A 356 71.65 -92.80 -25.14
CA ASP A 356 72.11 -92.88 -23.76
C ASP A 356 72.56 -94.23 -23.24
N VAL A 357 72.12 -95.33 -23.84
CA VAL A 357 72.51 -96.66 -23.35
C VAL A 357 73.23 -97.47 -24.41
N PHE A 358 72.56 -97.71 -25.53
CA PHE A 358 73.11 -98.53 -26.63
C PHE A 358 74.48 -98.02 -27.07
N ARG A 359 74.55 -96.79 -27.56
CA ARG A 359 75.78 -96.20 -28.07
C ARG A 359 76.98 -96.23 -27.11
N PRO A 360 76.86 -95.63 -25.91
CA PRO A 360 77.97 -95.65 -24.96
C PRO A 360 78.43 -97.06 -24.57
N PHE A 361 77.49 -97.99 -24.41
CA PHE A 361 77.80 -99.39 -24.09
C PHE A 361 78.64 -100.03 -25.19
N PHE A 362 78.26 -99.76 -26.44
CA PHE A 362 78.98 -100.26 -27.60
C PHE A 362 80.35 -99.61 -27.74
N ASP A 363 80.43 -98.31 -27.47
CA ASP A 363 81.68 -97.56 -27.50
C ASP A 363 82.70 -98.04 -26.47
N GLU A 364 82.24 -98.46 -25.30
CA GLU A 364 83.14 -98.95 -24.26
C GLU A 364 84.02 -100.10 -24.78
N TYR A 365 83.41 -101.02 -25.51
CA TYR A 365 84.10 -102.22 -26.02
C TYR A 365 84.62 -102.12 -27.46
N LEU A 366 84.11 -101.19 -28.25
CA LEU A 366 84.52 -101.05 -29.67
C LEU A 366 85.41 -99.85 -29.96
N LYS A 367 85.44 -98.88 -29.06
CA LYS A 367 86.29 -97.70 -29.21
C LYS A 367 87.22 -97.50 -28.02
N PRO A 368 88.35 -98.21 -27.99
CA PRO A 368 89.30 -98.14 -26.88
C PRO A 368 89.52 -96.72 -26.38
N GLY A 369 89.54 -96.57 -25.06
CA GLY A 369 89.71 -95.25 -24.46
C GLY A 369 88.39 -94.58 -24.16
N SER A 370 87.27 -95.18 -24.59
CA SER A 370 85.96 -94.60 -24.31
C SER A 370 85.65 -94.84 -22.84
N ALA A 371 84.86 -93.92 -22.28
CA ALA A 371 84.44 -94.01 -20.89
C ALA A 371 83.66 -95.29 -20.67
N SER A 372 83.82 -95.87 -19.49
CA SER A 372 83.14 -97.10 -19.12
C SER A 372 81.74 -96.76 -18.64
N VAL A 373 80.85 -97.72 -18.76
CA VAL A 373 79.48 -97.59 -18.30
C VAL A 373 79.27 -98.78 -17.37
N HIS A 374 78.44 -98.59 -16.34
CA HIS A 374 78.12 -99.63 -15.38
C HIS A 374 76.62 -99.85 -15.37
N LEU A 375 76.14 -100.65 -16.31
CA LEU A 375 74.70 -100.87 -16.42
C LEU A 375 74.14 -101.79 -15.34
N PRO A 376 72.89 -101.51 -14.94
CA PRO A 376 72.26 -102.34 -13.94
C PRO A 376 71.72 -103.61 -14.59
N ASP A 377 71.00 -104.42 -13.82
CA ASP A 377 70.38 -105.62 -14.37
C ASP A 377 69.41 -105.37 -15.50
N ALA A 378 68.56 -104.37 -15.29
CA ALA A 378 67.53 -104.00 -16.24
C ALA A 378 67.21 -102.52 -16.21
N ILE A 379 66.96 -101.97 -17.40
CA ILE A 379 66.56 -100.59 -17.61
C ILE A 379 65.21 -100.76 -18.30
N ILE A 380 64.16 -100.40 -17.58
CA ILE A 380 62.78 -100.63 -18.01
C ILE A 380 61.92 -99.37 -17.90
N TYR A 381 61.24 -99.05 -18.99
CA TYR A 381 60.38 -97.88 -18.99
C TYR A 381 59.17 -98.15 -18.15
N ASN A 382 58.78 -97.14 -17.38
CA ASN A 382 57.64 -97.28 -16.49
C ASN A 382 56.44 -96.71 -17.19
N THR A 383 55.53 -97.59 -17.61
CA THR A 383 54.32 -97.19 -18.33
C THR A 383 53.30 -96.47 -17.45
N GLY A 384 53.57 -96.29 -16.16
CA GLY A 384 52.69 -95.56 -15.25
C GLY A 384 53.26 -94.21 -14.87
N ASP A 385 54.48 -94.20 -14.38
CA ASP A 385 55.16 -92.96 -14.04
C ASP A 385 55.68 -92.21 -15.26
N GLN A 386 55.75 -92.86 -16.43
CA GLN A 386 56.28 -92.22 -17.63
C GLN A 386 57.73 -91.78 -17.44
N LYS A 387 58.59 -92.74 -17.13
CA LYS A 387 60.02 -92.49 -16.96
C LYS A 387 60.78 -93.82 -17.05
N TRP A 388 62.09 -93.71 -17.21
CA TRP A 388 62.95 -94.89 -17.24
C TRP A 388 63.34 -95.23 -15.81
N ASP A 389 63.31 -96.52 -15.50
CA ASP A 389 63.71 -97.06 -14.19
C ASP A 389 64.95 -97.88 -14.39
N TYR A 390 65.96 -97.62 -13.57
CA TYR A 390 67.22 -98.34 -13.59
C TYR A 390 67.20 -99.29 -12.40
N TYR A 391 67.10 -100.60 -12.67
CA TYR A 391 67.00 -101.59 -11.61
C TYR A 391 68.26 -102.42 -11.46
N ARG A 392 68.98 -102.11 -10.39
CA ARG A 392 70.22 -102.76 -10.04
C ARG A 392 70.06 -104.28 -10.07
N SER A 393 69.02 -104.75 -9.38
CA SER A 393 68.65 -106.16 -9.33
C SER A 393 67.21 -106.20 -9.82
N TRP A 394 66.92 -107.12 -10.73
CA TRP A 394 65.57 -107.20 -11.27
C TRP A 394 65.31 -108.63 -11.71
N PRO A 395 64.09 -109.14 -11.50
CA PRO A 395 62.99 -108.49 -10.80
C PRO A 395 63.26 -108.63 -9.30
N SER A 396 62.56 -107.86 -8.48
CA SER A 396 62.71 -107.94 -7.03
C SER A 396 61.68 -108.90 -6.44
N VAL A 397 60.68 -109.27 -7.24
CA VAL A 397 59.62 -110.19 -6.81
C VAL A 397 59.34 -111.22 -7.91
N CYS A 398 59.12 -112.47 -7.48
CA CYS A 398 58.80 -113.55 -8.41
C CYS A 398 58.33 -114.75 -7.60
N GLU A 399 58.03 -115.85 -8.27
CA GLU A 399 57.56 -117.05 -7.56
C GLU A 399 58.58 -117.70 -6.65
N SER A 400 59.85 -117.78 -7.04
CA SER A 400 60.86 -118.41 -6.21
C SER A 400 62.26 -117.84 -6.43
N ASN A 401 63.05 -117.78 -5.36
CA ASN A 401 64.41 -117.23 -5.38
C ASN A 401 64.50 -115.72 -5.66
N CYS A 402 63.62 -114.95 -5.02
CA CYS A 402 63.63 -113.49 -5.09
C CYS A 402 63.48 -112.85 -3.72
N THR A 403 63.76 -111.56 -3.66
CA THR A 403 63.66 -110.79 -2.44
C THR A 403 62.22 -110.76 -1.94
N GLY A 404 61.29 -111.03 -2.84
CA GLY A 404 59.90 -111.10 -2.42
C GLY A 404 59.12 -111.95 -3.38
N GLY A 405 57.83 -112.03 -3.07
CA GLY A 405 56.92 -112.83 -3.86
C GLY A 405 55.75 -112.10 -4.45
N LEU A 406 55.08 -112.82 -5.33
CA LEU A 406 53.93 -112.29 -6.01
C LEU A 406 52.76 -112.13 -5.05
N THR A 407 51.94 -111.12 -5.34
CA THR A 407 50.73 -110.74 -4.59
C THR A 407 49.49 -111.06 -5.44
N PRO A 408 48.72 -112.09 -5.07
CA PRO A 408 47.53 -112.49 -5.78
C PRO A 408 46.38 -111.50 -5.77
N LEU A 409 45.89 -111.21 -6.96
CA LEU A 409 44.73 -110.35 -7.14
C LEU A 409 43.65 -111.36 -7.54
N TYR A 410 42.80 -111.68 -6.56
CA TYR A 410 41.73 -112.66 -6.70
C TYR A 410 40.45 -112.23 -7.38
N LEU A 411 39.92 -113.11 -8.23
CA LEU A 411 38.63 -112.89 -8.84
C LEU A 411 37.65 -113.08 -7.69
N ALA A 412 36.55 -112.36 -7.74
CA ALA A 412 35.57 -112.42 -6.66
C ALA A 412 34.16 -112.26 -7.20
N ASP A 413 33.19 -112.41 -6.30
CA ASP A 413 31.78 -112.22 -6.62
C ASP A 413 31.48 -110.82 -7.13
N GLY A 414 30.39 -110.71 -7.88
CA GLY A 414 30.00 -109.44 -8.47
C GLY A 414 30.98 -108.99 -9.55
N HIS A 415 31.69 -109.93 -10.17
CA HIS A 415 32.71 -109.59 -11.16
C HIS A 415 33.72 -108.57 -10.62
N GLY A 416 34.16 -108.80 -9.38
CA GLY A 416 35.15 -107.95 -8.74
C GLY A 416 36.50 -108.61 -8.65
N LEU A 417 37.47 -107.81 -8.23
CA LEU A 417 38.85 -108.23 -8.02
C LEU A 417 39.24 -107.72 -6.63
N SER A 418 39.93 -108.55 -5.87
CA SER A 418 40.32 -108.14 -4.51
C SER A 418 41.60 -108.83 -4.10
N PHE A 419 42.40 -108.12 -3.32
CA PHE A 419 43.64 -108.67 -2.78
C PHE A 419 43.36 -109.59 -1.59
N THR A 420 42.10 -109.65 -1.14
CA THR A 420 41.65 -110.51 -0.06
C THR A 420 41.06 -111.81 -0.58
N HIS A 421 41.62 -112.94 -0.17
CA HIS A 421 41.18 -114.26 -0.62
C HIS A 421 39.71 -114.44 -0.25
N PRO A 422 38.81 -114.62 -1.22
CA PRO A 422 37.41 -114.86 -0.89
C PRO A 422 37.21 -116.26 -0.33
N ALA A 423 36.64 -116.36 0.88
CA ALA A 423 36.47 -117.64 1.55
C ALA A 423 35.51 -118.61 0.85
N ALA A 424 34.39 -118.08 0.39
CA ALA A 424 33.36 -118.88 -0.27
C ALA A 424 33.72 -119.20 -1.72
N ASP A 425 33.22 -120.34 -2.20
CA ASP A 425 33.39 -120.78 -3.58
C ASP A 425 32.40 -120.07 -4.48
N GLY A 426 32.67 -120.09 -5.79
CA GLY A 426 31.78 -119.45 -6.76
C GLY A 426 32.31 -119.71 -8.15
N ALA A 427 31.51 -119.36 -9.16
CA ALA A 427 31.87 -119.53 -10.57
C ALA A 427 31.03 -118.68 -11.51
N ASP A 428 31.67 -118.14 -12.54
CA ASP A 428 30.98 -117.35 -13.58
C ASP A 428 31.21 -118.08 -14.89
N SER A 429 30.15 -118.24 -15.66
CA SER A 429 30.18 -118.96 -16.92
C SER A 429 30.06 -118.07 -18.16
N TYR A 430 30.55 -118.59 -19.26
CA TYR A 430 30.45 -117.91 -20.54
C TYR A 430 30.49 -119.00 -21.60
N VAL A 431 29.77 -118.75 -22.69
CA VAL A 431 29.70 -119.70 -23.79
C VAL A 431 30.76 -119.32 -24.82
N SER A 432 31.47 -120.30 -25.34
CA SER A 432 32.50 -120.12 -26.34
C SER A 432 32.13 -120.91 -27.61
N ASP A 433 31.62 -120.18 -28.61
CA ASP A 433 31.20 -120.74 -29.88
C ASP A 433 32.27 -120.49 -30.93
N PRO A 434 32.91 -121.55 -31.45
CA PRO A 434 33.92 -121.37 -32.49
C PRO A 434 33.41 -120.80 -33.82
N ALA A 435 32.09 -120.74 -34.01
CA ALA A 435 31.56 -120.16 -35.24
C ALA A 435 31.55 -118.64 -35.13
N HIS A 436 31.67 -118.12 -33.91
CA HIS A 436 31.69 -116.70 -33.62
C HIS A 436 32.83 -116.36 -32.68
N PRO A 437 34.07 -116.58 -33.14
CA PRO A 437 35.23 -116.31 -32.29
C PRO A 437 35.42 -114.82 -32.05
N VAL A 438 36.07 -114.51 -30.93
CA VAL A 438 36.30 -113.14 -30.49
C VAL A 438 37.41 -112.50 -31.33
N PRO A 439 37.11 -111.40 -32.03
CA PRO A 439 38.17 -110.77 -32.80
C PRO A 439 39.29 -110.24 -31.88
N PHE A 440 40.55 -110.48 -32.21
CA PHE A 440 41.68 -110.00 -31.39
C PHE A 440 41.80 -108.49 -31.49
N ILE A 441 41.30 -107.94 -32.60
CA ILE A 441 41.17 -106.50 -32.77
C ILE A 441 39.96 -106.38 -33.68
N SER A 442 39.38 -105.19 -33.70
CA SER A 442 38.18 -104.88 -34.46
C SER A 442 38.22 -105.29 -35.93
N ARG A 443 37.10 -105.84 -36.40
CA ARG A 443 36.94 -106.18 -37.80
C ARG A 443 36.71 -104.91 -38.61
N PRO A 444 37.16 -104.88 -39.88
CA PRO A 444 37.86 -105.94 -40.58
C PRO A 444 39.37 -105.82 -40.39
N PHE A 445 40.08 -106.92 -40.54
CA PHE A 445 41.52 -106.87 -40.39
C PHE A 445 42.11 -107.92 -41.28
N ALA A 446 43.17 -107.52 -41.97
CA ALA A 446 43.95 -108.40 -42.84
C ALA A 446 45.38 -108.34 -42.31
N PHE A 447 46.09 -109.46 -42.28
CA PHE A 447 47.48 -109.46 -41.82
C PHE A 447 48.37 -108.45 -42.57
N ALA A 448 47.99 -108.09 -43.80
CA ALA A 448 48.72 -107.12 -44.62
C ALA A 448 48.66 -105.68 -44.09
N GLN A 449 47.68 -105.38 -43.26
CA GLN A 449 47.53 -104.06 -42.66
C GLN A 449 48.48 -103.89 -41.49
N SER A 450 49.72 -103.54 -41.82
CA SER A 450 50.79 -103.32 -40.86
C SER A 450 50.47 -102.21 -39.87
N SER A 451 49.79 -101.17 -40.35
CA SER A 451 49.42 -100.06 -39.49
C SER A 451 48.52 -100.49 -38.34
N ARG A 452 47.75 -101.55 -38.52
CA ARG A 452 46.87 -102.04 -37.47
C ARG A 452 47.47 -103.16 -36.64
N TRP A 453 48.41 -103.88 -37.25
CA TRP A 453 49.09 -104.98 -36.62
C TRP A 453 50.09 -104.52 -35.59
N LYS A 454 50.89 -103.51 -35.92
CA LYS A 454 51.94 -103.02 -35.04
C LYS A 454 51.54 -102.63 -33.62
N PRO A 455 50.49 -101.81 -33.45
CA PRO A 455 50.09 -101.39 -32.12
C PRO A 455 48.89 -102.15 -31.57
N TRP A 456 48.71 -103.40 -31.97
CA TRP A 456 47.50 -104.13 -31.57
C TRP A 456 47.39 -104.43 -30.10
N LEU A 457 48.53 -104.65 -29.45
CA LEU A 457 48.52 -104.96 -28.01
C LEU A 457 48.11 -103.82 -27.09
N VAL A 458 48.02 -102.58 -27.59
CA VAL A 458 47.59 -101.47 -26.73
C VAL A 458 46.18 -100.96 -27.01
N GLN A 459 45.45 -101.66 -27.89
CA GLN A 459 44.10 -101.30 -28.27
C GLN A 459 43.10 -101.54 -27.14
N ASP A 460 42.07 -100.70 -27.10
CA ASP A 460 41.00 -100.73 -26.09
C ASP A 460 40.26 -102.09 -26.11
N GLN A 461 40.05 -102.66 -24.94
CA GLN A 461 39.41 -103.97 -24.83
C GLN A 461 37.91 -103.88 -24.52
N ARG A 462 37.32 -102.69 -24.63
CA ARG A 462 35.89 -102.53 -24.41
C ARG A 462 35.00 -103.33 -25.36
N GLU A 463 35.42 -103.55 -26.60
CA GLU A 463 34.61 -104.34 -27.51
C GLU A 463 34.45 -105.76 -26.93
N ALA A 464 35.56 -106.34 -26.52
CA ALA A 464 35.51 -107.67 -25.96
C ALA A 464 34.66 -107.71 -24.69
N GLU A 465 34.75 -106.67 -23.86
CA GLU A 465 34.00 -106.63 -22.60
C GLU A 465 32.51 -106.75 -22.84
N SER A 466 32.04 -106.17 -23.95
CA SER A 466 30.62 -106.13 -24.28
C SER A 466 30.02 -107.45 -24.71
N ARG A 467 30.86 -108.46 -24.88
CA ARG A 467 30.38 -109.73 -25.38
C ARG A 467 30.07 -110.72 -24.27
N PRO A 468 29.13 -111.62 -24.54
CA PRO A 468 28.82 -112.67 -23.59
C PRO A 468 29.80 -113.85 -23.66
N ASP A 469 30.76 -113.85 -24.58
CA ASP A 469 31.74 -114.94 -24.64
C ASP A 469 33.10 -114.51 -24.08
N VAL A 470 33.06 -113.51 -23.21
CA VAL A 470 34.21 -112.95 -22.52
C VAL A 470 33.74 -112.59 -21.09
N VAL A 471 34.48 -112.94 -20.03
CA VAL A 471 34.09 -112.58 -18.65
C VAL A 471 35.06 -111.52 -18.17
N THR A 472 34.52 -110.45 -17.59
CA THR A 472 35.33 -109.32 -17.14
C THR A 472 35.21 -109.06 -15.64
N TYR A 473 36.34 -108.81 -14.98
CA TYR A 473 36.39 -108.56 -13.54
C TYR A 473 37.12 -107.24 -13.33
N GLU A 474 36.75 -106.48 -12.31
CA GLU A 474 37.43 -105.22 -12.02
C GLU A 474 37.46 -104.83 -10.55
N THR A 475 38.49 -104.11 -10.14
CA THR A 475 38.60 -103.64 -8.78
C THR A 475 37.79 -102.36 -8.75
N GLU A 476 37.51 -101.87 -7.56
CA GLU A 476 36.85 -100.59 -7.37
C GLU A 476 37.85 -99.59 -7.88
N VAL A 477 37.42 -98.34 -8.06
CA VAL A 477 38.38 -97.35 -8.50
C VAL A 477 39.42 -97.16 -7.39
N LEU A 478 40.68 -97.13 -7.77
CA LEU A 478 41.75 -97.07 -6.79
C LEU A 478 41.91 -95.76 -6.04
N ASP A 479 42.01 -95.89 -4.71
CA ASP A 479 42.24 -94.78 -3.80
C ASP A 479 43.73 -94.60 -3.61
N GLU A 480 44.51 -95.67 -3.81
CA GLU A 480 45.96 -95.61 -3.68
C GLU A 480 46.57 -96.39 -4.84
N PRO A 481 47.65 -95.85 -5.42
CA PRO A 481 48.24 -96.54 -6.57
C PRO A 481 48.85 -97.90 -6.24
N VAL A 482 48.87 -98.82 -7.19
CA VAL A 482 49.56 -100.10 -6.96
C VAL A 482 50.64 -100.25 -8.04
N ARG A 483 51.87 -100.46 -7.58
CA ARG A 483 53.00 -100.54 -8.46
C ARG A 483 53.31 -101.99 -8.76
N VAL A 484 53.62 -102.29 -10.02
CA VAL A 484 53.96 -103.64 -10.44
C VAL A 484 55.23 -103.62 -11.27
N SER A 485 56.10 -104.59 -11.03
CA SER A 485 57.34 -104.70 -11.76
C SER A 485 57.85 -106.16 -11.73
N GLY A 486 57.63 -106.88 -12.81
CA GLY A 486 58.07 -108.25 -12.90
C GLY A 486 57.19 -109.04 -13.84
N VAL A 487 57.18 -110.36 -13.71
CA VAL A 487 56.36 -111.15 -14.61
C VAL A 487 55.15 -111.66 -13.85
N PRO A 488 53.96 -111.25 -14.29
CA PRO A 488 52.75 -111.77 -13.66
C PRO A 488 52.52 -113.23 -14.04
N VAL A 489 51.72 -113.93 -13.24
CA VAL A 489 51.45 -115.33 -13.48
C VAL A 489 49.95 -115.57 -13.36
N ALA A 490 49.37 -116.20 -14.38
CA ALA A 490 47.95 -116.52 -14.36
C ALA A 490 47.77 -117.78 -13.52
N ASP A 491 46.98 -117.71 -12.46
CA ASP A 491 46.71 -118.89 -11.63
C ASP A 491 45.23 -119.13 -11.89
N LEU A 492 44.95 -119.94 -12.89
CA LEU A 492 43.58 -120.16 -13.36
C LEU A 492 42.94 -121.49 -13.02
N PHE A 493 41.74 -121.42 -12.48
CA PHE A 493 40.93 -122.56 -12.15
C PHE A 493 39.70 -122.46 -13.08
N ALA A 494 39.74 -123.24 -14.15
CA ALA A 494 38.68 -123.18 -15.16
C ALA A 494 38.23 -124.53 -15.69
N ALA A 495 36.92 -124.58 -15.94
CA ALA A 495 36.26 -125.76 -16.47
C ALA A 495 35.67 -125.45 -17.84
N THR A 496 35.65 -126.48 -18.68
CA THR A 496 35.03 -126.41 -19.98
C THR A 496 34.17 -127.66 -20.19
N SER A 497 33.05 -127.52 -20.91
CA SER A 497 32.20 -128.67 -21.20
C SER A 497 32.74 -129.52 -22.35
N GLY A 498 33.76 -129.04 -23.04
CA GLY A 498 34.39 -129.77 -24.14
C GLY A 498 35.57 -130.55 -23.61
N THR A 499 36.39 -131.08 -24.53
CA THR A 499 37.57 -131.87 -24.22
C THR A 499 38.87 -131.14 -24.62
N ASP A 500 38.77 -129.87 -24.99
CA ASP A 500 39.94 -129.04 -25.26
C ASP A 500 39.46 -127.59 -25.15
N SER A 501 40.40 -126.67 -25.02
CA SER A 501 40.08 -125.25 -24.91
C SER A 501 41.34 -124.44 -24.78
N ASP A 502 41.20 -123.19 -25.21
CA ASP A 502 42.23 -122.16 -25.11
C ASP A 502 41.74 -121.23 -24.03
N TRP A 503 42.67 -120.63 -23.30
CA TRP A 503 42.36 -119.68 -22.25
C TRP A 503 43.20 -118.44 -22.49
N VAL A 504 42.50 -117.34 -22.72
CA VAL A 504 43.13 -116.05 -22.99
C VAL A 504 42.93 -115.24 -21.73
N VAL A 505 44.01 -114.76 -21.14
CA VAL A 505 43.91 -113.99 -19.90
C VAL A 505 44.53 -112.63 -20.15
N LYS A 506 43.82 -111.57 -19.76
CA LYS A 506 44.29 -110.20 -19.97
C LYS A 506 44.34 -109.37 -18.71
N LEU A 507 45.47 -108.72 -18.44
CA LEU A 507 45.61 -107.85 -17.27
C LEU A 507 45.54 -106.43 -17.82
N ILE A 508 44.59 -105.65 -17.31
CA ILE A 508 44.29 -104.34 -17.87
C ILE A 508 44.27 -103.20 -16.87
N ASP A 509 44.67 -102.02 -17.36
CA ASP A 509 44.68 -100.78 -16.59
C ASP A 509 43.54 -99.94 -17.16
N VAL A 510 42.45 -99.85 -16.41
CA VAL A 510 41.29 -99.10 -16.85
C VAL A 510 41.60 -97.65 -16.48
N GLN A 511 41.64 -96.78 -17.46
CA GLN A 511 41.94 -95.36 -17.25
C GLN A 511 40.81 -94.71 -16.46
N PRO A 512 41.04 -93.51 -15.91
CA PRO A 512 39.94 -92.85 -15.16
C PRO A 512 38.70 -92.72 -16.03
N ALA A 513 37.53 -92.83 -15.41
CA ALA A 513 36.26 -92.77 -16.13
C ALA A 513 36.21 -91.64 -17.16
N MET A 514 36.79 -90.51 -16.79
CA MET A 514 36.93 -89.35 -17.66
C MET A 514 38.38 -88.84 -17.63
N THR A 515 38.93 -88.56 -18.80
CA THR A 515 40.27 -88.02 -18.94
C THR A 515 40.08 -86.75 -19.73
N PRO A 516 39.74 -85.64 -19.06
CA PRO A 516 39.37 -84.36 -19.69
C PRO A 516 40.45 -83.67 -20.55
N ASP A 517 41.71 -84.00 -20.31
CA ASP A 517 42.80 -83.47 -21.12
C ASP A 517 42.86 -84.21 -22.47
N ASP A 518 42.37 -85.45 -22.53
CA ASP A 518 42.37 -86.25 -23.77
C ASP A 518 41.12 -87.13 -23.69
N PRO A 519 39.94 -86.53 -23.90
CA PRO A 519 38.63 -87.16 -23.71
C PRO A 519 38.45 -88.60 -24.15
N LYS A 520 39.07 -88.97 -25.27
CA LYS A 520 38.97 -90.30 -25.88
C LYS A 520 39.57 -91.43 -25.06
N MET A 521 40.43 -91.13 -24.09
CA MET A 521 40.98 -92.15 -23.21
C MET A 521 40.13 -92.47 -21.97
N GLY A 522 39.01 -91.76 -21.77
CA GLY A 522 38.14 -91.96 -20.61
C GLY A 522 37.56 -93.36 -20.50
N GLY A 523 37.97 -94.12 -19.48
CA GLY A 523 37.49 -95.48 -19.30
C GLY A 523 38.14 -96.50 -20.23
N TYR A 524 39.18 -96.09 -20.93
CA TYR A 524 39.92 -96.90 -21.90
C TYR A 524 40.52 -98.09 -21.17
N GLU A 525 40.23 -99.28 -21.68
CA GLU A 525 40.74 -100.53 -21.14
C GLU A 525 42.03 -100.91 -21.86
N LEU A 526 43.13 -100.40 -21.32
CA LEU A 526 44.48 -100.62 -21.84
C LEU A 526 45.16 -101.88 -21.33
N PRO A 527 45.42 -102.86 -22.22
CA PRO A 527 46.11 -104.06 -21.79
C PRO A 527 47.60 -103.80 -21.53
N VAL A 528 48.05 -104.19 -20.35
CA VAL A 528 49.45 -104.05 -19.98
C VAL A 528 50.11 -105.41 -20.12
N SER A 529 49.35 -106.49 -20.13
CA SER A 529 49.91 -107.83 -20.29
C SER A 529 48.81 -108.84 -20.60
N MET A 530 48.94 -109.58 -21.71
CA MET A 530 47.99 -110.61 -22.06
C MET A 530 48.63 -111.78 -22.79
N ASP A 531 48.07 -112.97 -22.62
CA ASP A 531 48.56 -114.14 -23.37
C ASP A 531 47.45 -115.17 -23.44
N ILE A 532 47.70 -116.19 -24.25
CA ILE A 532 46.83 -117.31 -24.49
C ILE A 532 47.53 -118.64 -24.16
N PHE A 533 46.79 -119.62 -23.66
CA PHE A 533 47.33 -120.93 -23.31
C PHE A 533 46.46 -122.01 -23.94
N ARG A 534 47.04 -122.88 -24.75
CA ARG A 534 46.27 -123.98 -25.36
C ARG A 534 46.13 -125.12 -24.36
N GLY A 535 44.91 -125.31 -23.85
CA GLY A 535 44.58 -126.26 -22.81
C GLY A 535 45.11 -127.68 -22.84
N ARG A 536 45.22 -128.24 -24.03
CA ARG A 536 45.72 -129.59 -24.20
C ARG A 536 47.13 -129.75 -23.63
N TYR A 537 47.86 -128.65 -23.45
CA TYR A 537 49.20 -128.69 -22.88
C TYR A 537 49.30 -128.39 -21.38
N ARG A 538 48.20 -128.49 -20.65
CA ARG A 538 48.18 -128.15 -19.22
C ARG A 538 49.21 -128.84 -18.34
N LYS A 539 49.41 -130.14 -18.56
CA LYS A 539 50.36 -130.95 -17.79
C LYS A 539 51.72 -131.04 -18.44
N ASP A 540 51.76 -131.17 -19.75
CA ASP A 540 53.02 -131.30 -20.45
C ASP A 540 52.93 -130.68 -21.85
N PHE A 541 53.86 -129.78 -22.17
CA PHE A 541 53.92 -129.15 -23.47
C PHE A 541 54.25 -130.12 -24.60
N ALA A 542 54.98 -131.17 -24.24
CA ALA A 542 55.41 -132.20 -25.17
C ALA A 542 54.35 -133.28 -25.42
N LYS A 543 53.46 -133.47 -24.45
CA LYS A 543 52.48 -134.54 -24.51
C LYS A 543 51.09 -133.99 -24.26
N PRO A 544 50.37 -133.68 -25.35
CA PRO A 544 49.01 -133.17 -25.24
C PRO A 544 48.01 -134.23 -24.79
N GLU A 545 47.07 -133.82 -23.94
CA GLU A 545 46.03 -134.68 -23.40
C GLU A 545 44.69 -133.97 -23.31
N ALA A 546 43.61 -134.72 -23.51
CA ALA A 546 42.27 -134.17 -23.45
C ALA A 546 41.92 -133.61 -22.07
N LEU A 547 41.05 -132.62 -22.09
CA LEU A 547 40.58 -132.01 -20.86
C LEU A 547 39.34 -132.72 -20.41
N GLN A 548 39.22 -132.85 -19.10
CA GLN A 548 38.11 -133.49 -18.43
C GLN A 548 36.84 -132.60 -18.47
N PRO A 549 35.81 -133.07 -19.19
CA PRO A 549 34.61 -132.22 -19.28
C PRO A 549 33.98 -131.90 -17.94
N ASP A 550 33.70 -130.61 -17.74
CA ASP A 550 33.06 -130.09 -16.54
C ASP A 550 33.90 -130.14 -15.26
N ALA A 551 35.20 -130.44 -15.40
CA ALA A 551 36.09 -130.47 -14.27
C ALA A 551 36.84 -129.15 -14.23
N THR A 552 36.94 -128.59 -13.03
CA THR A 552 37.71 -127.37 -12.80
C THR A 552 39.18 -127.77 -12.75
N LEU A 553 39.96 -127.27 -13.71
CA LEU A 553 41.38 -127.60 -13.82
C LEU A 553 42.28 -126.40 -13.58
N HIS A 554 43.45 -126.69 -13.01
CA HIS A 554 44.47 -125.70 -12.66
C HIS A 554 45.46 -125.45 -13.79
N TYR A 555 45.51 -124.20 -14.23
CA TYR A 555 46.42 -123.76 -15.28
C TYR A 555 47.33 -122.73 -14.60
N HIS A 556 48.62 -122.80 -14.90
CA HIS A 556 49.58 -121.91 -14.28
C HIS A 556 50.57 -121.48 -15.35
N PHE A 557 50.58 -120.20 -15.72
CA PHE A 557 51.49 -119.76 -16.76
C PHE A 557 51.86 -118.27 -16.71
N THR A 558 53.08 -117.96 -17.14
CA THR A 558 53.58 -116.60 -17.13
C THR A 558 52.99 -115.76 -18.27
N LEU A 559 52.77 -114.49 -17.93
CA LEU A 559 52.27 -113.49 -18.86
C LEU A 559 53.42 -112.53 -19.18
N PRO A 560 53.29 -111.70 -20.24
CA PRO A 560 54.31 -110.70 -20.54
C PRO A 560 54.64 -109.78 -19.36
N ALA A 561 55.90 -109.39 -19.25
CA ALA A 561 56.42 -108.55 -18.19
C ALA A 561 55.76 -107.19 -18.09
N VAL A 562 55.70 -106.67 -16.86
CA VAL A 562 55.09 -105.37 -16.62
C VAL A 562 55.97 -104.52 -15.72
N ASN A 563 55.90 -103.21 -15.93
CA ASN A 563 56.61 -102.21 -15.15
C ASN A 563 55.66 -101.03 -15.24
N HIS A 564 54.66 -101.07 -14.36
CA HIS A 564 53.57 -100.14 -14.43
C HIS A 564 53.09 -99.71 -13.07
N VAL A 565 52.32 -98.64 -13.08
CA VAL A 565 51.67 -98.14 -11.88
C VAL A 565 50.21 -97.92 -12.24
N PHE A 566 49.29 -98.55 -11.51
CA PHE A 566 47.86 -98.35 -11.67
C PHE A 566 47.62 -97.20 -10.70
N ALA A 567 47.46 -96.00 -11.23
CA ALA A 567 47.30 -94.79 -10.41
C ALA A 567 45.93 -94.63 -9.81
N LYS A 568 45.77 -93.59 -8.97
CA LYS A 568 44.49 -93.25 -8.38
C LYS A 568 43.51 -92.94 -9.48
N GLY A 569 42.27 -93.37 -9.32
CA GLY A 569 41.22 -93.13 -10.31
C GLY A 569 41.10 -94.22 -11.35
N HIS A 570 42.13 -95.04 -11.52
CA HIS A 570 42.13 -96.16 -12.46
C HIS A 570 41.53 -97.39 -11.78
N ARG A 571 41.39 -98.46 -12.54
CA ARG A 571 40.98 -99.74 -11.97
C ARG A 571 41.88 -100.77 -12.59
N ILE A 572 41.99 -101.92 -11.90
CA ILE A 572 42.72 -103.04 -12.44
C ILE A 572 41.61 -103.93 -12.95
N MET A 573 41.81 -104.50 -14.14
CA MET A 573 40.81 -105.35 -14.76
C MET A 573 41.46 -106.65 -15.26
N VAL A 574 40.67 -107.71 -15.24
CA VAL A 574 41.06 -109.00 -15.79
C VAL A 574 39.94 -109.41 -16.75
N GLN A 575 40.32 -109.85 -17.95
CA GLN A 575 39.37 -110.37 -18.93
C GLN A 575 39.80 -111.76 -19.30
N ILE A 576 38.84 -112.67 -19.41
CA ILE A 576 39.15 -114.04 -19.79
C ILE A 576 38.24 -114.43 -20.94
N GLN A 577 38.79 -115.10 -21.95
CA GLN A 577 38.02 -115.57 -23.08
C GLN A 577 38.69 -116.84 -23.61
N SER A 578 38.10 -117.42 -24.64
CA SER A 578 38.61 -118.67 -25.16
C SER A 578 38.90 -118.72 -26.66
N SER A 579 38.92 -117.55 -27.28
CA SER A 579 39.28 -117.36 -28.70
C SER A 579 39.87 -115.96 -28.89
N TRP A 580 40.68 -115.81 -29.94
CA TRP A 580 41.40 -114.56 -30.24
C TRP A 580 41.74 -114.66 -31.73
N PHE A 581 40.74 -114.38 -32.56
CA PHE A 581 40.79 -114.62 -34.00
C PHE A 581 40.89 -113.40 -34.91
N PRO A 582 41.54 -113.52 -36.08
CA PRO A 582 42.24 -114.66 -36.67
C PRO A 582 43.72 -114.88 -36.34
N LEU A 583 44.27 -114.12 -35.41
CA LEU A 583 45.67 -114.23 -35.01
C LEU A 583 45.99 -115.65 -34.60
N TYR A 584 45.16 -116.21 -33.70
CA TYR A 584 45.30 -117.59 -33.26
C TYR A 584 44.23 -118.49 -33.87
N ASP A 585 44.64 -119.64 -34.40
CA ASP A 585 43.68 -120.57 -34.95
C ASP A 585 42.72 -120.96 -33.82
N ARG A 586 41.52 -121.38 -34.18
CA ARG A 586 40.51 -121.74 -33.21
C ARG A 586 40.72 -123.12 -32.61
N ASN A 587 40.49 -123.18 -31.31
CA ASN A 587 40.55 -124.46 -30.62
C ASN A 587 39.17 -125.00 -30.91
N PRO A 588 39.09 -126.22 -31.50
CA PRO A 588 37.82 -126.85 -31.82
C PRO A 588 37.01 -127.22 -30.58
N GLN A 589 37.65 -127.22 -29.42
CA GLN A 589 36.98 -127.54 -28.16
C GLN A 589 36.57 -129.00 -28.02
N LYS A 590 37.24 -129.82 -28.82
CA LYS A 590 37.10 -131.26 -28.88
C LYS A 590 38.53 -131.72 -29.12
N PHE A 591 39.03 -132.63 -28.28
CA PHE A 591 40.39 -133.09 -28.44
C PHE A 591 40.52 -133.88 -29.73
N VAL A 592 41.35 -133.37 -30.63
CA VAL A 592 41.63 -134.03 -31.90
C VAL A 592 43.13 -134.17 -31.90
N PRO A 593 43.67 -135.17 -32.59
CA PRO A 593 45.13 -135.39 -32.55
C PRO A 593 45.94 -134.16 -32.95
N ASN A 594 45.51 -133.52 -34.03
CA ASN A 594 46.25 -132.36 -34.54
C ASN A 594 45.26 -131.26 -34.91
N ILE A 595 45.32 -130.14 -34.19
CA ILE A 595 44.41 -129.04 -34.44
C ILE A 595 44.61 -128.45 -35.84
N PHE A 596 45.79 -128.57 -36.44
CA PHE A 596 45.94 -128.07 -37.80
C PHE A 596 44.97 -128.78 -38.74
N ASP A 597 44.68 -130.05 -38.50
CA ASP A 597 43.83 -130.86 -39.35
C ASP A 597 42.39 -130.97 -38.89
N ALA A 598 41.96 -130.11 -37.98
CA ALA A 598 40.58 -130.19 -37.52
C ALA A 598 39.59 -130.09 -38.69
N LYS A 599 38.50 -130.86 -38.60
CA LYS A 599 37.45 -130.88 -39.61
C LYS A 599 36.27 -130.06 -39.12
N PRO A 600 35.42 -129.59 -40.05
CA PRO A 600 34.26 -128.77 -39.69
C PRO A 600 33.41 -129.37 -38.57
N ALA A 601 33.14 -130.66 -38.66
CA ALA A 601 32.35 -131.34 -37.63
C ALA A 601 32.96 -131.30 -36.22
N ASP A 602 34.28 -131.18 -36.13
CA ASP A 602 34.99 -131.17 -34.85
C ASP A 602 34.75 -129.92 -34.00
N TYR A 603 34.38 -128.83 -34.65
CA TYR A 603 34.23 -127.56 -33.94
C TYR A 603 32.96 -127.64 -33.12
N THR A 604 33.13 -127.61 -31.80
CA THR A 604 32.02 -127.72 -30.84
C THR A 604 31.84 -126.50 -29.93
N VAL A 605 30.59 -126.15 -29.64
CA VAL A 605 30.25 -125.08 -28.73
C VAL A 605 30.40 -125.63 -27.32
N ALA A 606 30.92 -124.82 -26.40
CA ALA A 606 31.17 -125.23 -25.02
C ALA A 606 30.86 -124.13 -24.02
N THR A 607 30.51 -124.53 -22.80
CA THR A 607 30.28 -123.60 -21.71
C THR A 607 31.55 -123.62 -20.85
N GLN A 608 32.12 -122.44 -20.63
CA GLN A 608 33.34 -122.30 -19.87
C GLN A 608 32.94 -121.74 -18.52
N SER A 609 33.62 -122.20 -17.47
CA SER A 609 33.37 -121.72 -16.11
C SER A 609 34.64 -121.38 -15.34
N ILE A 610 34.75 -120.14 -14.91
CA ILE A 610 35.91 -119.66 -14.14
C ILE A 610 35.55 -119.60 -12.66
N HIS A 611 36.23 -120.44 -11.89
CA HIS A 611 35.98 -120.56 -10.48
C HIS A 611 36.71 -119.43 -9.77
N HIS A 612 36.10 -118.94 -8.70
CA HIS A 612 36.74 -117.94 -7.87
C HIS A 612 36.49 -118.27 -6.39
N GLY A 613 37.45 -117.98 -5.51
CA GLY A 613 37.31 -118.24 -4.07
C GLY A 613 37.52 -119.69 -3.67
N GLY A 614 37.59 -119.94 -2.36
CA GLY A 614 37.83 -121.28 -1.83
C GLY A 614 39.19 -121.83 -2.19
N LYS A 615 39.29 -123.15 -2.38
CA LYS A 615 40.55 -123.80 -2.75
C LYS A 615 40.89 -123.69 -4.24
N GLU A 616 39.97 -123.20 -5.05
CA GLU A 616 40.17 -123.02 -6.48
C GLU A 616 40.02 -121.54 -6.81
N ALA A 617 40.71 -120.70 -6.04
CA ALA A 617 40.62 -119.25 -6.19
C ALA A 617 41.48 -118.76 -7.34
N THR A 618 40.83 -118.48 -8.47
CA THR A 618 41.51 -117.93 -9.63
C THR A 618 41.98 -116.50 -9.33
N SER A 619 43.24 -116.25 -9.71
CA SER A 619 43.83 -114.93 -9.52
C SER A 619 44.95 -114.71 -10.51
N ILE A 620 45.45 -113.48 -10.55
CA ILE A 620 46.61 -113.11 -11.32
C ILE A 620 47.65 -112.81 -10.25
N LEU A 621 48.74 -113.57 -10.24
CA LEU A 621 49.82 -113.36 -9.30
C LEU A 621 50.60 -112.17 -9.84
N LEU A 622 50.38 -111.02 -9.20
CA LEU A 622 50.96 -109.76 -9.61
C LEU A 622 52.28 -109.53 -8.89
N PRO A 623 53.29 -109.03 -9.63
CA PRO A 623 54.56 -108.69 -8.99
C PRO A 623 54.41 -107.29 -8.36
N VAL A 624 53.64 -107.18 -7.27
CA VAL A 624 53.46 -105.91 -6.58
C VAL A 624 54.75 -105.54 -5.88
N VAL A 625 55.14 -104.27 -5.96
CA VAL A 625 56.34 -103.72 -5.33
C VAL A 625 56.02 -102.43 -4.58
N LYS A 626 56.82 -102.09 -3.58
CA LYS A 626 56.63 -100.85 -2.80
C LYS A 626 57.31 -99.60 -3.37
N HIS B 10 -8.98 -82.37 -15.00
CA HIS B 10 -8.07 -82.82 -16.09
C HIS B 10 -6.91 -83.64 -15.50
N ASP B 11 -6.59 -84.74 -16.17
CA ASP B 11 -5.51 -85.63 -15.76
C ASP B 11 -4.18 -84.95 -16.10
N PRO B 12 -3.35 -84.68 -15.08
CA PRO B 12 -2.07 -84.01 -15.32
C PRO B 12 -1.00 -84.88 -15.96
N LEU B 13 -1.18 -86.20 -15.94
CA LEU B 13 -0.23 -87.11 -16.57
C LEU B 13 -0.56 -87.28 -18.05
N SER B 14 -1.57 -86.57 -18.54
CA SER B 14 -1.97 -86.60 -19.93
C SER B 14 -2.15 -85.19 -20.51
N VAL B 15 -2.84 -84.32 -19.79
CA VAL B 15 -3.09 -82.98 -20.27
C VAL B 15 -2.24 -81.92 -19.57
N GLN B 16 -1.40 -81.22 -20.33
CA GLN B 16 -0.55 -80.15 -19.77
C GLN B 16 -1.03 -78.79 -20.27
N THR B 17 -1.71 -78.07 -19.39
CA THR B 17 -2.22 -76.74 -19.69
C THR B 17 -1.25 -75.68 -19.16
N GLY B 18 -0.19 -76.12 -18.47
CA GLY B 18 0.82 -75.22 -17.92
C GLY B 18 2.10 -75.32 -18.73
N SER B 19 3.24 -75.25 -18.04
CA SER B 19 4.57 -75.29 -18.66
C SER B 19 5.36 -76.51 -18.25
N ASP B 20 6.06 -77.09 -19.23
CA ASP B 20 6.93 -78.24 -19.02
C ASP B 20 8.26 -77.81 -18.43
N ILE B 21 8.54 -76.51 -18.46
CA ILE B 21 9.79 -76.00 -17.91
C ILE B 21 9.64 -75.72 -16.41
N PRO B 22 10.32 -76.52 -15.57
CA PRO B 22 10.19 -76.33 -14.13
C PRO B 22 10.62 -74.95 -13.63
N GLN B 32 26.73 -86.76 -5.81
CA GLN B 32 27.71 -87.59 -6.53
C GLN B 32 29.06 -86.91 -6.78
N ARG B 33 29.11 -85.58 -6.79
CA ARG B 33 30.31 -84.83 -7.04
C ARG B 33 31.36 -84.97 -5.95
N ASP B 34 32.63 -84.81 -6.33
CA ASP B 34 33.75 -84.85 -5.40
C ASP B 34 34.25 -83.45 -5.03
N TYR B 35 33.41 -82.44 -5.19
CA TYR B 35 33.78 -81.07 -4.84
C TYR B 35 32.50 -80.31 -4.61
N ILE B 36 32.60 -79.11 -4.07
CA ILE B 36 31.44 -78.23 -3.88
C ILE B 36 31.85 -76.90 -4.51
N LYS B 37 30.89 -76.18 -5.09
CA LYS B 37 31.17 -74.91 -5.73
C LYS B 37 30.30 -73.85 -5.09
N ARG B 38 30.93 -72.76 -4.63
CA ARG B 38 30.26 -71.61 -4.04
C ARG B 38 30.42 -70.40 -4.94
N GLU B 39 29.35 -69.61 -5.07
CA GLU B 39 29.40 -68.41 -5.87
C GLU B 39 29.09 -67.28 -4.89
N VAL B 40 30.03 -66.35 -4.72
CA VAL B 40 29.86 -65.28 -3.77
C VAL B 40 30.19 -63.95 -4.44
N MET B 41 29.62 -62.88 -3.93
CA MET B 41 29.86 -61.52 -4.44
C MET B 41 30.64 -60.86 -3.31
N VAL B 42 31.96 -60.78 -3.50
CA VAL B 42 32.89 -60.23 -2.50
C VAL B 42 32.95 -58.71 -2.65
N PRO B 43 32.59 -57.98 -1.60
CA PRO B 43 32.60 -56.52 -1.71
C PRO B 43 34.00 -55.94 -1.58
N MET B 44 34.32 -55.00 -2.44
CA MET B 44 35.61 -54.31 -2.43
C MET B 44 35.48 -53.10 -1.48
N ARG B 45 36.59 -52.40 -1.22
CA ARG B 45 36.62 -51.26 -0.29
C ARG B 45 35.67 -50.12 -0.66
N ASP B 46 35.35 -50.02 -1.95
CA ASP B 46 34.44 -48.98 -2.43
C ASP B 46 33.00 -49.47 -2.65
N GLY B 47 32.68 -50.67 -2.17
CA GLY B 47 31.31 -51.19 -2.29
C GLY B 47 30.99 -51.99 -3.55
N VAL B 48 31.86 -51.95 -4.55
CA VAL B 48 31.66 -52.73 -5.76
C VAL B 48 31.86 -54.18 -5.37
N LYS B 49 30.98 -55.05 -5.84
CA LYS B 49 31.06 -56.47 -5.52
C LYS B 49 31.57 -57.25 -6.74
N LEU B 50 32.47 -58.21 -6.53
CA LEU B 50 33.04 -59.00 -7.62
C LEU B 50 32.64 -60.47 -7.58
N TYR B 51 32.12 -60.97 -8.68
CA TYR B 51 31.66 -62.35 -8.76
C TYR B 51 32.84 -63.29 -8.55
N THR B 52 32.71 -64.18 -7.58
CA THR B 52 33.78 -65.06 -7.23
C THR B 52 33.25 -66.47 -7.12
N VAL B 53 33.98 -67.43 -7.68
CA VAL B 53 33.63 -68.85 -7.65
C VAL B 53 34.72 -69.60 -6.90
N ILE B 54 34.31 -70.38 -5.90
CA ILE B 54 35.24 -71.11 -5.08
C ILE B 54 34.92 -72.59 -5.24
N VAL B 55 35.92 -73.37 -5.67
CA VAL B 55 35.75 -74.80 -5.89
C VAL B 55 36.57 -75.51 -4.82
N ILE B 56 35.89 -76.17 -3.89
CA ILE B 56 36.51 -76.84 -2.76
C ILE B 56 36.35 -78.35 -2.85
N PRO B 57 37.45 -79.09 -2.70
CA PRO B 57 37.35 -80.55 -2.74
C PRO B 57 36.50 -81.04 -1.57
N LYS B 58 35.70 -82.08 -1.74
CA LYS B 58 34.92 -82.57 -0.59
C LYS B 58 35.84 -82.98 0.55
N ASN B 59 35.36 -82.84 1.78
CA ASN B 59 36.15 -83.18 2.95
C ASN B 59 37.53 -82.51 2.98
N ALA B 60 37.61 -81.31 2.41
CA ALA B 60 38.83 -80.54 2.42
C ALA B 60 38.93 -79.91 3.81
N ARG B 61 40.13 -79.92 4.38
CA ARG B 61 40.32 -79.27 5.67
C ARG B 61 41.77 -78.77 5.71
N ASN B 62 41.93 -77.48 5.97
CA ASN B 62 43.23 -76.81 6.02
C ASN B 62 43.92 -76.76 4.67
N ALA B 63 43.14 -76.65 3.61
CA ALA B 63 43.68 -76.61 2.26
C ALA B 63 44.13 -75.22 1.82
N PRO B 64 45.24 -75.14 1.08
CA PRO B 64 45.60 -73.84 0.52
C PRO B 64 44.67 -73.41 -0.62
N ILE B 65 44.68 -72.10 -0.91
CA ILE B 65 43.88 -71.53 -1.98
C ILE B 65 44.78 -71.09 -3.14
N LEU B 66 44.37 -71.45 -4.37
CA LEU B 66 45.04 -71.00 -5.57
C LEU B 66 44.04 -70.03 -6.20
N LEU B 67 44.45 -68.79 -6.45
CA LEU B 67 43.56 -67.74 -6.98
C LEU B 67 43.98 -67.15 -8.30
N THR B 68 43.00 -66.84 -9.14
CA THR B 68 43.18 -66.21 -10.43
C THR B 68 42.08 -65.18 -10.64
N ARG B 69 42.46 -64.00 -11.09
CA ARG B 69 41.48 -62.93 -11.29
C ARG B 69 41.51 -62.76 -12.80
N THR B 70 40.32 -62.73 -13.41
CA THR B 70 40.22 -62.76 -14.86
C THR B 70 39.13 -61.88 -15.50
N PRO B 71 39.34 -61.46 -16.76
CA PRO B 71 38.33 -60.80 -17.57
C PRO B 71 37.67 -61.78 -18.56
N TYR B 72 37.92 -63.08 -18.43
CA TYR B 72 37.36 -64.07 -19.38
C TYR B 72 36.26 -65.01 -18.83
N ASN B 73 35.42 -64.48 -17.95
CA ASN B 73 34.26 -65.20 -17.37
C ASN B 73 34.62 -66.33 -16.44
N ALA B 74 34.70 -65.99 -15.14
CA ALA B 74 35.06 -66.91 -14.08
C ALA B 74 34.17 -68.14 -13.97
N LYS B 75 32.89 -67.96 -14.27
CA LYS B 75 31.93 -69.06 -14.19
C LYS B 75 32.35 -70.12 -15.20
N GLY B 76 32.72 -69.67 -16.40
CA GLY B 76 33.16 -70.54 -17.48
C GLY B 76 34.53 -71.12 -17.19
N ARG B 77 35.42 -70.32 -16.62
CA ARG B 77 36.77 -70.77 -16.32
C ARG B 77 36.72 -71.94 -15.35
N ALA B 78 35.76 -71.95 -14.42
CA ALA B 78 35.60 -73.06 -13.49
C ALA B 78 34.54 -74.08 -13.96
N ASN B 79 34.29 -74.09 -15.27
CA ASN B 79 33.37 -75.02 -15.90
C ASN B 79 33.90 -75.52 -17.24
N ARG B 80 35.09 -76.09 -17.20
CA ARG B 80 35.74 -76.62 -18.39
C ARG B 80 34.76 -77.65 -18.95
N VAL B 81 34.34 -78.57 -18.09
CA VAL B 81 33.31 -79.52 -18.45
C VAL B 81 32.19 -78.98 -17.58
N PRO B 82 31.16 -78.35 -18.18
CA PRO B 82 30.08 -77.79 -17.37
C PRO B 82 29.42 -78.71 -16.34
N ASN B 83 29.43 -78.31 -15.07
CA ASN B 83 28.79 -79.06 -13.98
C ASN B 83 29.26 -80.51 -13.87
N ALA B 84 30.54 -80.73 -14.13
CA ALA B 84 31.12 -82.09 -14.11
C ALA B 84 31.02 -82.75 -12.75
N LEU B 85 31.09 -84.08 -12.73
CA LEU B 85 31.04 -84.83 -11.49
C LEU B 85 32.38 -84.86 -10.76
N THR B 86 33.48 -84.56 -11.46
CA THR B 86 34.79 -84.56 -10.82
C THR B 86 35.45 -83.18 -10.90
N MET B 87 36.25 -82.85 -9.89
CA MET B 87 36.94 -81.57 -9.81
C MET B 87 37.97 -81.44 -10.94
N ARG B 88 38.54 -82.58 -11.31
CA ARG B 88 39.53 -82.60 -12.37
C ARG B 88 38.90 -82.15 -13.67
N GLU B 89 37.65 -82.58 -13.90
CA GLU B 89 36.94 -82.23 -15.11
C GLU B 89 36.46 -80.79 -15.06
N VAL B 90 36.06 -80.29 -13.90
CA VAL B 90 35.44 -78.95 -13.87
C VAL B 90 36.48 -77.86 -14.02
N LEU B 91 37.69 -78.13 -13.52
CA LEU B 91 38.79 -77.18 -13.62
C LEU B 91 39.68 -77.35 -14.84
N PRO B 92 40.38 -76.30 -15.31
CA PRO B 92 41.25 -76.37 -16.49
C PRO B 92 42.37 -77.39 -16.41
N GLN B 93 42.93 -77.71 -17.57
CA GLN B 93 44.03 -78.67 -17.67
C GLN B 93 45.25 -78.24 -16.85
N GLY B 94 45.52 -76.94 -16.80
CA GLY B 94 46.64 -76.38 -16.06
C GLY B 94 46.54 -76.49 -14.54
N ASP B 95 45.34 -76.72 -14.06
CA ASP B 95 45.11 -76.89 -12.64
C ASP B 95 45.25 -78.35 -12.22
N ASP B 96 45.60 -79.25 -13.14
CA ASP B 96 45.67 -80.68 -12.82
C ASP B 96 46.45 -81.04 -11.55
N VAL B 97 47.65 -80.51 -11.43
CA VAL B 97 48.53 -80.81 -10.32
C VAL B 97 48.00 -80.29 -8.99
N PHE B 98 47.23 -79.21 -9.05
CA PHE B 98 46.64 -78.66 -7.84
C PHE B 98 45.39 -79.43 -7.40
N VAL B 99 44.63 -79.98 -8.35
CA VAL B 99 43.48 -80.79 -7.99
C VAL B 99 43.99 -82.04 -7.28
N GLU B 100 45.10 -82.58 -7.76
CA GLU B 100 45.75 -83.76 -7.17
C GLU B 100 46.35 -83.43 -5.81
N GLY B 101 46.73 -82.18 -5.59
CA GLY B 101 47.29 -81.76 -4.31
C GLY B 101 46.29 -81.31 -3.25
N GLY B 102 44.99 -81.36 -3.58
CA GLY B 102 43.95 -80.99 -2.63
C GLY B 102 43.78 -79.50 -2.44
N TYR B 103 44.15 -78.70 -3.43
CA TYR B 103 44.02 -77.24 -3.30
C TYR B 103 42.61 -76.76 -3.55
N ILE B 104 42.25 -75.63 -2.96
CA ILE B 104 40.95 -75.01 -3.23
C ILE B 104 41.21 -74.10 -4.43
N ARG B 105 40.28 -74.01 -5.37
CA ARG B 105 40.52 -73.17 -6.52
C ARG B 105 39.53 -72.03 -6.59
N VAL B 106 40.01 -70.81 -6.77
CA VAL B 106 39.15 -69.64 -6.85
C VAL B 106 39.41 -68.91 -8.16
N PHE B 107 38.33 -68.52 -8.83
CA PHE B 107 38.33 -67.74 -10.09
C PHE B 107 37.39 -66.57 -9.83
N GLN B 108 37.82 -65.36 -10.17
CA GLN B 108 37.07 -64.16 -9.86
C GLN B 108 37.05 -63.28 -11.06
N ASP B 109 35.88 -62.69 -11.30
CA ASP B 109 35.68 -61.78 -12.39
C ASP B 109 36.23 -60.43 -11.93
N ILE B 110 37.11 -59.84 -12.73
CA ILE B 110 37.65 -58.55 -12.37
C ILE B 110 36.54 -57.50 -12.50
N ARG B 111 36.78 -56.36 -11.88
CA ARG B 111 35.85 -55.23 -11.86
C ARG B 111 35.42 -54.92 -13.27
N GLY B 112 34.12 -54.84 -13.46
CA GLY B 112 33.52 -54.47 -14.74
C GLY B 112 33.27 -55.55 -15.78
N LYS B 113 33.54 -56.80 -15.43
CA LYS B 113 33.36 -57.90 -16.39
C LYS B 113 32.48 -59.02 -15.86
N TYR B 114 31.69 -59.58 -16.77
CA TYR B 114 30.74 -60.66 -16.50
C TYR B 114 29.82 -60.50 -15.31
N GLY B 115 30.05 -61.25 -14.23
CA GLY B 115 29.20 -61.17 -13.06
C GLY B 115 29.54 -60.08 -12.05
N SER B 116 30.64 -59.35 -12.29
CA SER B 116 31.08 -58.31 -11.38
C SER B 116 30.52 -56.94 -11.71
N GLN B 117 30.36 -56.12 -10.67
CA GLN B 117 29.87 -54.76 -10.81
C GLN B 117 31.08 -53.89 -11.14
N GLY B 118 30.85 -52.58 -11.23
CA GLY B 118 31.88 -51.60 -11.44
C GLY B 118 32.11 -51.21 -12.88
N ASP B 119 33.04 -50.29 -13.06
CA ASP B 119 33.45 -49.82 -14.37
C ASP B 119 34.64 -50.65 -14.84
N TYR B 120 34.67 -51.05 -16.10
CA TYR B 120 35.79 -51.81 -16.67
C TYR B 120 36.74 -50.92 -17.43
N VAL B 121 38.01 -50.95 -17.05
CA VAL B 121 39.06 -50.19 -17.72
C VAL B 121 40.07 -51.22 -18.19
N MET B 122 40.42 -51.15 -19.47
CA MET B 122 41.37 -52.06 -20.10
C MET B 122 42.74 -51.91 -19.43
N THR B 123 43.27 -53.02 -18.93
CA THR B 123 44.55 -53.07 -18.24
C THR B 123 44.62 -51.83 -17.34
N ARG B 124 43.72 -51.81 -16.38
CA ARG B 124 43.56 -50.67 -15.48
C ARG B 124 44.88 -50.26 -14.86
N PRO B 125 45.35 -49.05 -15.16
CA PRO B 125 46.63 -48.61 -14.60
C PRO B 125 46.65 -48.56 -13.08
N PRO B 126 47.83 -48.67 -12.45
CA PRO B 126 47.89 -48.61 -11.00
C PRO B 126 47.63 -47.18 -10.51
N HIS B 127 47.36 -47.02 -9.23
CA HIS B 127 47.08 -45.71 -8.63
C HIS B 127 48.27 -44.87 -9.04
N GLY B 128 48.00 -43.68 -9.55
CA GLY B 128 49.06 -42.79 -9.97
C GLY B 128 48.49 -41.77 -10.93
N PRO B 129 49.32 -41.14 -11.76
CA PRO B 129 48.82 -40.14 -12.72
C PRO B 129 47.78 -40.63 -13.72
N LEU B 130 47.76 -41.93 -14.02
CA LEU B 130 46.79 -42.49 -14.93
C LEU B 130 45.56 -43.05 -14.23
N ASN B 131 45.59 -43.08 -12.89
CA ASN B 131 44.46 -43.59 -12.12
C ASN B 131 44.42 -42.86 -10.79
N PRO B 132 43.68 -41.75 -10.70
CA PRO B 132 43.57 -41.04 -9.41
C PRO B 132 42.44 -41.54 -8.52
N THR B 133 41.86 -42.70 -8.77
CA THR B 133 40.77 -43.18 -7.88
C THR B 133 41.38 -43.83 -6.65
N LYS B 134 40.54 -44.33 -5.73
CA LYS B 134 40.99 -45.01 -4.51
C LYS B 134 41.17 -46.52 -4.75
N THR B 135 40.80 -47.01 -5.93
CA THR B 135 40.94 -48.44 -6.22
C THR B 135 41.64 -48.76 -7.53
N ASP B 136 42.17 -49.98 -7.59
CA ASP B 136 42.86 -50.47 -8.78
C ASP B 136 42.88 -51.99 -8.71
N GLU B 137 43.58 -52.63 -9.65
CA GLU B 137 43.66 -54.10 -9.60
C GLU B 137 44.39 -54.57 -8.34
N THR B 138 45.26 -53.73 -7.79
CA THR B 138 46.07 -54.09 -6.62
C THR B 138 45.22 -54.13 -5.37
N THR B 139 44.36 -53.13 -5.22
CA THR B 139 43.46 -53.05 -4.06
C THR B 139 42.33 -54.08 -4.20
N ASP B 140 41.90 -54.32 -5.43
CA ASP B 140 40.87 -55.36 -5.64
C ASP B 140 41.37 -56.76 -5.25
N ALA B 141 42.64 -57.05 -5.56
CA ALA B 141 43.24 -58.32 -5.18
C ALA B 141 43.42 -58.39 -3.66
N TRP B 142 43.83 -57.27 -3.07
CA TRP B 142 44.10 -57.17 -1.65
C TRP B 142 42.82 -57.52 -0.91
N ASP B 143 41.74 -56.85 -1.29
CA ASP B 143 40.45 -57.05 -0.63
C ASP B 143 39.94 -58.46 -0.84
N THR B 144 40.18 -59.00 -2.02
CA THR B 144 39.74 -60.35 -2.36
C THR B 144 40.40 -61.36 -1.44
N VAL B 145 41.71 -61.26 -1.26
CA VAL B 145 42.46 -62.18 -0.40
C VAL B 145 42.01 -62.07 1.04
N ASP B 146 41.78 -60.83 1.49
CA ASP B 146 41.36 -60.60 2.88
C ASP B 146 40.04 -61.30 3.17
N TRP B 147 39.14 -61.24 2.19
CA TRP B 147 37.85 -61.87 2.31
C TRP B 147 38.01 -63.38 2.32
N LEU B 148 38.86 -63.90 1.43
CA LEU B 148 39.06 -65.36 1.36
C LEU B 148 39.54 -66.01 2.65
N VAL B 149 40.59 -65.44 3.25
CA VAL B 149 41.16 -65.98 4.47
C VAL B 149 40.24 -65.85 5.69
N HIS B 150 39.25 -64.96 5.63
CA HIS B 150 38.30 -64.79 6.75
C HIS B 150 36.94 -65.47 6.50
N ASN B 151 36.68 -65.93 5.26
CA ASN B 151 35.40 -66.56 4.91
C ASN B 151 35.45 -67.94 4.24
N VAL B 152 36.56 -68.67 4.32
CA VAL B 152 36.64 -70.00 3.72
C VAL B 152 37.22 -70.92 4.78
N PRO B 153 36.36 -71.43 5.69
CA PRO B 153 36.77 -72.27 6.81
C PRO B 153 37.58 -73.49 6.45
N GLU B 154 37.34 -74.07 5.27
CA GLU B 154 38.06 -75.26 4.81
C GLU B 154 39.52 -74.99 4.45
N SER B 155 39.89 -73.72 4.24
CA SER B 155 41.26 -73.39 3.87
C SER B 155 42.16 -73.19 5.08
N ASN B 156 43.45 -73.02 4.82
CA ASN B 156 44.43 -72.78 5.87
C ASN B 156 44.87 -71.33 5.95
N GLY B 157 44.17 -70.46 5.21
CA GLY B 157 44.44 -69.04 5.17
C GLY B 157 45.62 -68.61 4.32
N ARG B 158 46.19 -69.54 3.55
CA ARG B 158 47.37 -69.24 2.74
C ARG B 158 46.91 -69.21 1.29
N VAL B 159 47.24 -68.12 0.60
CA VAL B 159 46.86 -67.92 -0.77
C VAL B 159 48.06 -67.82 -1.72
N GLY B 160 47.91 -68.47 -2.87
CA GLY B 160 48.87 -68.43 -3.96
C GLY B 160 48.14 -67.88 -5.17
N MET B 161 48.78 -67.02 -5.94
CA MET B 161 48.16 -66.48 -7.15
C MET B 161 48.87 -66.93 -8.40
N THR B 162 48.09 -67.12 -9.46
CA THR B 162 48.62 -67.51 -10.73
C THR B 162 47.70 -67.10 -11.88
N GLY B 163 48.16 -67.29 -13.11
CA GLY B 163 47.33 -66.96 -14.24
C GLY B 163 48.20 -66.55 -15.39
N SER B 164 47.65 -66.73 -16.58
CA SER B 164 48.35 -66.40 -17.82
C SER B 164 47.72 -65.22 -18.56
N SER B 165 48.53 -64.52 -19.34
CA SER B 165 48.10 -63.42 -20.16
C SER B 165 47.53 -62.30 -19.29
N TYR B 166 46.25 -61.96 -19.45
CA TYR B 166 45.63 -60.91 -18.67
C TYR B 166 45.51 -61.41 -17.24
N GLU B 167 45.33 -62.72 -17.06
CA GLU B 167 45.26 -63.35 -15.74
C GLU B 167 46.60 -63.28 -14.98
N GLY B 168 47.67 -63.08 -15.74
CA GLY B 168 49.01 -62.89 -15.20
C GLY B 168 49.18 -61.43 -14.81
N PHE B 169 48.63 -60.52 -15.60
CA PHE B 169 48.65 -59.09 -15.31
C PHE B 169 48.02 -58.82 -13.94
N THR B 170 46.96 -59.55 -13.62
CA THR B 170 46.32 -59.42 -12.31
C THR B 170 47.21 -59.93 -11.16
N VAL B 171 48.08 -60.89 -11.44
CA VAL B 171 49.02 -61.37 -10.44
C VAL B 171 50.07 -60.28 -10.18
N VAL B 172 50.60 -59.71 -11.27
CA VAL B 172 51.62 -58.68 -11.17
C VAL B 172 51.10 -57.46 -10.40
N MET B 173 49.87 -57.07 -10.71
CA MET B 173 49.24 -55.94 -10.02
C MET B 173 49.06 -56.20 -8.53
N ALA B 174 48.80 -57.44 -8.17
CA ALA B 174 48.70 -57.84 -6.77
C ALA B 174 50.05 -57.72 -6.10
N LEU B 175 51.12 -58.03 -6.84
CA LEU B 175 52.48 -57.97 -6.32
C LEU B 175 52.96 -56.56 -5.99
N LEU B 176 52.27 -55.53 -6.49
CA LEU B 176 52.68 -54.16 -6.20
C LEU B 176 52.47 -53.84 -4.72
N ASP B 177 51.47 -54.48 -4.11
CA ASP B 177 51.18 -54.32 -2.68
C ASP B 177 50.36 -55.51 -2.26
N PRO B 178 51.04 -56.64 -2.01
CA PRO B 178 50.35 -57.87 -1.69
C PRO B 178 49.85 -58.01 -0.27
N HIS B 179 48.71 -58.68 -0.14
CA HIS B 179 48.13 -58.96 1.16
C HIS B 179 49.08 -59.94 1.82
N PRO B 180 49.27 -59.80 3.14
CA PRO B 180 50.15 -60.72 3.86
C PRO B 180 49.88 -62.23 3.74
N ALA B 181 48.67 -62.63 3.36
CA ALA B 181 48.32 -64.04 3.17
C ALA B 181 48.73 -64.57 1.78
N LEU B 182 49.11 -63.66 0.88
CA LEU B 182 49.57 -64.06 -0.44
C LEU B 182 50.99 -64.54 -0.26
N LYS B 183 51.16 -65.86 -0.13
CA LYS B 183 52.48 -66.43 0.16
C LYS B 183 53.36 -66.75 -1.05
N VAL B 184 52.79 -66.81 -2.24
CA VAL B 184 53.58 -67.15 -3.43
C VAL B 184 52.83 -66.70 -4.69
N ALA B 185 53.55 -66.37 -5.75
CA ALA B 185 52.95 -65.93 -7.01
C ALA B 185 53.61 -66.58 -8.23
N ALA B 186 52.82 -66.80 -9.28
CA ALA B 186 53.31 -67.40 -10.52
C ALA B 186 52.67 -66.74 -11.73
N PRO B 187 53.16 -65.54 -12.10
CA PRO B 187 52.65 -64.84 -13.26
C PRO B 187 53.16 -65.55 -14.52
N GLU B 188 52.22 -65.90 -15.41
CA GLU B 188 52.52 -66.66 -16.62
C GLU B 188 52.25 -65.79 -17.84
N SER B 189 53.25 -65.63 -18.70
CA SER B 189 53.14 -64.81 -19.90
C SER B 189 52.27 -63.60 -19.61
N PRO B 190 52.64 -62.80 -18.58
CA PRO B 190 51.82 -61.65 -18.22
C PRO B 190 51.96 -60.45 -19.13
N MET B 191 50.93 -59.60 -19.13
CA MET B 191 50.91 -58.37 -19.90
C MET B 191 51.63 -57.34 -19.03
N VAL B 192 52.86 -56.98 -19.39
CA VAL B 192 53.67 -56.07 -18.59
C VAL B 192 53.90 -54.71 -19.23
N ASP B 193 54.36 -54.71 -20.47
CA ASP B 193 54.56 -53.44 -21.19
C ASP B 193 54.00 -53.71 -22.56
N GLY B 194 52.79 -53.23 -22.77
CA GLY B 194 52.08 -53.39 -24.03
C GLY B 194 52.61 -52.59 -25.21
N TRP B 195 53.57 -51.70 -24.99
CA TRP B 195 54.15 -50.89 -26.07
C TRP B 195 55.51 -51.41 -26.48
N MET B 196 56.31 -51.82 -25.50
CA MET B 196 57.64 -52.31 -25.81
C MET B 196 57.63 -53.66 -26.55
N GLY B 197 56.86 -54.63 -26.08
CA GLY B 197 56.86 -55.91 -26.77
C GLY B 197 55.87 -56.96 -26.37
N ASP B 198 54.72 -56.53 -25.84
CA ASP B 198 53.67 -57.44 -25.43
C ASP B 198 52.51 -57.38 -26.43
N ASP B 199 51.30 -57.01 -26.04
CA ASP B 199 50.15 -57.12 -26.93
C ASP B 199 49.81 -56.06 -27.98
N TRP B 200 50.01 -54.78 -27.64
CA TRP B 200 49.60 -53.72 -28.57
C TRP B 200 50.63 -53.34 -29.62
N PHE B 201 51.89 -53.26 -29.21
CA PHE B 201 53.01 -52.90 -30.09
C PHE B 201 54.26 -53.71 -29.76
N HIS B 202 55.17 -53.77 -30.73
CA HIS B 202 56.49 -54.35 -30.58
C HIS B 202 57.41 -53.25 -31.07
N TYR B 203 58.16 -52.64 -30.16
CA TYR B 203 59.02 -51.53 -30.52
C TYR B 203 58.28 -50.47 -31.36
N GLY B 204 57.05 -50.14 -31.00
CA GLY B 204 56.27 -49.14 -31.71
C GLY B 204 55.50 -49.63 -32.91
N ALA B 205 55.74 -50.88 -33.35
CA ALA B 205 55.01 -51.44 -34.49
C ALA B 205 53.71 -52.00 -33.93
N PHE B 206 52.59 -51.49 -34.42
CA PHE B 206 51.26 -51.83 -33.97
C PHE B 206 50.73 -53.18 -34.41
N ARG B 207 50.18 -53.95 -33.46
CA ARG B 207 49.66 -55.28 -33.73
C ARG B 207 48.18 -55.23 -34.05
N GLN B 208 47.86 -55.49 -35.32
CA GLN B 208 46.51 -55.36 -35.84
C GLN B 208 45.45 -56.35 -35.38
N GLY B 209 45.83 -57.39 -34.64
CA GLY B 209 44.84 -58.29 -34.10
C GLY B 209 44.15 -57.73 -32.86
N ALA B 210 44.64 -56.61 -32.35
CA ALA B 210 44.09 -55.97 -31.15
C ALA B 210 42.67 -55.47 -31.35
N PHE B 211 42.33 -55.17 -32.60
CA PHE B 211 40.99 -54.65 -32.88
C PHE B 211 39.90 -55.64 -32.50
N ASP B 212 40.07 -56.91 -32.86
CA ASP B 212 39.11 -57.95 -32.53
C ASP B 212 39.03 -58.11 -31.02
N TYR B 213 40.18 -58.06 -30.35
CA TYR B 213 40.21 -58.21 -28.90
C TYR B 213 39.39 -57.08 -28.25
N PHE B 214 39.51 -55.86 -28.76
CA PHE B 214 38.79 -54.73 -28.19
C PHE B 214 37.28 -54.92 -28.27
N VAL B 215 36.79 -55.21 -29.46
CA VAL B 215 35.36 -55.41 -29.63
C VAL B 215 34.82 -56.60 -28.82
N SER B 216 35.63 -57.63 -28.72
CA SER B 216 35.26 -58.83 -27.99
C SER B 216 35.18 -58.64 -26.49
N GLN B 217 36.06 -57.81 -25.95
CA GLN B 217 36.16 -57.61 -24.51
C GLN B 217 35.57 -56.31 -23.95
N MET B 218 35.28 -55.34 -24.80
CA MET B 218 34.72 -54.05 -24.36
C MET B 218 33.41 -53.63 -25.01
N THR B 219 32.77 -54.56 -25.71
CA THR B 219 31.48 -54.26 -26.33
C THR B 219 30.40 -54.30 -25.26
N ALA B 220 30.60 -55.14 -24.25
CA ALA B 220 29.65 -55.30 -23.13
C ALA B 220 30.31 -55.81 -21.87
N ARG B 221 29.55 -55.77 -20.78
CA ARG B 221 30.06 -56.24 -19.50
C ARG B 221 30.47 -57.69 -19.65
N GLY B 222 29.60 -58.44 -20.33
CA GLY B 222 29.83 -59.84 -20.60
C GLY B 222 30.42 -60.04 -21.99
N GLY B 223 29.98 -61.12 -22.61
CA GLY B 223 30.49 -61.50 -23.89
C GLY B 223 30.18 -60.52 -24.98
N GLY B 224 31.12 -60.44 -25.93
CA GLY B 224 30.99 -59.59 -27.11
C GLY B 224 31.27 -60.42 -28.34
N ASN B 225 31.32 -59.76 -29.49
CA ASN B 225 31.57 -60.43 -30.77
C ASN B 225 32.82 -59.94 -31.50
N ASP B 226 33.23 -60.68 -32.51
CA ASP B 226 34.36 -60.25 -33.34
C ASP B 226 33.81 -59.23 -34.33
N ILE B 227 34.72 -58.64 -35.10
CA ILE B 227 34.37 -57.66 -36.10
C ILE B 227 34.04 -58.35 -37.41
N PRO B 228 32.84 -58.08 -37.95
CA PRO B 228 32.43 -58.69 -39.20
C PRO B 228 33.35 -58.38 -40.37
N ARG B 229 33.79 -59.42 -41.07
CA ARG B 229 34.72 -59.27 -42.16
C ARG B 229 34.11 -59.36 -43.56
N ARG B 230 34.78 -58.68 -44.48
CA ARG B 230 34.41 -58.70 -45.90
C ARG B 230 34.97 -59.93 -46.59
N ASP B 231 36.27 -60.15 -46.43
CA ASP B 231 36.99 -61.26 -47.07
C ASP B 231 37.48 -62.25 -46.02
N ALA B 232 37.64 -63.49 -46.45
CA ALA B 232 38.12 -64.57 -45.58
C ALA B 232 39.56 -64.33 -45.18
N ASP B 233 40.32 -63.66 -46.04
CA ASP B 233 41.73 -63.35 -45.77
C ASP B 233 41.96 -61.95 -45.20
N ASP B 234 42.46 -61.87 -43.98
CA ASP B 234 42.76 -60.59 -43.34
C ASP B 234 43.90 -59.82 -44.03
N TYR B 235 44.75 -60.52 -44.79
CA TYR B 235 45.77 -59.85 -45.59
C TYR B 235 45.04 -58.87 -46.50
N THR B 236 43.97 -59.36 -47.14
CA THR B 236 43.14 -58.59 -48.05
C THR B 236 42.30 -57.55 -47.30
N ASN B 237 41.66 -57.95 -46.21
CA ASN B 237 40.85 -57.00 -45.45
C ASN B 237 41.63 -55.77 -44.99
N PHE B 238 42.77 -55.96 -44.32
CA PHE B 238 43.56 -54.81 -43.85
C PHE B 238 44.26 -54.01 -44.97
N LEU B 239 44.63 -54.66 -46.07
CA LEU B 239 45.29 -54.02 -47.19
C LEU B 239 44.29 -53.15 -47.98
N LYS B 240 43.04 -53.60 -48.07
CA LYS B 240 42.01 -52.78 -48.73
C LYS B 240 41.56 -51.60 -47.86
N ALA B 241 41.56 -51.77 -46.55
CA ALA B 241 41.15 -50.71 -45.61
C ALA B 241 42.17 -49.59 -45.55
N GLY B 242 43.43 -49.93 -45.81
CA GLY B 242 44.55 -49.01 -45.83
C GLY B 242 45.31 -49.00 -44.51
N SER B 243 45.13 -47.94 -43.74
CA SER B 243 45.85 -47.80 -42.49
C SER B 243 45.09 -48.50 -41.39
N ALA B 244 45.73 -48.69 -40.25
CA ALA B 244 45.09 -49.33 -39.11
C ALA B 244 43.90 -48.52 -38.62
N GLY B 245 44.05 -47.19 -38.59
CA GLY B 245 42.99 -46.28 -38.14
C GLY B 245 41.78 -46.28 -39.05
N SER B 246 42.02 -46.50 -40.34
CA SER B 246 40.97 -46.56 -41.34
C SER B 246 40.17 -47.85 -41.12
N PHE B 247 40.86 -48.93 -40.80
CA PHE B 247 40.17 -50.18 -40.48
C PHE B 247 39.34 -49.97 -39.23
N ALA B 248 39.90 -49.36 -38.19
CA ALA B 248 39.20 -49.14 -36.93
C ALA B 248 37.95 -48.26 -37.08
N THR B 249 38.05 -47.27 -37.94
CA THR B 249 36.92 -46.40 -38.21
C THR B 249 35.83 -47.17 -38.92
N GLN B 250 36.20 -47.98 -39.91
CA GLN B 250 35.22 -48.81 -40.61
C GLN B 250 34.53 -49.83 -39.71
N ALA B 251 35.20 -50.27 -38.66
CA ALA B 251 34.67 -51.26 -37.72
C ALA B 251 33.86 -50.62 -36.60
N GLY B 252 33.82 -49.29 -36.53
CA GLY B 252 33.08 -48.63 -35.47
C GLY B 252 33.81 -48.50 -34.16
N LEU B 253 35.13 -48.69 -34.19
CA LEU B 253 35.96 -48.59 -32.99
C LEU B 253 36.14 -47.18 -32.45
N ASP B 254 35.92 -46.16 -33.29
CA ASP B 254 36.10 -44.78 -32.85
C ASP B 254 35.23 -44.39 -31.66
N GLN B 255 34.23 -45.19 -31.31
CA GLN B 255 33.39 -44.94 -30.15
C GLN B 255 33.85 -45.66 -28.88
N TYR B 256 34.96 -46.39 -28.96
CA TYR B 256 35.51 -47.13 -27.82
C TYR B 256 36.60 -46.28 -27.17
N PRO B 257 36.41 -45.89 -25.90
CA PRO B 257 37.40 -45.08 -25.16
C PRO B 257 38.85 -45.54 -25.17
N PHE B 258 39.11 -46.85 -25.04
CA PHE B 258 40.49 -47.36 -25.01
C PHE B 258 41.19 -47.17 -26.36
N TRP B 259 40.43 -47.30 -27.44
CA TRP B 259 41.00 -47.07 -28.77
C TRP B 259 41.25 -45.59 -28.97
N GLN B 260 40.38 -44.75 -28.42
CA GLN B 260 40.63 -43.33 -28.52
C GLN B 260 42.00 -43.01 -27.87
N ARG B 261 42.25 -43.53 -26.68
CA ARG B 261 43.50 -43.28 -25.98
C ARG B 261 44.72 -43.82 -26.70
N MET B 262 44.63 -45.05 -27.20
CA MET B 262 45.73 -45.68 -27.92
C MET B 262 46.05 -44.93 -29.19
N HIS B 263 45.01 -44.45 -29.86
CA HIS B 263 45.18 -43.71 -31.10
C HIS B 263 45.92 -42.40 -30.85
N ALA B 264 45.67 -41.81 -29.69
CA ALA B 264 46.28 -40.54 -29.30
C ALA B 264 47.69 -40.68 -28.72
N HIS B 265 48.17 -41.91 -28.52
CA HIS B 265 49.48 -42.13 -27.96
C HIS B 265 50.22 -43.24 -28.69
N PRO B 266 50.60 -43.01 -29.96
CA PRO B 266 51.35 -44.00 -30.72
C PRO B 266 52.79 -44.18 -30.24
N ALA B 267 53.37 -43.11 -29.67
CA ALA B 267 54.74 -43.12 -29.16
C ALA B 267 54.79 -43.55 -27.71
N TYR B 268 55.98 -43.88 -27.21
CA TYR B 268 56.17 -44.36 -25.83
C TYR B 268 56.28 -43.21 -24.84
N ASP B 269 55.17 -42.48 -24.72
CA ASP B 269 55.10 -41.30 -23.87
C ASP B 269 54.67 -41.66 -22.45
N ALA B 270 54.25 -40.67 -21.69
CA ALA B 270 53.80 -40.83 -20.31
C ALA B 270 52.69 -41.88 -20.13
N PHE B 271 51.82 -41.98 -21.11
CA PHE B 271 50.69 -42.89 -21.09
C PHE B 271 51.14 -44.36 -21.01
N TRP B 272 52.15 -44.72 -21.80
CA TRP B 272 52.70 -46.06 -21.77
C TRP B 272 53.73 -46.25 -20.67
N GLN B 273 54.60 -45.26 -20.44
CA GLN B 273 55.62 -45.37 -19.39
C GLN B 273 55.01 -45.58 -18.00
N GLY B 274 53.84 -45.00 -17.76
CA GLY B 274 53.14 -45.15 -16.50
C GLY B 274 52.49 -46.52 -16.30
N GLN B 275 52.50 -47.35 -17.33
CA GLN B 275 51.94 -48.70 -17.29
C GLN B 275 53.01 -49.77 -17.52
N ALA B 276 54.28 -49.38 -17.53
CA ALA B 276 55.38 -50.34 -17.70
C ALA B 276 55.54 -50.93 -16.32
N LEU B 277 54.87 -52.05 -16.08
CA LEU B 277 54.87 -52.70 -14.77
C LEU B 277 56.20 -53.32 -14.36
N ASP B 278 57.07 -53.61 -15.33
CA ASP B 278 58.39 -54.13 -14.98
C ASP B 278 59.17 -53.09 -14.15
N LYS B 279 59.14 -51.85 -14.61
CA LYS B 279 59.83 -50.74 -13.94
C LYS B 279 59.22 -50.51 -12.57
N ILE B 280 57.90 -50.38 -12.54
CA ILE B 280 57.16 -50.09 -11.31
C ILE B 280 57.39 -51.15 -10.24
N LEU B 281 57.26 -52.42 -10.60
CA LEU B 281 57.43 -53.51 -9.66
C LEU B 281 58.87 -53.50 -9.11
N ALA B 282 59.87 -53.18 -9.93
CA ALA B 282 61.25 -53.13 -9.46
C ALA B 282 61.44 -52.07 -8.38
N GLN B 283 60.70 -50.98 -8.48
CA GLN B 283 60.75 -49.90 -7.48
C GLN B 283 60.06 -50.29 -6.18
N ARG B 284 59.10 -51.20 -6.26
CA ARG B 284 58.38 -51.68 -5.09
C ARG B 284 59.05 -52.87 -4.40
N LYS B 285 59.96 -53.54 -5.10
CA LYS B 285 60.70 -54.69 -4.52
C LYS B 285 59.87 -55.62 -3.64
N PRO B 286 59.03 -56.48 -4.25
CA PRO B 286 58.24 -57.37 -3.42
C PRO B 286 59.12 -58.38 -2.70
N THR B 287 58.59 -59.01 -1.66
CA THR B 287 59.28 -60.06 -0.93
C THR B 287 58.49 -61.37 -0.93
N VAL B 288 57.55 -61.51 -1.88
CA VAL B 288 56.75 -62.72 -2.06
C VAL B 288 57.55 -63.57 -3.04
N PRO B 289 57.78 -64.85 -2.74
CA PRO B 289 58.48 -65.71 -3.70
C PRO B 289 57.76 -65.70 -5.05
N MET B 290 58.52 -65.51 -6.13
CA MET B 290 57.95 -65.49 -7.47
C MET B 290 58.55 -66.47 -8.47
N LEU B 291 57.67 -67.03 -9.29
CA LEU B 291 58.03 -67.91 -10.38
C LEU B 291 57.48 -67.21 -11.62
N TRP B 292 58.36 -66.68 -12.46
CA TRP B 292 57.97 -65.99 -13.69
C TRP B 292 58.04 -67.01 -14.81
N GLU B 293 57.04 -67.04 -15.68
CA GLU B 293 57.05 -67.99 -16.79
C GLU B 293 56.59 -67.41 -18.12
N GLN B 294 57.21 -67.90 -19.19
CA GLN B 294 56.82 -67.55 -20.56
C GLN B 294 57.32 -68.60 -21.56
N GLY B 295 56.66 -68.69 -22.70
CA GLY B 295 57.09 -69.64 -23.72
C GLY B 295 58.21 -69.06 -24.54
N LEU B 296 59.08 -69.91 -25.09
CA LEU B 296 60.18 -69.44 -25.93
C LEU B 296 59.65 -68.90 -27.25
N TRP B 297 58.47 -69.37 -27.61
CA TRP B 297 57.77 -68.90 -28.79
C TRP B 297 56.42 -68.29 -28.35
N ASP B 298 56.44 -67.43 -27.36
CA ASP B 298 55.22 -66.77 -26.88
C ASP B 298 54.88 -65.71 -27.93
N GLN B 299 53.79 -65.95 -28.64
CA GLN B 299 53.38 -65.10 -29.73
C GLN B 299 52.52 -63.90 -29.35
N GLU B 300 52.25 -63.69 -28.06
CA GLU B 300 51.45 -62.57 -27.59
C GLU B 300 52.05 -61.67 -26.49
N ASP B 301 52.83 -62.26 -25.59
CA ASP B 301 53.47 -61.52 -24.49
C ASP B 301 54.90 -61.98 -24.30
N MET B 302 55.75 -61.69 -25.27
CA MET B 302 57.15 -62.11 -25.26
C MET B 302 58.03 -61.28 -24.32
N TRP B 303 57.63 -60.04 -24.06
CA TRP B 303 58.42 -59.10 -23.26
C TRP B 303 58.25 -59.25 -21.75
N GLY B 304 57.01 -59.44 -21.36
CA GLY B 304 56.61 -59.50 -19.95
C GLY B 304 57.47 -60.16 -18.91
N ALA B 305 57.33 -61.47 -18.79
CA ALA B 305 58.00 -62.26 -17.76
C ALA B 305 59.50 -62.06 -17.60
N ILE B 306 60.21 -62.15 -18.72
CA ILE B 306 61.67 -62.04 -18.71
C ILE B 306 62.15 -60.67 -18.26
N HIS B 307 61.51 -59.60 -18.75
CA HIS B 307 61.94 -58.28 -18.34
C HIS B 307 61.59 -57.96 -16.89
N ALA B 308 60.46 -58.46 -16.41
CA ALA B 308 60.02 -58.22 -15.04
C ALA B 308 60.97 -58.98 -14.13
N TRP B 309 61.28 -60.21 -14.52
CA TRP B 309 62.20 -61.03 -13.75
C TRP B 309 63.58 -60.39 -13.68
N GLN B 310 64.12 -59.95 -14.81
CA GLN B 310 65.43 -59.32 -14.85
C GLN B 310 65.48 -58.03 -14.02
N ALA B 311 64.43 -57.23 -14.07
CA ALA B 311 64.34 -55.97 -13.33
C ALA B 311 64.39 -56.20 -11.82
N LEU B 312 63.75 -57.28 -11.37
CA LEU B 312 63.77 -57.63 -9.96
C LEU B 312 65.13 -58.16 -9.54
N LYS B 313 65.75 -58.94 -10.42
CA LYS B 313 67.07 -59.49 -10.18
C LYS B 313 68.05 -58.32 -10.10
N ASP B 314 67.96 -57.35 -11.00
CA ASP B 314 68.84 -56.17 -10.95
C ASP B 314 68.59 -55.25 -9.76
N ALA B 315 67.35 -55.21 -9.26
CA ALA B 315 67.02 -54.44 -8.07
C ALA B 315 67.35 -55.24 -6.82
N ASP B 316 67.94 -56.43 -6.98
CA ASP B 316 68.34 -57.28 -5.88
C ASP B 316 67.18 -57.60 -4.94
N VAL B 317 66.10 -58.11 -5.51
CA VAL B 317 64.90 -58.48 -4.75
C VAL B 317 65.25 -59.53 -3.68
N LYS B 318 64.60 -59.42 -2.53
CA LYS B 318 64.87 -60.27 -1.38
C LYS B 318 63.85 -61.37 -1.23
N ALA B 319 63.78 -62.22 -2.25
CA ALA B 319 62.84 -63.32 -2.28
C ALA B 319 63.18 -64.22 -3.47
N PRO B 320 62.82 -65.51 -3.38
CA PRO B 320 63.06 -66.40 -4.52
C PRO B 320 62.50 -65.70 -5.76
N ASN B 321 63.24 -65.70 -6.85
CA ASN B 321 62.79 -65.03 -8.08
C ASN B 321 63.40 -65.90 -9.17
N THR B 322 62.58 -66.77 -9.76
CA THR B 322 63.03 -67.70 -10.78
C THR B 322 62.25 -67.52 -12.07
N LEU B 323 62.98 -67.59 -13.18
CA LEU B 323 62.41 -67.49 -14.52
C LEU B 323 62.34 -68.86 -15.20
N VAL B 324 61.18 -69.18 -15.74
CA VAL B 324 60.96 -70.45 -16.43
C VAL B 324 60.47 -70.24 -17.85
N MET B 325 61.19 -70.79 -18.81
CA MET B 325 60.80 -70.71 -20.20
C MET B 325 60.85 -72.10 -20.79
N GLY B 326 59.71 -72.52 -21.32
CA GLY B 326 59.56 -73.82 -22.01
C GLY B 326 59.34 -73.66 -23.50
N PRO B 327 59.25 -74.79 -24.23
CA PRO B 327 59.05 -74.78 -25.66
C PRO B 327 57.57 -74.65 -25.95
N TRP B 328 57.02 -73.51 -25.56
CA TRP B 328 55.58 -73.31 -25.63
C TRP B 328 55.20 -72.04 -26.36
N ARG B 329 53.94 -72.03 -26.79
CA ARG B 329 53.34 -70.87 -27.40
C ARG B 329 52.77 -70.13 -26.20
N HIS B 330 52.05 -69.05 -26.44
CA HIS B 330 51.43 -68.25 -25.40
C HIS B 330 50.41 -69.06 -24.63
N SER B 331 50.60 -69.12 -23.31
CA SER B 331 49.77 -69.88 -22.40
C SER B 331 49.91 -71.38 -22.56
N GLY B 332 50.89 -71.82 -23.36
CA GLY B 332 51.12 -73.24 -23.60
C GLY B 332 51.39 -74.03 -22.34
N VAL B 333 51.95 -73.35 -21.35
CA VAL B 333 52.28 -73.94 -20.05
C VAL B 333 51.08 -74.56 -19.36
N ASN B 334 49.86 -74.18 -19.74
CA ASN B 334 48.63 -74.70 -19.15
C ASN B 334 47.94 -75.75 -20.00
N TYR B 335 48.60 -76.25 -21.04
CA TYR B 335 48.06 -77.30 -21.88
C TYR B 335 49.12 -78.39 -22.07
N ASN B 336 49.20 -79.01 -23.26
CA ASN B 336 50.17 -80.06 -23.53
C ASN B 336 51.39 -79.47 -24.24
N GLY B 337 52.58 -79.72 -23.72
CA GLY B 337 53.80 -79.17 -24.31
C GLY B 337 54.65 -80.18 -25.05
N SER B 338 54.01 -81.20 -25.63
CA SER B 338 54.70 -82.24 -26.38
C SER B 338 55.11 -81.76 -27.76
N THR B 339 54.32 -80.87 -28.34
CA THR B 339 54.55 -80.35 -29.68
C THR B 339 54.13 -78.90 -29.84
N LEU B 340 54.59 -78.30 -30.92
CA LEU B 340 54.27 -76.95 -31.30
C LEU B 340 54.48 -76.85 -32.80
N GLY B 341 53.38 -76.68 -33.51
CA GLY B 341 53.44 -76.69 -34.96
C GLY B 341 53.92 -78.08 -35.28
N PRO B 342 54.90 -78.23 -36.20
CA PRO B 342 55.45 -79.53 -36.57
C PRO B 342 56.55 -80.05 -35.62
N LEU B 343 56.99 -79.23 -34.69
CA LEU B 343 58.07 -79.57 -33.76
C LEU B 343 57.65 -80.55 -32.67
N GLU B 344 58.56 -81.44 -32.29
CA GLU B 344 58.28 -82.46 -31.27
C GLU B 344 59.31 -82.36 -30.16
N PHE B 345 58.84 -82.25 -28.92
CA PHE B 345 59.72 -82.09 -27.78
C PHE B 345 59.75 -83.37 -26.99
N GLU B 346 60.61 -83.44 -25.97
CA GLU B 346 60.74 -84.63 -25.16
C GLU B 346 59.65 -84.70 -24.11
N GLY B 347 58.50 -85.22 -24.52
CA GLY B 347 57.40 -85.39 -23.60
C GLY B 347 56.60 -84.13 -23.38
N ASP B 348 55.55 -84.27 -22.58
CA ASP B 348 54.66 -83.14 -22.27
C ASP B 348 55.41 -82.19 -21.33
N THR B 349 56.20 -81.32 -21.92
CA THR B 349 57.06 -80.37 -21.19
C THR B 349 56.33 -79.45 -20.22
N ALA B 350 55.08 -79.14 -20.55
CA ALA B 350 54.24 -78.29 -19.71
C ALA B 350 53.87 -79.06 -18.45
N HIS B 351 53.40 -80.29 -18.59
CA HIS B 351 53.06 -81.11 -17.44
C HIS B 351 54.29 -81.31 -16.55
N GLN B 352 55.44 -81.60 -17.17
CA GLN B 352 56.69 -81.78 -16.46
C GLN B 352 56.93 -80.57 -15.57
N TYR B 353 56.82 -79.37 -16.13
CA TYR B 353 57.01 -78.17 -15.34
C TYR B 353 56.03 -78.04 -14.19
N ARG B 354 54.74 -78.23 -14.50
CA ARG B 354 53.68 -78.10 -13.51
C ARG B 354 53.88 -78.99 -12.29
N ARG B 355 54.29 -80.24 -12.54
CA ARG B 355 54.47 -81.28 -11.55
C ARG B 355 55.80 -81.24 -10.80
N ASP B 356 56.87 -80.93 -11.51
CA ASP B 356 58.22 -80.94 -10.93
C ASP B 356 58.73 -79.62 -10.38
N VAL B 357 58.15 -78.50 -10.81
CA VAL B 357 58.60 -77.18 -10.37
C VAL B 357 57.52 -76.31 -9.75
N PHE B 358 56.45 -76.07 -10.51
CA PHE B 358 55.34 -75.22 -10.10
C PHE B 358 54.70 -75.72 -8.80
N ARG B 359 54.26 -76.97 -8.78
CA ARG B 359 53.63 -77.56 -7.63
C ARG B 359 54.48 -77.56 -6.36
N PRO B 360 55.69 -78.17 -6.39
CA PRO B 360 56.51 -78.19 -5.19
C PRO B 360 56.83 -76.81 -4.66
N PHE B 361 57.01 -75.85 -5.56
CA PHE B 361 57.33 -74.47 -5.19
C PHE B 361 56.16 -73.84 -4.47
N PHE B 362 54.96 -74.12 -4.95
CA PHE B 362 53.74 -73.61 -4.32
C PHE B 362 53.52 -74.26 -2.97
N ASP B 363 53.74 -75.57 -2.88
CA ASP B 363 53.59 -76.31 -1.65
C ASP B 363 54.49 -75.83 -0.52
N GLU B 364 55.71 -75.42 -0.85
CA GLU B 364 56.68 -75.00 0.17
C GLU B 364 56.17 -73.87 1.03
N TYR B 365 55.49 -72.93 0.38
CA TYR B 365 54.94 -71.76 1.00
C TYR B 365 53.45 -71.84 1.33
N LEU B 366 52.72 -72.77 0.72
CA LEU B 366 51.28 -72.91 0.95
C LEU B 366 50.83 -74.10 1.80
N LYS B 367 51.67 -75.13 1.89
CA LYS B 367 51.40 -76.31 2.71
C LYS B 367 52.49 -76.49 3.76
N PRO B 368 52.36 -75.80 4.91
CA PRO B 368 53.36 -75.91 5.97
C PRO B 368 53.82 -77.33 6.27
N GLY B 369 55.14 -77.52 6.37
CA GLY B 369 55.72 -78.84 6.58
C GLY B 369 56.24 -79.46 5.30
N SER B 370 55.89 -78.87 4.15
CA SER B 370 56.32 -79.41 2.86
C SER B 370 57.80 -79.22 2.66
N ALA B 371 58.39 -80.13 1.89
CA ALA B 371 59.80 -80.08 1.59
C ALA B 371 60.11 -78.76 0.88
N SER B 372 61.28 -78.22 1.21
CA SER B 372 61.77 -76.99 0.62
C SER B 372 62.44 -77.29 -0.70
N VAL B 373 62.33 -76.34 -1.61
CA VAL B 373 62.94 -76.42 -2.95
C VAL B 373 63.91 -75.26 -3.07
N HIS B 374 64.98 -75.46 -3.82
CA HIS B 374 66.01 -74.44 -4.02
C HIS B 374 66.17 -74.24 -5.51
N LEU B 375 65.30 -73.41 -6.06
CA LEU B 375 65.31 -73.17 -7.49
C LEU B 375 66.45 -72.27 -7.91
N PRO B 376 66.97 -72.49 -9.12
CA PRO B 376 68.05 -71.65 -9.62
C PRO B 376 67.51 -70.35 -10.18
N ASP B 377 68.36 -69.55 -10.82
CA ASP B 377 67.94 -68.30 -11.47
C ASP B 377 66.95 -68.55 -12.60
N ALA B 378 67.25 -69.54 -13.42
CA ALA B 378 66.40 -69.88 -14.54
C ALA B 378 66.42 -71.36 -14.87
N ILE B 379 65.23 -71.85 -15.22
CA ILE B 379 64.99 -73.22 -15.66
C ILE B 379 64.46 -73.06 -17.07
N ILE B 380 65.29 -73.38 -18.06
CA ILE B 380 64.96 -73.16 -19.45
C ILE B 380 65.16 -74.44 -20.27
N TYR B 381 64.18 -74.70 -21.14
CA TYR B 381 64.22 -75.87 -22.01
C TYR B 381 65.19 -75.55 -23.13
N ASN B 382 65.95 -76.56 -23.52
CA ASN B 382 66.94 -76.39 -24.56
C ASN B 382 66.29 -76.93 -25.83
N THR B 383 66.08 -76.05 -26.81
CA THR B 383 65.44 -76.42 -28.07
C THR B 383 66.38 -77.16 -29.04
N GLY B 384 67.64 -77.33 -28.64
CA GLY B 384 68.65 -78.04 -29.42
C GLY B 384 68.91 -79.39 -28.79
N ASP B 385 69.31 -79.38 -27.51
CA ASP B 385 69.57 -80.62 -26.79
C ASP B 385 68.31 -81.36 -26.37
N GLN B 386 67.14 -80.73 -26.50
CA GLN B 386 65.86 -81.32 -26.11
C GLN B 386 65.82 -81.82 -24.67
N LYS B 387 66.13 -80.91 -23.74
CA LYS B 387 66.14 -81.21 -22.30
C LYS B 387 66.03 -79.92 -21.52
N TRP B 388 65.69 -80.06 -20.24
CA TRP B 388 65.60 -78.93 -19.32
C TRP B 388 66.97 -78.56 -18.76
N ASP B 389 67.27 -77.27 -18.80
CA ASP B 389 68.53 -76.75 -18.27
C ASP B 389 68.23 -75.99 -16.99
N TYR B 390 68.99 -76.29 -15.94
CA TYR B 390 68.90 -75.63 -14.66
C TYR B 390 70.12 -74.72 -14.54
N TYR B 391 69.88 -73.42 -14.68
CA TYR B 391 70.94 -72.43 -14.61
C TYR B 391 70.95 -71.68 -13.29
N ARG B 392 71.99 -71.95 -12.51
CA ARG B 392 72.24 -71.34 -11.22
C ARG B 392 72.28 -69.82 -11.35
N SER B 393 73.07 -69.33 -12.29
CA SER B 393 73.17 -67.91 -12.62
C SER B 393 72.81 -67.85 -14.09
N TRP B 394 71.93 -66.92 -14.45
CA TRP B 394 71.51 -66.76 -15.84
C TRP B 394 71.14 -65.31 -16.12
N PRO B 395 71.51 -64.77 -17.30
CA PRO B 395 72.35 -65.41 -18.32
C PRO B 395 73.81 -65.36 -17.89
N SER B 396 74.67 -66.13 -18.56
CA SER B 396 76.09 -66.12 -18.25
C SER B 396 76.82 -65.17 -19.20
N VAL B 397 76.16 -64.74 -20.26
CA VAL B 397 76.74 -63.78 -21.20
C VAL B 397 75.67 -62.75 -21.59
N CYS B 398 76.07 -61.48 -21.77
CA CYS B 398 75.18 -60.40 -22.18
C CYS B 398 76.03 -59.20 -22.51
N GLU B 399 75.42 -58.07 -22.84
CA GLU B 399 76.16 -56.86 -23.22
C GLU B 399 76.99 -56.22 -22.12
N SER B 400 76.56 -56.26 -20.87
CA SER B 400 77.32 -55.67 -19.77
C SER B 400 76.99 -56.33 -18.44
N ASN B 401 77.93 -56.25 -17.51
CA ASN B 401 77.78 -56.82 -16.16
C ASN B 401 77.42 -58.31 -16.12
N CYS B 402 78.12 -59.07 -16.96
CA CYS B 402 78.02 -60.53 -17.00
C CYS B 402 79.40 -61.16 -16.96
N THR B 403 79.41 -62.45 -16.74
CA THR B 403 80.65 -63.19 -16.70
C THR B 403 81.34 -63.09 -18.05
N GLY B 404 80.56 -63.10 -19.12
CA GLY B 404 81.09 -63.00 -20.48
C GLY B 404 80.24 -62.10 -21.35
N GLY B 405 80.73 -61.84 -22.55
CA GLY B 405 80.04 -60.98 -23.49
C GLY B 405 79.49 -61.81 -24.63
N LEU B 406 78.78 -61.09 -25.49
CA LEU B 406 78.13 -61.63 -26.69
C LEU B 406 79.15 -61.80 -27.80
N THR B 407 78.88 -62.76 -28.69
CA THR B 407 79.75 -63.04 -29.82
C THR B 407 79.05 -62.61 -31.11
N PRO B 408 79.61 -61.61 -31.79
CA PRO B 408 78.96 -61.20 -33.01
C PRO B 408 79.04 -62.23 -34.14
N LEU B 409 77.92 -62.37 -34.84
CA LEU B 409 77.82 -63.18 -36.03
C LEU B 409 77.52 -62.14 -37.11
N TYR B 410 78.54 -61.90 -37.93
CA TYR B 410 78.52 -60.88 -38.96
C TYR B 410 77.99 -61.27 -40.33
N LEU B 411 77.20 -60.36 -40.89
CA LEU B 411 76.73 -60.52 -42.26
C LEU B 411 77.95 -60.29 -43.12
N ALA B 412 78.04 -60.98 -44.25
CA ALA B 412 79.19 -60.87 -45.13
C ALA B 412 78.79 -60.99 -46.60
N ASP B 413 79.77 -60.79 -47.47
CA ASP B 413 79.57 -60.95 -48.91
C ASP B 413 79.08 -62.33 -49.28
N GLY B 414 78.48 -62.42 -50.46
CA GLY B 414 77.92 -63.67 -50.96
C GLY B 414 76.76 -64.16 -50.11
N HIS B 415 76.12 -63.26 -49.37
CA HIS B 415 75.04 -63.61 -48.46
C HIS B 415 75.44 -64.66 -47.42
N GLY B 416 76.64 -64.48 -46.88
CA GLY B 416 77.15 -65.39 -45.87
C GLY B 416 77.02 -64.76 -44.51
N LEU B 417 77.40 -65.52 -43.50
CA LEU B 417 77.40 -65.16 -42.09
C LEU B 417 78.67 -65.78 -41.56
N SER B 418 79.40 -65.04 -40.74
CA SER B 418 80.67 -65.50 -40.22
C SER B 418 80.94 -64.83 -38.87
N PHE B 419 81.71 -65.49 -38.03
CA PHE B 419 82.12 -64.95 -36.75
C PHE B 419 83.32 -64.02 -36.92
N THR B 420 83.89 -64.01 -38.13
CA THR B 420 85.00 -63.12 -38.45
C THR B 420 84.43 -61.79 -38.93
N HIS B 421 84.94 -60.70 -38.37
CA HIS B 421 84.55 -59.35 -38.76
C HIS B 421 85.10 -59.05 -40.15
N PRO B 422 84.25 -58.91 -41.19
CA PRO B 422 84.79 -58.60 -42.53
C PRO B 422 85.39 -57.20 -42.53
N ALA B 423 86.60 -57.06 -43.07
CA ALA B 423 87.34 -55.80 -43.10
C ALA B 423 86.74 -54.77 -44.05
N ALA B 424 86.36 -55.22 -45.25
CA ALA B 424 85.85 -54.31 -46.25
C ALA B 424 84.39 -54.00 -46.05
N ASP B 425 84.01 -52.85 -46.58
CA ASP B 425 82.63 -52.39 -46.51
C ASP B 425 81.81 -52.96 -47.65
N GLY B 426 80.52 -53.10 -47.42
CA GLY B 426 79.63 -53.65 -48.44
C GLY B 426 78.15 -53.50 -48.16
N ALA B 427 77.31 -53.72 -49.16
CA ALA B 427 75.89 -53.58 -48.96
C ALA B 427 75.06 -54.44 -49.91
N ASP B 428 73.93 -54.91 -49.39
CA ASP B 428 72.97 -55.66 -50.19
C ASP B 428 71.67 -54.88 -50.04
N SER B 429 70.96 -54.65 -51.15
CA SER B 429 69.70 -53.93 -51.20
C SER B 429 68.51 -54.81 -51.55
N TYR B 430 67.33 -54.37 -51.14
CA TYR B 430 66.08 -55.05 -51.49
C TYR B 430 65.00 -53.96 -51.49
N VAL B 431 64.01 -54.09 -52.37
CA VAL B 431 62.93 -53.10 -52.51
C VAL B 431 61.73 -53.47 -51.66
N SER B 432 61.27 -52.52 -50.85
CA SER B 432 60.14 -52.71 -49.93
C SER B 432 58.92 -51.93 -50.43
N ASP B 433 57.92 -52.65 -50.95
CA ASP B 433 56.73 -52.04 -51.52
C ASP B 433 55.50 -52.28 -50.62
N PRO B 434 54.99 -51.21 -50.00
CA PRO B 434 53.84 -51.41 -49.13
C PRO B 434 52.58 -51.96 -49.81
N ALA B 435 52.47 -51.88 -51.13
CA ALA B 435 51.33 -52.49 -51.82
C ALA B 435 51.48 -54.02 -51.86
N HIS B 436 52.68 -54.54 -51.61
CA HIS B 436 52.91 -55.97 -51.62
C HIS B 436 53.73 -56.34 -50.40
N PRO B 437 53.13 -56.19 -49.20
CA PRO B 437 53.84 -56.50 -47.96
C PRO B 437 54.05 -57.99 -47.77
N VAL B 438 55.08 -58.33 -47.00
CA VAL B 438 55.44 -59.74 -46.82
C VAL B 438 54.43 -60.35 -45.87
N PRO B 439 53.77 -61.45 -46.27
CA PRO B 439 52.87 -62.09 -45.30
C PRO B 439 53.66 -62.67 -44.10
N PHE B 440 53.23 -62.43 -42.87
CA PHE B 440 53.94 -62.95 -41.70
C PHE B 440 53.81 -64.46 -41.62
N ILE B 441 52.72 -65.00 -42.16
CA ILE B 441 52.53 -66.44 -42.35
C ILE B 441 51.81 -66.55 -43.69
N SER B 442 51.77 -67.75 -44.25
CA SER B 442 51.13 -67.99 -45.54
C SER B 442 49.65 -67.56 -45.65
N ARG B 443 49.33 -67.00 -46.81
CA ARG B 443 47.96 -66.58 -47.07
C ARG B 443 47.15 -67.82 -47.47
N PRO B 444 45.85 -67.82 -47.15
CA PRO B 444 45.14 -66.77 -46.46
C PRO B 444 45.17 -66.92 -44.95
N PHE B 445 45.06 -65.81 -44.24
CA PHE B 445 45.00 -65.88 -42.79
C PHE B 445 43.99 -64.87 -42.29
N ALA B 446 43.28 -65.25 -41.24
CA ALA B 446 42.32 -64.38 -40.56
C ALA B 446 42.66 -64.54 -39.08
N PHE B 447 42.66 -63.44 -38.32
CA PHE B 447 42.99 -63.50 -36.89
C PHE B 447 42.11 -64.45 -36.10
N ALA B 448 40.95 -64.76 -36.66
CA ALA B 448 40.01 -65.69 -36.04
C ALA B 448 40.53 -67.12 -36.03
N GLN B 449 41.44 -67.43 -36.94
CA GLN B 449 42.02 -68.77 -37.06
C GLN B 449 43.07 -69.07 -36.00
N SER B 450 42.59 -69.39 -34.80
CA SER B 450 43.46 -69.69 -33.66
C SER B 450 44.47 -70.80 -33.93
N SER B 451 44.07 -71.82 -34.69
CA SER B 451 44.94 -72.95 -34.97
C SER B 451 46.20 -72.54 -35.72
N ARG B 452 46.08 -71.48 -36.52
CA ARG B 452 47.21 -70.97 -37.27
C ARG B 452 47.98 -69.87 -36.57
N TRP B 453 47.32 -69.18 -35.65
CA TRP B 453 47.93 -68.10 -34.91
C TRP B 453 48.88 -68.61 -33.84
N LYS B 454 48.41 -69.55 -33.04
CA LYS B 454 49.17 -70.11 -31.94
C LYS B 454 50.62 -70.52 -32.20
N PRO B 455 50.89 -71.34 -33.24
CA PRO B 455 52.25 -71.76 -33.57
C PRO B 455 52.89 -70.98 -34.71
N TRP B 456 52.55 -69.71 -34.90
CA TRP B 456 53.08 -68.98 -36.05
C TRP B 456 54.58 -68.70 -35.99
N LEU B 457 55.12 -68.55 -34.79
CA LEU B 457 56.55 -68.28 -34.61
C LEU B 457 57.51 -69.42 -34.98
N VAL B 458 57.01 -70.64 -35.18
CA VAL B 458 57.85 -71.79 -35.54
C VAL B 458 57.66 -72.25 -36.99
N GLN B 459 56.95 -71.44 -37.77
CA GLN B 459 56.69 -71.79 -39.16
C GLN B 459 57.90 -71.56 -40.05
N ASP B 460 58.01 -72.36 -41.10
CA ASP B 460 59.11 -72.31 -42.05
C ASP B 460 59.20 -70.96 -42.76
N GLN B 461 60.41 -70.41 -42.84
CA GLN B 461 60.65 -69.12 -43.47
C GLN B 461 61.14 -69.16 -44.91
N ARG B 462 61.01 -70.33 -45.54
CA ARG B 462 61.39 -70.49 -46.93
C ARG B 462 60.55 -69.66 -47.91
N GLU B 463 59.28 -69.43 -47.62
CA GLU B 463 58.41 -68.62 -48.45
C GLU B 463 58.96 -67.20 -48.50
N ALA B 464 59.39 -66.70 -47.35
CA ALA B 464 59.99 -65.38 -47.25
C ALA B 464 61.31 -65.31 -48.01
N GLU B 465 62.18 -66.29 -47.82
CA GLU B 465 63.48 -66.32 -48.44
C GLU B 465 63.41 -66.25 -49.96
N SER B 466 62.33 -66.76 -50.54
CA SER B 466 62.16 -66.80 -51.98
C SER B 466 61.78 -65.46 -52.58
N ARG B 467 61.47 -64.48 -51.75
CA ARG B 467 61.06 -63.17 -52.22
C ARG B 467 62.22 -62.18 -52.39
N PRO B 468 62.08 -61.25 -53.36
CA PRO B 468 63.06 -60.21 -53.55
C PRO B 468 62.97 -59.03 -52.58
N ASP B 469 61.97 -59.00 -51.70
CA ASP B 469 61.85 -57.97 -50.68
C ASP B 469 62.31 -58.46 -49.29
N VAL B 470 63.10 -59.54 -49.30
CA VAL B 470 63.66 -60.15 -48.10
C VAL B 470 65.10 -60.48 -48.45
N VAL B 471 66.05 -60.23 -47.54
CA VAL B 471 67.45 -60.57 -47.76
C VAL B 471 67.83 -61.69 -46.79
N THR B 472 68.51 -62.70 -47.30
CA THR B 472 68.86 -63.84 -46.46
C THR B 472 70.35 -64.10 -46.48
N TYR B 473 70.88 -64.38 -45.28
CA TYR B 473 72.29 -64.69 -45.08
C TYR B 473 72.40 -66.01 -44.34
N GLU B 474 73.44 -66.79 -44.61
CA GLU B 474 73.57 -68.06 -43.90
C GLU B 474 75.02 -68.52 -43.73
N THR B 475 75.29 -69.28 -42.69
CA THR B 475 76.64 -69.82 -42.50
C THR B 475 76.78 -71.04 -43.40
N GLU B 476 78.00 -71.57 -43.49
CA GLU B 476 78.22 -72.83 -44.21
C GLU B 476 77.57 -73.86 -43.29
N VAL B 477 77.36 -75.07 -43.79
CA VAL B 477 76.82 -76.09 -42.89
C VAL B 477 77.85 -76.28 -41.77
N LEU B 478 77.36 -76.37 -40.54
CA LEU B 478 78.24 -76.42 -39.37
C LEU B 478 78.95 -77.75 -39.12
N ASP B 479 80.26 -77.67 -38.92
CA ASP B 479 81.11 -78.82 -38.63
C ASP B 479 81.16 -79.09 -37.13
N GLU B 480 80.89 -78.07 -36.32
CA GLU B 480 80.86 -78.14 -34.87
C GLU B 480 79.63 -77.39 -34.38
N PRO B 481 78.94 -77.89 -33.35
CA PRO B 481 77.76 -77.19 -32.86
C PRO B 481 78.05 -75.85 -32.19
N VAL B 482 77.13 -74.91 -32.27
CA VAL B 482 77.33 -73.67 -31.54
C VAL B 482 76.17 -73.57 -30.55
N ARG B 483 76.51 -73.38 -29.29
CA ARG B 483 75.51 -73.28 -28.22
C ARG B 483 75.19 -71.84 -27.85
N VAL B 484 73.91 -71.48 -27.82
CA VAL B 484 73.50 -70.13 -27.45
C VAL B 484 72.55 -70.19 -26.25
N SER B 485 72.70 -69.23 -25.33
CA SER B 485 71.85 -69.13 -24.14
C SER B 485 71.91 -67.70 -23.61
N GLY B 486 70.86 -66.94 -23.88
CA GLY B 486 70.78 -65.54 -23.43
C GLY B 486 69.89 -64.72 -24.35
N VAL B 487 70.10 -63.41 -24.41
CA VAL B 487 69.25 -62.62 -25.27
C VAL B 487 70.12 -62.11 -26.40
N PRO B 488 69.77 -62.48 -27.64
CA PRO B 488 70.55 -61.95 -28.74
C PRO B 488 70.15 -60.48 -28.93
N VAL B 489 71.04 -59.73 -29.58
CA VAL B 489 70.87 -58.33 -29.89
C VAL B 489 71.19 -58.02 -31.36
N ALA B 490 70.24 -57.43 -32.07
CA ALA B 490 70.45 -57.05 -33.46
C ALA B 490 71.24 -55.73 -33.49
N ASP B 491 72.36 -55.75 -34.21
CA ASP B 491 73.23 -54.59 -34.37
C ASP B 491 73.14 -54.37 -35.86
N LEU B 492 72.14 -53.58 -36.24
CA LEU B 492 71.82 -53.33 -37.62
C LEU B 492 72.23 -51.96 -38.12
N PHE B 493 72.92 -51.96 -39.26
CA PHE B 493 73.36 -50.79 -39.97
C PHE B 493 72.57 -50.88 -41.26
N ALA B 494 71.55 -50.04 -41.37
CA ALA B 494 70.65 -50.08 -42.50
C ALA B 494 70.25 -48.69 -42.97
N ALA B 495 70.07 -48.54 -44.28
CA ALA B 495 69.67 -47.28 -44.89
C ALA B 495 68.42 -47.52 -45.70
N THR B 496 67.56 -46.51 -45.77
CA THR B 496 66.32 -46.56 -46.56
C THR B 496 66.23 -45.30 -47.40
N SER B 497 65.66 -45.41 -48.60
CA SER B 497 65.49 -44.27 -49.49
C SER B 497 64.29 -43.43 -49.03
N GLY B 498 63.51 -43.97 -48.10
CA GLY B 498 62.37 -43.24 -47.55
C GLY B 498 62.76 -42.49 -46.28
N THR B 499 61.76 -41.96 -45.55
CA THR B 499 61.98 -41.21 -44.32
C THR B 499 61.52 -41.93 -43.05
N ASP B 500 61.13 -43.20 -43.19
CA ASP B 500 60.73 -44.03 -42.06
C ASP B 500 60.85 -45.47 -42.60
N SER B 501 60.82 -46.43 -41.69
CA SER B 501 60.91 -47.84 -42.09
C SER B 501 60.85 -48.75 -40.89
N ASP B 502 60.36 -49.95 -41.14
CA ASP B 502 60.34 -50.99 -40.14
C ASP B 502 61.45 -51.95 -40.52
N TRP B 503 62.02 -52.60 -39.50
CA TRP B 503 63.08 -53.54 -39.76
C TRP B 503 62.78 -54.81 -38.97
N VAL B 504 62.59 -55.88 -39.72
CA VAL B 504 62.31 -57.20 -39.16
C VAL B 504 63.60 -57.99 -39.28
N VAL B 505 64.06 -58.54 -38.16
CA VAL B 505 65.29 -59.34 -38.17
C VAL B 505 64.95 -60.70 -37.57
N LYS B 506 65.31 -61.77 -38.28
CA LYS B 506 65.05 -63.14 -37.85
C LYS B 506 66.32 -63.98 -37.68
N LEU B 507 66.42 -64.68 -36.54
CA LEU B 507 67.55 -65.58 -36.25
C LEU B 507 66.95 -66.97 -36.43
N ILE B 508 67.49 -67.72 -37.41
CA ILE B 508 66.97 -69.02 -37.80
C ILE B 508 67.94 -70.21 -37.75
N ASP B 509 67.44 -71.37 -37.37
CA ASP B 509 68.18 -72.62 -37.37
C ASP B 509 67.71 -73.37 -38.63
N VAL B 510 68.60 -73.53 -39.61
CA VAL B 510 68.28 -74.29 -40.79
C VAL B 510 68.56 -75.76 -40.52
N GLN B 511 67.51 -76.56 -40.60
CA GLN B 511 67.64 -77.99 -40.35
C GLN B 511 68.51 -78.62 -41.43
N PRO B 512 69.10 -79.80 -41.15
CA PRO B 512 69.94 -80.44 -42.15
C PRO B 512 69.19 -80.56 -43.48
N ALA B 513 69.92 -80.38 -44.59
CA ALA B 513 69.38 -80.48 -45.95
C ALA B 513 68.36 -81.60 -46.13
N MET B 514 68.63 -82.75 -45.52
CA MET B 514 67.74 -83.89 -45.48
C MET B 514 67.64 -84.36 -44.01
N THR B 515 66.43 -84.70 -43.59
CA THR B 515 66.14 -85.23 -42.25
C THR B 515 65.35 -86.49 -42.57
N PRO B 516 66.04 -87.59 -42.88
CA PRO B 516 65.39 -88.81 -43.37
C PRO B 516 64.40 -89.47 -42.42
N ASP B 517 64.56 -89.24 -41.12
CA ASP B 517 63.66 -89.78 -40.12
C ASP B 517 62.33 -89.02 -40.12
N ASP B 518 62.35 -87.76 -40.56
CA ASP B 518 61.16 -86.92 -40.67
C ASP B 518 61.33 -86.04 -41.92
N PRO B 519 61.14 -86.62 -43.12
CA PRO B 519 61.44 -85.98 -44.40
C PRO B 519 61.02 -84.53 -44.61
N LYS B 520 59.86 -84.14 -44.07
CA LYS B 520 59.35 -82.79 -44.24
C LYS B 520 60.19 -81.70 -43.60
N MET B 521 61.08 -82.05 -42.67
CA MET B 521 61.90 -81.05 -41.99
C MET B 521 63.22 -80.75 -42.69
N GLY B 522 63.48 -81.43 -43.80
CA GLY B 522 64.72 -81.22 -44.54
C GLY B 522 64.86 -79.80 -45.01
N GLY B 523 65.91 -79.11 -44.55
CA GLY B 523 66.15 -77.71 -44.93
C GLY B 523 65.16 -76.70 -44.36
N TYR B 524 64.35 -77.11 -43.39
CA TYR B 524 63.34 -76.25 -42.77
C TYR B 524 64.01 -75.10 -42.06
N GLU B 525 63.53 -73.89 -42.34
CA GLU B 525 64.08 -72.68 -41.73
C GLU B 525 63.21 -72.37 -40.54
N LEU B 526 63.65 -72.86 -39.38
CA LEU B 526 62.99 -72.68 -38.09
C LEU B 526 63.43 -71.42 -37.32
N PRO B 527 62.55 -70.44 -37.16
CA PRO B 527 62.95 -69.25 -36.43
C PRO B 527 63.14 -69.52 -34.96
N VAL B 528 64.28 -69.18 -34.39
CA VAL B 528 64.46 -69.37 -32.95
C VAL B 528 64.19 -68.05 -32.21
N SER B 529 64.32 -66.94 -32.94
CA SER B 529 64.12 -65.63 -32.34
C SER B 529 63.92 -64.59 -33.44
N MET B 530 62.83 -63.84 -33.39
CA MET B 530 62.59 -62.76 -34.35
C MET B 530 61.81 -61.59 -33.77
N ASP B 531 62.02 -60.40 -34.32
CA ASP B 531 61.27 -59.24 -33.87
C ASP B 531 61.38 -58.12 -34.90
N ILE B 532 60.51 -57.11 -34.71
CA ILE B 532 60.42 -55.97 -35.58
C ILE B 532 60.70 -54.72 -34.79
N PHE B 533 61.30 -53.74 -35.45
CA PHE B 533 61.62 -52.45 -34.85
C PHE B 533 61.12 -51.35 -35.80
N ARG B 534 60.32 -50.42 -35.26
CA ARG B 534 59.82 -49.31 -36.04
C ARG B 534 60.89 -48.21 -36.04
N GLY B 535 61.45 -47.95 -37.22
CA GLY B 535 62.53 -46.99 -37.42
C GLY B 535 62.51 -45.61 -36.79
N ARG B 536 61.34 -44.99 -36.78
CA ARG B 536 61.18 -43.64 -36.25
C ARG B 536 61.58 -43.51 -34.81
N TYR B 537 61.61 -44.62 -34.07
CA TYR B 537 62.01 -44.59 -32.68
C TYR B 537 63.46 -45.02 -32.44
N ARG B 538 64.31 -44.89 -33.45
CA ARG B 538 65.73 -45.30 -33.42
C ARG B 538 66.51 -44.62 -32.31
N LYS B 539 66.29 -43.32 -32.13
CA LYS B 539 66.97 -42.55 -31.09
C LYS B 539 66.22 -42.53 -29.78
N ASP B 540 64.91 -42.35 -29.86
CA ASP B 540 64.11 -42.24 -28.65
C ASP B 540 62.71 -42.80 -28.90
N PHE B 541 62.30 -43.72 -28.04
CA PHE B 541 60.98 -44.32 -28.12
C PHE B 541 59.88 -43.29 -27.82
N ALA B 542 60.17 -42.35 -26.94
CA ALA B 542 59.22 -41.30 -26.59
C ALA B 542 59.16 -40.15 -27.58
N LYS B 543 60.15 -40.02 -28.46
CA LYS B 543 60.19 -38.90 -29.41
C LYS B 543 60.52 -39.38 -30.79
N PRO B 544 59.51 -39.68 -31.61
CA PRO B 544 59.81 -40.20 -32.95
C PRO B 544 60.40 -39.11 -33.81
N GLU B 545 61.29 -39.50 -34.74
CA GLU B 545 61.94 -38.61 -35.69
C GLU B 545 62.13 -39.26 -37.04
N ALA B 546 62.13 -38.44 -38.10
CA ALA B 546 62.34 -38.95 -39.44
C ALA B 546 63.70 -39.63 -39.59
N LEU B 547 63.78 -40.48 -40.61
CA LEU B 547 65.04 -41.13 -40.93
C LEU B 547 65.59 -40.34 -42.11
N GLN B 548 66.89 -40.19 -42.10
CA GLN B 548 67.67 -39.47 -43.12
C GLN B 548 67.73 -40.36 -44.34
N PRO B 549 67.16 -39.94 -45.48
CA PRO B 549 67.20 -40.79 -46.67
C PRO B 549 68.61 -41.13 -47.14
N ASP B 550 68.77 -42.36 -47.64
CA ASP B 550 70.03 -42.89 -48.16
C ASP B 550 71.21 -42.87 -47.19
N ALA B 551 70.93 -42.71 -45.90
CA ALA B 551 71.97 -42.68 -44.87
C ALA B 551 71.98 -43.99 -44.11
N THR B 552 73.16 -44.57 -43.92
CA THR B 552 73.25 -45.78 -43.15
C THR B 552 73.16 -45.40 -41.68
N LEU B 553 72.17 -45.94 -40.99
CA LEU B 553 71.92 -45.65 -39.57
C LEU B 553 72.07 -46.89 -38.70
N HIS B 554 72.40 -46.65 -37.44
CA HIS B 554 72.63 -47.70 -36.46
C HIS B 554 71.45 -48.02 -35.56
N TYR B 555 70.95 -49.25 -35.70
CA TYR B 555 69.85 -49.73 -34.88
C TYR B 555 70.41 -50.79 -33.95
N HIS B 556 69.91 -50.77 -32.73
CA HIS B 556 70.37 -51.68 -31.71
C HIS B 556 69.18 -52.08 -30.86
N PHE B 557 68.75 -53.34 -30.95
CA PHE B 557 67.62 -53.79 -30.12
C PHE B 557 67.66 -55.28 -29.76
N THR B 558 67.17 -55.59 -28.57
CA THR B 558 67.11 -56.98 -28.12
C THR B 558 66.03 -57.78 -28.85
N LEU B 559 66.32 -59.06 -29.05
CA LEU B 559 65.45 -60.04 -29.67
C LEU B 559 65.00 -61.03 -28.60
N PRO B 560 63.96 -61.83 -28.88
CA PRO B 560 63.56 -62.84 -27.90
C PRO B 560 64.70 -63.77 -27.45
N ALA B 561 64.63 -64.21 -26.19
CA ALA B 561 65.64 -65.10 -25.63
C ALA B 561 65.72 -66.44 -26.36
N VAL B 562 66.92 -67.03 -26.31
CA VAL B 562 67.21 -68.34 -26.91
C VAL B 562 67.96 -69.20 -25.90
N ASN B 563 67.76 -70.51 -26.00
CA ASN B 563 68.47 -71.51 -25.21
C ASN B 563 68.44 -72.65 -26.21
N HIS B 564 69.35 -72.60 -27.16
CA HIS B 564 69.41 -73.51 -28.27
C HIS B 564 70.82 -74.02 -28.59
N VAL B 565 70.88 -74.99 -29.49
CA VAL B 565 72.15 -75.48 -29.98
C VAL B 565 71.90 -75.66 -31.47
N PHE B 566 72.75 -75.08 -32.31
CA PHE B 566 72.73 -75.27 -33.76
C PHE B 566 73.71 -76.45 -33.91
N ALA B 567 73.16 -77.62 -34.22
CA ALA B 567 73.95 -78.85 -34.30
C ALA B 567 74.67 -79.03 -35.62
N LYS B 568 75.55 -80.02 -35.67
CA LYS B 568 76.27 -80.32 -36.88
C LYS B 568 75.25 -80.59 -38.00
N GLY B 569 75.56 -80.13 -39.19
CA GLY B 569 74.65 -80.34 -40.32
C GLY B 569 73.65 -79.21 -40.49
N HIS B 570 73.45 -78.40 -39.45
CA HIS B 570 72.52 -77.28 -39.56
C HIS B 570 73.28 -76.08 -40.11
N ARG B 571 72.60 -74.96 -40.29
CA ARG B 571 73.19 -73.67 -40.63
C ARG B 571 72.51 -72.64 -39.72
N ILE B 572 73.19 -71.53 -39.43
CA ILE B 572 72.58 -70.41 -38.71
C ILE B 572 72.22 -69.50 -39.86
N MET B 573 71.02 -68.92 -39.83
CA MET B 573 70.54 -68.03 -40.88
C MET B 573 69.88 -66.76 -40.35
N VAL B 574 70.12 -65.66 -41.06
CA VAL B 574 69.53 -64.36 -40.72
C VAL B 574 68.74 -63.87 -41.92
N GLN B 575 67.51 -63.44 -41.66
CA GLN B 575 66.61 -62.87 -42.65
C GLN B 575 66.17 -61.48 -42.20
N ILE B 576 66.28 -60.52 -43.11
CA ILE B 576 65.89 -59.15 -42.82
C ILE B 576 64.87 -58.72 -43.87
N GLN B 577 63.82 -58.02 -43.43
CA GLN B 577 62.77 -57.52 -44.31
C GLN B 577 62.12 -56.31 -43.62
N SER B 578 61.22 -55.61 -44.31
CA SER B 578 60.62 -54.36 -43.81
C SER B 578 59.09 -54.30 -43.63
N SER B 579 58.45 -55.46 -43.72
CA SER B 579 57.01 -55.60 -43.48
C SER B 579 56.72 -57.01 -42.97
N TRP B 580 55.60 -57.16 -42.23
CA TRP B 580 55.23 -58.41 -41.58
C TRP B 580 53.74 -58.30 -41.38
N PHE B 581 53.03 -58.53 -42.48
CA PHE B 581 51.61 -58.28 -42.60
C PHE B 581 50.71 -59.50 -42.69
N PRO B 582 49.49 -59.40 -42.14
CA PRO B 582 48.87 -58.26 -41.46
C PRO B 582 49.02 -58.10 -39.96
N LEU B 583 49.84 -58.93 -39.31
CA LEU B 583 50.09 -58.84 -37.89
C LEU B 583 50.48 -57.42 -37.49
N TYR B 584 51.40 -56.82 -38.25
CA TYR B 584 51.87 -55.46 -38.00
C TYR B 584 51.39 -54.50 -39.08
N ASP B 585 50.91 -53.32 -38.70
CA ASP B 585 50.44 -52.38 -39.71
C ASP B 585 51.66 -51.98 -40.54
N ARG B 586 51.43 -51.60 -41.79
CA ARG B 586 52.52 -51.29 -42.67
C ARG B 586 53.11 -49.94 -42.36
N ASN B 587 54.44 -49.86 -42.47
CA ASN B 587 55.12 -48.59 -42.30
C ASN B 587 55.00 -47.92 -43.65
N PRO B 588 54.45 -46.70 -43.68
CA PRO B 588 54.31 -46.03 -44.97
C PRO B 588 55.62 -45.74 -45.69
N GLN B 589 56.71 -45.72 -44.93
CA GLN B 589 58.05 -45.45 -45.46
C GLN B 589 58.20 -43.98 -45.82
N LYS B 590 57.36 -43.17 -45.17
CA LYS B 590 57.34 -41.72 -45.31
C LYS B 590 57.00 -41.34 -43.89
N PHE B 591 57.75 -40.40 -43.33
CA PHE B 591 57.50 -40.00 -41.95
C PHE B 591 56.24 -39.17 -41.93
N VAL B 592 55.24 -39.65 -41.19
CA VAL B 592 53.97 -38.96 -41.03
C VAL B 592 53.81 -38.81 -39.54
N PRO B 593 53.07 -37.80 -39.09
CA PRO B 593 52.91 -37.66 -37.65
C PRO B 593 52.38 -38.90 -36.90
N ASN B 594 51.35 -39.55 -37.44
CA ASN B 594 50.75 -40.72 -36.82
C ASN B 594 50.47 -41.78 -37.87
N ILE B 595 51.18 -42.90 -37.79
CA ILE B 595 51.02 -43.97 -38.77
C ILE B 595 49.60 -44.53 -38.76
N PHE B 596 48.91 -44.47 -37.63
CA PHE B 596 47.52 -44.93 -37.59
C PHE B 596 46.67 -44.19 -38.61
N ASP B 597 46.97 -42.91 -38.79
CA ASP B 597 46.18 -42.06 -39.68
C ASP B 597 46.76 -41.91 -41.06
N ALA B 598 47.72 -42.76 -41.44
CA ALA B 598 48.34 -42.66 -42.75
C ALA B 598 47.29 -42.73 -43.87
N LYS B 599 47.51 -41.97 -44.94
CA LYS B 599 46.61 -41.90 -46.09
C LYS B 599 47.17 -42.72 -47.25
N PRO B 600 46.33 -43.06 -48.23
CA PRO B 600 46.79 -43.84 -49.37
C PRO B 600 48.01 -43.31 -50.11
N ALA B 601 48.05 -41.99 -50.32
CA ALA B 601 49.18 -41.39 -51.00
C ALA B 601 50.47 -41.41 -50.16
N ASP B 602 50.36 -41.62 -48.86
CA ASP B 602 51.57 -41.64 -48.01
C ASP B 602 52.40 -42.91 -48.10
N TYR B 603 51.85 -43.97 -48.67
CA TYR B 603 52.57 -45.23 -48.77
C TYR B 603 53.55 -45.17 -49.92
N THR B 604 54.84 -45.21 -49.60
CA THR B 604 55.88 -45.09 -50.62
C THR B 604 56.83 -46.27 -50.73
N VAL B 605 57.17 -46.63 -51.96
CA VAL B 605 58.11 -47.70 -52.26
C VAL B 605 59.51 -47.19 -51.90
N ALA B 606 60.33 -48.06 -51.33
CA ALA B 606 61.68 -47.69 -50.90
C ALA B 606 62.71 -48.79 -51.19
N THR B 607 63.95 -48.35 -51.37
CA THR B 607 65.08 -49.24 -51.57
C THR B 607 65.78 -49.24 -50.22
N GLN B 608 65.92 -50.43 -49.64
CA GLN B 608 66.55 -50.60 -48.35
C GLN B 608 67.92 -51.20 -48.63
N SER B 609 68.92 -50.82 -47.84
CA SER B 609 70.28 -51.33 -48.00
C SER B 609 70.87 -51.72 -46.66
N ILE B 610 71.25 -52.97 -46.50
CA ILE B 610 71.87 -53.47 -45.27
C ILE B 610 73.38 -53.53 -45.46
N HIS B 611 74.12 -52.79 -44.64
CA HIS B 611 75.56 -52.71 -44.71
C HIS B 611 76.18 -53.86 -43.92
N HIS B 612 77.29 -54.35 -44.46
CA HIS B 612 78.06 -55.41 -43.81
C HIS B 612 79.55 -55.07 -43.92
N GLY B 613 80.29 -55.48 -42.90
CA GLY B 613 81.74 -55.24 -42.84
C GLY B 613 82.12 -53.85 -42.38
N GLY B 614 83.43 -53.66 -42.25
CA GLY B 614 83.96 -52.37 -41.88
C GLY B 614 83.42 -51.86 -40.56
N LYS B 615 83.25 -50.53 -40.51
CA LYS B 615 82.78 -49.83 -39.34
C LYS B 615 81.27 -49.93 -39.19
N GLU B 616 80.58 -50.33 -40.25
CA GLU B 616 79.12 -50.48 -40.19
C GLU B 616 78.80 -51.96 -40.40
N ALA B 617 79.46 -52.82 -39.63
CA ALA B 617 79.29 -54.27 -39.80
C ALA B 617 78.04 -54.80 -39.11
N THR B 618 76.96 -54.98 -39.87
CA THR B 618 75.72 -55.51 -39.32
C THR B 618 75.97 -56.91 -38.78
N SER B 619 75.38 -57.21 -37.64
CA SER B 619 75.54 -58.50 -37.03
C SER B 619 74.43 -58.79 -36.03
N ILE B 620 74.37 -60.05 -35.60
CA ILE B 620 73.49 -60.46 -34.52
C ILE B 620 74.45 -60.82 -33.38
N LEU B 621 74.32 -60.09 -32.28
CA LEU B 621 75.18 -60.37 -31.15
C LEU B 621 74.65 -61.62 -30.43
N LEU B 622 75.30 -62.75 -30.66
CA LEU B 622 74.81 -63.99 -30.10
C LEU B 622 75.34 -64.35 -28.72
N PRO B 623 74.46 -64.86 -27.85
CA PRO B 623 74.90 -65.28 -26.53
C PRO B 623 75.53 -66.67 -26.63
N VAL B 624 76.68 -66.76 -27.28
CA VAL B 624 77.35 -68.04 -27.47
C VAL B 624 77.95 -68.45 -26.14
N VAL B 625 77.74 -69.71 -25.76
CA VAL B 625 78.28 -70.27 -24.53
C VAL B 625 79.05 -71.57 -24.83
N LYS B 626 79.94 -71.95 -23.91
CA LYS B 626 80.75 -73.15 -24.07
C LYS B 626 80.01 -74.34 -23.46
N HIS C 10 67.84 -140.06 -42.20
CA HIS C 10 67.32 -138.83 -41.53
C HIS C 10 65.85 -138.58 -41.87
N ASP C 11 65.07 -138.27 -40.84
CA ASP C 11 63.64 -138.00 -40.94
C ASP C 11 63.50 -136.63 -41.59
N PRO C 12 62.87 -136.59 -42.78
CA PRO C 12 62.71 -135.31 -43.47
C PRO C 12 61.75 -134.34 -42.77
N LEU C 13 60.86 -134.84 -41.92
CA LEU C 13 59.90 -133.99 -41.20
C LEU C 13 60.53 -133.36 -39.94
N SER C 14 61.81 -133.62 -39.72
CA SER C 14 62.54 -133.06 -38.59
C SER C 14 63.90 -132.49 -38.93
N VAL C 15 64.61 -133.10 -39.88
CA VAL C 15 65.91 -132.63 -40.29
C VAL C 15 65.91 -132.24 -41.77
N GLN C 16 66.23 -130.97 -42.03
CA GLN C 16 66.32 -130.40 -43.38
C GLN C 16 67.81 -130.15 -43.68
N THR C 17 68.33 -130.89 -44.64
CA THR C 17 69.71 -130.73 -45.06
C THR C 17 69.75 -130.11 -46.45
N GLY C 18 68.58 -129.87 -47.03
CA GLY C 18 68.43 -129.23 -48.32
C GLY C 18 67.87 -127.84 -48.14
N SER C 19 67.08 -127.40 -49.12
CA SER C 19 66.48 -126.06 -49.12
C SER C 19 64.98 -126.02 -48.83
N ASP C 20 64.58 -125.02 -48.07
CA ASP C 20 63.17 -124.81 -47.74
C ASP C 20 62.47 -124.08 -48.87
N ILE C 21 63.23 -123.59 -49.84
CA ILE C 21 62.64 -122.91 -50.99
C ILE C 21 62.34 -123.97 -52.06
N PRO C 22 61.06 -124.19 -52.39
CA PRO C 22 60.72 -125.18 -53.41
C PRO C 22 61.27 -124.84 -54.79
N GLN C 32 40.69 -120.82 -58.59
CA GLN C 32 39.75 -119.88 -57.98
C GLN C 32 39.61 -118.53 -58.67
N ARG C 33 40.46 -118.21 -59.63
CA ARG C 33 40.38 -116.96 -60.37
C ARG C 33 39.30 -116.93 -61.43
N ASP C 34 38.79 -115.74 -61.74
CA ASP C 34 37.75 -115.54 -62.74
C ASP C 34 38.32 -115.04 -64.08
N TYR C 35 39.61 -115.27 -64.25
CA TYR C 35 40.32 -114.88 -65.46
C TYR C 35 41.57 -115.74 -65.62
N ILE C 36 42.08 -115.72 -66.83
CA ILE C 36 43.31 -116.44 -67.15
C ILE C 36 44.26 -115.38 -67.67
N LYS C 37 45.54 -115.53 -67.36
CA LYS C 37 46.55 -114.59 -67.82
C LYS C 37 47.56 -115.30 -68.71
N ARG C 38 47.75 -114.80 -69.92
CA ARG C 38 48.72 -115.38 -70.83
C ARG C 38 49.87 -114.42 -71.10
N GLU C 39 51.09 -114.94 -71.07
CA GLU C 39 52.28 -114.14 -71.33
C GLU C 39 52.85 -114.69 -72.62
N VAL C 40 53.00 -113.82 -73.61
CA VAL C 40 53.55 -114.26 -74.88
C VAL C 40 54.55 -113.25 -75.41
N MET C 41 55.49 -113.76 -76.20
CA MET C 41 56.49 -112.93 -76.87
C MET C 41 56.03 -112.83 -78.33
N VAL C 42 55.47 -111.68 -78.67
CA VAL C 42 54.93 -111.44 -80.01
C VAL C 42 55.98 -110.91 -80.97
N PRO C 43 56.29 -111.66 -82.03
CA PRO C 43 57.32 -111.15 -82.92
C PRO C 43 56.91 -109.97 -83.79
N MET C 44 57.88 -109.09 -84.05
CA MET C 44 57.68 -107.95 -84.91
C MET C 44 58.26 -108.34 -86.28
N ARG C 45 58.03 -107.49 -87.26
CA ARG C 45 58.50 -107.77 -88.62
C ARG C 45 60.01 -107.92 -88.79
N ASP C 46 60.78 -107.36 -87.85
CA ASP C 46 62.24 -107.46 -87.86
C ASP C 46 62.79 -108.55 -86.94
N GLY C 47 61.90 -109.29 -86.28
CA GLY C 47 62.34 -110.36 -85.39
C GLY C 47 62.37 -110.06 -83.91
N VAL C 48 62.32 -108.78 -83.55
CA VAL C 48 62.33 -108.38 -82.15
C VAL C 48 60.99 -108.77 -81.54
N LYS C 49 61.06 -109.48 -80.43
CA LYS C 49 59.85 -109.95 -79.73
C LYS C 49 59.49 -108.98 -78.62
N LEU C 50 58.19 -108.66 -78.49
CA LEU C 50 57.69 -107.78 -77.45
C LEU C 50 56.85 -108.53 -76.43
N TYR C 51 57.12 -108.29 -75.14
CA TYR C 51 56.41 -108.96 -74.04
C TYR C 51 54.97 -108.49 -74.00
N THR C 52 54.08 -109.46 -74.11
CA THR C 52 52.67 -109.15 -74.17
C THR C 52 51.92 -109.97 -73.12
N VAL C 53 51.01 -109.32 -72.41
CA VAL C 53 50.22 -109.95 -71.33
C VAL C 53 48.76 -109.85 -71.73
N ILE C 54 48.07 -110.98 -71.80
CA ILE C 54 46.68 -110.99 -72.20
C ILE C 54 45.82 -111.52 -71.09
N VAL C 55 44.85 -110.71 -70.67
CA VAL C 55 43.96 -111.05 -69.58
C VAL C 55 42.57 -111.33 -70.11
N ILE C 56 42.17 -112.59 -70.02
CA ILE C 56 40.90 -113.05 -70.55
C ILE C 56 39.91 -113.50 -69.48
N PRO C 57 38.69 -112.96 -69.49
CA PRO C 57 37.72 -113.41 -68.51
C PRO C 57 37.43 -114.90 -68.70
N LYS C 58 37.13 -115.64 -67.63
CA LYS C 58 36.79 -117.05 -67.80
C LYS C 58 35.51 -117.22 -68.61
N ASN C 59 35.49 -118.23 -69.46
CA ASN C 59 34.34 -118.46 -70.32
C ASN C 59 34.05 -117.23 -71.20
N ALA C 60 35.10 -116.54 -71.62
CA ALA C 60 34.92 -115.42 -72.53
C ALA C 60 34.87 -116.06 -73.90
N ARG C 61 33.95 -115.62 -74.74
CA ARG C 61 33.85 -116.15 -76.09
C ARG C 61 33.40 -114.94 -76.92
N ASN C 62 34.04 -114.74 -78.07
CA ASN C 62 33.76 -113.63 -78.98
C ASN C 62 33.84 -112.29 -78.26
N ALA C 63 34.88 -112.13 -77.45
CA ALA C 63 35.09 -110.89 -76.69
C ALA C 63 36.05 -109.91 -77.36
N PRO C 64 35.69 -108.62 -77.33
CA PRO C 64 36.59 -107.63 -77.90
C PRO C 64 37.87 -107.44 -77.07
N ILE C 65 38.93 -106.99 -77.74
CA ILE C 65 40.21 -106.71 -77.11
C ILE C 65 40.42 -105.21 -76.88
N LEU C 66 40.88 -104.87 -75.68
CA LEU C 66 41.25 -103.49 -75.34
C LEU C 66 42.78 -103.52 -75.19
N LEU C 67 43.50 -102.80 -76.05
CA LEU C 67 44.97 -102.83 -76.06
C LEU C 67 45.66 -101.54 -75.63
N THR C 68 46.74 -101.68 -74.86
CA THR C 68 47.59 -100.58 -74.43
C THR C 68 49.04 -101.02 -74.63
N ARG C 69 49.87 -100.11 -75.14
CA ARG C 69 51.28 -100.35 -75.38
C ARG C 69 51.97 -99.36 -74.47
N THR C 70 52.81 -99.86 -73.57
CA THR C 70 53.43 -99.04 -72.51
C THR C 70 54.93 -99.22 -72.26
N PRO C 71 55.60 -98.15 -71.80
CA PRO C 71 56.99 -98.23 -71.36
C PRO C 71 57.07 -98.36 -69.83
N TYR C 72 55.92 -98.56 -69.18
CA TYR C 72 55.84 -98.64 -67.74
C TYR C 72 55.56 -100.03 -67.15
N ASN C 73 56.20 -101.06 -67.68
CA ASN C 73 56.11 -102.44 -67.21
C ASN C 73 54.72 -103.08 -67.34
N ALA C 74 54.47 -103.73 -68.47
CA ALA C 74 53.17 -104.36 -68.75
C ALA C 74 52.80 -105.44 -67.73
N LYS C 75 53.79 -106.15 -67.20
CA LYS C 75 53.53 -107.18 -66.20
C LYS C 75 52.94 -106.55 -64.93
N GLY C 76 53.41 -105.35 -64.59
CA GLY C 76 52.95 -104.62 -63.41
C GLY C 76 51.62 -103.96 -63.64
N ARG C 77 51.41 -103.40 -64.83
CA ARG C 77 50.16 -102.70 -65.15
C ARG C 77 48.97 -103.64 -65.07
N ALA C 78 49.18 -104.91 -65.42
CA ALA C 78 48.14 -105.92 -65.34
C ALA C 78 48.20 -106.72 -64.03
N ASN C 79 48.73 -106.10 -62.98
CA ASN C 79 48.85 -106.65 -61.62
C ASN C 79 48.70 -105.55 -60.59
N ARG C 80 47.59 -104.82 -60.66
CA ARG C 80 47.32 -103.73 -59.73
C ARG C 80 47.37 -104.32 -58.33
N VAL C 81 46.66 -105.43 -58.15
CA VAL C 81 46.68 -106.26 -56.94
C VAL C 81 47.37 -107.52 -57.44
N PRO C 82 48.65 -107.71 -57.09
CA PRO C 82 49.39 -108.85 -57.62
C PRO C 82 48.73 -110.21 -57.47
N ASN C 83 48.53 -110.89 -58.58
CA ASN C 83 47.98 -112.24 -58.64
C ASN C 83 46.63 -112.40 -57.96
N ALA C 84 45.84 -111.32 -58.02
CA ALA C 84 44.52 -111.25 -57.43
C ALA C 84 43.62 -112.35 -57.99
N LEU C 85 42.60 -112.66 -57.21
CA LEU C 85 41.63 -113.67 -57.54
C LEU C 85 40.57 -113.17 -58.53
N THR C 86 40.39 -111.86 -58.63
CA THR C 86 39.40 -111.31 -59.56
C THR C 86 40.04 -110.37 -60.56
N MET C 87 39.49 -110.42 -61.77
CA MET C 87 39.98 -109.60 -62.86
C MET C 87 39.85 -108.13 -62.54
N ARG C 88 38.76 -107.76 -61.88
CA ARG C 88 38.51 -106.40 -61.43
C ARG C 88 39.67 -105.88 -60.61
N GLU C 89 40.22 -106.74 -59.75
CA GLU C 89 41.35 -106.38 -58.89
C GLU C 89 42.67 -106.35 -59.62
N VAL C 90 42.84 -107.24 -60.58
CA VAL C 90 44.13 -107.35 -61.23
C VAL C 90 44.42 -106.22 -62.22
N LEU C 91 43.36 -105.61 -62.74
CA LEU C 91 43.45 -104.53 -63.71
C LEU C 91 43.27 -103.16 -63.04
N PRO C 92 43.78 -102.10 -63.69
CA PRO C 92 43.64 -100.74 -63.20
C PRO C 92 42.21 -100.26 -62.97
N GLN C 93 42.09 -99.21 -62.18
CA GLN C 93 40.77 -98.63 -61.87
C GLN C 93 40.06 -98.13 -63.12
N GLY C 94 40.83 -97.61 -64.07
CA GLY C 94 40.28 -97.08 -65.31
C GLY C 94 39.70 -98.13 -66.26
N ASP C 95 40.04 -99.40 -66.03
CA ASP C 95 39.57 -100.52 -66.83
C ASP C 95 38.30 -101.12 -66.26
N ASP C 96 37.78 -100.52 -65.19
CA ASP C 96 36.58 -101.03 -64.54
C ASP C 96 35.39 -101.33 -65.45
N VAL C 97 34.99 -100.36 -66.26
CA VAL C 97 33.82 -100.51 -67.11
C VAL C 97 34.02 -101.61 -68.14
N PHE C 98 35.28 -101.87 -68.49
CA PHE C 98 35.57 -102.89 -69.50
C PHE C 98 35.54 -104.29 -68.89
N VAL C 99 35.95 -104.38 -67.63
CA VAL C 99 35.93 -105.64 -66.89
C VAL C 99 34.46 -106.01 -66.74
N GLU C 100 33.60 -105.03 -66.48
CA GLU C 100 32.16 -105.27 -66.39
C GLU C 100 31.53 -105.64 -67.74
N GLY C 101 32.12 -105.17 -68.85
CA GLY C 101 31.63 -105.50 -70.19
C GLY C 101 32.15 -106.81 -70.79
N GLY C 102 33.06 -107.48 -70.10
CA GLY C 102 33.60 -108.74 -70.58
C GLY C 102 34.66 -108.63 -71.65
N TYR C 103 35.45 -107.55 -71.62
CA TYR C 103 36.52 -107.34 -72.60
C TYR C 103 37.75 -108.13 -72.22
N ILE C 104 38.59 -108.43 -73.21
CA ILE C 104 39.88 -109.05 -73.02
C ILE C 104 40.79 -107.85 -72.93
N ARG C 105 41.71 -107.88 -71.98
CA ARG C 105 42.62 -106.76 -71.78
C ARG C 105 44.04 -107.17 -72.12
N VAL C 106 44.73 -106.35 -72.91
CA VAL C 106 46.11 -106.66 -73.30
C VAL C 106 47.02 -105.50 -72.97
N PHE C 107 48.13 -105.81 -72.30
CA PHE C 107 49.17 -104.83 -72.01
C PHE C 107 50.46 -105.32 -72.63
N GLN C 108 51.16 -104.45 -73.38
CA GLN C 108 52.40 -104.79 -74.07
C GLN C 108 53.56 -103.83 -73.80
N ASP C 109 54.73 -104.39 -73.51
CA ASP C 109 55.94 -103.59 -73.28
C ASP C 109 56.46 -103.17 -74.64
N ILE C 110 56.54 -101.87 -74.87
CA ILE C 110 57.05 -101.34 -76.13
C ILE C 110 58.50 -101.75 -76.32
N ARG C 111 58.97 -101.67 -77.56
CA ARG C 111 60.31 -102.04 -77.95
C ARG C 111 61.36 -101.44 -77.04
N GLY C 112 62.21 -102.30 -76.48
CA GLY C 112 63.32 -101.89 -75.63
C GLY C 112 63.07 -101.67 -74.15
N LYS C 113 61.86 -101.97 -73.69
CA LYS C 113 61.52 -101.79 -72.28
C LYS C 113 61.04 -103.06 -71.59
N TYR C 114 61.43 -103.19 -70.33
CA TYR C 114 61.08 -104.32 -69.47
C TYR C 114 61.27 -105.71 -70.07
N GLY C 115 60.18 -106.41 -70.42
CA GLY C 115 60.29 -107.75 -70.96
C GLY C 115 60.54 -107.89 -72.45
N SER C 116 60.47 -106.76 -73.15
CA SER C 116 60.64 -106.73 -74.59
C SER C 116 62.10 -106.64 -75.01
N GLN C 117 62.38 -107.10 -76.23
CA GLN C 117 63.72 -107.06 -76.76
C GLN C 117 63.81 -105.76 -77.52
N GLY C 118 64.98 -105.51 -78.12
CA GLY C 118 65.19 -104.33 -78.96
C GLY C 118 65.83 -103.12 -78.31
N ASP C 119 66.01 -102.08 -79.12
CA ASP C 119 66.60 -100.81 -78.67
C ASP C 119 65.49 -99.85 -78.31
N TYR C 120 65.61 -99.24 -77.13
CA TYR C 120 64.62 -98.28 -76.70
C TYR C 120 65.03 -96.89 -77.13
N VAL C 121 64.09 -96.19 -77.74
CA VAL C 121 64.29 -94.84 -78.19
C VAL C 121 63.13 -94.02 -77.62
N MET C 122 63.46 -92.98 -76.88
CA MET C 122 62.45 -92.13 -76.25
C MET C 122 61.52 -91.50 -77.27
N THR C 123 60.22 -91.68 -77.08
CA THR C 123 59.17 -91.17 -77.97
C THR C 123 59.64 -91.34 -79.42
N ARG C 124 59.91 -92.58 -79.78
CA ARG C 124 60.50 -92.98 -81.05
C ARG C 124 59.79 -92.25 -82.18
N PRO C 125 60.57 -91.49 -82.97
CA PRO C 125 59.93 -90.79 -84.08
C PRO C 125 59.36 -91.72 -85.14
N PRO C 126 58.36 -91.24 -85.89
CA PRO C 126 57.82 -92.06 -86.96
C PRO C 126 58.83 -92.19 -88.09
N HIS C 127 58.60 -93.14 -88.99
CA HIS C 127 59.48 -93.37 -90.13
C HIS C 127 59.60 -92.05 -90.87
N GLY C 128 60.85 -91.70 -91.19
CA GLY C 128 61.12 -90.44 -91.86
C GLY C 128 62.55 -90.00 -91.60
N PRO C 129 62.81 -88.69 -91.67
CA PRO C 129 64.16 -88.19 -91.46
C PRO C 129 64.74 -88.51 -90.09
N LEU C 130 63.89 -88.62 -89.08
CA LEU C 130 64.35 -88.91 -87.73
C LEU C 130 64.35 -90.39 -87.37
N ASN C 131 64.01 -91.25 -88.33
CA ASN C 131 63.99 -92.69 -88.12
C ASN C 131 63.96 -93.37 -89.49
N PRO C 132 65.14 -93.66 -90.08
CA PRO C 132 65.26 -94.32 -91.37
C PRO C 132 65.22 -95.85 -91.35
N THR C 133 64.92 -96.46 -90.20
CA THR C 133 64.84 -97.90 -90.10
C THR C 133 63.51 -98.39 -90.67
N LYS C 134 63.34 -99.71 -90.72
CA LYS C 134 62.11 -100.32 -91.23
C LYS C 134 60.96 -100.37 -90.23
N THR C 135 61.21 -99.99 -88.98
CA THR C 135 60.17 -100.06 -87.95
C THR C 135 60.01 -98.79 -87.12
N ASP C 136 58.89 -98.73 -86.43
CA ASP C 136 58.56 -97.64 -85.52
C ASP C 136 57.41 -98.10 -84.62
N GLU C 137 56.83 -97.18 -83.86
CA GLU C 137 55.71 -97.51 -82.97
C GLU C 137 54.46 -97.82 -83.77
N THR C 138 54.40 -97.31 -85.00
CA THR C 138 53.26 -97.58 -85.87
C THR C 138 53.26 -99.01 -86.34
N THR C 139 54.43 -99.48 -86.78
CA THR C 139 54.58 -100.83 -87.34
C THR C 139 54.50 -101.87 -86.23
N ASP C 140 55.06 -101.55 -85.08
CA ASP C 140 54.98 -102.42 -83.90
C ASP C 140 53.53 -102.65 -83.44
N ALA C 141 52.69 -101.62 -83.51
CA ALA C 141 51.28 -101.74 -83.14
C ALA C 141 50.50 -102.49 -84.22
N TRP C 142 50.90 -102.31 -85.47
CA TRP C 142 50.27 -103.03 -86.57
C TRP C 142 50.58 -104.52 -86.43
N ASP C 143 51.85 -104.86 -86.18
CA ASP C 143 52.28 -106.25 -86.00
C ASP C 143 51.63 -106.89 -84.79
N THR C 144 51.39 -106.09 -83.75
CA THR C 144 50.74 -106.58 -82.53
C THR C 144 49.27 -106.89 -82.80
N VAL C 145 48.52 -105.97 -83.38
CA VAL C 145 47.11 -106.22 -83.64
C VAL C 145 46.92 -107.38 -84.62
N ASP C 146 47.83 -107.56 -85.56
CA ASP C 146 47.73 -108.68 -86.52
C ASP C 146 47.85 -110.00 -85.75
N TRP C 147 48.86 -110.10 -84.90
CA TRP C 147 49.08 -111.31 -84.11
C TRP C 147 47.89 -111.60 -83.21
N LEU C 148 47.32 -110.57 -82.59
CA LEU C 148 46.19 -110.76 -81.68
C LEU C 148 44.96 -111.35 -82.34
N VAL C 149 44.58 -110.82 -83.50
CA VAL C 149 43.38 -111.32 -84.17
C VAL C 149 43.53 -112.74 -84.77
N HIS C 150 44.77 -113.21 -84.93
CA HIS C 150 45.03 -114.54 -85.46
C HIS C 150 45.42 -115.57 -84.42
N ASN C 151 45.64 -115.15 -83.17
CA ASN C 151 46.10 -116.02 -82.10
C ASN C 151 45.38 -116.01 -80.75
N VAL C 152 44.23 -115.35 -80.67
CA VAL C 152 43.46 -115.27 -79.43
C VAL C 152 42.04 -115.71 -79.72
N PRO C 153 41.77 -117.04 -79.62
CA PRO C 153 40.48 -117.63 -79.99
C PRO C 153 39.25 -117.14 -79.26
N GLU C 154 39.44 -116.66 -78.04
CA GLU C 154 38.35 -116.20 -77.22
C GLU C 154 37.88 -114.81 -77.64
N SER C 155 38.59 -114.15 -78.54
CA SER C 155 38.23 -112.79 -78.96
C SER C 155 37.44 -112.78 -80.25
N ASN C 156 36.76 -111.68 -80.54
CA ASN C 156 35.99 -111.53 -81.78
C ASN C 156 36.79 -110.89 -82.90
N GLY C 157 38.10 -110.77 -82.70
CA GLY C 157 39.02 -110.20 -83.68
C GLY C 157 38.90 -108.69 -83.81
N ARG C 158 38.18 -108.01 -82.92
CA ARG C 158 38.01 -106.56 -83.01
C ARG C 158 38.82 -105.95 -81.88
N VAL C 159 39.65 -104.95 -82.20
CA VAL C 159 40.53 -104.34 -81.21
C VAL C 159 40.30 -102.85 -81.01
N GLY C 160 40.35 -102.44 -79.74
CA GLY C 160 40.21 -101.05 -79.39
C GLY C 160 41.51 -100.69 -78.70
N MET C 161 42.08 -99.52 -79.00
CA MET C 161 43.31 -99.08 -78.35
C MET C 161 43.10 -97.87 -77.45
N THR C 162 43.77 -97.89 -76.30
CA THR C 162 43.67 -96.77 -75.36
C THR C 162 44.92 -96.66 -74.51
N GLY C 163 45.00 -95.57 -73.76
CA GLY C 163 46.15 -95.31 -72.91
C GLY C 163 46.37 -93.83 -72.65
N SER C 164 46.95 -93.53 -71.50
CA SER C 164 47.19 -92.16 -71.12
C SER C 164 48.69 -91.85 -71.10
N SER C 165 49.03 -90.59 -71.38
CA SER C 165 50.41 -90.11 -71.36
C SER C 165 51.24 -90.79 -72.44
N TYR C 166 52.26 -91.55 -72.09
CA TYR C 166 53.06 -92.25 -73.09
C TYR C 166 52.25 -93.38 -73.71
N GLU C 167 51.30 -93.92 -72.94
CA GLU C 167 50.38 -94.96 -73.41
C GLU C 167 49.41 -94.34 -74.43
N GLY C 168 49.22 -93.03 -74.37
CA GLY C 168 48.40 -92.33 -75.36
C GLY C 168 49.20 -92.04 -76.61
N PHE C 169 50.51 -91.80 -76.45
CA PHE C 169 51.42 -91.56 -77.56
C PHE C 169 51.49 -92.79 -78.46
N THR C 170 51.44 -93.98 -77.86
CA THR C 170 51.47 -95.21 -78.66
C THR C 170 50.18 -95.41 -79.45
N VAL C 171 49.07 -94.83 -79.00
CA VAL C 171 47.77 -94.92 -79.69
C VAL C 171 47.82 -93.98 -80.91
N VAL C 172 48.32 -92.78 -80.70
CA VAL C 172 48.43 -91.83 -81.79
C VAL C 172 49.37 -92.40 -82.86
N MET C 173 50.48 -93.02 -82.46
CA MET C 173 51.41 -93.65 -83.41
C MET C 173 50.74 -94.77 -84.21
N ALA C 174 49.85 -95.52 -83.58
CA ALA C 174 49.12 -96.57 -84.26
C ALA C 174 48.14 -95.97 -85.25
N LEU C 175 47.62 -94.78 -84.95
CA LEU C 175 46.67 -94.14 -85.87
C LEU C 175 47.29 -93.59 -87.15
N LEU C 176 48.62 -93.53 -87.26
CA LEU C 176 49.29 -93.05 -88.45
C LEU C 176 49.10 -94.02 -89.61
N ASP C 177 49.03 -95.32 -89.30
CA ASP C 177 48.78 -96.39 -90.26
C ASP C 177 48.22 -97.61 -89.53
N PRO C 178 46.93 -97.56 -89.15
CA PRO C 178 46.29 -98.60 -88.36
C PRO C 178 45.99 -99.92 -89.05
N HIS C 179 45.99 -100.99 -88.27
CA HIS C 179 45.67 -102.30 -88.78
C HIS C 179 44.17 -102.29 -88.98
N PRO C 180 43.65 -102.96 -90.02
CA PRO C 180 42.20 -103.01 -90.28
C PRO C 180 41.34 -103.57 -89.14
N ALA C 181 41.94 -104.30 -88.21
CA ALA C 181 41.23 -104.84 -87.07
C ALA C 181 41.12 -103.78 -85.95
N LEU C 182 41.84 -102.66 -86.08
CA LEU C 182 41.77 -101.59 -85.09
C LEU C 182 40.50 -100.76 -85.34
N LYS C 183 39.43 -101.04 -84.61
CA LYS C 183 38.13 -100.42 -84.88
C LYS C 183 37.85 -99.11 -84.17
N VAL C 184 38.57 -98.81 -83.10
CA VAL C 184 38.28 -97.59 -82.36
C VAL C 184 39.49 -97.23 -81.51
N ALA C 185 39.65 -95.94 -81.21
CA ALA C 185 40.80 -95.47 -80.45
C ALA C 185 40.43 -94.39 -79.45
N ALA C 186 41.13 -94.35 -78.32
CA ALA C 186 40.85 -93.36 -77.31
C ALA C 186 42.13 -92.86 -76.65
N PRO C 187 42.89 -91.97 -77.34
CA PRO C 187 44.12 -91.43 -76.75
C PRO C 187 43.76 -90.47 -75.61
N GLU C 188 44.38 -90.70 -74.46
CA GLU C 188 44.16 -89.93 -73.25
C GLU C 188 45.43 -89.14 -72.91
N SER C 189 45.26 -87.84 -72.72
CA SER C 189 46.35 -86.91 -72.44
C SER C 189 47.61 -87.38 -73.16
N PRO C 190 47.58 -87.48 -74.49
CA PRO C 190 48.76 -88.06 -75.14
C PRO C 190 49.92 -87.08 -75.26
N MET C 191 51.13 -87.61 -75.47
CA MET C 191 52.32 -86.81 -75.71
C MET C 191 52.31 -86.62 -77.23
N VAL C 192 52.08 -85.38 -77.68
CA VAL C 192 51.93 -85.06 -79.11
C VAL C 192 52.98 -84.10 -79.68
N ASP C 193 53.24 -83.01 -78.95
CA ASP C 193 54.29 -82.09 -79.32
C ASP C 193 54.98 -81.70 -78.01
N GLY C 194 56.10 -82.34 -77.74
CA GLY C 194 56.85 -82.08 -76.51
C GLY C 194 57.47 -80.71 -76.37
N TRP C 195 57.54 -79.97 -77.48
CA TRP C 195 58.16 -78.63 -77.48
C TRP C 195 57.16 -77.51 -77.30
N MET C 196 56.03 -77.59 -78.00
CA MET C 196 55.03 -76.56 -77.96
C MET C 196 54.32 -76.46 -76.62
N GLY C 197 53.92 -77.60 -76.07
CA GLY C 197 53.21 -77.54 -74.81
C GLY C 197 52.93 -78.81 -74.04
N ASP C 198 53.73 -79.85 -74.28
CA ASP C 198 53.54 -81.10 -73.57
C ASP C 198 54.60 -81.27 -72.48
N ASP C 199 55.41 -82.32 -72.51
CA ASP C 199 56.32 -82.62 -71.41
C ASP C 199 57.67 -81.93 -71.31
N TRP C 200 58.31 -81.63 -72.45
CA TRP C 200 59.67 -81.10 -72.37
C TRP C 200 59.75 -79.58 -72.31
N PHE C 201 58.96 -78.88 -73.12
CA PHE C 201 58.95 -77.42 -73.10
C PHE C 201 57.52 -76.92 -73.24
N HIS C 202 57.32 -75.66 -72.87
CA HIS C 202 56.05 -74.94 -73.05
C HIS C 202 56.46 -73.64 -73.74
N TYR C 203 56.23 -73.56 -75.05
CA TYR C 203 56.65 -72.39 -75.83
C TYR C 203 58.14 -72.10 -75.61
N GLY C 204 58.95 -73.15 -75.67
CA GLY C 204 60.39 -73.03 -75.52
C GLY C 204 60.98 -72.96 -74.12
N ALA C 205 60.11 -72.89 -73.13
CA ALA C 205 60.49 -72.84 -71.71
C ALA C 205 60.64 -74.26 -71.17
N PHE C 206 61.86 -74.67 -70.88
CA PHE C 206 62.18 -76.03 -70.40
C PHE C 206 61.67 -76.43 -69.01
N ARG C 207 61.05 -77.61 -68.94
CA ARG C 207 60.45 -78.18 -67.75
C ARG C 207 61.45 -79.13 -67.08
N GLN C 208 61.92 -78.70 -65.90
CA GLN C 208 63.00 -79.38 -65.17
C GLN C 208 62.69 -80.74 -64.52
N GLY C 209 61.42 -81.13 -64.51
CA GLY C 209 61.08 -82.44 -63.97
C GLY C 209 61.49 -83.58 -64.88
N ALA C 210 61.80 -83.23 -66.13
CA ALA C 210 62.21 -84.18 -67.14
C ALA C 210 63.45 -84.97 -66.77
N PHE C 211 64.35 -84.40 -65.98
CA PHE C 211 65.61 -85.07 -65.63
C PHE C 211 65.36 -86.35 -64.87
N ASP C 212 64.50 -86.28 -63.86
CA ASP C 212 64.11 -87.46 -63.11
C ASP C 212 63.46 -88.48 -64.04
N TYR C 213 62.60 -88.00 -64.93
CA TYR C 213 61.94 -88.92 -65.85
C TYR C 213 62.98 -89.67 -66.68
N PHE C 214 64.01 -88.98 -67.17
CA PHE C 214 65.04 -89.61 -68.03
C PHE C 214 65.82 -90.72 -67.33
N VAL C 215 66.35 -90.40 -66.16
CA VAL C 215 67.14 -91.35 -65.39
C VAL C 215 66.29 -92.55 -64.98
N SER C 216 65.01 -92.29 -64.73
CA SER C 216 64.06 -93.33 -64.32
C SER C 216 63.68 -94.31 -65.43
N GLN C 217 63.55 -93.81 -66.66
CA GLN C 217 63.14 -94.60 -67.82
C GLN C 217 64.25 -95.05 -68.78
N MET C 218 65.41 -94.40 -68.74
CA MET C 218 66.51 -94.76 -69.63
C MET C 218 67.82 -95.24 -69.00
N THR C 219 67.82 -95.52 -67.70
CA THR C 219 69.04 -96.02 -67.08
C THR C 219 69.23 -97.50 -67.42
N ALA C 220 68.11 -98.19 -67.58
CA ALA C 220 68.08 -99.63 -67.86
C ALA C 220 66.84 -100.02 -68.67
N ARG C 221 66.87 -101.24 -69.18
CA ARG C 221 65.74 -101.81 -69.91
C ARG C 221 64.51 -101.82 -69.02
N GLY C 222 64.72 -102.30 -67.79
CA GLY C 222 63.70 -102.39 -66.76
C GLY C 222 63.63 -101.15 -65.89
N GLY C 223 63.41 -101.35 -64.59
CA GLY C 223 63.28 -100.20 -63.70
C GLY C 223 64.57 -99.44 -63.48
N GLY C 224 64.44 -98.13 -63.24
CA GLY C 224 65.58 -97.27 -62.94
C GLY C 224 65.38 -96.58 -61.61
N ASN C 225 66.22 -95.59 -61.33
CA ASN C 225 66.10 -94.83 -60.07
C ASN C 225 66.00 -93.35 -60.35
N ASP C 226 65.65 -92.59 -59.32
CA ASP C 226 65.58 -91.13 -59.40
C ASP C 226 67.00 -90.63 -59.17
N ILE C 227 67.16 -89.34 -59.37
CA ILE C 227 68.46 -88.68 -59.18
C ILE C 227 68.55 -88.34 -57.70
N PRO C 228 69.63 -88.75 -57.02
CA PRO C 228 69.86 -88.43 -55.61
C PRO C 228 69.95 -86.94 -55.41
N ARG C 229 69.31 -86.42 -54.36
CA ARG C 229 69.29 -84.99 -54.09
C ARG C 229 70.02 -84.61 -52.81
N ARG C 230 70.51 -83.39 -52.81
CA ARG C 230 71.20 -82.78 -51.67
C ARG C 230 70.18 -82.27 -50.66
N ASP C 231 69.30 -81.39 -51.14
CA ASP C 231 68.28 -80.76 -50.30
C ASP C 231 66.92 -81.38 -50.53
N ALA C 232 66.05 -81.28 -49.54
CA ALA C 232 64.66 -81.77 -49.65
C ALA C 232 63.84 -80.90 -50.63
N ASP C 233 64.24 -79.66 -50.81
CA ASP C 233 63.55 -78.69 -51.66
C ASP C 233 64.28 -78.54 -52.98
N ASP C 234 63.55 -78.85 -54.03
CA ASP C 234 64.04 -78.69 -55.41
C ASP C 234 64.25 -77.21 -55.82
N TYR C 235 63.56 -76.28 -55.19
CA TYR C 235 63.78 -74.85 -55.46
C TYR C 235 65.23 -74.57 -55.09
N THR C 236 65.67 -75.12 -53.95
CA THR C 236 67.07 -74.97 -53.53
C THR C 236 68.04 -75.73 -54.45
N ASN C 237 67.75 -76.99 -54.71
CA ASN C 237 68.62 -77.83 -55.53
C ASN C 237 68.96 -77.26 -56.90
N PHE C 238 67.93 -76.86 -57.63
CA PHE C 238 68.08 -76.26 -58.95
C PHE C 238 68.62 -74.83 -58.95
N LEU C 239 68.35 -74.07 -57.89
CA LEU C 239 68.87 -72.71 -57.80
C LEU C 239 70.37 -72.77 -57.50
N LYS C 240 70.80 -73.69 -56.64
CA LYS C 240 72.22 -73.82 -56.31
C LYS C 240 73.03 -74.43 -57.43
N ALA C 241 72.39 -75.20 -58.32
CA ALA C 241 73.10 -75.79 -59.46
C ALA C 241 73.29 -74.74 -60.56
N GLY C 242 72.39 -73.76 -60.63
CA GLY C 242 72.45 -72.69 -61.62
C GLY C 242 71.50 -72.94 -62.79
N SER C 243 72.06 -73.28 -63.95
CA SER C 243 71.29 -73.59 -65.13
C SER C 243 70.78 -75.02 -65.13
N ALA C 244 69.91 -75.36 -66.08
CA ALA C 244 69.37 -76.71 -66.20
C ALA C 244 70.47 -77.67 -66.68
N GLY C 245 71.34 -77.20 -67.59
CA GLY C 245 72.46 -78.02 -68.06
C GLY C 245 73.45 -78.35 -66.95
N SER C 246 73.66 -77.40 -66.05
CA SER C 246 74.58 -77.59 -64.95
C SER C 246 74.07 -78.69 -63.97
N PHE C 247 72.77 -78.69 -63.73
CA PHE C 247 72.16 -79.71 -62.90
C PHE C 247 72.28 -81.08 -63.59
N ALA C 248 72.06 -81.07 -64.91
CA ALA C 248 72.16 -82.28 -65.71
C ALA C 248 73.54 -82.90 -65.64
N THR C 249 74.55 -82.06 -65.83
CA THR C 249 75.94 -82.51 -65.78
C THR C 249 76.30 -83.07 -64.41
N GLN C 250 75.80 -82.43 -63.36
CA GLN C 250 76.05 -82.88 -62.00
C GLN C 250 75.39 -84.20 -61.66
N ALA C 251 74.25 -84.47 -62.32
CA ALA C 251 73.47 -85.68 -62.17
C ALA C 251 73.93 -86.81 -63.08
N GLY C 252 74.90 -86.57 -63.95
CA GLY C 252 75.43 -87.59 -64.88
C GLY C 252 74.64 -87.79 -66.16
N LEU C 253 73.73 -86.88 -66.46
CA LEU C 253 72.92 -86.98 -67.66
C LEU C 253 73.64 -86.78 -68.97
N ASP C 254 74.86 -86.26 -68.93
CA ASP C 254 75.60 -86.05 -70.17
C ASP C 254 75.91 -87.34 -70.93
N GLN C 255 75.79 -88.50 -70.29
CA GLN C 255 76.01 -89.80 -70.92
C GLN C 255 74.73 -90.46 -71.44
N TYR C 256 73.61 -89.74 -71.40
CA TYR C 256 72.32 -90.22 -71.89
C TYR C 256 71.99 -89.63 -73.28
N PRO C 257 72.00 -90.48 -74.32
CA PRO C 257 71.76 -90.00 -75.68
C PRO C 257 70.59 -89.05 -75.91
N PHE C 258 69.44 -89.31 -75.31
CA PHE C 258 68.29 -88.42 -75.48
C PHE C 258 68.50 -87.01 -74.93
N TRP C 259 69.23 -86.90 -73.82
CA TRP C 259 69.53 -85.59 -73.27
C TRP C 259 70.51 -84.82 -74.16
N GLN C 260 71.44 -85.55 -74.79
CA GLN C 260 72.41 -84.99 -75.71
C GLN C 260 71.65 -84.34 -76.86
N ARG C 261 70.66 -85.03 -77.42
CA ARG C 261 69.86 -84.47 -78.52
C ARG C 261 69.01 -83.27 -78.06
N MET C 262 68.35 -83.37 -76.94
CA MET C 262 67.53 -82.26 -76.45
C MET C 262 68.36 -81.02 -76.14
N HIS C 263 69.55 -81.24 -75.63
CA HIS C 263 70.48 -80.18 -75.28
C HIS C 263 70.94 -79.46 -76.54
N ALA C 264 71.09 -80.18 -77.64
CA ALA C 264 71.54 -79.60 -78.89
C ALA C 264 70.39 -78.92 -79.64
N HIS C 265 69.15 -79.18 -79.26
CA HIS C 265 67.98 -78.64 -79.95
C HIS C 265 67.06 -77.87 -79.00
N PRO C 266 67.53 -76.76 -78.47
CA PRO C 266 66.64 -75.99 -77.61
C PRO C 266 65.49 -75.30 -78.32
N ALA C 267 65.64 -75.02 -79.62
CA ALA C 267 64.61 -74.34 -80.41
C ALA C 267 63.77 -75.30 -81.23
N TYR C 268 62.62 -74.82 -81.71
CA TYR C 268 61.71 -75.64 -82.49
C TYR C 268 62.16 -75.81 -83.93
N ASP C 269 63.27 -76.52 -84.09
CA ASP C 269 63.89 -76.81 -85.37
C ASP C 269 63.36 -78.14 -85.91
N ALA C 270 63.94 -78.60 -87.02
CA ALA C 270 63.58 -79.85 -87.67
C ALA C 270 63.42 -81.04 -86.71
N PHE C 271 64.22 -81.08 -85.65
CA PHE C 271 64.14 -82.16 -84.67
C PHE C 271 62.76 -82.23 -84.00
N TRP C 272 62.25 -81.09 -83.56
CA TRP C 272 60.95 -81.05 -82.89
C TRP C 272 59.78 -81.00 -83.88
N GLN C 273 59.96 -80.32 -84.99
CA GLN C 273 58.91 -80.24 -86.01
C GLN C 273 58.58 -81.62 -86.57
N GLY C 274 59.59 -82.47 -86.73
CA GLY C 274 59.39 -83.80 -87.25
C GLY C 274 58.78 -84.81 -86.28
N GLN C 275 58.52 -84.35 -85.06
CA GLN C 275 57.88 -85.16 -84.03
C GLN C 275 56.62 -84.43 -83.56
N ALA C 276 56.09 -83.48 -84.32
CA ALA C 276 54.84 -82.80 -83.92
C ALA C 276 53.75 -83.67 -84.53
N LEU C 277 53.24 -84.61 -83.74
CA LEU C 277 52.30 -85.61 -84.20
C LEU C 277 50.93 -85.11 -84.63
N ASP C 278 50.50 -83.96 -84.12
CA ASP C 278 49.22 -83.40 -84.52
C ASP C 278 49.23 -83.13 -86.03
N LYS C 279 50.28 -82.46 -86.51
CA LYS C 279 50.45 -82.08 -87.91
C LYS C 279 50.54 -83.34 -88.77
N ILE C 280 51.36 -84.30 -88.34
CA ILE C 280 51.56 -85.51 -89.12
C ILE C 280 50.28 -86.35 -89.22
N LEU C 281 49.54 -86.43 -88.12
CA LEU C 281 48.29 -87.20 -88.08
C LEU C 281 47.19 -86.58 -88.93
N ALA C 282 47.19 -85.25 -89.02
CA ALA C 282 46.25 -84.53 -89.88
C ALA C 282 46.51 -84.89 -91.34
N GLN C 283 47.79 -85.01 -91.73
CA GLN C 283 48.19 -85.33 -93.09
C GLN C 283 47.81 -86.76 -93.49
N ARG C 284 47.77 -87.64 -92.49
CA ARG C 284 47.41 -89.04 -92.69
C ARG C 284 45.91 -89.32 -92.66
N LYS C 285 45.13 -88.40 -92.09
CA LYS C 285 43.67 -88.49 -92.07
C LYS C 285 43.16 -89.91 -91.83
N PRO C 286 43.27 -90.41 -90.59
CA PRO C 286 42.81 -91.76 -90.29
C PRO C 286 41.29 -91.84 -90.33
N THR C 287 40.73 -93.02 -90.62
CA THR C 287 39.28 -93.19 -90.64
C THR C 287 38.76 -93.98 -89.41
N VAL C 288 39.63 -94.18 -88.43
CA VAL C 288 39.24 -94.90 -87.20
C VAL C 288 38.51 -93.93 -86.30
N PRO C 289 37.31 -94.30 -85.79
CA PRO C 289 36.63 -93.45 -84.82
C PRO C 289 37.52 -93.17 -83.61
N MET C 290 37.62 -91.89 -83.27
CA MET C 290 38.49 -91.44 -82.19
C MET C 290 37.80 -90.63 -81.14
N LEU C 291 38.24 -90.85 -79.91
CA LEU C 291 37.75 -90.15 -78.74
C LEU C 291 39.03 -89.56 -78.11
N TRP C 292 39.20 -88.25 -78.21
CA TRP C 292 40.39 -87.58 -77.69
C TRP C 292 40.03 -87.07 -76.33
N GLU C 293 40.89 -87.32 -75.34
CA GLU C 293 40.66 -86.90 -73.98
C GLU C 293 41.85 -86.23 -73.31
N GLN C 294 41.53 -85.26 -72.47
CA GLN C 294 42.57 -84.61 -71.67
C GLN C 294 41.84 -83.90 -70.55
N GLY C 295 42.56 -83.59 -69.47
CA GLY C 295 41.97 -82.90 -68.34
C GLY C 295 42.07 -81.40 -68.53
N LEU C 296 41.11 -80.66 -67.99
CA LEU C 296 41.14 -79.20 -68.05
C LEU C 296 42.32 -78.67 -67.25
N TRP C 297 42.76 -79.45 -66.27
CA TRP C 297 43.95 -79.11 -65.48
C TRP C 297 45.08 -80.13 -65.64
N ASP C 298 45.35 -80.52 -66.89
CA ASP C 298 46.39 -81.49 -67.22
C ASP C 298 47.74 -80.78 -67.06
N GLN C 299 48.42 -81.10 -65.96
CA GLN C 299 49.71 -80.50 -65.65
C GLN C 299 50.93 -81.09 -66.37
N GLU C 300 50.74 -82.07 -67.24
CA GLU C 300 51.84 -82.69 -68.00
C GLU C 300 51.73 -82.68 -69.53
N ASP C 301 50.53 -82.86 -70.09
CA ASP C 301 50.30 -82.89 -71.54
C ASP C 301 49.05 -82.11 -71.93
N MET C 302 49.10 -80.78 -71.71
CA MET C 302 47.99 -79.89 -71.96
C MET C 302 47.73 -79.60 -73.44
N TRP C 303 48.77 -79.69 -74.26
CA TRP C 303 48.70 -79.40 -75.69
C TRP C 303 48.11 -80.52 -76.54
N GLY C 304 48.59 -81.73 -76.28
CA GLY C 304 48.22 -82.90 -77.06
C GLY C 304 46.84 -83.09 -77.67
N ALA C 305 45.94 -83.62 -76.85
CA ALA C 305 44.60 -84.01 -77.27
C ALA C 305 43.82 -82.94 -78.01
N ILE C 306 43.81 -81.73 -77.47
CA ILE C 306 43.05 -80.67 -78.10
C ILE C 306 43.63 -80.24 -79.45
N HIS C 307 44.95 -80.16 -79.57
CA HIS C 307 45.56 -79.79 -80.85
C HIS C 307 45.50 -80.87 -81.92
N ALA C 308 45.52 -82.11 -81.49
CA ALA C 308 45.44 -83.24 -82.39
C ALA C 308 44.03 -83.32 -82.93
N TRP C 309 43.08 -83.14 -82.03
CA TRP C 309 41.67 -83.16 -82.36
C TRP C 309 41.27 -82.00 -83.27
N GLN C 310 41.81 -80.81 -83.01
CA GLN C 310 41.54 -79.64 -83.83
C GLN C 310 42.18 -79.74 -85.21
N ALA C 311 43.32 -80.39 -85.31
CA ALA C 311 44.00 -80.57 -86.60
C ALA C 311 43.22 -81.55 -87.45
N LEU C 312 42.69 -82.59 -86.82
CA LEU C 312 41.89 -83.58 -87.54
C LEU C 312 40.58 -83.00 -88.00
N LYS C 313 39.99 -82.14 -87.15
CA LYS C 313 38.73 -81.49 -87.47
C LYS C 313 38.93 -80.54 -88.65
N ASP C 314 40.02 -79.78 -88.67
CA ASP C 314 40.31 -78.82 -89.74
C ASP C 314 40.67 -79.54 -91.05
N ALA C 315 41.24 -80.74 -90.93
CA ALA C 315 41.60 -81.55 -92.09
C ALA C 315 40.41 -82.37 -92.58
N ASP C 316 39.25 -82.10 -91.98
CA ASP C 316 37.97 -82.74 -92.33
C ASP C 316 38.11 -84.25 -92.33
N VAL C 317 38.45 -84.78 -91.16
CA VAL C 317 38.60 -86.21 -91.00
C VAL C 317 37.24 -86.88 -91.22
N LYS C 318 37.27 -88.01 -91.93
CA LYS C 318 36.06 -88.75 -92.25
C LYS C 318 35.86 -89.88 -91.25
N ALA C 319 35.63 -89.49 -90.00
CA ALA C 319 35.42 -90.45 -88.91
C ALA C 319 35.00 -89.70 -87.66
N PRO C 320 34.22 -90.36 -86.79
CA PRO C 320 33.87 -89.71 -85.52
C PRO C 320 35.16 -89.27 -84.83
N ASN C 321 35.17 -88.02 -84.41
CA ASN C 321 36.34 -87.38 -83.83
C ASN C 321 35.75 -86.46 -82.77
N THR C 322 35.70 -86.91 -81.52
CA THR C 322 35.12 -86.14 -80.41
C THR C 322 36.18 -85.85 -79.35
N LEU C 323 36.10 -84.66 -78.78
CA LEU C 323 37.03 -84.22 -77.75
C LEU C 323 36.30 -84.29 -76.44
N VAL C 324 36.98 -84.80 -75.42
CA VAL C 324 36.42 -84.85 -74.07
C VAL C 324 37.39 -84.20 -73.09
N MET C 325 36.89 -83.26 -72.29
CA MET C 325 37.72 -82.58 -71.31
C MET C 325 36.98 -82.46 -69.98
N GLY C 326 37.52 -83.14 -68.97
CA GLY C 326 36.92 -83.19 -67.66
C GLY C 326 37.70 -82.35 -66.67
N PRO C 327 37.20 -82.25 -65.43
CA PRO C 327 37.84 -81.47 -64.38
C PRO C 327 38.87 -82.39 -63.72
N TRP C 328 39.90 -82.76 -64.46
CA TRP C 328 40.90 -83.70 -64.01
C TRP C 328 42.32 -83.22 -64.22
N ARG C 329 43.23 -83.87 -63.48
CA ARG C 329 44.67 -83.67 -63.61
C ARG C 329 45.14 -84.70 -64.61
N HIS C 330 46.43 -84.69 -64.92
CA HIS C 330 46.94 -85.61 -65.92
C HIS C 330 46.58 -87.05 -65.59
N SER C 331 45.94 -87.73 -66.53
CA SER C 331 45.53 -89.13 -66.36
C SER C 331 44.47 -89.30 -65.30
N GLY C 332 43.87 -88.19 -64.90
CA GLY C 332 42.82 -88.20 -63.89
C GLY C 332 41.62 -89.00 -64.33
N VAL C 333 41.40 -89.09 -65.64
CA VAL C 333 40.31 -89.85 -66.21
C VAL C 333 40.29 -91.33 -65.79
N ASN C 334 41.44 -91.91 -65.46
CA ASN C 334 41.50 -93.31 -65.09
C ASN C 334 41.32 -93.60 -63.59
N TYR C 335 41.01 -92.57 -62.80
CA TYR C 335 40.86 -92.68 -61.36
C TYR C 335 39.55 -92.03 -60.89
N ASN C 336 39.50 -91.41 -59.72
CA ASN C 336 38.28 -90.80 -59.20
C ASN C 336 38.31 -89.30 -59.47
N GLY C 337 37.28 -88.77 -60.12
CA GLY C 337 37.23 -87.35 -60.50
C GLY C 337 36.22 -86.55 -59.70
N SER C 338 36.11 -86.90 -58.43
CA SER C 338 35.17 -86.24 -57.55
C SER C 338 35.76 -84.96 -57.00
N THR C 339 37.09 -84.89 -56.98
CA THR C 339 37.86 -83.79 -56.42
C THR C 339 39.18 -83.55 -57.13
N LEU C 340 39.74 -82.38 -56.90
CA LEU C 340 41.07 -82.03 -57.41
C LEU C 340 41.57 -80.97 -56.45
N GLY C 341 42.59 -81.33 -55.67
CA GLY C 341 43.13 -80.42 -54.66
C GLY C 341 41.96 -80.15 -53.74
N PRO C 342 41.66 -78.88 -53.46
CA PRO C 342 40.52 -78.56 -52.59
C PRO C 342 39.17 -78.44 -53.30
N LEU C 343 39.17 -78.51 -54.64
CA LEU C 343 37.94 -78.41 -55.41
C LEU C 343 37.09 -79.68 -55.35
N GLU C 344 35.77 -79.50 -55.44
CA GLU C 344 34.80 -80.58 -55.39
C GLU C 344 33.89 -80.47 -56.60
N PHE C 345 33.70 -81.59 -57.28
CA PHE C 345 32.89 -81.63 -58.50
C PHE C 345 31.61 -82.44 -58.28
N GLU C 346 30.73 -82.49 -59.28
CA GLU C 346 29.50 -83.23 -59.11
C GLU C 346 29.61 -84.72 -59.39
N GLY C 347 30.05 -85.45 -58.36
CA GLY C 347 30.25 -86.88 -58.39
C GLY C 347 31.56 -87.24 -59.05
N ASP C 348 31.77 -88.54 -59.23
CA ASP C 348 32.99 -89.07 -59.82
C ASP C 348 32.90 -88.86 -61.32
N THR C 349 33.28 -87.68 -61.76
CA THR C 349 33.22 -87.31 -63.18
C THR C 349 33.99 -88.25 -64.09
N ALA C 350 35.06 -88.84 -63.58
CA ALA C 350 35.86 -89.77 -64.36
C ALA C 350 35.09 -91.07 -64.57
N HIS C 351 34.43 -91.56 -63.53
CA HIS C 351 33.64 -92.77 -63.70
C HIS C 351 32.45 -92.49 -64.64
N GLN C 352 31.86 -91.31 -64.50
CA GLN C 352 30.74 -90.87 -65.36
C GLN C 352 31.11 -90.90 -66.82
N TYR C 353 32.28 -90.39 -67.15
CA TYR C 353 32.74 -90.41 -68.53
C TYR C 353 32.96 -91.83 -69.01
N ARG C 354 33.67 -92.60 -68.19
CA ARG C 354 33.98 -93.99 -68.54
C ARG C 354 32.76 -94.85 -68.80
N ARG C 355 31.73 -94.65 -68.00
CA ARG C 355 30.52 -95.44 -68.10
C ARG C 355 29.52 -94.95 -69.14
N ASP C 356 29.41 -93.64 -69.30
CA ASP C 356 28.41 -93.07 -70.21
C ASP C 356 28.85 -92.68 -71.62
N VAL C 357 30.14 -92.55 -71.84
CA VAL C 357 30.68 -92.18 -73.15
C VAL C 357 31.72 -93.16 -73.66
N PHE C 358 32.79 -93.33 -72.92
CA PHE C 358 33.90 -94.19 -73.33
C PHE C 358 33.39 -95.61 -73.69
N ARG C 359 32.79 -96.29 -72.71
CA ARG C 359 32.29 -97.66 -72.87
C ARG C 359 31.27 -97.88 -73.99
N PRO C 360 30.16 -97.11 -74.00
CA PRO C 360 29.24 -97.20 -75.13
C PRO C 360 29.82 -96.88 -76.51
N PHE C 361 30.71 -95.90 -76.62
CA PHE C 361 31.40 -95.59 -77.88
C PHE C 361 32.25 -96.79 -78.30
N PHE C 362 32.98 -97.37 -77.37
CA PHE C 362 33.80 -98.55 -77.69
C PHE C 362 32.95 -99.75 -78.12
N ASP C 363 31.87 -99.98 -77.37
CA ASP C 363 30.95 -101.08 -77.67
C ASP C 363 30.32 -100.97 -79.07
N GLU C 364 30.04 -99.75 -79.48
CA GLU C 364 29.47 -99.54 -80.81
C GLU C 364 30.31 -100.21 -81.89
N TYR C 365 31.63 -100.04 -81.83
CA TYR C 365 32.53 -100.55 -82.86
C TYR C 365 33.22 -101.86 -82.49
N LEU C 366 33.09 -102.33 -81.26
CA LEU C 366 33.76 -103.55 -80.83
C LEU C 366 32.85 -104.72 -80.48
N LYS C 367 31.58 -104.41 -80.28
CA LYS C 367 30.59 -105.42 -80.02
C LYS C 367 29.47 -105.27 -81.03
N PRO C 368 29.57 -105.96 -82.19
CA PRO C 368 28.53 -105.92 -83.21
C PRO C 368 27.15 -106.15 -82.60
N GLY C 369 26.21 -105.33 -82.99
CA GLY C 369 24.84 -105.38 -82.49
C GLY C 369 24.57 -104.35 -81.41
N SER C 370 25.63 -103.71 -80.90
CA SER C 370 25.48 -102.70 -79.86
C SER C 370 24.81 -101.42 -80.36
N ALA C 371 24.09 -100.75 -79.46
CA ALA C 371 23.42 -99.50 -79.83
C ALA C 371 24.42 -98.45 -80.33
N SER C 372 24.01 -97.68 -81.33
CA SER C 372 24.89 -96.65 -81.89
C SER C 372 24.84 -95.42 -80.99
N VAL C 373 25.95 -94.69 -80.95
CA VAL C 373 26.03 -93.46 -80.17
C VAL C 373 26.38 -92.34 -81.14
N HIS C 374 25.76 -91.18 -80.95
CA HIS C 374 26.02 -90.04 -81.81
C HIS C 374 26.60 -88.93 -80.94
N LEU C 375 27.92 -88.93 -80.83
CA LEU C 375 28.63 -87.98 -80.00
C LEU C 375 28.82 -86.66 -80.73
N PRO C 376 28.76 -85.55 -79.97
CA PRO C 376 28.92 -84.21 -80.54
C PRO C 376 30.41 -83.92 -80.72
N ASP C 377 30.75 -82.75 -81.25
CA ASP C 377 32.15 -82.33 -81.43
C ASP C 377 32.95 -82.36 -80.13
N ALA C 378 32.31 -81.93 -79.04
CA ALA C 378 33.00 -81.92 -77.76
C ALA C 378 32.07 -82.08 -76.58
N ILE C 379 32.53 -82.83 -75.58
CA ILE C 379 31.85 -83.07 -74.31
C ILE C 379 32.79 -82.48 -73.26
N ILE C 380 32.41 -81.36 -72.68
CA ILE C 380 33.27 -80.66 -71.75
C ILE C 380 32.63 -80.30 -70.42
N TYR C 381 33.27 -80.69 -69.32
CA TYR C 381 32.75 -80.39 -68.02
C TYR C 381 32.86 -78.87 -67.86
N ASN C 382 31.84 -78.28 -67.24
CA ASN C 382 31.76 -76.85 -66.95
C ASN C 382 32.16 -76.63 -65.51
N THR C 383 33.33 -76.04 -65.34
CA THR C 383 33.86 -75.79 -63.99
C THR C 383 33.15 -74.67 -63.22
N GLY C 384 32.12 -74.08 -63.83
CA GLY C 384 31.30 -73.06 -63.18
C GLY C 384 29.91 -73.58 -62.86
N ASP C 385 29.24 -74.19 -63.83
CA ASP C 385 27.91 -74.74 -63.62
C ASP C 385 27.93 -76.12 -62.94
N GLN C 386 29.10 -76.77 -62.96
CA GLN C 386 29.27 -78.09 -62.36
C GLN C 386 28.36 -79.12 -63.01
N LYS C 387 28.54 -79.24 -64.32
CA LYS C 387 27.79 -80.17 -65.14
C LYS C 387 28.49 -80.39 -66.49
N TRP C 388 28.13 -81.48 -67.14
CA TRP C 388 28.69 -81.78 -68.44
C TRP C 388 27.92 -81.03 -69.51
N ASP C 389 28.65 -80.40 -70.44
CA ASP C 389 28.09 -79.69 -71.58
C ASP C 389 28.39 -80.50 -72.83
N TYR C 390 27.36 -80.73 -73.64
CA TYR C 390 27.50 -81.43 -74.92
C TYR C 390 27.46 -80.38 -76.02
N TYR C 391 28.59 -80.12 -76.67
CA TYR C 391 28.65 -79.12 -77.74
C TYR C 391 28.70 -79.70 -79.14
N ARG C 392 27.57 -79.60 -79.83
CA ARG C 392 27.41 -80.09 -81.19
C ARG C 392 28.54 -79.56 -82.09
N SER C 393 28.79 -78.27 -82.00
CA SER C 393 29.88 -77.59 -82.72
C SER C 393 30.71 -76.88 -81.66
N TRP C 394 32.02 -77.10 -81.68
CA TRP C 394 32.86 -76.48 -80.67
C TRP C 394 34.27 -76.25 -81.19
N PRO C 395 34.88 -75.11 -80.88
CA PRO C 395 34.33 -74.02 -80.09
C PRO C 395 33.40 -73.22 -80.99
N SER C 396 32.59 -72.34 -80.40
CA SER C 396 31.67 -71.47 -81.17
C SER C 396 32.34 -70.12 -81.42
N VAL C 397 33.35 -69.80 -80.63
CA VAL C 397 34.09 -68.54 -80.79
C VAL C 397 35.60 -68.79 -80.84
N CYS C 398 36.29 -68.06 -81.70
CA CYS C 398 37.75 -68.18 -81.78
C CYS C 398 38.26 -67.02 -82.64
N GLU C 399 39.57 -66.93 -82.85
CA GLU C 399 40.14 -65.84 -83.62
C GLU C 399 39.73 -65.75 -85.09
N SER C 400 39.53 -66.89 -85.75
CA SER C 400 39.12 -66.88 -87.16
C SER C 400 38.41 -68.19 -87.51
N ASN C 401 37.48 -68.09 -88.46
CA ASN C 401 36.67 -69.21 -88.96
C ASN C 401 35.74 -69.85 -87.93
N CYS C 402 35.12 -69.01 -87.11
CA CYS C 402 34.12 -69.45 -86.15
C CYS C 402 32.87 -68.60 -86.29
N THR C 403 31.80 -69.07 -85.66
CA THR C 403 30.52 -68.38 -85.64
C THR C 403 30.72 -67.00 -85.06
N GLY C 404 31.60 -66.90 -84.06
CA GLY C 404 31.89 -65.63 -83.41
C GLY C 404 33.36 -65.42 -83.09
N GLY C 405 33.66 -64.22 -82.60
CA GLY C 405 35.03 -63.87 -82.26
C GLY C 405 35.19 -63.71 -80.76
N LEU C 406 36.44 -63.58 -80.35
CA LEU C 406 36.84 -63.42 -78.96
C LEU C 406 36.53 -62.02 -78.48
N THR C 407 36.29 -61.90 -77.17
CA THR C 407 36.00 -60.64 -76.51
C THR C 407 37.20 -60.29 -75.61
N PRO C 408 37.88 -59.15 -75.91
CA PRO C 408 39.00 -58.71 -75.10
C PRO C 408 38.69 -58.15 -73.72
N LEU C 409 39.41 -58.68 -72.73
CA LEU C 409 39.30 -58.22 -71.36
C LEU C 409 40.62 -57.47 -71.24
N TYR C 410 40.52 -56.14 -71.26
CA TYR C 410 41.69 -55.27 -71.20
C TYR C 410 42.21 -54.92 -69.82
N LEU C 411 43.54 -54.87 -69.72
CA LEU C 411 44.19 -54.40 -68.50
C LEU C 411 43.90 -52.90 -68.42
N ALA C 412 43.74 -52.38 -67.21
CA ALA C 412 43.45 -50.96 -67.02
C ALA C 412 44.17 -50.38 -65.82
N ASP C 413 44.02 -49.05 -65.68
CA ASP C 413 44.56 -48.30 -64.57
C ASP C 413 43.99 -48.78 -63.25
N GLY C 414 44.75 -48.56 -62.19
CA GLY C 414 44.35 -49.00 -60.87
C GLY C 414 44.34 -50.52 -60.83
N HIS C 415 45.16 -51.17 -61.65
CA HIS C 415 45.22 -52.64 -61.64
C HIS C 415 43.86 -53.30 -61.85
N GLY C 416 43.12 -52.73 -62.79
CA GLY C 416 41.77 -53.18 -63.07
C GLY C 416 41.73 -53.90 -64.40
N LEU C 417 40.57 -54.48 -64.66
CA LEU C 417 40.29 -55.21 -65.90
C LEU C 417 38.93 -54.69 -66.36
N SER C 418 38.79 -54.43 -67.65
CA SER C 418 37.53 -53.92 -68.19
C SER C 418 37.33 -54.39 -69.61
N PHE C 419 36.08 -54.60 -70.00
CA PHE C 419 35.76 -55.00 -71.37
C PHE C 419 35.84 -53.80 -72.32
N THR C 420 35.86 -52.60 -71.75
CA THR C 420 35.95 -51.34 -72.49
C THR C 420 37.41 -50.97 -72.74
N HIS C 421 37.77 -50.77 -74.01
CA HIS C 421 39.12 -50.43 -74.38
C HIS C 421 39.54 -49.10 -73.73
N PRO C 422 40.56 -49.12 -72.85
CA PRO C 422 41.01 -47.84 -72.29
C PRO C 422 41.71 -47.00 -73.36
N ALA C 423 41.23 -45.78 -73.58
CA ALA C 423 41.77 -44.90 -74.61
C ALA C 423 43.19 -44.41 -74.30
N ALA C 424 43.46 -44.07 -73.06
CA ALA C 424 44.76 -43.56 -72.66
C ALA C 424 45.83 -44.63 -72.42
N ASP C 425 47.06 -44.33 -72.82
CA ASP C 425 48.18 -45.24 -72.64
C ASP C 425 48.64 -45.23 -71.19
N GLY C 426 49.23 -46.35 -70.79
CA GLY C 426 49.73 -46.54 -69.44
C GLY C 426 50.57 -47.79 -69.35
N ALA C 427 51.26 -47.94 -68.21
CA ALA C 427 52.11 -49.10 -68.00
C ALA C 427 52.43 -49.31 -66.51
N ASP C 428 52.51 -50.57 -66.10
CA ASP C 428 52.84 -50.95 -64.73
C ASP C 428 54.14 -51.73 -64.83
N SER C 429 55.02 -51.53 -63.86
CA SER C 429 56.33 -52.18 -63.83
C SER C 429 56.50 -53.10 -62.63
N TYR C 430 57.40 -54.05 -62.81
CA TYR C 430 57.76 -55.00 -61.76
C TYR C 430 59.17 -55.47 -62.08
N VAL C 431 59.96 -55.68 -61.04
CA VAL C 431 61.35 -56.12 -61.22
C VAL C 431 61.37 -57.63 -61.12
N SER C 432 62.05 -58.26 -62.07
CA SER C 432 62.22 -59.72 -62.11
C SER C 432 63.68 -60.03 -61.79
N ASP C 433 63.94 -60.70 -60.67
CA ASP C 433 65.28 -61.06 -60.23
C ASP C 433 65.50 -62.57 -60.23
N PRO C 434 66.33 -63.07 -61.17
CA PRO C 434 66.56 -64.50 -61.26
C PRO C 434 67.14 -65.16 -60.01
N ALA C 435 67.65 -64.37 -59.07
CA ALA C 435 68.17 -64.93 -57.83
C ALA C 435 67.03 -65.23 -56.85
N HIS C 436 65.85 -64.69 -57.13
CA HIS C 436 64.67 -64.89 -56.30
C HIS C 436 63.47 -65.18 -57.18
N PRO C 437 63.50 -66.32 -57.89
CA PRO C 437 62.40 -66.61 -58.80
C PRO C 437 61.12 -66.90 -58.03
N VAL C 438 60.00 -66.71 -58.68
CA VAL C 438 58.68 -66.94 -58.08
C VAL C 438 58.42 -68.45 -58.07
N PRO C 439 58.14 -69.01 -56.88
CA PRO C 439 57.86 -70.44 -56.82
C PRO C 439 56.53 -70.76 -57.51
N PHE C 440 56.51 -71.83 -58.30
CA PHE C 440 55.33 -72.22 -59.04
C PHE C 440 54.27 -72.70 -58.06
N ILE C 441 54.70 -73.31 -56.96
CA ILE C 441 53.83 -73.70 -55.85
C ILE C 441 54.64 -73.45 -54.59
N SER C 442 53.97 -73.34 -53.45
CA SER C 442 54.62 -73.04 -52.18
C SER C 442 55.81 -73.94 -51.86
N ARG C 443 56.87 -73.37 -51.29
CA ARG C 443 58.07 -74.11 -50.91
C ARG C 443 57.77 -74.85 -49.62
N PRO C 444 58.43 -75.98 -49.35
CA PRO C 444 59.41 -76.64 -50.18
C PRO C 444 58.72 -77.59 -51.16
N PHE C 445 59.32 -77.81 -52.31
CA PHE C 445 58.74 -78.74 -53.26
C PHE C 445 59.84 -79.53 -53.91
N ALA C 446 59.59 -80.83 -54.07
CA ALA C 446 60.49 -81.73 -54.78
C ALA C 446 59.66 -82.39 -55.86
N PHE C 447 60.24 -82.63 -57.03
CA PHE C 447 59.52 -83.33 -58.11
C PHE C 447 59.02 -84.73 -57.71
N ALA C 448 59.62 -85.33 -56.69
CA ALA C 448 59.23 -86.65 -56.18
C ALA C 448 57.89 -86.65 -55.48
N GLN C 449 57.47 -85.49 -54.99
CA GLN C 449 56.21 -85.33 -54.29
C GLN C 449 55.02 -85.32 -55.24
N SER C 450 54.58 -86.51 -55.62
CA SER C 450 53.46 -86.69 -56.53
C SER C 450 52.16 -86.09 -56.02
N SER C 451 51.93 -86.14 -54.71
CA SER C 451 50.71 -85.58 -54.10
C SER C 451 50.62 -84.07 -54.24
N ARG C 452 51.76 -83.42 -54.40
CA ARG C 452 51.76 -81.97 -54.57
C ARG C 452 51.86 -81.53 -56.03
N TRP C 453 52.38 -82.41 -56.87
CA TRP C 453 52.52 -82.16 -58.31
C TRP C 453 51.22 -82.32 -59.07
N LYS C 454 50.50 -83.40 -58.81
CA LYS C 454 49.25 -83.68 -59.51
C LYS C 454 48.24 -82.53 -59.58
N PRO C 455 47.86 -81.95 -58.44
CA PRO C 455 46.91 -80.85 -58.44
C PRO C 455 47.54 -79.46 -58.39
N TRP C 456 48.73 -79.29 -58.95
CA TRP C 456 49.33 -77.97 -58.83
C TRP C 456 48.62 -76.82 -59.53
N LEU C 457 47.99 -77.12 -60.67
CA LEU C 457 47.31 -76.13 -61.48
C LEU C 457 46.05 -75.52 -60.88
N VAL C 458 45.55 -76.06 -59.78
CA VAL C 458 44.37 -75.51 -59.12
C VAL C 458 44.69 -74.83 -57.80
N GLN C 459 45.97 -74.71 -57.47
CA GLN C 459 46.35 -74.09 -56.20
C GLN C 459 46.11 -72.58 -56.17
N ASP C 460 45.76 -72.04 -55.00
CA ASP C 460 45.51 -70.61 -54.81
C ASP C 460 46.74 -69.79 -55.23
N GLN C 461 46.52 -68.70 -55.96
CA GLN C 461 47.61 -67.84 -56.39
C GLN C 461 47.81 -66.61 -55.52
N ARG C 462 47.22 -66.56 -54.32
CA ARG C 462 47.42 -65.43 -53.44
C ARG C 462 48.86 -65.22 -52.99
N GLU C 463 49.67 -66.27 -52.86
CA GLU C 463 51.08 -66.12 -52.48
C GLU C 463 51.77 -65.26 -53.53
N ALA C 464 51.52 -65.61 -54.78
CA ALA C 464 52.06 -64.92 -55.93
C ALA C 464 51.63 -63.47 -55.96
N GLU C 465 50.35 -63.22 -55.70
CA GLU C 465 49.80 -61.88 -55.70
C GLU C 465 50.50 -60.99 -54.68
N SER C 466 50.91 -61.54 -53.55
CA SER C 466 51.55 -60.74 -52.49
C SER C 466 52.96 -60.27 -52.75
N ARG C 467 53.59 -60.75 -53.82
CA ARG C 467 54.95 -60.39 -54.17
C ARG C 467 55.06 -59.21 -55.13
N PRO C 468 56.16 -58.43 -55.03
CA PRO C 468 56.38 -57.29 -55.92
C PRO C 468 56.88 -57.68 -57.31
N ASP C 469 57.26 -58.94 -57.52
CA ASP C 469 57.72 -59.42 -58.82
C ASP C 469 56.60 -60.10 -59.58
N VAL C 470 55.37 -59.72 -59.23
CA VAL C 470 54.16 -60.22 -59.89
C VAL C 470 53.18 -59.07 -59.99
N VAL C 471 52.58 -58.86 -61.17
CA VAL C 471 51.56 -57.82 -61.33
C VAL C 471 50.18 -58.44 -61.46
N THR C 472 49.26 -57.94 -60.64
CA THR C 472 47.89 -58.43 -60.59
C THR C 472 46.77 -57.43 -60.85
N TYR C 473 45.88 -57.84 -61.74
CA TYR C 473 44.76 -57.04 -62.20
C TYR C 473 43.48 -57.80 -62.00
N GLU C 474 42.43 -57.09 -61.58
CA GLU C 474 41.14 -57.74 -61.35
C GLU C 474 39.95 -56.84 -61.71
N THR C 475 38.83 -57.47 -62.05
CA THR C 475 37.59 -56.77 -62.34
C THR C 475 36.93 -56.48 -61.01
N GLU C 476 35.91 -55.64 -61.01
CA GLU C 476 35.13 -55.37 -59.81
C GLU C 476 34.42 -56.68 -59.52
N VAL C 477 33.71 -56.77 -58.41
CA VAL C 477 32.98 -57.98 -58.15
C VAL C 477 31.81 -58.03 -59.13
N LEU C 478 31.64 -59.19 -59.75
CA LEU C 478 30.64 -59.32 -60.80
C LEU C 478 29.20 -59.25 -60.36
N ASP C 479 28.42 -58.44 -61.08
CA ASP C 479 26.98 -58.28 -60.89
C ASP C 479 26.22 -59.23 -61.81
N GLU C 480 26.84 -59.63 -62.91
CA GLU C 480 26.28 -60.58 -63.87
C GLU C 480 27.37 -61.59 -64.29
N PRO C 481 27.01 -62.87 -64.41
CA PRO C 481 28.01 -63.88 -64.76
C PRO C 481 28.54 -63.75 -66.18
N VAL C 482 29.77 -64.18 -66.42
CA VAL C 482 30.31 -64.14 -67.77
C VAL C 482 30.76 -65.56 -68.07
N ARG C 483 30.17 -66.11 -69.11
CA ARG C 483 30.44 -67.48 -69.54
C ARG C 483 31.53 -67.49 -70.57
N VAL C 484 32.49 -68.40 -70.41
CA VAL C 484 33.58 -68.57 -71.36
C VAL C 484 33.73 -70.03 -71.75
N SER C 485 33.99 -70.27 -73.03
CA SER C 485 34.10 -71.62 -73.58
C SER C 485 34.86 -71.60 -74.90
N GLY C 486 36.13 -71.99 -74.84
CA GLY C 486 37.03 -71.98 -75.99
C GLY C 486 38.45 -71.78 -75.54
N VAL C 487 39.34 -71.31 -76.42
CA VAL C 487 40.73 -71.15 -76.04
C VAL C 487 41.04 -69.67 -75.93
N PRO C 488 41.41 -69.21 -74.72
CA PRO C 488 41.77 -67.81 -74.57
C PRO C 488 43.12 -67.54 -75.23
N VAL C 489 43.38 -66.27 -75.54
CA VAL C 489 44.61 -65.88 -76.21
C VAL C 489 45.18 -64.67 -75.50
N ALA C 490 46.44 -64.76 -75.11
CA ALA C 490 47.13 -63.68 -74.42
C ALA C 490 47.65 -62.73 -75.50
N ASP C 491 47.21 -61.49 -75.41
CA ASP C 491 47.63 -60.46 -76.35
C ASP C 491 48.45 -59.50 -75.51
N LEU C 492 49.73 -59.77 -75.36
CA LEU C 492 50.60 -59.03 -74.44
C LEU C 492 51.54 -58.04 -75.09
N PHE C 493 51.55 -56.85 -74.49
CA PHE C 493 52.39 -55.75 -74.92
C PHE C 493 53.28 -55.48 -73.72
N ALA C 494 54.50 -55.98 -73.80
CA ALA C 494 55.44 -55.88 -72.68
C ALA C 494 56.84 -55.57 -73.11
N ALA C 495 57.52 -54.87 -72.21
CA ALA C 495 58.91 -54.46 -72.40
C ALA C 495 59.76 -55.00 -71.26
N THR C 496 61.01 -55.29 -71.57
CA THR C 496 61.98 -55.69 -70.57
C THR C 496 63.28 -54.92 -70.76
N SER C 497 63.92 -54.53 -69.66
CA SER C 497 65.20 -53.84 -69.71
C SER C 497 66.32 -54.78 -70.13
N GLY C 498 66.05 -56.09 -70.09
CA GLY C 498 67.01 -57.11 -70.50
C GLY C 498 66.84 -57.43 -71.97
N THR C 499 67.59 -58.42 -72.44
CA THR C 499 67.55 -58.87 -73.84
C THR C 499 66.87 -60.22 -74.02
N ASP C 500 66.16 -60.67 -72.99
CA ASP C 500 65.40 -61.93 -73.06
C ASP C 500 64.49 -61.91 -71.84
N SER C 501 63.45 -62.74 -71.85
CA SER C 501 62.53 -62.80 -70.74
C SER C 501 61.43 -63.80 -71.01
N ASP C 502 60.92 -64.36 -69.93
CA ASP C 502 59.80 -65.27 -69.98
C ASP C 502 58.61 -64.43 -69.52
N TRP C 503 57.46 -64.80 -70.04
CA TRP C 503 56.21 -64.15 -69.68
C TRP C 503 55.17 -65.18 -69.28
N VAL C 504 54.79 -65.14 -68.01
CA VAL C 504 53.80 -66.05 -67.47
C VAL C 504 52.50 -65.26 -67.36
N VAL C 505 51.42 -65.84 -67.89
CA VAL C 505 50.11 -65.21 -67.86
C VAL C 505 49.09 -66.16 -67.27
N LYS C 506 48.36 -65.66 -66.28
CA LYS C 506 47.36 -66.47 -65.58
C LYS C 506 45.96 -65.87 -65.64
N LEU C 507 44.98 -66.70 -66.03
CA LEU C 507 43.58 -66.28 -66.03
C LEU C 507 43.01 -66.93 -64.77
N ILE C 508 42.45 -66.10 -63.89
CA ILE C 508 41.99 -66.57 -62.60
C ILE C 508 40.54 -66.20 -62.31
N ASP C 509 39.88 -67.08 -61.55
CA ASP C 509 38.52 -66.91 -61.07
C ASP C 509 38.65 -66.68 -59.58
N VAL C 510 38.38 -65.45 -59.16
CA VAL C 510 38.48 -65.13 -57.75
C VAL C 510 37.14 -65.57 -57.17
N GLN C 511 37.15 -66.44 -56.18
CA GLN C 511 35.91 -66.88 -55.54
C GLN C 511 35.34 -65.71 -54.75
N PRO C 512 34.06 -65.76 -54.35
CA PRO C 512 33.48 -64.70 -53.57
C PRO C 512 34.30 -64.45 -52.32
N ALA C 513 34.36 -63.20 -51.90
CA ALA C 513 35.13 -62.80 -50.72
C ALA C 513 34.98 -63.76 -49.56
N MET C 514 33.74 -64.16 -49.33
CA MET C 514 33.41 -65.13 -48.28
C MET C 514 32.62 -66.27 -48.92
N THR C 515 32.89 -67.51 -48.49
CA THR C 515 32.20 -68.71 -48.95
C THR C 515 31.89 -69.44 -47.65
N PRO C 516 30.81 -69.02 -46.99
CA PRO C 516 30.47 -69.54 -45.66
C PRO C 516 30.18 -71.06 -45.56
N ASP C 517 29.85 -71.66 -46.69
CA ASP C 517 29.59 -73.09 -46.70
C ASP C 517 30.91 -73.89 -46.72
N ASP C 518 32.02 -73.27 -47.15
CA ASP C 518 33.36 -73.87 -47.19
C ASP C 518 34.32 -72.69 -47.02
N PRO C 519 34.44 -72.17 -45.78
CA PRO C 519 35.22 -70.98 -45.45
C PRO C 519 36.59 -70.80 -46.11
N LYS C 520 37.37 -71.88 -46.18
CA LYS C 520 38.72 -71.81 -46.72
C LYS C 520 38.85 -71.38 -48.19
N MET C 521 37.73 -71.34 -48.90
CA MET C 521 37.69 -70.93 -50.28
C MET C 521 37.34 -69.46 -50.49
N GLY C 522 37.15 -68.70 -49.41
CA GLY C 522 36.84 -67.28 -49.56
C GLY C 522 37.99 -66.49 -50.14
N GLY C 523 37.76 -65.84 -51.28
CA GLY C 523 38.79 -65.03 -51.92
C GLY C 523 39.84 -65.84 -52.66
N TYR C 524 39.63 -67.15 -52.72
CA TYR C 524 40.57 -68.07 -53.35
C TYR C 524 40.75 -67.70 -54.80
N GLU C 525 42.01 -67.57 -55.22
CA GLU C 525 42.35 -67.21 -56.59
C GLU C 525 42.67 -68.48 -57.38
N LEU C 526 41.62 -69.04 -57.97
CA LEU C 526 41.67 -70.27 -58.73
C LEU C 526 42.06 -70.11 -60.19
N PRO C 527 43.24 -70.63 -60.55
CA PRO C 527 43.60 -70.50 -61.95
C PRO C 527 42.72 -71.38 -62.84
N VAL C 528 42.11 -70.81 -63.86
CA VAL C 528 41.35 -71.64 -64.79
C VAL C 528 42.23 -71.91 -66.01
N SER C 529 43.20 -71.04 -66.29
CA SER C 529 44.06 -71.21 -67.44
C SER C 529 45.37 -70.42 -67.30
N MET C 530 46.51 -71.07 -67.52
CA MET C 530 47.78 -70.35 -67.43
C MET C 530 48.89 -71.01 -68.22
N ASP C 531 49.79 -70.17 -68.71
CA ASP C 531 50.93 -70.69 -69.42
C ASP C 531 52.10 -69.73 -69.38
N ILE C 532 53.21 -70.16 -69.97
CA ILE C 532 54.44 -69.38 -70.03
C ILE C 532 54.96 -69.27 -71.45
N PHE C 533 55.59 -68.14 -71.76
CA PHE C 533 56.13 -67.93 -73.10
C PHE C 533 57.58 -67.44 -73.03
N ARG C 534 58.50 -68.16 -73.68
CA ARG C 534 59.91 -67.79 -73.69
C ARG C 534 60.11 -66.81 -74.83
N GLY C 535 60.34 -65.57 -74.41
CA GLY C 535 60.47 -64.35 -75.22
C GLY C 535 61.30 -64.40 -76.47
N ARG C 536 62.44 -65.06 -76.36
CA ARG C 536 63.32 -65.16 -77.51
C ARG C 536 62.68 -65.74 -78.75
N TYR C 537 61.53 -66.41 -78.64
CA TYR C 537 60.82 -67.02 -79.77
C TYR C 537 59.61 -66.21 -80.21
N ARG C 538 59.55 -64.93 -79.85
CA ARG C 538 58.42 -64.06 -80.17
C ARG C 538 58.03 -63.95 -81.63
N LYS C 539 59.03 -63.96 -82.51
CA LYS C 539 58.79 -63.87 -83.95
C LYS C 539 58.80 -65.22 -84.67
N ASP C 540 59.64 -66.14 -84.22
CA ASP C 540 59.73 -67.47 -84.82
C ASP C 540 60.19 -68.47 -83.78
N PHE C 541 59.48 -69.59 -83.66
CA PHE C 541 59.84 -70.64 -82.72
C PHE C 541 61.13 -71.33 -83.10
N ALA C 542 61.43 -71.39 -84.40
CA ALA C 542 62.63 -72.04 -84.92
C ALA C 542 63.88 -71.17 -84.91
N LYS C 543 63.69 -69.85 -84.83
CA LYS C 543 64.81 -68.91 -84.87
C LYS C 543 64.78 -67.91 -83.70
N PRO C 544 65.46 -68.24 -82.60
CA PRO C 544 65.49 -67.32 -81.47
C PRO C 544 66.29 -66.04 -81.73
N GLU C 545 65.75 -64.93 -81.24
CA GLU C 545 66.34 -63.61 -81.39
C GLU C 545 66.28 -62.81 -80.10
N ALA C 546 67.28 -61.97 -79.91
CA ALA C 546 67.36 -61.16 -78.73
C ALA C 546 66.20 -60.16 -78.75
N LEU C 547 65.75 -59.82 -77.55
CA LEU C 547 64.69 -58.84 -77.37
C LEU C 547 65.37 -57.49 -77.27
N GLN C 548 64.66 -56.49 -77.79
CA GLN C 548 65.08 -55.11 -77.84
C GLN C 548 64.87 -54.50 -76.46
N PRO C 549 65.94 -54.08 -75.75
CA PRO C 549 65.72 -53.51 -74.42
C PRO C 549 64.82 -52.29 -74.34
N ASP C 550 64.01 -52.22 -73.30
CA ASP C 550 63.07 -51.13 -73.04
C ASP C 550 62.02 -50.87 -74.10
N ALA C 551 61.91 -51.75 -75.09
CA ALA C 551 60.97 -51.64 -76.19
C ALA C 551 59.71 -52.45 -75.93
N THR C 552 58.53 -51.85 -76.11
CA THR C 552 57.28 -52.57 -75.93
C THR C 552 57.04 -53.46 -77.14
N LEU C 553 57.01 -54.78 -76.91
CA LEU C 553 56.85 -55.79 -77.95
C LEU C 553 55.56 -56.57 -77.82
N HIS C 554 55.06 -57.03 -78.96
CA HIS C 554 53.77 -57.72 -79.02
C HIS C 554 53.95 -59.24 -78.96
N TYR C 555 53.32 -59.86 -77.98
CA TYR C 555 53.36 -61.31 -77.85
C TYR C 555 51.91 -61.75 -77.98
N HIS C 556 51.72 -62.83 -78.73
CA HIS C 556 50.41 -63.37 -78.99
C HIS C 556 50.54 -64.90 -78.95
N PHE C 557 49.93 -65.53 -77.94
CA PHE C 557 49.94 -66.99 -77.79
C PHE C 557 48.68 -67.49 -77.11
N THR C 558 48.28 -68.73 -77.43
CA THR C 558 47.09 -69.33 -76.84
C THR C 558 47.40 -69.92 -75.48
N LEU C 559 46.40 -69.94 -74.62
CA LEU C 559 46.41 -70.48 -73.27
C LEU C 559 45.56 -71.74 -73.27
N PRO C 560 45.66 -72.57 -72.20
CA PRO C 560 44.82 -73.75 -72.07
C PRO C 560 43.33 -73.45 -72.21
N ALA C 561 42.58 -74.42 -72.71
CA ALA C 561 41.15 -74.25 -72.96
C ALA C 561 40.36 -74.10 -71.67
N VAL C 562 39.27 -73.34 -71.73
CA VAL C 562 38.36 -73.11 -70.61
C VAL C 562 36.90 -73.40 -71.02
N ASN C 563 36.09 -73.75 -70.03
CA ASN C 563 34.66 -74.00 -70.22
C ASN C 563 34.13 -73.67 -68.83
N HIS C 564 34.11 -72.38 -68.55
CA HIS C 564 33.83 -71.92 -67.20
C HIS C 564 32.80 -70.80 -67.13
N VAL C 565 32.34 -70.52 -65.92
CA VAL C 565 31.40 -69.43 -65.68
C VAL C 565 31.88 -68.71 -64.43
N PHE C 566 32.22 -67.44 -64.57
CA PHE C 566 32.66 -66.60 -63.46
C PHE C 566 31.31 -66.08 -62.98
N ALA C 567 30.80 -66.64 -61.90
CA ALA C 567 29.47 -66.29 -61.38
C ALA C 567 29.44 -64.98 -60.61
N LYS C 568 28.24 -64.57 -60.20
CA LYS C 568 28.05 -63.37 -59.41
C LYS C 568 28.80 -63.49 -58.08
N GLY C 569 29.50 -62.43 -57.69
CA GLY C 569 30.26 -62.43 -56.45
C GLY C 569 31.74 -62.69 -56.70
N HIS C 570 32.05 -63.30 -57.85
CA HIS C 570 33.42 -63.62 -58.24
C HIS C 570 34.03 -62.44 -58.97
N ARG C 571 35.33 -62.53 -59.25
CA ARG C 571 36.05 -61.53 -60.06
C ARG C 571 36.86 -62.32 -61.07
N ILE C 572 37.22 -61.69 -62.18
CA ILE C 572 38.09 -62.32 -63.16
C ILE C 572 39.43 -61.66 -62.87
N MET C 573 40.50 -62.45 -62.80
CA MET C 573 41.79 -61.89 -62.45
C MET C 573 42.83 -62.29 -63.48
N VAL C 574 43.85 -61.45 -63.58
CA VAL C 574 44.97 -61.74 -64.46
C VAL C 574 46.23 -61.45 -63.67
N GLN C 575 47.17 -62.39 -63.68
CA GLN C 575 48.46 -62.24 -63.02
C GLN C 575 49.57 -62.45 -64.07
N ILE C 576 50.55 -61.57 -64.06
CA ILE C 576 51.69 -61.68 -64.96
C ILE C 576 52.98 -61.64 -64.15
N GLN C 577 53.91 -62.52 -64.50
CA GLN C 577 55.21 -62.60 -63.84
C GLN C 577 56.18 -63.15 -64.87
N SER C 578 57.46 -63.18 -64.53
CA SER C 578 58.49 -63.62 -65.46
C SER C 578 59.33 -64.84 -65.06
N SER C 579 58.89 -65.57 -64.04
CA SER C 579 59.55 -66.82 -63.58
C SER C 579 58.49 -67.74 -62.96
N TRP C 580 58.81 -69.04 -62.83
CA TRP C 580 57.88 -70.09 -62.38
C TRP C 580 58.72 -71.32 -62.06
N PHE C 581 59.41 -71.20 -60.92
CA PHE C 581 60.46 -72.09 -60.50
C PHE C 581 60.09 -73.06 -59.39
N PRO C 582 60.68 -74.26 -59.39
CA PRO C 582 61.67 -74.83 -60.33
C PRO C 582 61.09 -75.55 -61.54
N LEU C 583 59.78 -75.52 -61.73
CA LEU C 583 59.17 -76.22 -62.86
C LEU C 583 59.86 -75.84 -64.17
N TYR C 584 59.95 -74.53 -64.40
CA TYR C 584 60.61 -74.00 -65.59
C TYR C 584 61.96 -73.39 -65.22
N ASP C 585 62.99 -73.70 -66.01
CA ASP C 585 64.31 -73.11 -65.76
C ASP C 585 64.21 -71.60 -65.91
N ARG C 586 65.13 -70.90 -65.28
CA ARG C 586 65.10 -69.45 -65.28
C ARG C 586 65.65 -68.83 -66.55
N ASN C 587 64.93 -67.83 -67.03
CA ASN C 587 65.39 -67.07 -68.18
C ASN C 587 66.44 -66.14 -67.60
N PRO C 588 67.68 -66.19 -68.11
CA PRO C 588 68.73 -65.33 -67.59
C PRO C 588 68.44 -63.83 -67.76
N GLN C 589 67.52 -63.54 -68.67
CA GLN C 589 67.11 -62.18 -68.97
C GLN C 589 68.17 -61.41 -69.74
N LYS C 590 69.07 -62.16 -70.38
CA LYS C 590 70.16 -61.69 -71.20
C LYS C 590 70.16 -62.76 -72.27
N PHE C 591 70.12 -62.39 -73.54
CA PHE C 591 70.11 -63.36 -74.63
C PHE C 591 71.45 -64.08 -74.62
N VAL C 592 71.40 -65.40 -74.60
CA VAL C 592 72.59 -66.24 -74.65
C VAL C 592 72.20 -67.27 -75.68
N PRO C 593 73.18 -67.87 -76.40
CA PRO C 593 72.86 -68.81 -77.46
C PRO C 593 71.99 -69.99 -77.02
N ASN C 594 72.31 -70.55 -75.86
CA ASN C 594 71.60 -71.71 -75.32
C ASN C 594 71.39 -71.51 -73.82
N ILE C 595 70.13 -71.36 -73.42
CA ILE C 595 69.82 -71.16 -72.01
C ILE C 595 70.23 -72.34 -71.13
N PHE C 596 70.31 -73.54 -71.72
CA PHE C 596 70.74 -74.71 -70.94
C PHE C 596 72.14 -74.50 -70.36
N ASP C 597 73.00 -73.84 -71.14
CA ASP C 597 74.39 -73.60 -70.77
C ASP C 597 74.64 -72.20 -70.18
N ALA C 598 73.62 -71.55 -69.66
CA ALA C 598 73.81 -70.22 -69.13
C ALA C 598 74.79 -70.33 -67.96
N LYS C 599 75.60 -69.28 -67.80
CA LYS C 599 76.59 -69.22 -66.74
C LYS C 599 76.08 -68.29 -65.65
N PRO C 600 76.63 -68.42 -64.44
CA PRO C 600 76.19 -67.59 -63.31
C PRO C 600 76.17 -66.08 -63.61
N ALA C 601 77.16 -65.62 -64.35
CA ALA C 601 77.30 -64.21 -64.70
C ALA C 601 76.20 -63.73 -65.64
N ASP C 602 75.63 -64.64 -66.43
CA ASP C 602 74.60 -64.30 -67.40
C ASP C 602 73.25 -63.90 -66.82
N TYR C 603 72.97 -64.32 -65.59
CA TYR C 603 71.68 -64.03 -64.94
C TYR C 603 71.65 -62.59 -64.48
N THR C 604 70.70 -61.85 -65.04
CA THR C 604 70.58 -60.42 -64.81
C THR C 604 69.20 -60.02 -64.32
N VAL C 605 69.19 -59.05 -63.41
CA VAL C 605 67.97 -58.47 -62.87
C VAL C 605 67.41 -57.54 -63.94
N ALA C 606 66.09 -57.48 -64.06
CA ALA C 606 65.47 -56.66 -65.10
C ALA C 606 64.14 -56.03 -64.65
N THR C 607 63.80 -54.88 -65.23
CA THR C 607 62.55 -54.19 -64.94
C THR C 607 61.62 -54.49 -66.10
N GLN C 608 60.48 -55.10 -65.78
CA GLN C 608 59.51 -55.52 -66.78
C GLN C 608 58.35 -54.51 -66.74
N SER C 609 57.81 -54.20 -67.91
CA SER C 609 56.71 -53.25 -68.01
C SER C 609 55.60 -53.79 -68.91
N ILE C 610 54.39 -53.82 -68.36
CA ILE C 610 53.21 -54.29 -69.06
C ILE C 610 52.40 -53.05 -69.42
N HIS C 611 52.23 -52.84 -70.72
CA HIS C 611 51.50 -51.67 -71.17
C HIS C 611 50.01 -51.97 -71.19
N HIS C 612 49.22 -50.95 -70.90
CA HIS C 612 47.78 -51.08 -71.01
C HIS C 612 47.20 -49.86 -71.74
N GLY C 613 46.09 -50.07 -72.43
CA GLY C 613 45.41 -49.00 -73.15
C GLY C 613 46.05 -48.63 -74.49
N GLY C 614 45.42 -47.68 -75.17
CA GLY C 614 45.91 -47.17 -76.45
C GLY C 614 46.08 -48.22 -77.55
N LYS C 615 47.16 -48.11 -78.32
CA LYS C 615 47.46 -49.05 -79.40
C LYS C 615 48.19 -50.32 -78.96
N GLU C 616 48.67 -50.32 -77.72
CA GLU C 616 49.41 -51.45 -77.17
C GLU C 616 48.66 -51.88 -75.91
N ALA C 617 47.35 -52.04 -76.05
CA ALA C 617 46.45 -52.38 -74.96
C ALA C 617 46.50 -53.87 -74.69
N THR C 618 47.22 -54.23 -73.62
CA THR C 618 47.32 -55.64 -73.22
C THR C 618 45.97 -56.17 -72.79
N SER C 619 45.63 -57.36 -73.28
CA SER C 619 44.39 -58.02 -72.94
C SER C 619 44.49 -59.53 -73.06
N ILE C 620 43.49 -60.19 -72.48
CA ILE C 620 43.30 -61.60 -72.63
C ILE C 620 42.07 -61.66 -73.54
N LEU C 621 42.23 -62.28 -74.70
CA LEU C 621 41.11 -62.46 -75.60
C LEU C 621 40.36 -63.67 -75.06
N LEU C 622 39.21 -63.41 -74.46
CA LEU C 622 38.38 -64.42 -73.85
C LEU C 622 37.33 -64.96 -74.80
N PRO C 623 37.10 -66.29 -74.74
CA PRO C 623 36.03 -66.86 -75.56
C PRO C 623 34.69 -66.69 -74.85
N VAL C 624 34.19 -65.45 -74.79
CA VAL C 624 32.91 -65.19 -74.11
C VAL C 624 31.75 -65.72 -74.93
N VAL C 625 30.79 -66.38 -74.27
CA VAL C 625 29.65 -66.96 -74.96
C VAL C 625 28.40 -66.56 -74.18
N LYS C 626 27.27 -66.58 -74.87
CA LYS C 626 25.98 -66.21 -74.31
C LYS C 626 25.24 -67.43 -73.73
N HIS D 10 41.51 -33.27 -15.58
CA HIS D 10 42.19 -34.50 -16.06
C HIS D 10 41.98 -34.75 -17.56
N ASP D 11 43.09 -35.04 -18.24
CA ASP D 11 43.08 -35.28 -19.68
C ASP D 11 42.40 -36.62 -19.91
N PRO D 12 41.29 -36.60 -20.68
CA PRO D 12 40.57 -37.84 -20.96
C PRO D 12 41.26 -38.79 -21.92
N LEU D 13 42.23 -38.29 -22.70
CA LEU D 13 42.99 -39.14 -23.63
C LEU D 13 44.18 -39.81 -22.94
N SER D 14 44.30 -39.66 -21.62
CA SER D 14 45.36 -40.28 -20.84
C SER D 14 44.88 -40.88 -19.54
N VAL D 15 43.95 -40.22 -18.85
CA VAL D 15 43.40 -40.70 -17.60
C VAL D 15 41.93 -41.09 -17.79
N GLN D 16 41.61 -42.34 -17.45
CA GLN D 16 40.24 -42.86 -17.50
C GLN D 16 39.75 -43.21 -16.09
N THR D 17 38.85 -42.40 -15.56
CA THR D 17 38.26 -42.63 -14.22
C THR D 17 36.86 -43.23 -14.37
N GLY D 18 36.39 -43.36 -15.60
CA GLY D 18 35.09 -43.99 -15.87
C GLY D 18 35.23 -45.41 -16.41
N SER D 19 34.44 -45.72 -17.44
CA SER D 19 34.45 -47.05 -18.05
C SER D 19 34.76 -47.07 -19.55
N ASP D 20 35.57 -48.06 -19.94
CA ASP D 20 35.98 -48.24 -21.33
C ASP D 20 34.90 -48.94 -22.14
N ILE D 21 33.87 -49.41 -21.46
CA ILE D 21 32.75 -50.06 -22.14
C ILE D 21 31.67 -49.03 -22.48
N PRO D 22 31.47 -48.73 -23.78
CA PRO D 22 30.49 -47.75 -24.18
C PRO D 22 29.04 -48.11 -23.88
N GLN D 32 27.18 -51.22 -44.74
CA GLN D 32 27.87 -52.19 -45.59
C GLN D 32 27.14 -53.51 -45.85
N ARG D 33 26.14 -53.85 -45.04
CA ARG D 33 25.39 -55.09 -45.22
C ARG D 33 24.49 -55.05 -46.44
N ASP D 34 24.14 -56.23 -46.96
CA ASP D 34 23.23 -56.35 -48.11
C ASP D 34 21.85 -56.78 -47.63
N TYR D 35 21.56 -56.58 -46.35
CA TYR D 35 20.29 -56.96 -45.79
C TYR D 35 20.03 -56.11 -44.55
N ILE D 36 18.80 -56.23 -44.05
CA ILE D 36 18.40 -55.57 -42.81
C ILE D 36 17.75 -56.62 -41.92
N LYS D 37 17.96 -56.51 -40.62
CA LYS D 37 17.38 -57.47 -39.70
C LYS D 37 16.43 -56.70 -38.80
N ARG D 38 15.23 -57.23 -38.62
CA ARG D 38 14.24 -56.65 -37.72
C ARG D 38 13.83 -57.65 -36.63
N GLU D 39 13.84 -57.17 -35.39
CA GLU D 39 13.47 -58.01 -34.28
C GLU D 39 12.16 -57.44 -33.81
N VAL D 40 11.10 -58.26 -33.78
CA VAL D 40 9.79 -57.84 -33.33
C VAL D 40 9.19 -58.86 -32.38
N MET D 41 8.30 -58.38 -31.52
CA MET D 41 7.54 -59.22 -30.62
C MET D 41 6.14 -59.29 -31.19
N VAL D 42 5.81 -60.41 -31.84
CA VAL D 42 4.50 -60.63 -32.45
C VAL D 42 3.52 -61.12 -31.42
N PRO D 43 2.42 -60.38 -31.20
CA PRO D 43 1.43 -60.84 -30.25
C PRO D 43 0.50 -61.94 -30.78
N MET D 44 0.22 -62.92 -29.94
CA MET D 44 -0.67 -64.01 -30.29
C MET D 44 -2.06 -63.60 -29.87
N ARG D 45 -3.05 -64.45 -30.14
CA ARG D 45 -4.44 -64.16 -29.82
C ARG D 45 -4.68 -63.95 -28.33
N ASP D 46 -3.89 -64.62 -27.49
CA ASP D 46 -4.01 -64.55 -26.04
C ASP D 46 -3.09 -63.52 -25.40
N GLY D 47 -2.43 -62.70 -26.21
CA GLY D 47 -1.54 -61.67 -25.69
C GLY D 47 -0.08 -62.05 -25.49
N VAL D 48 0.25 -63.34 -25.57
CA VAL D 48 1.63 -63.80 -25.45
C VAL D 48 2.40 -63.39 -26.69
N LYS D 49 3.53 -62.71 -26.49
CA LYS D 49 4.34 -62.24 -27.62
C LYS D 49 5.54 -63.14 -27.93
N LEU D 50 5.68 -63.46 -29.21
CA LEU D 50 6.76 -64.32 -29.69
C LEU D 50 7.88 -63.53 -30.37
N TYR D 51 9.12 -63.87 -30.00
CA TYR D 51 10.30 -63.21 -30.55
C TYR D 51 10.47 -63.69 -31.98
N THR D 52 10.45 -62.71 -32.88
CA THR D 52 10.53 -62.97 -34.32
C THR D 52 11.59 -62.10 -34.96
N VAL D 53 12.42 -62.76 -35.77
CA VAL D 53 13.53 -62.16 -36.49
C VAL D 53 13.16 -62.21 -37.95
N ILE D 54 13.30 -61.09 -38.64
CA ILE D 54 12.98 -60.97 -40.06
C ILE D 54 14.21 -60.43 -40.78
N VAL D 55 14.73 -61.19 -41.72
CA VAL D 55 15.89 -60.80 -42.51
C VAL D 55 15.42 -60.54 -43.92
N ILE D 56 15.57 -59.28 -44.33
CA ILE D 56 15.12 -58.78 -45.62
C ILE D 56 16.24 -58.30 -46.51
N PRO D 57 16.29 -58.75 -47.78
CA PRO D 57 17.33 -58.25 -48.69
C PRO D 57 17.22 -56.75 -48.95
N LYS D 58 18.35 -56.06 -49.09
CA LYS D 58 18.30 -54.64 -49.39
C LYS D 58 17.62 -54.41 -50.72
N ASN D 59 16.80 -53.38 -50.77
CA ASN D 59 16.03 -53.10 -51.96
C ASN D 59 15.15 -54.28 -52.39
N ALA D 60 14.60 -54.98 -51.39
CA ALA D 60 13.69 -56.07 -51.66
C ALA D 60 12.32 -55.45 -51.84
N ARG D 61 11.56 -55.91 -52.84
CA ARG D 61 10.23 -55.36 -53.03
C ARG D 61 9.33 -56.46 -53.59
N ASN D 62 8.21 -56.71 -52.91
CA ASN D 62 7.26 -57.74 -53.30
C ASN D 62 7.91 -59.11 -53.22
N ALA D 63 8.73 -59.34 -52.20
CA ALA D 63 9.45 -60.61 -52.04
C ALA D 63 8.68 -61.60 -51.18
N PRO D 64 8.68 -62.88 -51.55
CA PRO D 64 8.00 -63.86 -50.70
C PRO D 64 8.68 -64.06 -49.36
N ILE D 65 7.96 -64.63 -48.39
CA ILE D 65 8.52 -64.91 -47.07
C ILE D 65 8.66 -66.41 -46.80
N LEU D 66 9.83 -66.81 -46.31
CA LEU D 66 10.09 -68.19 -45.95
C LEU D 66 10.15 -68.18 -44.42
N LEU D 67 9.20 -68.87 -43.80
CA LEU D 67 9.05 -68.91 -42.35
C LEU D 67 9.37 -70.25 -41.68
N THR D 68 10.02 -70.17 -40.52
CA THR D 68 10.38 -71.31 -39.69
C THR D 68 10.14 -70.93 -38.25
N ARG D 69 9.50 -71.81 -37.49
CA ARG D 69 9.20 -71.57 -36.07
C ARG D 69 10.07 -72.60 -35.39
N THR D 70 10.83 -72.18 -34.38
CA THR D 70 11.81 -73.06 -33.76
C THR D 70 12.01 -72.98 -32.27
N PRO D 71 12.34 -74.11 -31.62
CA PRO D 71 12.65 -74.09 -30.20
C PRO D 71 14.15 -74.01 -29.97
N TYR D 72 14.92 -73.74 -31.03
CA TYR D 72 16.37 -73.71 -30.96
C TYR D 72 17.02 -72.35 -31.15
N ASN D 73 16.44 -71.30 -30.59
CA ASN D 73 16.99 -69.94 -30.59
C ASN D 73 17.00 -69.23 -31.94
N ALA D 74 15.89 -68.57 -32.25
CA ALA D 74 15.71 -67.86 -33.52
C ALA D 74 16.83 -66.85 -33.80
N LYS D 75 17.28 -66.16 -32.76
CA LYS D 75 18.33 -65.16 -32.90
C LYS D 75 19.62 -65.78 -33.46
N GLY D 76 19.98 -66.95 -32.94
CA GLY D 76 21.16 -67.70 -33.33
C GLY D 76 20.97 -68.35 -34.69
N ARG D 77 19.78 -68.88 -34.98
CA ARG D 77 19.47 -69.49 -36.27
C ARG D 77 19.68 -68.50 -37.42
N ALA D 78 19.37 -67.23 -37.19
CA ALA D 78 19.54 -66.21 -38.21
C ALA D 78 20.89 -65.51 -38.12
N ASN D 79 21.83 -66.10 -37.37
CA ASN D 79 23.17 -65.58 -37.15
C ASN D 79 24.24 -66.66 -37.35
N ARG D 80 24.14 -67.44 -38.42
CA ARG D 80 25.12 -68.50 -38.69
C ARG D 80 26.53 -67.95 -38.52
N VAL D 81 26.79 -66.84 -39.20
CA VAL D 81 28.03 -66.06 -39.05
C VAL D 81 27.50 -64.80 -38.35
N PRO D 82 27.76 -64.64 -37.06
CA PRO D 82 27.18 -63.52 -36.32
C PRO D 82 27.35 -62.12 -36.91
N ASN D 83 26.24 -61.45 -37.19
CA ASN D 83 26.24 -60.07 -37.68
C ASN D 83 27.01 -59.89 -38.98
N ALA D 84 27.03 -60.93 -39.81
CA ALA D 84 27.77 -60.90 -41.05
C ALA D 84 27.36 -59.75 -41.97
N LEU D 85 28.25 -59.52 -42.94
CA LEU D 85 28.04 -58.47 -43.92
C LEU D 85 27.16 -58.85 -45.11
N THR D 86 26.97 -60.15 -45.32
CA THR D 86 26.12 -60.64 -46.40
C THR D 86 25.05 -61.57 -45.84
N MET D 87 23.89 -61.56 -46.48
CA MET D 87 22.74 -62.37 -46.08
C MET D 87 23.09 -63.86 -46.21
N ARG D 88 23.81 -64.20 -47.28
CA ARG D 88 24.26 -65.56 -47.52
C ARG D 88 25.01 -66.09 -46.30
N GLU D 89 25.86 -65.27 -45.68
CA GLU D 89 26.59 -65.70 -44.47
C GLU D 89 25.78 -65.76 -43.19
N VAL D 90 24.82 -64.83 -43.06
CA VAL D 90 24.02 -64.77 -41.84
C VAL D 90 22.98 -65.89 -41.72
N LEU D 91 22.47 -66.38 -42.84
CA LEU D 91 21.49 -67.45 -42.89
C LEU D 91 22.14 -68.84 -43.08
N PRO D 92 21.46 -69.90 -42.63
CA PRO D 92 21.97 -71.27 -42.74
C PRO D 92 22.21 -71.75 -44.16
N GLN D 93 23.11 -72.72 -44.30
CA GLN D 93 23.46 -73.34 -45.55
C GLN D 93 22.22 -73.76 -46.33
N GLY D 94 21.24 -74.31 -45.64
CA GLY D 94 19.98 -74.76 -46.25
C GLY D 94 19.19 -73.64 -46.90
N ASP D 95 19.44 -72.40 -46.51
CA ASP D 95 18.72 -71.28 -47.07
C ASP D 95 19.41 -70.65 -48.28
N ASP D 96 20.49 -71.29 -48.75
CA ASP D 96 21.27 -70.80 -49.89
C ASP D 96 20.49 -70.50 -51.17
N VAL D 97 19.61 -71.40 -51.58
CA VAL D 97 18.83 -71.19 -52.80
C VAL D 97 17.80 -70.06 -52.70
N PHE D 98 17.34 -69.82 -51.48
CA PHE D 98 16.33 -68.81 -51.19
C PHE D 98 16.99 -67.45 -51.09
N VAL D 99 18.21 -67.41 -50.55
CA VAL D 99 18.95 -66.15 -50.48
C VAL D 99 19.21 -65.69 -51.90
N GLU D 100 19.53 -66.62 -52.80
CA GLU D 100 19.80 -66.34 -54.21
C GLU D 100 18.54 -65.91 -54.96
N GLY D 101 17.39 -66.40 -54.53
CA GLY D 101 16.10 -66.07 -55.13
C GLY D 101 15.46 -64.78 -54.64
N GLY D 102 16.05 -64.13 -53.63
CA GLY D 102 15.55 -62.86 -53.10
C GLY D 102 14.44 -62.93 -52.08
N TYR D 103 14.32 -64.06 -51.38
CA TYR D 103 13.29 -64.26 -50.38
C TYR D 103 13.63 -63.53 -49.08
N ILE D 104 12.59 -63.23 -48.31
CA ILE D 104 12.71 -62.65 -46.99
C ILE D 104 12.69 -63.92 -46.16
N ARG D 105 13.48 -63.95 -45.09
CA ARG D 105 13.58 -65.10 -44.20
C ARG D 105 13.14 -64.69 -42.82
N VAL D 106 12.31 -65.52 -42.20
CA VAL D 106 11.83 -65.27 -40.85
C VAL D 106 12.01 -66.50 -39.99
N PHE D 107 12.57 -66.31 -38.80
CA PHE D 107 12.77 -67.35 -37.81
C PHE D 107 12.00 -66.85 -36.60
N GLN D 108 11.27 -67.73 -35.92
CA GLN D 108 10.53 -67.30 -34.74
C GLN D 108 10.71 -68.29 -33.61
N ASP D 109 10.82 -67.75 -32.41
CA ASP D 109 10.93 -68.59 -31.22
C ASP D 109 9.56 -69.07 -30.82
N ILE D 110 9.37 -70.38 -30.76
CA ILE D 110 8.05 -70.88 -30.36
C ILE D 110 7.74 -70.45 -28.94
N ARG D 111 6.46 -70.56 -28.59
CA ARG D 111 5.92 -70.20 -27.28
C ARG D 111 6.72 -70.83 -26.16
N GLY D 112 7.18 -70.00 -25.23
CA GLY D 112 7.94 -70.47 -24.08
C GLY D 112 9.41 -70.77 -24.25
N LYS D 113 10.03 -70.38 -25.36
CA LYS D 113 11.46 -70.61 -25.59
C LYS D 113 12.22 -69.36 -25.99
N TYR D 114 13.43 -69.27 -25.42
CA TYR D 114 14.35 -68.16 -25.62
C TYR D 114 13.71 -66.77 -25.42
N GLY D 115 13.55 -65.98 -26.48
CA GLY D 115 13.02 -64.63 -26.36
C GLY D 115 11.51 -64.49 -26.38
N SER D 116 10.79 -65.61 -26.46
CA SER D 116 9.32 -65.62 -26.48
C SER D 116 8.80 -65.83 -25.08
N GLN D 117 7.61 -65.27 -24.84
CA GLN D 117 6.90 -65.36 -23.56
C GLN D 117 6.08 -66.64 -23.64
N GLY D 118 5.41 -66.94 -22.54
CA GLY D 118 4.52 -68.10 -22.48
C GLY D 118 5.06 -69.35 -21.82
N ASP D 119 4.19 -70.34 -21.75
CA ASP D 119 4.54 -71.62 -21.14
C ASP D 119 4.96 -72.57 -22.24
N TYR D 120 6.09 -73.24 -22.05
CA TYR D 120 6.59 -74.19 -23.02
C TYR D 120 6.14 -75.61 -22.72
N VAL D 121 5.50 -76.22 -23.71
CA VAL D 121 5.07 -77.59 -23.59
C VAL D 121 5.75 -78.37 -24.70
N MET D 122 6.50 -79.40 -24.33
CA MET D 122 7.20 -80.25 -25.29
C MET D 122 6.23 -80.83 -26.32
N THR D 123 6.51 -80.62 -27.61
CA THR D 123 5.68 -81.07 -28.71
C THR D 123 4.22 -80.90 -28.30
N ARG D 124 3.88 -79.63 -28.07
CA ARG D 124 2.58 -79.19 -27.61
C ARG D 124 1.48 -79.83 -28.45
N PRO D 125 0.63 -80.63 -27.79
CA PRO D 125 -0.45 -81.27 -28.51
C PRO D 125 -1.46 -80.29 -29.08
N PRO D 126 -2.12 -80.71 -30.17
CA PRO D 126 -3.11 -79.81 -30.77
C PRO D 126 -4.30 -79.68 -29.83
N HIS D 127 -5.18 -78.73 -30.13
CA HIS D 127 -6.38 -78.53 -29.33
C HIS D 127 -7.16 -79.85 -29.34
N GLY D 128 -7.60 -80.29 -28.15
CA GLY D 128 -8.34 -81.54 -28.03
C GLY D 128 -8.25 -82.02 -26.60
N PRO D 129 -8.38 -83.32 -26.36
CA PRO D 129 -8.28 -83.86 -25.01
C PRO D 129 -6.96 -83.59 -24.29
N LEU D 130 -5.86 -83.46 -25.03
CA LEU D 130 -4.54 -83.22 -24.44
C LEU D 130 -4.17 -81.73 -24.32
N ASN D 131 -5.01 -80.84 -24.85
CA ASN D 131 -4.78 -79.37 -24.81
C ASN D 131 -6.13 -78.63 -24.91
N PRO D 132 -6.79 -78.42 -23.76
CA PRO D 132 -8.09 -77.73 -23.71
C PRO D 132 -8.04 -76.21 -23.78
N THR D 133 -6.84 -75.64 -23.88
CA THR D 133 -6.70 -74.18 -23.93
C THR D 133 -7.21 -73.65 -25.25
N LYS D 134 -7.09 -72.34 -25.44
CA LYS D 134 -7.52 -71.66 -26.67
C LYS D 134 -6.38 -71.56 -27.67
N THR D 135 -5.16 -71.94 -27.29
CA THR D 135 -4.03 -71.85 -28.22
C THR D 135 -3.20 -73.13 -28.34
N ASP D 136 -2.50 -73.24 -29.46
CA ASP D 136 -1.60 -74.35 -29.72
C ASP D 136 -0.62 -73.87 -30.80
N GLU D 137 0.18 -74.78 -31.34
CA GLU D 137 1.16 -74.44 -32.37
C GLU D 137 0.50 -74.15 -33.70
N THR D 138 -0.75 -74.54 -33.88
CA THR D 138 -1.47 -74.23 -35.11
C THR D 138 -1.95 -72.77 -35.09
N THR D 139 -2.47 -72.34 -33.95
CA THR D 139 -2.99 -70.98 -33.83
C THR D 139 -1.84 -69.99 -33.76
N ASP D 140 -0.74 -70.40 -33.14
CA ASP D 140 0.45 -69.53 -33.04
C ASP D 140 1.00 -69.28 -34.43
N ALA D 141 1.03 -70.32 -35.27
CA ALA D 141 1.47 -70.15 -36.65
C ALA D 141 0.48 -69.28 -37.41
N TRP D 142 -0.80 -69.41 -37.07
CA TRP D 142 -1.85 -68.67 -37.76
C TRP D 142 -1.64 -67.19 -37.53
N ASP D 143 -1.57 -66.81 -36.25
CA ASP D 143 -1.40 -65.44 -35.82
C ASP D 143 -0.09 -64.86 -36.36
N THR D 144 0.95 -65.69 -36.45
CA THR D 144 2.23 -65.23 -36.99
C THR D 144 2.12 -64.90 -38.45
N VAL D 145 1.55 -65.78 -39.27
CA VAL D 145 1.41 -65.47 -40.69
C VAL D 145 0.51 -64.25 -40.92
N ASP D 146 -0.50 -64.08 -40.07
CA ASP D 146 -1.44 -62.98 -40.26
C ASP D 146 -0.70 -61.68 -40.03
N TRP D 147 0.10 -61.64 -38.97
CA TRP D 147 0.87 -60.45 -38.66
C TRP D 147 1.91 -60.11 -39.72
N LEU D 148 2.55 -61.14 -40.30
CA LEU D 148 3.56 -60.91 -41.33
C LEU D 148 3.00 -60.28 -42.61
N VAL D 149 1.85 -60.76 -43.08
CA VAL D 149 1.31 -60.22 -44.33
C VAL D 149 0.72 -58.82 -44.18
N HIS D 150 0.49 -58.41 -42.95
CA HIS D 150 -0.01 -57.06 -42.68
C HIS D 150 1.09 -56.13 -42.16
N ASN D 151 2.26 -56.67 -41.80
CA ASN D 151 3.30 -55.82 -41.25
C ASN D 151 4.71 -55.92 -41.84
N VAL D 152 4.84 -56.40 -43.08
CA VAL D 152 6.13 -56.48 -43.79
C VAL D 152 5.89 -55.96 -45.20
N PRO D 153 5.98 -54.62 -45.40
CA PRO D 153 5.77 -53.99 -46.70
C PRO D 153 6.66 -54.47 -47.85
N GLU D 154 7.85 -54.96 -47.52
CA GLU D 154 8.73 -55.43 -48.56
C GLU D 154 8.29 -56.76 -49.15
N SER D 155 7.34 -57.44 -48.52
CA SER D 155 6.85 -58.73 -48.98
C SER D 155 5.59 -58.67 -49.86
N ASN D 156 5.35 -59.74 -50.59
CA ASN D 156 4.19 -59.85 -51.48
C ASN D 156 3.00 -60.51 -50.79
N GLY D 157 3.09 -60.73 -49.48
CA GLY D 157 2.03 -61.35 -48.68
C GLY D 157 1.90 -62.88 -48.75
N ARG D 158 2.82 -63.53 -49.45
CA ARG D 158 2.76 -64.98 -49.70
C ARG D 158 3.83 -65.61 -48.81
N VAL D 159 3.42 -66.54 -47.95
CA VAL D 159 4.32 -67.19 -47.01
C VAL D 159 4.45 -68.69 -47.22
N GLY D 160 5.69 -69.18 -47.18
CA GLY D 160 6.01 -70.60 -47.32
C GLY D 160 6.65 -71.02 -46.02
N MET D 161 6.28 -72.19 -45.50
CA MET D 161 6.87 -72.69 -44.27
C MET D 161 7.78 -73.89 -44.50
N THR D 162 8.89 -73.93 -43.76
CA THR D 162 9.79 -75.05 -43.86
C THR D 162 10.52 -75.23 -42.54
N GLY D 163 11.26 -76.33 -42.44
CA GLY D 163 11.96 -76.61 -41.20
C GLY D 163 12.16 -78.09 -41.03
N SER D 164 13.24 -78.43 -40.33
CA SER D 164 13.59 -79.81 -40.12
C SER D 164 13.44 -80.17 -38.65
N SER D 165 13.10 -81.43 -38.39
CA SER D 165 12.98 -81.96 -37.02
C SER D 165 11.86 -81.23 -36.25
N TYR D 166 12.15 -80.63 -35.11
CA TYR D 166 11.13 -79.92 -34.35
C TYR D 166 10.66 -78.74 -35.20
N GLU D 167 11.54 -78.20 -36.04
CA GLU D 167 11.13 -77.13 -36.95
C GLU D 167 10.15 -77.63 -38.00
N GLY D 168 10.19 -78.93 -38.29
CA GLY D 168 9.28 -79.57 -39.23
C GLY D 168 7.96 -79.83 -38.51
N PHE D 169 8.02 -80.17 -37.23
CA PHE D 169 6.82 -80.39 -36.42
C PHE D 169 5.93 -79.16 -36.44
N THR D 170 6.55 -77.99 -36.33
CA THR D 170 5.80 -76.73 -36.34
C THR D 170 5.13 -76.47 -37.69
N VAL D 171 5.71 -76.95 -38.78
CA VAL D 171 5.12 -76.82 -40.11
C VAL D 171 3.91 -77.72 -40.20
N VAL D 172 4.04 -78.97 -39.73
CA VAL D 172 2.93 -79.92 -39.74
C VAL D 172 1.78 -79.33 -38.91
N MET D 173 2.09 -78.79 -37.75
CA MET D 173 1.06 -78.18 -36.91
C MET D 173 0.34 -77.01 -37.58
N ALA D 174 1.05 -76.27 -38.42
CA ALA D 174 0.40 -75.17 -39.13
C ALA D 174 -0.55 -75.71 -40.19
N LEU D 175 -0.19 -76.86 -40.77
CA LEU D 175 -1.01 -77.49 -41.82
C LEU D 175 -2.33 -78.04 -41.29
N LEU D 176 -2.50 -78.14 -39.97
CA LEU D 176 -3.77 -78.59 -39.42
C LEU D 176 -4.86 -77.56 -39.72
N ASP D 177 -4.52 -76.28 -39.66
CA ASP D 177 -5.44 -75.20 -39.98
C ASP D 177 -4.62 -73.99 -40.45
N PRO D 178 -4.20 -74.04 -41.72
CA PRO D 178 -3.33 -73.01 -42.25
C PRO D 178 -3.96 -71.66 -42.62
N HIS D 179 -3.19 -70.60 -42.44
CA HIS D 179 -3.64 -69.26 -42.78
C HIS D 179 -3.74 -69.20 -44.29
N PRO D 180 -4.74 -68.51 -44.84
CA PRO D 180 -4.84 -68.42 -46.30
C PRO D 180 -3.63 -67.84 -47.05
N ALA D 181 -2.74 -67.16 -46.32
CA ALA D 181 -1.52 -66.63 -46.94
C ALA D 181 -0.39 -67.68 -46.95
N LEU D 182 -0.59 -68.82 -46.28
CA LEU D 182 0.40 -69.89 -46.33
C LEU D 182 0.15 -70.63 -47.65
N LYS D 183 1.02 -70.43 -48.65
CA LYS D 183 0.80 -71.00 -49.96
C LYS D 183 1.52 -72.32 -50.24
N VAL D 184 2.46 -72.71 -49.38
CA VAL D 184 3.19 -73.94 -49.66
C VAL D 184 3.93 -74.31 -48.39
N ALA D 185 4.14 -75.61 -48.18
CA ALA D 185 4.85 -76.13 -47.01
C ALA D 185 5.85 -77.23 -47.36
N ALA D 186 6.93 -77.33 -46.60
CA ALA D 186 7.98 -78.32 -46.79
C ALA D 186 8.48 -78.81 -45.45
N PRO D 187 7.70 -79.72 -44.82
CA PRO D 187 8.15 -80.30 -43.57
C PRO D 187 9.31 -81.24 -43.85
N GLU D 188 10.43 -81.07 -43.14
CA GLU D 188 11.62 -81.89 -43.33
C GLU D 188 11.84 -82.76 -42.10
N SER D 189 12.05 -84.06 -42.30
CA SER D 189 12.26 -84.98 -41.18
C SER D 189 11.45 -84.55 -39.96
N PRO D 190 10.13 -84.36 -40.10
CA PRO D 190 9.38 -83.86 -38.96
C PRO D 190 9.08 -84.89 -37.90
N MET D 191 8.78 -84.39 -36.69
CA MET D 191 8.38 -85.18 -35.53
C MET D 191 6.86 -85.35 -35.66
N VAL D 192 6.45 -86.56 -36.03
CA VAL D 192 5.03 -86.85 -36.29
C VAL D 192 4.42 -87.74 -35.23
N ASP D 193 5.01 -88.91 -35.04
CA ASP D 193 4.57 -89.88 -34.04
C ASP D 193 5.82 -90.33 -33.29
N GLY D 194 6.03 -89.77 -32.11
CA GLY D 194 7.18 -90.06 -31.27
C GLY D 194 7.23 -91.41 -30.61
N TRP D 195 6.12 -92.15 -30.67
CA TRP D 195 6.06 -93.49 -30.09
C TRP D 195 6.27 -94.59 -31.13
N MET D 196 5.68 -94.43 -32.31
CA MET D 196 5.77 -95.42 -33.38
C MET D 196 7.15 -95.55 -34.00
N GLY D 197 7.80 -94.43 -34.27
CA GLY D 197 9.13 -94.53 -34.87
C GLY D 197 9.91 -93.27 -35.13
N ASP D 198 9.69 -92.25 -34.28
CA ASP D 198 10.41 -90.98 -34.39
C ASP D 198 11.44 -90.85 -33.25
N ASP D 199 11.31 -89.86 -32.38
CA ASP D 199 12.32 -89.60 -31.36
C ASP D 199 12.32 -90.30 -30.01
N TRP D 200 11.15 -90.63 -29.46
CA TRP D 200 11.08 -91.21 -28.13
C TRP D 200 11.11 -92.73 -28.12
N PHE D 201 10.31 -93.37 -28.97
CA PHE D 201 10.32 -94.83 -29.04
C PHE D 201 10.26 -95.28 -30.49
N HIS D 202 10.68 -96.52 -30.72
CA HIS D 202 10.58 -97.22 -32.01
C HIS D 202 9.82 -98.50 -31.67
N TYR D 203 8.55 -98.57 -32.07
CA TYR D 203 7.68 -99.69 -31.76
C TYR D 203 7.73 -100.05 -30.29
N GLY D 204 7.65 -99.04 -29.42
CA GLY D 204 7.66 -99.27 -27.97
C GLY D 204 9.00 -99.31 -27.26
N ALA D 205 10.07 -99.48 -28.01
CA ALA D 205 11.43 -99.53 -27.46
C ALA D 205 11.94 -98.11 -27.25
N PHE D 206 12.24 -97.76 -26.01
CA PHE D 206 12.70 -96.42 -25.65
C PHE D 206 14.13 -96.02 -26.08
N ARG D 207 14.26 -94.82 -26.64
CA ARG D 207 15.54 -94.27 -27.09
C ARG D 207 16.13 -93.37 -26.01
N GLN D 208 17.22 -93.85 -25.43
CA GLN D 208 17.83 -93.22 -24.24
C GLN D 208 18.55 -91.89 -24.44
N GLY D 209 18.72 -91.45 -25.69
CA GLY D 209 19.32 -90.15 -25.97
C GLY D 209 18.38 -89.00 -25.64
N ALA D 210 17.11 -89.36 -25.45
CA ALA D 210 16.07 -88.41 -25.13
C ALA D 210 16.33 -87.65 -23.86
N PHE D 211 16.99 -88.30 -22.89
CA PHE D 211 17.26 -87.66 -21.61
C PHE D 211 18.07 -86.37 -21.75
N ASP D 212 19.18 -86.43 -22.48
CA ASP D 212 19.99 -85.23 -22.73
C ASP D 212 19.17 -84.17 -23.44
N TYR D 213 18.32 -84.59 -24.36
CA TYR D 213 17.44 -83.65 -25.05
C TYR D 213 16.47 -82.95 -24.11
N PHE D 214 15.92 -83.66 -23.13
CA PHE D 214 15.01 -83.05 -22.18
C PHE D 214 15.65 -82.01 -21.28
N VAL D 215 16.83 -82.32 -20.75
CA VAL D 215 17.52 -81.38 -19.85
C VAL D 215 18.01 -80.17 -20.63
N SER D 216 18.38 -80.39 -21.88
CA SER D 216 18.90 -79.33 -22.74
C SER D 216 17.84 -78.33 -23.20
N GLN D 217 16.63 -78.83 -23.45
CA GLN D 217 15.50 -78.00 -23.92
C GLN D 217 14.48 -77.56 -22.89
N MET D 218 14.46 -78.20 -21.71
CA MET D 218 13.49 -77.84 -20.68
C MET D 218 14.06 -77.49 -19.32
N THR D 219 15.36 -77.24 -19.23
CA THR D 219 15.92 -76.82 -17.94
C THR D 219 15.57 -75.35 -17.76
N ALA D 220 15.61 -74.57 -18.84
CA ALA D 220 15.31 -73.12 -18.79
C ALA D 220 14.71 -72.65 -20.10
N ARG D 221 14.10 -71.46 -20.04
CA ARG D 221 13.48 -70.84 -21.19
C ARG D 221 14.50 -70.82 -22.32
N GLY D 222 15.71 -70.40 -21.98
CA GLY D 222 16.77 -70.34 -22.96
C GLY D 222 17.58 -71.63 -23.01
N GLY D 223 18.88 -71.45 -23.15
CA GLY D 223 19.80 -72.57 -23.23
C GLY D 223 19.92 -73.36 -21.95
N GLY D 224 20.10 -74.67 -22.09
CA GLY D 224 20.26 -75.54 -20.94
C GLY D 224 21.56 -76.30 -21.14
N ASN D 225 21.84 -77.24 -20.24
CA ASN D 225 23.06 -78.06 -20.33
C ASN D 225 22.76 -79.54 -20.49
N ASP D 226 23.81 -80.30 -20.76
CA ASP D 226 23.71 -81.76 -20.84
C ASP D 226 23.81 -82.34 -19.44
N ILE D 227 23.54 -83.63 -19.35
CA ILE D 227 23.57 -84.30 -18.07
C ILE D 227 25.01 -84.73 -17.78
N PRO D 228 25.60 -84.28 -16.67
CA PRO D 228 26.96 -84.67 -16.30
C PRO D 228 27.12 -86.19 -16.28
N ARG D 229 28.23 -86.66 -16.79
CA ARG D 229 28.47 -88.09 -16.87
C ARG D 229 29.60 -88.56 -15.99
N ARG D 230 29.52 -89.82 -15.59
CA ARG D 230 30.54 -90.49 -14.80
C ARG D 230 31.64 -91.01 -15.73
N ASP D 231 31.26 -91.79 -16.75
CA ASP D 231 32.21 -92.42 -17.65
C ASP D 231 32.09 -91.74 -19.01
N ALA D 232 33.16 -91.77 -19.79
CA ALA D 232 33.15 -91.18 -21.13
C ALA D 232 32.26 -92.03 -22.06
N ASP D 233 32.08 -93.31 -21.72
CA ASP D 233 31.28 -94.24 -22.51
C ASP D 233 29.87 -94.42 -21.96
N ASP D 234 28.87 -94.10 -22.80
CA ASP D 234 27.47 -94.24 -22.39
C ASP D 234 27.03 -95.70 -22.34
N TYR D 235 27.76 -96.63 -22.96
CA TYR D 235 27.41 -98.03 -22.79
C TYR D 235 27.63 -98.37 -21.30
N THR D 236 28.71 -97.84 -20.73
CA THR D 236 29.00 -98.02 -19.31
C THR D 236 28.04 -97.25 -18.42
N ASN D 237 27.80 -95.97 -18.75
CA ASN D 237 26.93 -95.16 -17.93
C ASN D 237 25.54 -95.73 -17.72
N PHE D 238 24.92 -96.13 -18.82
CA PHE D 238 23.57 -96.67 -18.77
C PHE D 238 23.50 -98.09 -18.23
N LEU D 239 24.50 -98.91 -18.51
CA LEU D 239 24.49 -100.27 -17.99
C LEU D 239 24.67 -100.25 -16.47
N LYS D 240 25.50 -99.36 -15.94
CA LYS D 240 25.70 -99.27 -14.50
C LYS D 240 24.50 -98.72 -13.74
N ALA D 241 23.74 -97.85 -14.38
CA ALA D 241 22.54 -97.25 -13.80
C ALA D 241 21.41 -98.27 -13.78
N GLY D 242 21.44 -99.22 -14.72
CA GLY D 242 20.42 -100.27 -14.77
C GLY D 242 19.31 -99.98 -15.76
N SER D 243 18.13 -99.64 -15.23
CA SER D 243 17.01 -99.29 -16.10
C SER D 243 17.09 -97.86 -16.57
N ALA D 244 16.23 -97.48 -17.51
CA ALA D 244 16.19 -96.10 -18.00
C ALA D 244 15.71 -95.18 -16.89
N GLY D 245 14.67 -95.59 -16.20
CA GLY D 245 14.13 -94.78 -15.10
C GLY D 245 15.14 -94.53 -14.00
N SER D 246 16.01 -95.51 -13.78
CA SER D 246 17.05 -95.38 -12.75
C SER D 246 18.07 -94.30 -13.14
N PHE D 247 18.40 -94.26 -14.42
CA PHE D 247 19.30 -93.25 -14.93
C PHE D 247 18.67 -91.87 -14.86
N ALA D 248 17.38 -91.80 -15.18
CA ALA D 248 16.63 -90.55 -15.15
C ALA D 248 16.57 -90.06 -13.72
N THR D 249 16.32 -90.95 -12.76
CA THR D 249 16.26 -90.54 -11.35
C THR D 249 17.58 -89.99 -10.84
N GLN D 250 18.67 -90.68 -11.16
CA GLN D 250 20.00 -90.23 -10.82
C GLN D 250 20.36 -88.89 -11.47
N ALA D 251 19.79 -88.60 -12.63
CA ALA D 251 20.06 -87.34 -13.33
C ALA D 251 19.14 -86.22 -12.87
N GLY D 252 18.22 -86.51 -11.96
CA GLY D 252 17.30 -85.49 -11.46
C GLY D 252 16.12 -85.19 -12.38
N LEU D 253 15.82 -86.09 -13.33
CA LEU D 253 14.71 -85.90 -14.27
C LEU D 253 13.30 -86.10 -13.70
N ASP D 254 13.18 -86.67 -12.50
CA ASP D 254 11.87 -86.91 -11.90
C ASP D 254 11.08 -85.63 -11.58
N GLN D 255 11.75 -84.48 -11.59
CA GLN D 255 11.14 -83.17 -11.36
C GLN D 255 10.74 -82.50 -12.68
N TYR D 256 11.00 -83.14 -13.83
CA TYR D 256 10.63 -82.59 -15.13
C TYR D 256 9.26 -83.11 -15.57
N PRO D 257 8.25 -82.23 -15.67
CA PRO D 257 6.91 -82.67 -16.07
C PRO D 257 6.75 -83.58 -17.30
N PHE D 258 7.48 -83.35 -18.38
CA PHE D 258 7.34 -84.18 -19.58
C PHE D 258 7.84 -85.59 -19.34
N TRP D 259 8.88 -85.74 -18.52
CA TRP D 259 9.38 -87.05 -18.18
C TRP D 259 8.38 -87.79 -17.29
N GLN D 260 7.71 -87.08 -16.40
CA GLN D 260 6.66 -87.68 -15.57
C GLN D 260 5.52 -88.24 -16.42
N ARG D 261 5.13 -87.52 -17.48
CA ARG D 261 4.07 -87.99 -18.37
C ARG D 261 4.55 -89.19 -19.20
N MET D 262 5.72 -89.10 -19.83
CA MET D 262 6.25 -90.20 -20.62
C MET D 262 6.41 -91.47 -19.81
N HIS D 263 6.93 -91.32 -18.60
CA HIS D 263 7.15 -92.42 -17.68
C HIS D 263 5.84 -93.13 -17.39
N ALA D 264 4.76 -92.37 -17.29
CA ALA D 264 3.44 -92.90 -16.95
C ALA D 264 2.74 -93.56 -18.14
N HIS D 265 3.23 -93.26 -19.33
CA HIS D 265 2.64 -93.76 -20.57
C HIS D 265 3.64 -94.52 -21.45
N PRO D 266 4.17 -95.67 -20.98
CA PRO D 266 5.10 -96.43 -21.80
C PRO D 266 4.46 -97.07 -23.06
N ALA D 267 3.15 -97.36 -22.98
CA ALA D 267 2.41 -97.99 -24.08
C ALA D 267 1.77 -96.96 -24.98
N TYR D 268 1.29 -97.40 -26.14
CA TYR D 268 0.68 -96.51 -27.11
C TYR D 268 -0.78 -96.27 -26.76
N ASP D 269 -1.00 -95.63 -25.61
CA ASP D 269 -2.35 -95.34 -25.14
C ASP D 269 -2.84 -94.01 -25.72
N ALA D 270 -3.90 -93.46 -25.13
CA ALA D 270 -4.53 -92.20 -25.54
C ALA D 270 -3.57 -91.02 -25.58
N PHE D 271 -2.59 -91.03 -24.69
CA PHE D 271 -1.62 -89.93 -24.65
C PHE D 271 -0.83 -89.82 -25.94
N TRP D 272 -0.39 -90.95 -26.47
CA TRP D 272 0.40 -90.96 -27.69
C TRP D 272 -0.48 -90.90 -28.94
N GLN D 273 -1.58 -91.66 -28.92
CA GLN D 273 -2.52 -91.70 -30.04
C GLN D 273 -3.03 -90.31 -30.38
N GLY D 274 -3.23 -89.49 -29.36
CA GLY D 274 -3.69 -88.11 -29.53
C GLY D 274 -2.66 -87.14 -30.08
N GLN D 275 -1.43 -87.62 -30.27
CA GLN D 275 -0.34 -86.83 -30.82
C GLN D 275 0.24 -87.40 -32.10
N ALA D 276 -0.47 -88.36 -32.70
CA ALA D 276 -0.07 -88.98 -33.95
C ALA D 276 -0.54 -88.05 -35.08
N LEU D 277 0.33 -87.13 -35.45
CA LEU D 277 -0.02 -86.13 -36.46
C LEU D 277 -0.30 -86.65 -37.85
N ASP D 278 0.19 -87.84 -38.19
CA ASP D 278 -0.12 -88.40 -39.49
C ASP D 278 -1.62 -88.70 -39.62
N LYS D 279 -2.21 -89.26 -38.57
CA LYS D 279 -3.63 -89.59 -38.52
C LYS D 279 -4.47 -88.31 -38.50
N ILE D 280 -4.10 -87.40 -37.61
CA ILE D 280 -4.81 -86.13 -37.45
C ILE D 280 -4.79 -85.32 -38.74
N LEU D 281 -3.64 -85.21 -39.39
CA LEU D 281 -3.54 -84.44 -40.62
C LEU D 281 -4.41 -85.02 -41.74
N ALA D 282 -4.45 -86.34 -41.86
CA ALA D 282 -5.24 -87.01 -42.89
C ALA D 282 -6.74 -86.72 -42.72
N GLN D 283 -7.18 -86.53 -41.47
CA GLN D 283 -8.57 -86.22 -41.15
C GLN D 283 -8.94 -84.78 -41.53
N ARG D 284 -7.95 -83.90 -41.46
CA ARG D 284 -8.13 -82.49 -41.80
C ARG D 284 -8.06 -82.22 -43.31
N LYS D 285 -7.30 -83.05 -44.02
CA LYS D 285 -7.15 -82.94 -45.47
C LYS D 285 -6.78 -81.55 -45.95
N PRO D 286 -5.51 -81.16 -45.76
CA PRO D 286 -5.12 -79.81 -46.19
C PRO D 286 -5.10 -79.71 -47.70
N THR D 287 -5.18 -78.49 -48.21
CA THR D 287 -5.12 -78.27 -49.65
C THR D 287 -3.91 -77.41 -50.02
N VAL D 288 -3.04 -77.16 -49.06
CA VAL D 288 -1.80 -76.42 -49.26
C VAL D 288 -0.82 -77.40 -49.90
N PRO D 289 -0.19 -77.04 -51.03
CA PRO D 289 0.80 -77.90 -51.66
C PRO D 289 1.88 -78.34 -50.65
N MET D 290 2.28 -79.60 -50.68
CA MET D 290 3.28 -80.14 -49.74
C MET D 290 4.44 -80.90 -50.36
N LEU D 291 5.60 -80.68 -49.77
CA LEU D 291 6.81 -81.39 -50.18
C LEU D 291 7.31 -82.02 -48.90
N TRP D 292 7.15 -83.32 -48.76
CA TRP D 292 7.61 -84.03 -47.57
C TRP D 292 9.00 -84.60 -47.80
N GLU D 293 9.89 -84.40 -46.83
CA GLU D 293 11.26 -84.87 -46.99
C GLU D 293 11.83 -85.60 -45.78
N GLN D 294 12.67 -86.60 -46.06
CA GLN D 294 13.40 -87.29 -45.00
C GLN D 294 14.57 -88.03 -45.63
N GLY D 295 15.58 -88.31 -44.81
CA GLY D 295 16.72 -89.05 -45.30
C GLY D 295 16.44 -90.53 -45.29
N LEU D 296 17.10 -91.23 -46.21
CA LEU D 296 17.00 -92.69 -46.28
C LEU D 296 17.63 -93.29 -45.03
N TRP D 297 18.60 -92.58 -44.47
CA TRP D 297 19.26 -92.97 -43.23
C TRP D 297 19.07 -91.90 -42.14
N ASP D 298 17.82 -91.50 -41.94
CA ASP D 298 17.42 -90.51 -40.96
C ASP D 298 17.41 -91.24 -39.63
N GLN D 299 18.39 -90.91 -38.79
CA GLN D 299 18.58 -91.56 -37.51
C GLN D 299 17.81 -90.97 -36.32
N GLU D 300 16.91 -90.00 -36.54
CA GLU D 300 16.11 -89.40 -35.47
C GLU D 300 14.61 -89.37 -35.71
N ASP D 301 14.16 -89.20 -36.95
CA ASP D 301 12.74 -89.15 -37.31
C ASP D 301 12.49 -89.89 -38.63
N MET D 302 12.64 -91.21 -38.61
CA MET D 302 12.48 -92.05 -39.80
C MET D 302 11.03 -92.29 -40.16
N TRP D 303 10.14 -92.24 -39.17
CA TRP D 303 8.70 -92.51 -39.37
C TRP D 303 7.89 -91.38 -39.98
N GLY D 304 8.15 -90.16 -39.49
CA GLY D 304 7.44 -88.95 -39.87
C GLY D 304 6.89 -88.65 -41.24
N ALA D 305 7.77 -88.14 -42.10
CA ALA D 305 7.46 -87.73 -43.43
C ALA D 305 6.80 -88.81 -44.28
N ILE D 306 7.39 -89.99 -44.34
CA ILE D 306 6.82 -91.03 -45.19
C ILE D 306 5.42 -91.45 -44.76
N HIS D 307 5.17 -91.56 -43.46
CA HIS D 307 3.85 -91.97 -42.99
C HIS D 307 2.79 -90.88 -43.16
N ALA D 308 3.17 -89.60 -43.01
CA ALA D 308 2.28 -88.45 -43.20
C ALA D 308 1.90 -88.35 -44.66
N TRP D 309 2.90 -88.47 -45.51
CA TRP D 309 2.68 -88.43 -46.94
C TRP D 309 1.77 -89.58 -47.40
N GLN D 310 1.99 -90.77 -46.86
CA GLN D 310 1.19 -91.92 -47.24
C GLN D 310 -0.24 -91.79 -46.71
N ALA D 311 -0.38 -91.24 -45.52
CA ALA D 311 -1.70 -91.07 -44.95
C ALA D 311 -2.52 -90.09 -45.80
N LEU D 312 -1.88 -89.02 -46.26
CA LEU D 312 -2.56 -88.01 -47.10
C LEU D 312 -2.92 -88.60 -48.44
N LYS D 313 -1.99 -89.38 -48.99
CA LYS D 313 -2.19 -90.03 -50.27
C LYS D 313 -3.37 -90.99 -50.19
N ASP D 314 -3.49 -91.72 -49.10
CA ASP D 314 -4.63 -92.63 -48.90
C ASP D 314 -5.97 -91.94 -48.63
N ALA D 315 -5.91 -90.73 -48.08
CA ALA D 315 -7.10 -89.91 -47.84
C ALA D 315 -7.49 -89.12 -49.09
N ASP D 316 -6.76 -89.34 -50.18
CA ASP D 316 -6.96 -88.69 -51.47
C ASP D 316 -6.97 -87.19 -51.30
N VAL D 317 -5.84 -86.66 -50.84
CA VAL D 317 -5.67 -85.22 -50.60
C VAL D 317 -5.76 -84.48 -51.93
N LYS D 318 -6.32 -83.28 -51.88
CA LYS D 318 -6.54 -82.48 -53.07
C LYS D 318 -5.51 -81.35 -53.17
N ALA D 319 -4.26 -81.76 -53.30
CA ALA D 319 -3.13 -80.84 -53.46
C ALA D 319 -1.88 -81.62 -53.79
N PRO D 320 -0.88 -80.94 -54.39
CA PRO D 320 0.40 -81.58 -54.62
C PRO D 320 0.89 -82.15 -53.28
N ASN D 321 1.36 -83.39 -53.35
CA ASN D 321 1.82 -84.11 -52.18
C ASN D 321 2.90 -85.03 -52.71
N THR D 322 4.14 -84.54 -52.63
CA THR D 322 5.32 -85.28 -53.10
C THR D 322 6.23 -85.64 -51.95
N LEU D 323 6.79 -86.84 -52.03
CA LEU D 323 7.74 -87.37 -51.06
C LEU D 323 9.13 -87.33 -51.63
N VAL D 324 10.10 -86.80 -50.88
CA VAL D 324 11.49 -86.73 -51.33
C VAL D 324 12.41 -87.39 -50.30
N MET D 325 13.18 -88.37 -50.75
CA MET D 325 14.10 -89.08 -49.88
C MET D 325 15.46 -89.13 -50.57
N GLY D 326 16.46 -88.55 -49.89
CA GLY D 326 17.83 -88.50 -50.33
C GLY D 326 18.75 -89.33 -49.44
N PRO D 327 20.01 -89.50 -49.84
CA PRO D 327 20.99 -90.31 -49.14
C PRO D 327 21.55 -89.49 -48.01
N TRP D 328 20.67 -89.18 -47.06
CA TRP D 328 21.02 -88.29 -45.98
C TRP D 328 20.70 -88.78 -44.59
N ARG D 329 21.43 -88.21 -43.64
CA ARG D 329 21.17 -88.46 -42.23
C ARG D 329 20.10 -87.44 -41.83
N HIS D 330 19.68 -87.45 -40.59
CA HIS D 330 18.68 -86.51 -40.08
C HIS D 330 19.06 -85.04 -40.31
N SER D 331 18.21 -84.35 -41.06
CA SER D 331 18.37 -82.93 -41.39
C SER D 331 19.49 -82.69 -42.39
N GLY D 332 20.03 -83.76 -42.97
CA GLY D 332 21.13 -83.67 -43.94
C GLY D 332 20.77 -82.83 -45.14
N VAL D 333 19.49 -82.80 -45.48
CA VAL D 333 19.01 -82.01 -46.60
C VAL D 333 19.43 -80.55 -46.49
N ASN D 334 19.70 -80.07 -45.28
CA ASN D 334 20.11 -78.68 -45.11
C ASN D 334 21.60 -78.37 -45.12
N TYR D 335 22.43 -79.35 -45.49
CA TYR D 335 23.90 -79.26 -45.50
C TYR D 335 24.47 -79.90 -46.75
N ASN D 336 25.63 -80.54 -46.68
CA ASN D 336 26.22 -81.18 -47.88
C ASN D 336 25.83 -82.66 -47.90
N GLY D 337 25.24 -83.10 -49.02
CA GLY D 337 24.82 -84.48 -49.17
C GLY D 337 25.67 -85.25 -50.14
N SER D 338 26.98 -84.94 -50.17
CA SER D 338 27.95 -85.62 -51.01
C SER D 338 28.41 -86.93 -50.40
N THR D 339 28.35 -87.02 -49.08
CA THR D 339 28.82 -88.20 -48.38
C THR D 339 28.01 -88.45 -47.12
N LEU D 340 28.20 -89.64 -46.56
CA LEU D 340 27.59 -90.03 -45.29
C LEU D 340 28.46 -91.19 -44.82
N GLY D 341 29.18 -90.94 -43.74
CA GLY D 341 30.08 -91.91 -43.17
C GLY D 341 31.11 -92.16 -44.25
N PRO D 342 31.45 -93.42 -44.49
CA PRO D 342 32.43 -93.69 -45.53
C PRO D 342 31.80 -93.70 -46.93
N LEU D 343 30.50 -93.53 -47.06
CA LEU D 343 29.82 -93.57 -48.36
C LEU D 343 29.90 -92.26 -49.16
N GLU D 344 30.03 -92.42 -50.47
CA GLU D 344 30.14 -91.30 -51.40
C GLU D 344 29.00 -91.33 -52.42
N PHE D 345 28.35 -90.19 -52.61
CA PHE D 345 27.23 -90.12 -53.54
C PHE D 345 27.54 -89.26 -54.77
N GLU D 346 26.63 -89.19 -55.73
CA GLU D 346 26.92 -88.43 -56.96
C GLU D 346 26.67 -86.93 -56.86
N GLY D 347 27.66 -86.25 -56.28
CA GLY D 347 27.62 -84.81 -56.07
C GLY D 347 26.85 -84.46 -54.82
N ASP D 348 26.72 -83.16 -54.55
CA ASP D 348 26.00 -82.67 -53.38
C ASP D 348 24.51 -82.84 -53.60
N THR D 349 24.02 -84.03 -53.30
CA THR D 349 22.64 -84.42 -53.48
C THR D 349 21.66 -83.51 -52.74
N ALA D 350 22.10 -82.93 -51.63
CA ALA D 350 21.26 -82.03 -50.83
C ALA D 350 21.08 -80.74 -51.63
N HIS D 351 22.19 -80.20 -52.12
CA HIS D 351 22.13 -78.99 -52.91
C HIS D 351 21.35 -79.21 -54.20
N GLN D 352 21.47 -80.39 -54.79
CA GLN D 352 20.74 -80.73 -56.00
C GLN D 352 19.23 -80.64 -55.79
N TYR D 353 18.76 -81.22 -54.69
CA TYR D 353 17.35 -81.14 -54.33
C TYR D 353 16.89 -79.72 -54.01
N ARG D 354 17.69 -78.97 -53.25
CA ARG D 354 17.32 -77.61 -52.88
C ARG D 354 17.18 -76.68 -54.07
N ARG D 355 18.01 -76.88 -55.09
CA ARG D 355 18.02 -76.07 -56.29
C ARG D 355 17.05 -76.49 -57.40
N ASP D 356 16.89 -77.80 -57.61
CA ASP D 356 16.06 -78.34 -58.67
C ASP D 356 14.63 -78.67 -58.29
N VAL D 357 14.39 -78.94 -57.03
CA VAL D 357 13.04 -79.34 -56.62
C VAL D 357 12.40 -78.39 -55.63
N PHE D 358 13.06 -78.18 -54.51
CA PHE D 358 12.58 -77.34 -53.42
C PHE D 358 12.30 -75.91 -53.86
N ARG D 359 13.30 -75.27 -54.47
CA ARG D 359 13.21 -73.89 -54.93
C ARG D 359 12.13 -73.65 -55.99
N PRO D 360 12.20 -74.35 -57.14
CA PRO D 360 11.18 -74.18 -58.17
C PRO D 360 9.74 -74.43 -57.71
N PHE D 361 9.57 -75.38 -56.80
CA PHE D 361 8.28 -75.73 -56.23
C PHE D 361 7.78 -74.58 -55.36
N PHE D 362 8.65 -74.04 -54.52
CA PHE D 362 8.28 -72.89 -53.72
C PHE D 362 8.02 -71.63 -54.55
N ASP D 363 8.78 -71.45 -55.63
CA ASP D 363 8.57 -70.30 -56.49
C ASP D 363 7.20 -70.32 -57.18
N GLU D 364 6.74 -71.50 -57.53
CA GLU D 364 5.48 -71.63 -58.23
C GLU D 364 4.32 -71.02 -57.45
N TYR D 365 4.32 -71.26 -56.15
CA TYR D 365 3.25 -70.75 -55.32
C TYR D 365 3.55 -69.44 -54.60
N LEU D 366 4.82 -69.05 -54.53
CA LEU D 366 5.19 -67.85 -53.79
C LEU D 366 5.63 -66.69 -54.66
N LYS D 367 6.02 -66.94 -55.91
CA LYS D 367 6.41 -65.91 -56.86
C LYS D 367 5.53 -66.03 -58.09
N PRO D 368 4.34 -65.40 -58.07
CA PRO D 368 3.42 -65.39 -59.20
C PRO D 368 4.14 -65.13 -60.52
N GLY D 369 3.80 -65.89 -61.55
CA GLY D 369 4.43 -65.76 -62.86
C GLY D 369 5.57 -66.74 -63.03
N SER D 370 5.96 -67.43 -61.97
CA SER D 370 7.02 -68.42 -62.02
C SER D 370 6.50 -69.68 -62.69
N ALA D 371 7.37 -70.32 -63.47
CA ALA D 371 7.03 -71.54 -64.19
C ALA D 371 6.43 -72.58 -63.25
N SER D 372 5.52 -73.38 -63.80
CA SER D 372 4.89 -74.45 -63.06
C SER D 372 5.69 -75.74 -63.14
N VAL D 373 5.68 -76.47 -62.04
CA VAL D 373 6.39 -77.74 -61.95
C VAL D 373 5.34 -78.79 -61.66
N HIS D 374 5.55 -79.96 -62.25
CA HIS D 374 4.65 -81.09 -62.11
C HIS D 374 5.47 -82.21 -61.52
N LEU D 375 5.50 -82.25 -60.20
CA LEU D 375 6.25 -83.25 -59.48
C LEU D 375 5.50 -84.58 -59.42
N PRO D 376 6.24 -85.69 -59.44
CA PRO D 376 5.62 -87.01 -59.34
C PRO D 376 5.27 -87.30 -57.89
N ASP D 377 4.80 -88.52 -57.62
CA ASP D 377 4.50 -88.96 -56.25
C ASP D 377 5.74 -88.94 -55.37
N ALA D 378 6.86 -89.36 -55.93
CA ALA D 378 8.06 -89.46 -55.13
C ALA D 378 9.31 -89.31 -55.94
N ILE D 379 10.27 -88.60 -55.33
CA ILE D 379 11.57 -88.38 -55.89
C ILE D 379 12.51 -89.02 -54.87
N ILE D 380 13.09 -90.14 -55.23
CA ILE D 380 13.94 -90.90 -54.32
C ILE D 380 15.31 -91.21 -54.91
N TYR D 381 16.37 -90.92 -54.16
CA TYR D 381 17.72 -91.24 -54.61
C TYR D 381 17.86 -92.75 -54.59
N ASN D 382 18.55 -93.29 -55.59
CA ASN D 382 18.78 -94.74 -55.66
C ASN D 382 20.17 -95.04 -55.15
N THR D 383 20.24 -95.66 -53.98
CA THR D 383 21.51 -95.98 -53.34
C THR D 383 22.34 -97.05 -54.02
N GLY D 384 21.81 -97.69 -55.07
CA GLY D 384 22.51 -98.70 -55.85
C GLY D 384 23.02 -98.21 -57.18
N ASP D 385 22.14 -97.56 -57.95
CA ASP D 385 22.47 -96.95 -59.23
C ASP D 385 23.15 -95.58 -59.07
N GLN D 386 23.03 -94.96 -57.90
CA GLN D 386 23.62 -93.65 -57.63
C GLN D 386 23.07 -92.55 -58.51
N LYS D 387 21.75 -92.41 -58.49
CA LYS D 387 21.03 -91.39 -59.27
C LYS D 387 19.67 -91.12 -58.66
N TRP D 388 19.06 -90.01 -59.05
CA TRP D 388 17.71 -89.68 -58.62
C TRP D 388 16.62 -90.38 -59.44
N ASP D 389 15.67 -91.01 -58.75
CA ASP D 389 14.56 -91.67 -59.42
C ASP D 389 13.31 -90.82 -59.26
N TYR D 390 12.62 -90.59 -60.38
CA TYR D 390 11.35 -89.88 -60.39
C TYR D 390 10.25 -90.90 -60.60
N TYR D 391 9.47 -91.13 -59.55
CA TYR D 391 8.41 -92.12 -59.57
C TYR D 391 7.02 -91.52 -59.59
N ARG D 392 6.41 -91.61 -60.77
CA ARG D 392 5.07 -91.11 -61.03
C ARG D 392 4.10 -91.63 -59.98
N SER D 393 4.10 -92.95 -59.79
CA SER D 393 3.30 -93.61 -58.77
C SER D 393 4.29 -94.35 -57.90
N TRP D 394 4.17 -94.23 -56.59
CA TRP D 394 5.07 -94.91 -55.67
C TRP D 394 4.38 -95.23 -54.33
N PRO D 395 4.65 -96.40 -53.75
CA PRO D 395 5.46 -97.50 -54.26
C PRO D 395 4.65 -98.28 -55.28
N SER D 396 5.34 -99.02 -56.12
CA SER D 396 4.68 -99.81 -57.15
C SER D 396 4.34 -101.19 -56.61
N VAL D 397 4.91 -101.54 -55.47
CA VAL D 397 4.67 -102.83 -54.81
C VAL D 397 4.52 -102.65 -53.30
N CYS D 398 3.60 -103.38 -52.70
CA CYS D 398 3.37 -103.33 -51.25
C CYS D 398 2.46 -104.51 -50.86
N GLU D 399 2.12 -104.62 -49.58
CA GLU D 399 1.28 -105.71 -49.12
C GLU D 399 -0.16 -105.73 -49.60
N SER D 400 -0.73 -104.59 -49.96
CA SER D 400 -2.12 -104.54 -50.43
C SER D 400 -2.37 -103.27 -51.22
N ASN D 401 -3.32 -103.36 -52.16
CA ASN D 401 -3.71 -102.23 -53.01
C ASN D 401 -2.61 -101.55 -53.80
N CYS D 402 -1.72 -102.38 -54.36
CA CYS D 402 -0.63 -101.94 -55.22
C CYS D 402 -0.58 -102.72 -56.52
N THR D 403 0.17 -102.17 -57.46
CA THR D 403 0.31 -102.83 -58.75
C THR D 403 0.84 -104.25 -58.60
N GLY D 404 1.74 -104.44 -57.63
CA GLY D 404 2.31 -105.73 -57.34
C GLY D 404 2.47 -105.97 -55.84
N GLY D 405 2.88 -107.19 -55.49
CA GLY D 405 3.09 -107.53 -54.10
C GLY D 405 4.56 -107.65 -53.73
N LEU D 406 4.81 -107.88 -52.45
CA LEU D 406 6.15 -108.06 -51.93
C LEU D 406 6.67 -109.45 -52.26
N THR D 407 8.00 -109.59 -52.28
CA THR D 407 8.67 -110.84 -52.61
C THR D 407 9.44 -111.33 -51.38
N PRO D 408 9.01 -112.43 -50.78
CA PRO D 408 9.69 -112.88 -49.58
C PRO D 408 11.07 -113.46 -49.85
N LEU D 409 12.01 -113.03 -49.03
CA LEU D 409 13.38 -113.52 -49.02
C LEU D 409 13.47 -114.32 -47.72
N TYR D 410 13.33 -115.64 -47.83
CA TYR D 410 13.30 -116.55 -46.69
C TYR D 410 14.63 -116.94 -46.06
N LEU D 411 14.63 -117.05 -44.73
CA LEU D 411 15.78 -117.57 -44.02
C LEU D 411 15.81 -119.08 -44.33
N ALA D 412 17.00 -119.65 -44.35
CA ALA D 412 17.10 -121.08 -44.64
C ALA D 412 18.22 -121.71 -43.84
N ASP D 413 18.37 -123.01 -44.03
CA ASP D 413 19.47 -123.74 -43.43
C ASP D 413 20.81 -123.23 -43.91
N GLY D 414 21.82 -123.52 -43.09
CA GLY D 414 23.19 -123.13 -43.38
C GLY D 414 23.36 -121.63 -43.33
N HIS D 415 22.49 -120.95 -42.58
CA HIS D 415 22.50 -119.50 -42.49
C HIS D 415 22.42 -118.81 -43.86
N GLY D 416 21.57 -119.37 -44.72
CA GLY D 416 21.35 -118.84 -46.06
C GLY D 416 20.06 -118.05 -46.15
N LEU D 417 19.88 -117.44 -47.31
CA LEU D 417 18.71 -116.65 -47.67
C LEU D 417 18.38 -117.07 -49.09
N SER D 418 17.11 -117.34 -49.34
CA SER D 418 16.66 -117.78 -50.65
C SER D 418 15.25 -117.32 -50.96
N PHE D 419 15.02 -116.99 -52.23
CA PHE D 419 13.69 -116.61 -52.67
C PHE D 419 12.76 -117.81 -52.77
N THR D 420 13.31 -119.02 -52.63
CA THR D 420 12.52 -120.25 -52.65
C THR D 420 12.12 -120.60 -51.22
N HIS D 421 10.83 -120.86 -51.01
CA HIS D 421 10.30 -121.20 -49.69
C HIS D 421 10.88 -122.54 -49.26
N PRO D 422 11.61 -122.59 -48.14
CA PRO D 422 12.10 -123.89 -47.68
C PRO D 422 11.00 -124.79 -47.12
N ALA D 423 10.79 -125.95 -47.73
CA ALA D 423 9.70 -126.85 -47.32
C ALA D 423 9.84 -127.36 -45.88
N ALA D 424 11.06 -127.73 -45.50
CA ALA D 424 11.33 -128.28 -44.16
C ALA D 424 11.44 -127.28 -43.02
N ASP D 425 11.00 -127.65 -41.82
CA ASP D 425 11.11 -126.79 -40.64
C ASP D 425 12.50 -126.81 -40.02
N GLY D 426 12.85 -125.73 -39.35
CA GLY D 426 14.17 -125.60 -38.77
C GLY D 426 14.21 -124.37 -37.89
N ALA D 427 15.31 -124.21 -37.18
CA ALA D 427 15.49 -123.10 -36.26
C ALA D 427 16.93 -122.91 -35.84
N ASP D 428 17.33 -121.65 -35.65
CA ASP D 428 18.67 -121.33 -35.20
C ASP D 428 18.45 -120.56 -33.90
N SER D 429 19.27 -120.84 -32.90
CA SER D 429 19.16 -120.20 -31.60
C SER D 429 20.36 -119.33 -31.29
N TYR D 430 20.12 -118.38 -30.38
CA TYR D 430 21.18 -117.53 -29.86
C TYR D 430 20.78 -117.12 -28.44
N VAL D 431 21.76 -116.89 -27.59
CA VAL D 431 21.51 -116.48 -26.21
C VAL D 431 21.61 -114.98 -26.10
N SER D 432 20.60 -114.34 -25.51
CA SER D 432 20.55 -112.90 -25.30
C SER D 432 20.75 -112.63 -23.81
N ASP D 433 21.88 -112.03 -23.44
CA ASP D 433 22.21 -111.73 -22.06
C ASP D 433 22.19 -110.22 -21.87
N PRO D 434 21.25 -109.71 -21.06
CA PRO D 434 21.17 -108.27 -20.78
C PRO D 434 22.38 -107.65 -20.08
N ALA D 435 23.25 -108.46 -19.48
CA ALA D 435 24.46 -107.94 -18.87
C ALA D 435 25.52 -107.66 -19.93
N HIS D 436 25.35 -108.18 -21.14
CA HIS D 436 26.27 -107.96 -22.24
C HIS D 436 25.49 -107.67 -23.51
N PRO D 437 24.78 -106.53 -23.51
CA PRO D 437 23.97 -106.16 -24.66
C PRO D 437 24.86 -105.77 -25.83
N VAL D 438 24.30 -105.95 -27.02
CA VAL D 438 24.99 -105.65 -28.26
C VAL D 438 25.09 -104.14 -28.44
N PRO D 439 26.31 -103.62 -28.65
CA PRO D 439 26.43 -102.19 -28.90
C PRO D 439 25.82 -101.82 -30.24
N PHE D 440 25.06 -100.73 -30.31
CA PHE D 440 24.47 -100.32 -31.60
C PHE D 440 25.55 -99.79 -32.56
N ILE D 441 26.61 -99.23 -31.97
CA ILE D 441 27.82 -98.83 -32.68
C ILE D 441 28.98 -99.13 -31.75
N SER D 442 30.17 -99.24 -32.32
CA SER D 442 31.38 -99.59 -31.60
C SER D 442 31.61 -98.70 -30.39
N ARG D 443 32.08 -99.33 -29.32
CA ARG D 443 32.42 -98.66 -28.08
C ARG D 443 33.79 -98.00 -28.22
N PRO D 444 34.02 -96.88 -27.51
CA PRO D 444 33.07 -96.22 -26.63
C PRO D 444 32.21 -95.21 -27.37
N PHE D 445 31.01 -94.96 -26.87
CA PHE D 445 30.17 -93.94 -27.50
C PHE D 445 29.41 -93.18 -26.41
N ALA D 446 29.30 -91.86 -26.58
CA ALA D 446 28.51 -90.99 -25.72
C ALA D 446 27.55 -90.24 -26.62
N PHE D 447 26.32 -90.04 -26.16
CA PHE D 447 25.32 -89.29 -26.95
C PHE D 447 25.76 -87.90 -27.38
N ALA D 448 26.69 -87.29 -26.65
CA ALA D 448 27.24 -85.98 -27.01
C ALA D 448 28.06 -86.00 -28.31
N GLN D 449 28.63 -87.15 -28.65
CA GLN D 449 29.45 -87.33 -29.85
C GLN D 449 28.63 -87.31 -31.15
N SER D 450 28.33 -86.09 -31.57
CA SER D 450 27.56 -85.87 -32.78
C SER D 450 28.18 -86.47 -34.02
N SER D 451 29.50 -86.40 -34.13
CA SER D 451 30.19 -86.90 -35.31
C SER D 451 29.98 -88.39 -35.55
N ARG D 452 29.74 -89.14 -34.47
CA ARG D 452 29.52 -90.59 -34.56
C ARG D 452 28.03 -90.98 -34.54
N TRP D 453 27.18 -90.09 -34.05
CA TRP D 453 25.75 -90.31 -33.99
C TRP D 453 25.06 -90.10 -35.32
N LYS D 454 25.40 -88.99 -35.98
CA LYS D 454 24.81 -88.65 -37.26
C LYS D 454 24.84 -89.74 -38.32
N PRO D 455 25.98 -90.36 -38.61
CA PRO D 455 26.03 -91.42 -39.62
C PRO D 455 25.95 -92.85 -39.12
N TRP D 456 25.35 -93.07 -37.95
CA TRP D 456 25.40 -94.40 -37.36
C TRP D 456 24.72 -95.50 -38.14
N LEU D 457 23.65 -95.15 -38.84
CA LEU D 457 22.91 -96.13 -39.62
C LEU D 457 23.64 -96.69 -40.83
N VAL D 458 24.77 -96.12 -41.24
CA VAL D 458 25.52 -96.66 -42.39
C VAL D 458 26.82 -97.38 -42.00
N GLN D 459 27.01 -97.63 -40.71
CA GLN D 459 28.20 -98.29 -40.17
C GLN D 459 28.23 -99.79 -40.45
N ASP D 460 29.44 -100.30 -40.67
CA ASP D 460 29.63 -101.71 -40.96
C ASP D 460 29.03 -102.56 -39.83
N GLN D 461 28.31 -103.62 -40.17
CA GLN D 461 27.71 -104.51 -39.16
C GLN D 461 28.53 -105.78 -38.92
N ARG D 462 29.80 -105.77 -39.36
CA ARG D 462 30.67 -106.90 -39.12
C ARG D 462 30.96 -107.18 -37.63
N GLU D 463 31.03 -106.16 -36.79
CA GLU D 463 31.28 -106.34 -35.37
C GLU D 463 30.16 -107.16 -34.76
N ALA D 464 28.93 -106.82 -35.15
CA ALA D 464 27.76 -107.56 -34.70
C ALA D 464 27.76 -108.99 -35.23
N GLU D 465 28.12 -109.19 -36.49
CA GLU D 465 28.11 -110.52 -37.09
C GLU D 465 28.99 -111.50 -36.30
N SER D 466 30.10 -111.02 -35.76
CA SER D 466 31.08 -111.83 -35.05
C SER D 466 30.64 -112.28 -33.67
N ARG D 467 29.49 -111.82 -33.18
CA ARG D 467 29.04 -112.18 -31.85
C ARG D 467 28.10 -113.38 -31.82
N PRO D 468 28.13 -114.18 -30.74
CA PRO D 468 27.22 -115.31 -30.64
C PRO D 468 25.78 -114.92 -30.28
N ASP D 469 25.56 -113.69 -29.84
CA ASP D 469 24.20 -113.23 -29.53
C ASP D 469 23.52 -112.48 -30.69
N VAL D 470 24.02 -112.72 -31.89
CA VAL D 470 23.50 -112.15 -33.14
C VAL D 470 23.52 -113.29 -34.16
N VAL D 471 22.41 -113.51 -34.87
CA VAL D 471 22.36 -114.54 -35.91
C VAL D 471 22.37 -113.81 -37.25
N THR D 472 23.12 -114.37 -38.21
CA THR D 472 23.29 -113.75 -39.53
C THR D 472 23.02 -114.73 -40.68
N TYR D 473 22.29 -114.26 -41.68
CA TYR D 473 21.93 -115.07 -42.85
C TYR D 473 22.33 -114.29 -44.08
N GLU D 474 22.73 -114.97 -45.14
CA GLU D 474 23.12 -114.27 -46.37
C GLU D 474 22.92 -115.13 -47.61
N THR D 475 22.67 -114.45 -48.71
CA THR D 475 22.50 -115.12 -49.99
C THR D 475 23.91 -115.42 -50.50
N GLU D 476 23.95 -116.21 -51.57
CA GLU D 476 25.18 -116.50 -52.25
C GLU D 476 25.55 -115.18 -52.90
N VAL D 477 26.77 -115.10 -53.45
CA VAL D 477 27.09 -113.85 -54.13
C VAL D 477 26.14 -113.76 -55.32
N LEU D 478 25.59 -112.56 -55.56
CA LEU D 478 24.61 -112.39 -56.62
C LEU D 478 25.17 -112.41 -58.04
N ASP D 479 24.55 -113.22 -58.90
CA ASP D 479 24.92 -113.31 -60.32
C ASP D 479 24.16 -112.26 -61.13
N GLU D 480 22.97 -111.87 -60.67
CA GLU D 480 22.11 -110.88 -61.31
C GLU D 480 21.65 -109.92 -60.21
N PRO D 481 21.57 -108.62 -60.51
CA PRO D 481 21.17 -107.65 -59.51
C PRO D 481 19.73 -107.75 -59.07
N VAL D 482 19.40 -107.36 -57.84
CA VAL D 482 17.99 -107.38 -57.45
C VAL D 482 17.69 -105.94 -57.04
N ARG D 483 16.63 -105.40 -57.63
CA ARG D 483 16.23 -104.03 -57.41
C ARG D 483 15.14 -104.07 -56.39
N VAL D 484 15.18 -103.13 -55.46
CA VAL D 484 14.16 -103.03 -54.43
C VAL D 484 13.75 -101.56 -54.34
N SER D 485 12.46 -101.31 -54.19
CA SER D 485 11.93 -99.95 -54.07
C SER D 485 10.56 -100.09 -53.42
N GLY D 486 10.47 -99.62 -52.16
CA GLY D 486 9.25 -99.67 -51.35
C GLY D 486 9.59 -99.90 -49.89
N VAL D 487 8.65 -100.39 -49.09
CA VAL D 487 8.93 -100.64 -47.68
C VAL D 487 8.99 -102.14 -47.37
N PRO D 488 10.15 -102.58 -46.88
CA PRO D 488 10.25 -103.99 -46.57
C PRO D 488 9.50 -104.24 -45.29
N VAL D 489 9.09 -105.49 -45.11
CA VAL D 489 8.37 -105.93 -43.93
C VAL D 489 8.98 -107.21 -43.34
N ALA D 490 9.27 -107.15 -42.05
CA ALA D 490 9.82 -108.28 -41.33
C ALA D 490 8.67 -109.23 -41.02
N ASP D 491 8.79 -110.48 -41.45
CA ASP D 491 7.81 -111.50 -41.17
C ASP D 491 8.61 -112.48 -40.32
N LEU D 492 8.56 -112.25 -39.02
CA LEU D 492 9.39 -112.98 -38.07
C LEU D 492 8.63 -114.03 -37.28
N PHE D 493 9.21 -115.22 -37.23
CA PHE D 493 8.64 -116.30 -36.44
C PHE D 493 9.74 -116.60 -35.44
N ALA D 494 9.56 -116.13 -34.22
CA ALA D 494 10.56 -116.27 -33.17
C ALA D 494 9.99 -116.56 -31.79
N ALA D 495 10.74 -117.38 -31.07
CA ALA D 495 10.44 -117.81 -29.72
C ALA D 495 11.53 -117.31 -28.80
N THR D 496 11.16 -117.11 -27.54
CA THR D 496 12.09 -116.73 -26.47
C THR D 496 11.77 -117.52 -25.22
N SER D 497 12.82 -117.90 -24.48
CA SER D 497 12.63 -118.64 -23.22
C SER D 497 12.06 -117.71 -22.15
N GLY D 498 12.15 -116.40 -22.35
CA GLY D 498 11.66 -115.45 -21.36
C GLY D 498 10.21 -115.12 -21.62
N THR D 499 9.72 -114.07 -20.97
CA THR D 499 8.34 -113.60 -21.13
C THR D 499 8.25 -112.24 -21.79
N ASP D 500 9.38 -111.74 -22.29
CA ASP D 500 9.44 -110.50 -23.03
C ASP D 500 10.75 -110.52 -23.81
N SER D 501 10.79 -109.71 -24.87
CA SER D 501 11.98 -109.62 -25.70
C SER D 501 11.81 -108.55 -26.74
N ASP D 502 12.94 -108.04 -27.20
CA ASP D 502 13.04 -107.06 -28.29
C ASP D 502 13.60 -107.85 -29.45
N TRP D 503 13.20 -107.45 -30.65
CA TRP D 503 13.65 -108.09 -31.87
C TRP D 503 14.17 -107.04 -32.85
N VAL D 504 15.47 -107.12 -33.12
CA VAL D 504 16.16 -106.23 -34.04
C VAL D 504 16.38 -107.00 -35.34
N VAL D 505 15.96 -106.41 -36.46
CA VAL D 505 16.09 -107.03 -37.77
C VAL D 505 16.78 -106.02 -38.69
N LYS D 506 17.84 -106.47 -39.34
CA LYS D 506 18.60 -105.61 -40.22
C LYS D 506 18.66 -106.25 -41.60
N LEU D 507 18.43 -105.42 -42.61
CA LEU D 507 18.52 -105.81 -44.01
C LEU D 507 19.78 -105.10 -44.51
N ILE D 508 20.73 -105.89 -44.99
CA ILE D 508 22.06 -105.43 -45.34
C ILE D 508 22.52 -105.77 -46.76
N ASP D 509 23.31 -104.86 -47.32
CA ASP D 509 23.94 -105.02 -48.62
C ASP D 509 25.43 -105.28 -48.33
N VAL D 510 25.88 -106.49 -48.59
CA VAL D 510 27.27 -106.86 -48.36
C VAL D 510 28.00 -106.46 -49.65
N GLN D 511 29.01 -105.63 -49.51
CA GLN D 511 29.73 -105.17 -50.69
C GLN D 511 30.59 -106.30 -51.23
N PRO D 512 31.07 -106.18 -52.47
CA PRO D 512 31.91 -107.23 -53.00
C PRO D 512 33.07 -107.54 -52.03
N ALA D 513 33.38 -108.82 -51.94
CA ALA D 513 34.47 -109.31 -51.07
C ALA D 513 35.67 -108.39 -51.10
N MET D 514 36.03 -107.94 -52.31
CA MET D 514 37.10 -106.97 -52.52
C MET D 514 36.57 -105.81 -53.38
N THR D 515 36.90 -104.59 -52.96
CA THR D 515 36.53 -103.36 -53.68
C THR D 515 37.85 -102.62 -53.92
N PRO D 516 38.58 -103.04 -54.96
CA PRO D 516 39.94 -102.55 -55.22
C PRO D 516 40.11 -101.05 -55.42
N ASP D 517 39.05 -100.37 -55.87
CA ASP D 517 39.10 -98.91 -56.05
C ASP D 517 38.99 -98.16 -54.73
N ASP D 518 38.48 -98.83 -53.69
CA ASP D 518 38.36 -98.26 -52.35
C ASP D 518 38.42 -99.47 -51.40
N PRO D 519 39.62 -100.00 -51.14
CA PRO D 519 39.84 -101.22 -50.38
C PRO D 519 39.11 -101.43 -49.05
N LYS D 520 38.96 -100.36 -48.28
CA LYS D 520 38.30 -100.47 -46.98
C LYS D 520 36.85 -100.95 -47.02
N MET D 521 36.21 -100.86 -48.18
CA MET D 521 34.82 -101.27 -48.35
C MET D 521 34.61 -102.74 -48.69
N GLY D 522 35.70 -103.49 -48.86
CA GLY D 522 35.61 -104.91 -49.21
C GLY D 522 34.91 -105.71 -48.14
N GLY D 523 33.81 -106.36 -48.52
CA GLY D 523 32.97 -107.16 -47.60
C GLY D 523 32.17 -106.38 -46.58
N TYR D 524 32.20 -105.06 -46.69
CA TYR D 524 31.51 -104.14 -45.80
C TYR D 524 30.03 -104.45 -45.72
N GLU D 525 29.53 -104.62 -44.50
CA GLU D 525 28.12 -104.93 -44.28
C GLU D 525 27.30 -103.67 -44.06
N LEU D 526 26.81 -103.15 -45.17
CA LEU D 526 26.07 -101.90 -45.16
C LEU D 526 24.57 -102.07 -44.93
N PRO D 527 24.08 -101.54 -43.82
CA PRO D 527 22.65 -101.64 -43.57
C PRO D 527 21.84 -100.66 -44.42
N VAL D 528 20.88 -101.19 -45.16
CA VAL D 528 20.04 -100.33 -45.99
C VAL D 528 18.74 -100.04 -45.26
N SER D 529 18.38 -100.92 -44.32
CA SER D 529 17.15 -100.74 -43.57
C SER D 529 17.16 -101.63 -42.34
N MET D 530 16.97 -101.03 -41.18
CA MET D 530 16.89 -101.74 -39.91
C MET D 530 15.95 -101.12 -38.86
N ASP D 531 15.38 -101.98 -38.01
CA ASP D 531 14.52 -101.48 -36.93
C ASP D 531 14.38 -102.51 -35.82
N ILE D 532 13.81 -102.06 -34.71
CA ILE D 532 13.61 -102.83 -33.50
C ILE D 532 12.12 -102.86 -33.17
N PHE D 533 11.69 -103.99 -32.62
CA PHE D 533 10.32 -104.17 -32.19
C PHE D 533 10.29 -104.72 -30.77
N ARG D 534 9.53 -104.04 -29.91
CA ARG D 534 9.40 -104.50 -28.52
C ARG D 534 8.24 -105.49 -28.43
N GLY D 535 8.61 -106.75 -28.23
CA GLY D 535 7.73 -107.92 -28.17
C GLY D 535 6.41 -107.86 -27.40
N ARG D 536 6.39 -107.19 -26.26
CA ARG D 536 5.16 -107.07 -25.46
C ARG D 536 4.03 -106.41 -26.24
N TYR D 537 4.37 -105.71 -27.33
CA TYR D 537 3.36 -105.09 -28.18
C TYR D 537 2.97 -105.90 -29.43
N ARG D 538 3.29 -107.19 -29.47
CA ARG D 538 3.06 -108.04 -30.64
C ARG D 538 1.61 -108.00 -31.13
N LYS D 539 0.67 -108.11 -30.21
CA LYS D 539 -0.77 -108.09 -30.54
C LYS D 539 -1.38 -106.69 -30.61
N ASP D 540 -1.02 -105.85 -29.63
CA ASP D 540 -1.59 -104.52 -29.53
C ASP D 540 -0.57 -103.54 -28.98
N PHE D 541 -0.37 -102.42 -29.67
CA PHE D 541 0.58 -101.41 -29.20
C PHE D 541 0.08 -100.72 -27.94
N ALA D 542 -1.25 -100.67 -27.77
CA ALA D 542 -1.87 -100.03 -26.61
C ALA D 542 -2.05 -100.96 -25.41
N LYS D 543 -1.90 -102.27 -25.61
CA LYS D 543 -2.10 -103.23 -24.53
C LYS D 543 -0.98 -104.27 -24.43
N PRO D 544 0.06 -103.98 -23.64
CA PRO D 544 1.16 -104.93 -23.55
C PRO D 544 0.74 -106.21 -22.84
N GLU D 545 1.32 -107.31 -23.31
CA GLU D 545 1.06 -108.64 -22.79
C GLU D 545 2.35 -109.44 -22.81
N ALA D 546 2.48 -110.35 -21.85
CA ALA D 546 3.64 -111.21 -21.72
C ALA D 546 3.66 -112.20 -22.87
N LEU D 547 4.87 -112.59 -23.23
CA LEU D 547 5.10 -113.55 -24.29
C LEU D 547 5.05 -114.91 -23.64
N GLN D 548 4.64 -115.88 -24.45
CA GLN D 548 4.54 -117.27 -24.07
C GLN D 548 5.95 -117.87 -24.20
N PRO D 549 6.56 -118.35 -23.09
CA PRO D 549 7.91 -118.90 -23.16
C PRO D 549 7.98 -120.10 -24.05
N ASP D 550 9.05 -120.20 -24.84
CA ASP D 550 9.33 -121.28 -25.77
C ASP D 550 8.32 -121.49 -26.89
N ALA D 551 7.40 -120.55 -27.05
CA ALA D 551 6.39 -120.61 -28.10
C ALA D 551 6.86 -119.75 -29.27
N THR D 552 6.81 -120.31 -30.49
CA THR D 552 7.18 -119.60 -31.69
C THR D 552 6.01 -118.66 -31.96
N LEU D 553 6.27 -117.35 -31.96
CA LEU D 553 5.23 -116.35 -32.18
C LEU D 553 5.52 -115.51 -33.42
N HIS D 554 4.44 -115.03 -34.03
CA HIS D 554 4.49 -114.24 -35.26
C HIS D 554 4.53 -112.73 -35.08
N TYR D 555 5.62 -112.12 -35.53
CA TYR D 555 5.82 -110.67 -35.48
C TYR D 555 5.81 -110.19 -36.93
N HIS D 556 5.14 -109.07 -37.17
CA HIS D 556 5.00 -108.53 -38.51
C HIS D 556 5.07 -107.02 -38.38
N PHE D 557 6.12 -106.43 -38.93
CA PHE D 557 6.32 -104.99 -38.86
C PHE D 557 7.16 -104.40 -39.98
N THR D 558 6.80 -103.19 -40.39
CA THR D 558 7.47 -102.49 -41.47
C THR D 558 8.80 -101.94 -41.01
N LEU D 559 9.76 -102.01 -41.94
CA LEU D 559 11.11 -101.51 -41.74
C LEU D 559 11.26 -100.25 -42.58
N PRO D 560 12.32 -99.44 -42.33
CA PRO D 560 12.56 -98.25 -43.15
C PRO D 560 12.57 -98.52 -44.66
N ALA D 561 12.11 -97.54 -45.42
CA ALA D 561 12.03 -97.63 -46.88
C ALA D 561 13.38 -97.77 -47.58
N VAL D 562 13.38 -98.52 -48.67
CA VAL D 562 14.58 -98.71 -49.47
C VAL D 562 14.32 -98.32 -50.94
N ASN D 563 15.35 -97.87 -51.62
CA ASN D 563 15.33 -97.57 -53.06
C ASN D 563 16.76 -97.91 -53.46
N HIS D 564 17.03 -99.19 -53.62
CA HIS D 564 18.38 -99.69 -53.77
C HIS D 564 18.51 -100.81 -54.80
N VAL D 565 19.75 -101.11 -55.18
CA VAL D 565 20.01 -102.20 -56.11
C VAL D 565 21.17 -102.98 -55.51
N PHE D 566 20.97 -104.28 -55.27
CA PHE D 566 22.01 -105.18 -54.79
C PHE D 566 22.63 -105.70 -56.09
N ALA D 567 23.77 -105.12 -56.46
CA ALA D 567 24.45 -105.40 -57.70
C ALA D 567 25.17 -106.72 -57.73
N LYS D 568 25.67 -107.10 -58.90
CA LYS D 568 26.41 -108.36 -59.06
C LYS D 568 27.62 -108.30 -58.15
N GLY D 569 27.98 -109.42 -57.52
CA GLY D 569 29.11 -109.44 -56.62
C GLY D 569 28.76 -109.09 -55.19
N HIS D 570 27.56 -108.57 -54.96
CA HIS D 570 27.12 -108.28 -53.59
C HIS D 570 26.34 -109.46 -53.04
N ARG D 571 25.94 -109.37 -51.78
CA ARG D 571 25.09 -110.36 -51.14
C ARG D 571 24.03 -109.56 -50.40
N ILE D 572 22.88 -110.17 -50.17
CA ILE D 572 21.82 -109.60 -49.34
C ILE D 572 22.04 -110.35 -48.02
N MET D 573 21.98 -109.63 -46.92
CA MET D 573 22.18 -110.23 -45.62
C MET D 573 21.11 -109.75 -44.68
N VAL D 574 20.76 -110.62 -43.74
CA VAL D 574 19.79 -110.29 -42.71
C VAL D 574 20.44 -110.65 -41.37
N GLN D 575 20.42 -109.72 -40.42
CA GLN D 575 20.96 -109.97 -39.09
C GLN D 575 19.81 -109.73 -38.13
N ILE D 576 19.70 -110.62 -37.13
CA ILE D 576 18.70 -110.53 -36.08
C ILE D 576 19.41 -110.64 -34.73
N GLN D 577 18.98 -109.81 -33.78
CA GLN D 577 19.54 -109.78 -32.43
C GLN D 577 18.44 -109.24 -31.49
N SER D 578 18.70 -109.20 -30.19
CA SER D 578 17.69 -108.79 -29.21
C SER D 578 18.07 -107.65 -28.27
N SER D 579 19.08 -106.87 -28.65
CA SER D 579 19.46 -105.69 -27.88
C SER D 579 20.19 -104.78 -28.86
N TRP D 580 20.22 -103.48 -28.56
CA TRP D 580 20.84 -102.46 -29.41
C TRP D 580 21.13 -101.28 -28.46
N PHE D 581 22.19 -101.44 -27.69
CA PHE D 581 22.54 -100.56 -26.59
C PHE D 581 23.71 -99.64 -26.88
N PRO D 582 23.75 -98.45 -26.24
CA PRO D 582 22.75 -97.91 -25.32
C PRO D 582 21.61 -97.11 -25.96
N LEU D 583 21.54 -97.05 -27.28
CA LEU D 583 20.45 -96.31 -27.95
C LEU D 583 19.06 -96.70 -27.45
N TYR D 584 18.82 -98.00 -27.33
CA TYR D 584 17.56 -98.52 -26.85
C TYR D 584 17.76 -99.16 -25.49
N ASP D 585 16.88 -98.88 -24.53
CA ASP D 585 17.00 -99.50 -23.22
C ASP D 585 16.88 -101.03 -23.31
N ARG D 586 17.42 -101.73 -22.31
CA ARG D 586 17.39 -103.17 -22.39
C ARG D 586 16.02 -103.74 -22.06
N ASN D 587 15.65 -104.78 -22.80
CA ASN D 587 14.39 -105.44 -22.50
C ASN D 587 14.87 -106.42 -21.43
N PRO D 588 14.21 -106.42 -20.26
CA PRO D 588 14.64 -107.35 -19.21
C PRO D 588 14.49 -108.82 -19.55
N GLN D 589 13.63 -109.13 -20.52
CA GLN D 589 13.35 -110.49 -20.97
C GLN D 589 12.50 -111.26 -19.97
N LYS D 590 11.81 -110.48 -19.14
CA LYS D 590 10.87 -110.97 -18.14
C LYS D 590 9.80 -109.89 -18.19
N PHE D 591 8.54 -110.28 -18.34
CA PHE D 591 7.48 -109.29 -18.41
C PHE D 591 7.28 -108.57 -17.08
N VAL D 592 7.47 -107.25 -17.11
CA VAL D 592 7.29 -106.40 -15.93
C VAL D 592 6.31 -105.30 -16.34
N PRO D 593 5.50 -104.77 -15.39
CA PRO D 593 4.51 -103.76 -15.73
C PRO D 593 5.03 -102.57 -16.54
N ASN D 594 6.19 -102.04 -16.13
CA ASN D 594 6.77 -100.89 -16.81
C ASN D 594 8.26 -101.11 -16.86
N ILE D 595 8.82 -101.19 -18.07
CA ILE D 595 10.25 -101.42 -18.26
C ILE D 595 11.11 -100.27 -17.75
N PHE D 596 10.56 -99.06 -17.68
CA PHE D 596 11.34 -97.95 -17.13
C PHE D 596 11.78 -98.24 -15.71
N ASP D 597 10.92 -98.93 -14.96
CA ASP D 597 11.17 -99.24 -13.56
C ASP D 597 11.64 -100.66 -13.31
N ALA D 598 12.23 -101.30 -14.31
CA ALA D 598 12.74 -102.65 -14.10
C ALA D 598 13.85 -102.58 -13.05
N LYS D 599 13.87 -103.61 -12.20
CA LYS D 599 14.86 -103.77 -11.13
C LYS D 599 15.98 -104.71 -11.55
N PRO D 600 17.15 -104.65 -10.90
CA PRO D 600 18.28 -105.50 -11.25
C PRO D 600 17.92 -106.98 -11.37
N ALA D 601 17.16 -107.50 -10.42
CA ALA D 601 16.75 -108.91 -10.43
C ALA D 601 15.87 -109.34 -11.61
N ASP D 602 15.19 -108.36 -12.21
CA ASP D 602 14.31 -108.60 -13.35
C ASP D 602 15.01 -108.96 -14.66
N TYR D 603 16.26 -108.53 -14.83
CA TYR D 603 16.99 -108.79 -16.06
C TYR D 603 17.39 -110.25 -16.12
N THR D 604 16.83 -110.97 -17.08
CA THR D 604 17.01 -112.41 -17.23
C THR D 604 17.64 -112.82 -18.55
N VAL D 605 18.58 -113.76 -18.50
CA VAL D 605 19.25 -114.28 -19.70
C VAL D 605 18.20 -115.12 -20.41
N ALA D 606 18.15 -115.11 -21.74
CA ALA D 606 17.17 -115.94 -22.46
C ALA D 606 17.76 -116.52 -23.73
N THR D 607 17.23 -117.67 -24.13
CA THR D 607 17.62 -118.34 -25.38
C THR D 607 16.54 -117.96 -26.38
N GLN D 608 16.96 -117.38 -27.50
CA GLN D 608 16.06 -116.92 -28.55
C GLN D 608 16.22 -117.89 -29.70
N SER D 609 15.12 -118.21 -30.38
CA SER D 609 15.12 -119.14 -31.51
C SER D 609 14.35 -118.59 -32.70
N ILE D 610 14.99 -118.48 -33.85
CA ILE D 610 14.37 -117.97 -35.06
C ILE D 610 14.01 -119.14 -35.94
N HIS D 611 12.72 -119.30 -36.22
CA HIS D 611 12.26 -120.40 -37.05
C HIS D 611 12.38 -120.06 -38.53
N HIS D 612 12.69 -121.08 -39.31
CA HIS D 612 12.75 -120.92 -40.75
C HIS D 612 12.08 -122.14 -41.37
N GLY D 613 11.57 -121.93 -42.57
CA GLY D 613 10.89 -122.98 -43.34
C GLY D 613 9.51 -123.36 -42.83
N GLY D 614 8.82 -124.19 -43.59
CA GLY D 614 7.51 -124.67 -43.22
C GLY D 614 6.45 -123.59 -43.09
N LYS D 615 5.53 -123.77 -42.15
CA LYS D 615 4.45 -122.81 -41.93
C LYS D 615 4.90 -121.62 -41.09
N GLU D 616 6.11 -121.64 -40.54
CA GLU D 616 6.61 -120.53 -39.74
C GLU D 616 7.90 -120.02 -40.37
N ALA D 617 7.86 -119.86 -41.69
CA ALA D 617 9.02 -119.47 -42.46
C ALA D 617 9.33 -118.01 -42.37
N THR D 618 10.27 -117.65 -41.49
CA THR D 618 10.71 -116.29 -41.31
C THR D 618 11.36 -115.78 -42.61
N SER D 619 11.00 -114.53 -42.94
CA SER D 619 11.50 -113.87 -44.13
C SER D 619 11.36 -112.36 -44.00
N ILE D 620 12.02 -111.67 -44.93
CA ILE D 620 11.89 -110.23 -45.10
C ILE D 620 11.07 -110.13 -46.38
N LEU D 621 9.93 -109.48 -46.31
CA LEU D 621 9.07 -109.28 -47.49
C LEU D 621 9.67 -108.09 -48.24
N LEU D 622 10.43 -108.41 -49.29
CA LEU D 622 11.13 -107.35 -50.02
C LEU D 622 10.33 -106.68 -51.12
N PRO D 623 10.43 -105.36 -51.28
CA PRO D 623 9.69 -104.74 -52.37
C PRO D 623 10.46 -104.84 -53.69
N VAL D 624 10.63 -106.04 -54.20
CA VAL D 624 11.37 -106.26 -55.45
C VAL D 624 10.61 -105.71 -56.65
N VAL D 625 11.33 -104.98 -57.50
CA VAL D 625 10.82 -104.38 -58.72
C VAL D 625 11.67 -104.75 -59.93
N LYS D 626 11.05 -104.71 -61.11
CA LYS D 626 11.75 -105.06 -62.34
C LYS D 626 12.36 -103.82 -62.98
N HIS E 10 -57.95 63.11 28.57
CA HIS E 10 -57.29 61.88 28.04
C HIS E 10 -56.56 61.13 29.16
N ASP E 11 -56.76 59.81 29.21
CA ASP E 11 -56.16 58.93 30.22
C ASP E 11 -54.68 58.78 29.91
N PRO E 12 -53.80 59.24 30.81
CA PRO E 12 -52.36 59.16 30.56
C PRO E 12 -51.78 57.73 30.54
N LEU E 13 -52.45 56.80 31.19
CA LEU E 13 -52.00 55.41 31.24
C LEU E 13 -52.36 54.64 29.97
N SER E 14 -52.97 55.32 29.01
CA SER E 14 -53.36 54.72 27.75
C SER E 14 -53.01 55.58 26.54
N VAL E 15 -53.16 56.89 26.66
CA VAL E 15 -52.87 57.81 25.57
C VAL E 15 -51.68 58.68 25.91
N GLN E 16 -50.64 58.60 25.09
CA GLN E 16 -49.45 59.44 25.23
C GLN E 16 -49.39 60.43 24.07
N THR E 17 -49.55 61.72 24.39
CA THR E 17 -49.44 62.81 23.41
C THR E 17 -48.17 63.62 23.64
N GLY E 18 -47.39 63.22 24.64
CA GLY E 18 -46.11 63.83 24.97
C GLY E 18 -45.00 62.86 24.61
N SER E 19 -43.92 62.88 25.39
CA SER E 19 -42.78 62.02 25.16
C SER E 19 -42.53 60.95 26.22
N ASP E 20 -42.11 59.79 25.73
CA ASP E 20 -41.76 58.67 26.59
C ASP E 20 -40.37 58.79 27.20
N ILE E 21 -39.63 59.81 26.79
CA ILE E 21 -38.28 60.07 27.29
C ILE E 21 -38.36 61.07 28.44
N PRO E 22 -38.04 60.62 29.66
CA PRO E 22 -38.10 61.51 30.82
C PRO E 22 -37.13 62.68 30.76
N GLN E 32 -27.39 51.63 46.10
CA GLN E 32 -26.79 50.29 46.06
C GLN E 32 -25.29 50.22 45.73
N ARG E 33 -24.70 51.29 45.22
CA ARG E 33 -23.28 51.31 44.91
C ARG E 33 -22.43 51.36 46.17
N ASP E 34 -21.18 50.90 46.08
CA ASP E 34 -20.25 50.93 47.19
C ASP E 34 -19.24 52.08 47.03
N TYR E 35 -19.55 53.03 46.14
CA TYR E 35 -18.69 54.16 45.86
C TYR E 35 -19.54 55.36 45.42
N ILE E 36 -18.93 56.54 45.41
CA ILE E 36 -19.57 57.77 44.94
C ILE E 36 -18.67 58.34 43.85
N LYS E 37 -19.27 58.90 42.81
CA LYS E 37 -18.48 59.45 41.72
C LYS E 37 -18.77 60.94 41.66
N ARG E 38 -17.73 61.77 41.63
CA ARG E 38 -17.87 63.22 41.51
C ARG E 38 -17.21 63.75 40.23
N GLU E 39 -17.91 64.60 39.50
CA GLU E 39 -17.37 65.20 38.30
C GLU E 39 -17.22 66.68 38.62
N VAL E 40 -16.01 67.18 38.49
CA VAL E 40 -15.71 68.57 38.78
C VAL E 40 -14.88 69.14 37.67
N MET E 41 -14.97 70.46 37.49
CA MET E 41 -14.15 71.18 36.52
C MET E 41 -13.13 71.94 37.37
N VAL E 42 -11.90 71.44 37.41
CA VAL E 42 -10.80 72.02 38.19
C VAL E 42 -10.11 73.12 37.41
N PRO E 43 -10.14 74.36 37.93
CA PRO E 43 -9.53 75.48 37.21
C PRO E 43 -8.00 75.49 37.33
N MET E 44 -7.33 75.76 36.22
CA MET E 44 -5.88 75.88 36.17
C MET E 44 -5.50 77.35 36.40
N ARG E 45 -4.22 77.62 36.60
CA ARG E 45 -3.74 78.97 36.89
C ARG E 45 -4.13 80.03 35.86
N ASP E 46 -4.38 79.61 34.63
CA ASP E 46 -4.76 80.52 33.56
C ASP E 46 -6.27 80.54 33.33
N GLY E 47 -7.05 79.91 34.19
CA GLY E 47 -8.50 79.92 34.05
C GLY E 47 -9.12 78.80 33.25
N VAL E 48 -8.30 77.99 32.59
CA VAL E 48 -8.81 76.84 31.84
C VAL E 48 -9.22 75.74 32.84
N LYS E 49 -10.44 75.23 32.69
CA LYS E 49 -10.95 74.19 33.58
C LYS E 49 -10.80 72.79 33.00
N LEU E 50 -10.29 71.86 33.80
CA LEU E 50 -10.10 70.48 33.35
C LEU E 50 -11.15 69.56 33.99
N TYR E 51 -11.77 68.73 33.16
CA TYR E 51 -12.78 67.77 33.61
C TYR E 51 -12.04 66.73 34.45
N THR E 52 -12.56 66.52 35.66
CA THR E 52 -11.93 65.60 36.59
C THR E 52 -13.03 64.71 37.21
N VAL E 53 -12.73 63.43 37.25
CA VAL E 53 -13.62 62.41 37.78
C VAL E 53 -13.02 61.79 39.02
N ILE E 54 -13.71 61.90 40.15
CA ILE E 54 -13.20 61.38 41.42
C ILE E 54 -14.11 60.28 41.91
N VAL E 55 -13.55 59.10 42.15
CA VAL E 55 -14.25 57.91 42.62
C VAL E 55 -13.76 57.57 44.01
N ILE E 56 -14.67 57.73 44.98
CA ILE E 56 -14.42 57.57 46.40
C ILE E 56 -15.15 56.39 47.03
N PRO E 57 -14.43 55.48 47.69
CA PRO E 57 -15.15 54.36 48.29
C PRO E 57 -16.10 54.87 49.37
N LYS E 58 -17.30 54.28 49.49
CA LYS E 58 -18.24 54.70 50.54
C LYS E 58 -17.64 54.57 51.93
N ASN E 59 -17.93 55.56 52.77
CA ASN E 59 -17.36 55.60 54.13
C ASN E 59 -15.83 55.69 54.16
N ALA E 60 -15.25 56.22 53.10
CA ALA E 60 -13.81 56.39 53.02
C ALA E 60 -13.48 57.61 53.86
N ARG E 61 -12.43 57.48 54.66
CA ARG E 61 -11.98 58.55 55.52
C ARG E 61 -10.46 58.42 55.66
N ASN E 62 -9.76 59.51 55.36
CA ASN E 62 -8.29 59.56 55.40
C ASN E 62 -7.69 58.62 54.36
N ALA E 63 -8.29 58.60 53.17
CA ALA E 63 -7.83 57.72 52.09
C ALA E 63 -6.92 58.42 51.10
N PRO E 64 -5.85 57.71 50.68
CA PRO E 64 -4.97 58.32 49.69
C PRO E 64 -5.61 58.43 48.31
N ILE E 65 -5.08 59.32 47.49
CA ILE E 65 -5.56 59.54 46.14
C ILE E 65 -4.55 59.01 45.12
N LEU E 66 -5.06 58.28 44.12
CA LEU E 66 -4.24 57.76 43.03
C LEU E 66 -4.71 58.57 41.83
N LEU E 67 -3.80 59.32 41.21
CA LEU E 67 -4.17 60.23 40.12
C LEU E 67 -3.58 59.87 38.76
N THR E 68 -4.37 60.02 37.71
CA THR E 68 -3.89 59.76 36.34
C THR E 68 -4.50 60.85 35.49
N ARG E 69 -3.69 61.45 34.62
CA ARG E 69 -4.13 62.53 33.76
C ARG E 69 -4.06 61.89 32.37
N THR E 70 -5.10 62.00 31.55
CA THR E 70 -5.17 61.28 30.28
C THR E 70 -5.80 62.01 29.12
N PRO E 71 -5.37 61.67 27.89
CA PRO E 71 -5.98 62.18 26.67
C PRO E 71 -6.99 61.20 26.07
N TYR E 72 -7.32 60.14 26.81
CA TYR E 72 -8.23 59.08 26.36
C TYR E 72 -9.60 58.96 27.06
N ASN E 73 -10.24 60.09 27.36
CA ASN E 73 -11.58 60.18 27.95
C ASN E 73 -11.75 59.74 29.40
N ALA E 74 -11.42 60.65 30.33
CA ALA E 74 -11.49 60.34 31.76
C ALA E 74 -12.82 59.70 32.19
N LYS E 75 -13.91 60.21 31.66
CA LYS E 75 -15.24 59.67 31.98
C LYS E 75 -15.34 58.19 31.62
N GLY E 76 -14.80 57.83 30.45
CA GLY E 76 -14.80 56.44 30.00
C GLY E 76 -13.84 55.59 30.81
N ARG E 77 -12.63 56.12 31.09
CA ARG E 77 -11.63 55.38 31.87
C ARG E 77 -12.15 54.91 33.23
N ALA E 78 -12.94 55.79 33.86
CA ALA E 78 -13.52 55.47 35.17
C ALA E 78 -14.91 54.83 35.09
N ASN E 79 -15.19 54.24 33.93
CA ASN E 79 -16.42 53.54 33.60
C ASN E 79 -16.10 52.26 32.82
N ARG E 80 -15.21 51.43 33.37
CA ARG E 80 -14.85 50.19 32.67
C ARG E 80 -16.15 49.43 32.39
N VAL E 81 -16.96 49.23 33.43
CA VAL E 81 -18.30 48.65 33.29
C VAL E 81 -19.16 49.88 33.58
N PRO E 82 -19.84 50.44 32.57
CA PRO E 82 -20.61 51.68 32.79
C PRO E 82 -21.61 51.73 33.94
N ASN E 83 -21.39 52.66 34.86
CA ASN E 83 -22.26 52.89 36.01
C ASN E 83 -22.45 51.65 36.87
N ALA E 84 -21.39 50.85 37.00
CA ALA E 84 -21.47 49.61 37.78
C ALA E 84 -21.82 49.86 39.24
N LEU E 85 -22.27 48.79 39.90
CA LEU E 85 -22.66 48.82 41.29
C LEU E 85 -21.48 48.65 42.25
N THR E 86 -20.33 48.19 41.76
CA THR E 86 -19.15 48.07 42.60
C THR E 86 -18.00 48.90 42.02
N MET E 87 -17.12 49.39 42.89
CA MET E 87 -15.96 50.19 42.51
C MET E 87 -14.98 49.31 41.73
N ARG E 88 -14.89 48.04 42.12
CA ARG E 88 -14.02 47.08 41.44
C ARG E 88 -14.37 47.01 39.95
N GLU E 89 -15.65 46.96 39.63
CA GLU E 89 -16.10 46.91 38.24
C GLU E 89 -15.97 48.25 37.50
N VAL E 90 -16.13 49.36 38.20
CA VAL E 90 -16.13 50.65 37.51
C VAL E 90 -14.70 51.05 37.12
N LEU E 91 -13.72 50.64 37.90
CA LEU E 91 -12.34 50.98 37.59
C LEU E 91 -11.59 49.91 36.76
N PRO E 92 -10.53 50.32 36.04
CA PRO E 92 -9.76 49.37 35.25
C PRO E 92 -9.17 48.20 36.04
N GLN E 93 -8.82 47.13 35.33
CA GLN E 93 -8.21 45.94 35.89
C GLN E 93 -6.92 46.26 36.65
N GLY E 94 -6.15 47.20 36.14
CA GLY E 94 -4.89 47.65 36.73
C GLY E 94 -5.03 48.36 38.07
N ASP E 95 -6.23 48.83 38.38
CA ASP E 95 -6.47 49.47 39.66
C ASP E 95 -6.95 48.53 40.76
N ASP E 96 -7.05 47.23 40.46
CA ASP E 96 -7.57 46.26 41.40
C ASP E 96 -6.99 46.30 42.81
N VAL E 97 -5.67 46.39 42.90
CA VAL E 97 -5.03 46.38 44.21
C VAL E 97 -5.27 47.65 45.00
N PHE E 98 -5.63 48.72 44.32
CA PHE E 98 -5.92 50.00 44.97
C PHE E 98 -7.37 50.14 45.43
N VAL E 99 -8.23 49.38 44.77
CA VAL E 99 -9.63 49.30 45.14
C VAL E 99 -9.69 48.47 46.42
N GLU E 100 -8.88 47.41 46.48
CA GLU E 100 -8.79 46.55 47.66
C GLU E 100 -8.13 47.28 48.82
N GLY E 101 -7.29 48.28 48.53
CA GLY E 101 -6.64 49.05 49.58
C GLY E 101 -7.40 50.28 50.03
N GLY E 102 -8.55 50.56 49.44
CA GLY E 102 -9.34 51.70 49.85
C GLY E 102 -8.84 53.04 49.35
N TYR E 103 -8.21 53.08 48.20
CA TYR E 103 -7.73 54.34 47.64
C TYR E 103 -8.85 55.08 46.93
N ILE E 104 -8.71 56.39 46.82
CA ILE E 104 -9.63 57.22 46.04
C ILE E 104 -8.96 57.22 44.67
N ARG E 105 -9.73 57.16 43.59
CA ARG E 105 -9.15 57.16 42.27
C ARG E 105 -9.62 58.41 41.54
N VAL E 106 -8.70 59.04 40.83
CA VAL E 106 -9.00 60.24 40.08
C VAL E 106 -8.42 60.10 38.69
N PHE E 107 -9.26 60.38 37.70
CA PHE E 107 -8.88 60.43 36.29
C PHE E 107 -9.21 61.85 35.84
N GLN E 108 -8.33 62.46 35.05
CA GLN E 108 -8.54 63.81 34.59
C GLN E 108 -8.20 63.91 33.10
N ASP E 109 -9.04 64.63 32.36
CA ASP E 109 -8.83 64.86 30.94
C ASP E 109 -7.81 65.98 30.83
N ILE E 110 -6.74 65.75 30.10
CA ILE E 110 -5.72 66.77 29.93
C ILE E 110 -6.24 67.93 29.11
N ARG E 111 -5.55 69.06 29.20
CA ARG E 111 -5.90 70.29 28.51
C ARG E 111 -6.19 70.03 27.04
N GLY E 112 -7.38 70.45 26.60
CA GLY E 112 -7.82 70.35 25.23
C GLY E 112 -8.43 69.04 24.76
N LYS E 113 -8.67 68.10 25.68
CA LYS E 113 -9.27 66.83 25.32
C LYS E 113 -10.57 66.49 26.05
N TYR E 114 -11.51 65.94 25.30
CA TYR E 114 -12.82 65.52 25.80
C TYR E 114 -13.56 66.57 26.61
N GLY E 115 -13.73 66.39 27.92
CA GLY E 115 -14.48 67.34 28.72
C GLY E 115 -13.71 68.58 29.13
N SER E 116 -12.40 68.61 28.92
CA SER E 116 -11.57 69.74 29.34
C SER E 116 -11.57 70.90 28.32
N GLN E 117 -11.33 72.11 28.81
CA GLN E 117 -11.25 73.31 27.99
C GLN E 117 -9.79 73.42 27.54
N GLY E 118 -9.49 74.42 26.72
CA GLY E 118 -8.10 74.68 26.32
C GLY E 118 -7.66 74.12 24.99
N ASP E 119 -6.45 74.52 24.59
CA ASP E 119 -5.88 74.10 23.33
C ASP E 119 -5.11 72.83 23.61
N TYR E 120 -5.25 71.85 22.73
CA TYR E 120 -4.54 70.58 22.83
C TYR E 120 -3.28 70.59 21.99
N VAL E 121 -2.16 70.29 22.63
CA VAL E 121 -0.88 70.22 21.96
C VAL E 121 -0.39 68.79 22.19
N MET E 122 -0.02 68.08 21.12
CA MET E 122 0.48 66.70 21.22
C MET E 122 1.77 66.62 22.04
N THR E 123 1.81 65.77 23.06
CA THR E 123 2.96 65.64 23.94
C THR E 123 3.51 67.05 24.16
N ARG E 124 2.67 67.87 24.79
CA ARG E 124 2.99 69.27 25.06
C ARG E 124 4.37 69.42 25.69
N PRO E 125 5.26 70.13 24.99
CA PRO E 125 6.59 70.32 25.54
C PRO E 125 6.60 71.15 26.81
N PRO E 126 7.65 70.95 27.63
CA PRO E 126 7.74 71.71 28.87
C PRO E 126 8.09 73.15 28.57
N HIS E 127 7.95 73.99 29.59
CA HIS E 127 8.26 75.41 29.43
C HIS E 127 9.68 75.56 28.94
N GLY E 128 9.87 76.35 27.89
CA GLY E 128 11.19 76.55 27.30
C GLY E 128 11.07 77.05 25.88
N PRO E 129 12.05 76.74 25.02
CA PRO E 129 12.02 77.20 23.63
C PRO E 129 10.86 76.67 22.79
N LEU E 130 10.28 75.55 23.19
CA LEU E 130 9.18 74.94 22.44
C LEU E 130 7.79 75.23 23.05
N ASN E 131 7.77 75.99 24.14
CA ASN E 131 6.55 76.37 24.83
C ASN E 131 6.80 77.61 25.71
N PRO E 132 6.70 78.81 25.12
CA PRO E 132 6.94 80.04 25.87
C PRO E 132 5.77 80.54 26.72
N THR E 133 4.66 79.79 26.76
CA THR E 133 3.49 80.17 27.54
C THR E 133 3.76 79.99 29.03
N LYS E 134 2.78 80.34 29.88
CA LYS E 134 2.89 80.20 31.34
C LYS E 134 2.39 78.86 31.86
N THR E 135 1.89 77.98 30.99
CA THR E 135 1.45 76.64 31.42
C THR E 135 1.97 75.50 30.57
N ASP E 136 1.96 74.33 31.19
CA ASP E 136 2.36 73.09 30.54
C ASP E 136 1.75 71.91 31.30
N GLU E 137 2.16 70.69 31.01
CA GLU E 137 1.61 69.52 31.70
C GLU E 137 2.12 69.41 33.15
N THR E 138 3.22 70.12 33.46
CA THR E 138 3.77 70.13 34.81
C THR E 138 2.95 71.07 35.70
N THR E 139 2.60 72.25 35.17
CA THR E 139 1.84 73.25 35.94
C THR E 139 0.39 72.79 36.09
N ASP E 140 -0.12 72.15 35.06
CA ASP E 140 -1.48 71.59 35.12
C ASP E 140 -1.59 70.48 36.17
N ALA E 141 -0.57 69.62 36.29
CA ALA E 141 -0.58 68.58 37.31
C ALA E 141 -0.40 69.18 38.69
N TRP E 142 0.34 70.29 38.77
CA TRP E 142 0.61 70.97 40.03
C TRP E 142 -0.68 71.53 40.58
N ASP E 143 -1.40 72.26 39.72
CA ASP E 143 -2.65 72.90 40.07
C ASP E 143 -3.70 71.83 40.41
N THR E 144 -3.62 70.67 39.77
CA THR E 144 -4.57 69.58 40.00
C THR E 144 -4.41 68.97 41.39
N VAL E 145 -3.16 68.67 41.74
CA VAL E 145 -2.89 68.14 43.06
C VAL E 145 -3.24 69.16 44.14
N ASP E 146 -2.96 70.44 43.89
CA ASP E 146 -3.25 71.48 44.88
C ASP E 146 -4.76 71.53 45.11
N TRP E 147 -5.51 71.50 44.01
CA TRP E 147 -6.95 71.46 44.12
C TRP E 147 -7.47 70.23 44.87
N LEU E 148 -6.88 69.07 44.63
CA LEU E 148 -7.33 67.84 45.26
C LEU E 148 -7.12 67.77 46.76
N VAL E 149 -5.94 68.13 47.26
CA VAL E 149 -5.68 68.07 48.71
C VAL E 149 -6.46 69.14 49.49
N HIS E 150 -7.01 70.15 48.80
CA HIS E 150 -7.81 71.17 49.47
C HIS E 150 -9.32 71.03 49.19
N ASN E 151 -9.73 70.11 48.32
CA ASN E 151 -11.16 69.96 48.01
C ASN E 151 -11.73 68.53 48.04
N VAL E 152 -11.06 67.60 48.71
CA VAL E 152 -11.50 66.19 48.81
C VAL E 152 -11.32 65.80 50.26
N PRO E 153 -12.32 66.09 51.10
CA PRO E 153 -12.31 65.82 52.53
C PRO E 153 -12.13 64.36 52.92
N GLU E 154 -12.49 63.43 52.03
CA GLU E 154 -12.35 62.02 52.35
C GLU E 154 -10.91 61.52 52.26
N SER E 155 -10.03 62.34 51.69
CA SER E 155 -8.63 61.99 51.50
C SER E 155 -7.74 62.45 52.64
N ASN E 156 -6.54 61.87 52.68
CA ASN E 156 -5.54 62.21 53.69
C ASN E 156 -4.56 63.27 53.18
N GLY E 157 -4.85 63.81 52.00
CA GLY E 157 -4.01 64.83 51.38
C GLY E 157 -2.72 64.35 50.76
N ARG E 158 -2.55 63.04 50.61
CA ARG E 158 -1.34 62.46 50.03
C ARG E 158 -1.76 61.88 48.69
N VAL E 159 -1.02 62.23 47.63
CA VAL E 159 -1.33 61.83 46.26
C VAL E 159 -0.18 61.07 45.60
N GLY E 160 -0.52 60.02 44.86
CA GLY E 160 0.44 59.24 44.10
C GLY E 160 -0.01 59.31 42.65
N MET E 161 0.93 59.40 41.72
CA MET E 161 0.57 59.44 40.29
C MET E 161 1.01 58.18 39.56
N THR E 162 0.20 57.74 38.60
CA THR E 162 0.55 56.57 37.82
C THR E 162 -0.13 56.69 36.49
N GLY E 163 0.20 55.76 35.61
CA GLY E 163 -0.37 55.74 34.28
C GLY E 163 0.64 55.20 33.28
N SER E 164 0.10 54.62 32.22
CA SER E 164 0.88 54.00 31.15
C SER E 164 0.75 54.75 29.83
N SER E 165 1.80 54.71 29.03
CA SER E 165 1.85 55.34 27.72
C SER E 165 1.76 56.87 27.84
N TYR E 166 0.76 57.49 27.22
CA TYR E 166 0.61 58.93 27.30
C TYR E 166 0.24 59.27 28.74
N GLU E 167 -0.45 58.35 29.42
CA GLU E 167 -0.77 58.56 30.83
C GLU E 167 0.47 58.51 31.69
N GLY E 168 1.55 57.90 31.18
CA GLY E 168 2.83 57.85 31.87
C GLY E 168 3.63 59.11 31.59
N PHE E 169 3.43 59.68 30.41
CA PHE E 169 4.07 60.93 29.98
C PHE E 169 3.70 62.06 30.93
N THR E 170 2.41 62.13 31.25
CA THR E 170 1.86 63.11 32.18
C THR E 170 2.45 62.96 33.59
N VAL E 171 2.88 61.75 33.95
CA VAL E 171 3.49 61.54 35.27
C VAL E 171 4.91 62.07 35.23
N VAL E 172 5.63 61.74 34.15
CA VAL E 172 7.00 62.25 34.02
C VAL E 172 6.98 63.78 34.06
N MET E 173 6.04 64.39 33.33
CA MET E 173 5.93 65.84 33.30
C MET E 173 5.66 66.43 34.70
N ALA E 174 4.90 65.72 35.52
CA ALA E 174 4.64 66.20 36.87
C ALA E 174 5.93 66.19 37.69
N LEU E 175 6.76 65.17 37.47
CA LEU E 175 8.02 65.02 38.20
C LEU E 175 9.04 66.12 37.91
N LEU E 176 8.86 66.88 36.84
CA LEU E 176 9.76 67.98 36.52
C LEU E 176 9.69 69.07 37.59
N ASP E 177 8.51 69.25 38.18
CA ASP E 177 8.29 70.21 39.27
C ASP E 177 7.02 69.78 40.03
N PRO E 178 7.17 68.77 40.91
CA PRO E 178 6.05 68.18 41.63
C PRO E 178 5.51 68.97 42.83
N HIS E 179 4.20 68.83 43.03
CA HIS E 179 3.54 69.46 44.15
C HIS E 179 4.04 68.73 45.40
N PRO E 180 4.23 69.46 46.50
CA PRO E 180 4.67 68.78 47.71
C PRO E 180 3.76 67.66 48.20
N ALA E 181 2.49 67.68 47.78
CA ALA E 181 1.57 66.64 48.18
C ALA E 181 1.73 65.39 47.30
N LEU E 182 2.51 65.44 46.23
CA LEU E 182 2.75 64.25 45.38
C LEU E 182 3.83 63.48 46.10
N LYS E 183 3.49 62.36 46.74
CA LYS E 183 4.46 61.59 47.51
C LYS E 183 5.18 60.45 46.82
N VAL E 184 4.66 60.00 45.69
CA VAL E 184 5.23 58.85 45.00
C VAL E 184 4.67 58.83 43.59
N ALA E 185 5.46 58.27 42.68
CA ALA E 185 5.07 58.19 41.28
C ALA E 185 5.44 56.83 40.68
N ALA E 186 4.68 56.42 39.66
CA ALA E 186 4.97 55.18 38.96
C ALA E 186 4.64 55.35 37.49
N PRO E 187 5.58 55.89 36.69
CA PRO E 187 5.40 56.01 35.24
C PRO E 187 5.54 54.65 34.54
N GLU E 188 4.52 54.24 33.79
CA GLU E 188 4.51 52.93 33.14
C GLU E 188 4.61 53.12 31.64
N SER E 189 5.58 52.43 31.04
CA SER E 189 5.81 52.53 29.61
C SER E 189 5.58 53.96 29.14
N PRO E 190 6.28 54.94 29.73
CA PRO E 190 6.01 56.30 29.33
C PRO E 190 6.61 56.71 27.99
N MET E 191 6.03 57.74 27.40
CA MET E 191 6.50 58.38 26.18
C MET E 191 7.51 59.40 26.67
N VAL E 192 8.80 59.11 26.45
CA VAL E 192 9.93 59.91 26.92
C VAL E 192 10.71 60.59 25.82
N ASP E 193 11.14 59.81 24.83
CA ASP E 193 11.86 60.36 23.69
C ASP E 193 11.25 59.70 22.47
N GLY E 194 10.34 60.43 21.84
CA GLY E 194 9.65 59.94 20.66
C GLY E 194 10.45 59.70 19.40
N TRP E 195 11.68 60.21 19.34
CA TRP E 195 12.51 60.08 18.17
C TRP E 195 13.50 58.95 18.30
N MET E 196 14.06 58.81 19.50
CA MET E 196 15.08 57.80 19.76
C MET E 196 14.57 56.36 19.77
N GLY E 197 13.43 56.15 20.40
CA GLY E 197 12.92 54.78 20.45
C GLY E 197 11.57 54.55 21.10
N ASP E 198 10.69 55.54 21.06
CA ASP E 198 9.35 55.38 21.60
C ASP E 198 8.34 55.33 20.44
N ASP E 199 7.37 56.22 20.36
CA ASP E 199 6.30 56.08 19.37
C ASP E 199 6.51 56.52 17.93
N TRP E 200 7.17 57.64 17.69
CA TRP E 200 7.29 58.16 16.34
C TRP E 200 8.40 57.55 15.50
N PHE E 201 9.60 57.46 16.07
CA PHE E 201 10.75 56.90 15.38
C PHE E 201 11.56 56.00 16.30
N HIS E 202 12.36 55.14 15.68
CA HIS E 202 13.33 54.29 16.33
C HIS E 202 14.64 54.58 15.58
N TYR E 203 15.55 55.32 16.21
CA TYR E 203 16.81 55.69 15.60
C TYR E 203 16.60 56.29 14.21
N GLY E 204 15.60 57.17 14.10
CA GLY E 204 15.32 57.87 12.87
C GLY E 204 14.37 57.20 11.89
N ALA E 205 14.09 55.91 12.13
CA ALA E 205 13.19 55.15 11.27
C ALA E 205 11.78 55.45 11.75
N PHE E 206 10.97 56.03 10.86
CA PHE E 206 9.60 56.45 11.14
C PHE E 206 8.61 55.28 11.18
N ARG E 207 7.79 55.30 12.23
CA ARG E 207 6.77 54.28 12.50
C ARG E 207 5.44 54.74 11.94
N GLN E 208 4.97 54.01 10.93
CA GLN E 208 3.78 54.37 10.17
C GLN E 208 2.40 54.24 10.84
N GLY E 209 2.35 53.60 12.01
CA GLY E 209 1.09 53.49 12.75
C GLY E 209 0.71 54.80 13.43
N ALA E 210 1.63 55.77 13.38
CA ALA E 210 1.42 57.07 13.97
C ALA E 210 0.28 57.82 13.31
N PHE E 211 0.09 57.59 12.02
CA PHE E 211 -0.94 58.31 11.25
C PHE E 211 -2.35 58.13 11.79
N ASP E 212 -2.71 56.89 12.07
CA ASP E 212 -4.01 56.54 12.64
C ASP E 212 -4.16 57.12 14.03
N TYR E 213 -3.03 57.22 14.74
CA TYR E 213 -3.05 57.80 16.07
C TYR E 213 -3.36 59.30 15.98
N PHE E 214 -2.75 59.97 15.02
CA PHE E 214 -2.97 61.41 14.85
C PHE E 214 -4.41 61.78 14.59
N VAL E 215 -5.01 61.14 13.59
CA VAL E 215 -6.38 61.41 13.18
C VAL E 215 -7.36 61.02 14.29
N SER E 216 -7.01 59.99 15.03
CA SER E 216 -7.85 59.53 16.12
C SER E 216 -7.88 60.50 17.31
N GLN E 217 -6.75 61.10 17.63
CA GLN E 217 -6.58 61.99 18.78
C GLN E 217 -6.62 63.49 18.53
N MET E 218 -6.42 63.90 17.28
CA MET E 218 -6.39 65.32 16.93
C MET E 218 -7.45 65.81 15.95
N THR E 219 -8.39 64.95 15.55
CA THR E 219 -9.45 65.38 14.65
C THR E 219 -10.47 66.27 15.40
N ALA E 220 -10.70 65.97 16.67
CA ALA E 220 -11.65 66.73 17.50
C ALA E 220 -11.29 66.67 18.97
N ARG E 221 -11.88 67.58 19.74
CA ARG E 221 -11.64 67.66 21.16
C ARG E 221 -11.89 66.28 21.78
N GLY E 222 -12.98 65.68 21.35
CA GLY E 222 -13.37 64.38 21.82
C GLY E 222 -12.86 63.27 20.91
N GLY E 223 -13.69 62.25 20.78
CA GLY E 223 -13.32 61.10 19.96
C GLY E 223 -13.22 61.45 18.49
N GLY E 224 -12.36 60.70 17.79
CA GLY E 224 -12.13 60.86 16.37
C GLY E 224 -12.20 59.49 15.72
N ASN E 225 -11.88 59.43 14.44
CA ASN E 225 -11.92 58.17 13.68
C ASN E 225 -10.57 57.74 13.14
N ASP E 226 -10.54 56.56 12.54
CA ASP E 226 -9.33 56.04 11.89
C ASP E 226 -9.32 56.49 10.43
N ILE E 227 -8.23 56.21 9.74
CA ILE E 227 -8.11 56.61 8.34
C ILE E 227 -8.77 55.56 7.47
N PRO E 228 -9.78 55.94 6.66
CA PRO E 228 -10.42 54.94 5.81
C PRO E 228 -9.37 54.29 4.92
N ARG E 229 -9.47 52.99 4.72
CA ARG E 229 -8.50 52.24 3.93
C ARG E 229 -9.11 51.66 2.66
N ARG E 230 -8.24 51.46 1.66
CA ARG E 230 -8.60 50.87 0.39
C ARG E 230 -8.54 49.35 0.52
N ASP E 231 -7.40 48.87 1.01
CA ASP E 231 -7.16 47.45 1.12
C ASP E 231 -7.20 47.02 2.58
N ALA E 232 -7.50 45.74 2.77
CA ALA E 232 -7.55 45.19 4.11
C ALA E 232 -6.13 45.06 4.65
N ASP E 233 -5.14 44.93 3.75
CA ASP E 233 -3.75 44.78 4.16
C ASP E 233 -2.95 46.09 4.06
N ASP E 234 -2.42 46.55 5.18
CA ASP E 234 -1.62 47.78 5.22
C ASP E 234 -0.26 47.58 4.52
N TYR E 235 0.15 46.35 4.32
CA TYR E 235 1.39 46.15 3.54
C TYR E 235 1.11 46.69 2.15
N THR E 236 -0.05 46.36 1.61
CA THR E 236 -0.49 46.86 0.31
C THR E 236 -0.79 48.36 0.29
N ASN E 237 -1.56 48.84 1.26
CA ASN E 237 -1.94 50.26 1.36
C ASN E 237 -0.76 51.22 1.41
N PHE E 238 0.23 50.89 2.21
CA PHE E 238 1.40 51.75 2.28
C PHE E 238 2.36 51.56 1.15
N LEU E 239 2.43 50.35 0.59
CA LEU E 239 3.33 50.13 -0.53
C LEU E 239 2.80 50.82 -1.78
N LYS E 240 1.49 50.84 -1.97
CA LYS E 240 0.87 51.51 -3.12
C LYS E 240 0.95 53.02 -3.04
N ALA E 241 0.93 53.58 -1.84
CA ALA E 241 1.00 55.01 -1.64
C ALA E 241 2.42 55.50 -1.89
N GLY E 242 3.39 54.62 -1.68
CA GLY E 242 4.80 54.95 -1.89
C GLY E 242 5.45 55.36 -0.58
N SER E 243 5.73 56.65 -0.44
CA SER E 243 6.38 57.17 0.74
C SER E 243 5.38 57.42 1.86
N ALA E 244 5.90 57.63 3.06
CA ALA E 244 5.05 57.94 4.22
C ALA E 244 4.32 59.27 4.06
N GLY E 245 5.00 60.25 3.47
CA GLY E 245 4.43 61.58 3.25
C GLY E 245 3.35 61.54 2.19
N SER E 246 3.48 60.59 1.26
CA SER E 246 2.48 60.42 0.20
C SER E 246 1.18 59.84 0.79
N PHE E 247 1.34 58.93 1.74
CA PHE E 247 0.21 58.32 2.39
C PHE E 247 -0.49 59.38 3.21
N ALA E 248 0.31 60.19 3.91
CA ALA E 248 -0.20 61.26 4.77
C ALA E 248 -1.05 62.25 4.00
N THR E 249 -0.53 62.73 2.86
CA THR E 249 -1.24 63.68 2.00
C THR E 249 -2.55 63.11 1.46
N GLN E 250 -2.53 61.85 1.04
CA GLN E 250 -3.72 61.12 0.58
C GLN E 250 -4.78 60.95 1.66
N ALA E 251 -4.33 60.85 2.92
CA ALA E 251 -5.22 60.72 4.06
C ALA E 251 -5.66 62.08 4.64
N GLY E 252 -5.15 63.17 4.10
CA GLY E 252 -5.54 64.51 4.56
C GLY E 252 -4.80 65.05 5.77
N LEU E 253 -3.66 64.45 6.11
CA LEU E 253 -2.89 64.89 7.27
C LEU E 253 -2.11 66.20 7.12
N ASP E 254 -2.02 66.72 5.91
CA ASP E 254 -1.34 67.99 5.68
C ASP E 254 -1.99 69.13 6.47
N GLN E 255 -3.26 69.01 6.82
CA GLN E 255 -3.95 70.05 7.59
C GLN E 255 -3.80 69.93 9.12
N TYR E 256 -3.07 68.93 9.58
CA TYR E 256 -2.85 68.70 11.01
C TYR E 256 -1.52 69.33 11.45
N PRO E 257 -1.56 70.39 12.27
CA PRO E 257 -0.33 71.03 12.72
C PRO E 257 0.78 70.13 13.26
N PHE E 258 0.45 69.10 14.03
CA PHE E 258 1.49 68.24 14.57
C PHE E 258 2.20 67.47 13.47
N TRP E 259 1.49 67.10 12.42
CA TRP E 259 2.15 66.42 11.32
C TRP E 259 2.99 67.39 10.51
N GLN E 260 2.61 68.67 10.46
CA GLN E 260 3.40 69.67 9.74
C GLN E 260 4.76 69.82 10.44
N ARG E 261 4.75 69.83 11.77
CA ARG E 261 5.99 69.97 12.53
C ARG E 261 6.91 68.76 12.41
N MET E 262 6.37 67.55 12.54
CA MET E 262 7.14 66.31 12.44
C MET E 262 7.75 66.14 11.05
N HIS E 263 6.97 66.48 10.03
CA HIS E 263 7.41 66.38 8.65
C HIS E 263 8.61 67.28 8.40
N ALA E 264 8.62 68.43 9.07
CA ALA E 264 9.69 69.42 8.89
C ALA E 264 10.94 69.04 9.69
N HIS E 265 10.79 68.19 10.70
CA HIS E 265 11.89 67.73 11.52
C HIS E 265 12.13 66.20 11.51
N PRO E 266 12.56 65.64 10.37
CA PRO E 266 12.84 64.22 10.30
C PRO E 266 14.09 63.84 11.09
N ALA E 267 15.00 64.77 11.34
CA ALA E 267 16.24 64.49 12.09
C ALA E 267 16.12 64.87 13.55
N TYR E 268 17.07 64.41 14.37
CA TYR E 268 17.05 64.69 15.81
C TYR E 268 17.63 66.08 16.14
N ASP E 269 16.94 67.10 15.64
CA ASP E 269 17.36 68.49 15.81
C ASP E 269 16.82 69.05 17.13
N ALA E 270 16.81 70.39 17.25
CA ALA E 270 16.36 71.05 18.46
C ALA E 270 14.93 70.67 18.84
N PHE E 271 14.09 70.53 17.83
CA PHE E 271 12.70 70.20 18.08
C PHE E 271 12.56 68.93 18.94
N TRP E 272 13.28 67.88 18.58
CA TRP E 272 13.18 66.64 19.33
C TRP E 272 14.03 66.64 20.61
N GLN E 273 15.24 67.17 20.53
CA GLN E 273 16.13 67.27 21.68
C GLN E 273 15.47 68.01 22.83
N GLY E 274 14.70 69.05 22.53
CA GLY E 274 13.97 69.79 23.56
C GLY E 274 12.79 69.06 24.19
N GLN E 275 12.48 67.88 23.66
CA GLN E 275 11.40 67.02 24.18
C GLN E 275 11.90 65.67 24.69
N ALA E 276 13.21 65.51 24.82
CA ALA E 276 13.80 64.28 25.35
C ALA E 276 13.69 64.37 26.87
N LEU E 277 12.63 63.79 27.41
CA LEU E 277 12.36 63.89 28.84
C LEU E 277 13.32 63.18 29.78
N ASP E 278 14.06 62.19 29.30
CA ASP E 278 15.05 61.51 30.13
C ASP E 278 16.18 62.46 30.52
N LYS E 279 16.63 63.28 29.56
CA LYS E 279 17.69 64.25 29.79
C LYS E 279 17.20 65.35 30.73
N ILE E 280 16.05 65.91 30.40
CA ILE E 280 15.46 67.00 31.18
C ILE E 280 15.18 66.58 32.62
N LEU E 281 14.63 65.39 32.83
CA LEU E 281 14.34 64.95 34.17
C LEU E 281 15.62 64.74 35.00
N ALA E 282 16.67 64.29 34.35
CA ALA E 282 17.96 64.08 35.01
C ALA E 282 18.57 65.39 35.50
N GLN E 283 18.34 66.47 34.74
CA GLN E 283 18.83 67.80 35.10
C GLN E 283 18.08 68.40 36.28
N ARG E 284 16.82 68.02 36.45
CA ARG E 284 15.96 68.50 37.54
C ARG E 284 16.18 67.75 38.85
N LYS E 285 16.55 66.47 38.76
CA LYS E 285 16.81 65.59 39.90
C LYS E 285 15.68 65.58 40.92
N PRO E 286 14.55 64.91 40.60
CA PRO E 286 13.44 64.92 41.54
C PRO E 286 13.80 64.12 42.78
N THR E 287 13.05 64.36 43.86
CA THR E 287 13.26 63.65 45.13
C THR E 287 12.03 62.83 45.50
N VAL E 288 11.07 62.72 44.57
CA VAL E 288 9.85 61.95 44.78
C VAL E 288 10.23 60.50 44.46
N PRO E 289 9.96 59.56 45.38
CA PRO E 289 10.26 58.16 45.13
C PRO E 289 9.66 57.69 43.80
N MET E 290 10.42 56.92 43.01
CA MET E 290 9.93 56.46 41.69
C MET E 290 10.04 54.97 41.39
N LEU E 291 9.03 54.47 40.68
CA LEU E 291 8.96 53.08 40.25
C LEU E 291 8.72 53.19 38.74
N TRP E 292 9.76 52.93 37.98
CA TRP E 292 9.70 53.00 36.54
C TRP E 292 9.34 51.60 36.04
N GLU E 293 8.41 51.52 35.09
CA GLU E 293 8.01 50.21 34.56
C GLU E 293 7.89 50.14 33.06
N GLN E 294 8.21 48.98 32.49
CA GLN E 294 8.04 48.73 31.07
C GLN E 294 8.12 47.23 30.81
N GLY E 295 7.47 46.79 29.74
CA GLY E 295 7.49 45.40 29.38
C GLY E 295 8.77 45.08 28.63
N LEU E 296 9.23 43.85 28.79
CA LEU E 296 10.40 43.38 28.06
C LEU E 296 10.12 43.31 26.56
N TRP E 297 8.84 43.18 26.20
CA TRP E 297 8.41 43.16 24.81
C TRP E 297 7.43 44.32 24.53
N ASP E 298 7.80 45.50 25.03
CA ASP E 298 7.00 46.69 24.89
C ASP E 298 7.19 47.13 23.44
N GLN E 299 6.11 47.00 22.68
CA GLN E 299 6.11 47.30 21.25
C GLN E 299 5.74 48.76 20.88
N GLU E 300 5.51 49.63 21.85
CA GLU E 300 5.23 51.05 21.59
C GLU E 300 6.12 52.11 22.21
N ASP E 301 6.62 51.86 23.42
CA ASP E 301 7.52 52.75 24.15
C ASP E 301 8.62 51.96 24.87
N MET E 302 9.52 51.37 24.09
CA MET E 302 10.62 50.55 24.60
C MET E 302 11.78 51.35 25.18
N TRP E 303 11.96 52.59 24.73
CA TRP E 303 13.05 53.46 25.16
C TRP E 303 12.90 54.13 26.51
N GLY E 304 11.70 54.66 26.73
CA GLY E 304 11.33 55.45 27.91
C GLY E 304 11.78 55.18 29.33
N ALA E 305 11.11 54.20 29.93
CA ALA E 305 11.33 53.83 31.32
C ALA E 305 12.78 53.56 31.70
N ILE E 306 13.42 52.68 30.94
CA ILE E 306 14.79 52.29 31.18
C ILE E 306 15.80 53.42 30.98
N HIS E 307 15.64 54.22 29.94
CA HIS E 307 16.56 55.34 29.73
C HIS E 307 16.40 56.44 30.77
N ALA E 308 15.17 56.68 31.20
CA ALA E 308 14.85 57.70 32.19
C ALA E 308 15.41 57.26 33.54
N TRP E 309 15.21 55.97 33.83
CA TRP E 309 15.69 55.37 35.06
C TRP E 309 17.20 55.39 35.15
N GLN E 310 17.85 55.09 34.02
CA GLN E 310 19.29 55.07 33.97
C GLN E 310 19.88 56.47 34.08
N ALA E 311 19.16 57.44 33.53
CA ALA E 311 19.62 58.81 33.55
C ALA E 311 19.62 59.36 34.98
N LEU E 312 18.58 59.00 35.73
CA LEU E 312 18.43 59.43 37.11
C LEU E 312 19.48 58.71 37.94
N LYS E 313 19.69 57.44 37.64
CA LYS E 313 20.69 56.66 38.37
C LYS E 313 22.09 57.23 38.15
N ASP E 314 22.36 57.69 36.94
CA ASP E 314 23.67 58.26 36.62
C ASP E 314 23.86 59.67 37.15
N ALA E 315 22.76 60.39 37.41
CA ALA E 315 22.81 61.74 37.95
C ALA E 315 22.77 61.72 39.48
N ASP E 316 22.83 60.51 40.02
CA ASP E 316 22.79 60.21 41.46
C ASP E 316 21.60 60.84 42.13
N VAL E 317 20.41 60.44 41.69
CA VAL E 317 19.15 60.93 42.24
C VAL E 317 19.06 60.52 43.71
N LYS E 318 18.51 61.40 44.52
CA LYS E 318 18.37 61.21 45.98
C LYS E 318 16.94 60.84 46.36
N ALA E 319 16.54 59.66 45.90
CA ALA E 319 15.23 59.10 46.18
C ALA E 319 15.19 57.70 45.61
N PRO E 320 14.31 56.84 46.17
CA PRO E 320 14.15 55.50 45.61
C PRO E 320 13.88 55.63 44.09
N ASN E 321 14.55 54.81 43.32
CA ASN E 321 14.47 54.82 41.88
C ASN E 321 14.67 53.38 41.44
N THR E 322 13.56 52.66 41.27
CA THR E 322 13.57 51.26 40.87
C THR E 322 12.94 51.04 39.52
N LEU E 323 13.59 50.15 38.75
CA LEU E 323 13.14 49.74 37.43
C LEU E 323 12.47 48.38 37.50
N VAL E 324 11.29 48.28 36.89
CA VAL E 324 10.56 47.02 36.86
C VAL E 324 10.32 46.62 35.39
N MET E 325 10.70 45.39 35.03
CA MET E 325 10.48 44.93 33.68
C MET E 325 9.97 43.50 33.75
N GLY E 326 8.73 43.33 33.26
CA GLY E 326 8.03 42.05 33.25
C GLY E 326 7.89 41.52 31.83
N PRO E 327 7.36 40.31 31.67
CA PRO E 327 7.22 39.67 30.37
C PRO E 327 5.90 40.13 29.78
N TRP E 328 5.86 41.40 29.41
CA TRP E 328 4.63 42.01 28.95
C TRP E 328 4.78 42.85 27.70
N ARG E 329 3.65 43.08 27.06
CA ARG E 329 3.56 43.98 25.92
C ARG E 329 3.30 45.38 26.47
N HIS E 330 3.15 46.36 25.59
CA HIS E 330 2.92 47.73 26.00
C HIS E 330 1.67 47.82 26.87
N SER E 331 1.84 48.35 28.08
CA SER E 331 0.75 48.53 29.05
C SER E 331 0.21 47.23 29.61
N GLY E 332 0.90 46.12 29.35
CA GLY E 332 0.46 44.80 29.79
C GLY E 332 0.42 44.67 31.29
N VAL E 333 1.22 45.49 31.97
CA VAL E 333 1.26 45.49 33.41
C VAL E 333 -0.10 45.82 34.02
N ASN E 334 -1.02 46.37 33.22
CA ASN E 334 -2.34 46.72 33.70
C ASN E 334 -3.44 45.71 33.41
N TYR E 335 -3.04 44.53 32.91
CA TYR E 335 -3.93 43.44 32.56
C TYR E 335 -3.41 42.11 33.08
N ASN E 336 -3.60 41.02 32.35
CA ASN E 336 -3.13 39.70 32.76
C ASN E 336 -1.79 39.39 32.08
N GLY E 337 -0.80 39.08 32.90
CA GLY E 337 0.54 38.77 32.41
C GLY E 337 0.91 37.31 32.50
N SER E 338 -0.07 36.45 32.33
CA SER E 338 0.10 35.00 32.33
C SER E 338 0.63 34.49 31.01
N THR E 339 0.35 35.22 29.92
CA THR E 339 0.80 34.84 28.58
C THR E 339 1.07 36.05 27.70
N LEU E 340 1.72 35.79 26.56
CA LEU E 340 1.98 36.81 25.53
C LEU E 340 2.21 36.05 24.23
N GLY E 341 1.23 36.12 23.33
CA GLY E 341 1.28 35.36 22.09
C GLY E 341 1.23 33.91 22.52
N PRO E 342 2.11 33.07 21.96
CA PRO E 342 2.11 31.65 22.34
C PRO E 342 2.92 31.32 23.61
N LEU E 343 3.56 32.34 24.17
CA LEU E 343 4.37 32.18 25.35
C LEU E 343 3.52 32.13 26.62
N GLU E 344 3.98 31.34 27.57
CA GLU E 344 3.34 31.13 28.86
C GLU E 344 4.34 31.42 29.98
N PHE E 345 3.93 32.21 30.96
CA PHE E 345 4.80 32.61 32.06
C PHE E 345 4.32 31.98 33.37
N GLU E 346 5.04 32.16 34.46
CA GLU E 346 4.62 31.54 35.71
C GLU E 346 3.58 32.36 36.47
N GLY E 347 2.32 32.20 36.10
CA GLY E 347 1.21 32.88 36.73
C GLY E 347 1.03 34.26 36.18
N ASP E 348 0.04 34.97 36.70
CA ASP E 348 -0.27 36.33 36.28
C ASP E 348 0.80 37.26 36.82
N THR E 349 1.87 37.41 36.07
CA THR E 349 3.00 38.22 36.49
C THR E 349 2.67 39.71 36.66
N ALA E 350 1.64 40.19 35.99
CA ALA E 350 1.20 41.58 36.09
C ALA E 350 0.58 41.80 37.47
N HIS E 351 -0.34 40.92 37.82
CA HIS E 351 -0.98 40.98 39.11
C HIS E 351 0.03 40.82 40.25
N GLN E 352 1.03 39.96 40.06
CA GLN E 352 2.07 39.73 41.06
C GLN E 352 2.85 41.01 41.38
N TYR E 353 3.26 41.70 40.32
CA TYR E 353 3.92 42.99 40.46
C TYR E 353 2.99 44.00 41.13
N ARG E 354 1.74 44.04 40.68
CA ARG E 354 0.81 45.03 41.27
C ARG E 354 0.55 44.85 42.76
N ARG E 355 0.50 43.60 43.20
CA ARG E 355 0.21 43.24 44.60
C ARG E 355 1.45 43.24 45.49
N ASP E 356 2.55 42.66 45.00
CA ASP E 356 3.80 42.54 45.76
C ASP E 356 4.76 43.72 45.70
N VAL E 357 4.70 44.55 44.67
CA VAL E 357 5.64 45.64 44.58
C VAL E 357 4.97 47.01 44.54
N PHE E 358 4.13 47.21 43.51
CA PHE E 358 3.48 48.47 43.28
C PHE E 358 2.71 48.98 44.50
N ARG E 359 1.78 48.17 44.98
CA ARG E 359 0.89 48.48 46.11
C ARG E 359 1.62 48.81 47.43
N PRO E 360 2.48 47.90 47.92
CA PRO E 360 3.25 48.19 49.12
C PRO E 360 4.12 49.45 49.02
N PHE E 361 4.74 49.66 47.86
CA PHE E 361 5.58 50.83 47.62
C PHE E 361 4.73 52.12 47.73
N PHE E 362 3.55 52.10 47.13
CA PHE E 362 2.66 53.27 47.22
C PHE E 362 2.13 53.48 48.65
N ASP E 363 1.79 52.38 49.32
CA ASP E 363 1.34 52.43 50.69
C ASP E 363 2.37 53.08 51.64
N GLU E 364 3.64 52.78 51.41
CA GLU E 364 4.73 53.32 52.24
C GLU E 364 4.67 54.85 52.29
N TYR E 365 4.44 55.49 51.14
CA TYR E 365 4.43 56.94 51.10
C TYR E 365 3.06 57.60 51.11
N LEU E 366 2.00 56.81 50.95
CA LEU E 366 0.63 57.34 50.91
C LEU E 366 -0.25 56.96 52.10
N LYS E 367 0.13 55.92 52.83
CA LYS E 367 -0.55 55.43 54.01
C LYS E 367 0.42 55.41 55.20
N PRO E 368 0.53 56.55 55.91
CA PRO E 368 1.40 56.68 57.08
C PRO E 368 1.16 55.53 58.06
N GLY E 369 2.27 54.94 58.50
CA GLY E 369 2.24 53.82 59.42
C GLY E 369 2.41 52.48 58.73
N SER E 370 2.43 52.51 57.39
CA SER E 370 2.59 51.31 56.58
C SER E 370 4.03 50.83 56.62
N ALA E 371 4.20 49.53 56.47
CA ALA E 371 5.52 48.92 56.48
C ALA E 371 6.40 49.50 55.39
N SER E 372 7.68 49.68 55.70
CA SER E 372 8.62 50.19 54.71
C SER E 372 9.08 49.07 53.79
N VAL E 373 9.39 49.42 52.55
CA VAL E 373 9.87 48.43 51.60
C VAL E 373 11.23 48.91 51.13
N HIS E 374 12.14 47.96 50.93
CA HIS E 374 13.48 48.30 50.48
C HIS E 374 13.73 47.63 49.14
N LEU E 375 13.25 48.29 48.09
CA LEU E 375 13.38 47.77 46.73
C LEU E 375 14.81 47.89 46.22
N PRO E 376 15.24 46.94 45.40
CA PRO E 376 16.57 46.98 44.78
C PRO E 376 16.60 47.90 43.56
N ASP E 377 17.74 47.95 42.87
CA ASP E 377 17.87 48.75 41.67
C ASP E 377 16.84 48.36 40.62
N ALA E 378 16.70 47.06 40.40
CA ALA E 378 15.81 46.58 39.36
C ALA E 378 15.19 45.25 39.72
N ILE E 379 13.91 45.10 39.37
CA ILE E 379 13.19 43.84 39.58
C ILE E 379 12.85 43.45 38.15
N ILE E 380 13.46 42.38 37.64
CA ILE E 380 13.30 41.95 36.25
C ILE E 380 12.91 40.48 36.08
N TYR E 381 11.85 40.26 35.30
CA TYR E 381 11.40 38.91 35.09
C TYR E 381 12.44 38.22 34.20
N ASN E 382 12.71 36.96 34.51
CA ASN E 382 13.68 36.20 33.75
C ASN E 382 12.89 35.32 32.83
N THR E 383 13.07 35.57 31.54
CA THR E 383 12.39 34.85 30.45
C THR E 383 13.00 33.48 30.12
N GLY E 384 14.09 33.11 30.78
CA GLY E 384 14.71 31.80 30.62
C GLY E 384 14.40 30.91 31.80
N ASP E 385 14.64 31.41 33.01
CA ASP E 385 14.33 30.72 34.27
C ASP E 385 12.85 30.81 34.68
N GLN E 386 12.10 31.74 34.09
CA GLN E 386 10.68 31.89 34.41
C GLN E 386 10.44 32.21 35.87
N LYS E 387 11.14 33.23 36.36
CA LYS E 387 11.02 33.72 37.74
C LYS E 387 11.45 35.18 37.77
N TRP E 388 11.07 35.85 38.86
CA TRP E 388 11.45 37.23 39.09
C TRP E 388 12.85 37.32 39.67
N ASP E 389 13.67 38.24 39.15
CA ASP E 389 15.01 38.48 39.64
C ASP E 389 15.04 39.84 40.32
N TYR E 390 15.57 39.86 41.55
CA TYR E 390 15.72 41.10 42.32
C TYR E 390 17.21 41.43 42.24
N TYR E 391 17.55 42.53 41.58
CA TYR E 391 18.93 42.95 41.41
C TYR E 391 19.32 44.21 42.16
N ARG E 392 20.10 43.99 43.21
CA ARG E 392 20.58 45.04 44.10
C ARG E 392 21.23 46.18 43.31
N SER E 393 22.16 45.81 42.44
CA SER E 393 22.82 46.72 41.52
C SER E 393 22.52 46.12 40.15
N TRP E 394 22.15 46.96 39.19
CA TRP E 394 21.86 46.48 37.83
C TRP E 394 22.05 47.61 36.83
N PRO E 395 22.61 47.30 35.66
CA PRO E 395 23.09 45.99 35.21
C PRO E 395 24.48 45.77 35.80
N SER E 396 24.91 44.54 35.87
CA SER E 396 26.23 44.20 36.41
C SER E 396 27.29 44.21 35.31
N VAL E 397 26.85 44.28 34.07
CA VAL E 397 27.77 44.34 32.92
C VAL E 397 27.28 45.37 31.91
N CYS E 398 28.20 46.14 31.33
CA CYS E 398 27.86 47.10 30.28
C CYS E 398 29.17 47.54 29.63
N GLU E 399 29.11 48.46 28.68
CA GLU E 399 30.32 48.93 27.99
C GLU E 399 31.36 49.72 28.81
N SER E 400 30.94 50.44 29.84
CA SER E 400 31.83 51.23 30.68
C SER E 400 31.21 51.44 32.05
N ASN E 401 32.07 51.67 33.04
CA ASN E 401 31.68 51.91 34.45
C ASN E 401 30.74 50.91 35.11
N CYS E 402 31.00 49.65 34.81
CA CYS E 402 30.34 48.50 35.40
C CYS E 402 31.33 47.54 36.01
N THR E 403 30.77 46.61 36.77
CA THR E 403 31.56 45.57 37.41
C THR E 403 32.22 44.71 36.35
N GLY E 404 31.55 44.53 35.23
CA GLY E 404 32.11 43.76 34.12
C GLY E 404 31.74 44.33 32.77
N GLY E 405 32.35 43.76 31.73
CA GLY E 405 32.09 44.22 30.37
C GLY E 405 31.28 43.21 29.58
N LEU E 406 30.86 43.64 28.40
CA LEU E 406 30.09 42.84 27.46
C LEU E 406 30.96 41.76 26.81
N THR E 407 30.32 40.67 26.36
CA THR E 407 30.99 39.54 25.76
C THR E 407 30.53 39.46 24.31
N PRO E 408 31.44 39.69 23.37
CA PRO E 408 31.05 39.64 21.95
C PRO E 408 30.70 38.25 21.43
N LEU E 409 29.59 38.16 20.71
CA LEU E 409 29.13 36.93 20.07
C LEU E 409 29.34 37.22 18.58
N TYR E 410 30.47 36.80 18.05
CA TYR E 410 30.84 37.11 16.67
C TYR E 410 30.14 36.35 15.55
N LEU E 411 29.86 37.03 14.44
CA LEU E 411 29.33 36.37 13.25
C LEU E 411 30.53 35.63 12.67
N ALA E 412 30.29 34.47 12.08
CA ALA E 412 31.36 33.65 11.54
C ALA E 412 30.99 32.97 10.23
N ASP E 413 31.98 32.33 9.63
CA ASP E 413 31.77 31.56 8.40
C ASP E 413 30.77 30.45 8.60
N GLY E 414 30.11 30.10 7.50
CA GLY E 414 29.09 29.04 7.52
C GLY E 414 27.84 29.52 8.23
N HIS E 415 27.60 30.83 8.25
CA HIS E 415 26.44 31.39 8.94
C HIS E 415 26.36 30.99 10.41
N GLY E 416 27.53 30.97 11.04
CA GLY E 416 27.66 30.57 12.43
C GLY E 416 27.90 31.76 13.34
N LEU E 417 27.82 31.49 14.64
CA LEU E 417 28.05 32.46 15.69
C LEU E 417 29.01 31.81 16.69
N SER E 418 29.99 32.56 17.16
CA SER E 418 31.01 32.03 18.07
C SER E 418 31.62 33.08 18.96
N PHE E 419 31.87 32.68 20.20
CA PHE E 419 32.45 33.60 21.17
C PHE E 419 33.94 33.80 20.93
N THR E 420 34.48 33.08 19.95
CA THR E 420 35.86 33.22 19.56
C THR E 420 35.94 34.17 18.36
N HIS E 421 36.82 35.18 18.46
CA HIS E 421 37.01 36.15 17.40
C HIS E 421 37.56 35.42 16.16
N PRO E 422 36.83 35.45 15.03
CA PRO E 422 37.39 34.85 13.82
C PRO E 422 38.54 35.69 13.29
N ALA E 423 39.71 35.09 13.13
CA ALA E 423 40.89 35.80 12.63
C ALA E 423 40.77 36.31 11.20
N ALA E 424 40.25 35.46 10.32
CA ALA E 424 40.11 35.77 8.90
C ALA E 424 38.89 36.62 8.52
N ASP E 425 39.09 37.50 7.55
CA ASP E 425 38.01 38.35 7.04
C ASP E 425 37.05 37.60 6.14
N GLY E 426 35.80 38.04 6.11
CA GLY E 426 34.79 37.41 5.28
C GLY E 426 33.57 38.31 5.22
N ALA E 427 32.62 37.96 4.37
CA ALA E 427 31.41 38.75 4.19
C ALA E 427 30.31 37.92 3.57
N ASP E 428 29.08 38.17 4.00
CA ASP E 428 27.91 37.54 3.41
C ASP E 428 27.06 38.67 2.85
N SER E 429 26.44 38.43 1.70
CA SER E 429 25.63 39.45 1.04
C SER E 429 24.18 39.04 0.89
N TYR E 430 23.32 40.05 0.82
CA TYR E 430 21.90 39.87 0.54
C TYR E 430 21.43 41.10 -0.22
N VAL E 431 20.42 40.91 -1.08
CA VAL E 431 19.85 42.01 -1.86
C VAL E 431 18.61 42.56 -1.17
N SER E 432 18.56 43.88 -1.00
CA SER E 432 17.42 44.56 -0.39
C SER E 432 16.63 45.32 -1.46
N ASP E 433 15.43 44.84 -1.76
CA ASP E 433 14.59 45.46 -2.80
C ASP E 433 13.39 46.14 -2.17
N PRO E 434 13.32 47.49 -2.21
CA PRO E 434 12.20 48.22 -1.61
C PRO E 434 10.80 47.93 -2.16
N ALA E 435 10.72 47.27 -3.32
CA ALA E 435 9.47 46.88 -3.92
C ALA E 435 8.94 45.60 -3.28
N HIS E 436 9.80 44.88 -2.56
CA HIS E 436 9.49 43.66 -1.85
C HIS E 436 10.08 43.72 -0.45
N PRO E 437 9.61 44.66 0.37
CA PRO E 437 10.16 44.80 1.71
C PRO E 437 9.70 43.64 2.58
N VAL E 438 10.52 43.32 3.57
CA VAL E 438 10.24 42.24 4.49
C VAL E 438 9.09 42.60 5.45
N PRO E 439 8.04 41.77 5.47
CA PRO E 439 6.96 42.05 6.41
C PRO E 439 7.45 41.94 7.85
N PHE E 440 7.10 42.88 8.72
CA PHE E 440 7.51 42.82 10.13
C PHE E 440 6.76 41.69 10.86
N ILE E 441 5.56 41.40 10.38
CA ILE E 441 4.76 40.25 10.81
C ILE E 441 3.98 39.75 9.59
N SER E 442 3.58 38.49 9.60
CA SER E 442 2.93 37.83 8.47
C SER E 442 1.75 38.57 7.86
N ARG E 443 1.69 38.63 6.52
CA ARG E 443 0.59 39.30 5.84
C ARG E 443 -0.67 38.45 5.93
N PRO E 444 -1.85 39.08 5.88
CA PRO E 444 -2.07 40.50 5.80
C PRO E 444 -2.12 41.09 7.20
N PHE E 445 -1.70 42.33 7.34
CA PHE E 445 -1.77 43.01 8.63
C PHE E 445 -2.28 44.44 8.45
N ALA E 446 -3.16 44.87 9.35
CA ALA E 446 -3.65 46.25 9.34
C ALA E 446 -3.38 46.83 10.72
N PHE E 447 -2.95 48.09 10.80
CA PHE E 447 -2.70 48.70 12.11
C PHE E 447 -3.91 48.62 13.04
N ALA E 448 -5.13 48.56 12.52
CA ALA E 448 -6.34 48.41 13.34
C ALA E 448 -6.41 47.07 14.08
N GLN E 449 -5.75 46.03 13.56
CA GLN E 449 -5.74 44.71 14.21
C GLN E 449 -4.91 44.64 15.49
N SER E 450 -5.50 45.11 16.58
CA SER E 450 -4.86 45.14 17.90
C SER E 450 -4.41 43.77 18.41
N SER E 451 -5.18 42.73 18.14
CA SER E 451 -4.86 41.38 18.58
C SER E 451 -3.56 40.86 18.01
N ARG E 452 -3.20 41.33 16.81
CA ARG E 452 -1.93 40.93 16.19
C ARG E 452 -0.80 41.93 16.45
N TRP E 453 -1.14 43.17 16.79
CA TRP E 453 -0.13 44.18 17.06
C TRP E 453 0.50 44.01 18.43
N LYS E 454 -0.33 43.79 19.43
CA LYS E 454 0.18 43.69 20.80
C LYS E 454 1.32 42.75 21.02
N PRO E 455 1.19 41.48 20.58
CA PRO E 455 2.26 40.51 20.77
C PRO E 455 3.20 40.33 19.60
N TRP E 456 3.36 41.34 18.75
CA TRP E 456 4.16 41.16 17.57
C TRP E 456 5.65 40.87 17.81
N LEU E 457 6.22 41.38 18.90
CA LEU E 457 7.64 41.18 19.21
C LEU E 457 8.04 39.77 19.64
N VAL E 458 7.08 38.88 19.92
CA VAL E 458 7.39 37.50 20.29
C VAL E 458 7.05 36.50 19.17
N GLN E 459 6.73 37.00 17.98
CA GLN E 459 6.39 36.12 16.87
C GLN E 459 7.61 35.41 16.30
N ASP E 460 7.36 34.19 15.83
CA ASP E 460 8.39 33.33 15.21
C ASP E 460 8.98 34.02 13.99
N GLN E 461 10.31 34.02 13.91
CA GLN E 461 11.04 34.65 12.81
C GLN E 461 11.47 33.71 11.69
N ARG E 462 10.93 32.50 11.66
CA ARG E 462 11.22 31.54 10.59
C ARG E 462 10.81 32.00 9.20
N GLU E 463 9.70 32.74 9.08
CA GLU E 463 9.29 33.28 7.78
C GLU E 463 10.43 34.17 7.25
N ALA E 464 10.95 35.04 8.10
CA ALA E 464 12.05 35.94 7.73
C ALA E 464 13.31 35.18 7.36
N GLU E 465 13.60 34.10 8.08
CA GLU E 465 14.79 33.29 7.81
C GLU E 465 14.78 32.67 6.41
N SER E 466 13.60 32.33 5.91
CA SER E 466 13.46 31.67 4.63
C SER E 466 13.60 32.61 3.42
N ARG E 467 13.77 33.90 3.65
CA ARG E 467 13.90 34.84 2.54
C ARG E 467 15.36 35.09 2.20
N PRO E 468 15.68 35.37 0.92
CA PRO E 468 17.04 35.71 0.52
C PRO E 468 17.41 37.18 0.83
N ASP E 469 16.49 37.98 1.34
CA ASP E 469 16.79 39.37 1.71
C ASP E 469 16.99 39.54 3.22
N VAL E 470 17.31 38.42 3.87
CA VAL E 470 17.57 38.34 5.29
C VAL E 470 18.73 37.34 5.43
N VAL E 471 19.75 37.71 6.20
CA VAL E 471 20.87 36.82 6.50
C VAL E 471 20.74 36.36 7.94
N THR E 472 20.89 35.05 8.17
CA THR E 472 20.71 34.44 9.48
C THR E 472 21.95 33.65 9.92
N TYR E 473 22.35 33.86 11.17
CA TYR E 473 23.52 33.23 11.77
C TYR E 473 23.05 32.56 13.03
N GLU E 474 23.65 31.42 13.39
CA GLU E 474 23.29 30.71 14.61
C GLU E 474 24.44 29.90 15.17
N THR E 475 24.44 29.77 16.49
CA THR E 475 25.43 28.97 17.18
C THR E 475 25.03 27.50 17.00
N GLU E 476 25.91 26.61 17.46
CA GLU E 476 25.58 25.19 17.50
C GLU E 476 24.56 25.03 18.63
N VAL E 477 23.96 23.85 18.73
CA VAL E 477 23.01 23.64 19.81
C VAL E 477 23.84 23.68 21.09
N LEU E 478 23.38 24.45 22.06
CA LEU E 478 24.11 24.69 23.28
C LEU E 478 24.17 23.48 24.22
N ASP E 479 25.38 23.23 24.72
CA ASP E 479 25.70 22.17 25.69
C ASP E 479 25.68 22.70 27.13
N GLU E 480 25.82 24.02 27.26
CA GLU E 480 25.78 24.70 28.55
C GLU E 480 24.97 25.98 28.31
N PRO E 481 24.12 26.35 29.28
CA PRO E 481 23.30 27.55 29.11
C PRO E 481 24.15 28.81 29.17
N VAL E 482 23.70 29.91 28.55
CA VAL E 482 24.39 31.18 28.67
C VAL E 482 23.30 32.15 29.16
N ARG E 483 23.64 32.85 30.24
CA ARG E 483 22.76 33.78 30.92
C ARG E 483 23.12 35.15 30.47
N VAL E 484 22.10 35.95 30.16
CA VAL E 484 22.31 37.32 29.74
C VAL E 484 21.41 38.21 30.58
N SER E 485 21.96 39.35 30.98
CA SER E 485 21.22 40.30 31.79
C SER E 485 21.88 41.66 31.66
N GLY E 486 21.24 42.54 30.90
CA GLY E 486 21.70 43.89 30.63
C GLY E 486 21.29 44.31 29.23
N VAL E 487 21.95 45.33 28.68
CA VAL E 487 21.54 45.81 27.37
C VAL E 487 22.56 45.37 26.29
N PRO E 488 22.09 44.60 25.30
CA PRO E 488 23.03 44.19 24.27
C PRO E 488 23.29 45.35 23.32
N VAL E 489 24.40 45.26 22.59
CA VAL E 489 24.79 46.29 21.63
C VAL E 489 25.24 45.68 20.31
N ALA E 490 24.61 46.16 19.23
CA ALA E 490 24.92 45.72 17.89
C ALA E 490 26.17 46.46 17.46
N ASP E 491 27.21 45.69 17.14
CA ASP E 491 28.50 46.18 16.66
C ASP E 491 28.54 45.67 15.23
N LEU E 492 27.97 46.46 14.33
CA LEU E 492 27.79 46.05 12.95
C LEU E 492 28.75 46.69 11.99
N PHE E 493 29.35 45.87 11.12
CA PHE E 493 30.26 46.33 10.08
C PHE E 493 29.53 45.93 8.82
N ALA E 494 28.92 46.93 8.19
CA ALA E 494 28.10 46.72 6.99
C ALA E 494 28.28 47.72 5.86
N ALA E 495 28.28 47.20 4.63
CA ALA E 495 28.39 47.98 3.40
C ALA E 495 27.09 47.83 2.65
N THR E 496 26.73 48.88 1.91
CA THR E 496 25.56 48.89 1.04
C THR E 496 26.02 49.53 -0.25
N SER E 497 25.47 49.09 -1.37
CA SER E 497 25.79 49.63 -2.68
C SER E 497 25.08 50.98 -2.93
N GLY E 498 24.07 51.29 -2.13
CA GLY E 498 23.34 52.54 -2.26
C GLY E 498 24.03 53.63 -1.45
N THR E 499 23.30 54.71 -1.21
CA THR E 499 23.81 55.83 -0.45
C THR E 499 23.03 56.03 0.84
N ASP E 500 22.19 55.06 1.18
CA ASP E 500 21.44 55.07 2.44
C ASP E 500 20.97 53.63 2.62
N SER E 501 20.58 53.34 3.84
CA SER E 501 20.07 52.02 4.21
C SER E 501 19.63 51.98 5.65
N ASP E 502 18.72 51.05 5.93
CA ASP E 502 18.24 50.76 7.28
C ASP E 502 18.90 49.45 7.65
N TRP E 503 19.16 49.27 8.94
CA TRP E 503 19.76 48.02 9.41
C TRP E 503 18.99 47.48 10.59
N VAL E 504 18.28 46.37 10.37
CA VAL E 504 17.51 45.69 11.41
C VAL E 504 18.36 44.51 11.94
N VAL E 505 18.53 44.45 13.26
CA VAL E 505 19.29 43.41 13.92
C VAL E 505 18.44 42.72 14.98
N LYS E 506 18.40 41.40 14.90
CA LYS E 506 17.57 40.60 15.80
C LYS E 506 18.38 39.58 16.57
N LEU E 507 18.19 39.56 17.88
CA LEU E 507 18.81 38.60 18.77
C LEU E 507 17.68 37.64 19.13
N ILE E 508 17.86 36.37 18.78
CA ILE E 508 16.88 35.32 18.89
C ILE E 508 17.31 34.07 19.66
N ASP E 509 16.35 33.53 20.42
CA ASP E 509 16.49 32.29 21.16
C ASP E 509 15.76 31.22 20.33
N VAL E 510 16.52 30.30 19.74
CA VAL E 510 15.92 29.22 18.97
C VAL E 510 15.60 28.10 19.95
N GLN E 511 14.33 27.76 20.06
CA GLN E 511 13.89 26.74 20.99
C GLN E 511 14.45 25.39 20.52
N PRO E 512 14.46 24.38 21.40
CA PRO E 512 14.95 23.06 21.05
C PRO E 512 14.22 22.55 19.83
N ALA E 513 14.95 21.90 18.94
CA ALA E 513 14.39 21.41 17.66
C ALA E 513 13.03 20.77 17.83
N MET E 514 12.83 20.03 18.91
CA MET E 514 11.53 19.44 19.26
C MET E 514 11.19 19.81 20.72
N THR E 515 9.96 20.24 20.95
CA THR E 515 9.44 20.62 22.26
C THR E 515 8.19 19.77 22.38
N PRO E 516 8.36 18.49 22.77
CA PRO E 516 7.28 17.51 22.82
C PRO E 516 6.15 17.79 23.82
N ASP E 517 6.39 18.64 24.81
CA ASP E 517 5.32 18.99 25.74
C ASP E 517 4.41 20.06 25.14
N ASP E 518 4.88 20.77 24.12
CA ASP E 518 4.13 21.83 23.39
C ASP E 518 4.71 21.83 21.96
N PRO E 519 4.30 20.85 21.15
CA PRO E 519 4.86 20.62 19.81
C PRO E 519 5.09 21.82 18.90
N LYS E 520 4.16 22.76 18.84
CA LYS E 520 4.28 23.95 18.00
C LYS E 520 5.51 24.82 18.27
N MET E 521 6.13 24.71 19.44
CA MET E 521 7.28 25.53 19.78
C MET E 521 8.62 24.99 19.29
N GLY E 522 8.60 23.78 18.72
CA GLY E 522 9.83 23.16 18.25
C GLY E 522 10.53 23.99 17.19
N GLY E 523 11.77 24.39 17.48
CA GLY E 523 12.60 25.19 16.57
C GLY E 523 12.16 26.62 16.36
N TYR E 524 11.19 27.06 17.17
CA TYR E 524 10.63 28.40 17.13
C TYR E 524 11.76 29.41 17.35
N GLU E 525 11.79 30.44 16.52
CA GLU E 525 12.78 31.48 16.60
C GLU E 525 12.19 32.67 17.36
N LEU E 526 12.39 32.67 18.67
CA LEU E 526 11.84 33.71 19.55
C LEU E 526 12.74 34.92 19.70
N PRO E 527 12.31 36.08 19.20
CA PRO E 527 13.14 37.28 19.37
C PRO E 527 13.13 37.72 20.82
N VAL E 528 14.30 37.90 21.42
CA VAL E 528 14.40 38.40 22.79
C VAL E 528 14.73 39.89 22.79
N SER E 529 15.32 40.36 21.68
CA SER E 529 15.70 41.75 21.52
C SER E 529 15.99 42.08 20.06
N MET E 530 15.31 43.09 19.54
CA MET E 530 15.51 43.55 18.17
C MET E 530 15.24 45.04 17.97
N ASP E 531 16.00 45.67 17.06
CA ASP E 531 15.76 47.07 16.72
C ASP E 531 16.27 47.39 15.32
N ILE E 532 15.94 48.59 14.86
CA ILE E 532 16.32 49.10 13.55
C ILE E 532 17.14 50.37 13.68
N PHE E 533 18.05 50.59 12.74
CA PHE E 533 18.87 51.80 12.74
C PHE E 533 18.86 52.44 11.35
N ARG E 534 18.49 53.71 11.27
CA ARG E 534 18.51 54.34 9.95
C ARG E 534 19.92 54.89 9.67
N GLY E 535 20.60 54.21 8.74
CA GLY E 535 21.98 54.50 8.35
C GLY E 535 22.48 55.94 8.19
N ARG E 536 21.64 56.82 7.67
CA ARG E 536 22.03 58.21 7.45
C ARG E 536 22.46 58.92 8.73
N TYR E 537 21.98 58.42 9.87
CA TYR E 537 22.34 58.96 11.17
C TYR E 537 23.49 58.23 11.88
N ARG E 538 24.32 57.51 11.12
CA ARG E 538 25.44 56.73 11.65
C ARG E 538 26.40 57.60 12.47
N LYS E 539 26.74 58.78 11.96
CA LYS E 539 27.68 59.67 12.66
C LYS E 539 27.00 60.60 13.65
N ASP E 540 25.87 61.17 13.25
CA ASP E 540 25.18 62.12 14.10
C ASP E 540 23.67 62.05 13.87
N PHE E 541 22.90 61.89 14.95
CA PHE E 541 21.43 61.83 14.85
C PHE E 541 20.81 63.12 14.35
N ALA E 542 21.46 64.24 14.68
CA ALA E 542 21.02 65.56 14.29
C ALA E 542 21.46 65.95 12.89
N LYS E 543 22.48 65.30 12.34
CA LYS E 543 23.01 65.66 11.02
C LYS E 543 23.12 64.48 10.06
N PRO E 544 22.05 64.20 9.29
CA PRO E 544 22.09 63.09 8.36
C PRO E 544 23.09 63.32 7.25
N GLU E 545 23.73 62.24 6.82
CA GLU E 545 24.73 62.23 5.76
C GLU E 545 24.63 60.95 4.92
N ALA E 546 24.95 61.08 3.64
CA ALA E 546 24.90 59.96 2.72
C ALA E 546 25.96 58.93 3.08
N LEU E 547 25.64 57.68 2.79
CA LEU E 547 26.54 56.57 3.03
C LEU E 547 27.37 56.43 1.77
N GLN E 548 28.60 56.01 1.99
CA GLN E 548 29.64 55.74 1.01
C GLN E 548 29.35 54.40 0.34
N PRO E 549 29.03 54.36 -0.96
CA PRO E 549 28.72 53.09 -1.61
C PRO E 549 29.84 52.09 -1.57
N ASP E 550 29.49 50.84 -1.28
CA ASP E 550 30.42 49.72 -1.23
C ASP E 550 31.50 49.80 -0.15
N ALA E 551 31.34 50.72 0.80
CA ALA E 551 32.30 50.85 1.90
C ALA E 551 31.72 50.14 3.11
N THR E 552 32.55 49.39 3.84
CA THR E 552 32.15 48.72 5.06
C THR E 552 32.22 49.83 6.10
N LEU E 553 31.10 50.13 6.73
CA LEU E 553 30.98 51.20 7.72
C LEU E 553 30.58 50.59 9.05
N HIS E 554 31.03 51.21 10.14
CA HIS E 554 30.76 50.75 11.49
C HIS E 554 29.51 51.40 12.10
N TYR E 555 28.58 50.58 12.57
CA TYR E 555 27.34 50.99 13.25
C TYR E 555 27.35 50.42 14.65
N HIS E 556 26.99 51.24 15.63
CA HIS E 556 27.06 50.83 17.02
C HIS E 556 25.82 51.40 17.73
N PHE E 557 24.92 50.53 18.13
CA PHE E 557 23.69 50.97 18.79
C PHE E 557 23.13 49.93 19.74
N THR E 558 22.53 50.41 20.82
CA THR E 558 21.96 49.55 21.83
C THR E 558 20.62 48.98 21.34
N LEU E 559 20.36 47.76 21.77
CA LEU E 559 19.14 47.03 21.49
C LEU E 559 18.32 46.90 22.77
N PRO E 560 17.05 46.50 22.68
CA PRO E 560 16.27 46.34 23.92
C PRO E 560 16.92 45.38 24.92
N ALA E 561 16.68 45.68 26.19
CA ALA E 561 17.22 44.94 27.32
C ALA E 561 16.74 43.50 27.39
N VAL E 562 17.62 42.65 27.92
CA VAL E 562 17.32 41.24 28.07
C VAL E 562 17.64 40.80 29.51
N ASN E 563 16.94 39.77 29.97
CA ASN E 563 17.17 39.15 31.27
C ASN E 563 16.75 37.72 30.93
N HIS E 564 17.64 37.02 30.25
CA HIS E 564 17.28 35.71 29.72
C HIS E 564 18.32 34.63 29.98
N VAL E 565 17.97 33.41 29.62
CA VAL E 565 18.88 32.29 29.72
C VAL E 565 18.64 31.40 28.51
N PHE E 566 19.63 31.27 27.64
CA PHE E 566 19.54 30.40 26.47
C PHE E 566 19.97 29.05 27.04
N ALA E 567 19.00 28.15 27.20
CA ALA E 567 19.23 26.87 27.87
C ALA E 567 19.85 25.81 26.99
N LYS E 568 20.19 24.68 27.60
CA LYS E 568 20.74 23.56 26.84
C LYS E 568 19.70 23.16 25.80
N GLY E 569 20.16 22.85 24.59
CA GLY E 569 19.28 22.46 23.49
C GLY E 569 18.83 23.61 22.60
N HIS E 570 18.98 24.83 23.07
CA HIS E 570 18.55 25.98 22.28
C HIS E 570 19.73 26.44 21.42
N ARG E 571 19.52 27.49 20.63
CA ARG E 571 20.60 28.12 19.88
C ARG E 571 20.41 29.61 20.08
N ILE E 572 21.48 30.37 19.87
CA ILE E 572 21.40 31.82 19.88
C ILE E 572 21.46 32.08 18.39
N MET E 573 20.61 32.98 17.91
CA MET E 573 20.55 33.31 16.51
C MET E 573 20.54 34.82 16.38
N VAL E 574 21.09 35.27 15.27
CA VAL E 574 21.13 36.68 14.90
C VAL E 574 20.63 36.77 13.46
N GLN E 575 19.67 37.66 13.25
CA GLN E 575 19.12 37.90 11.91
C GLN E 575 19.30 39.37 11.59
N ILE E 576 19.78 39.63 10.38
CA ILE E 576 19.99 40.99 9.88
C ILE E 576 19.25 41.20 8.56
N GLN E 577 18.54 42.32 8.45
CA GLN E 577 17.82 42.67 7.24
C GLN E 577 17.80 44.19 7.11
N SER E 578 17.17 44.69 6.05
CA SER E 578 17.14 46.14 5.77
C SER E 578 15.77 46.78 5.54
N SER E 579 14.72 46.08 5.95
CA SER E 579 13.37 46.58 5.82
C SER E 579 12.53 45.88 6.90
N TRP E 580 11.38 46.47 7.25
CA TRP E 580 10.54 45.97 8.34
C TRP E 580 9.22 46.71 8.18
N PHE E 581 8.49 46.28 7.17
CA PHE E 581 7.30 46.94 6.69
C PHE E 581 6.01 46.23 7.04
N PRO E 582 4.91 46.99 7.16
CA PRO E 582 4.78 48.45 7.04
C PRO E 582 5.04 49.27 8.30
N LEU E 583 5.42 48.64 9.41
CA LEU E 583 5.67 49.37 10.65
C LEU E 583 6.62 50.54 10.40
N TYR E 584 7.74 50.27 9.75
CA TYR E 584 8.73 51.29 9.45
C TYR E 584 8.66 51.64 7.97
N ASP E 585 8.67 52.93 7.64
CA ASP E 585 8.71 53.33 6.23
C ASP E 585 9.99 52.82 5.60
N ARG E 586 9.93 52.55 4.31
CA ARG E 586 11.08 52.02 3.60
C ARG E 586 12.14 53.07 3.39
N ASN E 587 13.39 52.66 3.57
CA ASN E 587 14.54 53.50 3.31
C ASN E 587 14.68 53.34 1.82
N PRO E 588 14.68 54.44 1.03
CA PRO E 588 14.81 54.34 -0.41
C PRO E 588 16.12 53.73 -0.91
N GLN E 589 17.13 53.76 -0.05
CA GLN E 589 18.47 53.26 -0.34
C GLN E 589 19.26 54.20 -1.26
N LYS E 590 18.81 55.46 -1.31
CA LYS E 590 19.43 56.51 -2.08
C LYS E 590 19.25 57.69 -1.15
N PHE E 591 20.33 58.39 -0.84
CA PHE E 591 20.20 59.52 0.08
C PHE E 591 19.36 60.64 -0.53
N VAL E 592 18.26 60.97 0.14
CA VAL E 592 17.38 62.06 -0.23
C VAL E 592 17.27 62.99 0.98
N PRO E 593 17.01 64.29 0.76
CA PRO E 593 16.92 65.24 1.87
C PRO E 593 15.93 64.84 2.98
N ASN E 594 14.77 64.37 2.57
CA ASN E 594 13.74 63.96 3.51
C ASN E 594 13.07 62.71 2.97
N ILE E 595 13.18 61.63 3.72
CA ILE E 595 12.61 60.34 3.35
C ILE E 595 11.08 60.37 3.33
N PHE E 596 10.47 61.24 4.12
CA PHE E 596 9.02 61.37 4.04
C PHE E 596 8.55 61.77 2.65
N ASP E 597 9.38 62.51 1.92
CA ASP E 597 9.06 63.01 0.58
C ASP E 597 9.72 62.28 -0.59
N ALA E 598 10.19 61.06 -0.34
CA ALA E 598 10.84 60.26 -1.36
C ALA E 598 9.85 60.02 -2.48
N LYS E 599 10.37 60.09 -3.71
CA LYS E 599 9.61 59.89 -4.94
C LYS E 599 9.82 58.49 -5.51
N PRO E 600 8.87 57.97 -6.31
CA PRO E 600 8.97 56.61 -6.83
C PRO E 600 10.31 56.25 -7.46
N ALA E 601 10.89 57.17 -8.22
CA ALA E 601 12.18 56.91 -8.86
C ALA E 601 13.36 56.82 -7.90
N ASP E 602 13.21 57.34 -6.68
CA ASP E 602 14.28 57.30 -5.69
C ASP E 602 14.53 55.93 -5.08
N TYR E 603 13.53 55.05 -5.07
CA TYR E 603 13.64 53.73 -4.44
C TYR E 603 14.51 52.82 -5.26
N THR E 604 15.69 52.51 -4.73
CA THR E 604 16.69 51.73 -5.43
C THR E 604 17.05 50.41 -4.75
N VAL E 605 17.27 49.39 -5.58
CA VAL E 605 17.66 48.07 -5.13
C VAL E 605 19.12 48.17 -4.76
N ALA E 606 19.54 47.52 -3.68
CA ALA E 606 20.93 47.56 -3.27
C ALA E 606 21.35 46.24 -2.70
N THR E 607 22.65 45.94 -2.86
CA THR E 607 23.30 44.74 -2.35
C THR E 607 23.93 45.19 -1.04
N GLN E 608 23.61 44.47 0.04
CA GLN E 608 24.09 44.73 1.37
C GLN E 608 25.07 43.63 1.74
N SER E 609 26.18 43.98 2.38
CA SER E 609 27.22 43.05 2.79
C SER E 609 27.61 43.18 4.26
N ILE E 610 27.41 42.12 5.04
CA ILE E 610 27.74 42.14 6.45
C ILE E 610 29.11 41.53 6.65
N HIS E 611 30.10 42.33 7.06
CA HIS E 611 31.44 41.78 7.25
C HIS E 611 31.56 41.01 8.56
N HIS E 612 32.36 39.96 8.54
CA HIS E 612 32.67 39.16 9.72
C HIS E 612 34.15 38.83 9.77
N GLY E 613 34.65 38.74 11.00
CA GLY E 613 36.04 38.46 11.28
C GLY E 613 36.98 39.64 11.07
N GLY E 614 38.24 39.45 11.45
CA GLY E 614 39.26 40.48 11.27
C GLY E 614 39.03 41.74 12.07
N LYS E 615 39.42 42.88 11.47
CA LYS E 615 39.25 44.17 12.13
C LYS E 615 37.84 44.71 11.99
N GLU E 616 37.00 44.06 11.19
CA GLU E 616 35.62 44.48 10.99
C GLU E 616 34.66 43.35 11.36
N ALA E 617 34.95 42.73 12.50
CA ALA E 617 34.21 41.57 12.98
C ALA E 617 32.89 41.93 13.63
N THR E 618 31.83 41.85 12.85
CA THR E 618 30.48 42.13 13.31
C THR E 618 30.13 41.15 14.42
N SER E 619 29.47 41.67 15.44
CA SER E 619 29.05 40.87 16.57
C SER E 619 27.96 41.59 17.34
N ILE E 620 27.35 40.83 18.24
CA ILE E 620 26.39 41.39 19.18
C ILE E 620 27.17 41.36 20.48
N LEU E 621 27.32 42.52 21.10
CA LEU E 621 28.00 42.57 22.40
C LEU E 621 26.93 42.15 23.40
N LEU E 622 27.05 40.92 23.88
CA LEU E 622 26.06 40.41 24.81
C LEU E 622 26.41 40.63 26.26
N PRO E 623 25.41 40.94 27.11
CA PRO E 623 25.65 41.07 28.55
C PRO E 623 25.64 39.70 29.23
N VAL E 624 26.67 38.92 28.97
CA VAL E 624 26.78 37.60 29.58
C VAL E 624 27.15 37.77 31.06
N VAL E 625 26.45 37.02 31.90
CA VAL E 625 26.64 37.04 33.35
C VAL E 625 26.75 35.61 33.85
N LYS E 626 27.44 35.44 34.97
CA LYS E 626 27.65 34.13 35.57
C LYS E 626 26.55 33.74 36.56
N HIS F 10 15.95 -10.63 -15.72
CA HIS F 10 15.10 -9.43 -15.48
C HIS F 10 15.85 -8.40 -14.66
N ASP F 11 15.76 -7.14 -15.11
CA ASP F 11 16.39 -6.00 -14.44
C ASP F 11 15.64 -5.76 -13.14
N PRO F 12 16.33 -5.89 -11.98
CA PRO F 12 15.64 -5.67 -10.71
C PRO F 12 15.23 -4.22 -10.46
N LEU F 13 15.90 -3.26 -11.11
CA LEU F 13 15.58 -1.84 -10.94
C LEU F 13 14.37 -1.38 -11.76
N SER F 14 13.71 -2.34 -12.43
CA SER F 14 12.53 -2.08 -13.24
C SER F 14 11.41 -3.11 -13.05
N VAL F 15 11.78 -4.38 -12.92
CA VAL F 15 10.79 -5.42 -12.75
C VAL F 15 10.93 -6.09 -11.40
N GLN F 16 9.88 -5.96 -10.59
CA GLN F 16 9.81 -6.57 -9.26
C GLN F 16 8.84 -7.75 -9.27
N THR F 17 9.38 -8.96 -9.10
CA THR F 17 8.59 -10.18 -9.04
C THR F 17 8.53 -10.74 -7.62
N GLY F 18 9.12 -10.01 -6.68
CA GLY F 18 9.13 -10.37 -5.27
C GLY F 18 8.32 -9.33 -4.51
N SER F 19 8.78 -9.04 -3.29
CA SER F 19 8.09 -8.11 -2.42
C SER F 19 8.87 -6.81 -2.24
N ASP F 20 8.12 -5.73 -2.12
CA ASP F 20 8.69 -4.40 -1.85
C ASP F 20 8.84 -4.16 -0.34
N ILE F 21 8.35 -5.10 0.46
CA ILE F 21 8.52 -5.04 1.91
C ILE F 21 9.85 -5.77 2.22
N PRO F 22 10.84 -5.07 2.80
CA PRO F 22 12.08 -5.75 3.18
C PRO F 22 11.88 -6.74 4.32
N GLN F 32 21.88 8.38 15.55
CA GLN F 32 21.56 9.77 15.82
C GLN F 32 20.85 10.03 17.16
N ARG F 33 20.38 8.97 17.81
CA ARG F 33 19.72 9.07 19.10
C ARG F 33 20.66 9.39 20.24
N ASP F 34 20.11 9.96 21.31
CA ASP F 34 20.88 10.30 22.51
C ASP F 34 20.58 9.29 23.64
N TYR F 35 20.06 8.12 23.26
CA TYR F 35 19.71 7.07 24.20
C TYR F 35 19.72 5.73 23.48
N ILE F 36 19.72 4.70 24.29
CA ILE F 36 19.65 3.34 23.77
C ILE F 36 18.46 2.73 24.49
N LYS F 37 17.76 1.83 23.80
CA LYS F 37 16.61 1.16 24.36
C LYS F 37 16.86 -0.35 24.39
N ARG F 38 16.71 -0.94 25.57
CA ARG F 38 16.84 -2.37 25.75
C ARG F 38 15.53 -3.02 26.16
N GLU F 39 15.21 -4.13 25.50
CA GLU F 39 14.00 -4.86 25.75
C GLU F 39 14.44 -6.21 26.26
N VAL F 40 14.03 -6.52 27.49
CA VAL F 40 14.40 -7.78 28.13
C VAL F 40 13.21 -8.44 28.81
N MET F 41 13.26 -9.76 28.87
CA MET F 41 12.24 -10.57 29.53
C MET F 41 12.84 -10.96 30.88
N VAL F 42 12.42 -10.28 31.94
CA VAL F 42 12.95 -10.52 33.27
C VAL F 42 12.25 -11.66 34.00
N PRO F 43 12.96 -12.76 34.27
CA PRO F 43 12.26 -13.89 34.91
C PRO F 43 11.93 -13.66 36.38
N MET F 44 10.74 -14.08 36.78
CA MET F 44 10.29 -13.94 38.16
C MET F 44 10.68 -15.22 38.87
N ARG F 45 10.47 -15.26 40.19
CA ARG F 45 10.83 -16.42 41.00
C ARG F 45 10.13 -17.70 40.59
N ASP F 46 8.94 -17.59 40.00
CA ASP F 46 8.17 -18.74 39.52
C ASP F 46 8.33 -19.06 38.02
N GLY F 47 9.28 -18.40 37.35
CA GLY F 47 9.56 -18.65 35.94
C GLY F 47 8.86 -17.76 34.92
N VAL F 48 7.80 -17.07 35.34
CA VAL F 48 7.07 -16.20 34.43
C VAL F 48 8.01 -15.04 34.12
N LYS F 49 8.07 -14.65 32.86
CA LYS F 49 8.93 -13.57 32.41
C LYS F 49 8.13 -12.33 32.08
N LEU F 50 8.59 -11.18 32.55
CA LEU F 50 7.89 -9.91 32.35
C LEU F 50 8.64 -9.00 31.39
N TYR F 51 7.92 -8.42 30.44
CA TYR F 51 8.48 -7.54 29.43
C TYR F 51 8.95 -6.26 30.11
N THR F 52 10.23 -5.97 29.93
CA THR F 52 10.84 -4.81 30.56
C THR F 52 11.59 -4.00 29.50
N VAL F 53 11.40 -2.69 29.57
CA VAL F 53 11.99 -1.72 28.63
C VAL F 53 12.86 -0.77 29.44
N ILE F 54 14.15 -0.70 29.11
CA ILE F 54 15.13 0.10 29.82
C ILE F 54 15.70 1.15 28.87
N VAL F 55 15.48 2.43 29.17
CA VAL F 55 15.94 3.55 28.37
C VAL F 55 17.10 4.19 29.09
N ILE F 56 18.28 4.08 28.47
CA ILE F 56 19.54 4.54 29.03
C ILE F 56 20.12 5.71 28.25
N PRO F 57 20.39 6.85 28.91
CA PRO F 57 21.00 7.94 28.16
C PRO F 57 22.34 7.46 27.64
N LYS F 58 22.80 8.02 26.52
CA LYS F 58 24.11 7.68 25.98
C LYS F 58 25.20 8.18 26.91
N ASN F 59 26.27 7.40 26.99
CA ASN F 59 27.36 7.74 27.91
C ASN F 59 26.88 7.94 29.34
N ALA F 60 25.87 7.17 29.74
CA ALA F 60 25.38 7.21 31.12
C ALA F 60 26.30 6.27 31.89
N ARG F 61 26.71 6.68 33.08
CA ARG F 61 27.58 5.84 33.90
C ARG F 61 27.22 6.14 35.35
N ASN F 62 26.96 5.11 36.14
CA ASN F 62 26.59 5.26 37.55
C ASN F 62 25.29 6.04 37.72
N ALA F 63 24.35 5.86 36.80
CA ALA F 63 23.09 6.59 36.82
C ALA F 63 22.04 5.86 37.63
N PRO F 64 21.22 6.60 38.39
CA PRO F 64 20.14 5.95 39.12
C PRO F 64 19.04 5.53 38.16
N ILE F 65 18.21 4.58 38.62
CA ILE F 65 17.10 4.03 37.84
C ILE F 65 15.74 4.45 38.37
N LEU F 66 14.85 4.86 37.48
CA LEU F 66 13.49 5.26 37.86
C LEU F 66 12.60 4.18 37.27
N LEU F 67 11.90 3.43 38.13
CA LEU F 67 11.06 2.30 37.71
C LEU F 67 9.54 2.48 37.86
N THR F 68 8.79 2.04 36.85
CA THR F 68 7.33 2.05 36.87
C THR F 68 6.88 0.69 36.31
N ARG F 69 5.89 0.09 36.97
CA ARG F 69 5.30 -1.20 36.62
C ARG F 69 3.86 -0.88 36.22
N THR F 70 3.50 -1.28 35.00
CA THR F 70 2.23 -0.88 34.41
C THR F 70 1.43 -1.95 33.69
N PRO F 71 0.09 -1.82 33.74
CA PRO F 71 -0.81 -2.65 32.95
C PRO F 71 -1.17 -1.96 31.63
N TYR F 72 -0.59 -0.79 31.36
CA TYR F 72 -0.90 0.03 30.20
C TYR F 72 0.12 0.02 29.06
N ASN F 73 0.72 -1.13 28.78
CA ASN F 73 1.65 -1.29 27.66
C ASN F 73 2.96 -0.51 27.81
N ALA F 74 3.93 -1.19 28.40
CA ALA F 74 5.26 -0.65 28.64
C ALA F 74 5.94 -0.15 27.38
N LYS F 75 5.83 -0.90 26.28
CA LYS F 75 6.45 -0.49 25.03
C LYS F 75 5.92 0.87 24.59
N GLY F 76 4.61 1.09 24.75
CA GLY F 76 3.99 2.34 24.37
C GLY F 76 4.29 3.48 25.31
N ARG F 77 4.41 3.18 26.61
CA ARG F 77 4.70 4.21 27.62
C ARG F 77 6.08 4.84 27.41
N ALA F 78 7.03 4.05 26.94
CA ALA F 78 8.38 4.49 26.63
C ALA F 78 8.54 4.84 25.14
N ASN F 79 7.43 5.20 24.50
CA ASN F 79 7.35 5.65 23.10
C ASN F 79 6.29 6.73 22.91
N ARG F 80 6.39 7.80 23.70
CA ARG F 80 5.46 8.92 23.64
C ARG F 80 5.45 9.43 22.19
N VAL F 81 6.65 9.67 21.68
CA VAL F 81 6.92 10.04 20.29
C VAL F 81 7.64 8.78 19.81
N PRO F 82 6.95 7.94 19.04
CA PRO F 82 7.53 6.66 18.61
C PRO F 82 8.90 6.71 17.95
N ASN F 83 9.86 6.00 18.56
CA ASN F 83 11.23 5.89 18.07
C ASN F 83 11.95 7.22 17.85
N ALA F 84 11.62 8.18 18.70
CA ALA F 84 12.16 9.53 18.63
C ALA F 84 13.68 9.54 18.72
N LEU F 85 14.25 10.65 18.25
CA LEU F 85 15.68 10.85 18.26
C LEU F 85 16.18 11.28 19.64
N THR F 86 15.34 11.91 20.45
CA THR F 86 15.79 12.33 21.78
C THR F 86 15.03 11.61 22.89
N MET F 87 15.73 11.42 24.00
CA MET F 87 15.15 10.74 25.15
C MET F 87 13.96 11.54 25.69
N ARG F 88 14.10 12.86 25.71
CA ARG F 88 13.06 13.78 26.17
C ARG F 88 11.74 13.50 25.45
N GLU F 89 11.81 13.27 24.14
CA GLU F 89 10.66 12.97 23.31
C GLU F 89 10.11 11.58 23.51
N VAL F 90 10.98 10.62 23.75
CA VAL F 90 10.53 9.25 23.84
C VAL F 90 9.82 8.96 25.16
N LEU F 91 10.21 9.66 26.22
CA LEU F 91 9.57 9.44 27.50
C LEU F 91 8.44 10.44 27.74
N PRO F 92 7.49 10.11 28.63
CA PRO F 92 6.35 10.98 28.97
C PRO F 92 6.73 12.36 29.51
N GLN F 93 5.78 13.28 29.52
CA GLN F 93 6.01 14.63 30.01
C GLN F 93 6.42 14.68 31.49
N GLY F 94 5.83 13.82 32.30
CA GLY F 94 6.15 13.77 33.72
C GLY F 94 7.58 13.35 34.04
N ASP F 95 8.24 12.66 33.11
CA ASP F 95 9.61 12.22 33.28
C ASP F 95 10.65 13.24 32.88
N ASP F 96 10.20 14.44 32.49
CA ASP F 96 11.06 15.54 32.05
C ASP F 96 12.25 15.88 32.95
N VAL F 97 12.00 16.06 34.24
CA VAL F 97 13.05 16.41 35.19
C VAL F 97 14.11 15.32 35.38
N PHE F 98 13.73 14.06 35.11
CA PHE F 98 14.61 12.91 35.27
C PHE F 98 15.43 12.63 34.01
N VAL F 99 14.92 13.08 32.87
CA VAL F 99 15.71 13.01 31.66
C VAL F 99 16.82 14.06 31.82
N GLU F 100 16.50 15.23 32.34
CA GLU F 100 17.48 16.30 32.54
C GLU F 100 18.50 15.91 33.61
N GLY F 101 18.09 15.08 34.56
CA GLY F 101 19.00 14.64 35.62
C GLY F 101 19.87 13.46 35.26
N GLY F 102 19.68 12.93 34.04
CA GLY F 102 20.48 11.81 33.57
C GLY F 102 20.10 10.46 34.15
N TYR F 103 18.82 10.26 34.48
CA TYR F 103 18.33 8.99 35.04
C TYR F 103 18.10 7.94 33.95
N ILE F 104 18.13 6.67 34.32
CA ILE F 104 17.80 5.56 33.42
C ILE F 104 16.33 5.32 33.74
N ARG F 105 15.48 5.16 32.73
CA ARG F 105 14.06 4.94 32.91
C ARG F 105 13.69 3.53 32.50
N VAL F 106 12.90 2.87 33.35
CA VAL F 106 12.43 1.51 33.13
C VAL F 106 10.91 1.46 33.24
N PHE F 107 10.31 0.89 32.21
CA PHE F 107 8.87 0.61 32.19
C PHE F 107 8.74 -0.91 32.04
N GLN F 108 7.92 -1.53 32.88
CA GLN F 108 7.73 -2.98 32.86
C GLN F 108 6.26 -3.41 32.84
N ASP F 109 5.91 -4.31 31.94
CA ASP F 109 4.53 -4.79 31.84
C ASP F 109 4.29 -5.73 33.02
N ILE F 110 3.23 -5.49 33.77
CA ILE F 110 2.92 -6.34 34.91
C ILE F 110 2.48 -7.73 34.44
N ARG F 111 2.53 -8.67 35.36
CA ARG F 111 2.17 -10.05 35.12
C ARG F 111 0.82 -10.16 34.44
N GLY F 112 0.82 -10.75 33.25
CA GLY F 112 -0.38 -11.05 32.49
C GLY F 112 -0.88 -10.02 31.49
N LYS F 113 -0.11 -8.96 31.28
CA LYS F 113 -0.49 -7.90 30.36
C LYS F 113 0.57 -7.66 29.29
N TYR F 114 0.07 -7.32 28.10
CA TYR F 114 0.85 -6.98 26.91
C TYR F 114 1.99 -7.97 26.64
N GLY F 115 3.24 -7.56 26.76
CA GLY F 115 4.35 -8.45 26.46
C GLY F 115 4.77 -9.46 27.52
N SER F 116 4.16 -9.38 28.70
CA SER F 116 4.52 -10.25 29.82
C SER F 116 3.74 -11.56 29.79
N GLN F 117 4.32 -12.59 30.40
CA GLN F 117 3.67 -13.89 30.49
C GLN F 117 2.89 -13.88 31.79
N GLY F 118 2.15 -14.96 32.02
CA GLY F 118 1.40 -15.14 33.25
C GLY F 118 -0.09 -14.87 33.18
N ASP F 119 -0.75 -15.01 34.33
CA ASP F 119 -2.18 -14.79 34.45
C ASP F 119 -2.43 -13.42 35.04
N TYR F 120 -3.30 -12.64 34.40
CA TYR F 120 -3.60 -11.31 34.91
C TYR F 120 -4.76 -11.33 35.87
N VAL F 121 -4.56 -10.72 37.04
CA VAL F 121 -5.58 -10.59 38.07
C VAL F 121 -5.71 -9.08 38.34
N MET F 122 -6.91 -8.53 38.15
CA MET F 122 -7.17 -7.12 38.39
C MET F 122 -6.76 -6.76 39.82
N THR F 123 -5.99 -5.69 39.96
CA THR F 123 -5.51 -5.21 41.26
C THR F 123 -5.22 -6.40 42.15
N ARG F 124 -4.32 -7.25 41.66
CA ARG F 124 -3.96 -8.49 42.33
C ARG F 124 -3.75 -8.33 43.84
N PRO F 125 -4.53 -9.04 44.66
CA PRO F 125 -4.35 -8.90 46.10
C PRO F 125 -3.02 -9.44 46.65
N PRO F 126 -2.55 -8.88 47.77
CA PRO F 126 -1.29 -9.34 48.32
C PRO F 126 -1.44 -10.75 48.85
N HIS F 127 -0.32 -11.38 49.16
CA HIS F 127 -0.32 -12.74 49.69
C HIS F 127 -1.20 -12.73 50.93
N GLY F 128 -2.07 -13.73 51.01
CA GLY F 128 -2.97 -13.89 52.13
C GLY F 128 -4.19 -14.70 51.78
N PRO F 129 -5.33 -14.40 52.42
CA PRO F 129 -6.56 -15.13 52.12
C PRO F 129 -7.07 -14.95 50.69
N LEU F 130 -6.84 -13.79 50.07
CA LEU F 130 -7.30 -13.52 48.70
C LEU F 130 -6.28 -13.86 47.63
N ASN F 131 -5.12 -14.38 48.01
CA ASN F 131 -4.07 -14.77 47.07
C ASN F 131 -3.14 -15.73 47.80
N PRO F 132 -3.46 -17.05 47.77
CA PRO F 132 -2.64 -18.07 48.42
C PRO F 132 -1.45 -18.57 47.63
N THR F 133 -1.15 -17.97 46.49
CA THR F 133 -0.02 -18.41 45.66
C THR F 133 1.33 -17.97 46.26
N LYS F 134 2.43 -18.30 45.57
CA LYS F 134 3.75 -17.88 46.03
C LYS F 134 4.14 -16.48 45.53
N THR F 135 3.36 -15.89 44.63
CA THR F 135 3.68 -14.58 44.05
C THR F 135 2.57 -13.56 44.13
N ASP F 136 2.97 -12.29 43.98
CA ASP F 136 2.06 -11.17 43.96
C ASP F 136 2.80 -9.96 43.35
N GLU F 137 2.20 -8.77 43.46
CA GLU F 137 2.82 -7.56 42.93
C GLU F 137 4.03 -7.08 43.76
N THR F 138 4.10 -7.51 45.00
CA THR F 138 5.22 -7.18 45.87
C THR F 138 6.42 -8.02 45.51
N THR F 139 6.21 -9.31 45.26
CA THR F 139 7.32 -10.22 44.94
C THR F 139 7.84 -9.94 43.55
N ASP F 140 6.95 -9.65 42.60
CA ASP F 140 7.35 -9.29 41.24
C ASP F 140 8.21 -8.04 41.20
N ALA F 141 7.89 -7.06 42.05
CA ALA F 141 8.67 -5.83 42.12
C ALA F 141 10.01 -6.12 42.78
N TRP F 142 10.02 -7.08 43.70
CA TRP F 142 11.24 -7.48 44.41
C TRP F 142 12.18 -8.16 43.40
N ASP F 143 11.67 -9.11 42.62
CA ASP F 143 12.47 -9.80 41.60
C ASP F 143 12.97 -8.89 40.48
N THR F 144 12.17 -7.89 40.14
CA THR F 144 12.52 -6.90 39.12
C THR F 144 13.67 -6.03 39.61
N VAL F 145 13.56 -5.47 40.81
CA VAL F 145 14.64 -4.64 41.33
C VAL F 145 15.95 -5.42 41.55
N ASP F 146 15.83 -6.71 41.86
CA ASP F 146 17.01 -7.54 42.07
C ASP F 146 17.72 -7.77 40.72
N TRP F 147 16.94 -8.02 39.68
CA TRP F 147 17.51 -8.26 38.35
C TRP F 147 18.19 -6.99 37.82
N LEU F 148 17.55 -5.84 37.99
CA LEU F 148 18.10 -4.56 37.52
C LEU F 148 19.47 -4.24 38.10
N VAL F 149 19.59 -4.31 39.42
CA VAL F 149 20.86 -3.97 40.06
C VAL F 149 22.01 -4.90 39.68
N HIS F 150 21.70 -6.10 39.21
CA HIS F 150 22.72 -7.05 38.81
C HIS F 150 22.89 -7.17 37.31
N ASN F 151 22.06 -6.51 36.53
CA ASN F 151 22.14 -6.60 35.07
C ASN F 151 22.13 -5.30 34.27
N VAL F 152 22.33 -4.14 34.89
CA VAL F 152 22.35 -2.84 34.19
C VAL F 152 23.62 -2.12 34.61
N PRO F 153 24.76 -2.41 33.94
CA PRO F 153 26.07 -1.87 34.27
C PRO F 153 26.21 -0.34 34.27
N GLU F 154 25.37 0.34 33.48
CA GLU F 154 25.36 1.80 33.43
C GLU F 154 24.70 2.45 34.65
N SER F 155 24.01 1.67 35.48
CA SER F 155 23.37 2.20 36.67
C SER F 155 24.26 2.02 37.89
N ASN F 156 23.97 2.80 38.92
CA ASN F 156 24.67 2.77 40.21
C ASN F 156 24.01 1.78 41.15
N GLY F 157 22.99 1.06 40.68
CA GLY F 157 22.34 0.05 41.50
C GLY F 157 21.28 0.57 42.45
N ARG F 158 20.90 1.84 42.33
CA ARG F 158 19.92 2.49 43.21
C ARG F 158 18.64 2.71 42.40
N VAL F 159 17.51 2.28 42.93
CA VAL F 159 16.25 2.38 42.22
C VAL F 159 15.19 3.17 42.96
N GLY F 160 14.47 4.00 42.22
CA GLY F 160 13.37 4.80 42.73
C GLY F 160 12.13 4.35 41.97
N MET F 161 11.01 4.22 42.66
CA MET F 161 9.78 3.81 42.00
C MET F 161 8.75 4.94 42.03
N THR F 162 8.01 5.03 40.93
CA THR F 162 6.96 6.02 40.80
C THR F 162 5.90 5.51 39.82
N GLY F 163 4.82 6.28 39.73
CA GLY F 163 3.72 5.93 38.85
C GLY F 163 2.40 6.43 39.41
N SER F 164 1.48 6.70 38.50
CA SER F 164 0.18 7.20 38.89
C SER F 164 -0.91 6.18 38.61
N SER F 165 -1.99 6.26 39.38
CA SER F 165 -3.16 5.41 39.23
C SER F 165 -2.79 3.93 39.45
N TYR F 166 -2.93 3.08 38.45
CA TYR F 166 -2.60 1.68 38.63
C TYR F 166 -1.09 1.56 38.77
N GLU F 167 -0.36 2.48 38.15
CA GLU F 167 1.10 2.51 38.25
C GLU F 167 1.54 2.96 39.65
N GLY F 168 0.62 3.58 40.40
CA GLY F 168 0.84 3.99 41.78
C GLY F 168 0.53 2.83 42.72
N PHE F 169 -0.43 2.00 42.32
CA PHE F 169 -0.81 0.81 43.07
C PHE F 169 0.39 -0.11 43.15
N THR F 170 1.11 -0.28 42.03
CA THR F 170 2.28 -1.15 41.96
C THR F 170 3.44 -0.62 42.82
N VAL F 171 3.47 0.67 43.10
CA VAL F 171 4.48 1.25 43.97
C VAL F 171 4.13 0.85 45.40
N VAL F 172 2.85 1.06 45.76
CA VAL F 172 2.37 0.73 47.09
C VAL F 172 2.58 -0.75 47.37
N MET F 173 2.28 -1.61 46.40
CA MET F 173 2.51 -3.04 46.54
C MET F 173 3.99 -3.37 46.73
N ALA F 174 4.89 -2.57 46.19
CA ALA F 174 6.33 -2.80 46.36
C ALA F 174 6.78 -2.42 47.76
N LEU F 175 6.12 -1.41 48.32
CA LEU F 175 6.42 -0.94 49.66
C LEU F 175 5.97 -1.86 50.79
N LEU F 176 5.25 -2.94 50.49
CA LEU F 176 4.85 -3.93 51.49
C LEU F 176 6.07 -4.76 51.91
N ASP F 177 6.96 -5.02 50.96
CA ASP F 177 8.19 -5.78 51.24
C ASP F 177 9.23 -5.40 50.17
N PRO F 178 9.82 -4.21 50.34
CA PRO F 178 10.75 -3.70 49.33
C PRO F 178 12.14 -4.31 49.30
N HIS F 179 12.71 -4.32 48.10
CA HIS F 179 14.07 -4.79 47.89
C HIS F 179 14.99 -3.75 48.55
N PRO F 180 16.12 -4.19 49.13
CA PRO F 180 17.03 -3.25 49.76
C PRO F 180 17.60 -2.18 48.83
N ALA F 181 17.57 -2.43 47.52
CA ALA F 181 18.02 -1.49 46.51
C ALA F 181 16.98 -0.40 46.17
N LEU F 182 15.74 -0.57 46.64
CA LEU F 182 14.69 0.41 46.44
C LEU F 182 14.92 1.49 47.47
N LYS F 183 15.51 2.61 47.06
CA LYS F 183 15.86 3.66 48.01
C LYS F 183 14.84 4.76 48.23
N VAL F 184 13.85 4.88 47.36
CA VAL F 184 12.84 5.96 47.48
C VAL F 184 11.61 5.64 46.61
N ALA F 185 10.44 6.15 46.99
CA ALA F 185 9.19 5.86 46.31
C ALA F 185 8.27 7.08 46.23
N ALA F 186 7.51 7.17 45.14
CA ALA F 186 6.56 8.27 44.96
C ALA F 186 5.27 7.76 44.34
N PRO F 187 4.36 7.21 45.15
CA PRO F 187 3.08 6.76 44.61
C PRO F 187 2.23 7.98 44.30
N GLU F 188 1.72 8.06 43.09
CA GLU F 188 0.91 9.19 42.69
C GLU F 188 -0.53 8.73 42.49
N SER F 189 -1.49 9.41 43.11
CA SER F 189 -2.91 9.07 43.02
C SER F 189 -3.11 7.56 42.90
N PRO F 190 -2.59 6.78 43.87
CA PRO F 190 -2.63 5.34 43.77
C PRO F 190 -4.00 4.76 44.09
N MET F 191 -4.23 3.53 43.62
CA MET F 191 -5.46 2.80 43.87
C MET F 191 -5.16 2.12 45.19
N VAL F 192 -5.79 2.55 46.27
CA VAL F 192 -5.57 2.00 47.61
C VAL F 192 -6.77 1.25 48.22
N ASP F 193 -7.93 1.88 48.20
CA ASP F 193 -9.15 1.22 48.69
C ASP F 193 -10.25 1.47 47.68
N GLY F 194 -10.46 0.53 46.77
CA GLY F 194 -11.45 0.69 45.71
C GLY F 194 -12.91 0.77 46.09
N TRP F 195 -13.22 0.41 47.33
CA TRP F 195 -14.58 0.46 47.85
C TRP F 195 -14.84 1.75 48.62
N MET F 196 -13.91 2.14 49.50
CA MET F 196 -14.14 3.32 50.32
C MET F 196 -14.24 4.62 49.52
N GLY F 197 -13.32 4.83 48.60
CA GLY F 197 -13.36 6.05 47.83
C GLY F 197 -12.45 6.19 46.64
N ASP F 198 -12.02 5.08 46.04
CA ASP F 198 -11.15 5.15 44.86
C ASP F 198 -11.95 4.89 43.59
N ASP F 199 -11.64 3.85 42.81
CA ASP F 199 -12.25 3.64 41.49
C ASP F 199 -13.60 2.96 41.37
N TRP F 200 -13.85 1.95 42.21
CA TRP F 200 -15.07 1.15 42.10
C TRP F 200 -16.28 1.66 42.84
N PHE F 201 -16.09 2.08 44.09
CA PHE F 201 -17.15 2.63 44.91
C PHE F 201 -16.70 3.82 45.73
N HIS F 202 -17.65 4.65 46.13
CA HIS F 202 -17.45 5.79 47.03
C HIS F 202 -18.48 5.58 48.13
N TYR F 203 -18.04 5.07 49.28
CA TYR F 203 -18.88 4.75 50.44
C TYR F 203 -20.04 3.86 50.02
N GLY F 204 -19.70 2.83 49.24
CA GLY F 204 -20.68 1.88 48.75
C GLY F 204 -21.41 2.24 47.47
N ALA F 205 -21.29 3.47 47.01
CA ALA F 205 -21.97 3.89 45.79
C ALA F 205 -21.10 3.54 44.59
N PHE F 206 -21.63 2.69 43.71
CA PHE F 206 -20.92 2.19 42.53
C PHE F 206 -20.73 3.15 41.36
N ARG F 207 -19.49 3.19 40.88
CA ARG F 207 -19.07 4.05 39.79
C ARG F 207 -19.19 3.32 38.44
N GLN F 208 -20.13 3.78 37.62
CA GLN F 208 -20.45 3.11 36.37
C GLN F 208 -19.43 3.20 35.23
N GLY F 209 -18.43 4.05 35.36
CA GLY F 209 -17.38 4.10 34.33
C GLY F 209 -16.50 2.85 34.34
N ALA F 210 -16.60 2.06 35.42
CA ALA F 210 -15.81 0.85 35.61
C ALA F 210 -16.01 -0.19 34.53
N PHE F 211 -17.20 -0.23 33.92
CA PHE F 211 -17.49 -1.24 32.91
C PHE F 211 -16.59 -1.10 31.69
N ASP F 212 -16.46 0.12 31.19
CA ASP F 212 -15.56 0.37 30.05
C ASP F 212 -14.13 0.01 30.37
N TYR F 213 -13.73 0.23 31.62
CA TYR F 213 -12.37 -0.06 32.05
C TYR F 213 -12.11 -1.55 32.05
N PHE F 214 -13.09 -2.35 32.48
CA PHE F 214 -12.98 -3.80 32.56
C PHE F 214 -12.82 -4.45 31.18
N VAL F 215 -13.71 -4.08 30.26
CA VAL F 215 -13.68 -4.61 28.90
C VAL F 215 -12.41 -4.13 28.21
N SER F 216 -11.96 -2.92 28.52
CA SER F 216 -10.73 -2.38 27.92
C SER F 216 -9.43 -3.01 28.43
N GLN F 217 -9.42 -3.46 29.69
CA GLN F 217 -8.23 -4.02 30.31
C GLN F 217 -8.20 -5.52 30.51
N MET F 218 -9.36 -6.17 30.49
CA MET F 218 -9.44 -7.62 30.68
C MET F 218 -10.02 -8.44 29.55
N THR F 219 -10.21 -7.85 28.38
CA THR F 219 -10.72 -8.61 27.24
C THR F 219 -9.64 -9.48 26.61
N ALA F 220 -8.39 -9.01 26.65
CA ALA F 220 -7.23 -9.72 26.12
C ALA F 220 -5.96 -9.40 26.90
N ARG F 221 -4.90 -10.14 26.63
CA ARG F 221 -3.61 -9.89 27.26
C ARG F 221 -3.12 -8.49 26.90
N GLY F 222 -3.29 -8.13 25.62
CA GLY F 222 -2.92 -6.84 25.10
C GLY F 222 -4.09 -5.88 25.16
N GLY F 223 -4.25 -5.07 24.11
CA GLY F 223 -5.30 -4.08 24.07
C GLY F 223 -6.68 -4.71 23.95
N GLY F 224 -7.70 -3.97 24.34
CA GLY F 224 -9.09 -4.39 24.21
C GLY F 224 -9.87 -3.22 23.61
N ASN F 225 -11.19 -3.31 23.66
CA ASN F 225 -12.08 -2.26 23.14
C ASN F 225 -13.09 -1.79 24.17
N ASP F 226 -13.73 -0.65 23.88
CA ASP F 226 -14.77 -0.12 24.76
C ASP F 226 -16.03 -0.89 24.41
N ILE F 227 -17.07 -0.64 25.19
CA ILE F 227 -18.37 -1.27 25.02
C ILE F 227 -19.18 -0.44 24.02
N PRO F 228 -19.67 -1.06 22.92
CA PRO F 228 -20.51 -0.38 21.95
C PRO F 228 -21.77 0.24 22.56
N ARG F 229 -22.06 1.47 22.17
CA ARG F 229 -23.21 2.19 22.71
C ARG F 229 -24.32 2.47 21.72
N ARG F 230 -25.54 2.50 22.25
CA ARG F 230 -26.72 2.81 21.47
C ARG F 230 -26.79 4.32 21.25
N ASP F 231 -26.76 5.08 22.34
CA ASP F 231 -26.91 6.52 22.30
C ASP F 231 -25.58 7.22 22.54
N ALA F 232 -25.49 8.48 22.13
CA ALA F 232 -24.28 9.28 22.32
C ALA F 232 -24.14 9.69 23.79
N ASP F 233 -25.29 9.84 24.45
CA ASP F 233 -25.34 10.21 25.85
C ASP F 233 -25.50 9.02 26.79
N ASP F 234 -24.53 8.89 27.70
CA ASP F 234 -24.54 7.83 28.72
C ASP F 234 -25.63 8.00 29.79
N TYR F 235 -26.12 9.21 30.01
CA TYR F 235 -27.24 9.44 30.93
C TYR F 235 -28.38 8.60 30.37
N THR F 236 -28.58 8.67 29.06
CA THR F 236 -29.61 7.88 28.39
C THR F 236 -29.31 6.37 28.35
N ASN F 237 -28.10 5.95 28.01
CA ASN F 237 -27.78 4.53 27.92
C ASN F 237 -28.03 3.82 29.22
N PHE F 238 -27.48 4.35 30.30
CA PHE F 238 -27.64 3.71 31.59
C PHE F 238 -29.05 3.81 32.16
N LEU F 239 -29.77 4.91 31.89
CA LEU F 239 -31.12 5.05 32.41
C LEU F 239 -32.00 4.06 31.66
N LYS F 240 -31.73 3.81 30.38
CA LYS F 240 -32.55 2.84 29.64
C LYS F 240 -32.30 1.38 30.01
N ALA F 241 -31.08 1.06 30.41
CA ALA F 241 -30.72 -0.30 30.78
C ALA F 241 -31.29 -0.66 32.16
N GLY F 242 -31.50 0.37 32.99
CA GLY F 242 -32.07 0.19 34.32
C GLY F 242 -31.02 0.17 35.41
N SER F 243 -30.69 -1.01 35.91
CA SER F 243 -29.69 -1.15 36.96
C SER F 243 -28.31 -1.24 36.32
N ALA F 244 -27.28 -1.20 37.15
CA ALA F 244 -25.89 -1.35 36.71
C ALA F 244 -25.65 -2.79 36.26
N GLY F 245 -26.20 -3.75 37.01
CA GLY F 245 -26.09 -5.16 36.65
C GLY F 245 -26.75 -5.48 35.31
N SER F 246 -27.81 -4.73 34.99
CA SER F 246 -28.55 -4.94 33.75
C SER F 246 -27.73 -4.44 32.57
N PHE F 247 -27.06 -3.32 32.78
CA PHE F 247 -26.17 -2.79 31.75
C PHE F 247 -24.99 -3.75 31.53
N ALA F 248 -24.48 -4.29 32.63
CA ALA F 248 -23.35 -5.22 32.59
C ALA F 248 -23.69 -6.45 31.75
N THR F 249 -24.84 -7.03 32.04
CA THR F 249 -25.33 -8.23 31.36
C THR F 249 -25.51 -8.01 29.86
N GLN F 250 -26.09 -6.87 29.52
CA GLN F 250 -26.29 -6.47 28.14
C GLN F 250 -24.99 -6.24 27.37
N ALA F 251 -23.95 -5.83 28.08
CA ALA F 251 -22.61 -5.61 27.52
C ALA F 251 -21.77 -6.90 27.57
N GLY F 252 -22.33 -7.99 28.08
CA GLY F 252 -21.61 -9.26 28.11
C GLY F 252 -20.57 -9.40 29.20
N LEU F 253 -20.64 -8.54 30.22
CA LEU F 253 -19.69 -8.61 31.30
C LEU F 253 -19.87 -9.77 32.27
N ASP F 254 -20.95 -10.54 32.17
CA ASP F 254 -21.18 -11.68 33.06
C ASP F 254 -20.18 -12.83 32.84
N GLN F 255 -19.40 -12.77 31.77
CA GLN F 255 -18.35 -13.76 31.51
C GLN F 255 -16.98 -13.31 32.01
N TYR F 256 -16.90 -12.14 32.63
CA TYR F 256 -15.64 -11.62 33.17
C TYR F 256 -15.50 -11.89 34.66
N PRO F 257 -14.56 -12.77 35.04
CA PRO F 257 -14.39 -13.11 36.46
C PRO F 257 -14.35 -11.95 37.44
N PHE F 258 -13.63 -10.87 37.13
CA PHE F 258 -13.55 -9.75 38.08
C PHE F 258 -14.90 -9.08 38.37
N TRP F 259 -15.74 -9.00 37.35
CA TRP F 259 -17.09 -8.47 37.53
C TRP F 259 -17.96 -9.40 38.36
N GLN F 260 -17.74 -10.70 38.20
CA GLN F 260 -18.46 -11.73 38.95
C GLN F 260 -18.19 -11.51 40.44
N ARG F 261 -16.92 -11.40 40.79
CA ARG F 261 -16.53 -11.18 42.18
C ARG F 261 -17.11 -9.87 42.71
N MET F 262 -16.95 -8.79 41.98
CA MET F 262 -17.49 -7.49 42.41
C MET F 262 -18.99 -7.52 42.61
N HIS F 263 -19.68 -8.16 41.67
CA HIS F 263 -21.12 -8.28 41.74
C HIS F 263 -21.57 -9.03 43.00
N ALA F 264 -20.76 -10.00 43.43
CA ALA F 264 -21.06 -10.80 44.61
C ALA F 264 -20.71 -10.12 45.92
N HIS F 265 -19.92 -9.06 45.85
CA HIS F 265 -19.46 -8.33 47.02
C HIS F 265 -19.78 -6.85 46.97
N PRO F 266 -21.07 -6.50 47.01
CA PRO F 266 -21.43 -5.08 47.00
C PRO F 266 -21.09 -4.33 48.29
N ALA F 267 -21.01 -5.02 49.41
CA ALA F 267 -20.71 -4.45 50.71
C ALA F 267 -19.23 -4.55 51.06
N TYR F 268 -18.79 -3.78 52.05
CA TYR F 268 -17.37 -3.78 52.46
C TYR F 268 -17.04 -4.99 53.33
N ASP F 269 -17.14 -6.16 52.74
CA ASP F 269 -16.87 -7.42 53.42
C ASP F 269 -15.40 -7.77 53.33
N ALA F 270 -15.11 -9.03 53.66
CA ALA F 270 -13.78 -9.63 53.67
C ALA F 270 -13.00 -9.41 52.40
N PHE F 271 -13.69 -9.46 51.26
CA PHE F 271 -13.08 -9.28 49.94
C PHE F 271 -12.44 -7.90 49.74
N TRP F 272 -13.13 -6.84 50.16
CA TRP F 272 -12.62 -5.49 50.05
C TRP F 272 -11.71 -5.08 51.22
N GLN F 273 -12.00 -5.60 52.41
CA GLN F 273 -11.14 -5.32 53.57
C GLN F 273 -9.74 -5.89 53.37
N GLY F 274 -9.65 -7.05 52.71
CA GLY F 274 -8.36 -7.68 52.45
C GLY F 274 -7.56 -7.01 51.35
N GLN F 275 -8.11 -5.95 50.76
CA GLN F 275 -7.42 -5.21 49.70
C GLN F 275 -7.33 -3.74 50.08
N ALA F 276 -7.52 -3.40 51.37
CA ALA F 276 -7.43 -2.00 51.79
C ALA F 276 -5.95 -1.80 52.08
N LEU F 277 -5.23 -1.30 51.08
CA LEU F 277 -3.77 -1.17 51.20
C LEU F 277 -3.24 -0.16 52.22
N ASP F 278 -4.06 0.80 52.61
CA ASP F 278 -3.65 1.78 53.61
C ASP F 278 -3.46 1.10 54.97
N LYS F 279 -4.39 0.21 55.31
CA LYS F 279 -4.35 -0.54 56.55
C LYS F 279 -3.17 -1.51 56.53
N ILE F 280 -3.05 -2.27 55.44
CA ILE F 280 -1.99 -3.30 55.36
C ILE F 280 -0.62 -2.64 55.43
N LEU F 281 -0.40 -1.62 54.60
CA LEU F 281 0.89 -0.93 54.59
C LEU F 281 1.25 -0.31 55.95
N ALA F 282 0.26 0.15 56.71
CA ALA F 282 0.53 0.70 58.03
C ALA F 282 1.02 -0.38 58.99
N GLN F 283 0.55 -1.61 58.81
CA GLN F 283 0.94 -2.75 59.63
C GLN F 283 2.39 -3.18 59.34
N ARG F 284 2.80 -2.96 58.11
CA ARG F 284 4.14 -3.33 57.64
C ARG F 284 5.23 -2.31 57.98
N LYS F 285 4.82 -1.05 58.16
CA LYS F 285 5.70 0.08 58.49
C LYS F 285 6.99 0.10 57.68
N PRO F 286 6.90 0.53 56.41
CA PRO F 286 8.11 0.55 55.60
C PRO F 286 9.09 1.60 56.07
N THR F 287 10.38 1.43 55.75
CA THR F 287 11.37 2.44 56.13
C THR F 287 11.94 3.15 54.90
N VAL F 288 11.26 3.04 53.76
CA VAL F 288 11.68 3.67 52.51
C VAL F 288 11.10 5.08 52.46
N PRO F 289 11.93 6.09 52.18
CA PRO F 289 11.38 7.43 52.06
C PRO F 289 10.25 7.48 51.03
N MET F 290 9.15 8.10 51.43
CA MET F 290 7.95 8.19 50.59
C MET F 290 7.45 9.59 50.39
N LEU F 291 6.98 9.80 49.16
CA LEU F 291 6.41 11.05 48.74
C LEU F 291 5.04 10.65 48.18
N TRP F 292 3.99 10.97 48.93
CA TRP F 292 2.64 10.63 48.49
C TRP F 292 2.01 11.81 47.79
N GLU F 293 1.42 11.57 46.63
CA GLU F 293 0.82 12.64 45.85
C GLU F 293 -0.56 12.33 45.33
N GLN F 294 -1.38 13.37 45.20
CA GLN F 294 -2.71 13.30 44.63
C GLN F 294 -3.20 14.72 44.37
N GLY F 295 -4.13 14.85 43.44
CA GLY F 295 -4.71 16.14 43.15
C GLY F 295 -5.80 16.45 44.15
N LEU F 296 -6.04 17.74 44.37
CA LEU F 296 -7.12 18.20 45.23
C LEU F 296 -8.44 17.95 44.49
N TRP F 297 -8.37 17.85 43.17
CA TRP F 297 -9.56 17.51 42.40
C TRP F 297 -9.39 16.16 41.69
N ASP F 298 -8.90 15.16 42.41
CA ASP F 298 -8.68 13.84 41.82
C ASP F 298 -10.04 13.19 41.64
N GLN F 299 -10.44 13.01 40.38
CA GLN F 299 -11.74 12.45 40.05
C GLN F 299 -11.78 10.91 39.96
N GLU F 300 -10.66 10.25 40.21
CA GLU F 300 -10.61 8.78 40.17
C GLU F 300 -10.12 8.06 41.43
N ASP F 301 -9.13 8.64 42.12
CA ASP F 301 -8.55 8.07 43.32
C ASP F 301 -8.30 9.18 44.35
N MET F 302 -9.38 9.68 44.93
CA MET F 302 -9.32 10.73 45.92
C MET F 302 -8.95 10.22 47.32
N TRP F 303 -9.29 8.97 47.58
CA TRP F 303 -9.06 8.34 48.88
C TRP F 303 -7.61 7.91 49.07
N GLY F 304 -7.06 7.26 48.05
CA GLY F 304 -5.72 6.69 48.13
C GLY F 304 -4.57 7.31 48.89
N ALA F 305 -3.97 8.33 48.29
CA ALA F 305 -2.75 8.96 48.83
C ALA F 305 -2.88 9.51 50.24
N ILE F 306 -3.92 10.30 50.49
CA ILE F 306 -4.08 10.92 51.79
C ILE F 306 -4.32 9.93 52.93
N HIS F 307 -5.08 8.87 52.65
CA HIS F 307 -5.37 7.90 53.68
C HIS F 307 -4.18 7.02 54.00
N ALA F 308 -3.42 6.66 52.97
CA ALA F 308 -2.25 5.84 53.12
C ALA F 308 -1.21 6.64 53.88
N TRP F 309 -1.08 7.93 53.54
CA TRP F 309 -0.12 8.79 54.23
C TRP F 309 -0.44 8.99 55.73
N GLN F 310 -1.73 9.20 56.00
CA GLN F 310 -2.24 9.40 57.34
C GLN F 310 -2.14 8.15 58.23
N ALA F 311 -2.26 6.98 57.63
CA ALA F 311 -2.16 5.73 58.40
C ALA F 311 -0.71 5.55 58.80
N LEU F 312 0.19 5.84 57.85
CA LEU F 312 1.61 5.70 58.10
C LEU F 312 2.10 6.69 59.11
N LYS F 313 1.53 7.88 59.11
CA LYS F 313 1.86 8.91 60.07
C LYS F 313 1.34 8.54 61.47
N ASP F 314 0.15 7.95 61.54
CA ASP F 314 -0.44 7.50 62.81
C ASP F 314 0.31 6.31 63.39
N ALA F 315 0.82 5.43 62.53
CA ALA F 315 1.62 4.27 62.93
C ALA F 315 3.05 4.67 63.27
N ASP F 316 3.34 5.96 63.21
CA ASP F 316 4.67 6.51 63.50
C ASP F 316 5.75 5.83 62.66
N VAL F 317 5.63 5.97 61.35
CA VAL F 317 6.59 5.38 60.42
C VAL F 317 7.95 6.03 60.61
N LYS F 318 9.01 5.22 60.44
CA LYS F 318 10.37 5.66 60.64
C LYS F 318 11.02 5.88 59.30
N ALA F 319 10.50 6.91 58.63
CA ALA F 319 11.01 7.31 57.33
C ALA F 319 10.30 8.56 56.83
N PRO F 320 10.97 9.38 56.03
CA PRO F 320 10.31 10.55 55.48
C PRO F 320 8.99 10.12 54.87
N ASN F 321 7.94 10.86 55.14
CA ASN F 321 6.58 10.54 54.71
C ASN F 321 5.92 11.87 54.51
N THR F 322 5.98 12.36 53.27
CA THR F 322 5.39 13.66 52.94
C THR F 322 4.22 13.55 51.97
N LEU F 323 3.19 14.34 52.21
CA LEU F 323 2.02 14.39 51.35
C LEU F 323 2.09 15.64 50.47
N VAL F 324 1.84 15.47 49.16
CA VAL F 324 1.79 16.58 48.23
C VAL F 324 0.45 16.56 47.47
N MET F 325 -0.25 17.69 47.52
CA MET F 325 -1.55 17.84 46.88
C MET F 325 -1.61 19.17 46.13
N GLY F 326 -1.67 19.05 44.80
CA GLY F 326 -1.67 20.19 43.90
C GLY F 326 -3.06 20.43 43.37
N PRO F 327 -3.26 21.52 42.62
CA PRO F 327 -4.56 21.88 42.05
C PRO F 327 -4.73 21.13 40.74
N TRP F 328 -4.74 19.80 40.85
CA TRP F 328 -4.73 18.94 39.67
C TRP F 328 -5.90 17.98 39.63
N ARG F 329 -6.10 17.38 38.45
CA ARG F 329 -7.08 16.32 38.24
C ARG F 329 -6.27 15.05 38.42
N HIS F 330 -6.90 13.90 38.21
CA HIS F 330 -6.22 12.63 38.37
C HIS F 330 -5.04 12.52 37.43
N SER F 331 -3.86 12.27 38.00
CA SER F 331 -2.60 12.11 37.26
C SER F 331 -2.14 13.40 36.63
N GLY F 332 -2.78 14.50 37.02
CA GLY F 332 -2.48 15.83 36.51
C GLY F 332 -1.06 16.27 36.78
N VAL F 333 -0.47 15.71 37.83
CA VAL F 333 0.90 15.99 38.25
C VAL F 333 1.92 15.71 37.15
N ASN F 334 1.60 14.79 36.25
CA ASN F 334 2.49 14.39 35.17
C ASN F 334 2.38 15.19 33.88
N TYR F 335 1.54 16.23 33.87
CA TYR F 335 1.30 17.06 32.70
C TYR F 335 1.47 18.52 33.08
N ASN F 336 0.63 19.41 32.55
CA ASN F 336 0.69 20.83 32.86
C ASN F 336 -0.40 21.24 33.85
N GLY F 337 0.00 21.80 34.99
CA GLY F 337 -0.91 22.21 36.05
C GLY F 337 -1.18 23.70 36.11
N SER F 338 -1.23 24.36 34.95
CA SER F 338 -1.48 25.79 34.89
C SER F 338 -2.94 26.12 35.01
N THR F 339 -3.75 25.15 34.60
CA THR F 339 -5.20 25.27 34.57
C THR F 339 -5.91 23.96 34.88
N LEU F 340 -7.22 24.07 35.07
CA LEU F 340 -8.09 22.92 35.28
C LEU F 340 -9.47 23.46 34.96
N GLY F 341 -10.01 23.00 33.83
CA GLY F 341 -11.29 23.50 33.36
C GLY F 341 -11.10 24.99 33.16
N PRO F 342 -12.01 25.80 33.69
CA PRO F 342 -11.87 27.25 33.50
C PRO F 342 -10.97 27.93 34.53
N LEU F 343 -10.48 27.18 35.53
CA LEU F 343 -9.64 27.74 36.57
C LEU F 343 -8.21 27.96 36.09
N GLU F 344 -7.56 28.98 36.64
CA GLU F 344 -6.19 29.33 36.27
C GLU F 344 -5.34 29.45 37.52
N PHE F 345 -4.22 28.72 37.56
CA PHE F 345 -3.36 28.74 38.73
C PHE F 345 -2.08 29.56 38.49
N GLU F 346 -1.27 29.73 39.52
CA GLU F 346 -0.03 30.47 39.37
C GLU F 346 1.09 29.61 38.74
N GLY F 347 1.12 29.59 37.40
CA GLY F 347 2.13 28.88 36.66
C GLY F 347 1.85 27.40 36.59
N ASP F 348 2.76 26.67 35.94
CA ASP F 348 2.61 25.23 35.77
C ASP F 348 2.98 24.58 37.07
N THR F 349 1.98 24.46 37.95
CA THR F 349 2.13 23.89 39.30
C THR F 349 2.69 22.47 39.31
N ALA F 350 2.37 21.70 38.27
CA ALA F 350 2.89 20.33 38.17
C ALA F 350 4.39 20.31 37.96
N HIS F 351 4.85 21.16 37.04
CA HIS F 351 6.27 21.23 36.75
C HIS F 351 7.02 21.73 37.98
N GLN F 352 6.44 22.73 38.65
CA GLN F 352 7.01 23.29 39.87
C GLN F 352 7.28 22.20 40.87
N TYR F 353 6.31 21.33 41.10
CA TYR F 353 6.46 20.20 42.03
C TYR F 353 7.52 19.22 41.56
N ARG F 354 7.45 18.87 40.28
CA ARG F 354 8.41 17.94 39.70
C ARG F 354 9.85 18.40 39.78
N ARG F 355 10.05 19.70 39.58
CA ARG F 355 11.39 20.30 39.62
C ARG F 355 11.85 20.66 41.00
N ASP F 356 10.98 21.25 41.82
CA ASP F 356 11.39 21.69 43.15
C ASP F 356 11.29 20.71 44.31
N VAL F 357 10.45 19.70 44.19
CA VAL F 357 10.28 18.72 45.27
C VAL F 357 10.61 17.30 44.84
N PHE F 358 9.89 16.80 43.84
CA PHE F 358 10.05 15.42 43.42
C PHE F 358 11.51 15.04 43.15
N ARG F 359 12.13 15.77 42.23
CA ARG F 359 13.49 15.53 41.74
C ARG F 359 14.58 15.62 42.79
N PRO F 360 14.65 16.74 43.51
CA PRO F 360 15.61 16.84 44.60
C PRO F 360 15.47 15.76 45.67
N PHE F 361 14.25 15.43 46.06
CA PHE F 361 13.96 14.37 47.05
C PHE F 361 14.50 13.04 46.51
N PHE F 362 14.18 12.71 45.26
CA PHE F 362 14.73 11.48 44.66
C PHE F 362 16.26 11.49 44.51
N ASP F 363 16.83 12.65 44.22
CA ASP F 363 18.28 12.77 44.07
C ASP F 363 19.00 12.49 45.37
N GLU F 364 18.41 12.93 46.49
CA GLU F 364 19.01 12.70 47.80
C GLU F 364 19.32 11.24 48.08
N TYR F 365 18.39 10.35 47.73
CA TYR F 365 18.55 8.92 47.97
C TYR F 365 19.10 8.12 46.78
N LEU F 366 19.06 8.70 45.59
CA LEU F 366 19.50 7.99 44.39
C LEU F 366 20.83 8.40 43.79
N LYS F 367 21.29 9.60 44.13
CA LYS F 367 22.57 10.14 43.67
C LYS F 367 23.42 10.51 44.88
N PRO F 368 24.21 9.57 45.41
CA PRO F 368 25.10 9.85 46.53
C PRO F 368 25.87 11.14 46.34
N GLY F 369 25.92 11.94 47.40
CA GLY F 369 26.59 13.24 47.38
C GLY F 369 25.61 14.38 47.17
N SER F 370 24.37 14.08 46.80
CA SER F 370 23.38 15.12 46.55
C SER F 370 22.93 15.79 47.84
N ALA F 371 22.58 17.07 47.72
CA ALA F 371 22.13 17.86 48.84
C ALA F 371 20.91 17.17 49.47
N SER F 372 20.82 17.27 50.79
CA SER F 372 19.71 16.67 51.53
C SER F 372 18.57 17.65 51.52
N VAL F 373 17.35 17.15 51.60
CA VAL F 373 16.14 17.97 51.64
C VAL F 373 15.34 17.61 52.89
N HIS F 374 14.78 18.62 53.54
CA HIS F 374 14.01 18.41 54.75
C HIS F 374 12.58 18.85 54.51
N LEU F 375 11.80 17.91 53.97
CA LEU F 375 10.41 18.16 53.61
C LEU F 375 9.49 18.14 54.84
N PRO F 376 8.44 18.96 54.82
CA PRO F 376 7.50 19.02 55.92
C PRO F 376 6.48 17.90 55.84
N ASP F 377 5.57 17.85 56.80
CA ASP F 377 4.51 16.85 56.76
C ASP F 377 3.76 16.89 55.43
N ALA F 378 3.41 18.10 54.99
CA ALA F 378 2.62 18.29 53.78
C ALA F 378 2.95 19.56 53.01
N ILE F 379 2.90 19.46 51.69
CA ILE F 379 3.12 20.57 50.79
C ILE F 379 1.80 20.56 50.02
N ILE F 380 0.99 21.60 50.23
CA ILE F 380 -0.33 21.67 49.62
C ILE F 380 -0.61 23.03 48.98
N TYR F 381 -1.10 23.01 47.74
CA TYR F 381 -1.40 24.23 47.02
C TYR F 381 -2.64 24.82 47.66
N ASN F 382 -2.61 26.16 47.79
CA ASN F 382 -3.73 26.88 48.39
C ASN F 382 -4.57 27.38 47.24
N THR F 383 -5.74 26.77 47.09
CA THR F 383 -6.65 27.14 46.01
C THR F 383 -7.27 28.52 46.21
N GLY F 384 -6.99 29.20 47.33
CA GLY F 384 -7.50 30.56 47.60
C GLY F 384 -6.46 31.65 47.45
N ASP F 385 -5.32 31.46 48.11
CA ASP F 385 -4.18 32.37 48.04
C ASP F 385 -3.38 32.14 46.75
N GLN F 386 -3.61 31.02 46.06
CA GLN F 386 -2.87 30.71 44.85
C GLN F 386 -1.37 30.66 45.07
N LYS F 387 -0.98 29.81 46.01
CA LYS F 387 0.44 29.62 46.31
C LYS F 387 0.62 28.27 46.97
N TRP F 388 1.86 27.81 47.07
CA TRP F 388 2.15 26.56 47.75
C TRP F 388 2.29 26.88 49.23
N ASP F 389 1.76 26.00 50.09
CA ASP F 389 1.87 26.09 51.54
C ASP F 389 2.71 24.90 52.00
N TYR F 390 3.71 25.17 52.84
CA TYR F 390 4.55 24.13 53.43
C TYR F 390 4.10 24.02 54.88
N TYR F 391 3.48 22.89 55.22
CA TYR F 391 2.99 22.65 56.57
C TYR F 391 3.81 21.63 57.36
N ARG F 392 4.61 22.15 58.28
CA ARG F 392 5.46 21.37 59.17
C ARG F 392 4.67 20.23 59.82
N SER F 393 3.52 20.58 60.39
CA SER F 393 2.59 19.61 60.97
C SER F 393 1.27 19.80 60.27
N TRP F 394 0.72 18.70 59.75
CA TRP F 394 -0.56 18.77 59.05
C TRP F 394 -1.42 17.51 59.21
N PRO F 395 -2.73 17.66 59.44
CA PRO F 395 -3.48 18.90 59.62
C PRO F 395 -3.33 19.38 61.05
N SER F 396 -3.65 20.66 61.26
CA SER F 396 -3.59 21.31 62.57
C SER F 396 -4.94 21.23 63.29
N VAL F 397 -5.99 20.87 62.54
CA VAL F 397 -7.33 20.72 63.09
C VAL F 397 -8.00 19.49 62.51
N CYS F 398 -8.69 18.74 63.36
CA CYS F 398 -9.44 17.56 62.93
C CYS F 398 -10.40 17.20 64.07
N GLU F 399 -11.09 16.07 63.94
CA GLU F 399 -12.01 15.62 64.99
C GLU F 399 -11.38 15.17 66.30
N SER F 400 -10.18 14.60 66.28
CA SER F 400 -9.53 14.14 67.51
C SER F 400 -8.01 14.03 67.37
N ASN F 401 -7.30 14.23 68.47
CA ASN F 401 -5.84 14.17 68.53
C ASN F 401 -5.06 15.16 67.66
N CYS F 402 -5.60 16.37 67.54
CA CYS F 402 -4.99 17.48 66.81
C CYS F 402 -4.89 18.67 67.74
N THR F 403 -4.09 19.64 67.33
CA THR F 403 -3.89 20.86 68.08
C THR F 403 -5.27 21.49 68.33
N GLY F 404 -6.11 21.53 67.31
CA GLY F 404 -7.45 22.11 67.40
C GLY F 404 -8.56 21.23 66.84
N GLY F 405 -9.80 21.70 66.99
CA GLY F 405 -10.94 20.96 66.46
C GLY F 405 -11.59 21.64 65.29
N LEU F 406 -12.54 20.95 64.67
CA LEU F 406 -13.32 21.45 63.54
C LEU F 406 -14.32 22.50 64.02
N THR F 407 -14.75 23.37 63.09
CA THR F 407 -15.70 24.43 63.34
C THR F 407 -16.95 24.15 62.52
N PRO F 408 -18.06 23.83 63.18
CA PRO F 408 -19.27 23.56 62.44
C PRO F 408 -19.93 24.76 61.75
N LEU F 409 -20.28 24.57 60.48
CA LEU F 409 -20.97 25.58 59.67
C LEU F 409 -22.37 24.98 59.53
N TYR F 410 -23.29 25.45 60.36
CA TYR F 410 -24.66 24.95 60.43
C TYR F 410 -25.66 25.39 59.38
N LEU F 411 -26.51 24.47 58.94
CA LEU F 411 -27.57 24.82 58.00
C LEU F 411 -28.58 25.61 58.81
N ALA F 412 -29.25 26.56 58.18
CA ALA F 412 -30.19 27.36 58.96
C ALA F 412 -31.40 27.74 58.13
N ASP F 413 -32.36 28.38 58.80
CA ASP F 413 -33.56 28.85 58.12
C ASP F 413 -33.24 29.77 56.97
N GLY F 414 -34.19 29.84 56.06
CA GLY F 414 -34.06 30.69 54.90
C GLY F 414 -32.91 30.21 54.05
N HIS F 415 -32.66 28.89 54.03
CA HIS F 415 -31.57 28.37 53.21
C HIS F 415 -30.26 29.10 53.43
N GLY F 416 -29.93 29.31 54.70
CA GLY F 416 -28.72 30.00 55.11
C GLY F 416 -27.71 29.03 55.71
N LEU F 417 -26.53 29.57 55.97
CA LEU F 417 -25.43 28.85 56.62
C LEU F 417 -24.88 29.81 57.68
N SER F 418 -24.58 29.30 58.86
CA SER F 418 -24.09 30.13 59.95
C SER F 418 -23.22 29.36 60.94
N PHE F 419 -22.23 30.06 61.48
CA PHE F 419 -21.32 29.49 62.47
C PHE F 419 -22.00 29.43 63.84
N THR F 420 -23.15 30.09 63.94
CA THR F 420 -23.92 30.08 65.17
C THR F 420 -24.91 28.92 65.11
N HIS F 421 -24.92 28.08 66.14
CA HIS F 421 -25.83 26.94 66.22
C HIS F 421 -27.29 27.43 66.33
N PRO F 422 -28.15 27.09 65.36
CA PRO F 422 -29.54 27.54 65.46
C PRO F 422 -30.29 26.77 66.53
N ALA F 423 -30.87 27.51 67.48
CA ALA F 423 -31.56 26.91 68.61
C ALA F 423 -32.82 26.14 68.21
N ALA F 424 -33.64 26.76 67.38
CA ALA F 424 -34.89 26.19 66.92
C ALA F 424 -34.76 25.13 65.83
N ASP F 425 -35.56 24.09 65.95
CA ASP F 425 -35.57 22.98 64.99
C ASP F 425 -36.27 23.42 63.71
N GLY F 426 -35.93 22.72 62.63
CA GLY F 426 -36.51 22.97 61.32
C GLY F 426 -36.04 21.93 60.32
N ALA F 427 -36.63 21.97 59.13
CA ALA F 427 -36.27 21.04 58.06
C ALA F 427 -36.75 21.52 56.70
N ASP F 428 -35.95 21.23 55.67
CA ASP F 428 -36.26 21.53 54.29
C ASP F 428 -36.37 20.17 53.58
N SER F 429 -37.35 20.10 52.68
CA SER F 429 -37.61 18.89 51.92
C SER F 429 -37.37 19.06 50.43
N TYR F 430 -37.05 17.94 49.80
CA TYR F 430 -36.91 17.87 48.35
C TYR F 430 -37.30 16.45 47.97
N VAL F 431 -37.83 16.31 46.77
CA VAL F 431 -38.27 15.02 46.26
C VAL F 431 -37.20 14.45 45.34
N SER F 432 -36.86 13.19 45.56
CA SER F 432 -35.86 12.49 44.76
C SER F 432 -36.54 11.44 43.88
N ASP F 433 -36.55 11.66 42.56
CA ASP F 433 -37.18 10.73 41.60
C ASP F 433 -36.14 10.01 40.73
N PRO F 434 -35.95 8.70 40.95
CA PRO F 434 -34.97 7.94 40.19
C PRO F 434 -35.14 7.95 38.67
N ALA F 435 -36.31 8.30 38.15
CA ALA F 435 -36.54 8.39 36.71
C ALA F 435 -35.97 9.71 36.16
N HIS F 436 -35.62 10.63 37.05
CA HIS F 436 -35.06 11.90 36.64
C HIS F 436 -33.92 12.24 37.58
N PRO F 437 -32.87 11.40 37.54
CA PRO F 437 -31.75 11.61 38.42
C PRO F 437 -30.96 12.82 37.99
N VAL F 438 -30.28 13.42 38.96
CA VAL F 438 -29.51 14.63 38.73
C VAL F 438 -28.24 14.31 37.93
N PRO F 439 -28.03 15.00 36.81
CA PRO F 439 -26.77 14.77 36.09
C PRO F 439 -25.58 15.28 36.91
N PHE F 440 -24.49 14.50 36.94
CA PHE F 440 -23.31 14.90 37.69
C PHE F 440 -22.59 16.00 36.97
N ILE F 441 -22.72 16.01 35.65
CA ILE F 441 -22.27 17.10 34.79
C ILE F 441 -23.31 17.25 33.69
N SER F 442 -23.35 18.42 33.06
CA SER F 442 -24.32 18.72 32.02
C SER F 442 -24.39 17.69 30.91
N ARG F 443 -25.60 17.31 30.52
CA ARG F 443 -25.84 16.35 29.44
C ARG F 443 -25.51 17.08 28.13
N PRO F 444 -25.14 16.35 27.09
CA PRO F 444 -24.98 14.90 27.11
C PRO F 444 -23.57 14.57 27.58
N PHE F 445 -23.38 13.39 28.14
CA PHE F 445 -22.06 12.95 28.54
C PHE F 445 -21.91 11.46 28.33
N ALA F 446 -20.75 11.08 27.80
CA ALA F 446 -20.34 9.69 27.58
C ALA F 446 -19.03 9.52 28.33
N PHE F 447 -18.80 8.36 28.94
CA PHE F 447 -17.55 8.11 29.65
C PHE F 447 -16.33 8.17 28.73
N ALA F 448 -16.54 7.97 27.44
CA ALA F 448 -15.47 8.07 26.46
C ALA F 448 -14.92 9.48 26.36
N GLN F 449 -15.72 10.49 26.70
CA GLN F 449 -15.31 11.88 26.60
C GLN F 449 -14.36 12.32 27.70
N SER F 450 -13.09 12.04 27.47
CA SER F 450 -12.03 12.35 28.44
C SER F 450 -11.88 13.83 28.74
N SER F 451 -12.06 14.66 27.73
CA SER F 451 -11.93 16.10 27.89
C SER F 451 -12.94 16.65 28.88
N ARG F 452 -14.08 15.98 29.03
CA ARG F 452 -15.12 16.41 29.97
C ARG F 452 -15.07 15.69 31.32
N TRP F 453 -14.51 14.50 31.33
CA TRP F 453 -14.38 13.72 32.56
C TRP F 453 -13.29 14.25 33.46
N LYS F 454 -12.14 14.55 32.89
CA LYS F 454 -10.98 15.00 33.64
C LYS F 454 -11.24 16.13 34.63
N PRO F 455 -11.81 17.26 34.17
CA PRO F 455 -12.05 18.39 35.05
C PRO F 455 -13.48 18.46 35.61
N TRP F 456 -14.16 17.33 35.77
CA TRP F 456 -15.55 17.42 36.18
C TRP F 456 -15.80 18.04 37.55
N LEU F 457 -14.89 17.78 38.49
CA LEU F 457 -15.00 18.26 39.85
C LEU F 457 -14.92 19.77 40.05
N VAL F 458 -14.53 20.53 39.02
CA VAL F 458 -14.43 21.96 39.13
C VAL F 458 -15.56 22.67 38.39
N GLN F 459 -16.52 21.92 37.86
CA GLN F 459 -17.60 22.52 37.07
C GLN F 459 -18.61 23.25 37.94
N ASP F 460 -19.21 24.28 37.37
CA ASP F 460 -20.20 25.14 38.03
C ASP F 460 -21.38 24.27 38.46
N GLN F 461 -21.82 24.46 39.71
CA GLN F 461 -22.96 23.71 40.21
C GLN F 461 -24.28 24.47 40.07
N ARG F 462 -24.32 25.55 39.30
CA ARG F 462 -25.56 26.32 39.13
C ARG F 462 -26.72 25.57 38.49
N GLU F 463 -26.44 24.60 37.62
CA GLU F 463 -27.50 23.80 37.00
C GLU F 463 -28.22 22.99 38.10
N ALA F 464 -27.42 22.40 38.98
CA ALA F 464 -27.94 21.64 40.11
C ALA F 464 -28.81 22.54 41.00
N GLU F 465 -28.28 23.71 41.35
CA GLU F 465 -28.98 24.63 42.24
C GLU F 465 -30.41 24.92 41.76
N SER F 466 -30.57 25.10 40.45
CA SER F 466 -31.85 25.45 39.84
C SER F 466 -32.91 24.37 39.87
N ARG F 467 -32.58 23.14 40.26
CA ARG F 467 -33.52 22.03 40.28
C ARG F 467 -34.20 21.87 41.64
N PRO F 468 -35.46 21.38 41.65
CA PRO F 468 -36.18 21.12 42.89
C PRO F 468 -35.78 19.85 43.64
N ASP F 469 -34.93 19.02 43.04
CA ASP F 469 -34.47 17.81 43.70
C ASP F 469 -33.05 18.01 44.25
N VAL F 470 -32.72 19.27 44.53
CA VAL F 470 -31.44 19.68 45.11
C VAL F 470 -31.73 20.79 46.11
N VAL F 471 -31.22 20.68 47.34
CA VAL F 471 -31.38 21.74 48.35
C VAL F 471 -30.06 22.47 48.53
N THR F 472 -30.13 23.79 48.42
CA THR F 472 -28.94 24.65 48.48
C THR F 472 -29.00 25.66 49.60
N TYR F 473 -27.89 25.80 50.31
CA TYR F 473 -27.74 26.74 51.42
C TYR F 473 -26.48 27.56 51.18
N GLU F 474 -26.52 28.81 51.64
CA GLU F 474 -25.40 29.72 51.49
C GLU F 474 -25.32 30.77 52.61
N THR F 475 -24.10 31.21 52.86
CA THR F 475 -23.83 32.24 53.83
C THR F 475 -24.07 33.54 53.11
N GLU F 476 -24.09 34.63 53.88
CA GLU F 476 -24.19 35.97 53.30
C GLU F 476 -22.86 36.14 52.61
N VAL F 477 -22.74 37.22 51.84
CA VAL F 477 -21.46 37.51 51.21
C VAL F 477 -20.48 37.82 52.33
N LEU F 478 -19.29 37.27 52.23
CA LEU F 478 -18.30 37.42 53.30
C LEU F 478 -17.67 38.80 53.40
N ASP F 479 -17.60 39.30 54.63
CA ASP F 479 -16.94 40.56 54.98
C ASP F 479 -15.50 40.28 55.39
N GLU F 480 -15.22 39.06 55.85
CA GLU F 480 -13.88 38.65 56.25
C GLU F 480 -13.62 37.22 55.75
N PRO F 481 -12.42 36.95 55.26
CA PRO F 481 -12.13 35.63 54.70
C PRO F 481 -12.17 34.49 55.71
N VAL F 482 -12.52 33.28 55.29
CA VAL F 482 -12.46 32.15 56.19
C VAL F 482 -11.51 31.14 55.57
N ARG F 483 -10.46 30.81 56.31
CA ARG F 483 -9.42 29.92 55.84
C ARG F 483 -9.75 28.52 56.30
N VAL F 484 -9.57 27.55 55.43
CA VAL F 484 -9.79 26.15 55.79
C VAL F 484 -8.63 25.29 55.30
N SER F 485 -8.21 24.36 56.14
CA SER F 485 -7.09 23.46 55.84
C SER F 485 -7.21 22.17 56.63
N GLY F 486 -7.62 21.10 55.95
CA GLY F 486 -7.79 19.81 56.59
C GLY F 486 -8.90 19.03 55.92
N VAL F 487 -9.52 18.10 56.63
CA VAL F 487 -10.55 17.28 56.02
C VAL F 487 -11.91 17.61 56.62
N PRO F 488 -12.83 18.12 55.79
CA PRO F 488 -14.13 18.48 56.31
C PRO F 488 -14.92 17.23 56.57
N VAL F 489 -15.93 17.34 57.43
CA VAL F 489 -16.75 16.17 57.78
C VAL F 489 -18.22 16.56 57.66
N ALA F 490 -19.00 15.74 56.96
CA ALA F 490 -20.43 15.99 56.81
C ALA F 490 -21.12 15.41 58.04
N ASP F 491 -21.88 16.25 58.74
CA ASP F 491 -22.59 15.78 59.93
C ASP F 491 -24.04 16.00 59.52
N LEU F 492 -24.60 15.00 58.85
CA LEU F 492 -25.94 15.07 58.28
C LEU F 492 -27.02 14.38 59.12
N PHE F 493 -28.14 15.08 59.25
CA PHE F 493 -29.33 14.59 59.96
C PHE F 493 -30.42 14.63 58.91
N ALA F 494 -30.65 13.49 58.26
CA ALA F 494 -31.60 13.46 57.17
C ALA F 494 -32.56 12.30 57.24
N ALA F 495 -33.75 12.53 56.68
CA ALA F 495 -34.82 11.53 56.64
C ALA F 495 -35.24 11.27 55.20
N THR F 496 -35.64 10.03 54.93
CA THR F 496 -36.16 9.69 53.60
C THR F 496 -37.44 8.91 53.79
N SER F 497 -38.42 9.13 52.90
CA SER F 497 -39.68 8.39 52.99
C SER F 497 -39.53 6.95 52.53
N GLY F 498 -38.39 6.62 51.93
CA GLY F 498 -38.10 5.28 51.47
C GLY F 498 -37.34 4.44 52.47
N THR F 499 -36.82 3.32 52.02
CA THR F 499 -36.06 2.44 52.88
C THR F 499 -34.57 2.36 52.52
N ASP F 500 -34.13 3.27 51.65
CA ASP F 500 -32.72 3.40 51.29
C ASP F 500 -32.54 4.74 50.59
N SER F 501 -31.32 5.22 50.45
CA SER F 501 -31.06 6.51 49.79
C SER F 501 -29.58 6.83 49.78
N ASP F 502 -29.20 7.64 48.80
CA ASP F 502 -27.85 8.13 48.66
C ASP F 502 -27.91 9.56 49.11
N TRP F 503 -26.79 10.05 49.64
CA TRP F 503 -26.72 11.42 50.09
C TRP F 503 -25.46 12.03 49.50
N VAL F 504 -25.67 13.03 48.66
CA VAL F 504 -24.58 13.77 48.07
C VAL F 504 -24.49 15.10 48.81
N VAL F 505 -23.27 15.45 49.22
CA VAL F 505 -22.99 16.71 49.90
C VAL F 505 -21.86 17.45 49.20
N LYS F 506 -22.08 18.73 48.90
CA LYS F 506 -21.06 19.55 48.23
C LYS F 506 -20.74 20.81 49.02
N LEU F 507 -19.44 21.04 49.24
CA LEU F 507 -18.92 22.24 49.87
C LEU F 507 -18.46 23.06 48.69
N ILE F 508 -19.03 24.26 48.58
CA ILE F 508 -18.79 25.15 47.44
C ILE F 508 -18.36 26.57 47.80
N ASP F 509 -17.51 27.13 46.95
CA ASP F 509 -17.02 28.51 47.06
C ASP F 509 -17.73 29.30 45.97
N VAL F 510 -18.67 30.16 46.39
CA VAL F 510 -19.36 30.96 45.40
C VAL F 510 -18.48 32.19 45.16
N GLN F 511 -18.08 32.38 43.90
CA GLN F 511 -17.21 33.48 43.50
C GLN F 511 -17.99 34.77 43.69
N PRO F 512 -17.34 35.94 43.70
CA PRO F 512 -18.05 37.19 43.84
C PRO F 512 -19.07 37.29 42.72
N ALA F 513 -20.21 37.91 42.98
CA ALA F 513 -21.31 38.11 42.03
C ALA F 513 -20.90 38.57 40.64
N MET F 514 -19.88 39.41 40.61
CA MET F 514 -19.28 39.89 39.38
C MET F 514 -17.77 39.71 39.53
N THR F 515 -17.12 39.24 38.48
CA THR F 515 -15.68 39.05 38.42
C THR F 515 -15.33 39.73 37.11
N PRO F 516 -15.18 41.06 37.16
CA PRO F 516 -15.01 41.87 35.94
C PRO F 516 -13.77 41.59 35.10
N ASP F 517 -12.73 41.09 35.75
CA ASP F 517 -11.51 40.74 35.05
C ASP F 517 -11.62 39.42 34.26
N ASP F 518 -12.61 38.60 34.60
CA ASP F 518 -12.90 37.32 33.92
C ASP F 518 -14.41 37.11 34.10
N PRO F 519 -15.24 37.84 33.33
CA PRO F 519 -16.69 37.87 33.48
C PRO F 519 -17.46 36.56 33.67
N LYS F 520 -17.05 35.52 32.96
CA LYS F 520 -17.74 34.22 33.03
C LYS F 520 -17.68 33.57 34.41
N MET F 521 -16.82 34.06 35.29
CA MET F 521 -16.70 33.48 36.62
C MET F 521 -17.56 34.12 37.70
N GLY F 522 -18.36 35.12 37.32
CA GLY F 522 -19.23 35.81 38.26
C GLY F 522 -20.29 34.91 38.85
N GLY F 523 -20.26 34.74 40.16
CA GLY F 523 -21.25 33.90 40.84
C GLY F 523 -21.07 32.41 40.62
N TYR F 524 -19.96 32.03 39.99
CA TYR F 524 -19.63 30.62 39.74
C TYR F 524 -19.59 29.80 41.02
N GLU F 525 -20.33 28.70 41.02
CA GLU F 525 -20.39 27.83 42.19
C GLU F 525 -19.33 26.75 42.04
N LEU F 526 -18.14 27.06 42.54
CA LEU F 526 -16.98 26.18 42.48
C LEU F 526 -16.89 25.16 43.63
N PRO F 527 -17.04 23.86 43.31
CA PRO F 527 -16.96 22.87 44.39
C PRO F 527 -15.54 22.68 44.83
N VAL F 528 -15.28 22.79 46.13
CA VAL F 528 -13.93 22.58 46.67
C VAL F 528 -13.82 21.18 47.23
N SER F 529 -14.96 20.58 47.55
CA SER F 529 -15.04 19.25 48.12
C SER F 529 -16.45 18.64 48.09
N MET F 530 -16.59 17.48 47.46
CA MET F 530 -17.88 16.80 47.41
C MET F 530 -17.74 15.28 47.40
N ASP F 531 -18.74 14.60 47.94
CA ASP F 531 -18.75 13.14 47.94
C ASP F 531 -20.16 12.63 48.12
N ILE F 532 -20.31 11.32 47.94
CA ILE F 532 -21.59 10.64 48.05
C ILE F 532 -21.54 9.52 49.09
N PHE F 533 -22.63 9.32 49.81
CA PHE F 533 -22.69 8.26 50.81
C PHE F 533 -23.93 7.41 50.58
N ARG F 534 -23.74 6.09 50.47
CA ARG F 534 -24.87 5.18 50.26
C ARG F 534 -25.48 4.75 51.59
N GLY F 535 -26.64 5.32 51.87
CA GLY F 535 -27.41 5.18 53.12
C GLY F 535 -27.45 3.85 53.86
N ARG F 536 -27.60 2.77 53.11
CA ARG F 536 -27.67 1.44 53.71
C ARG F 536 -26.47 1.08 54.53
N TYR F 537 -25.38 1.85 54.44
CA TYR F 537 -24.17 1.57 55.21
C TYR F 537 -23.98 2.56 56.36
N ARG F 538 -25.04 3.24 56.76
CA ARG F 538 -24.95 4.24 57.82
C ARG F 538 -24.33 3.70 59.10
N LYS F 539 -24.70 2.49 59.50
CA LYS F 539 -24.18 1.92 60.75
C LYS F 539 -22.96 1.03 60.55
N ASP F 540 -22.92 0.30 59.45
CA ASP F 540 -21.79 -0.57 59.20
C ASP F 540 -21.58 -0.78 57.70
N PHE F 541 -20.36 -0.52 57.24
CA PHE F 541 -20.02 -0.70 55.82
C PHE F 541 -20.11 -2.16 55.39
N ALA F 542 -19.84 -3.08 56.31
CA ALA F 542 -19.87 -4.52 56.04
C ALA F 542 -21.24 -5.17 56.19
N LYS F 543 -22.17 -4.50 56.84
CA LYS F 543 -23.51 -5.04 57.07
C LYS F 543 -24.60 -4.03 56.72
N PRO F 544 -25.06 -4.06 55.47
CA PRO F 544 -26.09 -3.11 55.06
C PRO F 544 -27.44 -3.40 55.72
N GLU F 545 -28.15 -2.33 56.07
CA GLU F 545 -29.46 -2.37 56.73
C GLU F 545 -30.39 -1.31 56.17
N ALA F 546 -31.68 -1.64 56.15
CA ALA F 546 -32.68 -0.74 55.64
C ALA F 546 -32.84 0.46 56.56
N LEU F 547 -33.15 1.59 55.92
CA LEU F 547 -33.36 2.84 56.60
C LEU F 547 -34.82 2.88 57.04
N GLN F 548 -34.98 3.47 58.21
CA GLN F 548 -36.26 3.68 58.84
C GLN F 548 -37.01 4.79 58.09
N PRO F 549 -38.15 4.49 57.47
CA PRO F 549 -38.82 5.57 56.74
C PRO F 549 -39.26 6.74 57.62
N ASP F 550 -39.14 7.95 57.08
CA ASP F 550 -39.55 9.19 57.74
C ASP F 550 -38.81 9.54 59.03
N ALA F 551 -37.78 8.76 59.37
CA ALA F 551 -37.02 8.98 60.59
C ALA F 551 -35.76 9.77 60.26
N THR F 552 -35.44 10.76 61.08
CA THR F 552 -34.22 11.55 60.90
C THR F 552 -33.04 10.75 61.44
N LEU F 553 -32.12 10.41 60.55
CA LEU F 553 -30.94 9.60 60.88
C LEU F 553 -29.64 10.37 60.71
N HIS F 554 -28.69 9.99 61.56
CA HIS F 554 -27.39 10.63 61.61
C HIS F 554 -26.32 9.96 60.75
N TYR F 555 -25.82 10.74 59.78
CA TYR F 555 -24.78 10.28 58.88
C TYR F 555 -23.55 11.12 59.21
N HIS F 556 -22.40 10.46 59.25
CA HIS F 556 -21.14 11.11 59.59
C HIS F 556 -20.06 10.51 58.70
N PHE F 557 -19.57 11.33 57.77
CA PHE F 557 -18.53 10.89 56.84
C PHE F 557 -17.64 12.02 56.34
N THR F 558 -16.37 11.67 56.14
CA THR F 558 -15.33 12.59 55.68
C THR F 558 -15.49 12.89 54.20
N LEU F 559 -15.23 14.15 53.84
CA LEU F 559 -15.27 14.62 52.46
C LEU F 559 -13.83 14.85 52.06
N PRO F 560 -13.57 15.02 50.75
CA PRO F 560 -12.22 15.31 50.29
C PRO F 560 -11.55 16.47 51.02
N ALA F 561 -10.23 16.43 51.08
CA ALA F 561 -9.43 17.46 51.73
C ALA F 561 -9.50 18.81 51.03
N VAL F 562 -9.30 19.87 51.82
CA VAL F 562 -9.31 21.24 51.34
C VAL F 562 -8.14 22.04 51.95
N ASN F 563 -7.66 23.00 51.17
CA ASN F 563 -6.60 23.90 51.60
C ASN F 563 -6.95 25.14 50.81
N HIS F 564 -8.00 25.81 51.27
CA HIS F 564 -8.59 26.92 50.53
C HIS F 564 -8.87 28.10 51.42
N VAL F 565 -9.21 29.22 50.79
CA VAL F 565 -9.58 30.47 51.44
C VAL F 565 -10.79 31.04 50.72
N PHE F 566 -11.89 31.22 51.44
CA PHE F 566 -13.12 31.81 50.93
C PHE F 566 -12.89 33.29 51.24
N ALA F 567 -12.58 34.07 50.21
CA ALA F 567 -12.24 35.47 50.36
C ALA F 567 -13.44 36.37 50.52
N LYS F 568 -13.17 37.65 50.75
CA LYS F 568 -14.21 38.67 50.84
C LYS F 568 -14.94 38.74 49.52
N GLY F 569 -16.27 38.81 49.56
CA GLY F 569 -17.10 38.90 48.34
C GLY F 569 -17.67 37.56 47.93
N HIS F 570 -17.04 36.49 48.41
CA HIS F 570 -17.46 35.15 48.09
C HIS F 570 -18.48 34.74 49.14
N ARG F 571 -19.08 33.57 48.95
CA ARG F 571 -20.01 32.98 49.90
C ARG F 571 -19.60 31.53 50.02
N ILE F 572 -19.94 30.89 51.13
CA ILE F 572 -19.67 29.45 51.25
C ILE F 572 -21.02 28.80 51.00
N MET F 573 -21.04 27.72 50.24
CA MET F 573 -22.29 27.07 49.89
C MET F 573 -22.24 25.57 50.12
N VAL F 574 -23.42 25.07 50.47
CA VAL F 574 -23.60 23.65 50.67
C VAL F 574 -24.78 23.24 49.80
N GLN F 575 -24.62 22.14 49.08
CA GLN F 575 -25.69 21.57 48.25
C GLN F 575 -25.84 20.09 48.60
N ILE F 576 -27.08 19.68 48.83
CA ILE F 576 -27.39 18.29 49.14
C ILE F 576 -28.42 17.79 48.13
N GLN F 577 -28.16 16.59 47.62
CA GLN F 577 -29.03 15.88 46.67
C GLN F 577 -28.87 14.38 46.90
N SER F 578 -29.68 13.57 46.20
CA SER F 578 -29.70 12.13 46.38
C SER F 578 -29.42 11.27 45.14
N SER F 579 -28.94 11.91 44.08
CA SER F 579 -28.49 11.25 42.86
C SER F 579 -27.33 12.04 42.25
N TRP F 580 -26.58 11.39 41.36
CA TRP F 580 -25.39 11.97 40.70
C TRP F 580 -25.12 11.00 39.57
N PHE F 581 -25.90 11.17 38.50
CA PHE F 581 -25.95 10.23 37.39
C PHE F 581 -25.34 10.72 36.09
N PRO F 582 -24.77 9.82 35.29
CA PRO F 582 -24.59 8.37 35.45
C PRO F 582 -23.35 7.87 36.15
N LEU F 583 -22.54 8.74 36.72
CA LEU F 583 -21.33 8.33 37.39
C LEU F 583 -21.65 7.27 38.45
N TYR F 584 -22.63 7.56 39.29
CA TYR F 584 -23.02 6.64 40.35
C TYR F 584 -24.33 6.00 39.98
N ASP F 585 -24.47 4.69 40.20
CA ASP F 585 -25.76 4.06 39.89
C ASP F 585 -26.81 4.65 40.82
N ARG F 586 -28.06 4.57 40.41
CA ARG F 586 -29.16 5.10 41.17
C ARG F 586 -29.54 4.20 42.33
N ASN F 587 -29.72 4.81 43.49
CA ASN F 587 -30.15 4.09 44.67
C ASN F 587 -31.64 3.96 44.39
N PRO F 588 -32.19 2.74 44.43
CA PRO F 588 -33.63 2.57 44.19
C PRO F 588 -34.54 3.25 45.19
N GLN F 589 -34.00 3.57 46.37
CA GLN F 589 -34.77 4.20 47.43
C GLN F 589 -35.78 3.25 48.06
N LYS F 590 -35.44 1.96 47.96
CA LYS F 590 -36.19 0.86 48.50
C LYS F 590 -35.08 -0.13 48.75
N PHE F 591 -34.93 -0.57 50.00
CA PHE F 591 -33.89 -1.52 50.37
C PHE F 591 -34.11 -2.80 49.60
N VAL F 592 -33.09 -3.23 48.86
CA VAL F 592 -33.12 -4.47 48.09
C VAL F 592 -31.81 -5.11 48.48
N PRO F 593 -31.71 -6.46 48.41
CA PRO F 593 -30.47 -7.13 48.82
C PRO F 593 -29.23 -6.66 48.09
N ASN F 594 -29.36 -6.43 46.79
CA ASN F 594 -28.24 -6.05 45.95
C ASN F 594 -28.66 -5.00 44.92
N ILE F 595 -28.20 -3.76 45.09
CA ILE F 595 -28.57 -2.70 44.17
C ILE F 595 -28.17 -2.98 42.73
N PHE F 596 -27.12 -3.78 42.53
CA PHE F 596 -26.74 -4.15 41.18
C PHE F 596 -27.85 -4.87 40.45
N ASP F 597 -28.68 -5.62 41.17
CA ASP F 597 -29.75 -6.41 40.58
C ASP F 597 -31.13 -5.80 40.75
N ALA F 598 -31.19 -4.51 41.08
CA ALA F 598 -32.48 -3.86 41.24
C ALA F 598 -33.31 -4.03 39.97
N LYS F 599 -34.60 -4.25 40.13
CA LYS F 599 -35.55 -4.43 39.05
C LYS F 599 -36.29 -3.11 38.83
N PRO F 600 -36.87 -2.91 37.64
CA PRO F 600 -37.57 -1.67 37.34
C PRO F 600 -38.61 -1.26 38.37
N ALA F 601 -39.34 -2.23 38.92
CA ALA F 601 -40.38 -1.93 39.90
C ALA F 601 -39.84 -1.49 41.26
N ASP F 602 -38.57 -1.77 41.54
CA ASP F 602 -37.97 -1.41 42.81
C ASP F 602 -37.68 0.08 42.98
N TYR F 603 -37.49 0.80 41.88
CA TYR F 603 -37.17 2.21 41.90
C TYR F 603 -38.37 3.04 42.35
N THR F 604 -38.19 3.76 43.45
CA THR F 604 -39.30 4.49 44.04
C THR F 604 -39.00 5.97 44.26
N VAL F 605 -40.01 6.82 44.08
CA VAL F 605 -39.88 8.25 44.33
C VAL F 605 -39.94 8.42 45.84
N ALA F 606 -39.19 9.36 46.40
CA ALA F 606 -39.14 9.58 47.84
C ALA F 606 -38.97 11.05 48.18
N THR F 607 -39.46 11.42 49.36
CA THR F 607 -39.34 12.78 49.88
C THR F 607 -38.24 12.73 50.91
N GLN F 608 -37.20 13.55 50.68
CA GLN F 608 -36.04 13.64 51.55
C GLN F 608 -36.15 14.91 52.38
N SER F 609 -35.75 14.83 53.64
CA SER F 609 -35.80 15.95 54.57
C SER F 609 -34.48 16.14 55.31
N ILE F 610 -33.88 17.32 55.15
CA ILE F 610 -32.63 17.67 55.82
C ILE F 610 -33.00 18.48 57.04
N HIS F 611 -32.64 18.00 58.23
CA HIS F 611 -32.96 18.74 59.45
C HIS F 611 -31.86 19.75 59.77
N HIS F 612 -32.27 20.87 60.33
CA HIS F 612 -31.35 21.90 60.74
C HIS F 612 -31.77 22.41 62.12
N GLY F 613 -30.78 22.82 62.90
CA GLY F 613 -31.00 23.34 64.24
C GLY F 613 -31.29 22.26 65.27
N GLY F 614 -31.44 22.71 66.51
CA GLY F 614 -31.74 21.81 67.62
C GLY F 614 -30.68 20.75 67.85
N LYS F 615 -31.11 19.57 68.27
CA LYS F 615 -30.25 18.43 68.54
C LYS F 615 -29.86 17.71 67.24
N GLU F 616 -30.58 18.00 66.16
CA GLU F 616 -30.29 17.38 64.88
C GLU F 616 -29.84 18.42 63.88
N ALA F 617 -28.95 19.30 64.33
CA ALA F 617 -28.45 20.41 63.51
C ALA F 617 -27.45 19.95 62.46
N THR F 618 -27.87 19.88 61.21
CA THR F 618 -26.99 19.49 60.11
C THR F 618 -25.91 20.55 59.87
N SER F 619 -24.67 20.10 59.71
CA SER F 619 -23.59 21.03 59.46
C SER F 619 -22.45 20.32 58.73
N ILE F 620 -21.54 21.12 58.21
CA ILE F 620 -20.30 20.63 57.60
C ILE F 620 -19.26 21.02 58.65
N LEU F 621 -18.57 20.03 59.21
CA LEU F 621 -17.53 20.33 60.15
C LEU F 621 -16.33 20.77 59.30
N LEU F 622 -16.07 22.08 59.30
CA LEU F 622 -15.00 22.68 58.49
C LEU F 622 -13.70 22.83 59.26
N PRO F 623 -12.56 22.49 58.62
CA PRO F 623 -11.28 22.66 59.29
C PRO F 623 -10.84 24.12 59.26
N VAL F 624 -11.52 25.00 60.01
CA VAL F 624 -11.18 26.43 60.00
C VAL F 624 -9.87 26.68 60.72
N VAL F 625 -8.99 27.47 60.08
CA VAL F 625 -7.70 27.82 60.64
C VAL F 625 -7.47 29.32 60.63
N LYS F 626 -6.57 29.76 61.50
CA LYS F 626 -6.27 31.17 61.61
C LYS F 626 -5.11 31.56 60.68
N HIS G 10 7.98 83.90 16.82
CA HIS G 10 8.09 82.44 17.08
C HIS G 10 7.90 81.60 15.80
N ASP G 11 8.75 80.59 15.64
CA ASP G 11 8.70 79.69 14.50
C ASP G 11 7.54 78.72 14.71
N PRO G 12 6.54 78.74 13.82
CA PRO G 12 5.37 77.87 13.99
C PRO G 12 5.64 76.39 13.72
N LEU G 13 6.73 76.07 13.02
CA LEU G 13 7.07 74.66 12.76
C LEU G 13 7.85 74.04 13.91
N SER G 14 8.00 74.79 15.00
CA SER G 14 8.68 74.33 16.20
C SER G 14 7.92 74.65 17.48
N VAL G 15 7.40 75.87 17.58
CA VAL G 15 6.67 76.31 18.77
C VAL G 15 5.17 76.45 18.52
N GLN G 16 4.36 75.68 19.23
CA GLN G 16 2.92 75.74 19.10
C GLN G 16 2.36 76.34 20.38
N THR G 17 1.83 77.56 20.27
CA THR G 17 1.20 78.23 21.38
C THR G 17 -0.32 78.15 21.24
N GLY G 18 -0.78 77.60 20.12
CA GLY G 18 -2.20 77.42 19.84
C GLY G 18 -2.61 75.97 20.03
N SER G 19 -3.57 75.51 19.21
CA SER G 19 -4.06 74.15 19.32
C SER G 19 -3.72 73.25 18.14
N ASP G 20 -3.44 71.99 18.46
CA ASP G 20 -3.09 70.99 17.44
C ASP G 20 -4.33 70.41 16.79
N ILE G 21 -5.49 70.71 17.36
CA ILE G 21 -6.75 70.24 16.81
C ILE G 21 -7.27 71.31 15.84
N PRO G 22 -7.40 70.99 14.54
CA PRO G 22 -7.92 71.94 13.55
C PRO G 22 -9.38 72.34 13.78
N GLN G 32 -12.02 60.02 -3.43
CA GLN G 32 -11.73 58.60 -3.66
C GLN G 32 -12.93 57.66 -3.49
N ARG G 33 -14.03 58.13 -2.89
CA ARG G 33 -15.19 57.29 -2.65
C ARG G 33 -15.98 57.01 -3.92
N ASP G 34 -16.78 55.95 -3.89
CA ASP G 34 -17.64 55.57 -5.01
C ASP G 34 -19.11 55.89 -4.70
N TYR G 35 -19.33 56.84 -3.79
CA TYR G 35 -20.65 57.27 -3.39
C TYR G 35 -20.55 58.63 -2.74
N ILE G 36 -21.71 59.28 -2.63
CA ILE G 36 -21.81 60.57 -1.94
C ILE G 36 -22.88 60.42 -0.88
N LYS G 37 -22.66 61.03 0.27
CA LYS G 37 -23.58 60.94 1.40
C LYS G 37 -24.10 62.36 1.71
N ARG G 38 -25.43 62.46 1.78
CA ARG G 38 -26.11 63.69 2.11
C ARG G 38 -26.83 63.56 3.45
N GLU G 39 -26.73 64.60 4.28
CA GLU G 39 -27.43 64.57 5.55
C GLU G 39 -28.41 65.73 5.46
N VAL G 40 -29.71 65.44 5.55
CA VAL G 40 -30.73 66.46 5.46
C VAL G 40 -31.73 66.32 6.59
N MET G 41 -32.38 67.43 6.92
CA MET G 41 -33.42 67.48 7.94
C MET G 41 -34.75 67.65 7.18
N VAL G 42 -35.46 66.54 7.00
CA VAL G 42 -36.73 66.54 6.27
C VAL G 42 -37.86 66.98 7.18
N PRO G 43 -38.53 68.09 6.82
CA PRO G 43 -39.62 68.57 7.66
C PRO G 43 -40.90 67.77 7.51
N MET G 44 -41.55 67.47 8.64
CA MET G 44 -42.82 66.76 8.63
C MET G 44 -43.97 67.77 8.53
N ARG G 45 -45.21 67.31 8.37
CA ARG G 45 -46.36 68.21 8.20
C ARG G 45 -46.60 69.15 9.38
N ASP G 46 -46.10 68.76 10.56
CA ASP G 46 -46.27 69.58 11.76
C ASP G 46 -45.05 70.41 12.11
N GLY G 47 -44.08 70.48 11.19
CA GLY G 47 -42.85 71.26 11.40
C GLY G 47 -41.65 70.50 11.95
N VAL G 48 -41.88 69.33 12.55
CA VAL G 48 -40.79 68.55 13.12
C VAL G 48 -39.87 68.04 12.00
N LYS G 49 -38.57 68.24 12.18
CA LYS G 49 -37.60 67.80 11.18
C LYS G 49 -36.98 66.50 11.64
N LEU G 50 -36.85 65.57 10.69
CA LEU G 50 -36.25 64.27 10.96
C LEU G 50 -34.93 64.16 10.22
N TYR G 51 -33.92 63.64 10.92
CA TYR G 51 -32.56 63.46 10.37
C TYR G 51 -32.56 62.35 9.34
N THR G 52 -32.14 62.67 8.12
CA THR G 52 -32.17 61.75 6.99
C THR G 52 -30.83 61.65 6.26
N VAL G 53 -30.33 60.42 6.11
CA VAL G 53 -29.06 60.16 5.44
C VAL G 53 -29.35 59.51 4.08
N ILE G 54 -28.81 60.08 3.00
CA ILE G 54 -29.03 59.53 1.68
C ILE G 54 -27.68 59.15 1.10
N VAL G 55 -27.53 57.89 0.71
CA VAL G 55 -26.28 57.41 0.14
C VAL G 55 -26.54 57.12 -1.33
N ILE G 56 -25.89 57.88 -2.20
CA ILE G 56 -26.05 57.81 -3.65
C ILE G 56 -24.79 57.38 -4.43
N PRO G 57 -24.88 56.31 -5.22
CA PRO G 57 -23.71 55.85 -5.94
C PRO G 57 -23.20 56.92 -6.88
N LYS G 58 -21.89 57.04 -7.06
CA LYS G 58 -21.40 58.04 -8.00
C LYS G 58 -21.98 57.81 -9.38
N ASN G 59 -22.22 58.90 -10.10
CA ASN G 59 -22.77 58.81 -11.45
C ASN G 59 -24.08 58.02 -11.53
N ALA G 60 -24.86 58.10 -10.45
CA ALA G 60 -26.15 57.45 -10.39
C ALA G 60 -27.11 58.33 -11.16
N ARG G 61 -28.00 57.70 -11.91
CA ARG G 61 -28.99 58.47 -12.64
C ARG G 61 -30.23 57.57 -12.80
N ASN G 62 -31.38 58.10 -12.43
CA ASN G 62 -32.65 57.38 -12.52
C ASN G 62 -32.64 56.10 -11.68
N ALA G 63 -31.96 56.14 -10.54
CA ALA G 63 -31.86 55.01 -9.64
C ALA G 63 -33.04 54.98 -8.66
N PRO G 64 -33.50 53.78 -8.31
CA PRO G 64 -34.56 53.65 -7.30
C PRO G 64 -34.07 53.90 -5.88
N ILE G 65 -34.98 54.14 -4.93
CA ILE G 65 -34.59 54.44 -3.56
C ILE G 65 -35.07 53.35 -2.60
N LEU G 66 -34.18 52.93 -1.71
CA LEU G 66 -34.52 51.95 -0.68
C LEU G 66 -34.53 52.73 0.63
N LEU G 67 -35.66 52.71 1.33
CA LEU G 67 -35.81 53.46 2.56
C LEU G 67 -36.06 52.64 3.82
N THR G 68 -35.40 53.03 4.91
CA THR G 68 -35.62 52.40 6.22
C THR G 68 -35.70 53.50 7.26
N ARG G 69 -36.71 53.41 8.11
CA ARG G 69 -36.94 54.39 9.17
C ARG G 69 -36.60 53.62 10.47
N THR G 70 -35.70 54.17 11.27
CA THR G 70 -35.17 53.48 12.42
C THR G 70 -35.02 54.28 13.70
N PRO G 71 -35.11 53.59 14.86
CA PRO G 71 -34.83 54.18 16.15
C PRO G 71 -33.41 53.85 16.62
N TYR G 72 -32.60 53.24 15.76
CA TYR G 72 -31.26 52.80 16.13
C TYR G 72 -30.11 53.59 15.50
N ASN G 73 -30.29 54.90 15.34
CA ASN G 73 -29.25 55.81 14.86
C ASN G 73 -28.90 55.71 13.38
N ALA G 74 -29.64 56.44 12.54
CA ALA G 74 -29.41 56.36 11.10
C ALA G 74 -27.98 56.70 10.66
N LYS G 75 -27.31 57.57 11.41
CA LYS G 75 -25.94 57.95 11.06
C LYS G 75 -25.01 56.72 11.15
N GLY G 76 -25.21 55.96 12.22
CA GLY G 76 -24.47 54.74 12.46
C GLY G 76 -24.86 53.63 11.51
N ARG G 77 -26.15 53.51 11.23
CA ARG G 77 -26.66 52.48 10.32
C ARG G 77 -26.07 52.59 8.91
N ALA G 78 -25.81 53.81 8.46
CA ALA G 78 -25.21 54.01 7.14
C ALA G 78 -23.69 54.17 7.25
N ASN G 79 -23.11 53.70 8.34
CA ASN G 79 -21.66 53.71 8.61
C ASN G 79 -21.19 52.39 9.18
N ARG G 80 -21.49 51.28 8.50
CA ARG G 80 -21.05 49.98 9.00
C ARG G 80 -19.54 50.02 9.21
N VAL G 81 -18.83 50.51 8.20
CA VAL G 81 -17.40 50.77 8.27
C VAL G 81 -17.41 52.30 8.17
N PRO G 82 -17.12 53.00 9.28
CA PRO G 82 -17.17 54.47 9.27
C PRO G 82 -16.41 55.19 8.16
N ASN G 83 -17.12 56.02 7.40
CA ASN G 83 -16.54 56.84 6.33
C ASN G 83 -15.76 56.04 5.28
N ALA G 84 -16.22 54.83 5.02
CA ALA G 84 -15.50 53.95 4.10
C ALA G 84 -15.36 54.50 2.70
N LEU G 85 -14.44 53.92 1.94
CA LEU G 85 -14.18 54.35 0.59
C LEU G 85 -15.12 53.67 -0.41
N THR G 86 -15.83 52.62 -0.01
CA THR G 86 -16.76 51.99 -0.94
C THR G 86 -18.16 51.90 -0.32
N MET G 87 -19.19 51.97 -1.16
CA MET G 87 -20.58 51.97 -0.69
C MET G 87 -20.90 50.61 -0.07
N ARG G 88 -20.26 49.58 -0.62
CA ARG G 88 -20.44 48.24 -0.10
C ARG G 88 -20.01 48.13 1.36
N GLU G 89 -18.96 48.83 1.74
CA GLU G 89 -18.48 48.83 3.13
C GLU G 89 -19.29 49.71 4.04
N VAL G 90 -19.76 50.84 3.53
CA VAL G 90 -20.45 51.79 4.40
C VAL G 90 -21.85 51.31 4.81
N LEU G 91 -22.49 50.57 3.91
CA LEU G 91 -23.82 50.05 4.13
C LEU G 91 -23.83 48.63 4.68
N PRO G 92 -24.89 48.26 5.42
CA PRO G 92 -24.97 46.95 6.04
C PRO G 92 -24.83 45.75 5.10
N GLN G 93 -24.54 44.60 5.68
CA GLN G 93 -24.44 43.36 4.91
C GLN G 93 -25.74 43.09 4.16
N GLY G 94 -26.88 43.38 4.80
CA GLY G 94 -28.18 43.15 4.19
C GLY G 94 -28.49 43.95 2.95
N ASP G 95 -27.76 45.04 2.74
CA ASP G 95 -27.94 45.89 1.59
C ASP G 95 -27.08 45.49 0.40
N ASP G 96 -26.28 44.43 0.55
CA ASP G 96 -25.37 44.01 -0.52
C ASP G 96 -25.95 43.95 -1.92
N VAL G 97 -27.08 43.28 -2.08
CA VAL G 97 -27.65 43.11 -3.41
C VAL G 97 -28.15 44.40 -4.03
N PHE G 98 -28.48 45.38 -3.18
CA PHE G 98 -28.95 46.67 -3.64
C PHE G 98 -27.78 47.60 -4.02
N VAL G 99 -26.67 47.48 -3.30
CA VAL G 99 -25.47 48.20 -3.62
C VAL G 99 -25.06 47.75 -5.01
N GLU G 100 -25.09 46.44 -5.24
CA GLU G 100 -24.74 45.86 -6.54
C GLU G 100 -25.72 46.29 -7.65
N GLY G 101 -26.97 46.53 -7.28
CA GLY G 101 -27.99 46.97 -8.23
C GLY G 101 -28.09 48.47 -8.48
N GLY G 102 -27.22 49.26 -7.87
CA GLY G 102 -27.23 50.70 -8.10
C GLY G 102 -28.31 51.49 -7.38
N TYR G 103 -28.88 50.93 -6.32
CA TYR G 103 -29.92 51.65 -5.58
C TYR G 103 -29.37 52.79 -4.77
N ILE G 104 -30.23 53.77 -4.49
CA ILE G 104 -29.86 54.84 -3.60
C ILE G 104 -30.40 54.32 -2.28
N ARG G 105 -29.66 54.49 -1.18
CA ARG G 105 -30.10 53.98 0.11
C ARG G 105 -30.38 55.16 1.04
N VAL G 106 -31.48 55.10 1.77
CA VAL G 106 -31.88 56.15 2.70
C VAL G 106 -32.20 55.54 4.06
N PHE G 107 -31.66 56.15 5.12
CA PHE G 107 -31.87 55.78 6.51
C PHE G 107 -32.32 57.06 7.20
N GLN G 108 -33.40 56.96 7.98
CA GLN G 108 -33.96 58.09 8.68
C GLN G 108 -34.25 57.76 10.14
N ASP G 109 -33.86 58.69 10.99
CA ASP G 109 -34.12 58.64 12.41
C ASP G 109 -35.60 59.00 12.56
N ILE G 110 -36.34 58.11 13.22
CA ILE G 110 -37.76 58.34 13.46
C ILE G 110 -37.92 59.46 14.47
N ARG G 111 -39.12 60.01 14.51
CA ARG G 111 -39.47 61.08 15.43
C ARG G 111 -39.01 60.82 16.86
N GLY G 112 -38.24 61.75 17.39
CA GLY G 112 -37.74 61.74 18.76
C GLY G 112 -36.48 60.96 19.08
N LYS G 113 -35.81 60.44 18.05
CA LYS G 113 -34.57 59.68 18.26
C LYS G 113 -33.36 60.23 17.51
N TYR G 114 -32.21 60.16 18.19
CA TYR G 114 -30.93 60.62 17.65
C TYR G 114 -30.92 62.02 17.05
N GLY G 115 -30.75 62.14 15.74
CA GLY G 115 -30.69 63.45 15.10
C GLY G 115 -32.00 64.14 14.79
N SER G 116 -33.13 63.47 15.01
CA SER G 116 -34.45 64.00 14.74
C SER G 116 -35.08 64.79 15.90
N GLN G 117 -35.98 65.69 15.56
CA GLN G 117 -36.69 66.47 16.56
C GLN G 117 -37.95 65.71 16.98
N GLY G 118 -38.74 66.31 17.87
CA GLY G 118 -40.01 65.75 18.30
C GLY G 118 -39.99 64.94 19.57
N ASP G 119 -41.16 64.42 19.89
CA ASP G 119 -41.34 63.61 21.08
C ASP G 119 -41.31 62.15 20.65
N TYR G 120 -40.58 61.33 21.41
CA TYR G 120 -40.49 59.91 21.10
C TYR G 120 -41.48 59.08 21.88
N VAL G 121 -42.31 58.32 21.18
CA VAL G 121 -43.30 57.45 21.78
C VAL G 121 -43.00 56.01 21.35
N MET G 122 -42.75 55.10 22.30
CA MET G 122 -42.45 53.70 21.98
C MET G 122 -43.51 53.04 21.08
N THR G 123 -43.09 52.45 19.97
CA THR G 123 -44.03 51.84 19.01
C THR G 123 -45.29 52.72 18.97
N ARG G 124 -45.10 53.92 18.43
CA ARG G 124 -46.15 54.94 18.41
C ARG G 124 -47.43 54.41 17.78
N PRO G 125 -48.55 54.37 18.54
CA PRO G 125 -49.77 53.88 17.94
C PRO G 125 -50.28 54.72 16.77
N PRO G 126 -51.06 54.09 15.87
CA PRO G 126 -51.61 54.82 14.72
C PRO G 126 -52.71 55.77 15.16
N HIS G 127 -53.05 56.70 14.27
CA HIS G 127 -54.07 57.69 14.60
C HIS G 127 -55.28 56.89 15.06
N GLY G 128 -55.85 57.31 16.18
CA GLY G 128 -57.01 56.63 16.74
C GLY G 128 -57.10 56.91 18.22
N PRO G 129 -57.80 56.03 18.96
CA PRO G 129 -58.00 56.24 20.41
C PRO G 129 -56.73 56.35 21.27
N LEU G 130 -55.63 55.78 20.79
CA LEU G 130 -54.35 55.81 21.47
C LEU G 130 -53.44 56.92 20.97
N ASN G 131 -53.84 57.63 19.91
CA ASN G 131 -53.05 58.72 19.34
C ASN G 131 -53.97 59.74 18.65
N PRO G 132 -54.48 60.72 19.42
CA PRO G 132 -55.37 61.70 18.81
C PRO G 132 -54.68 62.85 18.06
N THR G 133 -53.36 62.80 17.90
CA THR G 133 -52.61 63.88 17.25
C THR G 133 -52.78 63.81 15.74
N LYS G 134 -52.23 64.78 15.03
CA LYS G 134 -52.34 64.83 13.57
C LYS G 134 -51.26 63.98 12.90
N THR G 135 -50.27 63.50 13.65
CA THR G 135 -49.19 62.71 13.07
C THR G 135 -48.94 61.38 13.75
N ASP G 136 -48.29 60.50 12.99
CA ASP G 136 -47.92 59.18 13.46
C ASP G 136 -46.83 58.64 12.56
N GLU G 137 -46.48 57.36 12.71
CA GLU G 137 -45.42 56.80 11.89
C GLU G 137 -45.86 56.70 10.45
N THR G 138 -47.18 56.60 10.21
CA THR G 138 -47.70 56.52 8.84
C THR G 138 -47.50 57.85 8.12
N THR G 139 -47.85 58.96 8.80
CA THR G 139 -47.73 60.28 8.17
C THR G 139 -46.29 60.70 8.00
N ASP G 140 -45.47 60.34 8.98
CA ASP G 140 -44.05 60.65 8.92
C ASP G 140 -43.40 59.95 7.73
N ALA G 141 -43.86 58.73 7.44
CA ALA G 141 -43.36 57.97 6.30
C ALA G 141 -43.85 58.56 4.99
N TRP G 142 -45.12 58.99 4.99
CA TRP G 142 -45.75 59.60 3.83
C TRP G 142 -45.00 60.89 3.43
N ASP G 143 -44.78 61.75 4.43
CA ASP G 143 -44.08 63.01 4.24
C ASP G 143 -42.64 62.78 3.79
N THR G 144 -42.02 61.72 4.31
CA THR G 144 -40.65 61.41 3.95
C THR G 144 -40.59 61.01 2.49
N VAL G 145 -41.47 60.10 2.06
CA VAL G 145 -41.45 59.64 0.67
C VAL G 145 -41.75 60.80 -0.28
N ASP G 146 -42.65 61.70 0.12
CA ASP G 146 -42.97 62.84 -0.74
C ASP G 146 -41.74 63.70 -0.96
N TRP G 147 -41.02 63.98 0.13
CA TRP G 147 -39.81 64.80 0.09
C TRP G 147 -38.73 64.15 -0.76
N LEU G 148 -38.58 62.84 -0.66
CA LEU G 148 -37.56 62.15 -1.44
C LEU G 148 -37.78 62.21 -2.96
N VAL G 149 -39.02 62.05 -3.39
CA VAL G 149 -39.28 62.05 -4.83
C VAL G 149 -39.16 63.43 -5.48
N HIS G 150 -39.26 64.48 -4.67
CA HIS G 150 -39.15 65.86 -5.16
C HIS G 150 -37.77 66.48 -4.84
N ASN G 151 -36.90 65.80 -4.11
CA ASN G 151 -35.61 66.37 -3.71
C ASN G 151 -34.37 65.50 -3.90
N VAL G 152 -34.45 64.48 -4.74
CA VAL G 152 -33.31 63.60 -5.02
C VAL G 152 -33.26 63.41 -6.54
N PRO G 153 -32.62 64.36 -7.24
CA PRO G 153 -32.53 64.34 -8.70
C PRO G 153 -31.96 63.07 -9.31
N GLU G 154 -31.07 62.39 -8.59
CA GLU G 154 -30.44 61.18 -9.08
C GLU G 154 -31.39 59.96 -9.08
N SER G 155 -32.53 60.09 -8.42
CA SER G 155 -33.50 59.02 -8.34
C SER G 155 -34.55 59.07 -9.44
N ASN G 156 -35.30 57.98 -9.57
CA ASN G 156 -36.33 57.89 -10.58
C ASN G 156 -37.74 58.13 -10.02
N GLY G 157 -37.78 58.52 -8.75
CA GLY G 157 -39.03 58.78 -8.06
C GLY G 157 -39.76 57.54 -7.54
N ARG G 158 -39.10 56.39 -7.55
CA ARG G 158 -39.75 55.16 -7.09
C ARG G 158 -39.08 54.74 -5.80
N VAL G 159 -39.87 54.52 -4.77
CA VAL G 159 -39.35 54.14 -3.46
C VAL G 159 -39.80 52.76 -2.97
N GLY G 160 -38.87 52.01 -2.39
CA GLY G 160 -39.19 50.71 -1.82
C GLY G 160 -38.85 50.82 -0.36
N MET G 161 -39.62 50.20 0.53
CA MET G 161 -39.29 50.26 1.95
C MET G 161 -38.95 48.89 2.48
N THR G 162 -38.02 48.86 3.43
CA THR G 162 -37.66 47.61 4.06
C THR G 162 -37.08 47.87 5.43
N GLY G 163 -36.83 46.79 6.18
CA GLY G 163 -36.28 46.90 7.52
C GLY G 163 -36.74 45.79 8.44
N SER G 164 -35.91 45.48 9.43
CA SER G 164 -36.19 44.40 10.38
C SER G 164 -36.48 44.89 11.81
N SER G 165 -37.30 44.12 12.52
CA SER G 165 -37.65 44.38 13.92
C SER G 165 -38.39 45.73 14.03
N TYR G 166 -37.86 46.73 14.72
CA TYR G 166 -38.53 48.03 14.80
C TYR G 166 -38.55 48.67 13.42
N GLU G 167 -37.50 48.44 12.63
CA GLU G 167 -37.40 48.97 11.27
C GLU G 167 -38.47 48.38 10.34
N GLY G 168 -38.98 47.21 10.70
CA GLY G 168 -40.10 46.57 9.97
C GLY G 168 -41.42 47.16 10.44
N PHE G 169 -41.49 47.47 11.73
CA PHE G 169 -42.68 48.12 12.31
C PHE G 169 -43.01 49.39 11.56
N THR G 170 -41.97 50.13 11.20
CA THR G 170 -42.12 51.37 10.46
C THR G 170 -42.58 51.11 9.04
N VAL G 171 -42.21 49.96 8.47
CA VAL G 171 -42.70 49.63 7.14
C VAL G 171 -44.20 49.35 7.21
N VAL G 172 -44.59 48.53 8.16
CA VAL G 172 -45.99 48.19 8.35
C VAL G 172 -46.87 49.44 8.53
N MET G 173 -46.40 50.36 9.38
CA MET G 173 -47.08 51.63 9.62
C MET G 173 -47.21 52.39 8.32
N ALA G 174 -46.19 52.38 7.46
CA ALA G 174 -46.30 53.06 6.17
C ALA G 174 -47.43 52.45 5.33
N LEU G 175 -47.51 51.12 5.34
CA LEU G 175 -48.53 50.40 4.56
C LEU G 175 -49.97 50.72 4.97
N LEU G 176 -50.18 51.32 6.13
CA LEU G 176 -51.54 51.74 6.53
C LEU G 176 -52.08 52.83 5.60
N ASP G 177 -51.18 53.64 5.05
CA ASP G 177 -51.57 54.70 4.13
C ASP G 177 -50.29 55.09 3.37
N PRO G 178 -49.91 54.27 2.37
CA PRO G 178 -48.69 54.47 1.62
C PRO G 178 -48.75 55.54 0.55
N HIS G 179 -47.66 56.30 0.46
CA HIS G 179 -47.55 57.38 -0.53
C HIS G 179 -47.56 56.70 -1.89
N PRO G 180 -48.19 57.32 -2.91
CA PRO G 180 -48.23 56.67 -4.22
C PRO G 180 -46.88 56.33 -4.86
N ALA G 181 -45.81 56.93 -4.36
CA ALA G 181 -44.49 56.67 -4.87
C ALA G 181 -43.88 55.41 -4.24
N LEU G 182 -44.49 54.90 -3.16
CA LEU G 182 -44.02 53.70 -2.47
C LEU G 182 -44.58 52.53 -3.28
N LYS G 183 -43.73 51.94 -4.12
CA LYS G 183 -44.11 50.89 -5.05
C LYS G 183 -44.00 49.45 -4.55
N VAL G 184 -43.22 49.18 -3.51
CA VAL G 184 -43.05 47.82 -3.00
C VAL G 184 -42.58 47.90 -1.53
N ALA G 185 -42.87 46.88 -0.74
CA ALA G 185 -42.45 46.82 0.66
C ALA G 185 -41.96 45.42 1.03
N ALA G 186 -41.15 45.36 2.08
CA ALA G 186 -40.60 44.12 2.60
C ALA G 186 -40.37 44.24 4.11
N PRO G 187 -41.43 44.09 4.92
CA PRO G 187 -41.27 44.09 6.36
C PRO G 187 -40.62 42.77 6.78
N GLU G 188 -39.53 42.86 7.53
CA GLU G 188 -38.76 41.72 8.01
C GLU G 188 -38.88 41.61 9.53
N SER G 189 -39.32 40.45 10.01
CA SER G 189 -39.53 40.23 11.43
C SER G 189 -40.07 41.49 12.13
N PRO G 190 -41.19 42.03 11.63
CA PRO G 190 -41.68 43.28 12.19
C PRO G 190 -42.41 43.10 13.50
N MET G 191 -42.47 44.17 14.27
CA MET G 191 -43.18 44.24 15.54
C MET G 191 -44.64 44.52 15.17
N VAL G 192 -45.51 43.54 15.35
CA VAL G 192 -46.92 43.65 14.94
C VAL G 192 -47.92 43.58 16.09
N ASP G 193 -47.76 42.60 16.96
CA ASP G 193 -48.62 42.49 18.14
C ASP G 193 -47.68 42.12 19.29
N GLY G 194 -47.32 43.16 20.04
CA GLY G 194 -46.43 43.04 21.18
C GLY G 194 -46.96 42.23 22.34
N TRP G 195 -48.25 41.95 22.36
CA TRP G 195 -48.84 41.16 23.45
C TRP G 195 -49.10 39.69 23.07
N MET G 196 -49.56 39.47 21.85
CA MET G 196 -49.86 38.12 21.43
C MET G 196 -48.63 37.24 21.29
N GLY G 197 -47.59 37.72 20.62
CA GLY G 197 -46.40 36.89 20.47
C GLY G 197 -45.14 37.51 19.90
N ASP G 198 -44.97 38.81 20.10
CA ASP G 198 -43.79 39.51 19.62
C ASP G 198 -42.90 39.88 20.82
N ASP G 199 -42.51 41.14 20.99
CA ASP G 199 -41.52 41.49 21.99
C ASP G 199 -41.86 41.58 23.46
N TRP G 200 -43.03 42.09 23.81
CA TRP G 200 -43.35 42.27 25.22
C TRP G 200 -43.92 41.07 25.97
N PHE G 201 -44.84 40.35 25.34
CA PHE G 201 -45.47 39.18 25.92
C PHE G 201 -45.65 38.08 24.85
N HIS G 202 -45.85 36.84 25.31
CA HIS G 202 -46.21 35.69 24.47
C HIS G 202 -47.44 35.15 25.16
N TYR G 203 -48.61 35.35 24.55
CA TYR G 203 -49.86 34.91 25.16
C TYR G 203 -50.00 35.32 26.63
N GLY G 204 -49.65 36.57 26.91
CA GLY G 204 -49.77 37.12 28.26
C GLY G 204 -48.58 36.96 29.17
N ALA G 205 -47.64 36.08 28.79
CA ALA G 205 -46.44 35.82 29.60
C ALA G 205 -45.38 36.85 29.24
N PHE G 206 -44.97 37.63 30.24
CA PHE G 206 -44.04 38.74 30.08
C PHE G 206 -42.58 38.37 29.90
N ARG G 207 -41.95 39.02 28.92
CA ARG G 207 -40.56 38.80 28.55
C ARG G 207 -39.67 39.80 29.25
N GLN G 208 -38.90 39.29 30.21
CA GLN G 208 -38.07 40.14 31.07
C GLN G 208 -36.89 40.93 30.48
N GLY G 209 -36.51 40.62 29.24
CA GLY G 209 -35.44 41.32 28.55
C GLY G 209 -35.86 42.72 28.13
N ALA G 210 -37.15 42.99 28.16
CA ALA G 210 -37.68 44.30 27.78
C ALA G 210 -37.12 45.45 28.60
N PHE G 211 -36.85 45.20 29.89
CA PHE G 211 -36.37 46.23 30.78
C PHE G 211 -35.11 46.90 30.26
N ASP G 212 -34.12 46.09 29.86
CA ASP G 212 -32.89 46.62 29.30
C ASP G 212 -33.21 47.45 28.08
N TYR G 213 -34.11 46.97 27.22
CA TYR G 213 -34.47 47.68 26.00
C TYR G 213 -35.03 49.05 26.35
N PHE G 214 -35.93 49.10 27.33
CA PHE G 214 -36.53 50.38 27.70
C PHE G 214 -35.50 51.43 28.08
N VAL G 215 -34.62 51.05 28.98
CA VAL G 215 -33.61 51.97 29.48
C VAL G 215 -32.61 52.35 28.39
N SER G 216 -32.33 51.40 27.49
CA SER G 216 -31.43 51.64 26.38
C SER G 216 -32.00 52.60 25.33
N GLN G 217 -33.31 52.54 25.09
CA GLN G 217 -33.94 53.33 24.03
C GLN G 217 -34.74 54.54 24.51
N MET G 218 -35.06 54.58 25.80
CA MET G 218 -35.87 55.69 26.32
C MET G 218 -35.28 56.55 27.41
N THR G 219 -33.98 56.39 27.66
CA THR G 219 -33.31 57.20 28.65
C THR G 219 -33.00 58.58 28.08
N ALA G 220 -32.66 58.62 26.79
CA ALA G 220 -32.31 59.87 26.11
C ALA G 220 -32.71 59.87 24.65
N ARG G 221 -32.66 61.06 24.03
CA ARG G 221 -32.98 61.17 22.62
C ARG G 221 -32.03 60.28 21.82
N GLY G 222 -30.77 60.30 22.25
CA GLY G 222 -29.71 59.51 21.63
C GLY G 222 -29.49 58.20 22.34
N GLY G 223 -28.23 57.81 22.48
CA GLY G 223 -27.88 56.54 23.08
C GLY G 223 -28.13 56.52 24.57
N GLY G 224 -28.37 55.32 25.09
CA GLY G 224 -28.60 55.10 26.50
C GLY G 224 -27.72 53.96 26.95
N ASN G 225 -27.93 53.53 28.18
CA ASN G 225 -27.18 52.43 28.76
C ASN G 225 -28.07 51.29 29.21
N ASP G 226 -27.44 50.17 29.55
CA ASP G 226 -28.14 49.01 30.07
C ASP G 226 -28.36 49.26 31.55
N ILE G 227 -29.06 48.31 32.18
CA ILE G 227 -29.32 48.35 33.62
C ILE G 227 -28.18 47.68 34.41
N PRO G 228 -27.52 48.43 35.30
CA PRO G 228 -26.42 47.82 36.07
C PRO G 228 -26.85 46.57 36.80
N ARG G 229 -26.04 45.51 36.75
CA ARG G 229 -26.41 44.28 37.41
C ARG G 229 -25.56 43.98 38.65
N ARG G 230 -26.18 43.27 39.60
CA ARG G 230 -25.52 42.80 40.82
C ARG G 230 -24.70 41.56 40.50
N ASP G 231 -25.37 40.58 39.88
CA ASP G 231 -24.78 39.29 39.54
C ASP G 231 -24.57 39.12 38.04
N ALA G 232 -23.62 38.26 37.67
CA ALA G 232 -23.34 37.98 36.28
C ALA G 232 -24.49 37.17 35.67
N ASP G 233 -25.19 36.41 36.51
CA ASP G 233 -26.31 35.59 36.06
C ASP G 233 -27.66 36.24 36.30
N ASP G 234 -28.39 36.48 35.22
CA ASP G 234 -29.72 37.07 35.30
C ASP G 234 -30.76 36.11 35.88
N TYR G 235 -30.46 34.81 35.86
CA TYR G 235 -31.32 33.85 36.53
C TYR G 235 -31.33 34.27 37.99
N THR G 236 -30.15 34.55 38.55
CA THR G 236 -30.05 34.98 39.96
C THR G 236 -30.60 36.40 40.21
N ASN G 237 -30.29 37.34 39.32
CA ASN G 237 -30.74 38.72 39.45
C ASN G 237 -32.26 38.88 39.51
N PHE G 238 -32.96 38.22 38.59
CA PHE G 238 -34.42 38.27 38.59
C PHE G 238 -35.08 37.41 39.67
N LEU G 239 -34.45 36.30 40.02
CA LEU G 239 -34.99 35.43 41.06
C LEU G 239 -34.90 36.13 42.42
N LYS G 240 -33.81 36.85 42.68
CA LYS G 240 -33.64 37.61 43.92
C LYS G 240 -34.49 38.87 43.95
N ALA G 241 -34.72 39.50 42.79
CA ALA G 241 -35.59 40.69 42.76
C ALA G 241 -37.05 40.33 43.01
N GLY G 242 -37.43 39.11 42.67
CA GLY G 242 -38.77 38.54 42.84
C GLY G 242 -39.61 38.63 41.59
N SER G 243 -40.56 39.55 41.63
CA SER G 243 -41.46 39.77 40.52
C SER G 243 -40.78 40.66 39.50
N ALA G 244 -41.37 40.75 38.32
CA ALA G 244 -40.88 41.62 37.27
C ALA G 244 -41.04 43.09 37.68
N GLY G 245 -42.12 43.43 38.36
CA GLY G 245 -42.37 44.81 38.81
C GLY G 245 -41.38 45.28 39.86
N SER G 246 -40.94 44.33 40.68
CA SER G 246 -39.97 44.60 41.73
C SER G 246 -38.59 44.89 41.12
N PHE G 247 -38.25 44.14 40.08
CA PHE G 247 -36.99 44.37 39.40
C PHE G 247 -37.03 45.76 38.78
N ALA G 248 -38.13 46.09 38.10
CA ALA G 248 -38.29 47.38 37.45
C ALA G 248 -38.11 48.55 38.41
N THR G 249 -38.78 48.46 39.56
CA THR G 249 -38.70 49.47 40.58
C THR G 249 -37.27 49.70 41.05
N GLN G 250 -36.55 48.61 41.29
CA GLN G 250 -35.16 48.65 41.71
C GLN G 250 -34.26 49.24 40.62
N ALA G 251 -34.62 49.05 39.35
CA ALA G 251 -33.85 49.61 38.25
C ALA G 251 -34.21 51.07 37.97
N GLY G 252 -35.24 51.59 38.61
CA GLY G 252 -35.66 52.96 38.39
C GLY G 252 -36.63 53.18 37.26
N LEU G 253 -37.21 52.11 36.73
CA LEU G 253 -38.14 52.18 35.61
C LEU G 253 -39.51 52.80 35.90
N ASP G 254 -39.86 52.95 37.17
CA ASP G 254 -41.15 53.54 37.51
C ASP G 254 -41.33 54.98 37.03
N GLN G 255 -40.24 55.63 36.63
CA GLN G 255 -40.25 57.00 36.09
C GLN G 255 -40.28 57.02 34.57
N TYR G 256 -40.41 55.85 33.94
CA TYR G 256 -40.49 55.75 32.47
C TYR G 256 -41.96 55.57 32.08
N PRO G 257 -42.53 56.57 31.37
CA PRO G 257 -43.93 56.49 30.94
C PRO G 257 -44.39 55.21 30.26
N PHE G 258 -43.58 54.63 29.37
CA PHE G 258 -44.02 53.42 28.66
C PHE G 258 -44.21 52.24 29.60
N TRP G 259 -43.36 52.15 30.61
CA TRP G 259 -43.45 51.07 31.58
C TRP G 259 -44.66 51.29 32.46
N GLN G 260 -44.97 52.56 32.73
CA GLN G 260 -46.15 52.88 33.51
C GLN G 260 -47.39 52.33 32.79
N ARG G 261 -47.46 52.54 31.48
CA ARG G 261 -48.60 52.08 30.71
C ARG G 261 -48.63 50.55 30.58
N MET G 262 -47.48 49.93 30.36
CA MET G 262 -47.44 48.47 30.23
C MET G 262 -47.79 47.79 31.55
N HIS G 263 -47.36 48.41 32.65
CA HIS G 263 -47.66 47.90 33.98
C HIS G 263 -49.16 47.95 34.28
N ALA G 264 -49.82 48.99 33.74
CA ALA G 264 -51.25 49.17 33.93
C ALA G 264 -52.11 48.30 33.02
N HIS G 265 -51.51 47.68 32.01
CA HIS G 265 -52.24 46.85 31.06
C HIS G 265 -51.55 45.50 30.87
N PRO G 266 -51.56 44.62 31.89
CA PRO G 266 -51.04 43.28 31.74
C PRO G 266 -51.91 42.38 30.86
N ALA G 267 -53.20 42.71 30.68
CA ALA G 267 -54.12 41.92 29.87
C ALA G 267 -54.28 42.50 28.48
N TYR G 268 -54.82 41.69 27.59
CA TYR G 268 -55.00 42.09 26.20
C TYR G 268 -56.26 42.95 26.08
N ASP G 269 -56.24 44.12 26.70
CA ASP G 269 -57.37 45.05 26.69
C ASP G 269 -57.29 46.02 25.50
N ALA G 270 -58.05 47.11 25.56
CA ALA G 270 -58.08 48.13 24.50
C ALA G 270 -56.71 48.68 24.11
N PHE G 271 -55.84 48.83 25.11
CA PHE G 271 -54.51 49.38 24.90
C PHE G 271 -53.72 48.55 23.87
N TRP G 272 -53.71 47.24 24.06
CA TRP G 272 -53.00 46.33 23.16
C TRP G 272 -53.79 46.01 21.90
N GLN G 273 -55.12 45.94 22.00
CA GLN G 273 -55.94 45.65 20.82
C GLN G 273 -55.85 46.76 19.77
N GLY G 274 -55.73 47.99 20.25
CA GLY G 274 -55.58 49.16 19.38
C GLY G 274 -54.23 49.26 18.70
N GLN G 275 -53.29 48.39 19.08
CA GLN G 275 -51.96 48.32 18.48
C GLN G 275 -51.69 46.99 17.77
N ALA G 276 -52.69 46.14 17.55
CA ALA G 276 -52.51 44.87 16.83
C ALA G 276 -52.52 45.24 15.35
N LEU G 277 -51.35 45.43 14.77
CA LEU G 277 -51.25 45.90 13.39
C LEU G 277 -51.70 44.94 12.30
N ASP G 278 -51.74 43.65 12.66
CA ASP G 278 -52.22 42.65 11.72
C ASP G 278 -53.69 42.93 11.38
N LYS G 279 -54.50 43.09 12.41
CA LYS G 279 -55.93 43.37 12.28
C LYS G 279 -56.17 44.68 11.52
N ILE G 280 -55.51 45.74 11.99
CA ILE G 280 -55.64 47.07 11.39
C ILE G 280 -55.30 47.03 9.92
N LEU G 281 -54.20 46.40 9.55
CA LEU G 281 -53.75 46.36 8.16
C LEU G 281 -54.71 45.57 7.28
N ALA G 282 -55.31 44.53 7.84
CA ALA G 282 -56.28 43.74 7.11
C ALA G 282 -57.53 44.54 6.79
N GLN G 283 -57.86 45.52 7.63
CA GLN G 283 -59.01 46.39 7.40
C GLN G 283 -58.68 47.42 6.33
N ARG G 284 -57.42 47.82 6.23
CA ARG G 284 -57.01 48.82 5.24
C ARG G 284 -56.78 48.22 3.85
N LYS G 285 -56.42 46.94 3.77
CA LYS G 285 -56.20 46.24 2.49
C LYS G 285 -55.28 46.96 1.49
N PRO G 286 -53.98 47.05 1.80
CA PRO G 286 -53.10 47.78 0.89
C PRO G 286 -52.96 47.09 -0.46
N THR G 287 -52.62 47.88 -1.46
CA THR G 287 -52.41 47.38 -2.82
C THR G 287 -50.96 47.47 -3.24
N VAL G 288 -50.07 47.73 -2.27
CA VAL G 288 -48.64 47.77 -2.53
C VAL G 288 -48.17 46.30 -2.51
N PRO G 289 -47.40 45.84 -3.50
CA PRO G 289 -46.84 44.49 -3.41
C PRO G 289 -46.02 44.31 -2.12
N MET G 290 -46.24 43.22 -1.40
CA MET G 290 -45.54 42.97 -0.12
C MET G 290 -44.85 41.62 -0.06
N LEU G 291 -43.68 41.61 0.56
CA LEU G 291 -42.89 40.41 0.77
C LEU G 291 -42.72 40.40 2.28
N TRP G 292 -43.42 39.50 2.97
CA TRP G 292 -43.32 39.37 4.43
C TRP G 292 -42.28 38.32 4.77
N GLU G 293 -41.36 38.63 5.69
CA GLU G 293 -40.30 37.72 6.07
C GLU G 293 -40.12 37.57 7.57
N GLN G 294 -39.74 36.37 7.98
CA GLN G 294 -39.39 36.08 9.35
C GLN G 294 -38.56 34.79 9.40
N GLY G 295 -37.75 34.66 10.44
CA GLY G 295 -36.97 33.44 10.61
C GLY G 295 -37.83 32.39 11.27
N LEU G 296 -37.58 31.13 10.91
CA LEU G 296 -38.28 30.01 11.52
C LEU G 296 -37.95 29.94 12.99
N TRP G 297 -36.75 30.41 13.34
CA TRP G 297 -36.32 30.44 14.74
C TRP G 297 -36.15 31.89 15.22
N ASP G 298 -37.14 32.73 14.94
CA ASP G 298 -37.12 34.16 15.26
C ASP G 298 -37.43 34.24 16.75
N GLN G 299 -36.41 34.56 17.54
CA GLN G 299 -36.52 34.61 18.99
C GLN G 299 -37.06 35.91 19.59
N GLU G 300 -37.41 36.90 18.76
CA GLU G 300 -37.95 38.19 19.21
C GLU G 300 -39.30 38.63 18.62
N ASP G 301 -39.55 38.34 17.35
CA ASP G 301 -40.79 38.69 16.69
C ASP G 301 -41.26 37.50 15.88
N MET G 302 -41.76 36.48 16.57
CA MET G 302 -42.24 35.26 15.92
C MET G 302 -43.66 35.39 15.38
N TRP G 303 -44.47 36.25 15.97
CA TRP G 303 -45.88 36.41 15.62
C TRP G 303 -46.10 37.24 14.37
N GLY G 304 -45.42 38.38 14.33
CA GLY G 304 -45.53 39.36 13.25
C GLY G 304 -45.81 39.03 11.80
N ALA G 305 -44.76 38.73 11.05
CA ALA G 305 -44.89 38.52 9.62
C ALA G 305 -45.96 37.53 9.20
N ILE G 306 -45.98 36.37 9.87
CA ILE G 306 -46.90 35.32 9.47
C ILE G 306 -48.37 35.67 9.71
N HIS G 307 -48.65 36.23 10.87
CA HIS G 307 -50.01 36.63 11.16
C HIS G 307 -50.50 37.76 10.28
N ALA G 308 -49.60 38.70 9.94
CA ALA G 308 -49.94 39.86 9.12
C ALA G 308 -50.17 39.40 7.70
N TRP G 309 -49.31 38.48 7.25
CA TRP G 309 -49.46 37.92 5.93
C TRP G 309 -50.75 37.09 5.81
N GLN G 310 -51.03 36.27 6.81
CA GLN G 310 -52.24 35.46 6.79
C GLN G 310 -53.52 36.30 6.81
N ALA G 311 -53.53 37.36 7.61
CA ALA G 311 -54.67 38.28 7.72
C ALA G 311 -54.98 38.96 6.39
N LEU G 312 -53.93 39.43 5.71
CA LEU G 312 -54.12 40.04 4.41
C LEU G 312 -54.64 38.97 3.44
N LYS G 313 -54.08 37.77 3.50
CA LYS G 313 -54.50 36.71 2.58
C LYS G 313 -55.99 36.39 2.79
N ASP G 314 -56.44 36.41 4.04
CA ASP G 314 -57.83 36.16 4.38
C ASP G 314 -58.75 37.32 4.01
N ALA G 315 -58.24 38.54 3.94
CA ALA G 315 -59.01 39.71 3.53
C ALA G 315 -58.97 39.83 2.01
N ASP G 316 -58.34 38.87 1.34
CA ASP G 316 -58.23 38.82 -0.11
C ASP G 316 -57.62 40.11 -0.62
N VAL G 317 -56.38 40.37 -0.20
CA VAL G 317 -55.64 41.56 -0.62
C VAL G 317 -55.42 41.48 -2.14
N LYS G 318 -55.50 42.63 -2.80
CA LYS G 318 -55.38 42.75 -4.25
C LYS G 318 -54.01 43.23 -4.68
N ALA G 319 -53.00 42.44 -4.29
CA ALA G 319 -51.63 42.75 -4.62
C ALA G 319 -50.80 41.53 -4.25
N PRO G 320 -49.61 41.42 -4.85
CA PRO G 320 -48.71 40.33 -4.47
C PRO G 320 -48.51 40.37 -2.95
N ASN G 321 -48.60 39.21 -2.30
CA ASN G 321 -48.47 39.09 -0.85
C ASN G 321 -47.82 37.73 -0.63
N THR G 322 -46.50 37.71 -0.47
CA THR G 322 -45.73 36.48 -0.28
C THR G 322 -44.99 36.42 1.06
N LEU G 323 -45.07 35.25 1.69
CA LEU G 323 -44.42 34.96 2.96
C LEU G 323 -43.13 34.17 2.73
N VAL G 324 -42.04 34.65 3.32
CA VAL G 324 -40.75 33.98 3.21
C VAL G 324 -40.25 33.66 4.61
N MET G 325 -39.89 32.40 4.85
CA MET G 325 -39.36 31.97 6.13
C MET G 325 -38.14 31.12 5.85
N GLY G 326 -37.01 31.56 6.41
CA GLY G 326 -35.72 30.90 6.25
C GLY G 326 -35.28 30.36 7.58
N PRO G 327 -34.15 29.61 7.58
CA PRO G 327 -33.61 29.02 8.80
C PRO G 327 -32.75 30.02 9.57
N TRP G 328 -33.42 31.07 10.07
CA TRP G 328 -32.73 32.18 10.69
C TRP G 328 -33.26 32.59 12.06
N ARG G 329 -32.40 33.30 12.79
CA ARG G 329 -32.77 33.91 14.05
C ARG G 329 -33.34 35.28 13.68
N HIS G 330 -33.79 36.02 14.67
CA HIS G 330 -34.35 37.35 14.46
C HIS G 330 -33.40 38.22 13.68
N SER G 331 -33.86 38.78 12.56
CA SER G 331 -33.07 39.61 11.64
C SER G 331 -31.95 38.89 10.91
N GLY G 332 -31.90 37.57 11.04
CA GLY G 332 -30.86 36.76 10.42
C GLY G 332 -30.82 36.89 8.91
N VAL G 333 -31.93 37.28 8.33
CA VAL G 333 -32.02 37.47 6.89
C VAL G 333 -31.04 38.52 6.36
N ASN G 334 -30.59 39.45 7.22
CA ASN G 334 -29.66 40.49 6.82
C ASN G 334 -28.19 40.21 7.04
N TYR G 335 -27.88 38.99 7.46
CA TYR G 335 -26.51 38.57 7.72
C TYR G 335 -26.27 37.27 6.98
N ASN G 336 -25.52 36.35 7.57
CA ASN G 336 -25.19 35.09 6.93
C ASN G 336 -26.08 34.00 7.51
N GLY G 337 -26.76 33.25 6.65
CA GLY G 337 -27.65 32.18 7.09
C GLY G 337 -27.16 30.78 6.80
N SER G 338 -25.84 30.57 6.94
CA SER G 338 -25.22 29.27 6.71
C SER G 338 -25.37 28.38 7.92
N THR G 339 -25.42 29.00 9.10
CA THR G 339 -25.58 28.27 10.34
C THR G 339 -26.46 29.01 11.32
N LEU G 340 -26.78 28.30 12.41
CA LEU G 340 -27.55 28.83 13.53
C LEU G 340 -27.23 27.88 14.66
N GLY G 341 -26.46 28.37 15.62
CA GLY G 341 -26.00 27.57 16.72
C GLY G 341 -25.15 26.47 16.11
N PRO G 342 -25.36 25.24 16.56
CA PRO G 342 -24.61 24.11 15.99
C PRO G 342 -25.15 23.58 14.65
N LEU G 343 -26.28 24.11 14.19
CA LEU G 343 -26.91 23.67 12.95
C LEU G 343 -26.26 24.26 11.70
N GLU G 344 -26.19 23.44 10.67
CA GLU G 344 -25.61 23.82 9.37
C GLU G 344 -26.66 23.68 8.27
N PHE G 345 -26.84 24.74 7.47
CA PHE G 345 -27.81 24.73 6.39
C PHE G 345 -27.07 24.68 5.04
N GLU G 346 -27.82 24.62 3.96
CA GLU G 346 -27.21 24.49 2.63
C GLU G 346 -26.83 25.83 2.03
N GLY G 347 -25.67 26.31 2.47
CA GLY G 347 -25.12 27.57 2.01
C GLY G 347 -25.71 28.77 2.71
N ASP G 348 -25.32 29.97 2.27
CA ASP G 348 -25.80 31.20 2.89
C ASP G 348 -27.22 31.46 2.43
N THR G 349 -28.16 30.85 3.16
CA THR G 349 -29.57 30.94 2.85
C THR G 349 -30.11 32.36 2.79
N ALA G 350 -29.54 33.25 3.60
CA ALA G 350 -29.94 34.65 3.71
C ALA G 350 -29.55 35.37 2.43
N HIS G 351 -28.29 35.23 2.02
CA HIS G 351 -27.81 35.80 0.76
C HIS G 351 -28.65 35.21 -0.36
N GLN G 352 -28.92 33.91 -0.33
CA GLN G 352 -29.73 33.28 -1.38
C GLN G 352 -31.07 33.96 -1.60
N TYR G 353 -31.76 34.22 -0.48
CA TYR G 353 -33.05 34.89 -0.52
C TYR G 353 -32.90 36.33 -1.03
N ARG G 354 -31.90 37.03 -0.52
CA ARG G 354 -31.66 38.43 -0.91
C ARG G 354 -31.47 38.61 -2.42
N ARG G 355 -30.69 37.72 -3.01
CA ARG G 355 -30.30 37.75 -4.43
C ARG G 355 -31.32 37.18 -5.40
N ASP G 356 -31.94 36.06 -5.05
CA ASP G 356 -32.90 35.37 -5.91
C ASP G 356 -34.36 35.77 -5.79
N VAL G 357 -34.74 36.35 -4.65
CA VAL G 357 -36.12 36.71 -4.39
C VAL G 357 -36.33 38.18 -4.05
N PHE G 358 -35.65 38.66 -3.02
CA PHE G 358 -35.79 40.05 -2.52
C PHE G 358 -35.48 41.04 -3.62
N ARG G 359 -34.29 40.94 -4.19
CA ARG G 359 -33.81 41.85 -5.25
C ARG G 359 -34.64 41.88 -6.54
N PRO G 360 -34.88 40.72 -7.18
CA PRO G 360 -35.72 40.71 -8.38
C PRO G 360 -37.13 41.22 -8.14
N PHE G 361 -37.71 40.88 -6.99
CA PHE G 361 -39.05 41.35 -6.63
C PHE G 361 -39.12 42.88 -6.52
N PHE G 362 -38.10 43.50 -5.95
CA PHE G 362 -37.99 44.96 -5.81
C PHE G 362 -37.69 45.62 -7.16
N ASP G 363 -36.85 44.97 -7.94
CA ASP G 363 -36.52 45.48 -9.28
C ASP G 363 -37.76 45.57 -10.19
N GLU G 364 -38.68 44.63 -10.05
CA GLU G 364 -39.89 44.61 -10.87
C GLU G 364 -40.74 45.87 -10.73
N TYR G 365 -40.81 46.42 -9.53
CA TYR G 365 -41.61 47.61 -9.25
C TYR G 365 -40.85 48.92 -9.12
N LEU G 366 -39.53 48.83 -8.95
CA LEU G 366 -38.64 49.99 -8.81
C LEU G 366 -37.74 50.31 -9.99
N LYS G 367 -37.52 49.36 -10.89
CA LYS G 367 -36.71 49.52 -12.08
C LYS G 367 -37.51 49.15 -13.31
N PRO G 368 -38.28 50.10 -13.86
CA PRO G 368 -39.10 49.90 -15.06
C PRO G 368 -38.31 49.22 -16.17
N GLY G 369 -38.92 48.20 -16.76
CA GLY G 369 -38.29 47.39 -17.80
C GLY G 369 -37.71 46.10 -17.25
N SER G 370 -37.65 45.96 -15.93
CA SER G 370 -37.11 44.74 -15.33
C SER G 370 -38.05 43.57 -15.57
N ALA G 371 -37.50 42.37 -15.59
CA ALA G 371 -38.29 41.17 -15.80
C ALA G 371 -39.28 41.01 -14.64
N SER G 372 -40.43 40.43 -14.92
CA SER G 372 -41.42 40.21 -13.88
C SER G 372 -41.17 38.90 -13.18
N VAL G 373 -41.59 38.85 -11.91
CA VAL G 373 -41.46 37.65 -11.08
C VAL G 373 -42.85 37.25 -10.63
N HIS G 374 -43.08 35.95 -10.57
CA HIS G 374 -44.38 35.42 -10.17
C HIS G 374 -44.18 34.53 -8.96
N LEU G 375 -44.18 35.19 -7.80
CA LEU G 375 -43.94 34.52 -6.54
C LEU G 375 -45.16 33.77 -6.04
N PRO G 376 -44.94 32.64 -5.38
CA PRO G 376 -46.03 31.89 -4.80
C PRO G 376 -46.53 32.46 -3.47
N ASP G 377 -47.47 31.76 -2.83
CA ASP G 377 -47.94 32.19 -1.52
C ASP G 377 -46.82 32.25 -0.51
N ALA G 378 -46.01 31.19 -0.49
CA ALA G 378 -44.92 31.12 0.46
C ALA G 378 -43.70 30.42 -0.08
N ILE G 379 -42.54 30.94 0.32
CA ILE G 379 -41.20 30.40 0.00
C ILE G 379 -40.64 30.13 1.38
N ILE G 380 -40.51 28.85 1.71
CA ILE G 380 -40.09 28.42 3.03
C ILE G 380 -38.99 27.38 2.93
N TYR G 381 -37.94 27.58 3.70
CA TYR G 381 -36.83 26.64 3.75
C TYR G 381 -37.30 25.40 4.49
N ASN G 382 -36.82 24.24 4.05
CA ASN G 382 -37.18 23.00 4.70
C ASN G 382 -36.04 22.57 5.61
N THR G 383 -36.30 22.59 6.92
CA THR G 383 -35.30 22.25 7.91
C THR G 383 -35.01 20.75 8.02
N GLY G 384 -35.69 19.94 7.23
CA GLY G 384 -35.49 18.50 7.16
C GLY G 384 -34.81 18.09 5.86
N ASP G 385 -35.35 18.53 4.73
CA ASP G 385 -34.77 18.27 3.41
C ASP G 385 -33.61 19.21 3.05
N GLN G 386 -33.42 20.27 3.84
CA GLN G 386 -32.35 21.21 3.58
C GLN G 386 -32.40 21.76 2.16
N LYS G 387 -33.51 22.43 1.86
CA LYS G 387 -33.74 23.05 0.56
C LYS G 387 -34.90 24.02 0.70
N TRP G 388 -35.02 24.89 -0.30
CA TRP G 388 -36.11 25.85 -0.36
C TRP G 388 -37.37 25.23 -0.99
N ASP G 389 -38.52 25.44 -0.35
CA ASP G 389 -39.81 24.97 -0.86
C ASP G 389 -40.63 26.16 -1.36
N TYR G 390 -41.13 26.06 -2.59
CA TYR G 390 -41.98 27.07 -3.19
C TYR G 390 -43.41 26.54 -3.16
N TYR G 391 -44.25 27.14 -2.33
CA TYR G 391 -45.63 26.71 -2.17
C TYR G 391 -46.63 27.67 -2.77
N ARG G 392 -47.19 27.23 -3.89
CA ARG G 392 -48.18 27.98 -4.64
C ARG G 392 -49.33 28.43 -3.74
N SER G 393 -49.85 27.49 -2.96
CA SER G 393 -50.88 27.76 -1.96
C SER G 393 -50.29 27.25 -0.67
N TRP G 394 -50.33 28.05 0.38
CA TRP G 394 -49.83 27.63 1.68
C TRP G 394 -50.65 28.32 2.76
N PRO G 395 -50.91 27.62 3.88
CA PRO G 395 -50.56 26.23 4.14
C PRO G 395 -51.58 25.34 3.41
N SER G 396 -51.28 24.05 3.27
CA SER G 396 -52.18 23.11 2.60
C SER G 396 -53.05 22.38 3.61
N VAL G 397 -52.68 22.47 4.89
CA VAL G 397 -53.47 21.89 5.95
C VAL G 397 -53.58 22.90 7.10
N CYS G 398 -54.71 22.93 7.80
CA CYS G 398 -54.91 23.78 8.99
C CYS G 398 -56.21 23.40 9.66
N GLU G 399 -56.57 24.06 10.76
CA GLU G 399 -57.80 23.74 11.47
C GLU G 399 -59.11 23.93 10.70
N SER G 400 -59.19 24.93 9.83
CA SER G 400 -60.41 25.13 9.05
C SER G 400 -60.12 25.86 7.74
N ASN G 401 -61.01 25.69 6.77
CA ASN G 401 -60.90 26.32 5.45
C ASN G 401 -59.59 26.08 4.70
N CYS G 402 -59.13 24.83 4.74
CA CYS G 402 -57.95 24.35 4.01
C CYS G 402 -58.27 23.07 3.28
N THR G 403 -57.38 22.74 2.35
CA THR G 403 -57.53 21.53 1.56
C THR G 403 -57.63 20.35 2.52
N GLY G 404 -56.74 20.29 3.51
CA GLY G 404 -56.73 19.21 4.49
C GLY G 404 -56.67 19.74 5.90
N GLY G 405 -56.77 18.81 6.86
CA GLY G 405 -56.78 19.17 8.26
C GLY G 405 -55.51 18.70 8.94
N LEU G 406 -55.44 19.00 10.23
CA LEU G 406 -54.32 18.66 11.09
C LEU G 406 -54.41 17.20 11.52
N THR G 407 -53.26 16.61 11.82
CA THR G 407 -53.18 15.23 12.25
C THR G 407 -52.71 15.25 13.69
N PRO G 408 -53.58 14.81 14.62
CA PRO G 408 -53.15 14.83 16.02
C PRO G 408 -52.09 13.80 16.34
N LEU G 409 -51.09 14.22 17.12
CA LEU G 409 -50.04 13.34 17.62
C LEU G 409 -50.35 13.34 19.10
N TYR G 410 -50.92 12.24 19.56
CA TYR G 410 -51.36 12.10 20.93
C TYR G 410 -50.33 11.64 21.95
N LEU G 411 -50.40 12.22 23.14
CA LEU G 411 -49.58 11.81 24.27
C LEU G 411 -50.18 10.50 24.72
N ALA G 412 -49.34 9.60 25.20
CA ALA G 412 -49.82 8.29 25.61
C ALA G 412 -49.05 7.74 26.80
N ASP G 413 -49.52 6.60 27.30
CA ASP G 413 -48.85 5.92 28.42
C ASP G 413 -47.42 5.60 28.10
N GLY G 414 -46.66 5.40 29.19
CA GLY G 414 -45.25 5.06 29.09
C GLY G 414 -44.47 6.18 28.48
N HIS G 415 -44.92 7.42 28.65
CA HIS G 415 -44.31 8.61 28.05
C HIS G 415 -44.12 8.47 26.55
N GLY G 416 -45.16 7.99 25.89
CA GLY G 416 -45.10 7.78 24.45
C GLY G 416 -45.89 8.80 23.68
N LEU G 417 -45.71 8.75 22.37
CA LEU G 417 -46.43 9.61 21.44
C LEU G 417 -46.86 8.75 20.28
N SER G 418 -48.10 8.92 19.86
CA SER G 418 -48.66 8.11 18.79
C SER G 418 -49.73 8.87 18.02
N PHE G 419 -49.91 8.45 16.78
CA PHE G 419 -50.95 9.00 15.92
C PHE G 419 -52.29 8.37 16.23
N THR G 420 -52.29 7.34 17.08
CA THR G 420 -53.49 6.63 17.47
C THR G 420 -54.03 7.21 18.78
N HIS G 421 -55.32 7.56 18.75
CA HIS G 421 -56.02 8.13 19.89
C HIS G 421 -56.13 7.07 20.97
N PRO G 422 -55.46 7.26 22.13
CA PRO G 422 -55.61 6.26 23.20
C PRO G 422 -57.04 6.28 23.74
N ALA G 423 -57.66 5.12 23.87
CA ALA G 423 -59.04 5.00 24.32
C ALA G 423 -59.20 5.34 25.79
N ALA G 424 -58.29 4.84 26.61
CA ALA G 424 -58.35 5.02 28.04
C ALA G 424 -57.83 6.38 28.47
N ASP G 425 -58.24 6.73 29.67
CA ASP G 425 -57.85 7.99 30.28
C ASP G 425 -56.62 7.81 31.14
N GLY G 426 -55.83 8.86 31.25
CA GLY G 426 -54.59 8.77 32.00
C GLY G 426 -53.95 10.11 32.26
N ALA G 427 -53.06 10.17 33.24
CA ALA G 427 -52.39 11.42 33.56
C ALA G 427 -51.00 11.23 34.13
N ASP G 428 -50.10 12.14 33.75
CA ASP G 428 -48.75 12.18 34.27
C ASP G 428 -48.63 13.51 35.03
N SER G 429 -48.01 13.48 36.20
CA SER G 429 -47.86 14.67 37.04
C SER G 429 -46.41 15.10 37.20
N TYR G 430 -46.22 16.37 37.51
CA TYR G 430 -44.90 16.90 37.77
C TYR G 430 -45.11 18.08 38.71
N VAL G 431 -44.14 18.34 39.58
CA VAL G 431 -44.25 19.47 40.51
C VAL G 431 -43.55 20.69 39.94
N SER G 432 -44.24 21.84 39.99
CA SER G 432 -43.71 23.10 39.50
C SER G 432 -43.45 24.06 40.67
N ASP G 433 -42.16 24.29 40.94
CA ASP G 433 -41.72 25.11 42.07
C ASP G 433 -41.14 26.42 41.57
N PRO G 434 -41.82 27.54 41.85
CA PRO G 434 -41.29 28.83 41.40
C PRO G 434 -39.95 29.25 42.00
N ALA G 435 -39.52 28.61 43.09
CA ALA G 435 -38.21 28.90 43.71
C ALA G 435 -37.09 28.25 42.91
N HIS G 436 -37.46 27.28 42.07
CA HIS G 436 -36.52 26.56 41.22
C HIS G 436 -37.09 26.49 39.82
N PRO G 437 -37.25 27.64 39.15
CA PRO G 437 -37.80 27.64 37.81
C PRO G 437 -36.79 27.04 36.83
N VAL G 438 -37.32 26.50 35.74
CA VAL G 438 -36.56 25.84 34.68
C VAL G 438 -35.84 26.90 33.86
N PRO G 439 -34.51 26.81 33.76
CA PRO G 439 -33.78 27.76 32.93
C PRO G 439 -34.17 27.60 31.47
N PHE G 440 -34.44 28.69 30.76
CA PHE G 440 -34.81 28.59 29.35
C PHE G 440 -33.63 28.16 28.49
N ILE G 441 -32.43 28.48 28.97
CA ILE G 441 -31.16 28.02 28.40
C ILE G 441 -30.26 27.82 29.61
N SER G 442 -29.17 27.09 29.42
CA SER G 442 -28.23 26.80 30.49
C SER G 442 -27.66 28.00 31.26
N ARG G 443 -27.56 27.87 32.58
CA ARG G 443 -27.00 28.93 33.41
C ARG G 443 -25.48 28.93 33.25
N PRO G 444 -24.83 30.09 33.41
CA PRO G 444 -25.43 31.39 33.70
C PRO G 444 -25.80 32.10 32.41
N PHE G 445 -26.80 32.97 32.49
CA PHE G 445 -27.18 33.72 31.32
C PHE G 445 -27.58 35.12 31.75
N ALA G 446 -27.11 36.09 30.99
CA ALA G 446 -27.41 37.49 31.18
C ALA G 446 -27.95 38.00 29.83
N PHE G 447 -29.00 38.83 29.82
CA PHE G 447 -29.58 39.34 28.59
C PHE G 447 -28.59 40.10 27.69
N ALA G 448 -27.52 40.62 28.28
CA ALA G 448 -26.44 41.29 27.54
C ALA G 448 -25.64 40.35 26.63
N GLN G 449 -25.63 39.06 26.96
CA GLN G 449 -24.90 38.06 26.16
C GLN G 449 -25.61 37.73 24.86
N SER G 450 -25.41 38.58 23.85
CA SER G 450 -26.03 38.39 22.53
C SER G 450 -25.68 37.07 21.86
N SER G 451 -24.45 36.63 21.98
CA SER G 451 -24.02 35.39 21.36
C SER G 451 -24.85 34.18 21.77
N ARG G 452 -25.39 34.22 22.99
CA ARG G 452 -26.22 33.12 23.48
C ARG G 452 -27.70 33.36 23.33
N TRP G 453 -28.12 34.61 23.22
CA TRP G 453 -29.53 34.95 23.03
C TRP G 453 -29.98 34.65 21.61
N LYS G 454 -29.19 35.05 20.64
CA LYS G 454 -29.57 34.86 19.25
C LYS G 454 -30.02 33.47 18.77
N PRO G 455 -29.28 32.40 19.08
CA PRO G 455 -29.65 31.04 18.69
C PRO G 455 -30.32 30.20 19.77
N TRP G 456 -30.93 30.84 20.77
CA TRP G 456 -31.44 30.07 21.90
C TRP G 456 -32.54 29.05 21.55
N LEU G 457 -33.32 29.34 20.52
CA LEU G 457 -34.39 28.44 20.10
C LEU G 457 -33.95 27.12 19.47
N VAL G 458 -32.68 26.97 19.08
CA VAL G 458 -32.17 25.71 18.53
C VAL G 458 -31.30 24.93 19.52
N GLN G 459 -31.24 25.38 20.78
CA GLN G 459 -30.43 24.67 21.78
C GLN G 459 -31.05 23.32 22.18
N ASP G 460 -30.21 22.38 22.58
CA ASP G 460 -30.57 21.04 23.02
C ASP G 460 -31.43 21.08 24.29
N GLN G 461 -32.54 20.34 24.26
CA GLN G 461 -33.46 20.32 25.38
C GLN G 461 -33.27 19.12 26.32
N ARG G 462 -32.09 18.49 26.28
CA ARG G 462 -31.79 17.38 27.18
C ARG G 462 -31.65 17.80 28.64
N GLU G 463 -31.15 19.02 28.88
CA GLU G 463 -31.02 19.54 30.23
C GLU G 463 -32.41 19.54 30.85
N ALA G 464 -33.38 20.09 30.13
CA ALA G 464 -34.76 20.15 30.58
C ALA G 464 -35.36 18.77 30.82
N GLU G 465 -35.14 17.85 29.88
CA GLU G 465 -35.66 16.49 29.99
C GLU G 465 -35.23 15.81 31.29
N SER G 466 -34.05 16.12 31.78
CA SER G 466 -33.51 15.46 32.96
C SER G 466 -34.16 15.87 34.27
N ARG G 467 -34.96 16.93 34.26
CA ARG G 467 -35.58 17.44 35.47
C ARG G 467 -36.96 16.85 35.76
N PRO G 468 -37.27 16.71 37.04
CA PRO G 468 -38.57 16.20 37.45
C PRO G 468 -39.67 17.25 37.30
N ASP G 469 -39.33 18.50 37.00
CA ASP G 469 -40.37 19.52 36.80
C ASP G 469 -40.69 19.73 35.33
N VAL G 470 -40.35 18.72 34.53
CA VAL G 470 -40.57 18.70 33.10
C VAL G 470 -41.06 17.30 32.72
N VAL G 471 -42.10 17.21 31.89
CA VAL G 471 -42.57 15.91 31.42
C VAL G 471 -42.23 15.79 29.93
N THR G 472 -41.65 14.65 29.57
CA THR G 472 -41.24 14.42 28.19
C THR G 472 -41.85 13.14 27.63
N TYR G 473 -42.33 13.25 26.39
CA TYR G 473 -42.98 12.17 25.63
C TYR G 473 -42.27 12.04 24.29
N GLU G 474 -42.14 10.82 23.78
CA GLU G 474 -41.51 10.60 22.49
C GLU G 474 -42.05 9.40 21.72
N THR G 475 -41.99 9.48 20.39
CA THR G 475 -42.41 8.36 19.57
C THR G 475 -41.30 7.32 19.60
N GLU G 476 -41.53 6.17 18.98
CA GLU G 476 -40.50 5.15 18.81
C GLU G 476 -39.61 5.74 17.73
N VAL G 477 -38.42 5.16 17.51
CA VAL G 477 -37.58 5.68 16.42
C VAL G 477 -38.35 5.48 15.12
N LEU G 478 -38.40 6.51 14.28
CA LEU G 478 -39.19 6.46 13.05
C LEU G 478 -38.65 5.58 11.91
N ASP G 479 -39.54 4.73 11.38
CA ASP G 479 -39.24 3.81 10.28
C ASP G 479 -39.52 4.44 8.93
N GLU G 480 -40.37 5.46 8.93
CA GLU G 480 -40.75 6.21 7.76
C GLU G 480 -40.75 7.68 8.20
N PRO G 481 -40.31 8.59 7.32
CA PRO G 481 -40.30 10.00 7.68
C PRO G 481 -41.70 10.60 7.80
N VAL G 482 -41.84 11.68 8.55
CA VAL G 482 -43.15 12.34 8.59
C VAL G 482 -42.88 13.79 8.23
N ARG G 483 -43.54 14.28 7.20
CA ARG G 483 -43.35 15.63 6.74
C ARG G 483 -44.39 16.56 7.33
N VAL G 484 -43.98 17.74 7.81
CA VAL G 484 -44.91 18.71 8.40
C VAL G 484 -44.72 20.07 7.75
N SER G 485 -45.79 20.77 7.43
CA SER G 485 -45.69 22.10 6.81
C SER G 485 -46.97 22.88 7.13
N GLY G 486 -46.88 23.82 8.06
CA GLY G 486 -48.03 24.63 8.48
C GLY G 486 -47.87 25.04 9.94
N VAL G 487 -48.97 25.43 10.57
CA VAL G 487 -48.84 25.87 11.97
C VAL G 487 -49.39 24.76 12.86
N PRO G 488 -48.57 24.26 13.78
CA PRO G 488 -49.08 23.24 14.72
C PRO G 488 -49.85 23.92 15.84
N VAL G 489 -50.76 23.18 16.47
CA VAL G 489 -51.63 23.72 17.50
C VAL G 489 -51.55 22.81 18.70
N ALA G 490 -51.31 23.38 19.87
CA ALA G 490 -51.27 22.62 21.10
C ALA G 490 -52.72 22.46 21.55
N ASP G 491 -53.16 21.21 21.77
CA ASP G 491 -54.49 20.91 22.27
C ASP G 491 -54.16 20.26 23.60
N LEU G 492 -54.06 21.10 24.64
CA LEU G 492 -53.64 20.68 25.97
C LEU G 492 -54.78 20.54 26.98
N PHE G 493 -54.77 19.43 27.71
CA PHE G 493 -55.75 19.11 28.72
C PHE G 493 -54.85 18.90 29.92
N ALA G 494 -54.88 19.89 30.80
CA ALA G 494 -54.00 19.94 31.95
C ALA G 494 -54.68 20.53 33.18
N ALA G 495 -54.29 20.03 34.35
CA ALA G 495 -54.81 20.47 35.65
C ALA G 495 -53.64 20.90 36.51
N THR G 496 -53.89 21.89 37.38
CA THR G 496 -52.92 22.44 38.32
C THR G 496 -53.61 22.54 39.67
N SER G 497 -52.84 22.30 40.72
CA SER G 497 -53.38 22.35 42.07
C SER G 497 -53.48 23.81 42.52
N GLY G 498 -52.92 24.74 41.75
CA GLY G 498 -52.97 26.17 42.08
C GLY G 498 -54.15 26.84 41.40
N THR G 499 -54.15 28.17 41.36
CA THR G 499 -55.22 28.92 40.70
C THR G 499 -54.75 29.72 39.50
N ASP G 500 -53.53 29.46 39.07
CA ASP G 500 -52.98 30.05 37.84
C ASP G 500 -51.82 29.13 37.47
N SER G 501 -51.33 29.27 36.24
CA SER G 501 -50.18 28.49 35.78
C SER G 501 -49.83 28.87 34.36
N ASP G 502 -48.56 28.68 34.02
CA ASP G 502 -48.09 28.87 32.65
C ASP G 502 -47.88 27.44 32.15
N TRP G 503 -48.04 27.30 30.84
CA TRP G 503 -47.87 26.03 30.17
C TRP G 503 -46.96 26.23 28.97
N VAL G 504 -45.78 25.63 29.06
CA VAL G 504 -44.81 25.69 27.98
C VAL G 504 -44.90 24.36 27.28
N VAL G 505 -45.05 24.41 25.95
CA VAL G 505 -45.15 23.22 25.12
C VAL G 505 -44.07 23.29 24.05
N LYS G 506 -43.28 22.23 23.93
CA LYS G 506 -42.23 22.17 22.92
C LYS G 506 -42.33 20.98 21.99
N LEU G 507 -42.33 21.25 20.69
CA LEU G 507 -42.29 20.22 19.65
C LEU G 507 -40.82 20.07 19.25
N ILE G 508 -40.30 18.86 19.40
CA ILE G 508 -38.89 18.52 19.19
C ILE G 508 -38.58 17.40 18.17
N ASP G 509 -37.47 17.55 17.46
CA ASP G 509 -36.95 16.55 16.52
C ASP G 509 -35.72 15.97 17.22
N VAL G 510 -35.82 14.72 17.65
CA VAL G 510 -34.70 14.04 18.28
C VAL G 510 -33.86 13.45 17.16
N GLN G 511 -32.62 13.88 17.10
CA GLN G 511 -31.69 13.40 16.10
C GLN G 511 -31.41 11.91 16.34
N PRO G 512 -30.89 11.21 15.33
CA PRO G 512 -30.56 9.80 15.50
C PRO G 512 -29.63 9.63 16.69
N ALA G 513 -29.84 8.54 17.45
CA ALA G 513 -29.07 8.23 18.65
C ALA G 513 -27.59 8.48 18.48
N MET G 514 -27.08 8.16 17.30
CA MET G 514 -25.71 8.44 16.94
C MET G 514 -25.73 9.13 15.58
N THR G 515 -24.93 10.18 15.46
CA THR G 515 -24.70 10.90 14.21
C THR G 515 -23.18 10.86 14.04
N PRO G 516 -22.68 9.80 13.44
CA PRO G 516 -21.23 9.59 13.35
C PRO G 516 -20.45 10.62 12.53
N ASP G 517 -21.12 11.33 11.62
CA ASP G 517 -20.46 12.34 10.80
C ASP G 517 -20.23 13.64 11.58
N ASP G 518 -21.04 13.87 12.61
CA ASP G 518 -20.97 15.03 13.52
C ASP G 518 -21.43 14.51 14.88
N PRO G 519 -20.54 13.81 15.61
CA PRO G 519 -20.80 13.11 16.86
C PRO G 519 -21.53 13.82 17.98
N LYS G 520 -21.37 15.13 18.07
CA LYS G 520 -22.02 15.91 19.12
C LYS G 520 -23.54 15.97 18.97
N MET G 521 -24.05 15.73 17.76
CA MET G 521 -25.48 15.82 17.50
C MET G 521 -26.25 14.54 17.85
N GLY G 522 -25.54 13.50 18.28
CA GLY G 522 -26.24 12.26 18.61
C GLY G 522 -27.31 12.45 19.68
N GLY G 523 -28.56 12.13 19.36
CA GLY G 523 -29.67 12.26 20.33
C GLY G 523 -30.05 13.67 20.75
N TYR G 524 -29.51 14.64 20.00
CA TYR G 524 -29.73 16.04 20.24
C TYR G 524 -31.22 16.35 20.14
N GLU G 525 -31.76 16.93 21.20
CA GLU G 525 -33.17 17.32 21.20
C GLU G 525 -33.32 18.74 20.64
N LEU G 526 -33.53 18.78 19.33
CA LEU G 526 -33.74 20.03 18.59
C LEU G 526 -35.17 20.57 18.51
N PRO G 527 -35.45 21.68 19.18
CA PRO G 527 -36.80 22.24 19.09
C PRO G 527 -37.12 22.81 17.72
N VAL G 528 -38.20 22.35 17.10
CA VAL G 528 -38.60 22.92 15.83
C VAL G 528 -39.70 23.96 16.06
N SER G 529 -40.42 23.86 17.18
CA SER G 529 -41.47 24.82 17.49
C SER G 529 -41.80 24.75 18.98
N MET G 530 -41.84 25.89 19.67
CA MET G 530 -42.24 25.92 21.07
C MET G 530 -42.86 27.26 21.49
N ASP G 531 -43.71 27.24 22.51
CA ASP G 531 -44.25 28.51 23.00
C ASP G 531 -44.82 28.29 24.37
N ILE G 532 -45.18 29.40 25.02
CA ILE G 532 -45.72 29.44 26.37
C ILE G 532 -47.10 30.07 26.35
N PHE G 533 -47.96 29.63 27.26
CA PHE G 533 -49.32 30.18 27.38
C PHE G 533 -49.60 30.50 28.84
N ARG G 534 -50.04 31.73 29.13
CA ARG G 534 -50.36 32.11 30.50
C ARG G 534 -51.82 31.71 30.72
N GLY G 535 -51.95 30.71 31.60
CA GLY G 535 -53.25 30.11 31.94
C GLY G 535 -54.47 30.95 32.24
N ARG G 536 -54.28 32.03 32.99
CA ARG G 536 -55.37 32.92 33.37
C ARG G 536 -56.17 33.42 32.14
N TYR G 537 -55.50 33.45 30.98
CA TYR G 537 -56.13 33.91 29.75
C TYR G 537 -56.75 32.81 28.89
N ARG G 538 -56.96 31.63 29.49
CA ARG G 538 -57.48 30.44 28.80
C ARG G 538 -58.79 30.63 28.03
N LYS G 539 -59.71 31.36 28.64
CA LYS G 539 -61.02 31.65 28.07
C LYS G 539 -61.02 32.95 27.25
N ASP G 540 -60.36 33.99 27.79
CA ASP G 540 -60.35 35.29 27.15
C ASP G 540 -59.06 36.04 27.45
N PHE G 541 -58.42 36.54 26.38
CA PHE G 541 -57.19 37.30 26.53
C PHE G 541 -57.39 38.68 27.18
N ALA G 542 -58.58 39.23 27.05
CA ALA G 542 -58.91 40.52 27.63
C ALA G 542 -59.43 40.42 29.06
N LYS G 543 -59.90 39.25 29.47
CA LYS G 543 -60.45 39.07 30.81
C LYS G 543 -59.85 37.88 31.52
N PRO G 544 -58.77 38.10 32.29
CA PRO G 544 -58.16 37.00 33.02
C PRO G 544 -59.05 36.44 34.14
N GLU G 545 -58.94 35.13 34.39
CA GLU G 545 -59.73 34.44 35.42
C GLU G 545 -58.95 33.31 36.05
N ALA G 546 -59.21 33.10 37.34
CA ALA G 546 -58.56 32.03 38.09
C ALA G 546 -58.86 30.69 37.44
N LEU G 547 -57.90 29.80 37.60
CA LEU G 547 -58.06 28.45 37.13
C LEU G 547 -58.67 27.67 38.30
N GLN G 548 -59.51 26.71 37.96
CA GLN G 548 -60.12 25.81 38.92
C GLN G 548 -59.08 24.78 39.39
N PRO G 549 -58.74 24.74 40.68
CA PRO G 549 -57.76 23.79 41.20
C PRO G 549 -58.17 22.34 40.95
N ASP G 550 -57.16 21.51 40.64
CA ASP G 550 -57.33 20.09 40.37
C ASP G 550 -58.35 19.74 39.29
N ALA G 551 -58.76 20.70 38.47
CA ALA G 551 -59.69 20.44 37.38
C ALA G 551 -58.89 20.39 36.07
N THR G 552 -59.19 19.42 35.21
CA THR G 552 -58.52 19.29 33.93
C THR G 552 -59.17 20.28 32.99
N LEU G 553 -58.38 21.23 32.50
CA LEU G 553 -58.90 22.29 31.63
C LEU G 553 -58.32 22.24 30.22
N HIS G 554 -59.14 22.65 29.27
CA HIS G 554 -58.75 22.67 27.86
C HIS G 554 -58.11 23.96 27.36
N TYR G 555 -56.87 23.87 26.90
CA TYR G 555 -56.08 24.99 26.38
C TYR G 555 -55.85 24.68 24.92
N HIS G 556 -55.96 25.72 24.09
CA HIS G 556 -55.83 25.55 22.66
C HIS G 556 -55.14 26.77 22.07
N PHE G 557 -53.90 26.56 21.62
CA PHE G 557 -53.13 27.66 21.07
C PHE G 557 -52.14 27.29 19.96
N THR G 558 -51.98 28.21 19.00
CA THR G 558 -51.06 27.99 17.90
C THR G 558 -49.61 28.14 18.34
N LEU G 559 -48.74 27.31 17.74
CA LEU G 559 -47.30 27.32 17.98
C LEU G 559 -46.58 27.88 16.75
N PRO G 560 -45.28 28.20 16.88
CA PRO G 560 -44.55 28.65 15.69
C PRO G 560 -44.60 27.68 14.51
N ALA G 561 -44.66 28.25 13.32
CA ALA G 561 -44.76 27.51 12.08
C ALA G 561 -43.59 26.56 11.88
N VAL G 562 -43.83 25.49 11.14
CA VAL G 562 -42.84 24.47 10.82
C VAL G 562 -42.94 24.07 9.34
N ASN G 563 -41.79 23.73 8.77
CA ASN G 563 -41.63 23.22 7.42
C ASN G 563 -40.42 22.30 7.62
N HIS G 564 -40.70 21.09 8.10
CA HIS G 564 -39.68 20.13 8.46
C HIS G 564 -39.98 18.71 7.95
N VAL G 565 -39.07 17.80 8.26
CA VAL G 565 -39.24 16.39 7.94
C VAL G 565 -38.51 15.71 9.08
N PHE G 566 -39.22 14.88 9.83
CA PHE G 566 -38.66 14.06 10.89
C PHE G 566 -38.27 12.81 10.08
N ALA G 567 -36.98 12.64 9.77
CA ALA G 567 -36.48 11.54 8.96
C ALA G 567 -36.37 10.24 9.73
N LYS G 568 -36.07 9.16 9.00
CA LYS G 568 -35.84 7.85 9.56
C LYS G 568 -34.69 7.88 10.56
N GLY G 569 -34.91 7.23 11.70
CA GLY G 569 -33.91 7.19 12.75
C GLY G 569 -34.11 8.28 13.78
N HIS G 570 -34.95 9.26 13.49
CA HIS G 570 -35.25 10.33 14.43
C HIS G 570 -36.43 9.92 15.29
N ARG G 571 -36.81 10.77 16.25
CA ARG G 571 -38.03 10.59 17.02
C ARG G 571 -38.70 11.96 17.07
N ILE G 572 -40.03 12.02 17.23
CA ILE G 572 -40.70 13.29 17.44
C ILE G 572 -40.82 13.32 18.96
N MET G 573 -40.56 14.45 19.60
CA MET G 573 -40.70 14.59 21.04
C MET G 573 -41.54 15.80 21.43
N VAL G 574 -42.16 15.68 22.59
CA VAL G 574 -42.95 16.76 23.17
C VAL G 574 -42.53 16.87 24.62
N GLN G 575 -42.22 18.10 25.01
CA GLN G 575 -41.89 18.46 26.39
C GLN G 575 -42.87 19.51 26.87
N ILE G 576 -43.30 19.33 28.11
CA ILE G 576 -44.23 20.27 28.75
C ILE G 576 -43.64 20.59 30.11
N GLN G 577 -43.67 21.87 30.43
CA GLN G 577 -43.20 22.41 31.70
C GLN G 577 -44.04 23.65 32.03
N SER G 578 -43.77 24.29 33.16
CA SER G 578 -44.55 25.47 33.58
C SER G 578 -43.77 26.74 33.94
N SER G 579 -42.50 26.80 33.57
CA SER G 579 -41.64 27.95 33.81
C SER G 579 -40.53 27.93 32.77
N TRP G 580 -39.98 29.11 32.44
CA TRP G 580 -39.01 29.30 31.36
C TRP G 580 -38.34 30.61 31.71
N PHE G 581 -37.38 30.49 32.61
CA PHE G 581 -36.75 31.61 33.31
C PHE G 581 -35.29 31.82 32.95
N PRO G 582 -34.82 33.09 32.98
CA PRO G 582 -35.52 34.33 33.29
C PRO G 582 -36.16 35.06 32.12
N LEU G 583 -36.21 34.45 30.94
CA LEU G 583 -36.85 35.07 29.81
C LEU G 583 -38.29 35.46 30.13
N TYR G 584 -39.04 34.54 30.73
CA TYR G 584 -40.42 34.81 31.13
C TYR G 584 -40.56 34.97 32.64
N ASP G 585 -41.32 35.98 33.07
CA ASP G 585 -41.49 36.12 34.51
C ASP G 585 -42.25 34.90 35.00
N ARG G 586 -42.00 34.52 36.25
CA ARG G 586 -42.61 33.34 36.84
C ARG G 586 -44.08 33.53 37.14
N ASN G 587 -44.88 32.50 36.84
CA ASN G 587 -46.28 32.55 37.20
C ASN G 587 -46.30 32.17 38.69
N PRO G 588 -46.90 33.01 39.54
CA PRO G 588 -46.90 32.65 40.94
C PRO G 588 -47.65 31.38 41.27
N GLN G 589 -48.51 30.94 40.37
CA GLN G 589 -49.35 29.74 40.54
C GLN G 589 -50.48 29.98 41.54
N LYS G 590 -50.77 31.26 41.75
CA LYS G 590 -51.84 31.73 42.62
C LYS G 590 -52.41 32.91 41.83
N PHE G 591 -53.72 32.93 41.63
CA PHE G 591 -54.29 34.02 40.87
C PHE G 591 -54.17 35.29 41.69
N VAL G 592 -53.47 36.28 41.12
CA VAL G 592 -53.27 37.59 41.74
C VAL G 592 -53.71 38.57 40.66
N PRO G 593 -54.21 39.74 41.07
CA PRO G 593 -54.72 40.71 40.09
C PRO G 593 -53.76 41.07 38.96
N ASN G 594 -52.51 41.33 39.32
CA ASN G 594 -51.45 41.69 38.37
C ASN G 594 -50.16 40.95 38.76
N ILE G 595 -49.69 40.08 37.88
CA ILE G 595 -48.48 39.30 38.11
C ILE G 595 -47.23 40.17 38.19
N PHE G 596 -47.21 41.31 37.52
CA PHE G 596 -46.08 42.21 37.69
C PHE G 596 -45.83 42.61 39.14
N ASP G 597 -46.91 42.70 39.94
CA ASP G 597 -46.87 43.08 41.34
C ASP G 597 -46.96 41.90 42.31
N ALA G 598 -46.66 40.69 41.86
CA ALA G 598 -46.73 39.56 42.79
C ALA G 598 -45.72 39.79 43.92
N LYS G 599 -46.08 39.33 45.12
CA LYS G 599 -45.29 39.43 46.34
C LYS G 599 -44.64 38.08 46.67
N PRO G 600 -43.61 38.07 47.52
CA PRO G 600 -42.92 36.81 47.84
C PRO G 600 -43.83 35.69 48.34
N ALA G 601 -44.83 36.03 49.15
CA ALA G 601 -45.77 35.03 49.68
C ALA G 601 -46.75 34.48 48.65
N ASP G 602 -46.93 35.19 47.53
CA ASP G 602 -47.85 34.72 46.48
C ASP G 602 -47.29 33.55 45.64
N TYR G 603 -45.99 33.32 45.69
CA TYR G 603 -45.39 32.26 44.88
C TYR G 603 -45.66 30.94 45.56
N THR G 604 -46.39 30.07 44.89
CA THR G 604 -46.82 28.78 45.43
C THR G 604 -46.36 27.57 44.64
N VAL G 605 -45.98 26.51 45.34
CA VAL G 605 -45.60 25.26 44.70
C VAL G 605 -46.92 24.64 44.24
N ALA G 606 -46.93 23.92 43.12
CA ALA G 606 -48.14 23.27 42.62
C ALA G 606 -47.80 21.99 41.88
N THR G 607 -48.75 21.06 41.89
CA THR G 607 -48.67 19.78 41.16
C THR G 607 -49.50 20.00 39.90
N GLN G 608 -48.85 19.77 38.77
CA GLN G 608 -49.45 19.93 37.46
C GLN G 608 -49.73 18.52 36.93
N SER G 609 -50.83 18.33 36.21
CA SER G 609 -51.18 17.03 35.65
C SER G 609 -51.61 17.12 34.20
N ILE G 610 -50.91 16.42 33.30
CA ILE G 610 -51.21 16.44 31.87
C ILE G 610 -52.00 15.18 31.52
N HIS G 611 -53.23 15.37 31.06
CA HIS G 611 -54.11 14.24 30.78
C HIS G 611 -53.83 13.73 29.37
N HIS G 612 -53.94 12.42 29.22
CA HIS G 612 -53.78 11.80 27.92
C HIS G 612 -54.85 10.74 27.70
N GLY G 613 -55.32 10.64 26.47
CA GLY G 613 -56.34 9.67 26.13
C GLY G 613 -57.75 10.11 26.43
N GLY G 614 -58.70 9.29 26.03
CA GLY G 614 -60.10 9.53 26.27
C GLY G 614 -60.62 10.79 25.65
N LYS G 615 -61.51 11.43 26.41
CA LYS G 615 -62.12 12.66 25.97
C LYS G 615 -61.27 13.91 26.24
N GLU G 616 -60.22 13.73 27.04
CA GLU G 616 -59.28 14.78 27.38
C GLU G 616 -57.90 14.41 26.86
N ALA G 617 -57.85 13.94 25.61
CA ALA G 617 -56.59 13.50 24.99
C ALA G 617 -55.63 14.61 24.57
N THR G 618 -54.63 14.92 25.38
CA THR G 618 -53.66 15.95 25.02
C THR G 618 -52.93 15.54 23.74
N SER G 619 -52.70 16.49 22.85
CA SER G 619 -51.98 16.22 21.62
C SER G 619 -51.54 17.49 20.92
N ILE G 620 -50.57 17.36 20.03
CA ILE G 620 -50.10 18.48 19.22
C ILE G 620 -50.69 18.20 17.84
N LEU G 621 -51.58 19.09 17.41
CA LEU G 621 -52.19 18.94 16.10
C LEU G 621 -51.15 19.32 15.06
N LEU G 622 -50.60 18.32 14.38
CA LEU G 622 -49.51 18.54 13.43
C LEU G 622 -49.95 18.75 12.00
N PRO G 623 -49.32 19.69 11.29
CA PRO G 623 -49.68 19.88 9.91
C PRO G 623 -48.94 18.86 9.05
N VAL G 624 -49.33 17.59 9.16
CA VAL G 624 -48.68 16.53 8.40
C VAL G 624 -49.11 16.63 6.94
N VAL G 625 -48.13 16.53 6.05
CA VAL G 625 -48.39 16.59 4.61
C VAL G 625 -47.77 15.38 3.94
N LYS G 626 -48.26 15.06 2.74
CA LYS G 626 -47.76 13.95 1.96
C LYS G 626 -46.68 14.43 1.01
N HIS H 10 -11.78 -23.60 47.35
CA HIS H 10 -11.69 -22.11 47.27
C HIS H 10 -12.90 -21.52 46.56
N ASP H 11 -13.47 -20.49 47.16
CA ASP H 11 -14.64 -19.81 46.63
C ASP H 11 -14.20 -19.02 45.40
N PRO H 12 -14.74 -19.36 44.21
CA PRO H 12 -14.36 -18.66 43.00
C PRO H 12 -14.87 -17.21 42.94
N LEU H 13 -15.90 -16.88 43.72
CA LEU H 13 -16.43 -15.51 43.76
C LEU H 13 -15.64 -14.60 44.73
N SER H 14 -14.51 -15.08 45.22
CA SER H 14 -13.64 -14.33 46.12
C SER H 14 -12.14 -14.54 45.91
N VAL H 15 -11.74 -15.76 45.57
CA VAL H 15 -10.32 -16.05 45.35
C VAL H 15 -10.11 -16.47 43.90
N GLN H 16 -9.29 -15.70 43.18
CA GLN H 16 -8.96 -15.98 41.78
C GLN H 16 -7.51 -16.44 41.72
N THR H 17 -7.32 -17.68 41.28
CA THR H 17 -5.99 -18.24 41.11
C THR H 17 -5.66 -18.36 39.62
N GLY H 18 -6.68 -18.15 38.78
CA GLY H 18 -6.51 -18.23 37.34
C GLY H 18 -6.38 -16.85 36.73
N SER H 19 -6.99 -16.64 35.57
CA SER H 19 -6.97 -15.37 34.85
C SER H 19 -8.33 -14.67 34.87
N ASP H 20 -8.32 -13.35 34.81
CA ASP H 20 -9.55 -12.55 34.73
C ASP H 20 -9.90 -12.23 33.29
N ILE H 21 -9.04 -12.67 32.38
CA ILE H 21 -9.24 -12.55 30.93
C ILE H 21 -9.91 -13.81 30.39
N PRO H 22 -11.19 -13.71 29.98
CA PRO H 22 -11.87 -14.91 29.47
C PRO H 22 -11.12 -15.53 28.28
N GLN H 32 -28.38 -7.00 18.67
CA GLN H 32 -28.86 -5.62 18.61
C GLN H 32 -28.49 -4.84 17.34
N ARG H 33 -27.54 -5.35 16.56
CA ARG H 33 -27.07 -4.69 15.35
C ARG H 33 -28.07 -4.74 14.20
N ASP H 34 -28.00 -3.74 13.32
CA ASP H 34 -28.85 -3.72 12.13
C ASP H 34 -28.09 -4.17 10.88
N TYR H 35 -27.00 -4.89 11.08
CA TYR H 35 -26.18 -5.42 9.99
C TYR H 35 -25.45 -6.67 10.45
N ILE H 36 -24.90 -7.44 9.50
CA ILE H 36 -24.06 -8.58 9.83
C ILE H 36 -22.76 -8.41 9.06
N LYS H 37 -21.66 -8.75 9.72
CA LYS H 37 -20.34 -8.59 9.14
C LYS H 37 -19.72 -9.97 8.98
N ARG H 38 -19.26 -10.28 7.77
CA ARG H 38 -18.60 -11.54 7.47
C ARG H 38 -17.16 -11.26 7.05
N GLU H 39 -16.24 -12.11 7.50
CA GLU H 39 -14.84 -12.00 7.16
C GLU H 39 -14.55 -13.30 6.41
N VAL H 40 -14.05 -13.18 5.17
CA VAL H 40 -13.75 -14.36 4.40
C VAL H 40 -12.39 -14.22 3.73
N MET H 41 -11.73 -15.35 3.49
CA MET H 41 -10.47 -15.37 2.77
C MET H 41 -10.82 -15.88 1.37
N VAL H 42 -10.83 -14.95 0.42
CA VAL H 42 -11.18 -15.23 -0.97
C VAL H 42 -9.94 -15.65 -1.74
N PRO H 43 -9.92 -16.89 -2.25
CA PRO H 43 -8.75 -17.34 -2.96
C PRO H 43 -8.68 -16.78 -4.38
N MET H 44 -7.49 -16.36 -4.80
CA MET H 44 -7.25 -15.83 -6.15
C MET H 44 -6.88 -17.01 -7.03
N ARG H 45 -6.71 -16.79 -8.33
CA ARG H 45 -6.37 -17.86 -9.28
C ARG H 45 -5.08 -18.61 -9.01
N ASP H 46 -4.14 -17.94 -8.34
CA ASP H 46 -2.86 -18.53 -8.00
C ASP H 46 -2.84 -19.13 -6.60
N GLY H 47 -3.97 -19.12 -5.90
CA GLY H 47 -4.02 -19.69 -4.55
C GLY H 47 -3.89 -18.70 -3.40
N VAL H 48 -3.36 -17.51 -3.68
CA VAL H 48 -3.23 -16.47 -2.65
C VAL H 48 -4.62 -16.02 -2.19
N LYS H 49 -4.81 -15.96 -0.88
CA LYS H 49 -6.11 -15.58 -0.33
C LYS H 49 -6.16 -14.16 0.20
N LEU H 50 -7.20 -13.43 -0.17
CA LEU H 50 -7.35 -12.03 0.25
C LEU H 50 -8.42 -11.79 1.31
N TYR H 51 -8.06 -11.07 2.36
CA TYR H 51 -8.98 -10.76 3.43
C TYR H 51 -10.12 -9.86 2.93
N THR H 52 -11.34 -10.35 3.05
CA THR H 52 -12.49 -9.63 2.52
C THR H 52 -13.53 -9.44 3.60
N VAL H 53 -13.98 -8.20 3.82
CA VAL H 53 -15.02 -7.90 4.82
C VAL H 53 -16.31 -7.51 4.10
N ILE H 54 -17.39 -8.17 4.47
CA ILE H 54 -18.69 -7.96 3.87
C ILE H 54 -19.72 -7.52 4.91
N VAL H 55 -20.24 -6.31 4.72
CA VAL H 55 -21.22 -5.74 5.65
C VAL H 55 -22.58 -5.72 4.98
N ILE H 56 -23.50 -6.51 5.51
CA ILE H 56 -24.81 -6.74 4.92
C ILE H 56 -25.92 -6.22 5.82
N PRO H 57 -26.85 -5.43 5.26
CA PRO H 57 -27.94 -4.95 6.12
C PRO H 57 -28.80 -6.13 6.55
N LYS H 58 -29.32 -6.14 7.78
CA LYS H 58 -30.19 -7.23 8.20
C LYS H 58 -31.39 -7.31 7.28
N ASN H 59 -31.89 -8.52 7.06
CA ASN H 59 -33.00 -8.71 6.14
C ASN H 59 -32.76 -8.03 4.79
N ALA H 60 -31.53 -8.12 4.29
CA ALA H 60 -31.18 -7.62 2.97
C ALA H 60 -31.50 -8.80 2.07
N ARG H 61 -32.12 -8.53 0.93
CA ARG H 61 -32.41 -9.58 -0.03
C ARG H 61 -32.36 -8.90 -1.41
N ASN H 62 -31.61 -9.50 -2.33
CA ASN H 62 -31.41 -8.98 -3.68
C ASN H 62 -30.83 -7.57 -3.62
N ALA H 63 -29.79 -7.39 -2.82
CA ALA H 63 -29.14 -6.10 -2.69
C ALA H 63 -27.89 -6.01 -3.56
N PRO H 64 -27.63 -4.82 -4.13
CA PRO H 64 -26.39 -4.65 -4.87
C PRO H 64 -25.17 -4.53 -3.95
N ILE H 65 -24.00 -4.86 -4.48
CA ILE H 65 -22.72 -4.82 -3.78
C ILE H 65 -21.88 -3.63 -4.22
N LEU H 66 -21.34 -2.88 -3.25
CA LEU H 66 -20.47 -1.75 -3.51
C LEU H 66 -19.15 -2.25 -3.01
N LEU H 67 -18.15 -2.37 -3.90
CA LEU H 67 -16.83 -2.92 -3.55
C LEU H 67 -15.66 -1.95 -3.63
N THR H 68 -14.77 -2.06 -2.66
CA THR H 68 -13.54 -1.29 -2.62
C THR H 68 -12.39 -2.20 -2.25
N ARG H 69 -11.28 -2.05 -2.98
CA ARG H 69 -10.07 -2.84 -2.71
C ARG H 69 -9.02 -1.83 -2.21
N THR H 70 -8.41 -2.12 -1.06
CA THR H 70 -7.53 -1.19 -0.37
C THR H 70 -6.21 -1.72 0.23
N PRO H 71 -5.18 -0.85 0.28
CA PRO H 71 -3.96 -1.14 0.97
C PRO H 71 -3.97 -0.46 2.34
N TYR H 72 -5.11 0.05 2.78
CA TYR H 72 -5.22 0.76 4.06
C TYR H 72 -6.06 0.09 5.12
N ASN H 73 -5.95 -1.24 5.20
CA ASN H 73 -6.58 -2.05 6.24
C ASN H 73 -8.09 -2.15 6.17
N ALA H 74 -8.56 -3.18 5.48
CA ALA H 74 -9.98 -3.43 5.24
C ALA H 74 -10.86 -3.58 6.51
N LYS H 75 -10.28 -4.20 7.52
CA LYS H 75 -10.93 -4.42 8.80
C LYS H 75 -11.19 -3.09 9.48
N GLY H 76 -10.24 -2.17 9.39
CA GLY H 76 -10.42 -0.81 9.93
C GLY H 76 -11.33 0.07 9.10
N ARG H 77 -11.24 -0.03 7.78
CA ARG H 77 -12.10 0.77 6.88
C ARG H 77 -13.59 0.50 7.10
N ALA H 78 -13.90 -0.74 7.42
CA ALA H 78 -15.26 -1.17 7.71
C ALA H 78 -15.60 -1.11 9.21
N ASN H 79 -14.82 -0.35 9.99
CA ASN H 79 -14.97 -0.16 11.44
C ASN H 79 -14.73 1.29 11.84
N ARG H 80 -15.39 2.22 11.17
CA ARG H 80 -15.20 3.65 11.46
C ARG H 80 -15.40 3.86 12.97
N VAL H 81 -16.52 3.35 13.47
CA VAL H 81 -16.84 3.32 14.88
C VAL H 81 -16.74 1.80 15.14
N PRO H 82 -15.70 1.37 15.84
CA PRO H 82 -15.48 -0.05 16.02
C PRO H 82 -16.65 -0.88 16.57
N ASN H 83 -17.05 -1.91 15.84
CA ASN H 83 -18.11 -2.81 16.27
C ASN H 83 -19.41 -2.11 16.63
N ALA H 84 -19.75 -1.05 15.90
CA ALA H 84 -20.93 -0.24 16.17
C ALA H 84 -22.20 -1.04 16.04
N LEU H 85 -23.26 -0.50 16.64
CA LEU H 85 -24.57 -1.13 16.61
C LEU H 85 -25.31 -0.88 15.32
N THR H 86 -24.95 0.18 14.58
CA THR H 86 -25.60 0.48 13.31
C THR H 86 -24.61 0.48 12.13
N MET H 87 -25.11 0.11 10.96
CA MET H 87 -24.30 0.06 9.75
C MET H 87 -23.84 1.45 9.32
N ARG H 88 -24.64 2.47 9.63
CA ARG H 88 -24.30 3.85 9.32
C ARG H 88 -23.04 4.27 10.07
N GLU H 89 -22.90 3.84 11.33
CA GLU H 89 -21.71 4.13 12.13
C GLU H 89 -20.48 3.30 11.75
N VAL H 90 -20.71 2.05 11.38
CA VAL H 90 -19.57 1.16 11.14
C VAL H 90 -18.90 1.48 9.80
N LEU H 91 -19.66 2.02 8.86
CA LEU H 91 -19.10 2.40 7.55
C LEU H 91 -18.70 3.89 7.50
N PRO H 92 -17.79 4.25 6.58
CA PRO H 92 -17.35 5.63 6.42
C PRO H 92 -18.45 6.60 6.06
N GLN H 93 -18.19 7.89 6.30
CA GLN H 93 -19.11 8.96 5.98
C GLN H 93 -19.54 8.99 4.50
N GLY H 94 -18.59 8.64 3.62
CA GLY H 94 -18.80 8.63 2.18
C GLY H 94 -19.74 7.57 1.66
N ASP H 95 -19.96 6.53 2.45
CA ASP H 95 -20.87 5.42 2.13
C ASP H 95 -22.29 5.69 2.64
N ASP H 96 -22.52 6.88 3.20
CA ASP H 96 -23.81 7.25 3.79
C ASP H 96 -25.03 7.01 2.91
N VAL H 97 -24.98 7.51 1.68
CA VAL H 97 -26.10 7.36 0.77
C VAL H 97 -26.35 5.91 0.36
N PHE H 98 -25.33 5.05 0.46
CA PHE H 98 -25.45 3.63 0.12
C PHE H 98 -25.97 2.77 1.27
N VAL H 99 -25.73 3.24 2.49
CA VAL H 99 -26.29 2.60 3.65
C VAL H 99 -27.79 2.88 3.61
N GLU H 100 -28.16 4.09 3.22
CA GLU H 100 -29.58 4.45 3.12
C GLU H 100 -30.26 3.68 1.99
N GLY H 101 -29.51 3.37 0.94
CA GLY H 101 -30.07 2.65 -0.20
C GLY H 101 -30.18 1.14 0.00
N GLY H 102 -29.62 0.61 1.08
CA GLY H 102 -29.66 -0.81 1.36
C GLY H 102 -28.60 -1.66 0.67
N TYR H 103 -27.52 -1.02 0.22
CA TYR H 103 -26.43 -1.76 -0.44
C TYR H 103 -25.62 -2.57 0.55
N ILE H 104 -24.96 -3.59 0.02
CA ILE H 104 -24.04 -4.44 0.75
C ILE H 104 -22.71 -3.76 0.51
N ARG H 105 -21.89 -3.66 1.54
CA ARG H 105 -20.58 -3.02 1.42
C ARG H 105 -19.42 -3.99 1.59
N VAL H 106 -18.48 -3.98 0.64
CA VAL H 106 -17.33 -4.86 0.70
C VAL H 106 -16.02 -4.08 0.62
N PHE H 107 -15.15 -4.37 1.58
CA PHE H 107 -13.82 -3.82 1.63
C PHE H 107 -12.87 -5.00 1.59
N GLN H 108 -11.86 -4.95 0.73
CA GLN H 108 -10.89 -6.03 0.59
C GLN H 108 -9.45 -5.56 0.63
N ASP H 109 -8.63 -6.27 1.41
CA ASP H 109 -7.20 -6.01 1.52
C ASP H 109 -6.54 -6.51 0.24
N ILE H 110 -5.84 -5.59 -0.44
CA ILE H 110 -5.14 -5.99 -1.64
C ILE H 110 -4.01 -6.95 -1.28
N ARG H 111 -3.57 -7.69 -2.29
CA ARG H 111 -2.50 -8.67 -2.21
C ARG H 111 -1.29 -8.08 -1.48
N GLY H 112 -0.85 -8.79 -0.45
CA GLY H 112 0.33 -8.44 0.32
C GLY H 112 0.16 -7.48 1.46
N LYS H 113 -1.06 -7.06 1.74
CA LYS H 113 -1.28 -6.10 2.81
C LYS H 113 -2.24 -6.62 3.86
N TYR H 114 -2.00 -6.17 5.09
CA TYR H 114 -2.80 -6.51 6.27
C TYR H 114 -3.21 -7.97 6.35
N GLY H 115 -4.49 -8.29 6.23
CA GLY H 115 -4.93 -9.67 6.38
C GLY H 115 -4.72 -10.58 5.18
N SER H 116 -4.30 -10.01 4.05
CA SER H 116 -4.11 -10.78 2.83
C SER H 116 -2.74 -11.43 2.72
N GLN H 117 -2.69 -12.53 1.97
CA GLN H 117 -1.45 -13.23 1.70
C GLN H 117 -0.86 -12.57 0.46
N GLY H 118 0.31 -13.05 0.06
CA GLY H 118 1.00 -12.61 -1.14
C GLY H 118 2.10 -11.59 -0.97
N ASP H 119 2.70 -11.25 -2.10
CA ASP H 119 3.76 -10.25 -2.13
C ASP H 119 3.16 -8.89 -2.47
N TYR H 120 3.59 -7.85 -1.76
CA TYR H 120 3.08 -6.51 -2.04
C TYR H 120 4.01 -5.76 -2.96
N VAL H 121 3.45 -5.20 -4.02
CA VAL H 121 4.19 -4.39 -4.98
C VAL H 121 3.47 -3.05 -5.13
N MET H 122 4.19 -1.97 -4.81
CA MET H 122 3.63 -0.64 -4.83
C MET H 122 3.05 -0.35 -6.19
N THR H 123 1.78 0.07 -6.20
CA THR H 123 1.04 0.38 -7.43
C THR H 123 1.44 -0.64 -8.49
N ARG H 124 1.10 -1.89 -8.18
CA ARG H 124 1.49 -3.04 -8.97
C ARG H 124 1.15 -2.85 -10.43
N PRO H 125 2.18 -2.86 -11.29
CA PRO H 125 1.92 -2.64 -12.71
C PRO H 125 1.07 -3.74 -13.34
N PRO H 126 0.38 -3.40 -14.45
CA PRO H 126 -0.44 -4.36 -15.15
C PRO H 126 0.42 -5.36 -15.89
N HIS H 127 -0.16 -6.51 -16.23
CA HIS H 127 0.56 -7.56 -16.94
C HIS H 127 1.20 -6.94 -18.17
N GLY H 128 2.49 -7.23 -18.35
CA GLY H 128 3.25 -6.66 -19.45
C GLY H 128 4.74 -6.70 -19.14
N PRO H 129 5.51 -5.77 -19.71
CA PRO H 129 6.95 -5.74 -19.45
C PRO H 129 7.33 -5.51 -18.00
N LEU H 130 6.51 -4.78 -17.25
CA LEU H 130 6.83 -4.49 -15.85
C LEU H 130 6.23 -5.49 -14.85
N ASN H 131 5.52 -6.50 -15.35
CA ASN H 131 4.89 -7.55 -14.54
C ASN H 131 4.62 -8.80 -15.39
N PRO H 132 5.62 -9.69 -15.51
CA PRO H 132 5.46 -10.89 -16.33
C PRO H 132 4.74 -12.06 -15.66
N THR H 133 4.17 -11.87 -14.48
CA THR H 133 3.50 -12.95 -13.77
C THR H 133 2.09 -13.13 -14.32
N LYS H 134 1.37 -14.12 -13.78
CA LYS H 134 0.01 -14.45 -14.17
C LYS H 134 -1.05 -13.65 -13.42
N THR H 135 -0.68 -12.85 -12.44
CA THR H 135 -1.66 -12.05 -11.72
C THR H 135 -1.29 -10.58 -11.61
N ASP H 136 -2.30 -9.76 -11.39
CA ASP H 136 -2.13 -8.32 -11.19
C ASP H 136 -3.39 -7.82 -10.51
N GLU H 137 -3.50 -6.51 -10.33
CA GLU H 137 -4.67 -5.93 -9.69
C GLU H 137 -5.96 -6.13 -10.50
N THR H 138 -5.84 -6.26 -11.83
CA THR H 138 -6.96 -6.52 -12.71
C THR H 138 -7.53 -7.92 -12.46
N THR H 139 -6.66 -8.92 -12.43
CA THR H 139 -7.11 -10.28 -12.21
C THR H 139 -7.59 -10.50 -10.78
N ASP H 140 -6.96 -9.84 -9.82
CA ASP H 140 -7.35 -9.98 -8.43
C ASP H 140 -8.79 -9.46 -8.30
N ALA H 141 -9.07 -8.31 -8.90
CA ALA H 141 -10.42 -7.77 -8.85
C ALA H 141 -11.39 -8.69 -9.59
N TRP H 142 -10.95 -9.33 -10.67
CA TRP H 142 -11.80 -10.23 -11.43
C TRP H 142 -12.26 -11.41 -10.57
N ASP H 143 -11.30 -12.07 -9.92
CA ASP H 143 -11.55 -13.22 -9.04
C ASP H 143 -12.38 -12.84 -7.82
N THR H 144 -12.16 -11.63 -7.32
CA THR H 144 -12.93 -11.15 -6.19
C THR H 144 -14.39 -10.98 -6.61
N VAL H 145 -14.66 -10.25 -7.69
CA VAL H 145 -16.03 -10.09 -8.14
C VAL H 145 -16.70 -11.44 -8.47
N ASP H 146 -15.93 -12.37 -9.01
CA ASP H 146 -16.47 -13.68 -9.39
C ASP H 146 -16.96 -14.42 -8.16
N TRP H 147 -16.17 -14.37 -7.10
CA TRP H 147 -16.50 -15.04 -5.86
C TRP H 147 -17.71 -14.37 -5.21
N LEU H 148 -17.73 -13.04 -5.21
CA LEU H 148 -18.86 -12.35 -4.59
C LEU H 148 -20.23 -12.68 -5.17
N VAL H 149 -20.34 -12.72 -6.50
CA VAL H 149 -21.65 -12.97 -7.13
C VAL H 149 -22.13 -14.39 -7.01
N HIS H 150 -21.22 -15.34 -6.73
CA HIS H 150 -21.58 -16.74 -6.51
C HIS H 150 -21.68 -17.12 -5.04
N ASN H 151 -21.27 -16.26 -4.11
CA ASN H 151 -21.24 -16.58 -2.67
C ASN H 151 -21.84 -15.58 -1.67
N VAL H 152 -22.66 -14.68 -2.14
CA VAL H 152 -23.32 -13.70 -1.27
C VAL H 152 -24.81 -13.81 -1.59
N PRO H 153 -25.50 -14.77 -0.96
CA PRO H 153 -26.92 -15.02 -1.24
C PRO H 153 -27.83 -13.82 -1.06
N GLU H 154 -27.46 -12.91 -0.16
CA GLU H 154 -28.29 -11.74 0.03
C GLU H 154 -28.21 -10.74 -1.11
N SER H 155 -27.21 -10.86 -1.99
CA SER H 155 -27.06 -9.92 -3.10
C SER H 155 -27.80 -10.32 -4.38
N ASN H 156 -27.87 -9.38 -5.32
CA ASN H 156 -28.47 -9.59 -6.64
C ASN H 156 -27.44 -9.94 -7.73
N GLY H 157 -26.19 -10.11 -7.31
CA GLY H 157 -25.12 -10.45 -8.22
C GLY H 157 -24.65 -9.32 -9.11
N ARG H 158 -24.92 -8.08 -8.72
CA ARG H 158 -24.47 -6.92 -9.51
C ARG H 158 -23.48 -6.25 -8.56
N VAL H 159 -22.35 -5.80 -9.11
CA VAL H 159 -21.32 -5.15 -8.34
C VAL H 159 -20.94 -3.81 -8.95
N GLY H 160 -20.75 -2.83 -8.06
CA GLY H 160 -20.26 -1.51 -8.41
C GLY H 160 -18.94 -1.33 -7.67
N MET H 161 -17.97 -0.66 -8.27
CA MET H 161 -16.68 -0.41 -7.61
C MET H 161 -16.42 1.07 -7.43
N THR H 162 -15.85 1.43 -6.28
CA THR H 162 -15.54 2.83 -6.00
C THR H 162 -14.36 2.83 -5.05
N GLY H 163 -13.79 4.00 -4.86
CA GLY H 163 -12.65 4.21 -3.99
C GLY H 163 -11.93 5.48 -4.38
N SER H 164 -11.21 6.04 -3.42
CA SER H 164 -10.47 7.27 -3.68
C SER H 164 -8.98 6.96 -3.51
N SER H 165 -8.14 7.72 -4.20
CA SER H 165 -6.68 7.62 -4.10
C SER H 165 -6.19 6.24 -4.57
N TYR H 166 -5.54 5.46 -3.70
CA TYR H 166 -5.05 4.14 -4.09
C TYR H 166 -6.25 3.22 -4.28
N GLU H 167 -7.33 3.50 -3.54
CA GLU H 167 -8.58 2.75 -3.68
C GLU H 167 -9.23 3.07 -5.02
N GLY H 168 -8.87 4.21 -5.59
CA GLY H 168 -9.33 4.57 -6.93
C GLY H 168 -8.49 3.82 -7.95
N PHE H 169 -7.20 3.67 -7.68
CA PHE H 169 -6.26 2.96 -8.55
C PHE H 169 -6.74 1.54 -8.83
N THR H 170 -7.24 0.87 -7.80
CA THR H 170 -7.74 -0.50 -7.90
C THR H 170 -9.01 -0.57 -8.74
N VAL H 171 -9.76 0.52 -8.83
CA VAL H 171 -10.96 0.56 -9.64
C VAL H 171 -10.46 0.65 -11.10
N VAL H 172 -9.52 1.56 -11.34
CA VAL H 172 -8.98 1.73 -12.68
C VAL H 172 -8.40 0.39 -13.18
N MET H 173 -7.62 -0.27 -12.34
CA MET H 173 -7.01 -1.56 -12.69
C MET H 173 -8.06 -2.60 -13.07
N ALA H 174 -9.20 -2.57 -12.40
CA ALA H 174 -10.27 -3.52 -12.68
C ALA H 174 -10.90 -3.23 -14.05
N LEU H 175 -11.01 -1.94 -14.37
CA LEU H 175 -11.58 -1.51 -15.64
C LEU H 175 -10.73 -1.99 -16.83
N LEU H 176 -9.47 -2.35 -16.62
CA LEU H 176 -8.64 -2.83 -17.72
C LEU H 176 -9.21 -4.12 -18.32
N ASP H 177 -9.83 -4.96 -17.50
CA ASP H 177 -10.49 -6.20 -17.94
C ASP H 177 -11.51 -6.57 -16.86
N PRO H 178 -12.67 -5.90 -16.89
CA PRO H 178 -13.67 -6.09 -15.86
C PRO H 178 -14.46 -7.37 -15.90
N HIS H 179 -14.91 -7.85 -14.73
CA HIS H 179 -15.73 -9.03 -14.67
C HIS H 179 -17.08 -8.58 -15.21
N PRO H 180 -17.78 -9.45 -15.95
CA PRO H 180 -19.10 -9.06 -16.50
C PRO H 180 -20.11 -8.62 -15.45
N ALA H 181 -19.91 -9.00 -14.20
CA ALA H 181 -20.83 -8.60 -13.12
C ALA H 181 -20.54 -7.19 -12.57
N LEU H 182 -19.42 -6.61 -13.00
CA LEU H 182 -19.06 -5.25 -12.64
C LEU H 182 -19.90 -4.34 -13.54
N LYS H 183 -20.98 -3.82 -12.97
CA LYS H 183 -21.89 -3.01 -13.76
C LYS H 183 -21.64 -1.51 -13.84
N VAL H 184 -20.81 -0.99 -12.95
CA VAL H 184 -20.61 0.45 -12.87
C VAL H 184 -19.42 0.79 -11.96
N ALA H 185 -18.71 1.86 -12.31
CA ALA H 185 -17.51 2.22 -11.55
C ALA H 185 -17.36 3.73 -11.29
N ALA H 186 -16.74 4.03 -10.16
CA ALA H 186 -16.51 5.39 -9.73
C ALA H 186 -15.12 5.61 -9.13
N PRO H 187 -14.09 5.74 -9.99
CA PRO H 187 -12.76 6.05 -9.50
C PRO H 187 -12.72 7.53 -9.04
N GLU H 188 -12.38 7.71 -7.77
CA GLU H 188 -12.32 9.03 -7.11
C GLU H 188 -10.86 9.38 -6.89
N SER H 189 -10.46 10.58 -7.29
CA SER H 189 -9.06 10.99 -7.23
C SER H 189 -8.07 9.83 -7.39
N PRO H 190 -8.12 9.09 -8.50
CA PRO H 190 -7.25 7.92 -8.64
C PRO H 190 -5.81 8.22 -9.01
N MET H 191 -4.91 7.31 -8.63
CA MET H 191 -3.48 7.38 -8.94
C MET H 191 -3.40 6.76 -10.34
N VAL H 192 -3.15 7.59 -11.36
CA VAL H 192 -3.10 7.17 -12.77
C VAL H 192 -1.70 7.26 -13.42
N ASP H 193 -1.03 8.38 -13.20
CA ASP H 193 0.32 8.61 -13.70
C ASP H 193 1.12 9.33 -12.63
N GLY H 194 1.86 8.54 -11.86
CA GLY H 194 2.63 9.08 -10.75
C GLY H 194 3.80 9.97 -11.09
N TRP H 195 4.18 10.05 -12.36
CA TRP H 195 5.28 10.90 -12.81
C TRP H 195 4.77 12.21 -13.41
N MET H 196 3.71 12.15 -14.20
CA MET H 196 3.21 13.36 -14.85
C MET H 196 2.60 14.39 -13.90
N GLY H 197 1.76 13.93 -12.98
CA GLY H 197 1.13 14.86 -12.07
C GLY H 197 0.30 14.29 -10.93
N ASP H 198 0.64 13.09 -10.47
CA ASP H 198 -0.07 12.50 -9.33
C ASP H 198 0.84 12.57 -8.08
N ASP H 199 1.07 11.45 -7.40
CA ASP H 199 1.79 11.45 -6.12
C ASP H 199 3.31 11.58 -6.05
N TRP H 200 4.04 11.01 -7.00
CA TRP H 200 5.50 11.02 -6.92
C TRP H 200 6.23 12.21 -7.54
N PHE H 201 5.76 12.67 -8.69
CA PHE H 201 6.34 13.80 -9.38
C PHE H 201 5.25 14.62 -10.07
N HIS H 202 5.54 15.89 -10.32
CA HIS H 202 4.70 16.80 -11.08
C HIS H 202 5.64 17.32 -12.13
N TYR H 203 5.47 16.87 -13.37
CA TYR H 203 6.34 17.26 -14.49
C TYR H 203 7.81 17.05 -14.15
N GLY H 204 8.12 15.91 -13.56
CA GLY H 204 9.49 15.59 -13.18
C GLY H 204 10.00 16.12 -11.87
N ALA H 205 9.23 17.01 -11.22
CA ALA H 205 9.62 17.57 -9.94
C ALA H 205 9.15 16.63 -8.84
N PHE H 206 10.09 16.07 -8.09
CA PHE H 206 9.79 15.13 -7.02
C PHE H 206 9.13 15.66 -5.76
N ARG H 207 8.11 14.94 -5.31
CA ARG H 207 7.33 15.31 -4.12
C ARG H 207 7.87 14.59 -2.89
N GLN H 208 8.47 15.37 -2.00
CA GLN H 208 9.19 14.82 -0.84
C GLN H 208 8.37 14.10 0.24
N GLY H 209 7.05 14.30 0.24
CA GLY H 209 6.18 13.63 1.19
C GLY H 209 6.08 12.15 0.91
N ALA H 210 6.57 11.71 -0.26
CA ALA H 210 6.56 10.30 -0.64
C ALA H 210 7.34 9.42 0.33
N PHE H 211 8.38 9.95 0.95
CA PHE H 211 9.19 9.12 1.85
C PHE H 211 8.44 8.54 3.04
N ASP H 212 7.64 9.37 3.71
CA ASP H 212 6.86 8.93 4.86
C ASP H 212 5.88 7.86 4.44
N TYR H 213 5.27 8.05 3.27
CA TYR H 213 4.28 7.12 2.74
C TYR H 213 4.89 5.74 2.52
N PHE H 214 6.11 5.72 1.98
CA PHE H 214 6.81 4.49 1.70
C PHE H 214 7.09 3.69 2.97
N VAL H 215 7.62 4.37 3.98
CA VAL H 215 7.99 3.70 5.22
C VAL H 215 6.70 3.26 5.91
N SER H 216 5.66 4.07 5.74
CA SER H 216 4.38 3.77 6.38
C SER H 216 3.69 2.55 5.78
N GLN H 217 3.78 2.41 4.46
CA GLN H 217 3.11 1.36 3.72
C GLN H 217 3.94 0.14 3.32
N MET H 218 5.26 0.26 3.35
CA MET H 218 6.11 -0.86 2.93
C MET H 218 7.10 -1.39 3.97
N THR H 219 6.96 -0.97 5.21
CA THR H 219 7.82 -1.46 6.27
C THR H 219 7.37 -2.87 6.67
N ALA H 220 6.06 -3.09 6.70
CA ALA H 220 5.51 -4.39 7.07
C ALA H 220 4.24 -4.69 6.27
N ARG H 221 3.78 -5.92 6.38
CA ARG H 221 2.55 -6.37 5.76
C ARG H 221 1.41 -5.55 6.32
N GLY H 222 1.42 -5.39 7.65
CA GLY H 222 0.42 -4.58 8.33
C GLY H 222 0.89 -3.15 8.46
N GLY H 223 0.61 -2.56 9.60
CA GLY H 223 0.95 -1.16 9.82
C GLY H 223 2.45 -0.92 9.90
N GLY H 224 2.86 0.29 9.52
CA GLY H 224 4.25 0.73 9.64
C GLY H 224 4.25 2.02 10.44
N ASN H 225 5.40 2.68 10.51
CA ASN H 225 5.56 3.98 11.20
C ASN H 225 6.12 5.08 10.32
N ASP H 226 6.02 6.34 10.77
CA ASP H 226 6.59 7.47 10.02
C ASP H 226 8.09 7.47 10.31
N ILE H 227 8.80 8.34 9.60
CA ILE H 227 10.23 8.51 9.72
C ILE H 227 10.48 9.51 10.85
N PRO H 228 11.28 9.08 11.84
CA PRO H 228 11.62 9.96 12.96
C PRO H 228 12.33 11.21 12.49
N ARG H 229 11.93 12.36 13.02
CA ARG H 229 12.47 13.65 12.63
C ARG H 229 13.32 14.34 13.72
N ARG H 230 14.27 15.13 13.26
CA ARG H 230 15.14 15.92 14.10
C ARG H 230 14.41 17.19 14.55
N ASP H 231 13.86 17.91 13.56
CA ASP H 231 13.18 19.18 13.77
C ASP H 231 11.68 19.06 13.53
N ALA H 232 10.93 19.91 14.21
CA ALA H 232 9.49 19.97 14.07
C ALA H 232 9.12 20.46 12.66
N ASP H 233 9.96 21.29 12.04
CA ASP H 233 9.73 21.88 10.72
C ASP H 233 10.46 21.14 9.61
N ASP H 234 9.69 20.58 8.68
CA ASP H 234 10.28 19.85 7.56
C ASP H 234 11.02 20.76 6.58
N TYR H 235 10.79 22.07 6.61
CA TYR H 235 11.56 22.99 5.78
C TYR H 235 13.00 22.83 6.25
N THR H 236 13.20 22.87 7.57
CA THR H 236 14.53 22.68 8.16
C THR H 236 15.06 21.26 7.94
N ASN H 237 14.30 20.23 8.29
CA ASN H 237 14.76 18.85 8.13
C ASN H 237 15.23 18.50 6.72
N PHE H 238 14.49 18.92 5.71
CA PHE H 238 14.92 18.63 4.33
C PHE H 238 16.04 19.51 3.78
N LEU H 239 16.09 20.75 4.23
CA LEU H 239 17.13 21.66 3.80
C LEU H 239 18.45 21.21 4.39
N LYS H 240 18.46 20.80 5.65
CA LYS H 240 19.67 20.33 6.33
C LYS H 240 20.19 19.02 5.74
N ALA H 241 19.27 18.18 5.25
CA ALA H 241 19.64 16.91 4.63
C ALA H 241 20.22 17.12 3.24
N GLY H 242 19.86 18.22 2.59
CA GLY H 242 20.38 18.57 1.27
C GLY H 242 19.47 18.10 0.15
N SER H 243 19.84 17.01 -0.49
CA SER H 243 19.06 16.48 -1.59
C SER H 243 18.04 15.51 -1.04
N ALA H 244 17.15 15.09 -1.92
CA ALA H 244 16.09 14.15 -1.54
C ALA H 244 16.72 12.79 -1.27
N GLY H 245 17.66 12.37 -2.10
CA GLY H 245 18.35 11.08 -1.96
C GLY H 245 19.15 11.00 -0.69
N SER H 246 19.67 12.13 -0.24
CA SER H 246 20.42 12.22 0.99
C SER H 246 19.47 12.01 2.19
N PHE H 247 18.27 12.56 2.10
CA PHE H 247 17.27 12.40 3.15
C PHE H 247 16.83 10.93 3.19
N ALA H 248 16.63 10.35 2.01
CA ALA H 248 16.23 8.96 1.92
C ALA H 248 17.25 8.06 2.62
N THR H 249 18.52 8.27 2.29
CA THR H 249 19.60 7.48 2.83
C THR H 249 19.64 7.55 4.34
N GLN H 250 19.58 8.77 4.88
CA GLN H 250 19.58 8.98 6.32
C GLN H 250 18.37 8.31 6.97
N ALA H 251 17.22 8.32 6.27
CA ALA H 251 16.03 7.66 6.77
C ALA H 251 16.03 6.13 6.62
N GLY H 252 17.06 5.56 6.00
CA GLY H 252 17.14 4.10 5.82
C GLY H 252 16.40 3.55 4.63
N LEU H 253 15.92 4.42 3.75
CA LEU H 253 15.15 4.00 2.59
C LEU H 253 15.90 3.21 1.51
N ASP H 254 17.23 3.19 1.58
CA ASP H 254 18.02 2.49 0.57
C ASP H 254 17.77 0.98 0.50
N GLN H 255 17.18 0.42 1.56
CA GLN H 255 16.84 -1.00 1.61
C GLN H 255 15.42 -1.34 1.11
N TYR H 256 14.65 -0.33 0.71
CA TYR H 256 13.27 -0.49 0.23
C TYR H 256 13.30 -0.57 -1.31
N PRO H 257 12.94 -1.74 -1.88
CA PRO H 257 12.94 -1.94 -3.32
C PRO H 257 12.24 -0.90 -4.19
N PHE H 258 11.05 -0.45 -3.80
CA PHE H 258 10.35 0.55 -4.60
C PHE H 258 11.17 1.81 -4.73
N TRP H 259 11.82 2.27 -3.65
CA TRP H 259 12.65 3.47 -3.71
C TRP H 259 13.85 3.25 -4.61
N GLN H 260 14.40 2.05 -4.57
CA GLN H 260 15.54 1.72 -5.40
C GLN H 260 15.15 1.95 -6.86
N ARG H 261 13.96 1.51 -7.24
CA ARG H 261 13.51 1.64 -8.62
C ARG H 261 13.25 3.10 -8.98
N MET H 262 12.54 3.81 -8.11
CA MET H 262 12.26 5.23 -8.36
C MET H 262 13.55 6.03 -8.50
N HIS H 263 14.51 5.77 -7.61
CA HIS H 263 15.77 6.49 -7.64
C HIS H 263 16.47 6.30 -8.99
N ALA H 264 16.37 5.09 -9.53
CA ALA H 264 16.99 4.74 -10.81
C ALA H 264 16.26 5.32 -12.03
N HIS H 265 15.01 5.72 -11.86
CA HIS H 265 14.20 6.28 -12.94
C HIS H 265 13.68 7.68 -12.69
N PRO H 266 14.56 8.68 -12.59
CA PRO H 266 14.06 10.04 -12.37
C PRO H 266 13.35 10.66 -13.56
N ALA H 267 13.58 10.15 -14.78
CA ALA H 267 12.97 10.66 -16.01
C ALA H 267 11.76 9.82 -16.40
N TYR H 268 10.98 10.29 -17.36
CA TYR H 268 9.77 9.58 -17.79
C TYR H 268 10.09 8.51 -18.85
N ASP H 269 10.89 7.53 -18.45
CA ASP H 269 11.36 6.46 -19.30
C ASP H 269 10.33 5.34 -19.35
N ALA H 270 10.70 4.16 -19.84
CA ALA H 270 9.78 3.03 -19.98
C ALA H 270 9.11 2.59 -18.67
N PHE H 271 9.84 2.72 -17.56
CA PHE H 271 9.31 2.36 -16.25
C PHE H 271 8.05 3.13 -15.91
N TRP H 272 8.04 4.45 -16.13
CA TRP H 272 6.87 5.26 -15.83
C TRP H 272 5.84 5.24 -16.95
N GLN H 273 6.31 5.18 -18.20
CA GLN H 273 5.40 5.14 -19.36
C GLN H 273 4.56 3.89 -19.33
N GLY H 274 5.13 2.80 -18.83
CA GLY H 274 4.44 1.51 -18.71
C GLY H 274 3.45 1.43 -17.57
N GLN H 275 3.30 2.52 -16.82
CA GLN H 275 2.35 2.63 -15.72
C GLN H 275 1.40 3.81 -15.88
N ALA H 276 1.37 4.42 -17.05
CA ALA H 276 0.48 5.54 -17.34
C ALA H 276 -0.85 4.91 -17.68
N LEU H 277 -1.70 4.75 -16.66
CA LEU H 277 -2.98 4.08 -16.85
C LEU H 277 -3.96 4.80 -17.79
N ASP H 278 -3.86 6.12 -17.91
CA ASP H 278 -4.77 6.82 -18.81
C ASP H 278 -4.60 6.34 -20.25
N LYS H 279 -3.35 6.12 -20.65
CA LYS H 279 -3.03 5.68 -21.99
C LYS H 279 -3.43 4.23 -22.19
N ILE H 280 -3.13 3.40 -21.21
CA ILE H 280 -3.42 1.97 -21.30
C ILE H 280 -4.93 1.76 -21.37
N LEU H 281 -5.66 2.43 -20.48
CA LEU H 281 -7.10 2.29 -20.40
C LEU H 281 -7.72 2.69 -21.74
N ALA H 282 -7.25 3.77 -22.34
CA ALA H 282 -7.76 4.23 -23.63
C ALA H 282 -7.61 3.19 -24.75
N GLN H 283 -6.55 2.40 -24.67
CA GLN H 283 -6.31 1.33 -25.62
C GLN H 283 -7.28 0.16 -25.41
N ARG H 284 -7.73 -0.03 -24.17
CA ARG H 284 -8.65 -1.11 -23.82
C ARG H 284 -10.11 -0.75 -24.08
N LYS H 285 -10.47 0.52 -23.95
CA LYS H 285 -11.83 1.00 -24.22
C LYS H 285 -12.91 0.22 -23.45
N PRO H 286 -12.99 0.41 -22.13
CA PRO H 286 -14.01 -0.30 -21.35
C PRO H 286 -15.42 0.21 -21.62
N THR H 287 -16.41 -0.66 -21.52
CA THR H 287 -17.81 -0.35 -21.75
C THR H 287 -18.62 -0.31 -20.45
N VAL H 288 -17.92 -0.22 -19.31
CA VAL H 288 -18.58 -0.11 -18.02
C VAL H 288 -18.89 1.38 -17.80
N PRO H 289 -20.14 1.73 -17.45
CA PRO H 289 -20.45 3.12 -17.15
C PRO H 289 -19.53 3.66 -16.06
N MET H 290 -18.93 4.82 -16.30
CA MET H 290 -17.95 5.40 -15.39
C MET H 290 -18.25 6.81 -14.97
N LEU H 291 -17.89 7.09 -13.73
CA LEU H 291 -18.06 8.40 -13.13
C LEU H 291 -16.66 8.70 -12.57
N TRP H 292 -15.96 9.62 -13.21
CA TRP H 292 -14.61 9.98 -12.81
C TRP H 292 -14.76 11.18 -11.90
N GLU H 293 -14.05 11.18 -10.78
CA GLU H 293 -14.10 12.27 -9.80
C GLU H 293 -12.78 12.77 -9.25
N GLN H 294 -12.71 14.08 -9.01
CA GLN H 294 -11.53 14.68 -8.40
C GLN H 294 -11.89 16.04 -7.88
N GLY H 295 -11.10 16.51 -6.93
CA GLY H 295 -11.34 17.82 -6.37
C GLY H 295 -10.65 18.84 -7.25
N LEU H 296 -11.25 20.01 -7.36
CA LEU H 296 -10.66 21.13 -8.08
C LEU H 296 -9.37 21.51 -7.36
N TRP H 297 -9.31 21.31 -6.05
CA TRP H 297 -8.09 21.58 -5.30
C TRP H 297 -7.49 20.29 -4.75
N ASP H 298 -7.38 19.26 -5.60
CA ASP H 298 -6.86 17.96 -5.20
C ASP H 298 -5.36 18.04 -5.07
N GLN H 299 -4.89 18.04 -3.82
CA GLN H 299 -3.47 18.24 -3.55
C GLN H 299 -2.56 17.02 -3.64
N GLU H 300 -3.11 15.87 -4.04
CA GLU H 300 -2.35 14.62 -4.17
C GLU H 300 -2.46 13.90 -5.51
N ASP H 301 -3.62 13.92 -6.16
CA ASP H 301 -3.79 13.24 -7.45
C ASP H 301 -4.57 14.15 -8.39
N MET H 302 -3.95 15.25 -8.80
CA MET H 302 -4.61 16.22 -9.67
C MET H 302 -4.68 15.81 -11.15
N TRP H 303 -3.83 14.89 -11.56
CA TRP H 303 -3.73 14.45 -12.95
C TRP H 303 -4.72 13.36 -13.35
N GLY H 304 -4.80 12.36 -12.50
CA GLY H 304 -5.64 11.20 -12.71
C GLY H 304 -6.97 11.18 -13.44
N ALA H 305 -8.02 11.54 -12.71
CA ALA H 305 -9.39 11.48 -13.19
C ALA H 305 -9.65 12.26 -14.47
N ILE H 306 -9.17 13.49 -14.54
CA ILE H 306 -9.43 14.31 -15.71
C ILE H 306 -8.72 13.77 -16.94
N HIS H 307 -7.47 13.34 -16.78
CA HIS H 307 -6.71 12.81 -17.90
C HIS H 307 -7.19 11.47 -18.41
N ALA H 308 -7.69 10.66 -17.49
CA ALA H 308 -8.21 9.34 -17.83
C ALA H 308 -9.55 9.50 -18.55
N TRP H 309 -10.37 10.42 -18.04
CA TRP H 309 -11.66 10.70 -18.63
C TRP H 309 -11.55 11.30 -20.03
N GLN H 310 -10.60 12.21 -20.21
CA GLN H 310 -10.39 12.86 -21.50
C GLN H 310 -9.83 11.87 -22.51
N ALA H 311 -9.02 10.93 -22.04
CA ALA H 311 -8.45 9.93 -22.94
C ALA H 311 -9.52 8.95 -23.41
N LEU H 312 -10.48 8.65 -22.56
CA LEU H 312 -11.56 7.73 -22.94
C LEU H 312 -12.52 8.44 -23.89
N LYS H 313 -12.74 9.73 -23.62
CA LYS H 313 -13.61 10.55 -24.44
C LYS H 313 -13.02 10.63 -25.86
N ASP H 314 -11.70 10.87 -25.95
CA ASP H 314 -11.01 10.96 -27.25
C ASP H 314 -10.96 9.62 -28.01
N ALA H 315 -10.97 8.52 -27.27
CA ALA H 315 -10.97 7.19 -27.88
C ALA H 315 -12.39 6.75 -28.20
N ASP H 316 -13.34 7.66 -27.97
CA ASP H 316 -14.76 7.48 -28.23
C ASP H 316 -15.35 6.24 -27.53
N VAL H 317 -15.14 6.20 -26.23
CA VAL H 317 -15.61 5.09 -25.41
C VAL H 317 -17.13 4.92 -25.56
N LYS H 318 -17.54 3.66 -25.69
CA LYS H 318 -18.94 3.32 -25.88
C LYS H 318 -19.60 3.00 -24.53
N ALA H 319 -19.66 3.99 -23.66
CA ALA H 319 -20.30 3.85 -22.34
C ALA H 319 -20.41 5.23 -21.69
N PRO H 320 -21.36 5.42 -20.76
CA PRO H 320 -21.42 6.70 -20.05
C PRO H 320 -20.06 6.98 -19.41
N ASN H 321 -19.56 8.20 -19.59
CA ASN H 321 -18.23 8.58 -19.14
C ASN H 321 -18.34 10.05 -18.74
N THR H 322 -18.61 10.30 -17.46
CA THR H 322 -18.79 11.63 -16.93
C THR H 322 -17.72 12.03 -15.93
N LEU H 323 -17.27 13.28 -16.02
CA LEU H 323 -16.30 13.80 -15.07
C LEU H 323 -17.03 14.65 -14.05
N VAL H 324 -16.68 14.50 -12.78
CA VAL H 324 -17.26 15.34 -11.74
C VAL H 324 -16.12 16.01 -10.98
N MET H 325 -16.17 17.34 -10.84
CA MET H 325 -15.16 18.04 -10.05
C MET H 325 -15.81 19.03 -9.08
N GLY H 326 -15.59 18.81 -7.79
CA GLY H 326 -16.17 19.62 -6.73
C GLY H 326 -15.15 20.52 -6.09
N PRO H 327 -15.59 21.41 -5.20
CA PRO H 327 -14.67 22.34 -4.56
C PRO H 327 -14.07 21.58 -3.38
N TRP H 328 -13.27 20.55 -3.66
CA TRP H 328 -12.77 19.69 -2.62
C TRP H 328 -11.29 19.46 -2.65
N ARG H 329 -10.75 19.03 -1.52
CA ARG H 329 -9.37 18.60 -1.42
C ARG H 329 -9.34 17.11 -1.80
N HIS H 330 -8.17 16.49 -1.77
CA HIS H 330 -8.03 15.10 -2.16
C HIS H 330 -8.90 14.18 -1.31
N SER H 331 -9.76 13.39 -1.95
CA SER H 331 -10.73 12.51 -1.29
C SER H 331 -11.79 13.31 -0.51
N GLY H 332 -11.89 14.62 -0.70
CA GLY H 332 -12.88 15.41 0.02
C GLY H 332 -14.32 15.05 -0.28
N VAL H 333 -14.53 14.41 -1.44
CA VAL H 333 -15.83 13.94 -1.87
C VAL H 333 -16.43 12.96 -0.86
N ASN H 334 -15.60 12.30 -0.05
CA ASN H 334 -16.10 11.34 0.93
C ASN H 334 -16.35 11.91 2.34
N TYR H 335 -16.33 13.22 2.47
CA TYR H 335 -16.54 13.89 3.74
C TYR H 335 -17.45 15.11 3.53
N ASN H 336 -17.23 16.19 4.29
CA ASN H 336 -18.06 17.38 4.19
C ASN H 336 -17.40 18.39 3.28
N GLY H 337 -18.13 18.83 2.28
CA GLY H 337 -17.62 19.79 1.31
C GLY H 337 -18.18 21.18 1.49
N SER H 338 -18.49 21.56 2.73
CA SER H 338 -19.06 22.87 3.00
C SER H 338 -18.01 23.96 2.94
N THR H 339 -16.80 23.58 3.34
CA THR H 339 -15.66 24.48 3.43
C THR H 339 -14.37 23.80 3.02
N LEU H 340 -13.33 24.60 2.83
CA LEU H 340 -11.97 24.19 2.48
C LEU H 340 -11.07 25.36 2.87
N GLY H 341 -10.32 25.16 3.95
CA GLY H 341 -9.49 26.21 4.49
C GLY H 341 -10.49 27.25 4.96
N PRO H 342 -10.27 28.52 4.60
CA PRO H 342 -11.17 29.61 4.97
C PRO H 342 -12.33 29.80 3.98
N LEU H 343 -12.33 29.07 2.88
CA LEU H 343 -13.37 29.21 1.87
C LEU H 343 -14.65 28.53 2.31
N GLU H 344 -15.79 29.13 1.94
CA GLU H 344 -17.11 28.61 2.26
C GLU H 344 -17.83 28.38 0.93
N PHE H 345 -18.50 27.23 0.81
CA PHE H 345 -19.24 26.91 -0.41
C PHE H 345 -20.73 26.78 -0.10
N GLU H 346 -21.55 26.61 -1.12
CA GLU H 346 -22.99 26.53 -0.92
C GLU H 346 -23.45 25.14 -0.49
N GLY H 347 -23.40 24.92 0.82
CA GLY H 347 -23.82 23.67 1.41
C GLY H 347 -22.78 22.58 1.30
N ASP H 348 -23.11 21.41 1.83
CA ASP H 348 -22.22 20.25 1.80
C ASP H 348 -22.22 19.70 0.40
N THR H 349 -21.36 20.29 -0.43
CA THR H 349 -21.24 19.96 -1.85
C THR H 349 -20.92 18.49 -2.11
N ALA H 350 -20.18 17.90 -1.19
CA ALA H 350 -19.82 16.49 -1.30
C ALA H 350 -21.05 15.63 -1.13
N HIS H 351 -21.84 15.88 -0.08
CA HIS H 351 -23.07 15.14 0.13
C HIS H 351 -24.04 15.36 -1.03
N GLN H 352 -24.13 16.59 -1.53
CA GLN H 352 -24.97 16.91 -2.69
C GLN H 352 -24.63 16.00 -3.88
N TYR H 353 -23.35 15.81 -4.16
CA TYR H 353 -22.92 14.93 -5.23
C TYR H 353 -23.24 13.47 -4.88
N ARG H 354 -22.93 13.04 -3.68
CA ARG H 354 -23.22 11.67 -3.32
C ARG H 354 -24.69 11.29 -3.52
N ARG H 355 -25.57 12.17 -3.07
CA ARG H 355 -27.01 11.94 -3.11
C ARG H 355 -27.64 12.20 -4.45
N ASP H 356 -27.23 13.25 -5.16
CA ASP H 356 -27.89 13.63 -6.40
C ASP H 356 -27.31 13.08 -7.68
N VAL H 357 -26.05 12.64 -7.64
CA VAL H 357 -25.41 12.11 -8.82
C VAL H 357 -24.85 10.70 -8.64
N PHE H 358 -23.98 10.50 -7.67
CA PHE H 358 -23.33 9.19 -7.44
C PHE H 358 -24.35 8.07 -7.22
N ARG H 359 -25.22 8.22 -6.22
CA ARG H 359 -26.22 7.21 -5.88
C ARG H 359 -27.20 6.87 -7.02
N PRO H 360 -27.90 7.85 -7.59
CA PRO H 360 -28.84 7.55 -8.68
C PRO H 360 -28.19 6.90 -9.90
N PHE H 361 -26.94 7.28 -10.22
CA PHE H 361 -26.17 6.69 -11.33
C PHE H 361 -25.83 5.22 -11.07
N PHE H 362 -25.43 4.96 -9.84
CA PHE H 362 -25.16 3.60 -9.38
C PHE H 362 -26.42 2.75 -9.36
N ASP H 363 -27.51 3.29 -8.84
CA ASP H 363 -28.81 2.59 -8.82
C ASP H 363 -29.31 2.19 -10.21
N GLU H 364 -29.04 3.02 -11.22
CA GLU H 364 -29.50 2.72 -12.58
C GLU H 364 -29.00 1.37 -13.09
N TYR H 365 -27.73 1.07 -12.81
CA TYR H 365 -27.09 -0.14 -13.25
C TYR H 365 -27.03 -1.26 -12.23
N LEU H 366 -27.28 -0.96 -10.95
CA LEU H 366 -27.20 -1.98 -9.89
C LEU H 366 -28.55 -2.41 -9.28
N LYS H 367 -29.56 -1.57 -9.41
CA LYS H 367 -30.89 -1.87 -8.91
C LYS H 367 -31.88 -1.84 -10.06
N PRO H 368 -32.02 -2.98 -10.77
CA PRO H 368 -32.94 -3.09 -11.90
C PRO H 368 -34.29 -2.45 -11.59
N GLY H 369 -34.82 -1.73 -12.57
CA GLY H 369 -36.08 -1.02 -12.40
C GLY H 369 -35.89 0.44 -12.00
N SER H 370 -34.70 0.81 -11.56
CA SER H 370 -34.44 2.16 -11.11
C SER H 370 -34.53 3.15 -12.27
N ALA H 371 -34.88 4.39 -11.95
CA ALA H 371 -35.01 5.41 -12.97
C ALA H 371 -33.65 5.61 -13.63
N SER H 372 -33.68 5.91 -14.92
CA SER H 372 -32.46 6.15 -15.66
C SER H 372 -32.05 7.59 -15.45
N VAL H 373 -30.76 7.83 -15.55
CA VAL H 373 -30.19 9.16 -15.43
C VAL H 373 -29.42 9.40 -16.71
N HIS H 374 -29.38 10.64 -17.16
CA HIS H 374 -28.68 11.00 -18.39
C HIS H 374 -27.67 12.08 -18.07
N LEU H 375 -26.49 11.63 -17.63
CA LEU H 375 -25.47 12.56 -17.21
C LEU H 375 -24.73 13.23 -18.36
N PRO H 376 -24.39 14.51 -18.19
CA PRO H 376 -23.69 15.24 -19.23
C PRO H 376 -22.22 14.87 -19.25
N ASP H 377 -21.43 15.50 -20.12
CA ASP H 377 -20.00 15.24 -20.17
C ASP H 377 -19.33 15.49 -18.83
N ALA H 378 -19.70 16.59 -18.18
CA ALA H 378 -19.08 16.95 -16.91
C ALA H 378 -20.04 17.72 -16.01
N ILE H 379 -19.91 17.49 -14.72
CA ILE H 379 -20.66 18.20 -13.68
C ILE H 379 -19.58 18.85 -12.82
N ILE H 380 -19.40 20.17 -12.94
CA ILE H 380 -18.32 20.84 -12.27
C ILE H 380 -18.85 22.00 -11.44
N TYR H 381 -18.37 22.13 -10.21
CA TYR H 381 -18.75 23.22 -9.33
C TYR H 381 -18.08 24.52 -9.77
N ASN H 382 -18.85 25.60 -9.72
CA ASN H 382 -18.34 26.90 -10.11
C ASN H 382 -17.86 27.66 -8.89
N THR H 383 -16.54 27.84 -8.84
CA THR H 383 -15.91 28.47 -7.69
C THR H 383 -16.09 29.99 -7.64
N GLY H 384 -16.80 30.56 -8.61
CA GLY H 384 -17.13 31.98 -8.69
C GLY H 384 -18.60 32.14 -8.42
N ASP H 385 -19.44 31.51 -9.24
CA ASP H 385 -20.90 31.57 -9.10
C ASP H 385 -21.44 30.75 -7.93
N GLN H 386 -20.61 29.90 -7.32
CA GLN H 386 -21.03 29.08 -6.17
C GLN H 386 -22.27 28.24 -6.48
N LYS H 387 -22.13 27.40 -7.50
CA LYS H 387 -23.21 26.52 -7.93
C LYS H 387 -22.64 25.42 -8.81
N TRP H 388 -23.43 24.37 -8.98
CA TRP H 388 -23.04 23.27 -9.86
C TRP H 388 -23.40 23.58 -11.32
N ASP H 389 -22.46 23.35 -12.22
CA ASP H 389 -22.69 23.53 -13.64
C ASP H 389 -22.71 22.15 -14.27
N TYR H 390 -23.70 21.92 -15.12
CA TYR H 390 -23.89 20.69 -15.88
C TYR H 390 -23.53 21.05 -17.31
N TYR H 391 -22.43 20.47 -17.81
CA TYR H 391 -21.94 20.77 -19.14
C TYR H 391 -22.11 19.58 -20.07
N ARG H 392 -23.04 19.75 -21.00
CA ARG H 392 -23.37 18.74 -21.99
C ARG H 392 -22.13 18.25 -22.73
N SER H 393 -21.35 19.24 -23.22
CA SER H 393 -20.05 19.03 -23.86
C SER H 393 -19.09 19.84 -23.02
N TRP H 394 -17.92 19.26 -22.73
CA TRP H 394 -16.90 19.96 -21.96
C TRP H 394 -15.51 19.35 -22.23
N PRO H 395 -14.49 20.21 -22.39
CA PRO H 395 -14.57 21.66 -22.35
C PRO H 395 -15.05 22.24 -23.67
N SER H 396 -15.54 23.48 -23.65
CA SER H 396 -16.00 24.16 -24.86
C SER H 396 -14.84 24.89 -25.51
N VAL H 397 -13.75 25.09 -24.77
CA VAL H 397 -12.55 25.74 -25.30
C VAL H 397 -11.26 25.00 -24.91
N CYS H 398 -10.33 24.90 -25.86
CA CYS H 398 -9.03 24.25 -25.61
C CYS H 398 -8.06 24.57 -26.74
N GLU H 399 -6.84 24.05 -26.66
CA GLU H 399 -5.87 24.33 -27.71
C GLU H 399 -6.16 23.77 -29.10
N SER H 400 -6.86 22.63 -29.18
CA SER H 400 -7.22 22.09 -30.50
C SER H 400 -8.44 21.15 -30.48
N ASN H 401 -9.20 21.17 -31.56
CA ASN H 401 -10.40 20.34 -31.71
C ASN H 401 -11.53 20.62 -30.72
N CYS H 402 -11.77 21.90 -30.49
CA CYS H 402 -12.86 22.41 -29.66
C CYS H 402 -13.64 23.50 -30.35
N THR H 403 -14.82 23.77 -29.81
CA THR H 403 -15.69 24.80 -30.35
C THR H 403 -14.95 26.13 -30.44
N GLY H 404 -14.08 26.40 -29.47
CA GLY H 404 -13.29 27.62 -29.43
C GLY H 404 -11.89 27.39 -28.91
N GLY H 405 -11.10 28.46 -28.94
CA GLY H 405 -9.72 28.39 -28.48
C GLY H 405 -9.51 29.11 -27.17
N LEU H 406 -8.27 29.05 -26.68
CA LEU H 406 -7.88 29.72 -25.45
C LEU H 406 -7.54 31.18 -25.70
N THR H 407 -7.81 32.02 -24.70
CA THR H 407 -7.59 33.47 -24.75
C THR H 407 -6.37 33.83 -23.91
N PRO H 408 -5.28 34.29 -24.54
CA PRO H 408 -4.07 34.63 -23.80
C PRO H 408 -4.17 35.85 -22.88
N LEU H 409 -3.69 35.69 -21.65
CA LEU H 409 -3.68 36.80 -20.69
C LEU H 409 -2.19 37.04 -20.56
N TYR H 410 -1.72 38.07 -21.26
CA TYR H 410 -0.31 38.42 -21.32
C TYR H 410 0.27 39.20 -20.16
N LEU H 411 1.51 38.89 -19.82
CA LEU H 411 2.28 39.64 -18.86
C LEU H 411 2.67 40.91 -19.59
N ALA H 412 2.74 41.99 -18.83
CA ALA H 412 3.07 43.29 -19.39
C ALA H 412 3.90 44.14 -18.45
N ASP H 413 4.31 45.30 -18.96
CA ASP H 413 5.09 46.25 -18.19
C ASP H 413 4.37 46.70 -16.93
N GLY H 414 5.17 47.13 -15.95
CA GLY H 414 4.60 47.60 -14.69
C GLY H 414 3.95 46.47 -13.92
N HIS H 415 4.42 45.25 -14.11
CA HIS H 415 3.87 44.08 -13.43
C HIS H 415 2.37 43.94 -13.60
N GLY H 416 1.94 44.13 -14.84
CA GLY H 416 0.55 44.03 -15.18
C GLY H 416 0.21 42.79 -15.98
N LEU H 417 -1.08 42.66 -16.23
CA LEU H 417 -1.68 41.61 -17.02
C LEU H 417 -2.72 42.27 -17.94
N SER H 418 -2.71 41.85 -19.20
CA SER H 418 -3.61 42.41 -20.20
C SER H 418 -3.96 41.42 -21.29
N PHE H 419 -5.19 41.49 -21.76
CA PHE H 419 -5.63 40.63 -22.86
C PHE H 419 -5.10 41.11 -24.21
N THR H 420 -4.48 42.28 -24.23
CA THR H 420 -3.87 42.89 -25.41
C THR H 420 -2.39 42.51 -25.48
N HIS H 421 -1.98 41.94 -26.61
CA HIS H 421 -0.61 41.53 -26.81
C HIS H 421 0.27 42.77 -26.81
N PRO H 422 1.22 42.89 -25.86
CA PRO H 422 2.12 44.04 -25.85
C PRO H 422 3.11 43.97 -27.01
N ALA H 423 3.20 45.01 -27.83
CA ALA H 423 4.08 44.99 -28.99
C ALA H 423 5.57 44.97 -28.65
N ALA H 424 5.97 45.80 -27.70
CA ALA H 424 7.37 45.93 -27.29
C ALA H 424 7.87 44.80 -26.38
N ASP H 425 9.15 44.47 -26.51
CA ASP H 425 9.80 43.44 -25.70
C ASP H 425 10.18 43.99 -24.33
N GLY H 426 10.23 43.10 -23.34
CA GLY H 426 10.61 43.49 -21.99
C GLY H 426 10.93 42.24 -21.17
N ALA H 427 11.46 42.42 -19.96
CA ALA H 427 11.74 41.28 -19.10
C ALA H 427 11.85 41.76 -17.67
N ASP H 428 11.41 40.93 -16.73
CA ASP H 428 11.49 41.20 -15.29
C ASP H 428 12.29 40.03 -14.73
N SER H 429 13.29 40.34 -13.90
CA SER H 429 14.15 39.32 -13.29
C SER H 429 13.90 39.15 -11.79
N TYR H 430 14.35 38.00 -11.29
CA TYR H 430 14.31 37.69 -9.86
C TYR H 430 15.41 36.68 -9.62
N VAL H 431 15.95 36.71 -8.40
CA VAL H 431 17.03 35.82 -8.04
C VAL H 431 16.46 34.63 -7.28
N SER H 432 16.89 33.43 -7.65
CA SER H 432 16.46 32.19 -7.05
C SER H 432 17.62 31.51 -6.34
N ASP H 433 17.66 31.63 -5.02
CA ASP H 433 18.73 31.05 -4.18
C ASP H 433 18.20 29.77 -3.54
N PRO H 434 18.78 28.61 -3.89
CA PRO H 434 18.38 27.34 -3.30
C PRO H 434 18.62 27.25 -1.78
N ALA H 435 19.48 28.10 -1.22
CA ALA H 435 19.71 28.09 0.22
C ALA H 435 18.52 28.66 0.97
N HIS H 436 17.71 29.46 0.28
CA HIS H 436 16.53 30.12 0.80
C HIS H 436 15.35 29.91 -0.14
N PRO H 437 14.86 28.66 -0.25
CA PRO H 437 13.73 28.34 -1.10
C PRO H 437 12.38 28.82 -0.55
N VAL H 438 11.48 29.05 -1.51
CA VAL H 438 10.17 29.58 -1.20
C VAL H 438 9.33 28.52 -0.52
N PRO H 439 8.86 28.81 0.70
CA PRO H 439 8.00 27.84 1.36
C PRO H 439 6.67 27.71 0.60
N PHE H 440 6.21 26.47 0.36
CA PHE H 440 4.96 26.25 -0.38
C PHE H 440 3.74 26.66 0.45
N ILE H 441 3.92 26.65 1.77
CA ILE H 441 2.98 27.15 2.73
C ILE H 441 3.82 27.63 3.91
N SER H 442 3.27 28.54 4.68
CA SER H 442 3.96 29.18 5.80
C SER H 442 4.67 28.24 6.76
N ARG H 443 5.90 28.60 7.15
CA ARG H 443 6.64 27.82 8.13
C ARG H 443 6.04 27.99 9.53
N PRO H 444 6.17 26.98 10.41
CA PRO H 444 6.78 25.69 10.17
C PRO H 444 5.75 24.73 9.60
N PHE H 445 6.22 23.71 8.91
CA PHE H 445 5.34 22.69 8.38
C PHE H 445 6.05 21.36 8.37
N ALA H 446 5.32 20.33 8.80
CA ALA H 446 5.81 18.96 8.82
C ALA H 446 4.77 18.19 8.03
N PHE H 447 5.21 17.22 7.23
CA PHE H 447 4.27 16.45 6.43
C PHE H 447 3.22 15.75 7.31
N ALA H 448 3.58 15.43 8.55
CA ALA H 448 2.64 14.79 9.48
C ALA H 448 1.43 15.66 9.85
N GLN H 449 1.52 16.97 9.61
CA GLN H 449 0.43 17.91 9.91
C GLN H 449 -0.63 17.88 8.83
N SER H 450 -1.49 16.87 8.91
CA SER H 450 -2.57 16.68 7.97
C SER H 450 -3.50 17.87 7.88
N SER H 451 -3.81 18.51 9.01
CA SER H 451 -4.71 19.66 9.02
C SER H 451 -4.21 20.81 8.14
N ARG H 452 -2.90 20.94 7.96
CA ARG H 452 -2.34 21.99 7.14
C ARG H 452 -2.00 21.61 5.70
N TRP H 453 -1.86 20.31 5.48
CA TRP H 453 -1.58 19.75 4.17
C TRP H 453 -2.82 19.69 3.31
N LYS H 454 -3.92 19.20 3.90
CA LYS H 454 -5.16 19.02 3.16
C LYS H 454 -5.65 20.22 2.34
N PRO H 455 -5.76 21.40 2.96
CA PRO H 455 -6.20 22.59 2.26
C PRO H 455 -5.08 23.47 1.74
N TRP H 456 -3.91 22.91 1.49
CA TRP H 456 -2.80 23.80 1.17
C TRP H 456 -2.96 24.61 -0.11
N LEU H 457 -3.67 24.07 -1.10
CA LEU H 457 -3.85 24.75 -2.38
C LEU H 457 -4.75 25.97 -2.37
N VAL H 458 -5.48 26.22 -1.28
CA VAL H 458 -6.36 27.39 -1.24
C VAL H 458 -5.85 28.50 -0.31
N GLN H 459 -4.60 28.39 0.14
CA GLN H 459 -3.95 29.34 1.05
C GLN H 459 -3.51 30.63 0.35
N ASP H 460 -3.55 31.73 1.11
CA ASP H 460 -3.21 33.05 0.61
C ASP H 460 -1.76 33.07 0.14
N GLN H 461 -1.54 33.58 -1.06
CA GLN H 461 -0.20 33.70 -1.66
C GLN H 461 0.44 35.07 -1.45
N ARG H 462 -0.08 35.87 -0.51
CA ARG H 462 0.54 37.16 -0.19
C ARG H 462 1.94 37.06 0.42
N GLU H 463 2.24 35.99 1.15
CA GLU H 463 3.59 35.77 1.68
C GLU H 463 4.59 35.62 0.54
N ALA H 464 4.22 34.85 -0.48
CA ALA H 464 5.10 34.69 -1.62
C ALA H 464 5.23 36.04 -2.37
N GLU H 465 4.15 36.78 -2.51
CA GLU H 465 4.18 38.06 -3.21
C GLU H 465 5.17 39.06 -2.59
N SER H 466 5.37 39.02 -1.27
CA SER H 466 6.28 39.95 -0.59
C SER H 466 7.75 39.66 -0.80
N ARG H 467 8.08 38.53 -1.41
CA ARG H 467 9.47 38.13 -1.56
C ARG H 467 10.09 38.59 -2.87
N PRO H 468 11.42 38.83 -2.87
CA PRO H 468 12.10 39.20 -4.09
C PRO H 468 12.43 38.06 -5.04
N ASP H 469 12.22 36.81 -4.61
CA ASP H 469 12.46 35.66 -5.46
C ASP H 469 11.16 35.10 -6.03
N VAL H 470 10.18 35.98 -6.19
CA VAL H 470 8.87 35.64 -6.73
C VAL H 470 8.45 36.91 -7.48
N VAL H 471 7.99 36.77 -8.72
CA VAL H 471 7.53 37.91 -9.54
C VAL H 471 6.02 37.84 -9.67
N THR H 472 5.36 38.96 -9.43
CA THR H 472 3.90 38.99 -9.48
C THR H 472 3.34 40.01 -10.46
N TYR H 473 2.31 39.56 -11.17
CA TYR H 473 1.61 40.36 -12.16
C TYR H 473 0.13 40.33 -11.83
N GLU H 474 -0.55 41.43 -12.12
CA GLU H 474 -1.97 41.54 -11.86
C GLU H 474 -2.68 42.50 -12.81
N THR H 475 -3.94 42.23 -13.07
CA THR H 475 -4.73 43.08 -13.94
C THR H 475 -5.19 44.25 -13.06
N GLU H 476 -5.90 45.19 -13.67
CA GLU H 476 -6.50 46.28 -12.91
C GLU H 476 -7.70 45.63 -12.23
N VAL H 477 -8.33 46.33 -11.29
CA VAL H 477 -9.52 45.78 -10.65
C VAL H 477 -10.59 45.72 -11.73
N LEU H 478 -11.19 44.53 -11.88
CA LEU H 478 -12.14 44.25 -12.93
C LEU H 478 -13.49 44.98 -12.89
N ASP H 479 -13.81 45.58 -14.05
CA ASP H 479 -15.06 46.29 -14.26
C ASP H 479 -16.14 45.34 -14.74
N GLU H 480 -15.75 44.27 -15.43
CA GLU H 480 -16.68 43.25 -15.92
C GLU H 480 -16.07 41.89 -15.54
N PRO H 481 -16.92 40.92 -15.17
CA PRO H 481 -16.41 39.60 -14.79
C PRO H 481 -15.87 38.80 -15.96
N VAL H 482 -14.89 37.93 -15.72
CA VAL H 482 -14.39 37.09 -16.82
C VAL H 482 -14.58 35.65 -16.36
N ARG H 483 -15.25 34.86 -17.19
CA ARG H 483 -15.56 33.49 -16.84
C ARG H 483 -14.55 32.56 -17.47
N VAL H 484 -14.10 31.58 -16.70
CA VAL H 484 -13.15 30.63 -17.23
C VAL H 484 -13.66 29.24 -16.92
N SER H 485 -13.53 28.33 -17.88
CA SER H 485 -13.95 26.95 -17.69
C SER H 485 -13.19 26.04 -18.64
N GLY H 486 -12.22 25.28 -18.11
CA GLY H 486 -11.41 24.40 -18.94
C GLY H 486 -10.02 24.23 -18.34
N VAL H 487 -9.04 23.90 -19.17
CA VAL H 487 -7.69 23.73 -18.64
C VAL H 487 -6.77 24.84 -19.14
N PRO H 488 -6.24 25.65 -18.22
CA PRO H 488 -5.34 26.73 -18.63
C PRO H 488 -3.98 26.17 -19.01
N VAL H 489 -3.25 26.93 -19.81
CA VAL H 489 -1.92 26.49 -20.28
C VAL H 489 -0.88 27.61 -20.08
N ALA H 490 0.18 27.32 -19.35
CA ALA H 490 1.24 28.30 -19.18
C ALA H 490 2.04 28.33 -20.48
N ASP H 491 2.21 29.52 -21.04
CA ASP H 491 2.99 29.71 -22.27
C ASP H 491 4.09 30.62 -21.75
N LEU H 492 5.19 30.00 -21.31
CA LEU H 492 6.27 30.73 -20.64
C LEU H 492 7.56 30.88 -21.43
N PHE H 493 8.06 32.11 -21.49
CA PHE H 493 9.29 32.48 -22.15
C PHE H 493 10.22 32.97 -21.04
N ALA H 494 11.08 32.07 -20.59
CA ALA H 494 11.92 32.37 -19.43
C ALA H 494 13.37 31.98 -19.62
N ALA H 495 14.25 32.75 -18.99
CA ALA H 495 15.68 32.48 -19.05
C ALA H 495 16.20 32.29 -17.63
N THR H 496 17.27 31.52 -17.50
CA THR H 496 17.96 31.35 -16.23
C THR H 496 19.46 31.42 -16.47
N SER H 497 20.23 31.97 -15.53
CA SER H 497 21.68 32.03 -15.62
C SER H 497 22.30 30.64 -15.42
N GLY H 498 21.56 29.73 -14.80
CA GLY H 498 22.03 28.38 -14.59
C GLY H 498 21.81 27.47 -15.77
N THR H 499 21.99 26.17 -15.53
CA THR H 499 21.84 25.14 -16.54
C THR H 499 20.70 24.19 -16.24
N ASP H 500 19.87 24.52 -15.26
CA ASP H 500 18.64 23.78 -14.97
C ASP H 500 17.81 24.74 -14.14
N SER H 501 16.51 24.51 -14.02
CA SER H 501 15.62 25.36 -13.21
C SER H 501 14.25 24.77 -13.19
N ASP H 502 13.49 25.15 -12.17
CA ASP H 502 12.11 24.75 -12.01
C ASP H 502 11.31 26.02 -12.20
N TRP H 503 10.11 25.87 -12.73
CA TRP H 503 9.22 27.00 -12.96
C TRP H 503 7.87 26.75 -12.32
N VAL H 504 7.50 27.61 -11.38
CA VAL H 504 6.22 27.48 -10.70
C VAL H 504 5.35 28.59 -11.22
N VAL H 505 4.18 28.25 -11.75
CA VAL H 505 3.26 29.24 -12.29
C VAL H 505 1.94 29.11 -11.55
N LYS H 506 1.42 30.24 -11.08
CA LYS H 506 0.18 30.30 -10.30
C LYS H 506 -0.86 31.27 -10.88
N LEU H 507 -2.09 30.80 -11.01
CA LEU H 507 -3.19 31.62 -11.51
C LEU H 507 -4.03 31.90 -10.28
N ILE H 508 -4.17 33.17 -9.96
CA ILE H 508 -4.83 33.59 -8.72
C ILE H 508 -6.00 34.52 -8.93
N ASP H 509 -6.98 34.43 -8.03
CA ASP H 509 -8.14 35.29 -7.98
C ASP H 509 -7.93 36.17 -6.78
N VAL H 510 -7.62 37.44 -7.00
CA VAL H 510 -7.42 38.37 -5.89
C VAL H 510 -8.80 38.88 -5.51
N GLN H 511 -9.24 38.61 -4.28
CA GLN H 511 -10.54 39.04 -3.82
C GLN H 511 -10.58 40.58 -3.77
N PRO H 512 -11.79 41.16 -3.65
CA PRO H 512 -11.91 42.61 -3.58
C PRO H 512 -11.07 43.15 -2.43
N ALA H 513 -10.48 44.33 -2.61
CA ALA H 513 -9.58 44.94 -1.62
C ALA H 513 -10.12 44.85 -0.19
N MET H 514 -11.41 45.04 -0.05
CA MET H 514 -12.13 44.90 1.21
C MET H 514 -13.32 43.96 1.00
N THR H 515 -13.55 43.05 1.93
CA THR H 515 -14.69 42.14 1.91
C THR H 515 -15.30 42.33 3.30
N PRO H 516 -16.12 43.38 3.46
CA PRO H 516 -16.67 43.79 4.74
C PRO H 516 -17.58 42.78 5.44
N ASP H 517 -18.10 41.81 4.70
CA ASP H 517 -18.91 40.77 5.31
C ASP H 517 -18.00 39.70 5.93
N ASP H 518 -16.78 39.54 5.41
CA ASP H 518 -15.79 38.59 5.92
C ASP H 518 -14.44 39.28 5.77
N PRO H 519 -14.15 40.22 6.68
CA PRO H 519 -12.99 41.10 6.61
C PRO H 519 -11.65 40.47 6.27
N LYS H 520 -11.40 39.29 6.83
CA LYS H 520 -10.12 38.59 6.66
C LYS H 520 -9.83 38.18 5.22
N MET H 521 -10.85 38.17 4.36
CA MET H 521 -10.64 37.82 2.95
C MET H 521 -10.30 39.02 2.06
N GLY H 522 -10.22 40.22 2.63
CA GLY H 522 -9.92 41.40 1.83
C GLY H 522 -8.57 41.37 1.14
N GLY H 523 -8.54 41.28 -0.17
CA GLY H 523 -7.29 41.27 -0.92
C GLY H 523 -6.58 39.92 -0.95
N TYR H 524 -7.25 38.90 -0.42
CA TYR H 524 -6.76 37.52 -0.34
C TYR H 524 -6.43 36.97 -1.72
N GLU H 525 -5.21 36.45 -1.89
CA GLU H 525 -4.76 35.92 -3.16
C GLU H 525 -5.01 34.44 -3.15
N LEU H 526 -6.17 34.10 -3.71
CA LEU H 526 -6.65 32.72 -3.79
C LEU H 526 -6.21 31.99 -5.08
N PRO H 527 -5.33 30.98 -4.95
CA PRO H 527 -4.93 30.26 -6.14
C PRO H 527 -6.02 29.33 -6.68
N VAL H 528 -6.39 29.52 -7.94
CA VAL H 528 -7.39 28.66 -8.57
C VAL H 528 -6.72 27.56 -9.39
N SER H 529 -5.45 27.75 -9.72
CA SER H 529 -4.69 26.78 -10.48
C SER H 529 -3.18 27.07 -10.49
N MET H 530 -2.39 26.13 -9.99
CA MET H 530 -0.93 26.26 -9.95
C MET H 530 -0.18 24.94 -10.15
N ASP H 531 0.95 25.00 -10.83
CA ASP H 531 1.78 23.80 -11.00
C ASP H 531 3.21 24.23 -11.20
N ILE H 532 4.09 23.23 -11.15
CA ILE H 532 5.53 23.36 -11.27
C ILE H 532 6.02 22.51 -12.46
N PHE H 533 7.05 22.98 -13.15
CA PHE H 533 7.62 22.25 -14.29
C PHE H 533 9.12 22.16 -14.09
N ARG H 534 9.69 20.97 -14.18
CA ARG H 534 11.13 20.80 -14.04
C ARG H 534 11.82 21.03 -15.40
N GLY H 535 12.48 22.20 -15.50
CA GLY H 535 13.10 22.66 -16.73
C GLY H 535 13.83 21.70 -17.63
N ARG H 536 14.61 20.79 -17.06
CA ARG H 536 15.40 19.80 -17.80
C ARG H 536 14.55 18.93 -18.72
N TYR H 537 13.24 18.90 -18.53
CA TYR H 537 12.37 18.12 -19.40
C TYR H 537 11.61 18.97 -20.43
N ARG H 538 12.09 20.19 -20.71
CA ARG H 538 11.43 21.10 -21.62
C ARG H 538 11.09 20.50 -22.99
N LYS H 539 12.06 19.81 -23.58
CA LYS H 539 11.90 19.22 -24.92
C LYS H 539 11.34 17.80 -24.86
N ASP H 540 11.82 17.02 -23.90
CA ASP H 540 11.37 15.64 -23.81
C ASP H 540 11.36 15.11 -22.39
N PHE H 541 10.21 14.63 -21.93
CA PHE H 541 10.07 14.10 -20.57
C PHE H 541 10.97 12.90 -20.29
N ALA H 542 11.21 12.11 -21.34
CA ALA H 542 12.03 10.91 -21.28
C ALA H 542 13.53 11.19 -21.41
N LYS H 543 13.93 12.36 -21.92
CA LYS H 543 15.34 12.64 -22.16
C LYS H 543 15.74 14.02 -21.66
N PRO H 544 16.17 14.12 -20.39
CA PRO H 544 16.54 15.41 -19.83
C PRO H 544 17.79 15.99 -20.49
N GLU H 545 17.77 17.31 -20.65
CA GLU H 545 18.87 18.06 -21.25
C GLU H 545 19.09 19.37 -20.49
N ALA H 546 20.34 19.82 -20.50
CA ALA H 546 20.72 21.07 -19.85
C ALA H 546 20.09 22.30 -20.50
N LEU H 547 19.81 23.28 -19.65
CA LEU H 547 19.24 24.52 -20.17
C LEU H 547 20.39 25.42 -20.59
N GLN H 548 20.14 26.20 -21.62
CA GLN H 548 21.10 27.15 -22.16
C GLN H 548 21.17 28.37 -21.24
N PRO H 549 22.33 28.63 -20.62
CA PRO H 549 22.39 29.80 -19.74
C PRO H 549 22.11 31.15 -20.42
N ASP H 550 21.23 31.94 -19.83
CA ASP H 550 20.88 33.28 -20.33
C ASP H 550 20.07 33.34 -21.62
N ALA H 551 19.55 32.19 -22.02
CA ALA H 551 18.70 32.07 -23.19
C ALA H 551 17.24 32.05 -22.73
N THR H 552 16.40 32.78 -23.46
CA THR H 552 14.97 32.81 -23.21
C THR H 552 14.41 31.57 -23.93
N LEU H 553 13.92 30.61 -23.15
CA LEU H 553 13.37 29.36 -23.64
C LEU H 553 11.85 29.29 -23.47
N HIS H 554 11.24 28.54 -24.37
CA HIS H 554 9.80 28.35 -24.40
C HIS H 554 9.32 27.09 -23.69
N TYR H 555 8.50 27.31 -22.66
CA TYR H 555 7.92 26.22 -21.89
C TYR H 555 6.42 26.28 -22.13
N HIS H 556 5.82 25.14 -22.38
CA HIS H 556 4.40 25.03 -22.66
C HIS H 556 3.84 23.86 -21.86
N PHE H 557 2.97 24.14 -20.88
CA PHE H 557 2.41 23.05 -20.08
C PHE H 557 1.04 23.38 -19.48
N THR H 558 0.20 22.36 -19.35
CA THR H 558 -1.12 22.52 -18.80
C THR H 558 -1.10 22.64 -17.28
N LEU H 559 -2.03 23.44 -16.78
CA LEU H 559 -2.22 23.67 -15.36
C LEU H 559 -3.54 23.02 -14.95
N PRO H 560 -3.78 22.82 -13.63
CA PRO H 560 -5.04 22.24 -13.16
C PRO H 560 -6.29 22.93 -13.72
N ALA H 561 -7.36 22.16 -13.90
CA ALA H 561 -8.61 22.72 -14.45
C ALA H 561 -9.27 23.79 -13.58
N VAL H 562 -10.00 24.68 -14.25
CA VAL H 562 -10.71 25.73 -13.59
C VAL H 562 -12.15 25.81 -14.11
N ASN H 563 -13.05 26.22 -13.22
CA ASN H 563 -14.44 26.48 -13.57
C ASN H 563 -14.73 27.60 -12.60
N HIS H 564 -14.32 28.80 -12.99
CA HIS H 564 -14.36 29.95 -12.11
C HIS H 564 -14.83 31.22 -12.80
N VAL H 565 -15.20 32.20 -11.98
CA VAL H 565 -15.56 33.52 -12.46
C VAL H 565 -14.80 34.54 -11.64
N PHE H 566 -14.01 35.37 -12.31
CA PHE H 566 -13.32 36.48 -11.64
C PHE H 566 -14.38 37.59 -11.70
N ALA H 567 -14.99 37.89 -10.57
CA ALA H 567 -16.05 38.88 -10.52
C ALA H 567 -15.59 40.34 -10.47
N LYS H 568 -16.53 41.25 -10.62
CA LYS H 568 -16.23 42.68 -10.54
C LYS H 568 -15.61 43.00 -9.18
N GLY H 569 -14.56 43.84 -9.16
CA GLY H 569 -13.87 44.15 -7.92
C GLY H 569 -12.67 43.24 -7.66
N HIS H 570 -12.59 42.11 -8.35
CA HIS H 570 -11.47 41.19 -8.20
C HIS H 570 -10.38 41.56 -9.20
N ARG H 571 -9.25 40.88 -9.11
CA ARG H 571 -8.14 41.01 -10.06
C ARG H 571 -7.70 39.61 -10.42
N ILE H 572 -7.14 39.44 -11.61
CA ILE H 572 -6.56 38.18 -12.00
C ILE H 572 -5.08 38.39 -11.73
N MET H 573 -4.45 37.42 -11.10
CA MET H 573 -3.04 37.53 -10.77
C MET H 573 -2.27 36.31 -11.27
N VAL H 574 -1.00 36.54 -11.53
CA VAL H 574 -0.07 35.49 -11.92
C VAL H 574 1.21 35.66 -11.11
N GLN H 575 1.67 34.57 -10.49
CA GLN H 575 2.92 34.55 -9.72
C GLN H 575 3.80 33.46 -10.31
N ILE H 576 5.08 33.79 -10.48
CA ILE H 576 6.05 32.85 -11.01
C ILE H 576 7.22 32.85 -10.01
N GLN H 577 7.69 31.64 -9.74
CA GLN H 577 8.85 31.46 -8.85
C GLN H 577 9.57 30.20 -9.28
N SER H 578 10.68 29.86 -8.62
CA SER H 578 11.49 28.71 -9.01
C SER H 578 11.80 27.63 -7.97
N SER H 579 11.07 27.71 -6.86
CA SER H 579 11.15 26.75 -5.76
C SER H 579 9.80 26.70 -5.08
N TRP H 580 9.55 25.60 -4.37
CA TRP H 580 8.28 25.36 -3.67
C TRP H 580 8.58 24.26 -2.66
N PHE H 581 9.18 24.69 -1.55
CA PHE H 581 9.75 23.82 -0.54
C PHE H 581 9.00 23.69 0.78
N PRO H 582 9.08 22.52 1.42
CA PRO H 582 9.76 21.27 1.08
C PRO H 582 8.95 20.28 0.25
N LEU H 583 7.77 20.64 -0.22
CA LEU H 583 6.96 19.72 -1.01
C LEU H 583 7.73 19.16 -2.19
N TYR H 584 8.39 20.04 -2.92
CA TYR H 584 9.21 19.67 -4.07
C TYR H 584 10.67 19.81 -3.73
N ASP H 585 11.48 18.81 -4.08
CA ASP H 585 12.91 18.92 -3.84
C ASP H 585 13.42 20.10 -4.64
N ARG H 586 14.54 20.66 -4.22
CA ARG H 586 15.08 21.85 -4.86
C ARG H 586 15.83 21.50 -6.12
N ASN H 587 15.65 22.35 -7.13
CA ASN H 587 16.39 22.19 -8.35
C ASN H 587 17.73 22.85 -8.05
N PRO H 588 18.83 22.12 -8.24
CA PRO H 588 20.12 22.72 -7.95
C PRO H 588 20.45 23.91 -8.84
N GLN H 589 19.77 24.03 -9.98
CA GLN H 589 20.01 25.11 -10.93
C GLN H 589 21.32 24.96 -11.70
N LYS H 590 21.81 23.72 -11.70
CA LYS H 590 23.03 23.26 -12.37
C LYS H 590 22.58 21.91 -12.90
N PHE H 591 22.87 21.60 -14.16
CA PHE H 591 22.43 20.31 -14.71
C PHE H 591 23.29 19.18 -14.17
N VAL H 592 22.69 18.26 -13.42
CA VAL H 592 23.41 17.11 -12.89
C VAL H 592 22.67 15.89 -13.42
N PRO H 593 23.35 14.75 -13.57
CA PRO H 593 22.66 13.58 -14.11
C PRO H 593 21.40 13.14 -13.35
N ASN H 594 21.41 13.23 -12.03
CA ASN H 594 20.26 12.80 -11.25
C ASN H 594 20.07 13.76 -10.07
N ILE H 595 18.98 14.51 -10.09
CA ILE H 595 18.76 15.44 -9.01
C ILE H 595 18.63 14.78 -7.64
N PHE H 596 18.23 13.52 -7.58
CA PHE H 596 18.13 12.85 -6.29
C PHE H 596 19.47 12.85 -5.56
N ASP H 597 20.53 12.72 -6.35
CA ASP H 597 21.90 12.62 -5.89
C ASP H 597 22.70 13.92 -5.86
N ALA H 598 22.06 15.06 -6.11
CA ALA H 598 22.77 16.33 -6.05
C ALA H 598 23.59 16.47 -4.76
N LYS H 599 24.78 17.03 -4.89
CA LYS H 599 25.71 17.27 -3.79
C LYS H 599 25.67 18.74 -3.40
N PRO H 600 26.05 19.07 -2.15
CA PRO H 600 25.98 20.46 -1.68
C PRO H 600 26.59 21.49 -2.64
N ALA H 601 27.76 21.19 -3.20
CA ALA H 601 28.42 22.11 -4.12
C ALA H 601 27.63 22.39 -5.41
N ASP H 602 26.67 21.52 -5.74
CA ASP H 602 25.90 21.68 -6.96
C ASP H 602 24.85 22.77 -6.90
N TYR H 603 24.38 23.08 -5.69
CA TYR H 603 23.32 24.07 -5.54
C TYR H 603 23.82 25.46 -5.83
N THR H 604 23.36 26.04 -6.93
CA THR H 604 23.81 27.34 -7.39
C THR H 604 22.72 28.42 -7.41
N VAL H 605 23.16 29.64 -7.10
CA VAL H 605 22.29 30.81 -7.11
C VAL H 605 22.18 31.23 -8.58
N ALA H 606 20.98 31.60 -9.02
CA ALA H 606 20.76 31.97 -10.41
C ALA H 606 19.78 33.12 -10.56
N THR H 607 19.97 33.91 -11.60
CA THR H 607 19.09 35.02 -11.91
C THR H 607 18.15 34.49 -12.97
N GLN H 608 16.85 34.62 -12.68
CA GLN H 608 15.80 34.19 -13.57
C GLN H 608 15.20 35.41 -14.25
N SER H 609 14.85 35.26 -15.52
CA SER H 609 14.24 36.34 -16.27
C SER H 609 13.02 35.90 -17.06
N ILE H 610 11.88 36.55 -16.80
CA ILE H 610 10.61 36.27 -17.48
C ILE H 610 10.32 37.35 -18.53
N HIS H 611 10.37 36.91 -19.78
CA HIS H 611 10.13 37.81 -20.90
C HIS H 611 8.64 38.10 -21.05
N HIS H 612 8.32 39.31 -21.45
CA HIS H 612 6.94 39.68 -21.78
C HIS H 612 6.93 40.52 -23.07
N GLY H 613 5.89 40.36 -23.89
CA GLY H 613 5.73 41.11 -25.13
C GLY H 613 6.56 40.62 -26.30
N GLY H 614 6.33 41.22 -27.46
CA GLY H 614 7.05 40.83 -28.67
C GLY H 614 6.75 39.40 -29.06
N LYS H 615 7.73 38.72 -29.63
CA LYS H 615 7.62 37.34 -30.09
C LYS H 615 7.82 36.34 -28.94
N GLU H 616 8.18 36.82 -27.76
CA GLU H 616 8.37 35.95 -26.60
C GLU H 616 7.44 36.42 -25.49
N ALA H 617 6.18 36.64 -25.87
CA ALA H 617 5.16 37.14 -24.95
C ALA H 617 4.60 36.10 -24.01
N THR H 618 5.14 36.05 -22.80
CA THR H 618 4.66 35.11 -21.80
C THR H 618 3.23 35.46 -21.46
N SER H 619 2.43 34.41 -21.37
CA SER H 619 1.03 34.51 -20.97
C SER H 619 0.52 33.19 -20.42
N ILE H 620 -0.65 33.28 -19.78
CA ILE H 620 -1.39 32.12 -19.34
C ILE H 620 -2.54 32.12 -20.35
N LEU H 621 -2.68 31.01 -21.09
CA LEU H 621 -3.73 30.79 -22.05
C LEU H 621 -4.93 30.34 -21.24
N LEU H 622 -5.85 31.28 -21.06
CA LEU H 622 -7.05 31.03 -20.27
C LEU H 622 -8.19 30.48 -21.10
N PRO H 623 -8.94 29.53 -20.54
CA PRO H 623 -10.12 29.01 -21.22
C PRO H 623 -11.28 29.97 -20.94
N VAL H 624 -11.24 31.16 -21.54
CA VAL H 624 -12.29 32.13 -21.33
C VAL H 624 -13.54 31.70 -22.07
N VAL H 625 -14.70 31.87 -21.45
CA VAL H 625 -15.99 31.48 -22.03
C VAL H 625 -17.01 32.59 -21.88
N LYS H 626 -18.03 32.61 -22.74
CA LYS H 626 -19.08 33.64 -22.64
C LYS H 626 -20.24 33.17 -21.78
N HIS I 10 -61.77 -32.98 0.05
CA HIS I 10 -60.48 -33.74 0.16
C HIS I 10 -60.62 -35.09 0.87
N ASP I 11 -60.10 -36.11 0.20
CA ASP I 11 -60.16 -37.49 0.67
C ASP I 11 -59.28 -37.63 1.92
N PRO I 12 -59.89 -37.97 3.06
CA PRO I 12 -59.12 -38.10 4.29
C PRO I 12 -58.21 -39.32 4.34
N LEU I 13 -58.45 -40.31 3.47
CA LEU I 13 -57.59 -41.49 3.47
C LEU I 13 -56.33 -41.27 2.64
N SER I 14 -56.16 -40.08 2.07
CA SER I 14 -55.01 -39.73 1.26
C SER I 14 -54.38 -38.39 1.63
N VAL I 15 -55.21 -37.37 1.83
CA VAL I 15 -54.73 -36.03 2.15
C VAL I 15 -54.96 -35.69 3.62
N GLN I 16 -53.87 -35.44 4.34
CA GLN I 16 -53.95 -35.05 5.75
C GLN I 16 -53.55 -33.58 5.93
N THR I 17 -54.52 -32.75 6.29
CA THR I 17 -54.32 -31.33 6.53
C THR I 17 -54.34 -31.01 8.02
N GLY I 18 -54.57 -32.03 8.84
CA GLY I 18 -54.57 -31.90 10.29
C GLY I 18 -53.35 -32.61 10.84
N SER I 19 -53.54 -33.26 11.99
CA SER I 19 -52.47 -33.96 12.70
C SER I 19 -52.61 -35.48 12.78
N ASP I 20 -51.48 -36.19 12.68
CA ASP I 20 -51.47 -37.66 12.79
C ASP I 20 -51.40 -38.13 14.25
N ILE I 21 -51.27 -37.19 15.17
CA ILE I 21 -51.25 -37.48 16.58
C ILE I 21 -52.68 -37.36 17.11
N PRO I 22 -53.32 -38.49 17.45
CA PRO I 22 -54.71 -38.42 17.93
C PRO I 22 -54.88 -37.54 19.16
N GLN I 32 -57.02 -56.86 27.99
CA GLN I 32 -56.16 -58.06 28.03
C GLN I 32 -55.33 -58.21 29.30
N ARG I 33 -55.23 -57.17 30.11
CA ARG I 33 -54.46 -57.17 31.35
C ARG I 33 -55.09 -57.96 32.49
N ASP I 34 -54.24 -58.51 33.35
CA ASP I 34 -54.68 -59.29 34.52
C ASP I 34 -54.64 -58.43 35.78
N TYR I 35 -54.70 -57.11 35.62
CA TYR I 35 -54.71 -56.15 36.73
C TYR I 35 -55.37 -54.87 36.25
N ILE I 36 -55.65 -54.00 37.21
CA ILE I 36 -56.20 -52.68 36.92
C ILE I 36 -55.36 -51.69 37.71
N LYS I 37 -54.98 -50.61 37.06
CA LYS I 37 -54.14 -49.60 37.70
C LYS I 37 -54.96 -48.33 37.95
N ARG I 38 -54.98 -47.86 39.20
CA ARG I 38 -55.69 -46.65 39.56
C ARG I 38 -54.71 -45.58 40.01
N GLU I 39 -54.97 -44.34 39.62
CA GLU I 39 -54.16 -43.20 39.99
C GLU I 39 -55.10 -42.25 40.71
N VAL I 40 -54.71 -41.94 41.95
CA VAL I 40 -55.51 -41.07 42.77
C VAL I 40 -54.61 -40.05 43.46
N MET I 41 -55.21 -38.92 43.80
CA MET I 41 -54.53 -37.86 44.52
C MET I 41 -55.13 -37.92 45.93
N VAL I 42 -54.40 -38.52 46.87
CA VAL I 42 -54.86 -38.68 48.24
C VAL I 42 -54.58 -37.41 49.07
N PRO I 43 -55.64 -36.79 49.60
CA PRO I 43 -55.39 -35.59 50.39
C PRO I 43 -54.91 -35.89 51.81
N MET I 44 -53.92 -35.14 52.27
CA MET I 44 -53.36 -35.27 53.61
C MET I 44 -54.13 -34.28 54.48
N ARG I 45 -53.90 -34.35 55.79
CA ARG I 45 -54.59 -33.52 56.77
C ARG I 45 -54.46 -32.02 56.54
N ASP I 46 -53.38 -31.58 55.88
CA ASP I 46 -53.19 -30.16 55.60
C ASP I 46 -53.67 -29.74 54.22
N GLY I 47 -54.28 -30.65 53.47
CA GLY I 47 -54.77 -30.33 52.13
C GLY I 47 -53.85 -30.72 50.99
N VAL I 48 -52.58 -30.99 51.29
CA VAL I 48 -51.62 -31.38 50.27
C VAL I 48 -51.96 -32.80 49.78
N LYS I 49 -52.10 -32.94 48.47
CA LYS I 49 -52.47 -34.22 47.84
C LYS I 49 -51.26 -34.97 47.31
N LEU I 50 -51.19 -36.26 47.61
CA LEU I 50 -50.08 -37.10 47.17
C LEU I 50 -50.46 -38.07 46.05
N TYR I 51 -49.63 -38.14 45.01
CA TYR I 51 -49.88 -39.05 43.89
C TYR I 51 -49.75 -40.49 44.32
N THR I 52 -50.82 -41.26 44.15
CA THR I 52 -50.82 -42.64 44.61
C THR I 52 -51.23 -43.56 43.48
N VAL I 53 -50.49 -44.64 43.31
CA VAL I 53 -50.76 -45.64 42.27
C VAL I 53 -51.12 -46.97 42.90
N ILE I 54 -52.32 -47.46 42.58
CA ILE I 54 -52.85 -48.70 43.15
C ILE I 54 -53.02 -49.74 42.03
N VAL I 55 -52.29 -50.84 42.15
CA VAL I 55 -52.33 -51.94 41.18
C VAL I 55 -53.07 -53.11 41.81
N ILE I 56 -54.26 -53.39 41.28
CA ILE I 56 -55.12 -54.43 41.82
C ILE I 56 -55.28 -55.59 40.85
N PRO I 57 -55.08 -56.83 41.32
CA PRO I 57 -55.28 -57.98 40.43
C PRO I 57 -56.72 -58.08 39.98
N LYS I 58 -56.99 -58.58 38.78
CA LYS I 58 -58.36 -58.70 38.34
C LYS I 58 -59.15 -59.63 39.25
N ASN I 59 -60.44 -59.32 39.44
CA ASN I 59 -61.28 -60.14 40.32
C ASN I 59 -60.75 -60.32 41.74
N ALA I 60 -59.95 -59.37 42.20
CA ALA I 60 -59.40 -59.42 43.54
C ALA I 60 -60.54 -59.02 44.47
N ARG I 61 -60.64 -59.72 45.58
CA ARG I 61 -61.67 -59.45 46.59
C ARG I 61 -61.03 -59.81 47.92
N ASN I 62 -61.18 -58.92 48.91
CA ASN I 62 -60.63 -59.12 50.24
C ASN I 62 -59.14 -59.40 50.19
N ALA I 63 -58.41 -58.65 49.35
CA ALA I 63 -56.98 -58.81 49.21
C ALA I 63 -56.23 -57.82 50.11
N PRO I 64 -55.10 -58.25 50.68
CA PRO I 64 -54.31 -57.31 51.47
C PRO I 64 -53.59 -56.28 50.61
N ILE I 65 -53.18 -55.18 51.22
CA ILE I 65 -52.45 -54.10 50.57
C ILE I 65 -50.99 -54.06 51.00
N LEU I 66 -50.08 -53.93 50.03
CA LEU I 66 -48.65 -53.80 50.31
C LEU I 66 -48.32 -52.38 49.86
N LEU I 67 -47.91 -51.52 50.79
CA LEU I 67 -47.64 -50.11 50.54
C LEU I 67 -46.18 -49.67 50.67
N THR I 68 -45.72 -48.82 49.74
CA THR I 68 -44.38 -48.28 49.74
C THR I 68 -44.51 -46.79 49.42
N ARG I 69 -43.80 -45.94 50.16
CA ARG I 69 -43.86 -44.48 49.94
C ARG I 69 -42.46 -44.11 49.45
N THR I 70 -42.37 -43.40 48.33
CA THR I 70 -41.09 -43.17 47.67
C THR I 70 -40.78 -41.80 47.10
N PRO I 71 -39.50 -41.42 47.09
CA PRO I 71 -39.10 -40.19 46.42
C PRO I 71 -38.56 -40.51 45.02
N TYR I 72 -38.65 -41.76 44.58
CA TYR I 72 -38.10 -42.16 43.27
C TYR I 72 -39.13 -42.39 42.14
N ASN I 73 -40.21 -41.61 42.10
CA ASN I 73 -41.25 -41.68 41.06
C ASN I 73 -42.13 -42.94 41.12
N ALA I 74 -43.26 -42.81 41.80
CA ALA I 74 -44.22 -43.90 41.98
C ALA I 74 -44.74 -44.44 40.64
N LYS I 75 -44.98 -43.54 39.69
CA LYS I 75 -45.49 -43.97 38.39
C LYS I 75 -44.53 -44.93 37.71
N GLY I 76 -43.24 -44.65 37.80
CA GLY I 76 -42.22 -45.51 37.23
C GLY I 76 -42.00 -46.79 38.03
N ARG I 77 -42.03 -46.68 39.35
CA ARG I 77 -41.86 -47.86 40.22
C ARG I 77 -42.93 -48.91 39.95
N ALA I 78 -44.14 -48.48 39.59
CA ALA I 78 -45.20 -49.41 39.23
C ALA I 78 -45.32 -49.62 37.72
N ASN I 79 -44.20 -49.44 37.02
CA ASN I 79 -44.11 -49.60 35.56
C ASN I 79 -42.78 -50.19 35.16
N ARG I 80 -42.36 -51.26 35.83
CA ARG I 80 -41.08 -51.88 35.54
C ARG I 80 -41.05 -52.10 34.02
N VAL I 81 -42.05 -52.78 33.50
CA VAL I 81 -42.21 -52.96 32.07
C VAL I 81 -43.40 -52.05 31.82
N PRO I 82 -43.21 -50.91 31.14
CA PRO I 82 -44.29 -49.94 30.96
C PRO I 82 -45.59 -50.48 30.39
N ASN I 83 -46.70 -50.22 31.07
CA ASN I 83 -48.02 -50.66 30.60
C ASN I 83 -48.14 -52.15 30.24
N ALA I 84 -47.38 -52.97 30.93
CA ALA I 84 -47.33 -54.41 30.65
C ALA I 84 -48.68 -55.08 30.80
N LEU I 85 -48.85 -56.21 30.10
CA LEU I 85 -50.09 -56.95 30.11
C LEU I 85 -50.29 -57.76 31.39
N THR I 86 -49.21 -58.05 32.13
CA THR I 86 -49.34 -58.81 33.36
C THR I 86 -48.81 -58.01 34.56
N MET I 87 -49.46 -58.20 35.70
CA MET I 87 -49.06 -57.57 36.94
C MET I 87 -47.63 -57.95 37.33
N ARG I 88 -47.25 -59.20 37.07
CA ARG I 88 -45.90 -59.68 37.36
C ARG I 88 -44.88 -58.86 36.60
N GLU I 89 -45.18 -58.44 35.37
CA GLU I 89 -44.23 -57.66 34.62
C GLU I 89 -44.22 -56.20 35.08
N VAL I 90 -45.37 -55.65 35.44
CA VAL I 90 -45.46 -54.23 35.73
C VAL I 90 -44.88 -53.79 37.07
N LEU I 91 -44.81 -54.75 37.98
CA LEU I 91 -44.28 -54.51 39.31
C LEU I 91 -42.84 -55.00 39.41
N PRO I 92 -42.04 -54.47 40.35
CA PRO I 92 -40.63 -54.85 40.50
C PRO I 92 -40.40 -56.34 40.76
N GLN I 93 -39.16 -56.79 40.60
CA GLN I 93 -38.75 -58.17 40.87
C GLN I 93 -39.00 -58.57 42.33
N GLY I 94 -38.76 -57.63 43.23
CA GLY I 94 -38.94 -57.85 44.66
C GLY I 94 -40.37 -58.10 45.10
N ASP I 95 -41.34 -57.74 44.27
CA ASP I 95 -42.75 -57.95 44.59
C ASP I 95 -43.25 -59.29 44.06
N ASP I 96 -42.39 -60.05 43.41
CA ASP I 96 -42.80 -61.33 42.81
C ASP I 96 -43.68 -62.24 43.66
N VAL I 97 -43.28 -62.42 44.92
CA VAL I 97 -44.01 -63.32 45.82
C VAL I 97 -45.37 -62.80 46.22
N PHE I 98 -45.55 -61.48 46.23
CA PHE I 98 -46.83 -60.85 46.59
C PHE I 98 -47.83 -60.80 45.42
N VAL I 99 -47.31 -60.77 44.20
CA VAL I 99 -48.11 -60.82 42.99
C VAL I 99 -48.66 -62.25 42.94
N GLU I 100 -47.81 -63.22 43.23
CA GLU I 100 -48.24 -64.62 43.30
C GLU I 100 -49.29 -64.84 44.41
N GLY I 101 -49.16 -64.10 45.51
CA GLY I 101 -50.10 -64.19 46.63
C GLY I 101 -51.39 -63.40 46.52
N GLY I 102 -51.59 -62.69 45.41
CA GLY I 102 -52.81 -61.92 45.20
C GLY I 102 -52.93 -60.59 45.92
N TYR I 103 -51.81 -60.01 46.31
CA TYR I 103 -51.81 -58.73 46.99
C TYR I 103 -52.12 -57.53 46.10
N ILE I 104 -52.63 -56.47 46.72
CA ILE I 104 -52.82 -55.20 46.04
C ILE I 104 -51.54 -54.42 46.30
N ARG I 105 -51.01 -53.76 45.28
CA ARG I 105 -49.76 -53.05 45.45
C ARG I 105 -49.97 -51.55 45.32
N VAL I 106 -49.43 -50.82 46.30
CA VAL I 106 -49.53 -49.37 46.29
C VAL I 106 -48.16 -48.71 46.36
N PHE I 107 -47.93 -47.78 45.43
CA PHE I 107 -46.74 -46.96 45.39
C PHE I 107 -47.20 -45.50 45.47
N GLN I 108 -46.63 -44.72 46.39
CA GLN I 108 -47.03 -43.33 46.56
C GLN I 108 -45.85 -42.40 46.49
N ASP I 109 -46.01 -41.26 45.83
CA ASP I 109 -44.98 -40.24 45.79
C ASP I 109 -45.03 -39.47 47.09
N ILE I 110 -43.90 -39.37 47.80
CA ILE I 110 -43.89 -38.60 49.04
C ILE I 110 -44.08 -37.11 48.76
N ARG I 111 -44.44 -36.40 49.84
CA ARG I 111 -44.64 -34.98 49.79
C ARG I 111 -43.50 -34.26 49.10
N GLY I 112 -43.84 -33.50 48.08
CA GLY I 112 -42.90 -32.68 47.33
C GLY I 112 -42.20 -33.30 46.14
N LYS I 113 -42.50 -34.57 45.84
CA LYS I 113 -41.82 -35.23 44.73
C LYS I 113 -42.76 -35.72 43.64
N TYR I 114 -42.24 -35.67 42.41
CA TYR I 114 -42.96 -36.09 41.23
C TYR I 114 -44.40 -35.62 41.17
N GLY I 115 -45.34 -36.55 41.22
CA GLY I 115 -46.74 -36.18 41.12
C GLY I 115 -47.39 -35.57 42.33
N SER I 116 -46.67 -35.47 43.44
CA SER I 116 -47.27 -34.93 44.65
C SER I 116 -47.07 -33.43 44.80
N GLN I 117 -47.96 -32.84 45.58
CA GLN I 117 -47.88 -31.43 45.90
C GLN I 117 -47.02 -31.27 47.14
N GLY I 118 -46.83 -30.03 47.57
CA GLY I 118 -46.10 -29.77 48.80
C GLY I 118 -44.65 -29.43 48.64
N ASP I 119 -44.00 -29.18 49.78
CA ASP I 119 -42.60 -28.84 49.84
C ASP I 119 -41.80 -30.08 50.18
N TYR I 120 -40.73 -30.32 49.45
CA TYR I 120 -39.87 -31.46 49.70
C TYR I 120 -38.76 -31.08 50.65
N VAL I 121 -38.60 -31.89 51.70
CA VAL I 121 -37.51 -31.73 52.65
C VAL I 121 -36.81 -33.08 52.69
N MET I 122 -35.51 -33.09 52.41
CA MET I 122 -34.69 -34.29 52.43
C MET I 122 -34.78 -34.97 53.79
N THR I 123 -35.08 -36.28 53.79
CA THR I 123 -35.26 -37.09 54.98
C THR I 123 -35.90 -36.21 56.06
N ARG I 124 -37.08 -35.69 55.73
CA ARG I 124 -37.83 -34.80 56.58
C ARG I 124 -37.82 -35.32 58.02
N PRO I 125 -37.29 -34.51 58.95
CA PRO I 125 -37.26 -34.96 60.33
C PRO I 125 -38.66 -35.11 60.91
N PRO I 126 -38.79 -35.91 61.98
CA PRO I 126 -40.08 -36.05 62.64
C PRO I 126 -40.47 -34.79 63.39
N HIS I 127 -41.73 -34.69 63.78
CA HIS I 127 -42.22 -33.54 64.53
C HIS I 127 -41.33 -33.39 65.76
N GLY I 128 -40.88 -32.17 65.99
CA GLY I 128 -39.99 -31.91 67.12
C GLY I 128 -39.22 -30.65 66.84
N PRO I 129 -38.06 -30.48 67.48
CA PRO I 129 -37.29 -29.26 67.26
C PRO I 129 -36.91 -29.00 65.80
N LEU I 130 -36.71 -30.04 65.00
CA LEU I 130 -36.30 -29.88 63.63
C LEU I 130 -37.46 -29.80 62.64
N ASN I 131 -38.70 -29.89 63.14
CA ASN I 131 -39.91 -29.79 62.30
C ASN I 131 -41.11 -29.39 63.15
N PRO I 132 -41.33 -28.08 63.29
CA PRO I 132 -42.43 -27.60 64.13
C PRO I 132 -43.80 -27.56 63.49
N THR I 133 -43.89 -28.01 62.25
CA THR I 133 -45.15 -28.01 61.50
C THR I 133 -46.09 -29.12 62.00
N LYS I 134 -47.31 -29.14 61.46
CA LYS I 134 -48.31 -30.15 61.81
C LYS I 134 -48.17 -31.47 61.03
N THR I 135 -47.25 -31.52 60.05
CA THR I 135 -47.09 -32.76 59.31
C THR I 135 -45.65 -33.26 59.20
N ASP I 136 -45.52 -34.56 58.93
CA ASP I 136 -44.24 -35.21 58.71
C ASP I 136 -44.53 -36.53 58.00
N GLU I 137 -43.49 -37.29 57.66
CA GLU I 137 -43.65 -38.57 56.99
C GLU I 137 -44.50 -39.55 57.81
N THR I 138 -44.55 -39.37 59.14
CA THR I 138 -45.36 -40.23 59.99
C THR I 138 -46.84 -39.94 59.76
N THR I 139 -47.23 -38.67 59.76
CA THR I 139 -48.63 -38.32 59.60
C THR I 139 -49.08 -38.58 58.17
N ASP I 140 -48.17 -38.42 57.21
CA ASP I 140 -48.49 -38.65 55.81
C ASP I 140 -48.82 -40.12 55.64
N ALA I 141 -48.01 -41.00 56.22
CA ALA I 141 -48.26 -42.43 56.12
C ALA I 141 -49.55 -42.77 56.87
N TRP I 142 -49.89 -42.02 57.91
CA TRP I 142 -51.10 -42.30 58.66
C TRP I 142 -52.32 -41.95 57.80
N ASP I 143 -52.30 -40.77 57.21
CA ASP I 143 -53.42 -40.33 56.37
C ASP I 143 -53.62 -41.23 55.15
N THR I 144 -52.51 -41.67 54.56
CA THR I 144 -52.53 -42.54 53.40
C THR I 144 -53.13 -43.90 53.77
N VAL I 145 -52.77 -44.49 54.89
CA VAL I 145 -53.36 -45.78 55.27
C VAL I 145 -54.86 -45.62 55.52
N ASP I 146 -55.21 -44.51 56.15
CA ASP I 146 -56.61 -44.26 56.48
C ASP I 146 -57.46 -44.17 55.23
N TRP I 147 -56.90 -43.52 54.20
CA TRP I 147 -57.62 -43.35 52.94
C TRP I 147 -57.75 -44.69 52.25
N LEU I 148 -56.67 -45.46 52.22
CA LEU I 148 -56.70 -46.77 51.60
C LEU I 148 -57.73 -47.75 52.13
N VAL I 149 -57.82 -47.90 53.45
CA VAL I 149 -58.74 -48.89 54.04
C VAL I 149 -60.21 -48.52 53.90
N HIS I 150 -60.49 -47.25 53.66
CA HIS I 150 -61.85 -46.75 53.45
C HIS I 150 -62.20 -46.54 51.98
N ASN I 151 -61.26 -46.64 51.05
CA ASN I 151 -61.51 -46.39 49.62
C ASN I 151 -61.00 -47.42 48.60
N VAL I 152 -60.66 -48.61 49.04
CA VAL I 152 -60.21 -49.68 48.14
C VAL I 152 -61.10 -50.87 48.42
N PRO I 153 -62.28 -50.92 47.80
CA PRO I 153 -63.25 -51.99 48.04
C PRO I 153 -62.80 -53.40 47.75
N GLU I 154 -61.75 -53.57 46.94
CA GLU I 154 -61.21 -54.90 46.66
C GLU I 154 -60.25 -55.42 47.72
N SER I 155 -59.92 -54.60 48.71
CA SER I 155 -59.00 -54.96 49.79
C SER I 155 -59.73 -55.43 51.04
N ASN I 156 -58.99 -56.06 51.95
CA ASN I 156 -59.56 -56.49 53.22
C ASN I 156 -59.32 -55.49 54.35
N GLY I 157 -58.84 -54.29 54.00
CA GLY I 157 -58.59 -53.24 54.99
C GLY I 157 -57.37 -53.37 55.88
N ARG I 158 -56.47 -54.29 55.52
CA ARG I 158 -55.25 -54.56 56.26
C ARG I 158 -54.11 -54.13 55.32
N VAL I 159 -53.13 -53.42 55.86
CA VAL I 159 -51.99 -52.95 55.11
C VAL I 159 -50.62 -53.35 55.70
N GLY I 160 -49.69 -53.75 54.83
CA GLY I 160 -48.34 -54.08 55.25
C GLY I 160 -47.45 -53.07 54.56
N MET I 161 -46.40 -52.57 55.21
CA MET I 161 -45.50 -51.62 54.57
C MET I 161 -44.12 -52.19 54.36
N THR I 162 -43.48 -51.80 53.26
CA THR I 162 -42.12 -52.25 52.97
C THR I 162 -41.46 -51.23 52.05
N GLY I 163 -40.17 -51.42 51.87
CA GLY I 163 -39.37 -50.59 50.99
C GLY I 163 -37.94 -50.63 51.42
N SER I 164 -37.04 -50.35 50.48
CA SER I 164 -35.61 -50.34 50.72
C SER I 164 -35.02 -48.95 50.52
N SER I 165 -33.97 -48.66 51.28
CA SER I 165 -33.24 -47.39 51.24
C SER I 165 -34.15 -46.27 51.76
N TYR I 166 -34.40 -45.23 50.96
CA TYR I 166 -35.28 -44.12 51.36
C TYR I 166 -36.72 -44.62 51.52
N GLU I 167 -37.07 -45.68 50.79
CA GLU I 167 -38.39 -46.30 50.89
C GLU I 167 -38.53 -47.05 52.21
N GLY I 168 -37.39 -47.37 52.83
CA GLY I 168 -37.32 -48.02 54.13
C GLY I 168 -37.46 -46.95 55.21
N PHE I 169 -36.92 -45.78 54.95
CA PHE I 169 -36.99 -44.62 55.84
C PHE I 169 -38.44 -44.25 56.09
N THR I 170 -39.25 -44.30 55.03
CA THR I 170 -40.67 -43.98 55.11
C THR I 170 -41.41 -45.05 55.95
N VAL I 171 -40.94 -46.29 55.94
CA VAL I 171 -41.53 -47.36 56.76
C VAL I 171 -41.20 -47.12 58.23
N VAL I 172 -39.94 -46.76 58.50
CA VAL I 172 -39.51 -46.47 59.86
C VAL I 172 -40.26 -45.26 60.38
N MET I 173 -40.43 -44.23 59.55
CA MET I 173 -41.18 -43.05 60.00
C MET I 173 -42.62 -43.38 60.33
N ALA I 174 -43.22 -44.34 59.63
CA ALA I 174 -44.59 -44.77 59.86
C ALA I 174 -44.72 -45.52 61.18
N LEU I 175 -43.68 -46.30 61.49
CA LEU I 175 -43.65 -47.04 62.76
C LEU I 175 -43.54 -46.14 63.99
N LEU I 176 -43.27 -44.84 63.84
CA LEU I 176 -43.21 -43.93 64.98
C LEU I 176 -44.61 -43.73 65.59
N ASP I 177 -45.65 -43.73 64.75
CA ASP I 177 -47.04 -43.61 65.19
C ASP I 177 -47.92 -44.23 64.10
N PRO I 178 -47.96 -45.58 64.03
CA PRO I 178 -48.66 -46.31 62.97
C PRO I 178 -50.18 -46.32 63.04
N HIS I 179 -50.81 -46.38 61.87
CA HIS I 179 -52.25 -46.44 61.77
C HIS I 179 -52.61 -47.84 62.22
N PRO I 180 -53.74 -47.98 62.93
CA PRO I 180 -54.19 -49.28 63.36
C PRO I 180 -54.32 -50.34 62.27
N ALA I 181 -54.54 -49.93 61.02
CA ALA I 181 -54.64 -50.88 59.91
C ALA I 181 -53.29 -51.34 59.41
N LEU I 182 -52.21 -50.74 59.89
CA LEU I 182 -50.86 -51.17 59.53
C LEU I 182 -50.53 -52.39 60.39
N LYS I 183 -50.68 -53.57 59.81
CA LYS I 183 -50.49 -54.81 60.56
C LYS I 183 -49.11 -55.44 60.62
N VAL I 184 -48.20 -54.98 59.77
CA VAL I 184 -46.88 -55.59 59.72
C VAL I 184 -46.00 -54.67 58.87
N ALA I 185 -44.69 -54.72 59.13
CA ALA I 185 -43.75 -53.84 58.46
C ALA I 185 -42.42 -54.53 58.18
N ALA I 186 -41.80 -54.17 57.06
CA ALA I 186 -40.52 -54.76 56.66
C ALA I 186 -39.57 -53.69 56.11
N PRO I 187 -38.89 -52.95 57.00
CA PRO I 187 -37.92 -51.97 56.54
C PRO I 187 -36.68 -52.68 55.99
N GLU I 188 -36.28 -52.34 54.78
CA GLU I 188 -35.14 -52.96 54.12
C GLU I 188 -34.04 -51.91 53.93
N SER I 189 -32.84 -52.22 54.39
CA SER I 189 -31.72 -51.29 54.34
C SER I 189 -32.16 -49.84 54.51
N PRO I 190 -32.84 -49.53 55.63
CA PRO I 190 -33.38 -48.17 55.76
C PRO I 190 -32.32 -47.15 56.13
N MET I 191 -32.63 -45.89 55.83
CA MET I 191 -31.79 -44.76 56.20
C MET I 191 -32.27 -44.46 57.62
N VAL I 192 -31.41 -44.70 58.61
CA VAL I 192 -31.73 -44.47 60.01
C VAL I 192 -30.88 -43.36 60.65
N ASP I 193 -29.56 -43.48 60.58
CA ASP I 193 -28.67 -42.44 61.11
C ASP I 193 -27.62 -42.16 60.05
N GLY I 194 -27.88 -41.06 59.36
CA GLY I 194 -27.02 -40.63 58.27
C GLY I 194 -25.62 -40.20 58.65
N TRP I 195 -25.37 -39.90 59.93
CA TRP I 195 -24.05 -39.48 60.39
C TRP I 195 -23.21 -40.64 60.92
N MET I 196 -23.83 -41.49 61.73
CA MET I 196 -23.12 -42.59 62.33
C MET I 196 -22.56 -43.64 61.36
N GLY I 197 -23.39 -44.08 60.42
CA GLY I 197 -22.94 -45.08 59.46
C GLY I 197 -23.86 -45.42 58.31
N ASP I 198 -24.71 -44.48 57.89
CA ASP I 198 -25.61 -44.71 56.76
C ASP I 198 -25.07 -43.94 55.55
N ASP I 199 -25.87 -43.12 54.89
CA ASP I 199 -25.49 -42.44 53.64
C ASP I 199 -24.52 -41.25 53.63
N TRP I 200 -24.68 -40.31 54.54
CA TRP I 200 -23.88 -39.07 54.51
C TRP I 200 -22.50 -39.16 55.14
N PHE I 201 -22.38 -39.81 56.30
CA PHE I 201 -21.08 -39.97 56.93
C PHE I 201 -20.99 -41.35 57.53
N HIS I 202 -19.75 -41.75 57.80
CA HIS I 202 -19.42 -42.97 58.54
C HIS I 202 -18.49 -42.48 59.65
N TYR I 203 -18.98 -42.54 60.89
CA TYR I 203 -18.21 -42.04 62.03
C TYR I 203 -17.60 -40.67 61.71
N GLY I 204 -18.40 -39.78 61.14
CA GLY I 204 -17.92 -38.44 60.79
C GLY I 204 -17.18 -38.23 59.48
N ALA I 205 -16.81 -39.31 58.82
CA ALA I 205 -16.10 -39.22 57.55
C ALA I 205 -17.14 -39.13 56.45
N PHE I 206 -17.09 -38.04 55.69
CA PHE I 206 -18.06 -37.72 54.64
C PHE I 206 -17.95 -38.54 53.36
N ARG I 207 -19.11 -38.95 52.87
CA ARG I 207 -19.21 -39.78 51.67
C ARG I 207 -19.51 -38.87 50.50
N GLN I 208 -18.54 -38.75 49.61
CA GLN I 208 -18.64 -37.80 48.50
C GLN I 208 -19.68 -38.08 47.41
N GLY I 209 -20.19 -39.30 47.35
CA GLY I 209 -21.22 -39.66 46.38
C GLY I 209 -22.55 -38.96 46.65
N ALA I 210 -22.67 -38.32 47.81
CA ALA I 210 -23.88 -37.60 48.17
C ALA I 210 -24.16 -36.37 47.32
N PHE I 211 -23.12 -35.78 46.75
CA PHE I 211 -23.34 -34.59 45.93
C PHE I 211 -24.23 -34.86 44.71
N ASP I 212 -23.94 -35.95 44.00
CA ASP I 212 -24.75 -36.33 42.85
C ASP I 212 -26.19 -36.57 43.29
N TYR I 213 -26.35 -37.24 44.42
CA TYR I 213 -27.67 -37.59 44.93
C TYR I 213 -28.46 -36.33 45.19
N PHE I 214 -27.82 -35.32 45.75
CA PHE I 214 -28.48 -34.06 46.05
C PHE I 214 -28.98 -33.32 44.81
N VAL I 215 -28.16 -33.30 43.76
CA VAL I 215 -28.51 -32.60 42.52
C VAL I 215 -29.58 -33.36 41.75
N SER I 216 -29.54 -34.68 41.82
CA SER I 216 -30.51 -35.52 41.16
C SER I 216 -31.90 -35.46 41.81
N GLN I 217 -31.94 -35.44 43.13
CA GLN I 217 -33.21 -35.49 43.85
C GLN I 217 -33.83 -34.17 44.27
N MET I 218 -33.01 -33.12 44.34
CA MET I 218 -33.48 -31.81 44.78
C MET I 218 -33.35 -30.67 43.79
N THR I 219 -33.05 -30.99 42.54
CA THR I 219 -32.98 -29.92 41.54
C THR I 219 -34.39 -29.48 41.14
N ALA I 220 -35.32 -30.43 41.12
CA ALA I 220 -36.71 -30.17 40.77
C ALA I 220 -37.63 -31.15 41.47
N ARG I 221 -38.93 -30.85 41.43
CA ARG I 221 -39.97 -31.71 42.00
C ARG I 221 -39.84 -33.09 41.36
N GLY I 222 -39.70 -33.13 40.03
CA GLY I 222 -39.53 -34.38 39.30
C GLY I 222 -38.07 -34.78 39.16
N GLY I 223 -37.74 -35.37 38.01
CA GLY I 223 -36.38 -35.86 37.75
C GLY I 223 -35.36 -34.75 37.58
N GLY I 224 -34.12 -35.01 38.00
CA GLY I 224 -33.02 -34.07 37.92
C GLY I 224 -31.85 -34.74 37.22
N ASN I 225 -30.72 -34.07 37.16
CA ASN I 225 -29.53 -34.61 36.51
C ASN I 225 -28.31 -34.77 37.40
N ASP I 226 -27.33 -35.54 36.93
CA ASP I 226 -26.07 -35.69 37.65
C ASP I 226 -25.26 -34.43 37.37
N ILE I 227 -24.17 -34.30 38.14
CA ILE I 227 -23.25 -33.18 38.03
C ILE I 227 -22.29 -33.48 36.89
N PRO I 228 -22.19 -32.57 35.90
CA PRO I 228 -21.26 -32.75 34.79
C PRO I 228 -19.84 -32.85 35.33
N ARG I 229 -19.05 -33.73 34.76
CA ARG I 229 -17.66 -33.95 35.17
C ARG I 229 -16.69 -33.53 34.09
N ARG I 230 -15.48 -33.21 34.54
CA ARG I 230 -14.34 -32.87 33.72
C ARG I 230 -13.64 -34.16 33.32
N ASP I 231 -13.35 -35.04 34.29
CA ASP I 231 -12.63 -36.28 33.98
C ASP I 231 -13.49 -37.53 34.13
N ALA I 232 -13.12 -38.60 33.42
CA ALA I 232 -13.87 -39.83 33.51
C ALA I 232 -13.66 -40.49 34.88
N ASP I 233 -12.57 -40.18 35.58
CA ASP I 233 -12.23 -40.76 36.87
C ASP I 233 -12.52 -39.79 37.99
N ASP I 234 -13.39 -40.18 38.91
CA ASP I 234 -13.71 -39.33 40.04
C ASP I 234 -12.57 -39.23 41.06
N TYR I 235 -11.60 -40.15 41.05
CA TYR I 235 -10.43 -40.02 41.89
C TYR I 235 -9.79 -38.68 41.46
N THR I 236 -9.65 -38.47 40.15
CA THR I 236 -9.07 -37.24 39.63
C THR I 236 -9.91 -36.01 39.92
N ASN I 237 -11.20 -36.09 39.59
CA ASN I 237 -12.11 -34.96 39.77
C ASN I 237 -12.12 -34.43 41.19
N PHE I 238 -12.22 -35.31 42.17
CA PHE I 238 -12.24 -34.86 43.57
C PHE I 238 -10.87 -34.42 44.07
N LEU I 239 -9.81 -35.06 43.58
CA LEU I 239 -8.48 -34.69 44.05
C LEU I 239 -8.12 -33.31 43.52
N LYS I 240 -8.50 -33.02 42.27
CA LYS I 240 -8.18 -31.73 41.65
C LYS I 240 -9.00 -30.60 42.23
N ALA I 241 -10.21 -30.89 42.69
CA ALA I 241 -11.08 -29.89 43.31
C ALA I 241 -10.58 -29.59 44.73
N GLY I 242 -9.91 -30.55 45.35
CA GLY I 242 -9.36 -30.38 46.70
C GLY I 242 -10.31 -30.94 47.76
N SER I 243 -10.95 -30.04 48.49
CA SER I 243 -11.86 -30.42 49.55
C SER I 243 -13.25 -30.74 49.04
N ALA I 244 -14.06 -31.35 49.89
CA ALA I 244 -15.42 -31.73 49.51
C ALA I 244 -16.24 -30.46 49.23
N GLY I 245 -16.07 -29.44 50.05
CA GLY I 245 -16.77 -28.15 49.94
C GLY I 245 -16.39 -27.39 48.69
N SER I 246 -15.13 -27.54 48.31
CA SER I 246 -14.65 -26.92 47.08
C SER I 246 -15.37 -27.55 45.89
N PHE I 247 -15.50 -28.88 45.92
CA PHE I 247 -16.19 -29.56 44.82
C PHE I 247 -17.66 -29.17 44.79
N ALA I 248 -18.26 -29.07 45.97
CA ALA I 248 -19.66 -28.65 46.08
C ALA I 248 -19.86 -27.26 45.50
N THR I 249 -18.98 -26.31 45.83
CA THR I 249 -19.10 -24.94 45.30
C THR I 249 -19.02 -24.89 43.78
N GLN I 250 -18.01 -25.55 43.22
CA GLN I 250 -17.82 -25.64 41.77
C GLN I 250 -19.02 -26.25 41.05
N ALA I 251 -19.67 -27.21 41.69
CA ALA I 251 -20.86 -27.85 41.14
C ALA I 251 -22.14 -27.04 41.27
N GLY I 252 -22.10 -25.94 42.02
CA GLY I 252 -23.28 -25.09 42.25
C GLY I 252 -24.18 -25.47 43.42
N LEU I 253 -23.70 -26.37 44.28
CA LEU I 253 -24.47 -26.85 45.42
C LEU I 253 -24.69 -25.84 46.56
N ASP I 254 -23.94 -24.75 46.58
CA ASP I 254 -24.13 -23.76 47.66
C ASP I 254 -25.52 -23.13 47.64
N GLN I 255 -26.30 -23.31 46.57
CA GLN I 255 -27.66 -22.78 46.47
C GLN I 255 -28.73 -23.79 46.93
N TYR I 256 -28.31 -25.00 47.29
CA TYR I 256 -29.21 -26.04 47.76
C TYR I 256 -29.32 -26.00 49.29
N PRO I 257 -30.50 -25.72 49.85
CA PRO I 257 -30.69 -25.67 51.30
C PRO I 257 -30.22 -26.88 52.12
N PHE I 258 -30.37 -28.11 51.64
CA PHE I 258 -29.90 -29.26 52.40
C PHE I 258 -28.39 -29.30 52.55
N TRP I 259 -27.69 -28.89 51.50
CA TRP I 259 -26.25 -28.86 51.55
C TRP I 259 -25.79 -27.73 52.47
N GLN I 260 -26.55 -26.64 52.56
CA GLN I 260 -26.21 -25.55 53.45
C GLN I 260 -26.21 -26.06 54.90
N ARG I 261 -27.26 -26.79 55.28
CA ARG I 261 -27.40 -27.36 56.62
C ARG I 261 -26.33 -28.42 56.89
N MET I 262 -26.14 -29.36 55.99
CA MET I 262 -25.10 -30.36 56.21
C MET I 262 -23.73 -29.73 56.41
N HIS I 263 -23.42 -28.72 55.60
CA HIS I 263 -22.13 -28.03 55.66
C HIS I 263 -21.91 -27.33 56.98
N ALA I 264 -22.99 -26.81 57.56
CA ALA I 264 -22.98 -26.13 58.87
C ALA I 264 -22.93 -27.08 60.06
N HIS I 265 -23.19 -28.37 59.83
CA HIS I 265 -23.16 -29.36 60.89
C HIS I 265 -22.30 -30.58 60.60
N PRO I 266 -20.98 -30.40 60.47
CA PRO I 266 -20.11 -31.56 60.21
C PRO I 266 -19.97 -32.51 61.39
N ALA I 267 -20.27 -32.07 62.61
CA ALA I 267 -20.21 -32.92 63.81
C ALA I 267 -21.57 -33.50 64.16
N TYR I 268 -21.58 -34.51 65.04
CA TYR I 268 -22.82 -35.15 65.48
C TYR I 268 -23.50 -34.32 66.58
N ASP I 269 -24.00 -33.15 66.21
CA ASP I 269 -24.67 -32.21 67.12
C ASP I 269 -26.17 -32.44 67.11
N ALA I 270 -26.92 -31.50 67.65
CA ALA I 270 -28.38 -31.59 67.75
C ALA I 270 -29.06 -31.91 66.43
N PHE I 271 -28.54 -31.33 65.35
CA PHE I 271 -29.09 -31.53 64.02
C PHE I 271 -29.19 -32.99 63.61
N TRP I 272 -28.11 -33.75 63.85
CA TRP I 272 -28.05 -35.19 63.51
C TRP I 272 -28.63 -36.06 64.63
N GLN I 273 -28.36 -35.73 65.89
CA GLN I 273 -28.92 -36.47 67.01
C GLN I 273 -30.44 -36.54 66.92
N GLY I 274 -31.07 -35.45 66.50
CA GLY I 274 -32.52 -35.38 66.35
C GLY I 274 -33.10 -36.12 65.15
N GLN I 275 -32.24 -36.77 64.37
CA GLN I 275 -32.68 -37.57 63.23
C GLN I 275 -32.23 -39.03 63.34
N ALA I 276 -31.69 -39.42 64.49
CA ALA I 276 -31.23 -40.78 64.76
C ALA I 276 -32.47 -41.58 65.11
N LEU I 277 -33.10 -42.11 64.06
CA LEU I 277 -34.37 -42.80 64.22
C LEU I 277 -34.31 -44.03 65.10
N ASP I 278 -33.15 -44.70 65.16
CA ASP I 278 -33.06 -45.87 66.04
C ASP I 278 -33.39 -45.46 67.47
N LYS I 279 -32.82 -44.35 67.92
CA LYS I 279 -33.04 -43.88 69.30
C LYS I 279 -34.51 -43.48 69.48
N ILE I 280 -35.02 -42.72 68.53
CA ILE I 280 -36.40 -42.24 68.60
C ILE I 280 -37.41 -43.39 68.59
N LEU I 281 -37.19 -44.37 67.72
CA LEU I 281 -38.07 -45.53 67.61
C LEU I 281 -38.06 -46.39 68.89
N ALA I 282 -36.92 -46.49 69.56
CA ALA I 282 -36.80 -47.22 70.82
C ALA I 282 -37.62 -46.59 71.94
N GLN I 283 -37.75 -45.26 71.89
CA GLN I 283 -38.54 -44.52 72.87
C GLN I 283 -40.03 -44.73 72.63
N ARG I 284 -40.42 -44.94 71.38
CA ARG I 284 -41.82 -45.09 71.01
C ARG I 284 -42.35 -46.52 71.21
N LYS I 285 -41.44 -47.51 71.14
CA LYS I 285 -41.77 -48.93 71.35
C LYS I 285 -42.97 -49.44 70.55
N PRO I 286 -42.87 -49.50 69.22
CA PRO I 286 -44.03 -49.96 68.45
C PRO I 286 -44.38 -51.43 68.67
N THR I 287 -45.64 -51.77 68.51
CA THR I 287 -46.08 -53.16 68.66
C THR I 287 -46.44 -53.77 67.29
N VAL I 288 -46.05 -53.12 66.20
CA VAL I 288 -46.34 -53.71 64.90
C VAL I 288 -45.26 -54.77 64.67
N PRO I 289 -45.64 -56.00 64.27
CA PRO I 289 -44.63 -57.00 63.95
C PRO I 289 -43.65 -56.48 62.88
N MET I 290 -42.36 -56.58 63.16
CA MET I 290 -41.30 -56.07 62.28
C MET I 290 -40.29 -57.08 61.78
N LEU I 291 -39.89 -56.88 60.53
CA LEU I 291 -38.88 -57.69 59.90
C LEU I 291 -37.81 -56.71 59.41
N TRP I 292 -36.68 -56.62 60.10
CA TRP I 292 -35.63 -55.70 59.72
C TRP I 292 -34.64 -56.39 58.80
N GLU I 293 -34.31 -55.78 57.67
CA GLU I 293 -33.38 -56.37 56.72
C GLU I 293 -32.25 -55.48 56.22
N GLN I 294 -31.11 -56.09 55.95
CA GLN I 294 -29.98 -55.42 55.35
C GLN I 294 -29.03 -56.48 54.84
N GLY I 295 -28.21 -56.09 53.87
CA GLY I 295 -27.22 -56.99 53.33
C GLY I 295 -26.00 -56.94 54.23
N LEU I 296 -25.28 -58.04 54.28
CA LEU I 296 -24.01 -58.14 55.00
C LEU I 296 -22.97 -57.21 54.34
N TRP I 297 -23.11 -57.02 53.04
CA TRP I 297 -22.26 -56.10 52.31
C TRP I 297 -23.05 -54.92 51.75
N ASP I 298 -23.86 -54.34 52.62
CA ASP I 298 -24.66 -53.19 52.27
C ASP I 298 -23.71 -51.99 52.18
N GLN I 299 -23.51 -51.51 50.96
CA GLN I 299 -22.58 -50.42 50.73
C GLN I 299 -23.13 -49.00 50.90
N GLU I 300 -24.41 -48.85 51.27
CA GLU I 300 -25.03 -47.54 51.46
C GLU I 300 -25.68 -47.29 52.82
N ASP I 301 -26.33 -48.29 53.41
CA ASP I 301 -26.99 -48.17 54.70
C ASP I 301 -26.66 -49.34 55.61
N MET I 302 -25.39 -49.46 55.99
CA MET I 302 -24.93 -50.55 56.83
C MET I 302 -25.30 -50.46 58.32
N TRP I 303 -25.61 -49.27 58.79
CA TRP I 303 -25.93 -49.02 60.21
C TRP I 303 -27.38 -49.25 60.60
N GLY I 304 -28.26 -48.73 59.76
CA GLY I 304 -29.70 -48.76 59.92
C GLY I 304 -30.45 -49.90 60.58
N ALA I 305 -30.73 -50.94 59.81
CA ALA I 305 -31.50 -52.08 60.30
C ALA I 305 -30.98 -52.71 61.59
N ILE I 306 -29.71 -53.06 61.61
CA ILE I 306 -29.14 -53.73 62.78
C ILE I 306 -29.18 -52.92 64.06
N HIS I 307 -28.88 -51.64 63.96
CA HIS I 307 -28.97 -50.75 65.11
C HIS I 307 -30.41 -50.50 65.57
N ALA I 308 -31.34 -50.37 64.63
CA ALA I 308 -32.76 -50.16 64.94
C ALA I 308 -33.33 -51.39 65.62
N TRP I 309 -33.02 -52.52 65.04
CA TRP I 309 -33.47 -53.79 65.57
C TRP I 309 -32.95 -54.07 66.98
N GLN I 310 -31.67 -53.77 67.21
CA GLN I 310 -31.03 -54.00 68.51
C GLN I 310 -31.57 -53.05 69.57
N ALA I 311 -31.86 -51.81 69.18
CA ALA I 311 -32.40 -50.81 70.10
C ALA I 311 -33.78 -51.24 70.56
N LEU I 312 -34.58 -51.75 69.63
CA LEU I 312 -35.92 -52.24 69.94
C LEU I 312 -35.87 -53.47 70.81
N LYS I 313 -34.84 -54.29 70.60
CA LYS I 313 -34.66 -55.51 71.35
C LYS I 313 -34.28 -55.15 72.77
N ASP I 314 -33.42 -54.14 72.94
CA ASP I 314 -32.99 -53.66 74.25
C ASP I 314 -34.11 -52.93 74.99
N ALA I 315 -35.01 -52.26 74.28
CA ALA I 315 -36.14 -51.56 74.89
C ALA I 315 -37.28 -52.56 75.15
N ASP I 316 -37.00 -53.85 74.94
CA ASP I 316 -37.94 -54.95 75.18
C ASP I 316 -39.28 -54.73 74.47
N VAL I 317 -39.21 -54.50 73.17
CA VAL I 317 -40.38 -54.26 72.36
C VAL I 317 -41.36 -55.43 72.45
N LYS I 318 -42.64 -55.11 72.50
CA LYS I 318 -43.69 -56.14 72.62
C LYS I 318 -44.28 -56.55 71.27
N ALA I 319 -43.44 -57.06 70.40
CA ALA I 319 -43.90 -57.51 69.08
C ALA I 319 -42.82 -58.34 68.41
N PRO I 320 -43.20 -59.19 67.45
CA PRO I 320 -42.15 -59.89 66.73
C PRO I 320 -41.16 -58.86 66.20
N ASN I 321 -39.88 -59.16 66.29
CA ASN I 321 -38.82 -58.23 65.90
C ASN I 321 -37.67 -59.14 65.51
N THR I 322 -37.57 -59.42 64.20
CA THR I 322 -36.54 -60.27 63.65
C THR I 322 -35.64 -59.53 62.66
N LEU I 323 -34.35 -59.81 62.75
CA LEU I 323 -33.32 -59.27 61.86
C LEU I 323 -32.97 -60.28 60.80
N VAL I 324 -32.89 -59.82 59.55
CA VAL I 324 -32.50 -60.68 58.45
C VAL I 324 -31.34 -60.02 57.74
N MET I 325 -30.25 -60.79 57.59
CA MET I 325 -29.07 -60.32 56.88
C MET I 325 -28.62 -61.41 55.92
N GLY I 326 -28.65 -61.08 54.63
CA GLY I 326 -28.25 -61.98 53.57
C GLY I 326 -26.95 -61.51 52.92
N PRO I 327 -26.43 -62.31 52.00
CA PRO I 327 -25.17 -62.03 51.33
C PRO I 327 -25.49 -61.09 50.16
N TRP I 328 -25.90 -59.88 50.50
CA TRP I 328 -26.34 -58.94 49.49
C TRP I 328 -25.72 -57.57 49.60
N ARG I 329 -25.79 -56.86 48.49
CA ARG I 329 -25.38 -55.47 48.43
C ARG I 329 -26.62 -54.69 48.83
N HIS I 330 -26.55 -53.36 48.84
CA HIS I 330 -27.69 -52.53 49.21
C HIS I 330 -28.92 -52.75 48.35
N SER I 331 -30.05 -53.07 48.96
CA SER I 331 -31.33 -53.35 48.27
C SER I 331 -31.31 -54.66 47.47
N GLY I 332 -30.22 -55.41 47.60
CA GLY I 332 -30.02 -56.63 46.86
C GLY I 332 -31.11 -57.62 47.17
N VAL I 333 -31.73 -57.45 48.34
CA VAL I 333 -32.83 -58.33 48.73
C VAL I 333 -33.98 -58.32 47.73
N ASN I 334 -34.08 -57.29 46.88
CA ASN I 334 -35.16 -57.15 45.89
C ASN I 334 -34.83 -57.61 44.48
N TYR I 335 -33.68 -58.25 44.35
CA TYR I 335 -33.21 -58.75 43.07
C TYR I 335 -32.70 -60.18 43.22
N ASN I 336 -31.69 -60.58 42.45
CA ASN I 336 -31.16 -61.93 42.50
C ASN I 336 -29.98 -61.92 43.43
N GLY I 337 -29.97 -62.84 44.39
CA GLY I 337 -28.93 -62.96 45.39
C GLY I 337 -28.07 -64.20 45.28
N SER I 338 -27.90 -64.65 44.05
CA SER I 338 -27.08 -65.81 43.72
C SER I 338 -25.59 -65.51 43.77
N THR I 339 -25.28 -64.28 43.42
CA THR I 339 -23.91 -63.80 43.35
C THR I 339 -23.78 -62.32 43.81
N LEU I 340 -22.53 -61.94 44.03
CA LEU I 340 -22.16 -60.58 44.40
C LEU I 340 -20.68 -60.45 43.98
N GLY I 341 -20.44 -59.62 42.97
CA GLY I 341 -19.09 -59.51 42.42
C GLY I 341 -18.70 -60.89 41.92
N PRO I 342 -17.53 -61.39 42.31
CA PRO I 342 -17.10 -62.70 41.90
C PRO I 342 -17.60 -63.81 42.82
N LEU I 343 -18.25 -63.44 43.92
CA LEU I 343 -18.73 -64.45 44.86
C LEU I 343 -19.99 -65.15 44.42
N GLU I 344 -20.08 -66.44 44.70
CA GLU I 344 -21.23 -67.27 44.36
C GLU I 344 -21.80 -67.81 45.65
N PHE I 345 -23.12 -67.78 45.79
CA PHE I 345 -23.78 -68.26 47.00
C PHE I 345 -24.70 -69.43 46.63
N GLU I 346 -25.28 -70.05 47.65
CA GLU I 346 -26.16 -71.19 47.40
C GLU I 346 -27.55 -70.80 46.97
N GLY I 347 -27.68 -70.58 45.66
CA GLY I 347 -28.95 -70.26 45.05
C GLY I 347 -29.34 -68.81 45.24
N ASP I 348 -30.51 -68.47 44.70
CA ASP I 348 -31.02 -67.12 44.78
C ASP I 348 -31.49 -66.86 46.20
N THR I 349 -30.53 -66.45 47.02
CA THR I 349 -30.76 -66.17 48.43
C THR I 349 -31.81 -65.11 48.65
N ALA I 350 -31.92 -64.13 47.77
CA ALA I 350 -32.92 -63.06 47.95
C ALA I 350 -34.33 -63.64 47.75
N HIS I 351 -34.50 -64.43 46.69
CA HIS I 351 -35.77 -65.08 46.44
C HIS I 351 -36.13 -66.04 47.58
N GLN I 352 -35.15 -66.77 48.09
CA GLN I 352 -35.37 -67.69 49.20
C GLN I 352 -36.02 -66.94 50.36
N TYR I 353 -35.39 -65.85 50.77
CA TYR I 353 -35.89 -65.03 51.85
C TYR I 353 -37.30 -64.57 51.54
N ARG I 354 -37.50 -63.97 50.37
CA ARG I 354 -38.79 -63.44 49.96
C ARG I 354 -39.89 -64.47 50.08
N ARG I 355 -39.63 -65.68 49.59
CA ARG I 355 -40.61 -66.76 49.54
C ARG I 355 -40.80 -67.53 50.83
N ASP I 356 -39.71 -67.79 51.55
CA ASP I 356 -39.75 -68.59 52.76
C ASP I 356 -39.93 -67.87 54.07
N VAL I 357 -39.63 -66.58 54.12
CA VAL I 357 -39.75 -65.78 55.36
C VAL I 357 -40.63 -64.55 55.21
N PHE I 358 -40.31 -63.68 54.26
CA PHE I 358 -41.01 -62.41 54.04
C PHE I 358 -42.49 -62.60 53.75
N ARG I 359 -42.82 -63.40 52.74
CA ARG I 359 -44.20 -63.67 52.36
C ARG I 359 -45.05 -64.36 53.44
N PRO I 360 -44.55 -65.47 54.01
CA PRO I 360 -45.34 -66.07 55.09
C PRO I 360 -45.55 -65.17 56.31
N PHE I 361 -44.53 -64.43 56.72
CA PHE I 361 -44.61 -63.50 57.84
C PHE I 361 -45.69 -62.44 57.61
N PHE I 362 -45.72 -61.90 56.39
CA PHE I 362 -46.71 -60.92 55.97
C PHE I 362 -48.11 -61.54 55.89
N ASP I 363 -48.23 -62.74 55.35
CA ASP I 363 -49.52 -63.42 55.29
C ASP I 363 -50.15 -63.69 56.65
N GLU I 364 -49.36 -63.97 57.69
CA GLU I 364 -49.88 -64.22 59.02
C GLU I 364 -50.69 -63.04 59.55
N TYR I 365 -50.23 -61.81 59.30
CA TYR I 365 -50.93 -60.63 59.79
C TYR I 365 -51.84 -59.97 58.78
N LEU I 366 -51.65 -60.28 57.50
CA LEU I 366 -52.44 -59.66 56.44
C LEU I 366 -53.53 -60.56 55.83
N LYS I 367 -53.40 -61.86 56.01
CA LYS I 367 -54.39 -62.79 55.48
C LYS I 367 -54.92 -63.66 56.61
N PRO I 368 -55.94 -63.18 57.33
CA PRO I 368 -56.55 -63.92 58.41
C PRO I 368 -56.80 -65.37 58.04
N GLY I 369 -56.39 -66.28 58.92
CA GLY I 369 -56.53 -67.70 58.68
C GLY I 369 -55.26 -68.33 58.17
N SER I 370 -54.25 -67.53 57.82
CA SER I 370 -52.97 -68.04 57.34
C SER I 370 -52.22 -68.64 58.52
N ALA I 371 -51.37 -69.61 58.23
CA ALA I 371 -50.57 -70.29 59.24
C ALA I 371 -49.70 -69.27 59.96
N SER I 372 -49.41 -69.55 61.24
CA SER I 372 -48.55 -68.70 62.04
C SER I 372 -47.11 -69.11 61.86
N VAL I 373 -46.22 -68.12 61.94
CA VAL I 373 -44.80 -68.36 61.83
C VAL I 373 -44.18 -67.94 63.15
N HIS I 374 -43.11 -68.60 63.55
CA HIS I 374 -42.43 -68.27 64.79
C HIS I 374 -40.97 -68.00 64.45
N LEU I 375 -40.69 -66.77 64.06
CA LEU I 375 -39.35 -66.38 63.69
C LEU I 375 -38.42 -66.19 64.88
N PRO I 376 -37.14 -66.54 64.70
CA PRO I 376 -36.19 -66.36 65.75
C PRO I 376 -35.76 -64.91 65.85
N ASP I 377 -34.74 -64.64 66.66
CA ASP I 377 -34.18 -63.32 66.80
C ASP I 377 -33.60 -62.84 65.50
N ALA I 378 -32.83 -63.71 64.85
CA ALA I 378 -32.19 -63.35 63.60
C ALA I 378 -32.00 -64.55 62.68
N ILE I 379 -32.20 -64.24 61.40
CA ILE I 379 -31.98 -65.18 60.31
C ILE I 379 -30.86 -64.54 59.53
N ILE I 380 -29.68 -65.14 59.57
CA ILE I 380 -28.49 -64.58 58.96
C ILE I 380 -27.79 -65.64 58.12
N TYR I 381 -27.49 -65.30 56.87
CA TYR I 381 -26.80 -66.16 55.93
C TYR I 381 -25.39 -66.31 56.46
N ASN I 382 -24.82 -67.50 56.29
CA ASN I 382 -23.46 -67.72 56.71
C ASN I 382 -22.57 -67.68 55.48
N THR I 383 -21.65 -66.73 55.47
CA THR I 383 -20.77 -66.56 54.34
C THR I 383 -19.61 -67.55 54.32
N GLY I 384 -19.52 -68.44 55.30
CA GLY I 384 -18.51 -69.49 55.33
C GLY I 384 -19.14 -70.82 54.99
N ASP I 385 -20.16 -71.21 55.76
CA ASP I 385 -20.86 -72.48 55.52
C ASP I 385 -21.83 -72.42 54.34
N GLN I 386 -22.12 -71.23 53.83
CA GLN I 386 -23.00 -71.09 52.68
C GLN I 386 -24.36 -71.71 52.96
N LYS I 387 -24.99 -71.23 54.02
CA LYS I 387 -26.32 -71.64 54.42
C LYS I 387 -26.95 -70.58 55.34
N TRP I 388 -28.27 -70.66 55.45
CA TRP I 388 -29.00 -69.76 56.33
C TRP I 388 -28.97 -70.30 57.75
N ASP I 389 -28.67 -69.43 58.71
CA ASP I 389 -28.63 -69.76 60.13
C ASP I 389 -29.77 -69.04 60.82
N TYR I 390 -30.53 -69.80 61.60
CA TYR I 390 -31.67 -69.32 62.38
C TYR I 390 -31.20 -69.29 63.82
N TYR I 391 -31.04 -68.09 64.34
CA TYR I 391 -30.53 -67.89 65.69
C TYR I 391 -31.62 -67.44 66.62
N ARG I 392 -32.00 -68.34 67.50
CA ARG I 392 -33.04 -68.10 68.50
C ARG I 392 -32.72 -66.85 69.31
N SER I 393 -31.49 -66.75 69.79
CA SER I 393 -31.01 -65.59 70.54
C SER I 393 -29.78 -65.14 69.75
N TRP I 394 -29.68 -63.83 69.51
CA TRP I 394 -28.54 -63.31 68.76
C TRP I 394 -28.31 -61.85 69.11
N PRO I 395 -27.03 -61.46 69.25
CA PRO I 395 -25.84 -62.29 69.13
C PRO I 395 -25.65 -63.04 70.44
N SER I 396 -24.86 -64.10 70.41
CA SER I 396 -24.56 -64.89 71.59
C SER I 396 -23.32 -64.35 72.29
N VAL I 397 -22.57 -63.52 71.58
CA VAL I 397 -21.37 -62.90 72.14
C VAL I 397 -21.33 -61.41 71.82
N CYS I 398 -20.88 -60.59 72.77
CA CYS I 398 -20.72 -59.16 72.54
C CYS I 398 -19.94 -58.54 73.71
N GLU I 399 -19.76 -57.23 73.69
CA GLU I 399 -18.99 -56.58 74.76
C GLU I 399 -19.59 -56.61 76.16
N SER I 400 -20.91 -56.54 76.27
CA SER I 400 -21.55 -56.60 77.57
C SER I 400 -22.99 -57.09 77.47
N ASN I 401 -23.47 -57.77 78.52
CA ASN I 401 -24.83 -58.30 78.61
C ASN I 401 -25.19 -59.37 77.57
N CYS I 402 -24.22 -60.25 77.30
CA CYS I 402 -24.40 -61.40 76.43
C CYS I 402 -23.95 -62.67 77.14
N THR I 403 -24.32 -63.81 76.57
CA THR I 403 -23.96 -65.10 77.10
C THR I 403 -22.43 -65.18 77.22
N GLY I 404 -21.73 -64.68 76.20
CA GLY I 404 -20.29 -64.68 76.16
C GLY I 404 -19.74 -63.34 75.73
N GLY I 405 -18.41 -63.25 75.74
CA GLY I 405 -17.72 -62.04 75.31
C GLY I 405 -16.99 -62.23 73.99
N LEU I 406 -16.30 -61.17 73.59
CA LEU I 406 -15.47 -61.14 72.38
C LEU I 406 -14.07 -61.70 72.65
N THR I 407 -13.48 -62.29 71.62
CA THR I 407 -12.16 -62.89 71.68
C THR I 407 -11.22 -62.02 70.86
N PRO I 408 -10.28 -61.32 71.51
CA PRO I 408 -9.35 -60.46 70.79
C PRO I 408 -8.37 -61.18 69.87
N LEU I 409 -8.22 -60.69 68.64
CA LEU I 409 -7.24 -61.25 67.70
C LEU I 409 -6.24 -60.13 67.61
N TYR I 410 -5.11 -60.31 68.30
CA TYR I 410 -4.08 -59.29 68.40
C TYR I 410 -3.09 -59.16 67.24
N LEU I 411 -2.68 -57.94 66.98
CA LEU I 411 -1.63 -57.66 65.99
C LEU I 411 -0.36 -58.08 66.73
N ALA I 412 0.62 -58.59 66.00
CA ALA I 412 1.86 -59.03 66.62
C ALA I 412 3.02 -58.76 65.68
N ASP I 413 4.23 -58.99 66.18
CA ASP I 413 5.44 -58.84 65.37
C ASP I 413 5.44 -59.68 64.11
N GLY I 414 6.26 -59.27 63.15
CA GLY I 414 6.38 -59.98 61.89
C GLY I 414 5.10 -59.86 61.10
N HIS I 415 4.36 -58.79 61.33
CA HIS I 415 3.10 -58.58 60.65
C HIS I 415 2.17 -59.78 60.75
N GLY I 416 2.07 -60.32 61.96
CA GLY I 416 1.24 -61.49 62.22
C GLY I 416 0.00 -61.09 63.00
N LEU I 417 -0.85 -62.09 63.25
CA LEU I 417 -2.07 -61.95 64.04
C LEU I 417 -2.09 -63.21 64.93
N SER I 418 -2.45 -63.05 66.19
CA SER I 418 -2.50 -64.19 67.11
C SER I 418 -3.54 -63.99 68.19
N PHE I 419 -4.10 -65.10 68.65
CA PHE I 419 -5.07 -65.05 69.74
C PHE I 419 -4.40 -64.90 71.10
N THR I 420 -3.07 -65.01 71.13
CA THR I 420 -2.29 -64.85 72.36
C THR I 420 -1.80 -63.40 72.49
N HIS I 421 -2.06 -62.76 73.62
CA HIS I 421 -1.66 -61.38 73.84
C HIS I 421 -0.13 -61.30 73.82
N PRO I 422 0.45 -60.54 72.89
CA PRO I 422 1.91 -60.39 72.93
C PRO I 422 2.38 -59.55 74.12
N ALA I 423 3.28 -60.11 74.91
CA ALA I 423 3.79 -59.46 76.11
C ALA I 423 4.54 -58.16 75.85
N ALA I 424 5.44 -58.22 74.88
CA ALA I 424 6.33 -57.11 74.51
C ALA I 424 5.65 -56.02 73.67
N ASP I 425 6.06 -54.77 73.89
CA ASP I 425 5.54 -53.63 73.13
C ASP I 425 6.26 -53.55 71.79
N GLY I 426 5.58 -52.99 70.80
CA GLY I 426 6.12 -52.85 69.44
C GLY I 426 5.18 -51.99 68.65
N ALA I 427 5.64 -51.57 67.47
CA ALA I 427 4.87 -50.71 66.59
C ALA I 427 5.38 -50.83 65.16
N ASP I 428 4.46 -50.66 64.20
CA ASP I 428 4.75 -50.64 62.76
C ASP I 428 4.26 -49.30 62.24
N SER I 429 5.05 -48.62 61.42
CA SER I 429 4.68 -47.32 60.85
C SER I 429 4.39 -47.31 59.37
N TYR I 430 3.59 -46.34 58.93
CA TYR I 430 3.33 -46.19 57.51
C TYR I 430 3.10 -44.71 57.26
N VAL I 431 3.45 -44.25 56.07
CA VAL I 431 3.26 -42.83 55.73
C VAL I 431 1.96 -42.68 54.96
N SER I 432 1.18 -41.67 55.33
CA SER I 432 -0.11 -41.33 54.76
C SER I 432 -0.02 -39.94 54.12
N ASP I 433 0.04 -39.88 52.79
CA ASP I 433 0.16 -38.66 52.02
C ASP I 433 -1.17 -38.36 51.36
N PRO I 434 -1.83 -37.26 51.75
CA PRO I 434 -3.11 -36.91 51.15
C PRO I 434 -3.08 -36.63 49.65
N ALA I 435 -1.90 -36.38 49.10
CA ALA I 435 -1.76 -36.13 47.67
C ALA I 435 -1.89 -37.46 46.92
N HIS I 436 -1.65 -38.57 47.61
CA HIS I 436 -1.73 -39.89 47.01
C HIS I 436 -2.56 -40.81 47.87
N PRO I 437 -3.87 -40.51 47.97
CA PRO I 437 -4.78 -41.29 48.80
C PRO I 437 -5.07 -42.65 48.22
N VAL I 438 -5.29 -43.61 49.11
CA VAL I 438 -5.56 -45.00 48.74
C VAL I 438 -6.93 -45.11 48.05
N PRO I 439 -6.96 -45.66 46.82
CA PRO I 439 -8.25 -45.82 46.16
C PRO I 439 -9.11 -46.86 46.86
N PHE I 440 -10.39 -46.59 47.09
CA PHE I 440 -11.25 -47.55 47.78
C PHE I 440 -11.51 -48.75 46.87
N ILE I 441 -11.51 -48.52 45.57
CA ILE I 441 -11.57 -49.56 44.54
C ILE I 441 -10.69 -49.01 43.45
N SER I 442 -10.19 -49.94 42.64
CA SER I 442 -9.25 -49.68 41.55
C SER I 442 -9.64 -48.57 40.59
N ARG I 443 -8.68 -47.72 40.27
CA ARG I 443 -8.93 -46.65 39.32
C ARG I 443 -9.12 -47.21 37.93
N PRO I 444 -9.87 -46.51 37.07
CA PRO I 444 -10.61 -45.29 37.32
C PRO I 444 -11.98 -45.67 37.86
N PHE I 445 -12.62 -44.76 38.58
CA PHE I 445 -13.95 -44.99 39.07
C PHE I 445 -14.69 -43.66 39.10
N ALA I 446 -15.95 -43.72 38.71
CA ALA I 446 -16.86 -42.61 38.72
C ALA I 446 -18.06 -43.11 39.52
N PHE I 447 -18.68 -42.21 40.29
CA PHE I 447 -19.85 -42.57 41.08
C PHE I 447 -21.07 -42.93 40.24
N ALA I 448 -21.02 -42.57 38.95
CA ALA I 448 -22.09 -42.94 38.03
C ALA I 448 -22.04 -44.41 37.64
N GLN I 449 -20.88 -45.05 37.79
CA GLN I 449 -20.69 -46.48 37.48
C GLN I 449 -21.29 -47.39 38.55
N SER I 450 -22.59 -47.64 38.44
CA SER I 450 -23.32 -48.50 39.37
C SER I 450 -22.82 -49.95 39.40
N SER I 451 -22.39 -50.46 38.25
CA SER I 451 -21.89 -51.83 38.16
C SER I 451 -20.65 -52.02 39.04
N ARG I 452 -19.89 -50.95 39.24
CA ARG I 452 -18.71 -51.02 40.09
C ARG I 452 -18.92 -50.63 41.55
N TRP I 453 -19.91 -49.77 41.75
CA TRP I 453 -20.27 -49.32 43.07
C TRP I 453 -20.94 -50.39 43.90
N LYS I 454 -21.97 -51.02 43.32
CA LYS I 454 -22.74 -52.04 44.02
C LYS I 454 -21.95 -53.10 44.80
N PRO I 455 -21.03 -53.81 44.14
CA PRO I 455 -20.28 -54.85 44.83
C PRO I 455 -18.91 -54.42 45.37
N TRP I 456 -18.74 -53.14 45.69
CA TRP I 456 -17.40 -52.69 46.07
C TRP I 456 -16.84 -53.34 47.33
N LEU I 457 -17.71 -53.58 48.31
CA LEU I 457 -17.29 -54.19 49.57
C LEU I 457 -16.79 -55.63 49.55
N VAL I 458 -16.89 -56.33 48.43
CA VAL I 458 -16.35 -57.70 48.33
C VAL I 458 -15.14 -57.79 47.40
N GLN I 459 -14.66 -56.64 46.91
CA GLN I 459 -13.50 -56.61 46.01
C GLN I 459 -12.19 -56.99 46.73
N ASP I 460 -11.29 -57.63 45.98
CA ASP I 460 -10.01 -58.09 46.49
C ASP I 460 -9.20 -56.91 47.01
N GLN I 461 -8.61 -57.06 48.20
CA GLN I 461 -7.83 -55.97 48.77
C GLN I 461 -6.33 -56.09 48.52
N ARG I 462 -5.92 -56.97 47.61
CA ARG I 462 -4.50 -57.12 47.29
C ARG I 462 -3.86 -55.85 46.77
N GLU I 463 -4.59 -55.01 46.02
CA GLU I 463 -4.00 -53.76 45.49
C GLU I 463 -3.56 -52.87 46.65
N ALA I 464 -4.41 -52.79 47.67
CA ALA I 464 -4.07 -52.00 48.85
C ALA I 464 -2.91 -52.63 49.62
N GLU I 465 -2.85 -53.95 49.76
CA GLU I 465 -1.78 -54.61 50.50
C GLU I 465 -0.39 -54.27 49.96
N SER I 466 -0.30 -54.11 48.65
CA SER I 466 0.95 -53.82 47.97
C SER I 466 1.48 -52.42 48.15
N ARG I 467 0.74 -51.53 48.83
CA ARG I 467 1.17 -50.15 49.00
C ARG I 467 1.85 -49.90 50.34
N PRO I 468 2.82 -48.97 50.38
CA PRO I 468 3.49 -48.63 51.63
C PRO I 468 2.67 -47.76 52.57
N ASP I 469 1.50 -47.28 52.14
CA ASP I 469 0.62 -46.48 53.00
C ASP I 469 -0.56 -47.29 53.57
N VAL I 470 -0.36 -48.59 53.67
CA VAL I 470 -1.33 -49.55 54.16
C VAL I 470 -0.50 -50.56 54.94
N VAL I 471 -0.93 -50.97 56.12
CA VAL I 471 -0.20 -52.00 56.88
C VAL I 471 -1.07 -53.24 56.98
N THR I 472 -0.50 -54.39 56.70
CA THR I 472 -1.24 -55.65 56.69
C THR I 472 -0.70 -56.68 57.67
N TYR I 473 -1.62 -57.36 58.36
CA TYR I 473 -1.27 -58.39 59.34
C TYR I 473 -2.09 -59.61 59.00
N GLU I 474 -1.53 -60.80 59.16
CA GLU I 474 -2.25 -62.02 58.86
C GLU I 474 -1.83 -63.18 59.79
N THR I 475 -2.73 -64.11 60.01
CA THR I 475 -2.45 -65.28 60.85
C THR I 475 -1.80 -66.32 59.96
N GLU I 476 -1.27 -67.37 60.56
CA GLU I 476 -0.70 -68.47 59.78
C GLU I 476 -1.87 -69.08 59.03
N VAL I 477 -1.60 -69.96 58.06
CA VAL I 477 -2.73 -70.58 57.39
C VAL I 477 -3.40 -71.40 58.49
N LEU I 478 -4.73 -71.38 58.56
CA LEU I 478 -5.49 -72.08 59.60
C LEU I 478 -5.60 -73.61 59.48
N ASP I 479 -5.27 -74.28 60.59
CA ASP I 479 -5.34 -75.74 60.70
C ASP I 479 -6.75 -76.12 61.14
N GLU I 480 -7.44 -75.25 61.87
CA GLU I 480 -8.79 -75.47 62.37
C GLU I 480 -9.61 -74.22 62.07
N PRO I 481 -10.86 -74.37 61.62
CA PRO I 481 -11.68 -73.21 61.29
C PRO I 481 -12.03 -72.33 62.48
N VAL I 482 -12.25 -71.02 62.27
CA VAL I 482 -12.70 -70.21 63.39
C VAL I 482 -14.03 -69.60 62.97
N ARG I 483 -15.06 -69.83 63.76
CA ARG I 483 -16.39 -69.31 63.50
C ARG I 483 -16.63 -67.98 64.19
N VAL I 484 -17.22 -67.04 63.47
CA VAL I 484 -17.52 -65.72 64.01
C VAL I 484 -18.96 -65.36 63.69
N SER I 485 -19.65 -64.80 64.68
CA SER I 485 -21.05 -64.41 64.55
C SER I 485 -21.44 -63.33 65.56
N GLY I 486 -21.54 -62.10 65.07
CA GLY I 486 -21.85 -60.94 65.88
C GLY I 486 -21.19 -59.73 65.28
N VAL I 487 -21.00 -58.70 66.11
CA VAL I 487 -20.38 -57.47 65.63
C VAL I 487 -18.96 -57.34 66.17
N PRO I 488 -17.97 -57.30 65.27
CA PRO I 488 -16.58 -57.15 65.71
C PRO I 488 -16.34 -55.73 66.20
N VAL I 489 -15.25 -55.53 66.93
CA VAL I 489 -14.90 -54.20 67.46
C VAL I 489 -13.41 -53.92 67.26
N ALA I 490 -13.10 -52.78 66.66
CA ALA I 490 -11.73 -52.36 66.44
C ALA I 490 -11.23 -51.71 67.73
N ASP I 491 -10.20 -52.29 68.35
CA ASP I 491 -9.60 -51.78 69.57
C ASP I 491 -8.21 -51.35 69.14
N LEU I 492 -8.13 -50.14 68.60
CA LEU I 492 -6.94 -49.64 67.95
C LEU I 492 -6.14 -48.67 68.80
N PHE I 493 -4.83 -48.89 68.85
CA PHE I 493 -3.88 -48.05 69.56
C PHE I 493 -2.93 -47.54 68.48
N ALA I 494 -3.19 -46.33 68.03
CA ALA I 494 -2.45 -45.73 66.94
C ALA I 494 -2.08 -44.28 67.19
N ALA I 495 -0.96 -43.88 66.58
CA ALA I 495 -0.43 -42.53 66.72
C ALA I 495 -0.22 -41.94 65.35
N THR I 496 -0.36 -40.62 65.23
CA THR I 496 -0.10 -39.93 63.97
C THR I 496 0.77 -38.74 64.29
N SER I 497 1.61 -38.34 63.34
CA SER I 497 2.48 -37.17 63.49
C SER I 497 1.74 -35.88 63.23
N GLY I 498 0.54 -35.99 62.69
CA GLY I 498 -0.33 -34.84 62.46
C GLY I 498 -1.26 -34.63 63.64
N THR I 499 -2.24 -33.75 63.46
CA THR I 499 -3.19 -33.43 64.50
C THR I 499 -4.62 -33.87 64.19
N ASP I 500 -4.76 -34.72 63.19
CA ASP I 500 -6.03 -35.33 62.82
C ASP I 500 -5.66 -36.53 61.94
N SER I 501 -6.61 -37.44 61.74
CA SER I 501 -6.37 -38.63 60.94
C SER I 501 -7.58 -39.51 60.89
N ASP I 502 -7.67 -40.24 59.80
CA ASP I 502 -8.72 -41.21 59.62
C ASP I 502 -8.08 -42.56 59.85
N TRP I 503 -8.90 -43.50 60.29
CA TRP I 503 -8.39 -44.83 60.54
C TRP I 503 -9.37 -45.79 59.89
N VAL I 504 -8.87 -46.51 58.88
CA VAL I 504 -9.65 -47.52 58.17
C VAL I 504 -9.17 -48.88 58.68
N VAL I 505 -10.09 -49.71 59.13
CA VAL I 505 -9.78 -51.02 59.65
C VAL I 505 -10.59 -52.06 58.90
N LYS I 506 -9.91 -53.03 58.31
CA LYS I 506 -10.54 -54.07 57.49
C LYS I 506 -10.28 -55.45 58.07
N LEU I 507 -11.31 -56.30 58.14
CA LEU I 507 -11.19 -57.67 58.63
C LEU I 507 -11.36 -58.51 57.38
N ILE I 508 -10.38 -59.33 57.06
CA ILE I 508 -10.37 -60.09 55.80
C ILE I 508 -10.21 -61.60 55.91
N ASP I 509 -10.85 -62.30 54.97
CA ASP I 509 -10.74 -63.75 54.83
C ASP I 509 -9.86 -63.93 53.62
N VAL I 510 -8.66 -64.44 53.85
CA VAL I 510 -7.74 -64.72 52.76
C VAL I 510 -8.09 -66.14 52.31
N GLN I 511 -8.53 -66.26 51.06
CA GLN I 511 -8.91 -67.55 50.51
C GLN I 511 -7.65 -68.39 50.43
N PRO I 512 -7.79 -69.71 50.31
CA PRO I 512 -6.60 -70.58 50.20
C PRO I 512 -5.63 -70.14 49.10
N ALA I 513 -4.33 -70.29 49.33
CA ALA I 513 -3.30 -69.90 48.35
C ALA I 513 -3.66 -70.23 46.90
N MET I 514 -4.27 -71.41 46.72
CA MET I 514 -4.78 -71.87 45.44
C MET I 514 -6.21 -72.39 45.66
N THR I 515 -7.08 -72.08 44.71
CA THR I 515 -8.46 -72.52 44.68
C THR I 515 -8.59 -73.06 43.27
N PRO I 516 -8.20 -74.33 43.06
CA PRO I 516 -8.15 -74.95 41.75
C PRO I 516 -9.50 -75.11 41.05
N ASP I 517 -10.60 -75.09 41.80
CA ASP I 517 -11.92 -75.20 41.18
C ASP I 517 -12.34 -73.84 40.58
N ASP I 518 -11.81 -72.74 41.12
CA ASP I 518 -12.08 -71.39 40.63
C ASP I 518 -10.77 -70.62 40.80
N PRO I 519 -9.81 -70.83 39.89
CA PRO I 519 -8.46 -70.30 40.00
C PRO I 519 -8.28 -68.85 40.40
N LYS I 520 -9.13 -67.96 39.88
CA LYS I 520 -9.04 -66.53 40.16
C LYS I 520 -9.22 -66.16 41.63
N MET I 521 -9.80 -67.07 42.41
CA MET I 521 -9.97 -66.80 43.85
C MET I 521 -8.78 -67.14 44.77
N GLY I 522 -7.72 -67.70 44.21
CA GLY I 522 -6.55 -68.10 44.99
C GLY I 522 -5.83 -66.96 45.71
N GLY I 523 -5.90 -66.96 47.03
CA GLY I 523 -5.29 -65.92 47.86
C GLY I 523 -6.06 -64.62 47.88
N TYR I 524 -7.29 -64.65 47.37
CA TYR I 524 -8.12 -63.47 47.27
C TYR I 524 -8.39 -62.94 48.66
N GLU I 525 -8.13 -61.67 48.86
CA GLU I 525 -8.35 -61.02 50.16
C GLU I 525 -9.74 -60.44 50.20
N LEU I 526 -10.69 -61.28 50.62
CA LEU I 526 -12.11 -60.92 50.71
C LEU I 526 -12.43 -60.20 52.01
N PRO I 527 -12.83 -58.92 51.97
CA PRO I 527 -13.22 -58.23 53.19
C PRO I 527 -14.56 -58.68 53.70
N VAL I 528 -14.64 -59.06 54.98
CA VAL I 528 -15.92 -59.49 55.54
C VAL I 528 -16.56 -58.34 56.31
N SER I 529 -15.74 -57.40 56.76
CA SER I 529 -16.20 -56.27 57.54
C SER I 529 -15.16 -55.19 57.63
N MET I 530 -15.46 -54.00 57.15
CA MET I 530 -14.52 -52.90 57.20
C MET I 530 -15.24 -51.60 57.46
N ASP I 531 -14.55 -50.63 58.05
CA ASP I 531 -15.14 -49.31 58.26
C ASP I 531 -14.03 -48.31 58.50
N ILE I 532 -14.41 -47.03 58.56
CA ILE I 532 -13.51 -45.91 58.74
C ILE I 532 -13.96 -45.06 59.92
N PHE I 533 -13.00 -44.48 60.66
CA PHE I 533 -13.31 -43.66 61.82
C PHE I 533 -12.55 -42.34 61.72
N ARG I 534 -13.25 -41.21 61.81
CA ARG I 534 -12.60 -39.92 61.74
C ARG I 534 -12.05 -39.57 63.13
N GLY I 535 -10.72 -39.59 63.23
CA GLY I 535 -10.00 -39.37 64.48
C GLY I 535 -10.36 -38.25 65.40
N ARG I 536 -10.79 -37.11 64.86
CA ARG I 536 -11.17 -35.93 65.66
C ARG I 536 -12.36 -36.19 66.58
N TYR I 537 -13.12 -37.26 66.31
CA TYR I 537 -14.25 -37.63 67.16
C TYR I 537 -13.91 -38.77 68.11
N ARG I 538 -12.62 -39.00 68.37
CA ARG I 538 -12.24 -40.09 69.25
C ARG I 538 -12.96 -40.13 70.59
N LYS I 539 -13.03 -38.97 71.24
CA LYS I 539 -13.63 -38.84 72.56
C LYS I 539 -15.13 -38.57 72.50
N ASP I 540 -15.53 -37.64 71.64
CA ASP I 540 -16.94 -37.26 71.54
C ASP I 540 -17.33 -36.95 70.10
N PHE I 541 -18.37 -37.62 69.61
CA PHE I 541 -18.91 -37.41 68.26
C PHE I 541 -19.46 -36.01 68.06
N ALA I 542 -19.93 -35.37 69.13
CA ALA I 542 -20.48 -34.03 69.07
C ALA I 542 -19.45 -32.92 69.19
N LYS I 543 -18.31 -33.23 69.82
CA LYS I 543 -17.29 -32.24 70.11
C LYS I 543 -15.92 -32.65 69.58
N PRO I 544 -15.59 -32.23 68.34
CA PRO I 544 -14.29 -32.58 67.76
C PRO I 544 -13.10 -31.90 68.41
N GLU I 545 -12.01 -32.67 68.56
CA GLU I 545 -10.78 -32.20 69.18
C GLU I 545 -9.59 -32.69 68.40
N ALA I 546 -8.50 -31.93 68.43
CA ALA I 546 -7.27 -32.28 67.75
C ALA I 546 -6.61 -33.49 68.39
N LEU I 547 -5.86 -34.22 67.58
CA LEU I 547 -5.14 -35.37 68.06
C LEU I 547 -3.74 -34.98 68.44
N GLN I 548 -3.28 -35.55 69.54
CA GLN I 548 -1.96 -35.30 70.08
C GLN I 548 -0.88 -35.85 69.16
N PRO I 549 -0.01 -34.98 68.62
CA PRO I 549 1.01 -35.54 67.75
C PRO I 549 1.92 -36.57 68.43
N ASP I 550 2.24 -37.61 67.67
CA ASP I 550 3.11 -38.69 68.10
C ASP I 550 2.67 -39.49 69.34
N ALA I 551 1.46 -39.26 69.85
CA ALA I 551 0.93 -39.93 71.02
C ALA I 551 0.09 -41.11 70.55
N THR I 552 0.25 -42.25 71.21
CA THR I 552 -0.52 -43.44 70.90
C THR I 552 -1.86 -43.28 71.60
N LEU I 553 -2.93 -43.20 70.82
CA LEU I 553 -4.29 -42.99 71.32
C LEU I 553 -5.17 -44.21 71.07
N HIS I 554 -6.12 -44.40 71.99
CA HIS I 554 -7.06 -45.51 71.97
C HIS I 554 -8.36 -45.18 71.21
N TYR I 555 -8.65 -45.97 70.19
CA TYR I 555 -9.86 -45.81 69.39
C TYR I 555 -10.65 -47.08 69.59
N HIS I 556 -11.96 -46.95 69.81
CA HIS I 556 -12.79 -48.12 70.05
C HIS I 556 -14.07 -47.96 69.27
N PHE I 557 -14.29 -48.82 68.27
CA PHE I 557 -15.51 -48.69 67.47
C PHE I 557 -15.99 -49.98 66.84
N THR I 558 -17.29 -50.05 66.59
CA THR I 558 -17.89 -51.23 66.01
C THR I 558 -17.78 -51.29 64.49
N LEU I 559 -17.53 -52.49 63.98
CA LEU I 559 -17.42 -52.73 62.55
C LEU I 559 -18.70 -53.45 62.09
N PRO I 560 -18.96 -53.50 60.76
CA PRO I 560 -20.12 -54.22 60.26
C PRO I 560 -20.20 -55.66 60.74
N ALA I 561 -21.42 -56.16 60.96
CA ALA I 561 -21.66 -57.51 61.44
C ALA I 561 -21.20 -58.62 60.50
N VAL I 562 -20.89 -59.74 61.14
CA VAL I 562 -20.40 -60.90 60.45
C VAL I 562 -21.10 -62.16 60.93
N ASN I 563 -21.13 -63.16 60.05
CA ASN I 563 -21.64 -64.49 60.35
C ASN I 563 -20.84 -65.29 59.33
N HIS I 564 -19.59 -65.54 59.69
CA HIS I 564 -18.64 -66.18 58.79
C HIS I 564 -17.84 -67.29 59.43
N VAL I 565 -17.20 -68.11 58.61
CA VAL I 565 -16.35 -69.18 59.07
C VAL I 565 -15.08 -69.09 58.26
N PHE I 566 -13.94 -68.97 58.94
CA PHE I 566 -12.64 -68.89 58.30
C PHE I 566 -12.24 -70.34 58.31
N ALA I 567 -12.36 -71.01 57.18
CA ALA I 567 -12.08 -72.43 57.02
C ALA I 567 -10.60 -72.79 57.00
N LYS I 568 -10.33 -74.09 57.00
CA LYS I 568 -8.97 -74.60 56.95
C LYS I 568 -8.37 -74.20 55.62
N GLY I 569 -7.11 -73.75 55.63
CA GLY I 569 -6.47 -73.28 54.40
C GLY I 569 -6.52 -71.78 54.21
N HIS I 570 -7.43 -71.12 54.92
CA HIS I 570 -7.61 -69.68 54.85
C HIS I 570 -6.78 -69.00 55.93
N ARG I 571 -6.71 -67.68 55.86
CA ARG I 571 -6.04 -66.86 56.84
C ARG I 571 -6.98 -65.73 57.23
N ILE I 572 -6.84 -65.23 58.44
CA ILE I 572 -7.60 -64.08 58.88
C ILE I 572 -6.61 -62.94 58.67
N MET I 573 -7.08 -61.82 58.15
CA MET I 573 -6.19 -60.71 57.85
C MET I 573 -6.84 -59.42 58.31
N VAL I 574 -5.96 -58.49 58.67
CA VAL I 574 -6.36 -57.16 59.10
C VAL I 574 -5.50 -56.19 58.29
N GLN I 575 -6.14 -55.18 57.74
CA GLN I 575 -5.44 -54.12 57.03
C GLN I 575 -5.87 -52.80 57.64
N ILE I 576 -4.91 -51.90 57.86
CA ILE I 576 -5.20 -50.57 58.38
C ILE I 576 -4.59 -49.50 57.46
N GLN I 577 -5.30 -48.39 57.27
CA GLN I 577 -4.82 -47.33 56.40
C GLN I 577 -5.52 -46.08 56.84
N SER I 578 -5.20 -44.94 56.24
CA SER I 578 -5.77 -43.67 56.66
C SER I 578 -6.50 -42.82 55.61
N SER I 579 -6.74 -43.38 54.42
CA SER I 579 -7.51 -42.75 53.34
C SER I 579 -8.28 -43.83 52.60
N TRP I 580 -9.36 -43.46 51.92
CA TRP I 580 -10.22 -44.41 51.20
C TRP I 580 -10.97 -43.52 50.19
N PHE I 581 -10.26 -43.17 49.12
CA PHE I 581 -10.70 -42.17 48.15
C PHE I 581 -11.18 -42.71 46.81
N PRO I 582 -12.12 -42.00 46.15
CA PRO I 582 -12.82 -40.79 46.54
C PRO I 582 -14.12 -40.97 47.33
N LEU I 583 -14.42 -42.18 47.76
CA LEU I 583 -15.64 -42.39 48.53
C LEU I 583 -15.68 -41.45 49.72
N TYR I 584 -14.60 -41.41 50.48
CA TYR I 584 -14.50 -40.55 51.67
C TYR I 584 -13.55 -39.40 51.40
N ASP I 585 -13.97 -38.19 51.78
CA ASP I 585 -13.12 -37.02 51.62
C ASP I 585 -11.87 -37.22 52.45
N ARG I 586 -10.77 -36.64 52.00
CA ARG I 586 -9.51 -36.81 52.67
C ARG I 586 -9.40 -36.05 53.97
N ASN I 587 -8.82 -36.70 54.96
CA ASN I 587 -8.58 -36.02 56.21
C ASN I 587 -7.30 -35.24 55.89
N PRO I 588 -7.31 -33.93 56.12
CA PRO I 588 -6.09 -33.17 55.88
C PRO I 588 -4.91 -33.58 56.78
N GLN I 589 -5.20 -34.24 57.91
CA GLN I 589 -4.17 -34.65 58.85
C GLN I 589 -3.57 -33.46 59.61
N LYS I 590 -4.36 -32.40 59.65
CA LYS I 590 -4.10 -31.17 60.38
C LYS I 590 -5.50 -30.82 60.88
N PHE I 591 -5.64 -30.55 62.18
CA PHE I 591 -6.94 -30.22 62.72
C PHE I 591 -7.36 -28.84 62.20
N VAL I 592 -8.49 -28.79 61.51
CA VAL I 592 -9.07 -27.56 60.96
C VAL I 592 -10.50 -27.56 61.46
N PRO I 593 -11.10 -26.37 61.69
CA PRO I 593 -12.46 -26.28 62.25
C PRO I 593 -13.50 -27.10 61.51
N ASN I 594 -13.43 -27.10 60.19
CA ASN I 594 -14.37 -27.83 59.34
C ASN I 594 -13.62 -28.42 58.14
N ILE I 595 -13.58 -29.75 58.06
CA ILE I 595 -12.89 -30.43 56.97
C ILE I 595 -13.48 -30.19 55.59
N PHE I 596 -14.75 -29.82 55.51
CA PHE I 596 -15.36 -29.50 54.22
C PHE I 596 -14.67 -28.29 53.60
N ASP I 597 -14.26 -27.35 54.44
CA ASP I 597 -13.61 -26.11 54.01
C ASP I 597 -12.09 -26.16 54.11
N ALA I 598 -11.52 -27.35 54.11
CA ALA I 598 -10.07 -27.46 54.15
C ALA I 598 -9.47 -26.80 52.90
N LYS I 599 -8.36 -26.08 53.09
CA LYS I 599 -7.63 -25.40 52.02
C LYS I 599 -6.42 -26.25 51.61
N PRO I 600 -5.89 -25.99 50.41
CA PRO I 600 -4.75 -26.78 49.90
C PRO I 600 -3.56 -26.87 50.83
N ALA I 601 -3.22 -25.74 51.45
CA ALA I 601 -2.09 -25.69 52.37
C ALA I 601 -2.30 -26.56 53.60
N ASP I 602 -3.55 -26.82 53.96
CA ASP I 602 -3.86 -27.62 55.14
C ASP I 602 -3.50 -29.10 55.04
N TYR I 603 -3.46 -29.65 53.84
CA TYR I 603 -3.18 -31.07 53.63
C TYR I 603 -1.74 -31.49 53.91
N THR I 604 -1.55 -32.28 54.96
CA THR I 604 -0.20 -32.58 55.40
C THR I 604 0.15 -34.07 55.40
N VAL I 605 1.39 -34.38 55.04
CA VAL I 605 1.89 -35.75 55.07
C VAL I 605 2.16 -36.09 56.54
N ALA I 606 1.80 -37.31 56.93
CA ALA I 606 1.99 -37.77 58.31
C ALA I 606 2.44 -39.21 58.32
N THR I 607 3.19 -39.56 59.36
CA THR I 607 3.68 -40.91 59.62
C THR I 607 2.72 -41.45 60.67
N GLN I 608 2.14 -42.61 60.40
CA GLN I 608 1.16 -43.24 61.30
C GLN I 608 1.85 -44.42 61.92
N SER I 609 1.53 -44.73 63.17
CA SER I 609 2.15 -45.86 63.84
C SER I 609 1.09 -46.63 64.60
N ILE I 610 1.03 -47.93 64.35
CA ILE I 610 0.05 -48.78 65.01
C ILE I 610 0.80 -49.59 66.03
N HIS I 611 0.39 -49.46 67.29
CA HIS I 611 1.06 -50.18 68.35
C HIS I 611 0.49 -51.59 68.52
N HIS I 612 1.36 -52.54 68.83
CA HIS I 612 0.95 -53.90 69.12
C HIS I 612 1.66 -54.40 70.38
N GLY I 613 0.96 -55.25 71.13
CA GLY I 613 1.46 -55.82 72.38
C GLY I 613 1.47 -54.88 73.57
N GLY I 614 1.74 -55.44 74.74
CA GLY I 614 1.80 -54.68 75.98
C GLY I 614 0.48 -54.13 76.44
N LYS I 615 0.48 -52.89 76.94
CA LYS I 615 -0.75 -52.27 77.42
C LYS I 615 -1.55 -51.60 76.31
N GLU I 616 -0.92 -51.42 75.15
CA GLU I 616 -1.55 -50.79 74.00
C GLU I 616 -1.61 -51.82 72.86
N ALA I 617 -2.10 -53.00 73.19
CA ALA I 617 -2.17 -54.10 72.23
C ALA I 617 -3.36 -53.96 71.30
N THR I 618 -3.12 -53.39 70.11
CA THR I 618 -4.19 -53.25 69.13
C THR I 618 -4.69 -54.63 68.82
N SER I 619 -5.99 -54.73 68.62
CA SER I 619 -6.62 -55.97 68.22
C SER I 619 -7.99 -55.69 67.63
N ILE I 620 -8.56 -56.74 67.05
CA ILE I 620 -9.91 -56.73 66.56
C ILE I 620 -10.57 -57.69 67.56
N LEU I 621 -11.63 -57.21 68.21
CA LEU I 621 -12.38 -58.02 69.15
C LEU I 621 -13.36 -58.77 68.28
N LEU I 622 -13.08 -60.06 68.08
CA LEU I 622 -13.89 -60.94 67.26
C LEU I 622 -14.98 -61.67 68.01
N PRO I 623 -16.19 -61.78 67.41
CA PRO I 623 -17.27 -62.51 68.04
C PRO I 623 -17.13 -64.01 67.78
N VAL I 624 -16.08 -64.60 68.34
CA VAL I 624 -15.82 -66.02 68.17
C VAL I 624 -16.88 -66.87 68.86
N VAL I 625 -17.37 -67.86 68.13
CA VAL I 625 -18.39 -68.76 68.66
C VAL I 625 -17.96 -70.21 68.43
N LYS I 626 -18.56 -71.14 69.19
CA LYS I 626 -18.24 -72.56 69.07
C LYS I 626 -19.23 -73.28 68.14
N HIS J 10 39.07 -74.90 29.92
CA HIS J 10 37.94 -73.98 29.63
C HIS J 10 37.10 -73.75 30.90
N ASP J 11 36.71 -72.50 31.11
CA ASP J 11 35.90 -72.11 32.27
C ASP J 11 34.47 -72.60 32.02
N PRO J 12 33.98 -73.50 32.90
CA PRO J 12 32.63 -74.02 32.69
C PRO J 12 31.53 -72.99 32.89
N LEU J 13 31.79 -71.97 33.71
CA LEU J 13 30.79 -70.93 33.98
C LEU J 13 30.65 -69.92 32.85
N SER J 14 31.42 -70.11 31.78
CA SER J 14 31.39 -69.26 30.59
C SER J 14 31.29 -70.06 29.29
N VAL J 15 32.08 -71.12 29.16
CA VAL J 15 32.07 -71.94 27.96
C VAL J 15 31.35 -73.27 28.19
N GLN J 16 30.27 -73.51 27.45
CA GLN J 16 29.54 -74.77 27.54
C GLN J 16 29.74 -75.55 26.24
N THR J 17 30.50 -76.64 26.31
CA THR J 17 30.75 -77.51 25.16
C THR J 17 29.92 -78.78 25.27
N GLY J 18 29.15 -78.93 26.34
CA GLY J 18 28.26 -80.07 26.54
C GLY J 18 26.82 -79.62 26.40
N SER J 19 25.92 -80.20 27.20
CA SER J 19 24.50 -79.86 27.10
C SER J 19 23.90 -79.17 28.31
N ASP J 20 23.05 -78.18 28.04
CA ASP J 20 22.37 -77.43 29.09
C ASP J 20 21.21 -78.20 29.71
N ILE J 21 20.85 -79.32 29.11
CA ILE J 21 19.76 -80.15 29.60
C ILE J 21 20.31 -81.22 30.55
N PRO J 22 20.00 -81.11 31.85
CA PRO J 22 20.54 -82.08 32.80
C PRO J 22 20.08 -83.50 32.54
N GLN J 32 8.18 -79.81 49.90
CA GLN J 32 7.12 -78.85 50.14
C GLN J 32 5.68 -79.39 49.96
N ARG J 33 5.52 -80.47 49.19
CA ARG J 33 4.19 -81.05 48.94
C ARG J 33 3.54 -81.64 50.19
N ASP J 34 2.21 -81.72 50.17
CA ASP J 34 1.45 -82.31 51.27
C ASP J 34 0.96 -83.71 50.91
N TYR J 35 1.64 -84.33 49.94
CA TYR J 35 1.30 -85.68 49.52
C TYR J 35 2.54 -86.31 48.89
N ILE J 36 2.41 -87.61 48.61
CA ILE J 36 3.44 -88.36 47.93
C ILE J 36 2.77 -89.16 46.82
N LYS J 37 3.42 -89.25 45.67
CA LYS J 37 2.87 -89.94 44.52
C LYS J 37 3.74 -91.15 44.17
N ARG J 38 3.10 -92.31 44.06
CA ARG J 38 3.78 -93.55 43.70
C ARG J 38 3.29 -94.01 42.35
N GLU J 39 4.21 -94.53 41.54
CA GLU J 39 3.87 -95.03 40.22
C GLU J 39 4.34 -96.48 40.22
N VAL J 40 3.41 -97.42 40.11
CA VAL J 40 3.76 -98.83 40.15
C VAL J 40 3.16 -99.53 38.96
N MET J 41 3.72 -100.69 38.64
CA MET J 41 3.23 -101.54 37.58
C MET J 41 2.65 -102.75 38.31
N VAL J 42 1.33 -102.81 38.44
CA VAL J 42 0.68 -103.90 39.14
C VAL J 42 0.45 -105.05 38.21
N PRO J 43 1.01 -106.23 38.51
CA PRO J 43 0.82 -107.35 37.63
C PRO J 43 -0.58 -107.94 37.75
N MET J 44 -1.11 -108.40 36.61
CA MET J 44 -2.41 -109.09 36.59
C MET J 44 -2.13 -110.60 36.56
N ARG J 45 -3.14 -111.41 36.81
CA ARG J 45 -3.01 -112.88 36.86
C ARG J 45 -2.34 -113.50 35.63
N ASP J 46 -2.45 -112.85 34.48
CA ASP J 46 -1.83 -113.36 33.26
C ASP J 46 -0.45 -112.77 32.95
N GLY J 47 0.09 -111.94 33.84
CA GLY J 47 1.42 -111.37 33.64
C GLY J 47 1.43 -109.94 33.12
N VAL J 48 0.32 -109.47 32.58
CA VAL J 48 0.23 -108.09 32.09
C VAL J 48 0.25 -107.08 33.25
N LYS J 49 1.11 -106.08 33.15
CA LYS J 49 1.25 -105.09 34.18
C LYS J 49 0.52 -103.80 33.81
N LEU J 50 -0.29 -103.31 34.75
CA LEU J 50 -1.06 -102.09 34.54
C LEU J 50 -0.47 -100.93 35.33
N TYR J 51 -0.34 -99.79 34.64
CA TYR J 51 0.22 -98.57 35.21
C TYR J 51 -0.71 -97.96 36.25
N THR J 52 -0.20 -97.86 37.47
CA THR J 52 -1.04 -97.41 38.57
C THR J 52 -0.42 -96.23 39.28
N VAL J 53 -1.24 -95.20 39.53
CA VAL J 53 -0.78 -94.03 40.26
C VAL J 53 -1.47 -93.95 41.61
N ILE J 54 -0.65 -93.87 42.66
CA ILE J 54 -1.19 -93.78 44.00
C ILE J 54 -0.79 -92.47 44.64
N VAL J 55 -1.78 -91.70 45.06
CA VAL J 55 -1.55 -90.41 45.73
C VAL J 55 -1.94 -90.55 47.20
N ILE J 56 -0.95 -90.40 48.08
CA ILE J 56 -1.15 -90.56 49.50
C ILE J 56 -0.90 -89.28 50.29
N PRO J 57 -1.84 -88.85 51.15
CA PRO J 57 -1.60 -87.64 51.93
C PRO J 57 -0.45 -87.86 52.88
N LYS J 58 0.39 -86.86 53.10
CA LYS J 58 1.50 -87.00 54.04
C LYS J 58 0.99 -87.38 55.42
N ASN J 59 1.79 -88.19 56.12
CA ASN J 59 1.42 -88.66 57.46
C ASN J 59 0.07 -89.41 57.48
N ALA J 60 -0.29 -90.03 56.36
CA ALA J 60 -1.53 -90.78 56.26
C ALA J 60 -1.32 -92.12 56.94
N ARG J 61 -2.25 -92.50 57.80
CA ARG J 61 -2.12 -93.78 58.47
C ARG J 61 -3.53 -94.35 58.62
N ASN J 62 -3.73 -95.58 58.15
CA ASN J 62 -5.03 -96.27 58.18
C ASN J 62 -6.07 -95.55 57.31
N ALA J 63 -5.64 -95.04 56.17
CA ALA J 63 -6.54 -94.31 55.28
C ALA J 63 -7.25 -95.23 54.29
N PRO J 64 -8.53 -94.95 54.01
CA PRO J 64 -9.22 -95.72 52.97
C PRO J 64 -8.74 -95.36 51.56
N ILE J 65 -8.95 -96.26 50.59
CA ILE J 65 -8.53 -96.05 49.20
C ILE J 65 -9.72 -95.80 48.29
N LEU J 66 -9.62 -94.77 47.46
CA LEU J 66 -10.67 -94.46 46.49
C LEU J 66 -10.04 -94.79 45.14
N LEU J 67 -10.56 -95.78 44.43
CA LEU J 67 -9.99 -96.26 43.16
C LEU J 67 -10.81 -96.00 41.91
N THR J 68 -10.12 -95.66 40.82
CA THR J 68 -10.75 -95.43 39.52
C THR J 68 -9.90 -96.05 38.44
N ARG J 69 -10.53 -96.81 37.55
CA ARG J 69 -9.81 -97.47 36.48
C ARG J 69 -10.24 -96.72 35.21
N THR J 70 -9.27 -96.26 34.43
CA THR J 70 -9.53 -95.40 33.28
C THR J 70 -8.79 -95.73 31.98
N PRO J 71 -9.38 -95.34 30.84
CA PRO J 71 -8.74 -95.36 29.53
C PRO J 71 -8.33 -93.94 29.11
N TYR J 72 -8.36 -92.99 30.03
CA TYR J 72 -8.05 -91.60 29.73
C TYR J 72 -6.77 -91.05 30.36
N ASN J 73 -5.74 -91.89 30.43
CA ASN J 73 -4.42 -91.52 30.94
C ASN J 73 -4.42 -91.21 32.42
N ALA J 74 -4.14 -92.23 33.22
CA ALA J 74 -4.08 -92.11 34.68
C ALA J 74 -3.09 -91.08 35.21
N LYS J 75 -1.93 -90.99 34.58
CA LYS J 75 -0.89 -90.04 34.99
C LYS J 75 -1.46 -88.63 34.90
N GLY J 76 -2.22 -88.38 33.84
CA GLY J 76 -2.83 -87.07 33.62
C GLY J 76 -4.01 -86.81 34.54
N ARG J 77 -4.81 -87.84 34.80
CA ARG J 77 -5.98 -87.71 35.67
C ARG J 77 -5.61 -87.28 37.07
N ALA J 78 -4.47 -87.79 37.55
CA ALA J 78 -3.93 -87.47 38.87
C ALA J 78 -2.90 -86.34 38.80
N ASN J 79 -3.02 -85.49 37.79
CA ASN J 79 -2.20 -84.30 37.56
C ASN J 79 -3.03 -83.14 37.00
N ARG J 80 -4.15 -82.83 37.66
CA ARG J 80 -5.03 -81.76 37.22
C ARG J 80 -4.18 -80.51 37.06
N VAL J 81 -3.44 -80.16 38.13
CA VAL J 81 -2.46 -79.09 38.10
C VAL J 81 -1.14 -79.85 38.18
N PRO J 82 -0.41 -79.97 37.06
CA PRO J 82 0.80 -80.80 37.05
C PRO J 82 1.76 -80.59 38.22
N ASN J 83 2.14 -81.69 38.87
CA ASN J 83 3.11 -81.67 39.96
C ASN J 83 2.84 -80.61 41.02
N ALA J 84 1.56 -80.34 41.25
CA ALA J 84 1.11 -79.32 42.21
C ALA J 84 1.67 -79.51 43.61
N LEU J 85 1.67 -78.45 44.41
CA LEU J 85 2.18 -78.51 45.77
C LEU J 85 1.17 -79.06 46.76
N THR J 86 -0.11 -79.04 46.40
CA THR J 86 -1.13 -79.58 47.29
C THR J 86 -1.94 -80.69 46.64
N MET J 87 -2.41 -81.62 47.46
CA MET J 87 -3.15 -82.76 46.95
C MET J 87 -4.44 -82.32 46.28
N ARG J 88 -5.03 -81.28 46.89
CA ARG J 88 -6.26 -80.72 46.41
C ARG J 88 -6.15 -80.24 44.99
N GLU J 89 -4.97 -79.71 44.63
CA GLU J 89 -4.73 -79.19 43.28
C GLU J 89 -4.36 -80.28 42.30
N VAL J 90 -3.71 -81.34 42.78
CA VAL J 90 -3.23 -82.37 41.84
C VAL J 90 -4.38 -83.28 41.43
N LEU J 91 -5.36 -83.43 42.31
CA LEU J 91 -6.52 -84.28 42.02
C LEU J 91 -7.70 -83.51 41.40
N PRO J 92 -8.60 -84.20 40.70
CA PRO J 92 -9.76 -83.56 40.09
C PRO J 92 -10.68 -82.84 41.08
N GLN J 93 -11.52 -81.97 40.54
CA GLN J 93 -12.51 -81.22 41.33
C GLN J 93 -13.48 -82.17 42.04
N GLY J 94 -13.86 -83.24 41.37
CA GLY J 94 -14.78 -84.23 41.91
C GLY J 94 -14.28 -85.05 43.09
N ASP J 95 -12.97 -85.03 43.36
CA ASP J 95 -12.35 -85.72 44.49
C ASP J 95 -12.20 -84.78 45.69
N ASP J 96 -12.70 -83.56 45.55
CA ASP J 96 -12.51 -82.55 46.58
C ASP J 96 -12.90 -83.02 47.98
N VAL J 97 -14.06 -83.64 48.13
CA VAL J 97 -14.48 -84.04 49.47
C VAL J 97 -13.61 -85.18 50.01
N PHE J 98 -13.02 -85.99 49.13
CA PHE J 98 -12.17 -87.09 49.58
C PHE J 98 -10.76 -86.65 50.02
N VAL J 99 -10.26 -85.60 49.38
CA VAL J 99 -8.98 -85.01 49.76
C VAL J 99 -9.13 -84.47 51.18
N GLU J 100 -10.27 -83.82 51.46
CA GLU J 100 -10.57 -83.25 52.78
C GLU J 100 -10.73 -84.35 53.83
N GLY J 101 -11.28 -85.47 53.42
CA GLY J 101 -11.46 -86.62 54.30
C GLY J 101 -10.26 -87.52 54.46
N GLY J 102 -9.10 -87.16 53.91
CA GLY J 102 -7.87 -87.94 54.09
C GLY J 102 -7.73 -89.26 53.36
N TYR J 103 -8.47 -89.43 52.27
CA TYR J 103 -8.41 -90.65 51.50
C TYR J 103 -7.19 -90.72 50.62
N ILE J 104 -6.77 -91.95 50.30
CA ILE J 104 -5.67 -92.20 49.39
C ILE J 104 -6.37 -92.36 48.06
N ARG J 105 -5.84 -91.73 47.01
CA ARG J 105 -6.45 -91.78 45.71
C ARG J 105 -5.63 -92.63 44.76
N VAL J 106 -6.31 -93.47 44.00
CA VAL J 106 -5.67 -94.33 43.03
C VAL J 106 -6.34 -94.20 41.67
N PHE J 107 -5.52 -94.00 40.64
CA PHE J 107 -5.96 -93.95 39.27
C PHE J 107 -5.15 -95.00 38.55
N GLN J 108 -5.79 -95.85 37.75
CA GLN J 108 -5.10 -96.89 37.00
C GLN J 108 -5.44 -96.91 35.51
N ASP J 109 -4.43 -97.11 34.67
CA ASP J 109 -4.64 -97.24 33.22
C ASP J 109 -5.14 -98.65 32.96
N ILE J 110 -6.30 -98.76 32.31
CA ILE J 110 -6.85 -100.08 32.04
C ILE J 110 -5.98 -100.77 31.00
N ARG J 111 -6.16 -102.08 30.88
CA ARG J 111 -5.42 -102.93 29.95
C ARG J 111 -5.36 -102.38 28.52
N GLY J 112 -4.14 -102.18 28.04
CA GLY J 112 -3.90 -101.70 26.69
C GLY J 112 -3.90 -100.21 26.44
N LYS J 113 -3.99 -99.42 27.49
CA LYS J 113 -3.99 -97.97 27.34
C LYS J 113 -2.89 -97.26 28.10
N TYR J 114 -2.34 -96.28 27.42
CA TYR J 114 -1.28 -95.43 27.97
C TYR J 114 -0.09 -96.18 28.55
N GLY J 115 0.12 -96.15 29.86
CA GLY J 115 1.27 -96.79 30.46
C GLY J 115 1.16 -98.28 30.74
N SER J 116 -0.01 -98.86 30.47
CA SER J 116 -0.24 -100.28 30.76
C SER J 116 0.11 -101.13 29.56
N GLN J 117 0.39 -102.41 29.82
CA GLN J 117 0.68 -103.39 28.80
C GLN J 117 -0.63 -104.05 28.41
N GLY J 118 -0.56 -104.97 27.45
CA GLY J 118 -1.71 -105.75 27.02
C GLY J 118 -2.44 -105.23 25.81
N ASP J 119 -3.43 -106.01 25.42
CA ASP J 119 -4.28 -105.70 24.27
C ASP J 119 -5.52 -104.93 24.70
N TYR J 120 -5.75 -103.79 24.07
CA TYR J 120 -6.93 -102.98 24.37
C TYR J 120 -8.14 -103.40 23.57
N VAL J 121 -9.23 -103.71 24.26
CA VAL J 121 -10.49 -104.05 23.61
C VAL J 121 -11.48 -103.02 24.13
N MET J 122 -12.17 -102.34 23.21
CA MET J 122 -13.18 -101.34 23.53
C MET J 122 -14.32 -101.92 24.35
N THR J 123 -14.58 -101.34 25.51
CA THR J 123 -15.61 -101.81 26.43
C THR J 123 -15.57 -103.33 26.38
N ARG J 124 -14.43 -103.85 26.84
CA ARG J 124 -14.15 -105.29 26.85
C ARG J 124 -15.31 -106.06 27.48
N PRO J 125 -15.91 -107.00 26.71
CA PRO J 125 -17.02 -107.79 27.25
C PRO J 125 -16.57 -108.71 28.36
N PRO J 126 -17.46 -109.06 29.31
CA PRO J 126 -17.12 -109.93 30.42
C PRO J 126 -16.87 -111.36 29.96
N HIS J 127 -16.33 -112.20 30.84
CA HIS J 127 -16.05 -113.58 30.45
C HIS J 127 -17.36 -114.17 29.93
N GLY J 128 -17.29 -114.85 28.79
CA GLY J 128 -18.46 -115.47 28.21
C GLY J 128 -18.26 -115.63 26.71
N PRO J 129 -19.36 -115.77 25.96
CA PRO J 129 -19.29 -116.00 24.52
C PRO J 129 -18.56 -114.95 23.70
N LEU J 130 -18.47 -113.72 24.22
CA LEU J 130 -17.77 -112.62 23.55
C LEU J 130 -16.33 -112.43 23.99
N ASN J 131 -15.94 -113.15 25.04
CA ASN J 131 -14.60 -113.08 25.61
C ASN J 131 -14.24 -114.40 26.31
N PRO J 132 -13.68 -115.36 25.55
CA PRO J 132 -13.31 -116.66 26.11
C PRO J 132 -11.95 -116.71 26.82
N THR J 133 -11.30 -115.56 27.05
CA THR J 133 -9.99 -115.52 27.68
C THR J 133 -10.15 -115.66 29.19
N LYS J 134 -9.03 -115.79 29.89
CA LYS J 134 -9.02 -115.94 31.34
C LYS J 134 -9.17 -114.62 32.07
N THR J 135 -9.11 -113.50 31.36
CA THR J 135 -9.23 -112.18 31.96
C THR J 135 -10.24 -111.25 31.28
N ASP J 136 -10.63 -110.24 32.05
CA ASP J 136 -11.56 -109.22 31.61
C ASP J 136 -11.38 -108.01 32.52
N GLU J 137 -12.30 -107.06 32.48
CA GLU J 137 -12.23 -105.90 33.36
C GLU J 137 -12.62 -106.22 34.79
N THR J 138 -13.27 -107.35 35.03
CA THR J 138 -13.67 -107.75 36.38
C THR J 138 -12.47 -108.37 37.09
N THR J 139 -11.73 -109.22 36.39
CA THR J 139 -10.58 -109.88 36.97
C THR J 139 -9.46 -108.86 37.15
N ASP J 140 -9.29 -107.97 36.19
CA ASP J 140 -8.27 -106.92 36.31
C ASP J 140 -8.52 -106.07 37.55
N ALA J 141 -9.78 -105.75 37.87
CA ALA J 141 -10.14 -104.98 39.06
C ALA J 141 -9.92 -105.76 40.33
N TRP J 142 -10.24 -107.05 40.26
CA TRP J 142 -10.09 -107.96 41.38
C TRP J 142 -8.61 -107.96 41.79
N ASP J 143 -7.73 -108.22 40.82
CA ASP J 143 -6.27 -108.31 41.03
C ASP J 143 -5.68 -106.99 41.51
N THR J 144 -6.19 -105.88 41.00
CA THR J 144 -5.74 -104.55 41.40
C THR J 144 -6.10 -104.28 42.85
N VAL J 145 -7.33 -104.60 43.25
CA VAL J 145 -7.72 -104.40 44.65
C VAL J 145 -6.92 -105.31 45.59
N ASP J 146 -6.63 -106.54 45.17
CA ASP J 146 -5.87 -107.45 46.02
C ASP J 146 -4.46 -106.90 46.25
N TRP J 147 -3.85 -106.39 45.18
CA TRP J 147 -2.52 -105.79 45.25
C TRP J 147 -2.48 -104.59 46.18
N LEU J 148 -3.49 -103.72 46.09
CA LEU J 148 -3.55 -102.51 46.91
C LEU J 148 -3.65 -102.75 48.40
N VAL J 149 -4.44 -103.74 48.80
CA VAL J 149 -4.62 -104.01 50.23
C VAL J 149 -3.42 -104.65 50.89
N HIS J 150 -2.54 -105.24 50.08
CA HIS J 150 -1.32 -105.89 50.55
C HIS J 150 -0.06 -105.07 50.32
N ASN J 151 -0.12 -104.06 49.46
CA ASN J 151 1.05 -103.23 49.13
C ASN J 151 0.95 -101.74 49.41
N VAL J 152 0.03 -101.32 50.26
CA VAL J 152 -0.10 -99.92 50.62
C VAL J 152 -0.24 -99.91 52.13
N PRO J 153 0.87 -99.81 52.86
CA PRO J 153 0.88 -99.81 54.32
C PRO J 153 0.12 -98.65 54.95
N GLU J 154 0.05 -97.50 54.26
CA GLU J 154 -0.64 -96.35 54.81
C GLU J 154 -2.15 -96.52 54.78
N SER J 155 -2.64 -97.51 54.03
CA SER J 155 -4.09 -97.71 53.94
C SER J 155 -4.65 -98.63 55.03
N ASN J 156 -5.98 -98.68 55.12
CA ASN J 156 -6.65 -99.54 56.11
C ASN J 156 -7.23 -100.81 55.46
N GLY J 157 -6.81 -101.03 54.22
CA GLY J 157 -7.25 -102.19 53.47
C GLY J 157 -8.67 -102.18 52.95
N ARG J 158 -9.35 -101.03 53.04
CA ARG J 158 -10.74 -100.92 52.61
C ARG J 158 -10.73 -100.08 51.34
N VAL J 159 -11.30 -100.59 50.26
CA VAL J 159 -11.32 -99.92 48.99
C VAL J 159 -12.75 -99.61 48.53
N GLY J 160 -12.92 -98.42 47.97
CA GLY J 160 -14.18 -97.96 47.42
C GLY J 160 -13.87 -97.62 45.97
N MET J 161 -14.81 -97.84 45.06
CA MET J 161 -14.57 -97.54 43.64
C MET J 161 -15.56 -96.51 43.13
N THR J 162 -15.07 -95.71 42.19
CA THR J 162 -15.92 -94.72 41.56
C THR J 162 -15.35 -94.37 40.21
N GLY J 163 -16.13 -93.60 39.48
CA GLY J 163 -15.72 -93.11 38.18
C GLY J 163 -16.94 -92.85 37.33
N SER J 164 -16.75 -91.97 36.35
CA SER J 164 -17.84 -91.58 35.46
C SER J 164 -17.58 -92.03 34.03
N SER J 165 -18.66 -92.23 33.28
CA SER J 165 -18.60 -92.65 31.88
C SER J 165 -17.86 -93.99 31.74
N TYR J 166 -16.74 -94.02 31.03
CA TYR J 166 -15.98 -95.27 30.85
C TYR J 166 -15.46 -95.67 32.22
N GLU J 167 -15.07 -94.71 33.05
CA GLU J 167 -14.58 -94.97 34.41
C GLU J 167 -15.66 -95.54 35.32
N GLY J 168 -16.93 -95.38 34.93
CA GLY J 168 -18.08 -95.95 35.62
C GLY J 168 -18.34 -97.35 35.10
N PHE J 169 -18.09 -97.58 33.82
CA PHE J 169 -18.17 -98.92 33.22
C PHE J 169 -17.21 -99.89 33.91
N THR J 170 -16.03 -99.39 34.30
CA THR J 170 -15.06 -100.23 35.01
C THR J 170 -15.56 -100.56 36.41
N VAL J 171 -16.35 -99.66 37.02
CA VAL J 171 -16.87 -99.94 38.35
C VAL J 171 -17.90 -101.06 38.27
N VAL J 172 -18.79 -100.94 37.29
CA VAL J 172 -19.85 -101.91 37.06
C VAL J 172 -19.23 -103.27 36.77
N MET J 173 -18.16 -103.31 35.99
CA MET J 173 -17.48 -104.58 35.71
C MET J 173 -16.85 -105.20 36.93
N ALA J 174 -16.47 -104.37 37.90
CA ALA J 174 -15.93 -104.87 39.16
C ALA J 174 -17.05 -105.52 39.93
N LEU J 175 -18.21 -104.86 39.96
CA LEU J 175 -19.35 -105.38 40.70
C LEU J 175 -19.87 -106.73 40.18
N LEU J 176 -19.43 -107.16 39.02
CA LEU J 176 -19.83 -108.49 38.57
C LEU J 176 -19.21 -109.55 39.46
N ASP J 177 -18.01 -109.30 39.97
CA ASP J 177 -17.33 -110.23 40.89
C ASP J 177 -16.35 -109.39 41.68
N PRO J 178 -16.84 -108.72 42.74
CA PRO J 178 -15.98 -107.85 43.55
C PRO J 178 -15.08 -108.54 44.56
N HIS J 179 -13.87 -108.02 44.74
CA HIS J 179 -12.90 -108.50 45.70
C HIS J 179 -13.56 -108.18 47.03
N PRO J 180 -13.38 -109.04 48.05
CA PRO J 180 -13.99 -108.77 49.36
C PRO J 180 -13.53 -107.47 50.04
N ALA J 181 -12.48 -106.83 49.53
CA ALA J 181 -12.02 -105.56 50.12
C ALA J 181 -12.78 -104.37 49.51
N LEU J 182 -13.48 -104.63 48.40
CA LEU J 182 -14.26 -103.57 47.77
C LEU J 182 -15.54 -103.40 48.60
N LYS J 183 -15.55 -102.45 49.53
CA LYS J 183 -16.65 -102.22 50.48
C LYS J 183 -17.78 -101.33 49.96
N VAL J 184 -17.57 -100.56 48.89
CA VAL J 184 -18.62 -99.66 48.40
C VAL J 184 -18.32 -99.25 46.97
N ALA J 185 -19.38 -98.90 46.24
CA ALA J 185 -19.23 -98.49 44.86
C ALA J 185 -20.11 -97.31 44.45
N ALA J 186 -19.60 -96.48 43.55
CA ALA J 186 -20.41 -95.34 43.09
C ALA J 186 -20.25 -95.14 41.57
N PRO J 187 -20.97 -95.95 40.79
CA PRO J 187 -20.89 -95.76 39.36
C PRO J 187 -21.61 -94.47 38.96
N GLU J 188 -20.94 -93.63 38.17
CA GLU J 188 -21.51 -92.36 37.74
C GLU J 188 -21.66 -92.41 36.23
N SER J 189 -22.87 -92.09 35.76
CA SER J 189 -23.20 -92.09 34.33
C SER J 189 -22.47 -93.20 33.58
N PRO J 190 -22.58 -94.46 34.05
CA PRO J 190 -21.79 -95.51 33.42
C PRO J 190 -22.28 -95.98 32.06
N MET J 191 -21.38 -96.57 31.30
CA MET J 191 -21.71 -97.15 30.01
C MET J 191 -22.18 -98.56 30.41
N VAL J 192 -23.48 -98.84 30.26
CA VAL J 192 -24.09 -100.12 30.61
C VAL J 192 -24.62 -100.89 29.39
N ASP J 193 -25.39 -100.22 28.54
CA ASP J 193 -25.94 -100.82 27.33
C ASP J 193 -25.75 -99.78 26.24
N GLY J 194 -24.69 -99.95 25.46
CA GLY J 194 -24.37 -99.03 24.39
C GLY J 194 -25.34 -99.00 23.22
N TRP J 195 -26.23 -99.99 23.09
CA TRP J 195 -27.22 -100.03 22.01
C TRP J 195 -28.58 -99.47 22.42
N MET J 196 -29.05 -99.84 23.61
CA MET J 196 -30.36 -99.37 24.04
C MET J 196 -30.45 -97.86 24.17
N GLY J 197 -29.55 -97.26 24.94
CA GLY J 197 -29.61 -95.82 25.13
C GLY J 197 -28.40 -95.13 25.73
N ASP J 198 -27.21 -95.69 25.56
CA ASP J 198 -25.99 -95.07 26.09
C ASP J 198 -25.22 -94.39 24.94
N ASP J 199 -23.98 -94.80 24.69
CA ASP J 199 -23.13 -94.12 23.70
C ASP J 199 -23.24 -94.38 22.21
N TRP J 200 -23.44 -95.63 21.82
CA TRP J 200 -23.42 -95.94 20.39
C TRP J 200 -24.73 -95.73 19.67
N PHE J 201 -25.80 -96.16 20.30
CA PHE J 201 -27.14 -96.04 19.73
C PHE J 201 -28.12 -95.66 20.81
N HIS J 202 -29.27 -95.15 20.36
CA HIS J 202 -30.45 -94.87 21.18
C HIS J 202 -31.59 -95.59 20.45
N TYR J 203 -32.03 -96.73 20.98
CA TYR J 203 -33.08 -97.54 20.35
C TYR J 203 -32.76 -97.78 18.87
N GLY J 204 -31.51 -98.17 18.60
CA GLY J 204 -31.09 -98.51 17.26
C GLY J 204 -30.61 -97.38 16.38
N ALA J 205 -30.88 -96.13 16.77
CA ALA J 205 -30.48 -95.00 15.96
C ALA J 205 -29.04 -94.67 16.33
N PHE J 206 -28.15 -94.67 15.34
CA PHE J 206 -26.73 -94.45 15.59
C PHE J 206 -26.30 -93.01 15.82
N ARG J 207 -25.44 -92.84 16.83
CA ARG J 207 -24.86 -91.57 17.26
C ARG J 207 -23.53 -91.37 16.54
N GLN J 208 -23.51 -90.40 15.64
CA GLN J 208 -22.36 -90.17 14.78
C GLN J 208 -21.11 -89.59 15.42
N GLY J 209 -21.20 -89.21 16.69
CA GLY J 209 -20.04 -88.68 17.39
C GLY J 209 -19.04 -89.75 17.73
N ALA J 210 -19.50 -91.00 17.75
CA ALA J 210 -18.70 -92.16 18.09
C ALA J 210 -17.44 -92.32 17.23
N PHE J 211 -17.47 -91.79 16.02
CA PHE J 211 -16.37 -91.91 15.09
C PHE J 211 -15.15 -91.21 15.64
N ASP J 212 -15.27 -89.96 16.06
CA ASP J 212 -14.14 -89.25 16.65
C ASP J 212 -13.60 -90.00 17.85
N TYR J 213 -14.51 -90.46 18.71
CA TYR J 213 -14.10 -91.19 19.90
C TYR J 213 -13.22 -92.38 19.46
N PHE J 214 -13.67 -93.17 18.48
CA PHE J 214 -12.90 -94.33 18.05
C PHE J 214 -11.45 -94.00 17.64
N VAL J 215 -11.31 -93.01 16.79
CA VAL J 215 -9.99 -92.64 16.29
C VAL J 215 -9.12 -92.07 17.41
N SER J 216 -9.76 -91.39 18.35
CA SER J 216 -9.08 -90.75 19.46
C SER J 216 -8.65 -91.70 20.55
N GLN J 217 -9.34 -92.84 20.69
CA GLN J 217 -9.05 -93.86 21.71
C GLN J 217 -8.42 -95.16 21.19
N MET J 218 -8.53 -95.45 19.89
CA MET J 218 -7.99 -96.67 19.33
C MET J 218 -6.96 -96.55 18.21
N THR J 219 -6.42 -95.35 18.03
CA THR J 219 -5.41 -95.12 17.03
C THR J 219 -4.05 -95.60 17.57
N ALA J 220 -3.88 -95.48 18.87
CA ALA J 220 -2.65 -95.94 19.56
C ALA J 220 -2.90 -96.29 21.02
N ARG J 221 -1.91 -96.91 21.65
CA ARG J 221 -1.97 -97.22 23.07
C ARG J 221 -2.23 -95.92 23.85
N GLY J 222 -1.45 -94.89 23.52
CA GLY J 222 -1.55 -93.59 24.16
C GLY J 222 -2.54 -92.69 23.47
N GLY J 223 -2.24 -91.40 23.48
CA GLY J 223 -3.12 -90.41 22.85
C GLY J 223 -3.26 -90.54 21.36
N GLY J 224 -4.45 -90.23 20.87
CA GLY J 224 -4.77 -90.27 19.45
C GLY J 224 -5.31 -88.91 19.06
N ASN J 225 -5.71 -88.77 17.80
CA ASN J 225 -6.24 -87.51 17.28
C ASN J 225 -7.69 -87.64 16.80
N ASP J 226 -8.30 -86.50 16.51
CA ASP J 226 -9.65 -86.46 15.95
C ASP J 226 -9.55 -86.62 14.45
N ILE J 227 -10.69 -86.79 13.82
CA ILE J 227 -10.74 -86.98 12.37
C ILE J 227 -10.72 -85.64 11.64
N PRO J 228 -9.72 -85.43 10.76
CA PRO J 228 -9.64 -84.17 10.01
C PRO J 228 -10.90 -83.90 9.21
N ARG J 229 -11.44 -82.69 9.36
CA ARG J 229 -12.67 -82.29 8.69
C ARG J 229 -12.51 -81.35 7.52
N ARG J 230 -13.45 -81.42 6.58
CA ARG J 230 -13.48 -80.54 5.43
C ARG J 230 -14.09 -79.19 5.76
N ASP J 231 -15.27 -79.23 6.37
CA ASP J 231 -16.05 -78.06 6.74
C ASP J 231 -16.05 -77.86 8.24
N ALA J 232 -16.28 -76.63 8.67
CA ALA J 232 -16.36 -76.29 10.09
C ALA J 232 -17.63 -76.87 10.74
N ASP J 233 -18.66 -77.05 9.91
CA ASP J 233 -19.96 -77.57 10.35
C ASP J 233 -20.12 -79.06 10.05
N ASP J 234 -20.30 -79.85 11.11
CA ASP J 234 -20.54 -81.29 10.93
C ASP J 234 -21.89 -81.61 10.25
N TYR J 235 -22.85 -80.70 10.29
CA TYR J 235 -24.11 -80.92 9.61
C TYR J 235 -23.80 -81.06 8.12
N THR J 236 -22.87 -80.24 7.64
CA THR J 236 -22.43 -80.28 6.26
C THR J 236 -21.52 -81.47 5.97
N ASN J 237 -20.55 -81.73 6.84
CA ASN J 237 -19.61 -82.85 6.61
C ASN J 237 -20.32 -84.19 6.47
N PHE J 238 -21.24 -84.49 7.38
CA PHE J 238 -21.99 -85.75 7.38
C PHE J 238 -23.06 -85.83 6.28
N LEU J 239 -23.70 -84.71 5.98
CA LEU J 239 -24.72 -84.69 4.92
C LEU J 239 -24.02 -84.91 3.58
N LYS J 240 -22.86 -84.30 3.36
CA LYS J 240 -22.10 -84.50 2.12
C LYS J 240 -21.50 -85.91 2.01
N ALA J 241 -21.17 -86.54 3.13
CA ALA J 241 -20.64 -87.89 3.13
C ALA J 241 -21.71 -88.92 2.80
N GLY J 242 -22.95 -88.61 3.18
CA GLY J 242 -24.13 -89.42 2.96
C GLY J 242 -24.44 -90.22 4.22
N SER J 243 -24.22 -91.52 4.13
CA SER J 243 -24.47 -92.42 5.24
C SER J 243 -23.32 -92.39 6.23
N ALA J 244 -23.55 -92.88 7.43
CA ALA J 244 -22.54 -93.00 8.49
C ALA J 244 -21.35 -93.89 8.05
N GLY J 245 -21.64 -94.99 7.35
CA GLY J 245 -20.59 -95.90 6.86
C GLY J 245 -19.71 -95.25 5.80
N SER J 246 -20.31 -94.41 4.98
CA SER J 246 -19.56 -93.68 3.96
C SER J 246 -18.58 -92.67 4.59
N PHE J 247 -18.99 -92.07 5.69
CA PHE J 247 -18.14 -91.13 6.40
C PHE J 247 -16.97 -91.91 7.00
N ALA J 248 -17.28 -93.05 7.61
CA ALA J 248 -16.31 -93.91 8.27
C ALA J 248 -15.24 -94.43 7.32
N THR J 249 -15.67 -94.84 6.13
CA THR J 249 -14.76 -95.30 5.09
C THR J 249 -13.85 -94.14 4.71
N GLN J 250 -14.43 -92.96 4.50
CA GLN J 250 -13.65 -91.78 4.10
C GLN J 250 -12.66 -91.32 5.16
N ALA J 251 -12.95 -91.66 6.41
CA ALA J 251 -12.10 -91.32 7.56
C ALA J 251 -11.07 -92.39 7.86
N GLY J 252 -11.11 -93.49 7.14
CA GLY J 252 -10.17 -94.59 7.35
C GLY J 252 -10.57 -95.53 8.48
N LEU J 253 -11.83 -95.50 8.90
CA LEU J 253 -12.27 -96.37 10.00
C LEU J 253 -12.45 -97.86 9.64
N ASP J 254 -12.49 -98.19 8.35
CA ASP J 254 -12.64 -99.58 7.94
C ASP J 254 -11.51 -100.51 8.42
N GLN J 255 -10.38 -99.95 8.84
CA GLN J 255 -9.23 -100.70 9.37
C GLN J 255 -9.25 -100.85 10.90
N TYR J 256 -10.26 -100.27 11.56
CA TYR J 256 -10.42 -100.37 13.01
C TYR J 256 -11.32 -101.56 13.37
N PRO J 257 -10.78 -102.56 14.07
CA PRO J 257 -11.60 -103.73 14.47
C PRO J 257 -12.94 -103.45 15.12
N PHE J 258 -13.00 -102.56 16.12
CA PHE J 258 -14.25 -102.27 16.79
C PHE J 258 -15.33 -101.73 15.85
N TRP J 259 -14.95 -100.90 14.87
CA TRP J 259 -15.91 -100.40 13.89
C TRP J 259 -16.41 -101.50 12.96
N GLN J 260 -15.52 -102.45 12.66
CA GLN J 260 -15.84 -103.62 11.85
C GLN J 260 -16.97 -104.41 12.53
N ARG J 261 -16.84 -104.65 13.83
CA ARG J 261 -17.84 -105.37 14.60
C ARG J 261 -19.17 -104.61 14.68
N MET J 262 -19.09 -103.34 15.05
CA MET J 262 -20.29 -102.52 15.14
C MET J 262 -21.05 -102.41 13.82
N HIS J 263 -20.33 -102.25 12.72
CA HIS J 263 -20.90 -102.19 11.38
C HIS J 263 -21.67 -103.45 11.02
N ALA J 264 -21.18 -104.59 11.48
CA ALA J 264 -21.81 -105.88 11.20
C ALA J 264 -22.96 -106.24 12.16
N HIS J 265 -23.10 -105.47 13.25
CA HIS J 265 -24.17 -105.73 14.21
C HIS J 265 -25.07 -104.51 14.48
N PRO J 266 -25.73 -103.96 13.44
CA PRO J 266 -26.59 -102.80 13.63
C PRO J 266 -27.81 -103.02 14.52
N ALA J 267 -28.28 -104.26 14.60
CA ALA J 267 -29.44 -104.64 15.40
C ALA J 267 -29.01 -105.14 16.76
N TYR J 268 -29.97 -105.30 17.66
CA TYR J 268 -29.70 -105.74 19.01
C TYR J 268 -29.65 -107.26 19.09
N ASP J 269 -28.65 -107.83 18.42
CA ASP J 269 -28.42 -109.27 18.38
C ASP J 269 -27.57 -109.69 19.58
N ALA J 270 -27.02 -110.90 19.51
CA ALA J 270 -26.20 -111.49 20.58
C ALA J 270 -24.99 -110.64 20.96
N PHE J 271 -24.41 -109.98 19.97
CA PHE J 271 -23.24 -109.14 20.19
C PHE J 271 -23.54 -108.07 21.22
N TRP J 272 -24.66 -107.37 21.08
CA TRP J 272 -25.03 -106.33 22.03
C TRP J 272 -25.69 -106.92 23.28
N GLN J 273 -26.56 -107.91 23.12
CA GLN J 273 -27.22 -108.53 24.27
C GLN J 273 -26.22 -109.03 25.30
N GLY J 274 -25.13 -109.62 24.84
CA GLY J 274 -24.07 -110.12 25.70
C GLY J 274 -23.30 -109.03 26.46
N GLN J 275 -23.49 -107.77 26.07
CA GLN J 275 -22.82 -106.64 26.73
C GLN J 275 -23.76 -105.72 27.50
N ALA J 276 -25.00 -106.13 27.70
CA ALA J 276 -26.00 -105.37 28.45
C ALA J 276 -25.74 -105.64 29.93
N LEU J 277 -24.92 -104.80 30.55
CA LEU J 277 -24.51 -105.03 31.94
C LEU J 277 -25.63 -104.99 32.97
N ASP J 278 -26.71 -104.27 32.69
CA ASP J 278 -27.83 -104.19 33.64
C ASP J 278 -28.46 -105.55 33.87
N LYS J 279 -28.65 -106.31 32.79
CA LYS J 279 -29.23 -107.64 32.87
C LYS J 279 -28.27 -108.60 33.57
N ILE J 280 -27.00 -108.56 33.17
CA ILE J 280 -25.94 -109.39 33.74
C ILE J 280 -25.82 -109.10 35.23
N LEU J 281 -25.71 -107.83 35.59
CA LEU J 281 -25.51 -107.49 36.99
C LEU J 281 -26.69 -107.95 37.84
N ALA J 282 -27.90 -107.87 37.30
CA ALA J 282 -29.07 -108.33 38.03
C ALA J 282 -29.03 -109.82 38.33
N GLN J 283 -28.46 -110.60 37.43
CA GLN J 283 -28.33 -112.04 37.61
C GLN J 283 -27.31 -112.37 38.69
N ARG J 284 -26.26 -111.56 38.82
CA ARG J 284 -25.19 -111.76 39.79
C ARG J 284 -25.59 -111.29 41.20
N LYS J 285 -26.47 -110.30 41.30
CA LYS J 285 -26.92 -109.80 42.60
C LYS J 285 -25.81 -109.44 43.61
N PRO J 286 -25.04 -108.39 43.32
CA PRO J 286 -23.95 -108.04 44.23
C PRO J 286 -24.51 -107.56 45.56
N THR J 287 -23.69 -107.65 46.62
CA THR J 287 -24.07 -107.22 47.97
C THR J 287 -23.27 -106.00 48.43
N VAL J 288 -22.44 -105.43 47.55
CA VAL J 288 -21.67 -104.25 47.87
C VAL J 288 -22.63 -103.04 47.83
N PRO J 289 -22.69 -102.21 48.89
CA PRO J 289 -23.53 -101.02 48.87
C PRO J 289 -23.29 -100.19 47.60
N MET J 290 -24.34 -99.74 46.92
CA MET J 290 -24.17 -99.02 45.67
C MET J 290 -24.91 -97.69 45.56
N LEU J 291 -24.22 -96.70 45.01
CA LEU J 291 -24.74 -95.36 44.83
C LEU J 291 -24.68 -95.12 43.32
N TRP J 292 -25.84 -95.21 42.68
CA TRP J 292 -25.93 -95.05 41.24
C TRP J 292 -26.23 -93.61 40.90
N GLU J 293 -25.43 -93.01 40.02
CA GLU J 293 -25.65 -91.60 39.67
C GLU J 293 -25.69 -91.28 38.19
N GLN J 294 -26.57 -90.36 37.82
CA GLN J 294 -26.57 -89.87 36.45
C GLN J 294 -27.17 -88.47 36.47
N GLY J 295 -26.92 -87.68 35.42
CA GLY J 295 -27.53 -86.36 35.32
C GLY J 295 -28.90 -86.46 34.70
N LEU J 296 -29.82 -85.58 35.08
CA LEU J 296 -31.15 -85.56 34.48
C LEU J 296 -31.04 -85.17 33.01
N TRP J 297 -29.99 -84.42 32.65
CA TRP J 297 -29.73 -84.07 31.27
C TRP J 297 -28.41 -84.69 30.79
N ASP J 298 -28.22 -85.95 31.13
CA ASP J 298 -27.02 -86.68 30.73
C ASP J 298 -27.10 -86.91 29.23
N GLN J 299 -26.20 -86.26 28.50
CA GLN J 299 -26.23 -86.33 27.05
C GLN J 299 -25.44 -87.45 26.40
N GLU J 300 -24.77 -88.29 27.18
CA GLU J 300 -23.96 -89.40 26.68
C GLU J 300 -24.35 -90.78 27.18
N ASP J 301 -24.70 -90.90 28.45
CA ASP J 301 -25.09 -92.17 29.05
C ASP J 301 -26.37 -92.07 29.87
N MET J 302 -27.49 -91.79 29.21
CA MET J 302 -28.78 -91.61 29.89
C MET J 302 -29.45 -92.91 30.37
N TRP J 303 -29.13 -94.03 29.73
CA TRP J 303 -29.75 -95.30 30.04
C TRP J 303 -29.14 -95.97 31.28
N GLY J 304 -27.82 -96.05 31.31
CA GLY J 304 -27.06 -96.73 32.36
C GLY J 304 -27.45 -96.87 33.81
N ALA J 305 -27.18 -95.83 34.59
CA ALA J 305 -27.46 -95.83 36.00
C ALA J 305 -28.88 -96.22 36.37
N ILE J 306 -29.86 -95.60 35.72
CA ILE J 306 -31.23 -95.85 36.11
C ILE J 306 -31.70 -97.26 35.78
N HIS J 307 -31.30 -97.78 34.63
CA HIS J 307 -31.71 -99.13 34.28
C HIS J 307 -30.98 -100.19 35.11
N ALA J 308 -29.72 -99.93 35.46
CA ALA J 308 -28.92 -100.83 36.28
C ALA J 308 -29.47 -100.84 37.69
N TRP J 309 -29.83 -99.66 38.19
CA TRP J 309 -30.38 -99.53 39.52
C TRP J 309 -31.75 -100.18 39.62
N GLN J 310 -32.58 -99.95 38.61
CA GLN J 310 -33.93 -100.52 38.58
C GLN J 310 -33.91 -102.04 38.49
N ALA J 311 -32.97 -102.59 37.72
CA ALA J 311 -32.82 -104.02 37.57
C ALA J 311 -32.46 -104.67 38.90
N LEU J 312 -31.54 -104.05 39.64
CA LEU J 312 -31.10 -104.57 40.92
C LEU J 312 -32.23 -104.53 41.93
N LYS J 313 -33.02 -103.46 41.88
CA LYS J 313 -34.12 -103.27 42.81
C LYS J 313 -35.18 -104.34 42.53
N ASP J 314 -35.44 -104.61 41.26
CA ASP J 314 -36.40 -105.64 40.86
C ASP J 314 -35.92 -107.06 41.16
N ALA J 315 -34.61 -107.27 41.19
CA ALA J 315 -34.03 -108.58 41.52
C ALA J 315 -33.86 -108.75 43.03
N ASP J 316 -34.33 -107.76 43.79
CA ASP J 316 -34.30 -107.69 45.25
C ASP J 316 -32.89 -107.82 45.82
N VAL J 317 -32.00 -106.94 45.36
CA VAL J 317 -30.62 -106.92 45.82
C VAL J 317 -30.52 -106.70 47.33
N LYS J 318 -29.67 -107.49 47.98
CA LYS J 318 -29.53 -107.47 49.44
C LYS J 318 -28.39 -106.57 49.86
N ALA J 319 -28.55 -105.28 49.58
CA ALA J 319 -27.55 -104.29 49.93
C ALA J 319 -28.10 -102.92 49.59
N PRO J 320 -27.59 -101.87 50.25
CA PRO J 320 -28.03 -100.52 49.94
C PRO J 320 -27.91 -100.27 48.45
N ASN J 321 -28.97 -99.72 47.85
CA ASN J 321 -29.02 -99.46 46.43
C ASN J 321 -29.80 -98.17 46.23
N THR J 322 -29.07 -97.07 46.09
CA THR J 322 -29.66 -95.76 45.92
C THR J 322 -29.33 -95.12 44.56
N LEU J 323 -30.33 -94.47 44.00
CA LEU J 323 -30.20 -93.73 42.76
C LEU J 323 -30.11 -92.25 43.06
N VAL J 324 -29.18 -91.57 42.41
CA VAL J 324 -29.04 -90.13 42.58
C VAL J 324 -29.06 -89.51 41.18
N MET J 325 -29.91 -88.50 41.00
CA MET J 325 -30.03 -87.79 39.75
C MET J 325 -30.15 -86.31 40.02
N GLY J 326 -29.15 -85.56 39.54
CA GLY J 326 -29.08 -84.12 39.73
C GLY J 326 -29.33 -83.38 38.43
N PRO J 327 -29.32 -82.04 38.49
CA PRO J 327 -29.56 -81.20 37.33
C PRO J 327 -28.24 -80.97 36.61
N TRP J 328 -27.65 -82.07 36.16
CA TRP J 328 -26.35 -82.04 35.53
C TRP J 328 -26.32 -82.62 34.12
N ARG J 329 -25.22 -82.32 33.44
CA ARG J 329 -24.93 -82.89 32.12
C ARG J 329 -24.07 -84.14 32.41
N HIS J 330 -23.64 -84.83 31.37
CA HIS J 330 -22.81 -86.03 31.53
C HIS J 330 -21.57 -85.70 32.34
N SER J 331 -21.37 -86.43 33.44
CA SER J 331 -20.24 -86.26 34.36
C SER J 331 -20.25 -84.93 35.13
N GLY J 332 -21.39 -84.23 35.09
CA GLY J 332 -21.52 -82.93 35.74
C GLY J 332 -21.42 -83.00 37.25
N VAL J 333 -21.69 -84.18 37.77
CA VAL J 333 -21.56 -84.42 39.19
C VAL J 333 -20.13 -84.20 39.69
N ASN J 334 -19.12 -84.22 38.82
CA ASN J 334 -17.72 -83.99 39.24
C ASN J 334 -17.18 -82.58 39.07
N TYR J 335 -18.05 -81.67 38.68
CA TYR J 335 -17.66 -80.27 38.51
C TYR J 335 -18.61 -79.40 39.31
N ASN J 336 -18.99 -78.25 38.78
CA ASN J 336 -19.91 -77.30 39.41
C ASN J 336 -21.31 -77.44 38.80
N GLY J 337 -22.31 -77.66 39.67
CA GLY J 337 -23.69 -77.87 39.25
C GLY J 337 -24.64 -76.71 39.51
N SER J 338 -24.11 -75.49 39.46
CA SER J 338 -24.89 -74.30 39.72
C SER J 338 -25.70 -73.88 38.50
N THR J 339 -25.26 -74.29 37.34
CA THR J 339 -25.94 -73.94 36.11
C THR J 339 -25.75 -75.03 35.08
N LEU J 340 -26.48 -74.86 33.99
CA LEU J 340 -26.41 -75.76 32.85
C LEU J 340 -27.05 -74.96 31.71
N GLY J 341 -26.21 -74.59 30.75
CA GLY J 341 -26.68 -73.78 29.64
C GLY J 341 -27.13 -72.50 30.34
N PRO J 342 -28.30 -71.96 29.99
CA PRO J 342 -28.88 -70.76 30.58
C PRO J 342 -29.65 -71.02 31.88
N LEU J 343 -29.76 -72.27 32.30
CA LEU J 343 -30.50 -72.59 33.53
C LEU J 343 -29.67 -72.33 34.77
N GLU J 344 -30.32 -71.93 35.86
CA GLU J 344 -29.66 -71.67 37.14
C GLU J 344 -30.33 -72.46 38.24
N PHE J 345 -29.57 -73.28 38.96
CA PHE J 345 -30.11 -74.12 40.02
C PHE J 345 -29.81 -73.52 41.39
N GLU J 346 -30.27 -74.15 42.46
CA GLU J 346 -30.03 -73.62 43.80
C GLU J 346 -28.69 -74.02 44.39
N GLY J 347 -27.66 -73.31 43.95
CA GLY J 347 -26.31 -73.55 44.44
C GLY J 347 -25.58 -74.65 43.70
N ASP J 348 -24.35 -74.92 44.15
CA ASP J 348 -23.54 -75.96 43.53
C ASP J 348 -24.12 -77.28 43.93
N THR J 349 -25.12 -77.73 43.15
CA THR J 349 -25.80 -78.99 43.44
C THR J 349 -24.90 -80.22 43.45
N ALA J 350 -23.82 -80.17 42.68
CA ALA J 350 -22.88 -81.28 42.56
C ALA J 350 -22.06 -81.33 43.85
N HIS J 351 -21.60 -80.18 44.32
CA HIS J 351 -20.86 -80.17 45.57
C HIS J 351 -21.77 -80.62 46.72
N GLN J 352 -23.04 -80.20 46.69
CA GLN J 352 -24.02 -80.56 47.69
C GLN J 352 -24.10 -82.08 47.78
N TYR J 353 -24.30 -82.74 46.65
CA TYR J 353 -24.30 -84.20 46.60
C TYR J 353 -23.01 -84.81 47.10
N ARG J 354 -21.88 -84.35 46.57
CA ARG J 354 -20.58 -84.90 46.95
C ARG J 354 -20.33 -84.88 48.45
N ARG J 355 -20.71 -83.77 49.07
CA ARG J 355 -20.51 -83.51 50.48
C ARG J 355 -21.54 -84.13 51.42
N ASP J 356 -22.81 -84.05 51.05
CA ASP J 356 -23.89 -84.54 51.89
C ASP J 356 -24.37 -85.96 51.69
N VAL J 357 -24.03 -86.60 50.57
CA VAL J 357 -24.47 -87.97 50.32
C VAL J 357 -23.31 -88.90 49.91
N PHE J 358 -22.53 -88.50 48.92
CA PHE J 358 -21.43 -89.33 48.42
C PHE J 358 -20.40 -89.60 49.53
N ARG J 359 -19.83 -88.55 50.12
CA ARG J 359 -18.82 -88.70 51.16
C ARG J 359 -19.26 -89.54 52.36
N PRO J 360 -20.33 -89.13 53.07
CA PRO J 360 -20.79 -89.86 54.24
C PRO J 360 -21.14 -91.33 53.98
N PHE J 361 -21.73 -91.62 52.83
CA PHE J 361 -22.04 -92.99 52.43
C PHE J 361 -20.75 -93.80 52.23
N PHE J 362 -19.75 -93.22 51.59
CA PHE J 362 -18.44 -93.90 51.45
C PHE J 362 -17.74 -94.07 52.79
N ASP J 363 -17.84 -93.06 53.66
CA ASP J 363 -17.24 -93.09 55.00
C ASP J 363 -17.81 -94.17 55.90
N GLU J 364 -19.07 -94.53 55.71
CA GLU J 364 -19.68 -95.58 56.53
C GLU J 364 -18.99 -96.94 56.32
N TYR J 365 -18.69 -97.27 55.08
CA TYR J 365 -18.09 -98.57 54.77
C TYR J 365 -16.58 -98.58 54.59
N LEU J 366 -15.97 -97.38 54.54
CA LEU J 366 -14.53 -97.26 54.41
C LEU J 366 -13.80 -96.74 55.65
N LYS J 367 -14.49 -96.02 56.53
CA LYS J 367 -13.92 -95.49 57.76
C LYS J 367 -14.66 -96.01 58.97
N PRO J 368 -14.26 -97.20 59.47
CA PRO J 368 -14.87 -97.80 60.66
C PRO J 368 -15.01 -96.81 61.83
N GLY J 369 -16.21 -96.81 62.40
CA GLY J 369 -16.53 -95.91 63.49
C GLY J 369 -17.29 -94.71 62.96
N SER J 370 -17.42 -94.59 61.64
CA SER J 370 -18.15 -93.47 61.04
C SER J 370 -19.65 -93.66 61.22
N ALA J 371 -20.35 -92.52 61.29
CA ALA J 371 -21.80 -92.51 61.47
C ALA J 371 -22.47 -93.21 60.31
N SER J 372 -23.57 -93.90 60.62
CA SER J 372 -24.32 -94.60 59.60
C SER J 372 -25.32 -93.68 58.92
N VAL J 373 -25.53 -93.93 57.62
CA VAL J 373 -26.47 -93.17 56.82
C VAL J 373 -27.53 -94.13 56.31
N HIS J 374 -28.76 -93.66 56.27
CA HIS J 374 -29.89 -94.45 55.83
C HIS J 374 -30.52 -93.73 54.66
N LEU J 375 -29.95 -94.01 53.48
CA LEU J 375 -30.37 -93.39 52.25
C LEU J 375 -31.66 -94.03 51.75
N PRO J 376 -32.51 -93.23 51.09
CA PRO J 376 -33.75 -93.73 50.54
C PRO J 376 -33.55 -94.44 49.20
N ASP J 377 -34.64 -94.80 48.53
CA ASP J 377 -34.55 -95.40 47.21
C ASP J 377 -33.92 -94.45 46.19
N ALA J 378 -34.31 -93.19 46.25
CA ALA J 378 -33.82 -92.21 45.31
C ALA J 378 -33.73 -90.82 45.91
N ILE J 379 -32.70 -90.10 45.48
CA ILE J 379 -32.45 -88.70 45.84
C ILE J 379 -32.37 -87.95 44.51
N ILE J 380 -33.43 -87.23 44.20
CA ILE J 380 -33.55 -86.58 42.89
C ILE J 380 -33.83 -85.09 42.99
N TYR J 381 -33.06 -84.30 42.27
CA TYR J 381 -33.26 -82.86 42.32
C TYR J 381 -34.53 -82.50 41.55
N ASN J 382 -35.33 -81.60 42.11
CA ASN J 382 -36.55 -81.23 41.43
C ASN J 382 -36.32 -79.97 40.58
N THR J 383 -36.40 -80.15 39.27
CA THR J 383 -36.18 -79.09 38.31
C THR J 383 -37.29 -78.04 38.24
N GLY J 384 -38.36 -78.25 39.01
CA GLY J 384 -39.48 -77.33 39.08
C GLY J 384 -39.45 -76.57 40.38
N ASP J 385 -39.42 -77.29 41.50
CA ASP J 385 -39.35 -76.70 42.84
C ASP J 385 -37.98 -76.15 43.22
N GLN J 386 -36.93 -76.62 42.54
CA GLN J 386 -35.54 -76.22 42.78
C GLN J 386 -35.06 -76.64 44.16
N LYS J 387 -35.14 -77.93 44.43
CA LYS J 387 -34.70 -78.52 45.68
C LYS J 387 -34.50 -80.02 45.52
N TRP J 388 -33.76 -80.60 46.47
CA TRP J 388 -33.54 -82.04 46.48
C TRP J 388 -34.71 -82.78 47.11
N ASP J 389 -35.21 -83.80 46.42
CA ASP J 389 -36.29 -84.64 46.93
C ASP J 389 -35.72 -85.98 47.38
N TYR J 390 -36.09 -86.45 48.57
CA TYR J 390 -35.65 -87.73 49.08
C TYR J 390 -36.88 -88.64 49.01
N TYR J 391 -36.83 -89.61 48.12
CA TYR J 391 -37.92 -90.55 47.95
C TYR J 391 -37.62 -91.92 48.53
N ARG J 392 -38.28 -92.21 49.64
CA ARG J 392 -38.18 -93.49 50.34
C ARG J 392 -38.44 -94.67 49.40
N SER J 393 -39.53 -94.61 48.64
CA SER J 393 -39.83 -95.58 47.60
C SER J 393 -39.90 -94.80 46.28
N TRP J 394 -39.29 -95.27 45.21
CA TRP J 394 -39.33 -94.53 43.96
C TRP J 394 -39.12 -95.48 42.77
N PRO J 395 -39.89 -95.32 41.70
CA PRO J 395 -40.93 -94.31 41.55
C PRO J 395 -42.19 -94.72 42.30
N SER J 396 -43.13 -93.80 42.46
CA SER J 396 -44.40 -94.11 43.10
C SER J 396 -45.44 -94.41 42.03
N VAL J 397 -45.13 -94.12 40.76
CA VAL J 397 -46.03 -94.37 39.64
C VAL J 397 -45.24 -94.91 38.45
N CYS J 398 -45.80 -95.89 37.74
CA CYS J 398 -45.20 -96.45 36.53
C CYS J 398 -46.22 -97.32 35.83
N GLU J 399 -45.85 -97.97 34.73
CA GLU J 399 -46.80 -98.82 34.01
C GLU J 399 -47.37 -100.02 34.74
N SER J 400 -46.57 -100.69 35.56
CA SER J 400 -47.06 -101.87 36.27
C SER J 400 -46.25 -102.07 37.54
N ASN J 401 -46.87 -102.72 38.53
CA ASN J 401 -46.26 -103.02 39.83
C ASN J 401 -45.78 -101.82 40.62
N CYS J 402 -46.61 -100.77 40.61
CA CYS J 402 -46.38 -99.57 41.41
C CYS J 402 -47.62 -99.22 42.20
N THR J 403 -47.45 -98.33 43.17
CA THR J 403 -48.56 -97.85 43.98
C THR J 403 -49.63 -97.25 43.06
N GLY J 404 -49.19 -96.53 42.02
CA GLY J 404 -50.10 -95.90 41.06
C GLY J 404 -49.65 -96.05 39.63
N GLY J 405 -50.51 -95.64 38.71
CA GLY J 405 -50.22 -95.73 37.29
C GLY J 405 -49.93 -94.36 36.72
N LEU J 406 -49.54 -94.39 35.45
CA LEU J 406 -49.24 -93.22 34.64
C LEU J 406 -50.51 -92.50 34.19
N THR J 407 -50.40 -91.20 33.94
CA THR J 407 -51.53 -90.38 33.50
C THR J 407 -51.25 -89.92 32.08
N PRO J 408 -52.06 -90.40 31.10
CA PRO J 408 -51.83 -89.98 29.73
C PRO J 408 -52.14 -88.50 29.49
N LEU J 409 -51.28 -87.86 28.70
CA LEU J 409 -51.45 -86.50 28.24
C LEU J 409 -51.62 -86.67 26.75
N TYR J 410 -52.86 -86.58 26.28
CA TYR J 410 -53.22 -86.84 24.90
C TYR J 410 -53.06 -85.71 23.91
N LEU J 411 -52.58 -86.04 22.72
CA LEU J 411 -52.51 -85.08 21.62
C LEU J 411 -53.96 -84.89 21.22
N ALA J 412 -54.27 -83.71 20.71
CA ALA J 412 -55.63 -83.39 20.32
C ALA J 412 -55.67 -82.43 19.14
N ASP J 413 -56.88 -82.16 18.66
CA ASP J 413 -57.12 -81.20 17.59
C ASP J 413 -56.64 -79.82 17.96
N GLY J 414 -56.34 -79.02 16.94
CA GLY J 414 -55.84 -77.68 17.12
C GLY J 414 -54.46 -77.68 17.76
N HIS J 415 -53.69 -78.73 17.51
CA HIS J 415 -52.36 -78.85 18.11
C HIS J 415 -52.39 -78.59 19.62
N GLY J 416 -53.33 -79.26 20.25
CA GLY J 416 -53.50 -79.16 21.69
C GLY J 416 -53.02 -80.39 22.41
N LEU J 417 -53.06 -80.30 23.73
CA LEU J 417 -52.68 -81.40 24.63
C LEU J 417 -53.64 -81.34 25.80
N SER J 418 -54.21 -82.48 26.15
CA SER J 418 -55.20 -82.58 27.22
C SER J 418 -55.13 -83.91 27.97
N PHE J 419 -55.56 -83.89 29.24
CA PHE J 419 -55.68 -85.09 30.02
C PHE J 419 -56.95 -85.87 29.61
N THR J 420 -57.84 -85.21 28.86
CA THR J 420 -59.06 -85.84 28.39
C THR J 420 -58.81 -86.61 27.10
N HIS J 421 -59.25 -87.86 27.05
CA HIS J 421 -59.11 -88.72 25.87
C HIS J 421 -60.07 -88.26 24.78
N PRO J 422 -59.56 -87.71 23.66
CA PRO J 422 -60.46 -87.24 22.61
C PRO J 422 -61.19 -88.42 21.98
N ALA J 423 -62.52 -88.34 21.89
CA ALA J 423 -63.37 -89.41 21.41
C ALA J 423 -63.19 -89.67 19.92
N ALA J 424 -63.17 -88.61 19.14
CA ALA J 424 -63.01 -88.68 17.68
C ALA J 424 -61.57 -88.97 17.26
N ASP J 425 -61.47 -89.52 16.06
CA ASP J 425 -60.17 -89.80 15.46
C ASP J 425 -59.68 -88.58 14.68
N GLY J 426 -58.37 -88.49 14.48
CA GLY J 426 -57.78 -87.36 13.78
C GLY J 426 -56.31 -87.62 13.53
N ALA J 427 -55.67 -86.80 12.68
CA ALA J 427 -54.25 -86.97 12.40
C ALA J 427 -53.67 -85.68 11.82
N ASP J 428 -52.41 -85.40 12.16
CA ASP J 428 -51.68 -84.22 11.70
C ASP J 428 -50.49 -84.78 10.95
N SER J 429 -50.20 -84.23 9.77
CA SER J 429 -49.11 -84.68 8.93
C SER J 429 -47.95 -83.71 8.84
N TYR J 430 -46.78 -84.23 8.49
CA TYR J 430 -45.59 -83.41 8.26
C TYR J 430 -44.66 -84.22 7.36
N VAL J 431 -43.98 -83.50 6.49
CA VAL J 431 -43.10 -84.11 5.52
C VAL J 431 -41.69 -84.13 6.11
N SER J 432 -41.08 -85.30 6.03
CA SER J 432 -39.71 -85.53 6.47
C SER J 432 -38.82 -85.76 5.25
N ASP J 433 -37.93 -84.80 4.96
CA ASP J 433 -37.03 -84.85 3.82
C ASP J 433 -35.61 -85.03 4.31
N PRO J 434 -35.02 -86.22 4.08
CA PRO J 434 -33.65 -86.49 4.53
C PRO J 434 -32.58 -85.55 3.96
N ALA J 435 -32.84 -84.86 2.85
CA ALA J 435 -31.89 -83.90 2.31
C ALA J 435 -31.84 -82.66 3.20
N HIS J 436 -32.87 -82.41 4.00
CA HIS J 436 -32.97 -81.25 4.88
C HIS J 436 -33.40 -81.72 6.26
N PRO J 437 -32.52 -82.47 6.94
CA PRO J 437 -32.85 -82.99 8.24
C PRO J 437 -32.82 -81.90 9.31
N VAL J 438 -33.58 -82.10 10.37
CA VAL J 438 -33.69 -81.13 11.46
C VAL J 438 -32.41 -81.10 12.30
N PRO J 439 -31.79 -79.91 12.42
CA PRO J 439 -30.60 -79.82 13.26
C PRO J 439 -30.98 -80.10 14.70
N PHE J 440 -30.21 -80.95 15.39
CA PHE J 440 -30.50 -81.25 16.79
C PHE J 440 -30.24 -80.04 17.66
N ILE J 441 -29.27 -79.22 17.26
CA ILE J 441 -28.97 -77.91 17.86
C ILE J 441 -28.64 -76.99 16.69
N SER J 442 -28.70 -75.68 16.93
CA SER J 442 -28.45 -74.68 15.90
C SER J 442 -27.15 -74.80 15.11
N ARG J 443 -27.23 -74.62 13.79
CA ARG J 443 -26.03 -74.66 12.95
C ARG J 443 -25.22 -73.38 13.10
N PRO J 444 -23.88 -73.47 12.97
CA PRO J 444 -23.09 -74.66 12.70
C PRO J 444 -22.69 -75.34 13.98
N PHE J 445 -22.42 -76.65 13.91
CA PHE J 445 -21.96 -77.42 15.05
C PHE J 445 -20.99 -78.52 14.64
N ALA J 446 -19.91 -78.65 15.40
CA ALA J 446 -18.90 -79.68 15.17
C ALA J 446 -18.76 -80.45 16.47
N PHE J 447 -18.63 -81.77 16.39
CA PHE J 447 -18.53 -82.60 17.58
C PHE J 447 -17.40 -82.18 18.53
N ALA J 448 -16.36 -81.58 17.96
CA ALA J 448 -15.25 -81.02 18.71
C ALA J 448 -15.68 -79.90 19.66
N GLN J 449 -16.75 -79.17 19.34
CA GLN J 449 -17.21 -78.06 20.18
C GLN J 449 -17.86 -78.54 21.46
N SER J 450 -17.04 -78.84 22.46
CA SER J 450 -17.51 -79.34 23.76
C SER J 450 -18.47 -78.39 24.47
N SER J 451 -18.19 -77.10 24.39
CA SER J 451 -18.99 -76.09 25.06
C SER J 451 -20.45 -76.09 24.65
N ARG J 452 -20.71 -76.52 23.41
CA ARG J 452 -22.05 -76.61 22.84
C ARG J 452 -22.66 -77.99 22.94
N TRP J 453 -21.81 -79.01 22.98
CA TRP J 453 -22.27 -80.39 23.15
C TRP J 453 -22.80 -80.65 24.55
N LYS J 454 -22.04 -80.26 25.57
CA LYS J 454 -22.40 -80.54 26.96
C LYS J 454 -23.81 -80.20 27.43
N PRO J 455 -24.28 -78.97 27.16
CA PRO J 455 -25.63 -78.60 27.58
C PRO J 455 -26.66 -78.67 26.46
N TRP J 456 -26.46 -79.54 25.48
CA TRP J 456 -27.36 -79.55 24.34
C TRP J 456 -28.79 -79.92 24.69
N LEU J 457 -28.97 -80.79 25.68
CA LEU J 457 -30.31 -81.21 26.04
C LEU J 457 -31.21 -80.14 26.69
N VAL J 458 -30.67 -78.98 27.08
CA VAL J 458 -31.49 -77.92 27.70
C VAL J 458 -31.73 -76.71 26.80
N GLN J 459 -31.39 -76.86 25.52
CA GLN J 459 -31.50 -75.75 24.58
C GLN J 459 -32.94 -75.54 24.17
N ASP J 460 -33.26 -74.30 23.83
CA ASP J 460 -34.59 -73.89 23.41
C ASP J 460 -35.00 -74.59 22.12
N GLN J 461 -36.21 -75.13 22.09
CA GLN J 461 -36.72 -75.85 20.93
C GLN J 461 -37.59 -75.01 20.00
N ARG J 462 -37.51 -73.68 20.15
CA ARG J 462 -38.26 -72.81 19.28
C ARG J 462 -37.83 -72.89 17.83
N GLU J 463 -36.55 -73.15 17.57
CA GLU J 463 -36.11 -73.25 16.18
C GLU J 463 -36.90 -74.39 15.54
N ALA J 464 -36.92 -75.55 16.20
CA ALA J 464 -37.63 -76.73 15.71
C ALA J 464 -39.12 -76.49 15.48
N GLU J 465 -39.75 -75.80 16.43
CA GLU J 465 -41.17 -75.50 16.32
C GLU J 465 -41.52 -74.71 15.04
N SER J 466 -40.60 -73.89 14.57
CA SER J 466 -40.87 -73.07 13.40
C SER J 466 -40.86 -73.79 12.06
N ARG J 467 -40.39 -75.03 12.06
CA ARG J 467 -40.25 -75.83 10.86
C ARG J 467 -41.46 -76.68 10.49
N PRO J 468 -41.70 -76.85 9.18
CA PRO J 468 -42.81 -77.66 8.72
C PRO J 468 -42.57 -79.17 8.82
N ASP J 469 -41.36 -79.58 9.14
CA ASP J 469 -41.03 -80.99 9.33
C ASP J 469 -40.97 -81.44 10.80
N VAL J 470 -41.68 -80.68 11.64
CA VAL J 470 -41.81 -80.89 13.06
C VAL J 470 -43.26 -80.59 13.46
N VAL J 471 -43.92 -81.46 14.22
CA VAL J 471 -45.28 -81.19 14.69
C VAL J 471 -45.26 -80.84 16.17
N THR J 472 -45.93 -79.78 16.57
CA THR J 472 -45.92 -79.30 17.95
C THR J 472 -47.33 -79.16 18.57
N TYR J 473 -47.44 -79.65 19.80
CA TYR J 473 -48.69 -79.66 20.55
C TYR J 473 -48.38 -79.00 21.88
N GLU J 474 -49.35 -78.28 22.43
CA GLU J 474 -49.19 -77.67 23.73
C GLU J 474 -50.50 -77.56 24.51
N THR J 475 -50.41 -77.57 25.83
CA THR J 475 -51.60 -77.34 26.67
C THR J 475 -51.91 -75.84 26.73
N GLU J 476 -53.03 -75.48 27.34
CA GLU J 476 -53.35 -74.08 27.59
C GLU J 476 -52.38 -73.70 28.70
N VAL J 477 -52.20 -72.40 28.93
CA VAL J 477 -51.32 -72.00 30.03
C VAL J 477 -51.96 -72.58 31.29
N LEU J 478 -51.12 -73.18 32.12
CA LEU J 478 -51.59 -73.87 33.31
C LEU J 478 -52.09 -72.95 34.41
N ASP J 479 -53.26 -73.26 34.95
CA ASP J 479 -53.87 -72.55 36.10
C ASP J 479 -53.48 -73.18 37.43
N GLU J 480 -53.07 -74.45 37.38
CA GLU J 480 -52.65 -75.23 38.55
C GLU J 480 -51.45 -76.07 38.13
N PRO J 481 -50.43 -76.16 38.98
CA PRO J 481 -49.22 -76.90 38.62
C PRO J 481 -49.45 -78.40 38.47
N VAL J 482 -48.67 -79.06 37.63
CA VAL J 482 -48.76 -80.50 37.48
C VAL J 482 -47.35 -80.97 37.84
N ARG J 483 -47.29 -81.89 38.80
CA ARG J 483 -46.05 -82.46 39.30
C ARG J 483 -45.85 -83.81 38.68
N VAL J 484 -44.62 -84.09 38.26
CA VAL J 484 -44.30 -85.35 37.62
C VAL J 484 -43.03 -85.89 38.26
N SER J 485 -42.96 -87.21 38.43
CA SER J 485 -41.80 -87.85 39.03
C SER J 485 -41.77 -89.35 38.73
N GLY J 486 -40.99 -89.75 37.74
CA GLY J 486 -40.93 -91.13 37.27
C GLY J 486 -40.46 -91.16 35.84
N VAL J 487 -40.72 -92.27 35.14
CA VAL J 487 -40.27 -92.35 33.77
C VAL J 487 -41.51 -92.20 32.89
N PRO J 488 -41.52 -91.18 32.03
CA PRO J 488 -42.64 -91.02 31.11
C PRO J 488 -42.50 -92.04 29.98
N VAL J 489 -43.60 -92.35 29.30
CA VAL J 489 -43.62 -93.31 28.21
C VAL J 489 -44.32 -92.73 27.01
N ALA J 490 -43.70 -92.82 25.84
CA ALA J 490 -44.31 -92.34 24.60
C ALA J 490 -45.21 -93.46 24.08
N ASP J 491 -46.48 -93.13 23.81
CA ASP J 491 -47.46 -94.08 23.31
C ASP J 491 -47.85 -93.46 21.96
N LEU J 492 -47.05 -93.76 20.96
CA LEU J 492 -47.18 -93.15 19.65
C LEU J 492 -47.88 -94.03 18.64
N PHE J 493 -48.84 -93.42 17.94
CA PHE J 493 -49.58 -94.04 16.86
C PHE J 493 -49.22 -93.17 15.67
N ALA J 494 -48.32 -93.68 14.84
CA ALA J 494 -47.82 -92.95 13.69
C ALA J 494 -47.71 -93.79 12.45
N ALA J 495 -47.89 -93.13 11.31
CA ALA J 495 -47.81 -93.72 9.97
C ALA J 495 -46.81 -92.94 9.14
N THR J 496 -46.11 -93.66 8.26
CA THR J 496 -45.16 -93.06 7.33
C THR J 496 -45.45 -93.61 5.94
N SER J 497 -45.27 -92.78 4.91
CA SER J 497 -45.46 -93.26 3.54
C SER J 497 -44.30 -94.17 3.09
N GLY J 498 -43.20 -94.16 3.84
CA GLY J 498 -42.04 -94.97 3.56
C GLY J 498 -42.14 -96.34 4.21
N THR J 499 -41.02 -97.06 4.18
CA THR J 499 -40.97 -98.40 4.75
C THR J 499 -40.09 -98.46 6.00
N ASP J 500 -39.65 -97.29 6.48
CA ASP J 500 -38.84 -97.18 7.68
C ASP J 500 -38.95 -95.69 8.09
N SER J 501 -38.65 -95.43 9.36
CA SER J 501 -38.65 -94.08 9.89
C SER J 501 -38.16 -94.03 11.32
N ASP J 502 -37.64 -92.85 11.66
CA ASP J 502 -37.21 -92.56 13.01
C ASP J 502 -38.31 -91.68 13.59
N TRP J 503 -38.50 -91.76 14.90
CA TRP J 503 -39.49 -90.98 15.60
C TRP J 503 -38.84 -90.33 16.81
N VAL J 504 -38.79 -89.00 16.81
CA VAL J 504 -38.23 -88.23 17.91
C VAL J 504 -39.39 -87.59 18.66
N VAL J 505 -39.44 -87.81 19.97
CA VAL J 505 -40.48 -87.31 20.82
C VAL J 505 -39.86 -86.50 21.93
N LYS J 506 -40.35 -85.27 22.10
CA LYS J 506 -39.84 -84.36 23.11
C LYS J 506 -40.92 -83.88 24.07
N LEU J 507 -40.63 -83.98 25.38
CA LEU J 507 -41.52 -83.46 26.43
C LEU J 507 -40.89 -82.18 26.93
N ILE J 508 -41.60 -81.08 26.72
CA ILE J 508 -41.13 -79.71 26.99
C ILE J 508 -41.91 -78.91 28.01
N ASP J 509 -41.18 -78.11 28.78
CA ASP J 509 -41.77 -77.17 29.73
C ASP J 509 -41.63 -75.79 29.09
N VAL J 510 -42.77 -75.23 28.67
CA VAL J 510 -42.77 -73.88 28.09
C VAL J 510 -42.81 -72.86 29.23
N GLN J 511 -41.78 -72.04 29.35
CA GLN J 511 -41.69 -71.05 30.41
C GLN J 511 -42.70 -69.95 30.20
N PRO J 512 -43.08 -69.19 31.26
CA PRO J 512 -44.09 -68.16 31.08
C PRO J 512 -43.79 -67.24 29.91
N ALA J 513 -44.83 -66.82 29.19
CA ALA J 513 -44.70 -65.95 28.03
C ALA J 513 -43.68 -64.85 28.23
N MET J 514 -43.68 -64.25 29.41
CA MET J 514 -42.71 -63.24 29.79
C MET J 514 -42.13 -63.58 31.17
N THR J 515 -40.82 -63.57 31.28
CA THR J 515 -40.12 -63.85 32.52
C THR J 515 -39.34 -62.57 32.75
N PRO J 516 -39.96 -61.60 33.41
CA PRO J 516 -39.35 -60.29 33.53
C PRO J 516 -38.05 -60.24 34.32
N ASP J 517 -37.84 -61.18 35.22
CA ASP J 517 -36.61 -61.18 36.03
C ASP J 517 -35.40 -61.65 35.23
N ASP J 518 -35.66 -62.42 34.18
CA ASP J 518 -34.65 -62.96 33.26
C ASP J 518 -35.34 -62.97 31.90
N PRO J 519 -35.43 -61.81 31.23
CA PRO J 519 -36.16 -61.63 29.98
C PRO J 519 -35.95 -62.66 28.88
N LYS J 520 -34.73 -63.16 28.74
CA LYS J 520 -34.41 -64.11 27.69
C LYS J 520 -35.14 -65.44 27.82
N MET J 521 -35.65 -65.80 29.00
CA MET J 521 -36.34 -67.07 29.14
C MET J 521 -37.82 -67.04 28.75
N GLY J 522 -38.34 -65.88 28.37
CA GLY J 522 -39.76 -65.73 28.06
C GLY J 522 -40.22 -66.63 26.92
N GLY J 523 -41.17 -67.52 27.20
CA GLY J 523 -41.63 -68.49 26.20
C GLY J 523 -40.60 -69.53 25.80
N TYR J 524 -39.52 -69.67 26.56
CA TYR J 524 -38.45 -70.63 26.25
C TYR J 524 -38.97 -72.06 26.34
N GLU J 525 -38.76 -72.86 25.29
CA GLU J 525 -39.24 -74.24 25.25
C GLU J 525 -38.08 -75.15 25.74
N LEU J 526 -38.12 -75.43 27.03
CA LEU J 526 -37.13 -76.25 27.72
C LEU J 526 -37.44 -77.74 27.73
N PRO J 527 -36.60 -78.54 27.07
CA PRO J 527 -36.84 -79.98 27.11
C PRO J 527 -36.53 -80.67 28.42
N VAL J 528 -37.53 -81.29 29.03
CA VAL J 528 -37.27 -82.03 30.26
C VAL J 528 -36.92 -83.49 29.96
N SER J 529 -37.45 -84.00 28.85
CA SER J 529 -37.19 -85.37 28.46
C SER J 529 -37.44 -85.59 26.98
N MET J 530 -36.45 -86.10 26.27
CA MET J 530 -36.59 -86.42 24.85
C MET J 530 -35.80 -87.67 24.45
N ASP J 531 -36.28 -88.37 23.42
CA ASP J 531 -35.52 -89.51 22.91
C ASP J 531 -35.99 -89.83 21.51
N ILE J 532 -35.22 -90.68 20.83
CA ILE J 532 -35.48 -91.10 19.46
C ILE J 532 -35.69 -92.61 19.39
N PHE J 533 -36.53 -93.06 18.47
CA PHE J 533 -36.78 -94.48 18.30
C PHE J 533 -36.69 -94.84 16.83
N ARG J 534 -35.84 -95.80 16.48
CA ARG J 534 -35.68 -96.24 15.09
C ARG J 534 -36.77 -97.27 14.77
N GLY J 535 -37.71 -96.83 13.93
CA GLY J 535 -38.90 -97.56 13.53
C GLY J 535 -38.83 -99.03 13.21
N ARG J 536 -37.76 -99.45 12.56
CA ARG J 536 -37.58 -100.84 12.12
C ARG J 536 -37.61 -101.77 13.32
N TYR J 537 -37.28 -101.26 14.50
CA TYR J 537 -37.27 -102.07 15.71
C TYR J 537 -38.55 -102.03 16.53
N ARG J 538 -39.68 -101.66 15.91
CA ARG J 538 -40.96 -101.52 16.59
C ARG J 538 -41.39 -102.78 17.34
N LYS J 539 -41.33 -103.92 16.66
CA LYS J 539 -41.73 -105.21 17.20
C LYS J 539 -40.60 -105.88 18.00
N ASP J 540 -39.41 -105.93 17.42
CA ASP J 540 -38.27 -106.61 18.03
C ASP J 540 -36.92 -105.93 17.80
N PHE J 541 -36.20 -105.61 18.88
CA PHE J 541 -34.91 -104.95 18.74
C PHE J 541 -33.89 -105.81 18.00
N ALA J 542 -34.02 -107.12 18.12
CA ALA J 542 -33.08 -108.06 17.51
C ALA J 542 -33.45 -108.47 16.08
N LYS J 543 -34.67 -108.17 15.66
CA LYS J 543 -35.13 -108.53 14.33
C LYS J 543 -35.83 -107.35 13.66
N PRO J 544 -35.07 -106.56 12.89
CA PRO J 544 -35.69 -105.42 12.24
C PRO J 544 -36.67 -105.88 11.16
N GLU J 545 -37.71 -105.07 10.93
CA GLU J 545 -38.71 -105.33 9.91
C GLU J 545 -39.17 -104.01 9.34
N ALA J 546 -39.55 -104.05 8.07
CA ALA J 546 -40.00 -102.88 7.36
C ALA J 546 -41.30 -102.39 7.97
N LEU J 547 -41.59 -101.12 7.68
CA LEU J 547 -42.84 -100.53 8.12
C LEU J 547 -43.83 -100.57 6.96
N GLN J 548 -45.06 -100.89 7.30
CA GLN J 548 -46.16 -100.95 6.37
C GLN J 548 -46.50 -99.52 5.92
N PRO J 549 -46.29 -99.17 4.64
CA PRO J 549 -46.58 -97.79 4.21
C PRO J 549 -48.02 -97.41 4.46
N ASP J 550 -48.20 -96.15 4.86
CA ASP J 550 -49.49 -95.52 5.13
C ASP J 550 -50.30 -96.20 6.24
N ALA J 551 -49.67 -97.05 7.05
CA ALA J 551 -50.38 -97.73 8.14
C ALA J 551 -50.05 -97.10 9.47
N THR J 552 -51.05 -96.88 10.32
CA THR J 552 -50.86 -96.31 11.64
C THR J 552 -50.39 -97.43 12.56
N LEU J 553 -49.15 -97.31 13.01
CA LEU J 553 -48.51 -98.31 13.84
C LEU J 553 -48.24 -97.80 15.25
N HIS J 554 -48.32 -98.73 16.20
CA HIS J 554 -48.13 -98.45 17.61
C HIS J 554 -46.70 -98.63 18.12
N TYR J 555 -46.14 -97.50 18.58
CA TYR J 555 -44.80 -97.44 19.14
C TYR J 555 -44.93 -97.14 20.64
N HIS J 556 -44.18 -97.88 21.44
CA HIS J 556 -44.26 -97.73 22.87
C HIS J 556 -42.85 -97.79 23.45
N PHE J 557 -42.36 -96.68 24.00
CA PHE J 557 -41.01 -96.63 24.54
C PHE J 557 -40.80 -95.61 25.65
N THR J 558 -39.90 -95.95 26.56
CA THR J 558 -39.61 -95.10 27.72
C THR J 558 -38.69 -93.96 27.30
N LEU J 559 -38.93 -92.80 27.91
CA LEU J 559 -38.18 -91.58 27.70
C LEU J 559 -37.41 -91.33 28.99
N PRO J 560 -36.39 -90.44 28.98
CA PRO J 560 -35.63 -90.11 30.17
C PRO J 560 -36.48 -89.76 31.37
N ALA J 561 -35.98 -90.03 32.58
CA ALA J 561 -36.74 -89.74 33.78
C ALA J 561 -36.90 -88.24 34.02
N VAL J 562 -37.99 -87.90 34.70
CA VAL J 562 -38.29 -86.53 35.06
C VAL J 562 -38.64 -86.46 36.54
N ASN J 563 -38.31 -85.33 37.16
CA ASN J 563 -38.67 -84.99 38.54
C ASN J 563 -38.83 -83.48 38.41
N HIS J 564 -40.02 -83.08 37.98
CA HIS J 564 -40.29 -81.70 37.64
C HIS J 564 -41.68 -81.23 38.08
N VAL J 565 -41.88 -79.92 37.99
CA VAL J 565 -43.18 -79.30 38.25
C VAL J 565 -43.40 -78.28 37.14
N PHE J 566 -44.50 -78.43 36.41
CA PHE J 566 -44.90 -77.49 35.37
C PHE J 566 -45.78 -76.53 36.17
N ALA J 567 -45.24 -75.36 36.48
CA ALA J 567 -45.88 -74.37 37.32
C ALA J 567 -46.91 -73.51 36.60
N LYS J 568 -47.66 -72.75 37.40
CA LYS J 568 -48.65 -71.85 36.88
C LYS J 568 -47.96 -70.93 35.88
N GLY J 569 -48.64 -70.65 34.77
CA GLY J 569 -48.06 -69.79 33.73
C GLY J 569 -47.27 -70.54 32.69
N HIS J 570 -46.87 -71.78 32.99
CA HIS J 570 -46.15 -72.59 32.04
C HIS J 570 -47.15 -73.35 31.17
N ARG J 571 -46.66 -74.05 30.15
CA ARG J 571 -47.43 -74.95 29.31
C ARG J 571 -46.62 -76.23 29.26
N ILE J 572 -47.28 -77.35 28.99
CA ILE J 572 -46.59 -78.60 28.77
C ILE J 572 -46.65 -78.63 27.24
N MET J 573 -45.58 -79.08 26.61
CA MET J 573 -45.53 -79.14 25.17
C MET J 573 -44.95 -80.48 24.75
N VAL J 574 -45.29 -80.87 23.53
CA VAL J 574 -44.79 -82.09 22.92
C VAL J 574 -44.47 -81.77 21.46
N GLN J 575 -43.26 -82.12 21.06
CA GLN J 575 -42.78 -81.98 19.70
C GLN J 575 -42.41 -83.36 19.16
N ILE J 576 -42.78 -83.64 17.92
CA ILE J 576 -42.51 -84.90 17.24
C ILE J 576 -41.93 -84.60 15.86
N GLN J 577 -40.80 -85.24 15.56
CA GLN J 577 -40.09 -85.08 14.28
C GLN J 577 -39.41 -86.41 13.91
N SER J 578 -38.81 -86.48 12.72
CA SER J 578 -38.20 -87.73 12.25
C SER J 578 -36.72 -87.68 11.88
N SER J 579 -36.02 -86.64 12.32
CA SER J 579 -34.57 -86.52 12.15
C SER J 579 -34.00 -85.69 13.29
N TRP J 580 -32.69 -85.79 13.53
CA TRP J 580 -32.05 -85.09 14.65
C TRP J 580 -30.58 -85.21 14.34
N PHE J 581 -30.20 -84.38 13.36
CA PHE J 581 -28.91 -84.43 12.68
C PHE J 581 -27.96 -83.31 13.12
N PRO J 582 -26.62 -83.55 13.12
CA PRO J 582 -25.91 -84.79 12.78
C PRO J 582 -25.66 -85.80 13.87
N LEU J 583 -26.16 -85.54 15.08
CA LEU J 583 -26.00 -86.46 16.20
C LEU J 583 -26.41 -87.86 15.77
N TYR J 584 -27.62 -88.00 15.24
CA TYR J 584 -28.11 -89.30 14.75
C TYR J 584 -28.06 -89.42 13.23
N ASP J 585 -27.62 -90.58 12.74
CA ASP J 585 -27.60 -90.75 11.29
C ASP J 585 -29.04 -90.72 10.79
N ARG J 586 -29.22 -90.29 9.55
CA ARG J 586 -30.55 -90.17 8.99
C ARG J 586 -31.15 -91.51 8.59
N ASN J 587 -32.43 -91.65 8.87
CA ASN J 587 -33.14 -92.86 8.48
C ASN J 587 -33.49 -92.58 7.03
N PRO J 588 -33.10 -93.48 6.10
CA PRO J 588 -33.36 -93.27 4.70
C PRO J 588 -34.83 -93.25 4.34
N GLN J 589 -35.66 -93.76 5.25
CA GLN J 589 -37.12 -93.81 5.07
C GLN J 589 -37.54 -94.84 4.02
N LYS J 590 -36.62 -95.77 3.81
CA LYS J 590 -36.76 -96.89 2.90
C LYS J 590 -36.06 -98.00 3.69
N PHE J 591 -36.70 -99.16 3.83
CA PHE J 591 -36.11 -100.23 4.61
C PHE J 591 -34.99 -100.89 3.83
N VAL J 592 -33.75 -100.64 4.28
CA VAL J 592 -32.55 -101.18 3.66
C VAL J 592 -31.96 -102.17 4.65
N PRO J 593 -31.24 -103.21 4.19
CA PRO J 593 -30.70 -104.19 5.14
C PRO J 593 -29.87 -103.61 6.26
N ASN J 594 -29.02 -102.63 5.93
CA ASN J 594 -28.16 -101.96 6.90
C ASN J 594 -28.11 -100.44 6.63
N ILE J 595 -28.57 -99.64 7.59
CA ILE J 595 -28.59 -98.18 7.44
C ILE J 595 -27.18 -97.60 7.34
N PHE J 596 -26.20 -98.24 7.96
CA PHE J 596 -24.82 -97.77 7.79
C PHE J 596 -24.38 -97.67 6.33
N ASP J 597 -24.85 -98.61 5.50
CA ASP J 597 -24.50 -98.74 4.09
C ASP J 597 -25.51 -98.15 3.12
N ALA J 598 -26.42 -97.32 3.63
CA ALA J 598 -27.42 -96.72 2.77
C ALA J 598 -26.74 -95.93 1.65
N LYS J 599 -27.35 -95.94 0.46
CA LYS J 599 -26.83 -95.25 -0.71
C LYS J 599 -27.63 -94.00 -1.07
N PRO J 600 -27.04 -93.09 -1.84
CA PRO J 600 -27.72 -91.85 -2.16
C PRO J 600 -29.14 -92.02 -2.68
N ALA J 601 -29.35 -93.02 -3.53
CA ALA J 601 -30.69 -93.27 -4.05
C ALA J 601 -31.67 -93.82 -3.02
N ASP J 602 -31.18 -94.40 -1.93
CA ASP J 602 -32.08 -94.94 -0.90
C ASP J 602 -32.81 -93.90 -0.03
N TYR J 603 -32.30 -92.67 0.01
CA TYR J 603 -32.89 -91.61 0.84
C TYR J 603 -34.14 -91.05 0.22
N THR J 604 -35.28 -91.33 0.85
CA THR J 604 -36.57 -90.95 0.32
C THR J 604 -37.36 -89.99 1.19
N VAL J 605 -38.01 -89.03 0.54
CA VAL J 605 -38.90 -88.08 1.19
C VAL J 605 -40.12 -88.89 1.59
N ALA J 606 -40.74 -88.54 2.71
CA ALA J 606 -41.92 -89.25 3.21
C ALA J 606 -42.87 -88.35 4.01
N THR J 607 -44.15 -88.65 3.95
CA THR J 607 -45.21 -87.92 4.67
C THR J 607 -45.53 -88.73 5.92
N GLN J 608 -45.35 -88.09 7.07
CA GLN J 608 -45.55 -88.74 8.35
C GLN J 608 -46.85 -88.22 8.93
N SER J 609 -47.63 -89.10 9.54
CA SER J 609 -48.90 -88.73 10.13
C SER J 609 -49.02 -89.25 11.57
N ILE J 610 -49.21 -88.33 12.50
CA ILE J 610 -49.40 -88.66 13.91
C ILE J 610 -50.91 -88.67 14.19
N HIS J 611 -51.43 -89.80 14.66
CA HIS J 611 -52.86 -89.95 14.97
C HIS J 611 -53.13 -89.52 16.41
N HIS J 612 -54.28 -88.89 16.64
CA HIS J 612 -54.68 -88.49 17.97
C HIS J 612 -56.17 -88.83 18.11
N GLY J 613 -56.55 -89.19 19.33
CA GLY J 613 -57.92 -89.56 19.64
C GLY J 613 -58.28 -91.00 19.31
N GLY J 614 -59.51 -91.36 19.70
CA GLY J 614 -60.01 -92.69 19.41
C GLY J 614 -59.15 -93.83 19.91
N LYS J 615 -59.17 -94.92 19.17
CA LYS J 615 -58.41 -96.11 19.55
C LYS J 615 -56.91 -95.98 19.26
N GLU J 616 -56.51 -94.95 18.52
CA GLU J 616 -55.09 -94.69 18.20
C GLU J 616 -54.70 -93.33 18.77
N ALA J 617 -55.04 -93.14 20.04
CA ALA J 617 -54.80 -91.90 20.76
C ALA J 617 -53.36 -91.68 21.24
N THR J 618 -52.54 -91.04 20.41
CA THR J 618 -51.17 -90.78 20.78
C THR J 618 -51.16 -89.97 22.06
N SER J 619 -50.21 -90.28 22.93
CA SER J 619 -50.07 -89.53 24.15
C SER J 619 -48.71 -89.87 24.76
N ILE J 620 -48.36 -89.09 25.77
CA ILE J 620 -47.15 -89.29 26.56
C ILE J 620 -47.68 -89.70 27.92
N LEU J 621 -47.44 -90.93 28.33
CA LEU J 621 -47.90 -91.39 29.63
C LEU J 621 -47.01 -90.72 30.68
N LEU J 622 -47.55 -89.72 31.37
CA LEU J 622 -46.80 -88.94 32.35
C LEU J 622 -46.89 -89.45 33.78
N PRO J 623 -45.75 -89.45 34.50
CA PRO J 623 -45.78 -89.92 35.86
C PRO J 623 -46.28 -88.78 36.77
N VAL J 624 -47.57 -88.47 36.66
CA VAL J 624 -48.15 -87.41 37.48
C VAL J 624 -48.29 -87.88 38.92
N VAL J 625 -47.86 -87.03 39.85
CA VAL J 625 -47.91 -87.32 41.27
C VAL J 625 -48.57 -86.17 42.01
N LYS J 626 -49.15 -86.48 43.16
CA LYS J 626 -49.83 -85.48 43.98
C LYS J 626 -48.87 -84.83 44.98
N HIS K 10 -36.39 -19.12 64.16
CA HIS K 10 -35.83 -20.48 63.85
C HIS K 10 -34.55 -20.36 63.03
N ASP K 11 -33.56 -21.16 63.41
CA ASP K 11 -32.26 -21.21 62.75
C ASP K 11 -32.44 -21.91 61.42
N PRO K 12 -32.17 -21.19 60.30
CA PRO K 12 -32.34 -21.82 58.99
C PRO K 12 -31.33 -22.91 58.64
N LEU K 13 -30.18 -22.94 59.33
CA LEU K 13 -29.15 -23.95 59.09
C LEU K 13 -29.44 -25.26 59.83
N SER K 14 -30.57 -25.30 60.53
CA SER K 14 -30.99 -26.47 61.32
C SER K 14 -32.44 -26.84 61.08
N VAL K 15 -33.33 -25.86 61.10
CA VAL K 15 -34.74 -26.11 60.92
C VAL K 15 -35.24 -25.59 59.58
N GLN K 16 -35.70 -26.50 58.73
CA GLN K 16 -36.24 -26.19 57.40
C GLN K 16 -37.76 -26.34 57.41
N THR K 17 -38.48 -25.25 57.21
CA THR K 17 -39.94 -25.27 57.14
C THR K 17 -40.45 -24.98 55.73
N GLY K 18 -39.53 -24.76 54.80
CA GLY K 18 -39.87 -24.54 53.40
C GLY K 18 -39.49 -25.75 52.57
N SER K 19 -38.90 -25.52 51.41
CA SER K 19 -38.48 -26.58 50.48
C SER K 19 -36.97 -26.61 50.25
N ASP K 20 -36.43 -27.81 50.08
CA ASP K 20 -35.01 -28.02 49.80
C ASP K 20 -34.70 -27.90 48.32
N ILE K 21 -35.75 -27.85 47.52
CA ILE K 21 -35.63 -27.67 46.08
C ILE K 21 -35.57 -26.17 45.79
N PRO K 22 -34.44 -25.69 45.23
CA PRO K 22 -34.32 -24.27 44.89
C PRO K 22 -35.25 -23.80 43.77
N GLN K 32 -17.11 -23.20 32.75
CA GLN K 32 -16.11 -24.20 32.40
C GLN K 32 -16.30 -24.87 31.03
N ARG K 33 -17.43 -24.64 30.39
CA ARG K 33 -17.69 -25.23 29.08
C ARG K 33 -16.94 -24.55 27.93
N ASP K 34 -16.67 -25.30 26.87
CA ASP K 34 -15.98 -24.79 25.68
C ASP K 34 -16.97 -24.49 24.55
N TYR K 35 -18.24 -24.28 24.91
CA TYR K 35 -19.29 -24.00 23.93
C TYR K 35 -20.42 -23.28 24.64
N ILE K 36 -21.34 -22.75 23.86
CA ILE K 36 -22.51 -22.10 24.41
C ILE K 36 -23.69 -22.68 23.65
N LYS K 37 -24.78 -22.87 24.39
CA LYS K 37 -25.99 -23.46 23.82
C LYS K 37 -27.13 -22.47 23.86
N ARG K 38 -27.72 -22.21 22.70
CA ARG K 38 -28.87 -21.33 22.59
C ARG K 38 -30.13 -22.04 22.14
N GLU K 39 -31.23 -21.75 22.83
CA GLU K 39 -32.51 -22.39 22.53
C GLU K 39 -33.41 -21.30 22.00
N VAL K 40 -33.85 -21.46 20.76
CA VAL K 40 -34.70 -20.44 20.14
C VAL K 40 -35.91 -21.03 19.43
N MET K 41 -37.01 -20.30 19.46
CA MET K 41 -38.25 -20.72 18.80
C MET K 41 -38.27 -19.92 17.50
N VAL K 42 -37.91 -20.58 16.41
CA VAL K 42 -37.79 -19.96 15.12
C VAL K 42 -39.15 -19.93 14.44
N PRO K 43 -39.65 -18.74 14.09
CA PRO K 43 -40.96 -18.74 13.46
C PRO K 43 -40.92 -19.17 12.00
N MET K 44 -41.96 -19.89 11.59
CA MET K 44 -42.11 -20.30 10.21
C MET K 44 -43.00 -19.25 9.53
N ARG K 45 -43.12 -19.32 8.22
CA ARG K 45 -43.94 -18.37 7.47
C ARG K 45 -45.41 -18.32 7.86
N ASP K 46 -45.92 -19.38 8.50
CA ASP K 46 -47.32 -19.40 8.93
C ASP K 46 -47.52 -19.08 10.39
N GLY K 47 -46.47 -18.68 11.08
CA GLY K 47 -46.59 -18.37 12.51
C GLY K 47 -46.26 -19.48 13.47
N VAL K 48 -46.15 -20.72 13.00
CA VAL K 48 -45.77 -21.86 13.85
C VAL K 48 -44.27 -21.75 14.18
N LYS K 49 -43.92 -21.87 15.46
CA LYS K 49 -42.54 -21.72 15.89
C LYS K 49 -41.94 -23.06 16.18
N LEU K 50 -40.75 -23.34 15.64
CA LEU K 50 -40.07 -24.61 15.83
C LEU K 50 -38.91 -24.43 16.80
N TYR K 51 -38.74 -25.38 17.70
CA TYR K 51 -37.70 -25.39 18.70
C TYR K 51 -36.38 -25.70 18.00
N THR K 52 -35.42 -24.82 18.20
CA THR K 52 -34.10 -24.93 17.60
C THR K 52 -32.98 -24.75 18.63
N VAL K 53 -32.05 -25.69 18.62
CA VAL K 53 -30.93 -25.70 19.55
C VAL K 53 -29.69 -25.38 18.75
N ILE K 54 -28.96 -24.34 19.14
CA ILE K 54 -27.74 -23.95 18.46
C ILE K 54 -26.55 -24.09 19.40
N VAL K 55 -25.58 -24.92 19.01
CA VAL K 55 -24.37 -25.16 19.79
C VAL K 55 -23.20 -24.49 19.06
N ILE K 56 -22.62 -23.47 19.69
CA ILE K 56 -21.53 -22.66 19.17
C ILE K 56 -20.24 -22.84 19.95
N PRO K 57 -19.11 -23.14 19.27
CA PRO K 57 -17.88 -23.23 20.00
C PRO K 57 -17.49 -21.86 20.59
N LYS K 58 -16.91 -21.85 21.79
CA LYS K 58 -16.47 -20.59 22.38
C LYS K 58 -15.46 -19.88 21.46
N ASN K 59 -15.56 -18.56 21.42
CA ASN K 59 -14.69 -17.80 20.53
C ASN K 59 -14.79 -18.29 19.08
N ALA K 60 -15.97 -18.72 18.66
CA ALA K 60 -16.16 -19.11 17.26
C ALA K 60 -16.48 -17.81 16.54
N ARG K 61 -15.86 -17.62 15.38
CA ARG K 61 -16.10 -16.42 14.59
C ARG K 61 -16.02 -16.86 13.12
N ASN K 62 -17.02 -16.47 12.32
CA ASN K 62 -17.11 -16.80 10.90
C ASN K 62 -17.11 -18.30 10.67
N ALA K 63 -17.84 -19.00 11.52
CA ALA K 63 -17.95 -20.45 11.49
C ALA K 63 -19.13 -20.92 10.66
N PRO K 64 -18.95 -22.00 9.89
CA PRO K 64 -20.08 -22.55 9.14
C PRO K 64 -21.07 -23.27 10.08
N ILE K 65 -22.32 -23.40 9.63
CA ILE K 65 -23.37 -24.09 10.37
C ILE K 65 -23.71 -25.44 9.74
N LEU K 66 -23.89 -26.45 10.59
CA LEU K 66 -24.27 -27.80 10.19
C LEU K 66 -25.65 -28.03 10.81
N LEU K 67 -26.66 -28.17 9.95
CA LEU K 67 -28.06 -28.31 10.40
C LEU K 67 -28.69 -29.69 10.18
N THR K 68 -29.51 -30.11 11.14
CA THR K 68 -30.28 -31.35 11.07
C THR K 68 -31.64 -31.04 11.67
N ARG K 69 -32.66 -31.49 10.95
CA ARG K 69 -34.06 -31.33 11.34
C ARG K 69 -34.54 -32.73 11.71
N THR K 70 -35.11 -32.87 12.90
CA THR K 70 -35.44 -34.19 13.46
C THR K 70 -36.75 -34.36 14.24
N PRO K 71 -37.34 -35.55 14.13
CA PRO K 71 -38.52 -35.86 14.92
C PRO K 71 -38.14 -36.61 16.21
N TYR K 72 -36.84 -36.71 16.49
CA TYR K 72 -36.35 -37.48 17.62
C TYR K 72 -35.78 -36.67 18.77
N ASN K 73 -36.42 -35.55 19.10
CA ASN K 73 -36.05 -34.67 20.22
C ASN K 73 -34.69 -33.97 20.03
N ALA K 74 -34.73 -32.77 19.49
CA ALA K 74 -33.56 -31.93 19.26
C ALA K 74 -32.81 -31.66 20.57
N LYS K 75 -33.55 -31.43 21.64
CA LYS K 75 -32.90 -31.17 22.94
C LYS K 75 -32.05 -32.35 23.39
N GLY K 76 -32.50 -33.58 23.14
CA GLY K 76 -31.75 -34.77 23.50
C GLY K 76 -30.63 -35.07 22.51
N ARG K 77 -30.82 -34.76 21.24
CA ARG K 77 -29.78 -35.02 20.23
C ARG K 77 -28.53 -34.17 20.42
N ALA K 78 -28.73 -32.97 20.97
CA ALA K 78 -27.65 -32.06 21.29
C ALA K 78 -27.25 -32.16 22.76
N ASN K 79 -27.52 -33.33 23.36
CA ASN K 79 -27.21 -33.71 24.74
C ASN K 79 -26.84 -35.19 24.89
N ARG K 80 -25.91 -35.68 24.09
CA ARG K 80 -25.48 -37.07 24.13
C ARG K 80 -25.03 -37.38 25.56
N VAL K 81 -24.20 -36.50 26.10
CA VAL K 81 -23.76 -36.53 27.49
C VAL K 81 -24.45 -35.26 28.01
N PRO K 82 -25.52 -35.41 28.78
CA PRO K 82 -26.27 -34.24 29.26
C PRO K 82 -25.48 -33.11 29.91
N ASN K 83 -25.59 -31.89 29.38
CA ASN K 83 -24.92 -30.70 29.91
C ASN K 83 -23.42 -30.82 30.11
N ALA K 84 -22.79 -31.59 29.25
CA ALA K 84 -21.36 -31.86 29.24
C ALA K 84 -20.51 -30.59 29.24
N LEU K 85 -19.27 -30.74 29.67
CA LEU K 85 -18.37 -29.62 29.76
C LEU K 85 -17.72 -29.32 28.42
N THR K 86 -17.63 -30.33 27.56
CA THR K 86 -17.04 -30.14 26.23
C THR K 86 -18.09 -30.35 25.14
N MET K 87 -17.90 -29.63 24.04
CA MET K 87 -18.77 -29.73 22.87
C MET K 87 -18.70 -31.13 22.25
N ARG K 88 -17.53 -31.75 22.29
CA ARG K 88 -17.30 -33.10 21.78
C ARG K 88 -18.20 -34.13 22.45
N GLU K 89 -18.39 -33.99 23.76
CA GLU K 89 -19.25 -34.88 24.52
C GLU K 89 -20.72 -34.56 24.32
N VAL K 90 -21.05 -33.29 24.20
CA VAL K 90 -22.46 -32.93 24.10
C VAL K 90 -23.11 -33.33 22.76
N LEU K 91 -22.30 -33.37 21.72
CA LEU K 91 -22.79 -33.71 20.39
C LEU K 91 -22.51 -35.18 20.07
N PRO K 92 -23.31 -35.80 19.17
CA PRO K 92 -23.16 -37.20 18.79
C PRO K 92 -21.80 -37.56 18.22
N GLN K 93 -21.49 -38.86 18.23
CA GLN K 93 -20.23 -39.41 17.71
C GLN K 93 -19.99 -39.06 16.24
N GLY K 94 -21.06 -39.01 15.45
CA GLY K 94 -20.98 -38.71 14.04
C GLY K 94 -20.63 -37.26 13.71
N ASP K 95 -20.72 -36.38 14.69
CA ASP K 95 -20.40 -34.97 14.51
C ASP K 95 -18.96 -34.71 14.93
N ASP K 96 -18.23 -35.76 15.31
CA ASP K 96 -16.85 -35.60 15.76
C ASP K 96 -15.96 -34.73 14.89
N VAL K 97 -15.85 -35.07 13.61
CA VAL K 97 -15.00 -34.30 12.70
C VAL K 97 -15.36 -32.82 12.57
N PHE K 98 -16.64 -32.50 12.75
CA PHE K 98 -17.15 -31.13 12.69
C PHE K 98 -16.89 -30.30 13.95
N VAL K 99 -16.82 -30.99 15.09
CA VAL K 99 -16.49 -30.36 16.36
C VAL K 99 -15.01 -30.01 16.25
N GLU K 100 -14.20 -30.93 15.72
CA GLU K 100 -12.79 -30.65 15.51
C GLU K 100 -12.55 -29.51 14.52
N GLY K 101 -13.45 -29.34 13.55
CA GLY K 101 -13.33 -28.28 12.55
C GLY K 101 -13.87 -26.91 12.95
N GLY K 102 -14.50 -26.84 14.12
CA GLY K 102 -15.04 -25.60 14.63
C GLY K 102 -16.37 -25.19 14.03
N TYR K 103 -17.20 -26.15 13.67
CA TYR K 103 -18.53 -25.87 13.12
C TYR K 103 -19.54 -25.54 14.21
N ILE K 104 -20.56 -24.79 13.82
CA ILE K 104 -21.66 -24.50 14.72
C ILE K 104 -22.65 -25.63 14.38
N ARG K 105 -23.26 -26.24 15.39
CA ARG K 105 -24.19 -27.32 15.16
C ARG K 105 -25.58 -26.85 15.53
N VAL K 106 -26.57 -27.19 14.70
CA VAL K 106 -27.97 -26.82 14.93
C VAL K 106 -28.85 -28.05 14.76
N PHE K 107 -29.68 -28.34 15.77
CA PHE K 107 -30.64 -29.42 15.75
C PHE K 107 -31.99 -28.75 15.93
N GLN K 108 -32.95 -29.14 15.10
CA GLN K 108 -34.27 -28.53 15.16
C GLN K 108 -35.38 -29.55 15.17
N ASP K 109 -36.37 -29.36 16.05
CA ASP K 109 -37.53 -30.23 16.14
C ASP K 109 -38.44 -29.85 14.98
N ILE K 110 -38.80 -30.83 14.17
CA ILE K 110 -39.70 -30.61 13.05
C ILE K 110 -41.09 -30.25 13.56
N ARG K 111 -41.91 -29.75 12.64
CA ARG K 111 -43.27 -29.31 12.93
C ARG K 111 -44.08 -30.40 13.62
N GLY K 112 -44.62 -30.06 14.79
CA GLY K 112 -45.48 -30.96 15.54
C GLY K 112 -44.84 -31.93 16.49
N LYS K 113 -43.52 -31.86 16.64
CA LYS K 113 -42.79 -32.76 17.54
C LYS K 113 -42.03 -32.06 18.62
N TYR K 114 -41.98 -32.73 19.78
CA TYR K 114 -41.28 -32.26 20.96
C TYR K 114 -41.52 -30.80 21.33
N GLY K 115 -40.52 -29.94 21.19
CA GLY K 115 -40.63 -28.54 21.58
C GLY K 115 -41.24 -27.63 20.53
N SER K 116 -41.50 -28.17 19.35
CA SER K 116 -42.10 -27.38 18.28
C SER K 116 -43.61 -27.35 18.39
N GLN K 117 -44.19 -26.34 17.74
CA GLN K 117 -45.63 -26.14 17.63
C GLN K 117 -46.06 -26.73 16.30
N GLY K 118 -47.38 -26.74 16.07
CA GLY K 118 -47.90 -27.24 14.79
C GLY K 118 -48.43 -28.66 14.79
N ASP K 119 -48.92 -29.09 13.64
CA ASP K 119 -49.49 -30.43 13.47
C ASP K 119 -48.40 -31.34 12.89
N TYR K 120 -48.31 -32.54 13.45
CA TYR K 120 -47.33 -33.50 12.98
C TYR K 120 -47.96 -34.43 11.98
N VAL K 121 -47.33 -34.55 10.82
CA VAL K 121 -47.79 -35.43 9.75
C VAL K 121 -46.61 -36.34 9.39
N MET K 122 -46.79 -37.65 9.54
CA MET K 122 -45.73 -38.61 9.24
C MET K 122 -45.21 -38.41 7.82
N THR K 123 -43.89 -38.28 7.69
CA THR K 123 -43.21 -38.06 6.41
C THR K 123 -44.03 -37.13 5.53
N ARG K 124 -44.34 -35.96 6.09
CA ARG K 124 -45.21 -34.96 5.48
C ARG K 124 -44.90 -34.82 4.01
N PRO K 125 -45.89 -35.11 3.15
CA PRO K 125 -45.68 -35.02 1.70
C PRO K 125 -45.44 -33.60 1.23
N PRO K 126 -44.74 -33.43 0.10
CA PRO K 126 -44.47 -32.11 -0.43
C PRO K 126 -45.72 -31.45 -0.96
N HIS K 127 -45.65 -30.13 -1.18
CA HIS K 127 -46.78 -29.37 -1.66
C HIS K 127 -47.28 -30.01 -2.94
N GLY K 128 -48.56 -30.31 -2.97
CA GLY K 128 -49.17 -30.98 -4.11
C GLY K 128 -50.47 -31.66 -3.74
N PRO K 129 -50.85 -32.69 -4.49
CA PRO K 129 -52.13 -33.34 -4.20
C PRO K 129 -52.25 -33.91 -2.79
N LEU K 130 -51.13 -34.27 -2.17
CA LEU K 130 -51.13 -34.83 -0.82
C LEU K 130 -50.87 -33.83 0.30
N ASN K 131 -50.70 -32.57 -0.10
CA ASN K 131 -50.48 -31.47 0.83
C ASN K 131 -50.85 -30.16 0.13
N PRO K 132 -52.13 -29.77 0.24
CA PRO K 132 -52.55 -28.52 -0.36
C PRO K 132 -52.29 -27.26 0.45
N THR K 133 -51.68 -27.38 1.64
CA THR K 133 -51.40 -26.23 2.49
C THR K 133 -50.27 -25.37 1.92
N LYS K 134 -49.97 -24.26 2.59
CA LYS K 134 -48.90 -23.35 2.22
C LYS K 134 -47.50 -23.77 2.75
N THR K 135 -47.45 -24.78 3.60
CA THR K 135 -46.17 -25.24 4.17
C THR K 135 -45.93 -26.74 4.00
N ASP K 136 -44.66 -27.10 4.16
CA ASP K 136 -44.20 -28.48 4.10
C ASP K 136 -42.79 -28.51 4.71
N GLU K 137 -42.12 -29.66 4.64
CA GLU K 137 -40.76 -29.75 5.16
C GLU K 137 -39.77 -28.94 4.34
N THR K 138 -40.09 -28.63 3.10
CA THR K 138 -39.18 -27.84 2.28
C THR K 138 -39.19 -26.37 2.69
N THR K 139 -40.37 -25.81 2.95
CA THR K 139 -40.50 -24.39 3.36
C THR K 139 -40.03 -24.16 4.79
N ASP K 140 -40.25 -25.16 5.63
CA ASP K 140 -39.77 -25.12 7.00
C ASP K 140 -38.24 -25.06 7.03
N ALA K 141 -37.58 -25.82 6.16
CA ALA K 141 -36.12 -25.82 6.09
C ALA K 141 -35.64 -24.48 5.49
N TRP K 142 -36.48 -23.91 4.62
CA TRP K 142 -36.14 -22.65 3.97
C TRP K 142 -36.16 -21.52 4.99
N ASP K 143 -37.27 -21.43 5.71
CA ASP K 143 -37.46 -20.40 6.74
C ASP K 143 -36.43 -20.53 7.85
N THR K 144 -36.02 -21.76 8.15
CA THR K 144 -35.02 -22.05 9.18
C THR K 144 -33.66 -21.53 8.77
N VAL K 145 -33.21 -21.92 7.59
CA VAL K 145 -31.95 -21.43 7.06
C VAL K 145 -31.93 -19.89 6.96
N ASP K 146 -33.04 -19.27 6.57
CA ASP K 146 -33.13 -17.81 6.43
C ASP K 146 -32.89 -17.18 7.80
N TRP K 147 -33.58 -17.72 8.80
CA TRP K 147 -33.44 -17.22 10.16
C TRP K 147 -32.01 -17.33 10.68
N LEU K 148 -31.36 -18.47 10.44
CA LEU K 148 -30.00 -18.73 10.92
C LEU K 148 -28.96 -17.76 10.36
N VAL K 149 -28.95 -17.57 9.06
CA VAL K 149 -27.96 -16.66 8.46
C VAL K 149 -28.15 -15.17 8.79
N HIS K 150 -29.30 -14.83 9.35
CA HIS K 150 -29.57 -13.46 9.77
C HIS K 150 -29.53 -13.24 11.29
N ASN K 151 -29.51 -14.31 12.08
CA ASN K 151 -29.54 -14.21 13.53
C ASN K 151 -28.44 -14.97 14.29
N VAL K 152 -27.37 -15.40 13.64
CA VAL K 152 -26.28 -16.12 14.30
C VAL K 152 -25.00 -15.41 13.90
N PRO K 153 -24.62 -14.34 14.63
CA PRO K 153 -23.47 -13.49 14.32
C PRO K 153 -22.13 -14.23 14.28
N GLU K 154 -22.02 -15.33 15.03
CA GLU K 154 -20.77 -16.10 15.07
C GLU K 154 -20.56 -16.92 13.80
N SER K 155 -21.59 -17.05 12.98
CA SER K 155 -21.49 -17.84 11.77
C SER K 155 -21.07 -17.01 10.57
N ASN K 156 -20.68 -17.69 9.49
CA ASN K 156 -20.29 -17.04 8.22
C ASN K 156 -21.42 -17.06 7.20
N GLY K 157 -22.62 -17.40 7.65
CA GLY K 157 -23.79 -17.42 6.79
C GLY K 157 -23.88 -18.59 5.80
N ARG K 158 -23.04 -19.59 5.96
CA ARG K 158 -23.04 -20.74 5.05
C ARG K 158 -23.54 -21.92 5.84
N VAL K 159 -24.51 -22.64 5.28
CA VAL K 159 -25.12 -23.79 5.92
C VAL K 159 -24.94 -25.08 5.16
N GLY K 160 -24.71 -26.16 5.89
CA GLY K 160 -24.64 -27.50 5.35
C GLY K 160 -25.67 -28.33 6.08
N MET K 161 -26.41 -29.19 5.38
CA MET K 161 -27.43 -30.03 6.02
C MET K 161 -27.04 -31.49 5.94
N THR K 162 -27.32 -32.21 7.02
CA THR K 162 -27.01 -33.65 7.07
C THR K 162 -27.98 -34.33 8.02
N GLY K 163 -27.91 -35.66 8.05
CA GLY K 163 -28.80 -36.42 8.92
C GLY K 163 -29.11 -37.79 8.37
N SER K 164 -29.45 -38.71 9.26
CA SER K 164 -29.73 -40.09 8.85
C SER K 164 -31.19 -40.47 9.07
N SER K 165 -31.69 -41.37 8.23
CA SER K 165 -33.03 -41.90 8.34
C SER K 165 -34.07 -40.79 8.13
N TYR K 166 -34.87 -40.49 9.14
CA TYR K 166 -35.88 -39.43 9.01
C TYR K 166 -35.14 -38.10 8.93
N GLU K 167 -34.01 -37.99 9.61
CA GLU K 167 -33.18 -36.78 9.57
C GLU K 167 -32.62 -36.57 8.16
N GLY K 168 -32.55 -37.65 7.40
CA GLY K 168 -32.10 -37.60 6.01
C GLY K 168 -33.25 -37.17 5.12
N PHE K 169 -34.46 -37.62 5.45
CA PHE K 169 -35.66 -37.24 4.73
C PHE K 169 -35.83 -35.74 4.74
N THR K 170 -35.48 -35.12 5.87
CA THR K 170 -35.61 -33.68 6.01
C THR K 170 -34.60 -32.93 5.15
N VAL K 171 -33.49 -33.58 4.83
CA VAL K 171 -32.47 -33.01 3.96
C VAL K 171 -32.96 -33.07 2.50
N VAL K 172 -33.45 -34.24 2.10
CA VAL K 172 -34.00 -34.42 0.76
C VAL K 172 -35.14 -33.42 0.52
N MET K 173 -36.02 -33.25 1.49
CA MET K 173 -37.11 -32.26 1.40
C MET K 173 -36.65 -30.82 1.24
N ALA K 174 -35.50 -30.49 1.84
CA ALA K 174 -34.94 -29.17 1.70
C ALA K 174 -34.40 -28.97 0.28
N LEU K 175 -33.79 -30.02 -0.28
CA LEU K 175 -33.24 -30.00 -1.63
C LEU K 175 -34.28 -29.83 -2.76
N LEU K 176 -35.56 -29.94 -2.45
CA LEU K 176 -36.58 -29.72 -3.46
C LEU K 176 -36.65 -28.22 -3.80
N ASP K 177 -36.34 -27.35 -2.84
CA ASP K 177 -36.32 -25.89 -3.09
C ASP K 177 -35.44 -25.26 -2.02
N PRO K 178 -34.12 -25.42 -2.17
CA PRO K 178 -33.17 -24.96 -1.16
C PRO K 178 -32.92 -23.47 -1.04
N HIS K 179 -32.66 -23.04 0.20
CA HIS K 179 -32.34 -21.66 0.46
C HIS K 179 -30.96 -21.45 -0.15
N PRO K 180 -30.73 -20.28 -0.77
CA PRO K 180 -29.43 -20.00 -1.38
C PRO K 180 -28.24 -20.09 -0.43
N ALA K 181 -28.47 -19.97 0.87
CA ALA K 181 -27.40 -20.10 1.85
C ALA K 181 -27.04 -21.58 2.06
N LEU K 182 -27.90 -22.51 1.63
CA LEU K 182 -27.64 -23.94 1.80
C LEU K 182 -26.61 -24.33 0.75
N LYS K 183 -25.34 -24.41 1.14
CA LYS K 183 -24.27 -24.66 0.18
C LYS K 183 -23.88 -26.11 -0.07
N VAL K 184 -24.33 -27.03 0.78
CA VAL K 184 -23.95 -28.43 0.60
C VAL K 184 -24.86 -29.32 1.44
N ALA K 185 -25.10 -30.55 0.96
CA ALA K 185 -26.00 -31.49 1.61
C ALA K 185 -25.46 -32.92 1.65
N ALA K 186 -25.83 -33.65 2.71
CA ALA K 186 -25.40 -35.04 2.85
C ALA K 186 -26.49 -35.89 3.49
N PRO K 187 -27.47 -36.33 2.70
CA PRO K 187 -28.52 -37.23 3.16
C PRO K 187 -27.92 -38.62 3.42
N GLU K 188 -28.12 -39.11 4.63
CA GLU K 188 -27.61 -40.41 5.04
C GLU K 188 -28.81 -41.33 5.20
N SER K 189 -28.71 -42.54 4.66
CA SER K 189 -29.77 -43.53 4.70
C SER K 189 -31.15 -42.89 4.75
N PRO K 190 -31.52 -42.04 3.77
CA PRO K 190 -32.78 -41.31 3.87
C PRO K 190 -34.02 -42.08 3.48
N MET K 191 -35.16 -41.66 4.03
CA MET K 191 -36.46 -42.24 3.71
C MET K 191 -36.93 -41.55 2.42
N VAL K 192 -36.87 -42.28 1.30
CA VAL K 192 -37.22 -41.75 -0.02
C VAL K 192 -38.48 -42.32 -0.66
N ASP K 193 -38.59 -43.65 -0.64
CA ASP K 193 -39.79 -44.31 -1.18
C ASP K 193 -40.12 -45.45 -0.23
N GLY K 194 -41.09 -45.20 0.64
CA GLY K 194 -41.47 -46.13 1.67
C GLY K 194 -42.16 -47.40 1.22
N TRP K 195 -42.62 -47.40 -0.03
CA TRP K 195 -43.32 -48.55 -0.59
C TRP K 195 -42.41 -49.46 -1.40
N MET K 196 -41.52 -48.86 -2.18
CA MET K 196 -40.62 -49.64 -3.03
C MET K 196 -39.57 -50.41 -2.28
N GLY K 197 -38.92 -49.77 -1.30
CA GLY K 197 -37.91 -50.50 -0.56
C GLY K 197 -37.30 -49.82 0.64
N ASP K 198 -38.05 -48.94 1.28
CA ASP K 198 -37.54 -48.28 2.47
C ASP K 198 -38.18 -48.84 3.74
N ASP K 199 -38.89 -48.04 4.51
CA ASP K 199 -39.37 -48.51 5.81
C ASP K 199 -40.67 -49.31 5.88
N TRP K 200 -41.67 -48.93 5.10
CA TRP K 200 -42.99 -49.54 5.24
C TRP K 200 -43.20 -50.84 4.48
N PHE K 201 -42.75 -50.90 3.23
CA PHE K 201 -42.86 -52.11 2.44
C PHE K 201 -41.58 -52.27 1.62
N HIS K 202 -41.41 -53.49 1.11
CA HIS K 202 -40.35 -53.87 0.17
C HIS K 202 -41.08 -54.52 -1.01
N TYR K 203 -41.22 -53.82 -2.13
CA TYR K 203 -41.97 -54.36 -3.27
C TYR K 203 -43.36 -54.87 -2.83
N GLY K 204 -44.05 -54.05 -2.05
CA GLY K 204 -45.39 -54.39 -1.57
C GLY K 204 -45.50 -55.31 -0.36
N ALA K 205 -44.39 -55.89 0.08
CA ALA K 205 -44.41 -56.77 1.26
C ALA K 205 -44.23 -55.90 2.51
N PHE K 206 -45.23 -55.91 3.38
CA PHE K 206 -45.27 -55.09 4.60
C PHE K 206 -44.33 -55.51 5.72
N ARG K 207 -43.66 -54.51 6.27
CA ARG K 207 -42.67 -54.65 7.33
C ARG K 207 -43.35 -54.32 8.65
N GLN K 208 -43.53 -55.35 9.46
CA GLN K 208 -44.29 -55.31 10.72
C GLN K 208 -43.70 -54.54 11.91
N GLY K 209 -42.43 -54.17 11.82
CA GLY K 209 -41.79 -53.37 12.84
C GLY K 209 -42.33 -51.94 12.84
N ALA K 210 -43.05 -51.55 11.78
CA ALA K 210 -43.61 -50.22 11.63
C ALA K 210 -44.63 -49.91 12.72
N PHE K 211 -45.32 -50.93 13.21
CA PHE K 211 -46.32 -50.69 14.25
C PHE K 211 -45.76 -50.03 15.49
N ASP K 212 -44.65 -50.56 16.02
CA ASP K 212 -43.99 -49.97 17.17
C ASP K 212 -43.52 -48.55 16.91
N TYR K 213 -43.08 -48.27 15.69
CA TYR K 213 -42.60 -46.94 15.34
C TYR K 213 -43.76 -45.95 15.38
N PHE K 214 -44.93 -46.37 14.90
CA PHE K 214 -46.09 -45.49 14.86
C PHE K 214 -46.50 -45.04 16.26
N VAL K 215 -46.71 -46.01 17.14
CA VAL K 215 -47.13 -45.73 18.51
C VAL K 215 -46.08 -44.92 19.25
N SER K 216 -44.80 -45.16 18.93
CA SER K 216 -43.71 -44.48 19.60
C SER K 216 -43.59 -43.02 19.14
N GLN K 217 -43.89 -42.77 17.88
CA GLN K 217 -43.74 -41.43 17.30
C GLN K 217 -45.00 -40.59 17.20
N MET K 218 -46.17 -41.22 17.13
CA MET K 218 -47.43 -40.52 16.99
C MET K 218 -48.43 -40.69 18.13
N THR K 219 -48.01 -41.14 19.30
CA THR K 219 -48.91 -41.22 20.44
C THR K 219 -49.02 -39.84 21.09
N ALA K 220 -47.95 -39.05 21.03
CA ALA K 220 -47.97 -37.70 21.59
C ALA K 220 -46.96 -36.81 20.89
N ARG K 221 -47.03 -35.52 21.22
CA ARG K 221 -46.12 -34.55 20.61
C ARG K 221 -44.68 -34.90 20.94
N GLY K 222 -44.45 -35.21 22.21
CA GLY K 222 -43.15 -35.62 22.67
C GLY K 222 -43.04 -37.13 22.58
N GLY K 223 -42.41 -37.73 23.59
CA GLY K 223 -42.17 -39.16 23.61
C GLY K 223 -43.43 -40.02 23.73
N GLY K 224 -43.32 -41.24 23.25
CA GLY K 224 -44.40 -42.21 23.34
C GLY K 224 -43.81 -43.52 23.83
N ASN K 225 -44.62 -44.57 23.85
CA ASN K 225 -44.21 -45.89 24.31
C ASN K 225 -44.37 -46.96 23.24
N ASP K 226 -43.76 -48.12 23.49
CA ASP K 226 -43.88 -49.26 22.60
C ASP K 226 -45.19 -49.96 22.89
N ILE K 227 -45.51 -50.92 22.04
CA ILE K 227 -46.74 -51.69 22.16
C ILE K 227 -46.52 -52.85 23.15
N PRO K 228 -47.33 -52.91 24.23
CA PRO K 228 -47.20 -53.99 25.18
C PRO K 228 -47.38 -55.35 24.50
N ARG K 229 -46.50 -56.29 24.83
CA ARG K 229 -46.50 -57.61 24.24
C ARG K 229 -46.92 -58.72 25.20
N ARG K 230 -47.50 -59.76 24.61
CA ARG K 230 -47.92 -60.93 25.37
C ARG K 230 -46.72 -61.85 25.58
N ASP K 231 -45.99 -62.17 24.52
CA ASP K 231 -44.87 -63.12 24.54
C ASP K 231 -43.58 -62.36 24.26
N ALA K 232 -42.47 -62.90 24.72
CA ALA K 232 -41.14 -62.34 24.49
C ALA K 232 -40.73 -62.45 23.01
N ASP K 233 -41.24 -63.45 22.30
CA ASP K 233 -40.91 -63.66 20.89
C ASP K 233 -41.98 -63.06 19.98
N ASP K 234 -41.57 -62.16 19.10
CA ASP K 234 -42.49 -61.55 18.14
C ASP K 234 -42.93 -62.53 17.03
N TYR K 235 -42.19 -63.61 16.82
CA TYR K 235 -42.58 -64.64 15.87
C TYR K 235 -43.92 -65.13 16.38
N THR K 236 -43.98 -65.46 17.66
CA THR K 236 -45.20 -65.92 18.33
C THR K 236 -46.30 -64.88 18.36
N ASN K 237 -45.99 -63.67 18.81
CA ASN K 237 -47.00 -62.62 18.92
C ASN K 237 -47.73 -62.36 17.61
N PHE K 238 -46.99 -62.15 16.54
CA PHE K 238 -47.62 -61.87 15.25
C PHE K 238 -48.30 -63.07 14.61
N LEU K 239 -47.76 -64.26 14.87
CA LEU K 239 -48.34 -65.46 14.30
C LEU K 239 -49.67 -65.71 14.98
N LYS K 240 -49.75 -65.50 16.29
CA LYS K 240 -51.00 -65.69 17.03
C LYS K 240 -52.04 -64.63 16.68
N ALA K 241 -51.62 -63.41 16.34
CA ALA K 241 -52.57 -62.35 15.95
C ALA K 241 -53.19 -62.63 14.58
N GLY K 242 -52.45 -63.35 13.74
CA GLY K 242 -52.92 -63.71 12.42
C GLY K 242 -52.34 -62.73 11.41
N SER K 243 -53.18 -61.83 10.91
CA SER K 243 -52.76 -60.85 9.91
C SER K 243 -52.15 -59.62 10.55
N ALA K 244 -51.46 -58.79 9.77
CA ALA K 244 -50.90 -57.54 10.29
C ALA K 244 -51.99 -56.61 10.80
N GLY K 245 -53.11 -56.56 10.08
CA GLY K 245 -54.25 -55.73 10.43
C GLY K 245 -54.85 -56.12 11.77
N SER K 246 -54.90 -57.42 12.02
CA SER K 246 -55.42 -57.97 13.25
C SER K 246 -54.55 -57.56 14.44
N PHE K 247 -53.24 -57.60 14.25
CA PHE K 247 -52.32 -57.16 15.29
C PHE K 247 -52.58 -55.67 15.55
N ALA K 248 -52.68 -54.88 14.49
CA ALA K 248 -52.88 -53.44 14.60
C ALA K 248 -54.12 -53.12 15.43
N THR K 249 -55.21 -53.78 15.10
CA THR K 249 -56.46 -53.58 15.80
C THR K 249 -56.30 -53.87 17.27
N GLN K 250 -55.68 -55.01 17.57
CA GLN K 250 -55.44 -55.44 18.94
C GLN K 250 -54.57 -54.48 19.74
N ALA K 251 -53.65 -53.80 19.05
CA ALA K 251 -52.77 -52.83 19.67
C ALA K 251 -53.41 -51.43 19.79
N GLY K 252 -54.58 -51.24 19.20
CA GLY K 252 -55.27 -49.94 19.20
C GLY K 252 -54.86 -48.97 18.10
N LEU K 253 -54.14 -49.46 17.10
CA LEU K 253 -53.66 -48.62 16.01
C LEU K 253 -54.73 -48.10 15.06
N ASP K 254 -55.96 -48.61 15.15
CA ASP K 254 -57.05 -48.15 14.29
C ASP K 254 -57.46 -46.70 14.55
N GLN K 255 -57.03 -46.12 15.67
CA GLN K 255 -57.31 -44.72 15.98
C GLN K 255 -56.20 -43.77 15.51
N TYR K 256 -55.15 -44.30 14.90
CA TYR K 256 -54.04 -43.48 14.38
C TYR K 256 -54.23 -43.17 12.88
N PRO K 257 -54.42 -41.90 12.50
CA PRO K 257 -54.64 -41.51 11.10
C PRO K 257 -53.65 -42.05 10.04
N PHE K 258 -52.37 -42.08 10.34
CA PHE K 258 -51.40 -42.58 9.36
C PHE K 258 -51.58 -44.05 9.04
N TRP K 259 -51.92 -44.84 10.06
CA TRP K 259 -52.22 -46.26 9.86
C TRP K 259 -53.54 -46.42 9.11
N GLN K 260 -54.49 -45.51 9.33
CA GLN K 260 -55.73 -45.56 8.58
C GLN K 260 -55.43 -45.37 7.10
N ARG K 261 -54.56 -44.43 6.76
CA ARG K 261 -54.19 -44.16 5.38
C ARG K 261 -53.42 -45.32 4.76
N MET K 262 -52.41 -45.83 5.47
CA MET K 262 -51.60 -46.91 4.95
C MET K 262 -52.39 -48.18 4.69
N HIS K 263 -53.31 -48.48 5.60
CA HIS K 263 -54.18 -49.64 5.51
C HIS K 263 -55.09 -49.58 4.27
N ALA K 264 -55.47 -48.35 3.90
CA ALA K 264 -56.33 -48.12 2.75
C ALA K 264 -55.57 -48.19 1.43
N HIS K 265 -54.25 -48.03 1.50
CA HIS K 265 -53.39 -48.03 0.33
C HIS K 265 -52.30 -49.10 0.44
N PRO K 266 -52.67 -50.38 0.35
CA PRO K 266 -51.67 -51.42 0.31
C PRO K 266 -50.86 -51.44 -1.00
N ALA K 267 -51.45 -50.94 -2.09
CA ALA K 267 -50.79 -50.95 -3.40
C ALA K 267 -50.10 -49.63 -3.71
N TYR K 268 -49.18 -49.67 -4.68
CA TYR K 268 -48.41 -48.49 -5.10
C TYR K 268 -49.25 -47.54 -5.95
N ASP K 269 -50.30 -47.00 -5.35
CA ASP K 269 -51.20 -46.08 -6.03
C ASP K 269 -50.69 -44.66 -5.88
N ALA K 270 -51.56 -43.69 -6.18
CA ALA K 270 -51.26 -42.28 -6.14
C ALA K 270 -50.68 -41.81 -4.81
N PHE K 271 -51.21 -42.40 -3.72
CA PHE K 271 -50.79 -42.05 -2.37
C PHE K 271 -49.30 -42.22 -2.21
N TRP K 272 -48.77 -43.37 -2.65
CA TRP K 272 -47.33 -43.64 -2.57
C TRP K 272 -46.51 -43.07 -3.73
N GLN K 273 -47.09 -42.98 -4.91
CA GLN K 273 -46.36 -42.39 -6.03
C GLN K 273 -46.08 -40.91 -5.74
N GLY K 274 -47.01 -40.23 -5.06
CA GLY K 274 -46.82 -38.82 -4.73
C GLY K 274 -45.79 -38.55 -3.64
N GLN K 275 -45.24 -39.62 -3.07
CA GLN K 275 -44.23 -39.54 -2.01
C GLN K 275 -42.92 -40.22 -2.40
N ALA K 276 -42.76 -40.52 -3.69
CA ALA K 276 -41.52 -41.09 -4.17
C ALA K 276 -40.59 -39.90 -4.37
N LEU K 277 -39.74 -39.62 -3.38
CA LEU K 277 -38.88 -38.44 -3.47
C LEU K 277 -37.76 -38.50 -4.51
N ASP K 278 -37.35 -39.70 -4.92
CA ASP K 278 -36.33 -39.84 -5.96
C ASP K 278 -36.82 -39.26 -7.30
N LYS K 279 -38.07 -39.56 -7.66
CA LYS K 279 -38.67 -39.06 -8.88
C LYS K 279 -38.84 -37.54 -8.80
N ILE K 280 -39.41 -37.07 -7.69
CA ILE K 280 -39.69 -35.66 -7.50
C ILE K 280 -38.43 -34.81 -7.48
N LEU K 281 -37.39 -35.34 -6.85
CA LEU K 281 -36.12 -34.62 -6.75
C LEU K 281 -35.42 -34.55 -8.10
N ALA K 282 -35.61 -35.57 -8.93
CA ALA K 282 -35.06 -35.56 -10.28
C ALA K 282 -35.68 -34.42 -11.10
N GLN K 283 -36.98 -34.22 -10.96
CA GLN K 283 -37.72 -33.21 -11.73
C GLN K 283 -37.34 -31.80 -11.32
N ARG K 284 -36.84 -31.67 -10.09
CA ARG K 284 -36.41 -30.39 -9.55
C ARG K 284 -34.92 -30.08 -9.78
N LYS K 285 -34.12 -31.10 -10.08
CA LYS K 285 -32.71 -30.93 -10.46
C LYS K 285 -31.97 -29.90 -9.61
N PRO K 286 -31.72 -30.21 -8.33
CA PRO K 286 -31.03 -29.25 -7.46
C PRO K 286 -29.58 -29.00 -7.84
N THR K 287 -29.07 -27.79 -7.63
CA THR K 287 -27.68 -27.45 -7.96
C THR K 287 -26.78 -27.37 -6.72
N VAL K 288 -27.24 -27.95 -5.61
CA VAL K 288 -26.51 -28.01 -4.36
C VAL K 288 -25.64 -29.27 -4.32
N PRO K 289 -24.33 -29.12 -4.12
CA PRO K 289 -23.47 -30.30 -4.07
C PRO K 289 -24.00 -31.32 -3.04
N MET K 290 -24.12 -32.57 -3.48
CA MET K 290 -24.66 -33.69 -2.71
C MET K 290 -23.75 -34.89 -2.51
N LEU K 291 -23.84 -35.45 -1.32
CA LEU K 291 -23.07 -36.62 -0.96
C LEU K 291 -24.14 -37.55 -0.42
N TRP K 292 -24.50 -38.57 -1.19
CA TRP K 292 -25.54 -39.51 -0.80
C TRP K 292 -24.90 -40.71 -0.13
N GLU K 293 -25.39 -41.12 1.02
CA GLU K 293 -24.75 -42.23 1.74
C GLU K 293 -25.74 -43.29 2.21
N GLN K 294 -25.25 -44.52 2.26
CA GLN K 294 -26.04 -45.62 2.79
C GLN K 294 -25.12 -46.80 3.03
N GLY K 295 -25.54 -47.64 3.99
CA GLY K 295 -24.78 -48.83 4.31
C GLY K 295 -25.12 -49.93 3.34
N LEU K 296 -24.12 -50.72 2.96
CA LEU K 296 -24.31 -51.87 2.07
C LEU K 296 -25.26 -52.89 2.73
N TRP K 297 -25.30 -52.88 4.07
CA TRP K 297 -26.26 -53.68 4.84
C TRP K 297 -27.27 -52.82 5.64
N ASP K 298 -27.80 -51.80 4.98
CA ASP K 298 -28.78 -50.91 5.59
C ASP K 298 -30.06 -51.73 5.70
N GLN K 299 -30.40 -52.09 6.93
CA GLN K 299 -31.58 -52.89 7.18
C GLN K 299 -32.89 -52.11 7.33
N GLU K 300 -32.88 -50.79 7.10
CA GLU K 300 -34.11 -49.98 7.19
C GLU K 300 -34.44 -49.10 5.97
N ASP K 301 -33.42 -48.58 5.29
CA ASP K 301 -33.61 -47.72 4.12
C ASP K 301 -32.58 -48.09 3.06
N MET K 302 -32.75 -49.25 2.45
CA MET K 302 -31.82 -49.76 1.44
C MET K 302 -32.06 -49.13 0.05
N TRP K 303 -33.28 -48.67 -0.21
CA TRP K 303 -33.67 -48.07 -1.49
C TRP K 303 -33.27 -46.61 -1.64
N GLY K 304 -33.50 -45.81 -0.60
CA GLY K 304 -33.26 -44.38 -0.60
C GLY K 304 -32.12 -43.71 -1.36
N ALA K 305 -30.94 -43.73 -0.76
CA ALA K 305 -29.76 -43.06 -1.31
C ALA K 305 -29.38 -43.42 -2.74
N ILE K 306 -29.32 -44.72 -3.01
CA ILE K 306 -28.84 -45.18 -4.29
C ILE K 306 -29.82 -44.78 -5.42
N HIS K 307 -31.13 -44.95 -5.21
CA HIS K 307 -32.11 -44.55 -6.21
C HIS K 307 -32.23 -43.05 -6.36
N ALA K 308 -32.02 -42.30 -5.29
CA ALA K 308 -32.10 -40.84 -5.37
C ALA K 308 -30.89 -40.31 -6.11
N TRP K 309 -29.75 -40.91 -5.81
CA TRP K 309 -28.51 -40.56 -6.46
C TRP K 309 -28.57 -40.87 -7.94
N GLN K 310 -29.01 -42.09 -8.26
CA GLN K 310 -29.09 -42.57 -9.65
C GLN K 310 -30.07 -41.71 -10.47
N ALA K 311 -31.19 -41.31 -9.87
CA ALA K 311 -32.20 -40.49 -10.54
C ALA K 311 -31.72 -39.08 -10.86
N LEU K 312 -30.83 -38.58 -10.00
CA LEU K 312 -30.21 -37.28 -10.23
C LEU K 312 -29.12 -37.39 -11.28
N LYS K 313 -28.43 -38.53 -11.35
CA LYS K 313 -27.42 -38.74 -12.36
C LYS K 313 -28.08 -38.79 -13.75
N ASP K 314 -29.18 -39.53 -13.85
CA ASP K 314 -29.91 -39.68 -15.12
C ASP K 314 -30.56 -38.38 -15.57
N ALA K 315 -30.92 -37.53 -14.62
CA ALA K 315 -31.48 -36.22 -14.93
C ALA K 315 -30.39 -35.19 -15.15
N ASP K 316 -29.15 -35.67 -15.27
CA ASP K 316 -27.96 -34.87 -15.55
C ASP K 316 -27.88 -33.65 -14.64
N VAL K 317 -27.86 -33.94 -13.34
CA VAL K 317 -27.81 -32.90 -12.33
C VAL K 317 -26.54 -32.04 -12.43
N LYS K 318 -26.71 -30.72 -12.34
CA LYS K 318 -25.60 -29.79 -12.53
C LYS K 318 -24.96 -29.41 -11.20
N ALA K 319 -24.39 -30.42 -10.56
CA ALA K 319 -23.73 -30.25 -9.28
C ALA K 319 -23.07 -31.56 -8.89
N PRO K 320 -22.00 -31.49 -8.06
CA PRO K 320 -21.34 -32.71 -7.61
C PRO K 320 -22.40 -33.61 -6.99
N ASN K 321 -22.40 -34.88 -7.35
CA ASN K 321 -23.40 -35.83 -6.92
C ASN K 321 -22.69 -37.17 -6.74
N THR K 322 -22.26 -37.43 -5.51
CA THR K 322 -21.49 -38.62 -5.22
C THR K 322 -22.22 -39.54 -4.24
N LEU K 323 -22.12 -40.83 -4.53
CA LEU K 323 -22.71 -41.89 -3.71
C LEU K 323 -21.63 -42.52 -2.86
N VAL K 324 -21.92 -42.70 -1.58
CA VAL K 324 -20.98 -43.39 -0.69
C VAL K 324 -21.69 -44.60 -0.07
N MET K 325 -21.06 -45.77 -0.07
CA MET K 325 -21.65 -46.97 0.50
C MET K 325 -20.55 -47.72 1.23
N GLY K 326 -20.67 -47.77 2.56
CA GLY K 326 -19.70 -48.46 3.40
C GLY K 326 -20.25 -49.76 3.94
N PRO K 327 -19.43 -50.50 4.70
CA PRO K 327 -19.83 -51.79 5.26
C PRO K 327 -20.57 -51.52 6.56
N TRP K 328 -21.73 -50.90 6.45
CA TRP K 328 -22.46 -50.48 7.64
C TRP K 328 -23.91 -50.89 7.60
N ARG K 329 -24.50 -50.87 8.79
CA ARG K 329 -25.91 -51.11 8.98
C ARG K 329 -26.52 -49.72 8.93
N HIS K 330 -27.84 -49.63 9.08
CA HIS K 330 -28.56 -48.39 9.00
C HIS K 330 -27.97 -47.36 9.97
N SER K 331 -27.64 -46.17 9.47
CA SER K 331 -27.07 -45.10 10.29
C SER K 331 -25.72 -45.44 10.86
N GLY K 332 -25.16 -46.57 10.47
CA GLY K 332 -23.85 -46.99 10.93
C GLY K 332 -22.73 -45.99 10.68
N VAL K 333 -22.86 -45.20 9.62
CA VAL K 333 -21.89 -44.14 9.26
C VAL K 333 -21.66 -43.11 10.37
N ASN K 334 -22.59 -42.97 11.30
CA ASN K 334 -22.46 -42.06 12.44
C ASN K 334 -21.85 -42.66 13.70
N TYR K 335 -21.36 -43.90 13.60
CA TYR K 335 -20.79 -44.61 14.75
C TYR K 335 -19.49 -45.33 14.36
N ASN K 336 -19.20 -46.48 14.95
CA ASN K 336 -17.98 -47.21 14.62
C ASN K 336 -18.23 -48.26 13.56
N GLY K 337 -17.49 -48.18 12.47
CA GLY K 337 -17.66 -49.11 11.37
C GLY K 337 -16.51 -50.11 11.27
N SER K 338 -15.99 -50.54 12.42
CA SER K 338 -14.91 -51.50 12.45
C SER K 338 -15.42 -52.93 12.36
N THR K 339 -16.68 -53.13 12.73
CA THR K 339 -17.32 -54.44 12.69
C THR K 339 -18.82 -54.33 12.40
N LEU K 340 -19.43 -55.47 12.14
CA LEU K 340 -20.88 -55.56 11.94
C LEU K 340 -21.23 -57.02 12.23
N GLY K 341 -21.93 -57.29 13.31
CA GLY K 341 -22.19 -58.69 13.64
C GLY K 341 -20.83 -59.30 13.87
N PRO K 342 -20.56 -60.48 13.29
CA PRO K 342 -19.27 -61.14 13.46
C PRO K 342 -18.20 -60.70 12.47
N LEU K 343 -18.55 -59.85 11.51
CA LEU K 343 -17.63 -59.40 10.47
C LEU K 343 -16.65 -58.33 10.96
N GLU K 344 -15.46 -58.32 10.37
CA GLU K 344 -14.43 -57.36 10.76
C GLU K 344 -13.93 -56.67 9.50
N PHE K 345 -13.90 -55.35 9.56
CA PHE K 345 -13.45 -54.59 8.40
C PHE K 345 -12.07 -53.98 8.67
N GLU K 346 -11.50 -53.28 7.69
CA GLU K 346 -10.19 -52.65 7.87
C GLU K 346 -10.23 -51.28 8.57
N GLY K 347 -10.33 -51.33 9.89
CA GLY K 347 -10.39 -50.14 10.71
C GLY K 347 -11.78 -49.57 10.76
N ASP K 348 -11.92 -48.49 11.51
CA ASP K 348 -13.18 -47.77 11.69
C ASP K 348 -13.54 -47.05 10.39
N THR K 349 -14.18 -47.80 9.50
CA THR K 349 -14.58 -47.32 8.19
C THR K 349 -15.51 -46.10 8.18
N ALA K 350 -16.32 -45.95 9.23
CA ALA K 350 -17.25 -44.80 9.35
C ALA K 350 -16.47 -43.51 9.59
N HIS K 351 -15.50 -43.58 10.49
CA HIS K 351 -14.65 -42.46 10.86
C HIS K 351 -13.76 -42.13 9.68
N GLN K 352 -13.30 -43.15 8.96
CA GLN K 352 -12.50 -42.91 7.75
C GLN K 352 -13.26 -42.05 6.75
N TYR K 353 -14.52 -42.38 6.53
CA TYR K 353 -15.39 -41.62 5.65
C TYR K 353 -15.61 -40.21 6.17
N ARG K 354 -15.95 -40.13 7.45
CA ARG K 354 -16.23 -38.84 8.07
C ARG K 354 -15.05 -37.89 7.99
N ARG K 355 -13.85 -38.43 8.17
CA ARG K 355 -12.63 -37.64 8.14
C ARG K 355 -12.03 -37.36 6.77
N ASP K 356 -12.07 -38.34 5.88
CA ASP K 356 -11.45 -38.24 4.57
C ASP K 356 -12.35 -37.82 3.42
N VAL K 357 -13.66 -37.93 3.59
CA VAL K 357 -14.56 -37.55 2.50
C VAL K 357 -15.59 -36.51 2.91
N PHE K 358 -16.40 -36.85 3.92
CA PHE K 358 -17.47 -35.98 4.43
C PHE K 358 -16.97 -34.58 4.83
N ARG K 359 -16.02 -34.51 5.77
CA ARG K 359 -15.48 -33.24 6.25
C ARG K 359 -14.85 -32.31 5.19
N PRO K 360 -13.88 -32.82 4.41
CA PRO K 360 -13.31 -31.98 3.35
C PRO K 360 -14.34 -31.47 2.32
N PHE K 361 -15.26 -32.33 1.90
CA PHE K 361 -16.30 -31.99 0.92
C PHE K 361 -17.19 -30.88 1.46
N PHE K 362 -17.52 -30.96 2.75
CA PHE K 362 -18.29 -29.90 3.40
C PHE K 362 -17.49 -28.62 3.60
N ASP K 363 -16.20 -28.74 3.91
CA ASP K 363 -15.31 -27.60 4.04
C ASP K 363 -15.12 -26.84 2.73
N GLU K 364 -15.08 -27.54 1.61
CA GLU K 364 -14.90 -26.87 0.31
C GLU K 364 -15.96 -25.80 0.07
N TYR K 365 -17.20 -26.11 0.43
CA TYR K 365 -18.31 -25.20 0.23
C TYR K 365 -18.69 -24.34 1.42
N LEU K 366 -18.25 -24.72 2.62
CA LEU K 366 -18.65 -24.03 3.84
C LEU K 366 -17.57 -23.15 4.47
N LYS K 367 -16.33 -23.44 4.09
CA LYS K 367 -15.20 -22.67 4.55
C LYS K 367 -14.46 -22.14 3.33
N PRO K 368 -14.84 -20.94 2.86
CA PRO K 368 -14.16 -20.32 1.72
C PRO K 368 -12.66 -20.34 1.95
N GLY K 369 -11.94 -20.69 0.90
CA GLY K 369 -10.49 -20.80 0.94
C GLY K 369 -9.99 -22.22 1.12
N SER K 370 -10.90 -23.13 1.50
CA SER K 370 -10.53 -24.53 1.70
C SER K 370 -10.17 -25.21 0.38
N ALA K 371 -9.33 -26.23 0.46
CA ALA K 371 -8.89 -26.96 -0.72
C ALA K 371 -10.08 -27.59 -1.39
N SER K 372 -10.05 -27.64 -2.71
CA SER K 372 -11.14 -28.26 -3.44
C SER K 372 -10.92 -29.77 -3.45
N VAL K 373 -12.00 -30.51 -3.54
CA VAL K 373 -11.97 -31.96 -3.64
C VAL K 373 -12.70 -32.33 -4.92
N HIS K 374 -12.21 -33.38 -5.58
CA HIS K 374 -12.80 -33.86 -6.83
C HIS K 374 -13.19 -35.32 -6.58
N LEU K 375 -14.44 -35.49 -6.18
CA LEU K 375 -14.95 -36.81 -5.85
C LEU K 375 -15.47 -37.53 -7.11
N PRO K 376 -15.32 -38.85 -7.14
CA PRO K 376 -15.80 -39.61 -8.28
C PRO K 376 -17.31 -39.80 -8.20
N ASP K 377 -17.86 -40.60 -9.11
CA ASP K 377 -19.28 -40.95 -9.07
C ASP K 377 -19.62 -41.66 -7.77
N ALA K 378 -18.78 -42.62 -7.41
CA ALA K 378 -19.02 -43.39 -6.19
C ALA K 378 -17.78 -43.86 -5.46
N ILE K 379 -17.88 -43.83 -4.14
CA ILE K 379 -16.85 -44.32 -3.23
C ILE K 379 -17.54 -45.45 -2.46
N ILE K 380 -17.16 -46.67 -2.78
CA ILE K 380 -17.83 -47.83 -2.23
C ILE K 380 -16.83 -48.79 -1.64
N TYR K 381 -17.09 -49.23 -0.41
CA TYR K 381 -16.19 -50.16 0.25
C TYR K 381 -16.29 -51.54 -0.39
N ASN K 382 -15.16 -52.21 -0.52
CA ASN K 382 -15.18 -53.52 -1.15
C ASN K 382 -15.19 -54.60 -0.09
N THR K 383 -16.35 -55.23 0.06
CA THR K 383 -16.53 -56.26 1.06
C THR K 383 -15.72 -57.53 0.87
N GLY K 384 -14.99 -57.67 -0.25
CA GLY K 384 -14.12 -58.82 -0.50
C GLY K 384 -12.67 -58.44 -0.28
N ASP K 385 -12.23 -57.42 -1.02
CA ASP K 385 -10.87 -56.90 -0.93
C ASP K 385 -10.56 -56.18 0.37
N GLN K 386 -11.58 -55.71 1.07
CA GLN K 386 -11.38 -54.99 2.32
C GLN K 386 -10.59 -53.70 2.11
N LYS K 387 -11.14 -52.85 1.25
CA LYS K 387 -10.60 -51.54 0.94
C LYS K 387 -11.65 -50.67 0.26
N TRP K 388 -11.41 -49.38 0.28
CA TRP K 388 -12.31 -48.44 -0.36
C TRP K 388 -12.00 -48.38 -1.84
N ASP K 389 -13.04 -48.35 -2.67
CA ASP K 389 -12.93 -48.25 -4.12
C ASP K 389 -13.50 -46.91 -4.56
N TYR K 390 -12.72 -46.17 -5.33
CA TYR K 390 -13.13 -44.90 -5.89
C TYR K 390 -13.44 -45.15 -7.35
N TYR K 391 -14.71 -45.07 -7.70
CA TYR K 391 -15.15 -45.28 -9.08
C TYR K 391 -15.53 -43.99 -9.80
N ARG K 392 -14.69 -43.63 -10.75
CA ARG K 392 -14.94 -42.45 -11.58
C ARG K 392 -16.35 -42.51 -12.19
N SER K 393 -16.66 -43.66 -12.80
CA SER K 393 -17.96 -43.89 -13.40
C SER K 393 -18.49 -45.16 -12.78
N TRP K 394 -19.72 -45.11 -12.29
CA TRP K 394 -20.31 -46.26 -11.66
C TRP K 394 -21.83 -46.21 -11.78
N PRO K 395 -22.45 -47.37 -12.01
CA PRO K 395 -21.76 -48.65 -12.15
C PRO K 395 -21.26 -48.76 -13.58
N SER K 396 -20.37 -49.71 -13.81
CA SER K 396 -19.80 -49.94 -15.13
C SER K 396 -20.58 -51.02 -15.90
N VAL K 397 -21.41 -51.78 -15.21
CA VAL K 397 -22.26 -52.78 -15.84
C VAL K 397 -23.68 -52.62 -15.32
N CYS K 398 -24.67 -52.82 -16.19
CA CYS K 398 -26.06 -52.80 -15.77
C CYS K 398 -26.94 -53.31 -16.92
N GLU K 399 -28.25 -53.35 -16.71
CA GLU K 399 -29.13 -53.84 -17.76
C GLU K 399 -29.16 -53.04 -19.05
N SER K 400 -29.06 -51.72 -18.97
CA SER K 400 -29.09 -50.90 -20.18
C SER K 400 -28.40 -49.56 -19.99
N ASN K 401 -27.79 -49.09 -21.07
CA ASN K 401 -27.06 -47.83 -21.07
C ASN K 401 -25.82 -47.79 -20.18
N CYS K 402 -25.05 -48.88 -20.21
CA CYS K 402 -23.78 -48.97 -19.49
C CYS K 402 -22.67 -49.42 -20.42
N THR K 403 -21.44 -49.36 -19.92
CA THR K 403 -20.27 -49.77 -20.67
C THR K 403 -20.42 -51.25 -20.97
N GLY K 404 -21.02 -51.98 -20.02
CA GLY K 404 -21.21 -53.42 -20.17
C GLY K 404 -22.56 -53.88 -19.64
N GLY K 405 -22.82 -55.17 -19.83
CA GLY K 405 -24.06 -55.75 -19.35
C GLY K 405 -23.80 -56.75 -18.25
N LEU K 406 -24.89 -57.20 -17.65
CA LEU K 406 -24.88 -58.16 -16.56
C LEU K 406 -24.59 -59.57 -17.06
N THR K 407 -23.95 -60.38 -16.21
CA THR K 407 -23.62 -61.77 -16.48
C THR K 407 -24.51 -62.68 -15.66
N PRO K 408 -25.39 -63.47 -16.31
CA PRO K 408 -26.29 -64.38 -15.60
C PRO K 408 -25.58 -65.56 -14.94
N LEU K 409 -25.99 -65.84 -13.71
CA LEU K 409 -25.48 -66.97 -12.95
C LEU K 409 -26.77 -67.76 -12.86
N TYR K 410 -26.84 -68.81 -13.68
CA TYR K 410 -28.02 -69.68 -13.80
C TYR K 410 -28.20 -70.78 -12.78
N LEU K 411 -29.45 -70.99 -12.37
CA LEU K 411 -29.73 -72.12 -11.50
C LEU K 411 -29.59 -73.36 -12.38
N ALA K 412 -29.16 -74.47 -11.79
CA ALA K 412 -29.00 -75.70 -12.56
C ALA K 412 -29.33 -76.94 -11.75
N ASP K 413 -29.27 -78.08 -12.42
CA ASP K 413 -29.52 -79.39 -11.80
C ASP K 413 -28.56 -79.72 -10.67
N GLY K 414 -29.02 -80.58 -9.78
CA GLY K 414 -28.21 -80.98 -8.65
C GLY K 414 -28.03 -79.78 -7.73
N HIS K 415 -28.95 -78.81 -7.79
CA HIS K 415 -28.87 -77.61 -6.97
C HIS K 415 -27.58 -76.84 -7.16
N GLY K 416 -27.18 -76.69 -8.42
CA GLY K 416 -25.95 -76.00 -8.73
C GLY K 416 -26.22 -74.64 -9.34
N LEU K 417 -25.16 -73.90 -9.56
CA LEU K 417 -25.19 -72.58 -10.15
C LEU K 417 -24.07 -72.65 -11.17
N SER K 418 -24.28 -72.11 -12.36
CA SER K 418 -23.28 -72.13 -13.41
C SER K 418 -23.41 -70.92 -14.31
N PHE K 419 -22.30 -70.44 -14.85
CA PHE K 419 -22.37 -69.32 -15.75
C PHE K 419 -22.83 -69.77 -17.14
N THR K 420 -22.90 -71.10 -17.31
CA THR K 420 -23.36 -71.70 -18.56
C THR K 420 -24.88 -71.93 -18.57
N HIS K 421 -25.54 -71.41 -19.59
CA HIS K 421 -26.99 -71.60 -19.67
C HIS K 421 -27.30 -73.09 -19.80
N PRO K 422 -28.06 -73.67 -18.87
CA PRO K 422 -28.43 -75.07 -19.04
C PRO K 422 -29.45 -75.27 -20.14
N ALA K 423 -29.11 -76.11 -21.12
CA ALA K 423 -29.99 -76.37 -22.24
C ALA K 423 -31.32 -76.99 -21.83
N ALA K 424 -31.25 -78.06 -21.05
CA ALA K 424 -32.43 -78.79 -20.65
C ALA K 424 -33.25 -78.12 -19.56
N ASP K 425 -34.57 -78.27 -19.65
CA ASP K 425 -35.51 -77.70 -18.67
C ASP K 425 -35.53 -78.53 -17.40
N GLY K 426 -35.92 -77.90 -16.29
CA GLY K 426 -36.02 -78.59 -15.02
C GLY K 426 -36.68 -77.71 -13.98
N ALA K 427 -36.99 -78.28 -12.82
CA ALA K 427 -37.62 -77.56 -11.72
C ALA K 427 -37.44 -78.24 -10.37
N ASP K 428 -37.26 -77.43 -9.34
CA ASP K 428 -37.14 -77.87 -7.96
C ASP K 428 -38.33 -77.29 -7.20
N SER K 429 -38.96 -78.09 -6.35
CA SER K 429 -40.16 -77.67 -5.62
C SER K 429 -39.93 -77.65 -4.12
N TYR K 430 -40.70 -76.80 -3.44
CA TYR K 430 -40.65 -76.72 -1.98
C TYR K 430 -42.03 -76.31 -1.51
N VAL K 431 -42.43 -76.75 -0.32
CA VAL K 431 -43.75 -76.40 0.18
C VAL K 431 -43.67 -75.19 1.11
N SER K 432 -44.55 -74.23 0.87
CA SER K 432 -44.63 -73.02 1.69
C SER K 432 -45.90 -73.11 2.53
N ASP K 433 -45.73 -73.29 3.84
CA ASP K 433 -46.81 -73.39 4.81
C ASP K 433 -46.83 -72.14 5.70
N PRO K 434 -47.85 -71.29 5.53
CA PRO K 434 -47.90 -70.09 6.32
C PRO K 434 -48.00 -70.32 7.83
N ALA K 435 -48.32 -71.52 8.28
CA ALA K 435 -48.41 -71.77 9.72
C ALA K 435 -47.00 -71.99 10.28
N HIS K 436 -46.04 -72.24 9.40
CA HIS K 436 -44.66 -72.42 9.79
C HIS K 436 -43.77 -71.58 8.91
N PRO K 437 -43.88 -70.25 9.02
CA PRO K 437 -43.10 -69.38 8.18
C PRO K 437 -41.65 -69.41 8.56
N VAL K 438 -40.78 -69.04 7.63
CA VAL K 438 -39.34 -69.04 7.88
C VAL K 438 -38.91 -67.80 8.68
N PRO K 439 -38.27 -68.02 9.83
CA PRO K 439 -37.81 -66.90 10.64
C PRO K 439 -36.76 -66.07 9.90
N PHE K 440 -36.87 -64.74 9.91
CA PHE K 440 -35.89 -63.97 9.15
C PHE K 440 -34.55 -64.01 9.86
N ILE K 441 -34.60 -64.23 11.17
CA ILE K 441 -33.40 -64.48 11.98
C ILE K 441 -33.85 -65.46 13.05
N SER K 442 -32.87 -66.13 13.66
CA SER K 442 -33.15 -67.15 14.67
C SER K 442 -34.04 -66.70 15.81
N ARG K 443 -35.02 -67.54 16.17
CA ARG K 443 -35.92 -67.28 17.28
C ARG K 443 -35.18 -67.46 18.60
N PRO K 444 -35.60 -66.73 19.65
CA PRO K 444 -36.69 -65.75 19.60
C PRO K 444 -36.23 -64.37 19.17
N PHE K 445 -37.15 -63.58 18.63
CA PHE K 445 -36.80 -62.22 18.28
C PHE K 445 -37.96 -61.28 18.54
N ALA K 446 -37.64 -60.12 19.09
CA ALA K 446 -38.60 -59.04 19.34
C ALA K 446 -38.03 -57.82 18.62
N PHE K 447 -38.91 -56.98 18.08
CA PHE K 447 -38.47 -55.78 17.39
C PHE K 447 -37.78 -54.81 18.35
N ALA K 448 -38.02 -54.96 19.64
CA ALA K 448 -37.39 -54.11 20.65
C ALA K 448 -35.92 -54.41 20.79
N GLN K 449 -35.50 -55.63 20.44
CA GLN K 449 -34.11 -56.04 20.57
C GLN K 449 -33.27 -55.41 19.46
N SER K 450 -32.79 -54.19 19.72
CA SER K 450 -31.94 -53.49 18.79
C SER K 450 -30.63 -54.20 18.53
N SER K 451 -30.05 -54.86 19.53
CA SER K 451 -28.77 -55.53 19.30
C SER K 451 -28.85 -56.64 18.25
N ARG K 452 -30.05 -57.18 18.02
CA ARG K 452 -30.19 -58.24 17.03
C ARG K 452 -30.78 -57.76 15.71
N TRP K 453 -31.48 -56.63 15.78
CA TRP K 453 -32.07 -56.06 14.59
C TRP K 453 -31.01 -55.41 13.72
N LYS K 454 -30.15 -54.61 14.37
CA LYS K 454 -29.13 -53.86 13.66
C LYS K 454 -28.30 -54.64 12.65
N PRO K 455 -27.67 -55.75 13.03
CA PRO K 455 -26.89 -56.53 12.10
C PRO K 455 -27.60 -57.74 11.46
N TRP K 456 -28.92 -57.75 11.41
CA TRP K 456 -29.60 -58.93 10.91
C TRP K 456 -29.26 -59.33 9.46
N LEU K 457 -28.88 -58.37 8.61
CA LEU K 457 -28.59 -58.70 7.23
C LEU K 457 -27.28 -59.44 6.97
N VAL K 458 -26.42 -59.59 7.97
CA VAL K 458 -25.14 -60.29 7.77
C VAL K 458 -25.08 -61.64 8.48
N GLN K 459 -26.21 -62.03 9.04
CA GLN K 459 -26.32 -63.27 9.78
C GLN K 459 -26.18 -64.49 8.87
N ASP K 460 -25.66 -65.55 9.45
CA ASP K 460 -25.45 -66.81 8.71
C ASP K 460 -26.79 -67.38 8.26
N GLN K 461 -26.88 -67.76 6.99
CA GLN K 461 -28.11 -68.32 6.43
C GLN K 461 -28.17 -69.83 6.39
N ARG K 462 -27.35 -70.46 7.21
CA ARG K 462 -27.36 -71.92 7.31
C ARG K 462 -28.64 -72.49 7.92
N GLU K 463 -29.22 -71.80 8.88
CA GLU K 463 -30.48 -72.27 9.50
C GLU K 463 -31.52 -72.39 8.39
N ALA K 464 -31.59 -71.41 7.52
CA ALA K 464 -32.56 -71.44 6.42
C ALA K 464 -32.28 -72.57 5.43
N GLU K 465 -31.01 -72.81 5.16
CA GLU K 465 -30.62 -73.86 4.23
C GLU K 465 -31.10 -75.24 4.68
N SER K 466 -31.12 -75.47 5.98
CA SER K 466 -31.48 -76.78 6.52
C SER K 466 -32.97 -77.08 6.47
N ARG K 467 -33.80 -76.10 6.13
CA ARG K 467 -35.25 -76.31 6.09
C ARG K 467 -35.75 -76.72 4.71
N PRO K 468 -36.80 -77.55 4.66
CA PRO K 468 -37.37 -78.03 3.40
C PRO K 468 -38.21 -76.97 2.70
N ASP K 469 -38.51 -75.87 3.39
CA ASP K 469 -39.29 -74.81 2.74
C ASP K 469 -38.40 -73.73 2.16
N VAL K 470 -37.15 -74.11 1.90
CA VAL K 470 -36.14 -73.24 1.34
C VAL K 470 -35.33 -74.01 0.31
N VAL K 471 -35.10 -73.42 -0.85
CA VAL K 471 -34.28 -74.08 -1.87
C VAL K 471 -32.96 -73.34 -2.05
N THR K 472 -31.89 -74.11 -1.92
CA THR K 472 -30.54 -73.58 -1.96
C THR K 472 -29.73 -74.11 -3.15
N TYR K 473 -29.04 -73.22 -3.84
CA TYR K 473 -28.19 -73.58 -4.98
C TYR K 473 -26.83 -72.97 -4.72
N GLU K 474 -25.78 -73.65 -5.16
CA GLU K 474 -24.40 -73.18 -4.97
C GLU K 474 -23.51 -73.58 -6.13
N THR K 475 -22.42 -72.84 -6.31
CA THR K 475 -21.41 -73.14 -7.30
C THR K 475 -20.42 -74.08 -6.63
N GLU K 476 -19.52 -74.66 -7.42
CA GLU K 476 -18.45 -75.49 -6.89
C GLU K 476 -17.52 -74.54 -6.17
N VAL K 477 -16.61 -75.05 -5.35
CA VAL K 477 -15.68 -74.12 -4.74
C VAL K 477 -14.86 -73.39 -5.81
N LEU K 478 -14.87 -72.06 -5.72
CA LEU K 478 -14.19 -71.25 -6.72
C LEU K 478 -12.68 -71.43 -6.81
N ASP K 479 -12.21 -71.63 -8.04
CA ASP K 479 -10.78 -71.78 -8.36
C ASP K 479 -10.20 -70.41 -8.71
N GLU K 480 -11.07 -69.50 -9.13
CA GLU K 480 -10.72 -68.14 -9.53
C GLU K 480 -11.77 -67.16 -8.98
N PRO K 481 -11.32 -66.03 -8.44
CA PRO K 481 -12.26 -65.08 -7.84
C PRO K 481 -13.19 -64.37 -8.82
N VAL K 482 -14.42 -64.10 -8.40
CA VAL K 482 -15.31 -63.38 -9.29
C VAL K 482 -15.70 -62.06 -8.62
N ARG K 483 -15.43 -60.97 -9.33
CA ARG K 483 -15.70 -59.64 -8.81
C ARG K 483 -17.07 -59.21 -9.28
N VAL K 484 -17.80 -58.55 -8.40
CA VAL K 484 -19.10 -58.01 -8.73
C VAL K 484 -19.19 -56.60 -8.19
N SER K 485 -19.70 -55.69 -9.01
CA SER K 485 -19.88 -54.29 -8.61
C SER K 485 -21.02 -53.70 -9.44
N GLY K 486 -22.14 -53.46 -8.77
CA GLY K 486 -23.34 -52.88 -9.39
C GLY K 486 -24.60 -53.43 -8.73
N VAL K 487 -25.75 -53.32 -9.39
CA VAL K 487 -26.96 -53.85 -8.77
C VAL K 487 -27.42 -55.16 -9.43
N PRO K 488 -27.45 -56.26 -8.66
CA PRO K 488 -27.88 -57.53 -9.22
C PRO K 488 -29.37 -57.51 -9.50
N VAL K 489 -29.82 -58.39 -10.39
CA VAL K 489 -31.22 -58.49 -10.75
C VAL K 489 -31.74 -59.94 -10.73
N ALA K 490 -32.76 -60.20 -9.92
CA ALA K 490 -33.36 -61.52 -9.87
C ALA K 490 -34.27 -61.69 -11.10
N ASP K 491 -33.98 -62.72 -11.88
CA ASP K 491 -34.74 -63.06 -13.10
C ASP K 491 -35.27 -64.43 -12.75
N LEU K 492 -36.43 -64.44 -12.09
CA LEU K 492 -37.04 -65.64 -11.54
C LEU K 492 -38.23 -66.16 -12.34
N PHE K 493 -38.21 -67.47 -12.58
CA PHE K 493 -39.25 -68.18 -13.30
C PHE K 493 -39.76 -69.18 -12.29
N ALA K 494 -40.85 -68.79 -11.65
CA ALA K 494 -41.44 -69.53 -10.56
C ALA K 494 -42.94 -69.72 -10.66
N ALA K 495 -43.39 -70.84 -10.11
CA ALA K 495 -44.79 -71.20 -10.15
C ALA K 495 -45.23 -71.53 -8.74
N THR K 496 -46.50 -71.25 -8.44
CA THR K 496 -47.10 -71.54 -7.16
C THR K 496 -48.46 -72.17 -7.36
N SER K 497 -48.83 -73.11 -6.50
CA SER K 497 -50.12 -73.75 -6.59
C SER K 497 -51.21 -72.84 -6.05
N GLY K 498 -50.79 -71.74 -5.43
CA GLY K 498 -51.75 -70.77 -4.90
C GLY K 498 -52.13 -69.68 -5.88
N THR K 499 -52.76 -68.63 -5.38
CA THR K 499 -53.11 -67.52 -6.25
C THR K 499 -52.41 -66.24 -5.81
N ASP K 500 -51.41 -66.38 -4.97
CA ASP K 500 -50.56 -65.26 -4.54
C ASP K 500 -49.33 -65.91 -3.88
N SER K 501 -48.27 -65.14 -3.74
CA SER K 501 -47.03 -65.63 -3.14
C SER K 501 -46.00 -64.53 -3.06
N ASP K 502 -45.09 -64.69 -2.09
CA ASP K 502 -43.98 -63.80 -1.89
C ASP K 502 -42.78 -64.63 -2.32
N TRP K 503 -41.79 -63.98 -2.91
CA TRP K 503 -40.57 -64.63 -3.35
C TRP K 503 -39.40 -63.89 -2.76
N VAL K 504 -38.62 -64.61 -1.95
CA VAL K 504 -37.43 -64.09 -1.31
C VAL K 504 -36.21 -64.70 -1.99
N VAL K 505 -35.33 -63.86 -2.50
CA VAL K 505 -34.11 -64.31 -3.17
C VAL K 505 -32.92 -63.71 -2.41
N LYS K 506 -31.95 -64.57 -2.13
CA LYS K 506 -30.72 -64.23 -1.41
C LYS K 506 -29.48 -64.58 -2.21
N LEU K 507 -28.55 -63.63 -2.32
CA LEU K 507 -27.25 -63.84 -2.98
C LEU K 507 -26.29 -63.91 -1.82
N ILE K 508 -25.58 -65.03 -1.75
CA ILE K 508 -24.72 -65.37 -0.63
C ILE K 508 -23.30 -65.76 -0.99
N ASP K 509 -22.37 -65.31 -0.16
CA ASP K 509 -20.97 -65.66 -0.29
C ASP K 509 -20.69 -66.72 0.76
N VAL K 510 -20.40 -67.94 0.32
CA VAL K 510 -20.08 -69.01 1.26
C VAL K 510 -18.59 -68.94 1.46
N GLN K 511 -18.22 -68.74 2.72
CA GLN K 511 -16.84 -68.60 3.13
C GLN K 511 -16.19 -69.96 2.88
N PRO K 512 -14.87 -70.02 2.90
CA PRO K 512 -14.16 -71.27 2.73
C PRO K 512 -14.56 -72.28 3.79
N ALA K 513 -14.64 -73.55 3.40
CA ALA K 513 -15.10 -74.59 4.31
C ALA K 513 -14.57 -74.46 5.73
N MET K 514 -13.31 -74.10 5.85
CA MET K 514 -12.62 -73.88 7.10
C MET K 514 -11.92 -72.51 7.02
N THR K 515 -12.00 -71.77 8.12
CA THR K 515 -11.35 -70.47 8.23
C THR K 515 -10.59 -70.55 9.55
N PRO K 516 -9.41 -71.16 9.51
CA PRO K 516 -8.63 -71.48 10.70
C PRO K 516 -8.20 -70.28 11.53
N ASP K 517 -8.08 -69.13 10.90
CA ASP K 517 -7.68 -67.94 11.65
C ASP K 517 -8.88 -67.34 12.42
N ASP K 518 -10.10 -67.82 12.15
CA ASP K 518 -11.32 -67.40 12.84
C ASP K 518 -12.28 -68.53 12.53
N PRO K 519 -12.12 -69.67 13.23
CA PRO K 519 -12.86 -70.90 13.03
C PRO K 519 -14.38 -70.75 12.88
N LYS K 520 -15.03 -69.88 13.65
CA LYS K 520 -16.49 -69.76 13.58
C LYS K 520 -17.08 -69.29 12.26
N MET K 521 -16.19 -68.86 11.37
CA MET K 521 -16.62 -68.40 10.07
C MET K 521 -16.57 -69.44 8.97
N GLY K 522 -16.13 -70.66 9.30
CA GLY K 522 -16.04 -71.75 8.33
C GLY K 522 -17.36 -72.15 7.71
N GLY K 523 -17.47 -72.00 6.40
CA GLY K 523 -18.69 -72.34 5.66
C GLY K 523 -19.81 -71.36 5.91
N TYR K 524 -19.50 -70.24 6.55
CA TYR K 524 -20.51 -69.23 6.88
C TYR K 524 -21.20 -68.75 5.61
N GLU K 525 -22.52 -68.72 5.63
CA GLU K 525 -23.32 -68.28 4.47
C GLU K 525 -23.69 -66.80 4.63
N LEU K 526 -22.78 -65.96 4.18
CA LEU K 526 -22.93 -64.52 4.28
C LEU K 526 -23.73 -63.88 3.14
N PRO K 527 -24.91 -63.36 3.49
CA PRO K 527 -25.70 -62.69 2.46
C PRO K 527 -25.06 -61.39 2.06
N VAL K 528 -24.89 -61.17 0.76
CA VAL K 528 -24.34 -59.90 0.29
C VAL K 528 -25.47 -59.03 -0.29
N SER K 529 -26.54 -59.69 -0.70
CA SER K 529 -27.69 -59.00 -1.25
C SER K 529 -28.95 -59.86 -1.21
N MET K 530 -30.00 -59.37 -0.57
CA MET K 530 -31.25 -60.12 -0.52
C MET K 530 -32.48 -59.23 -0.48
N ASP K 531 -33.59 -59.72 -1.04
CA ASP K 531 -34.83 -58.94 -0.95
C ASP K 531 -36.02 -59.85 -1.24
N ILE K 532 -37.19 -59.30 -0.98
CA ILE K 532 -38.47 -59.98 -1.15
C ILE K 532 -39.37 -59.23 -2.14
N PHE K 533 -40.21 -59.97 -2.87
CA PHE K 533 -41.10 -59.40 -3.88
C PHE K 533 -42.49 -59.98 -3.66
N ARG K 534 -43.50 -59.12 -3.50
CA ARG K 534 -44.85 -59.62 -3.32
C ARG K 534 -45.47 -59.87 -4.70
N GLY K 535 -45.67 -61.16 -4.99
CA GLY K 535 -46.15 -61.67 -6.27
C GLY K 535 -47.34 -61.05 -6.98
N ARG K 536 -48.32 -60.59 -6.21
CA ARG K 536 -49.50 -59.99 -6.80
C ARG K 536 -49.16 -58.73 -7.59
N TYR K 537 -47.96 -58.19 -7.40
CA TYR K 537 -47.51 -56.99 -8.10
C TYR K 537 -46.56 -57.28 -9.27
N ARG K 538 -46.55 -58.52 -9.74
CA ARG K 538 -45.67 -58.95 -10.82
C ARG K 538 -45.78 -58.14 -12.12
N LYS K 539 -46.99 -57.78 -12.49
CA LYS K 539 -47.19 -56.98 -13.70
C LYS K 539 -47.27 -55.48 -13.44
N ASP K 540 -47.93 -55.08 -12.36
CA ASP K 540 -48.05 -53.68 -12.05
C ASP K 540 -48.15 -53.43 -10.55
N PHE K 541 -47.21 -52.66 -10.00
CA PHE K 541 -47.17 -52.32 -8.59
C PHE K 541 -48.42 -51.58 -8.15
N ALA K 542 -49.07 -50.90 -9.08
CA ALA K 542 -50.27 -50.15 -8.75
C ALA K 542 -51.56 -50.96 -8.88
N LYS K 543 -51.51 -52.06 -9.62
CA LYS K 543 -52.70 -52.83 -9.89
C LYS K 543 -52.47 -54.29 -9.62
N PRO K 544 -52.69 -54.74 -8.37
CA PRO K 544 -52.44 -56.11 -7.98
C PRO K 544 -53.39 -57.09 -8.65
N GLU K 545 -52.84 -58.24 -9.04
CA GLU K 545 -53.58 -59.28 -9.77
C GLU K 545 -53.21 -60.66 -9.29
N ALA K 546 -54.19 -61.55 -9.27
CA ALA K 546 -53.97 -62.91 -8.80
C ALA K 546 -53.01 -63.66 -9.70
N LEU K 547 -52.26 -64.55 -9.10
CA LEU K 547 -51.31 -65.34 -9.85
C LEU K 547 -52.09 -66.53 -10.38
N GLN K 548 -51.67 -66.98 -11.55
CA GLN K 548 -52.21 -68.15 -12.20
C GLN K 548 -51.66 -69.39 -11.49
N PRO K 549 -52.51 -70.27 -10.95
CA PRO K 549 -51.96 -71.49 -10.31
C PRO K 549 -51.18 -72.41 -11.23
N ASP K 550 -50.13 -73.00 -10.68
CA ASP K 550 -49.30 -73.93 -11.42
C ASP K 550 -48.69 -73.44 -12.72
N ALA K 551 -48.73 -72.13 -12.93
CA ALA K 551 -48.13 -71.51 -14.13
C ALA K 551 -46.80 -70.84 -13.81
N THR K 552 -45.77 -71.17 -14.58
CA THR K 552 -44.43 -70.61 -14.38
C THR K 552 -44.43 -69.18 -14.91
N LEU K 553 -44.34 -68.24 -13.98
CA LEU K 553 -44.36 -66.81 -14.27
C LEU K 553 -43.02 -66.14 -14.08
N HIS K 554 -42.83 -65.09 -14.86
CA HIS K 554 -41.57 -64.34 -14.90
C HIS K 554 -41.58 -63.13 -13.98
N TYR K 555 -40.64 -63.13 -13.04
CA TYR K 555 -40.47 -62.05 -12.07
C TYR K 555 -39.11 -61.47 -12.30
N HIS K 556 -39.03 -60.15 -12.38
CA HIS K 556 -37.79 -59.45 -12.64
C HIS K 556 -37.71 -58.22 -11.74
N PHE K 557 -36.81 -58.23 -10.76
CA PHE K 557 -36.67 -57.13 -9.82
C PHE K 557 -35.24 -56.96 -9.33
N THR K 558 -34.86 -55.71 -9.02
CA THR K 558 -33.51 -55.40 -8.54
C THR K 558 -33.32 -55.80 -7.09
N LEU K 559 -32.10 -56.20 -6.74
CA LEU K 559 -31.70 -56.52 -5.38
C LEU K 559 -30.73 -55.43 -4.92
N PRO K 560 -30.40 -55.40 -3.61
CA PRO K 560 -29.41 -54.46 -3.09
C PRO K 560 -28.06 -54.50 -3.82
N ALA K 561 -27.46 -53.34 -3.97
CA ALA K 561 -26.16 -53.20 -4.62
C ALA K 561 -25.10 -54.01 -3.89
N VAL K 562 -24.11 -54.43 -4.67
CA VAL K 562 -22.97 -55.18 -4.18
C VAL K 562 -21.70 -54.57 -4.76
N ASN K 563 -20.61 -54.78 -4.03
CA ASN K 563 -19.28 -54.35 -4.44
C ASN K 563 -18.42 -55.33 -3.65
N HIS K 564 -18.38 -56.55 -4.18
CA HIS K 564 -17.74 -57.67 -3.51
C HIS K 564 -16.87 -58.51 -4.42
N VAL K 565 -16.07 -59.38 -3.84
CA VAL K 565 -15.26 -60.31 -4.60
C VAL K 565 -15.48 -61.63 -3.91
N PHE K 566 -15.88 -62.65 -4.66
CA PHE K 566 -16.04 -64.02 -4.17
C PHE K 566 -14.66 -64.60 -4.43
N ALA K 567 -13.86 -64.70 -3.38
CA ALA K 567 -12.48 -65.16 -3.50
C ALA K 567 -12.36 -66.67 -3.70
N LYS K 568 -11.14 -67.14 -3.94
CA LYS K 568 -10.85 -68.54 -4.10
C LYS K 568 -11.18 -69.25 -2.81
N GLY K 569 -11.77 -70.44 -2.90
CA GLY K 569 -12.15 -71.20 -1.69
C GLY K 569 -13.59 -70.91 -1.27
N HIS K 570 -14.16 -69.85 -1.83
CA HIS K 570 -15.53 -69.53 -1.53
C HIS K 570 -16.45 -70.21 -2.53
N ARG K 571 -17.76 -70.07 -2.30
CA ARG K 571 -18.78 -70.51 -3.25
C ARG K 571 -19.78 -69.38 -3.36
N ILE K 572 -20.46 -69.28 -4.51
CA ILE K 572 -21.53 -68.33 -4.66
C ILE K 572 -22.79 -69.15 -4.39
N MET K 573 -23.73 -68.59 -3.63
CA MET K 573 -24.95 -69.31 -3.30
C MET K 573 -26.19 -68.46 -3.49
N VAL K 574 -27.28 -69.14 -3.86
CA VAL K 574 -28.58 -68.53 -4.03
C VAL K 574 -29.59 -69.34 -3.20
N GLN K 575 -30.37 -68.64 -2.39
CA GLN K 575 -31.44 -69.24 -1.61
C GLN K 575 -32.74 -68.55 -1.98
N ILE K 576 -33.76 -69.39 -2.16
CA ILE K 576 -35.09 -68.89 -2.45
C ILE K 576 -36.09 -69.51 -1.47
N GLN K 577 -37.03 -68.68 -1.02
CA GLN K 577 -38.09 -69.09 -0.11
C GLN K 577 -39.28 -68.13 -0.24
N SER K 578 -40.39 -68.43 0.43
CA SER K 578 -41.59 -67.62 0.29
C SER K 578 -42.14 -66.97 1.56
N SER K 579 -41.31 -66.85 2.59
CA SER K 579 -41.70 -66.17 3.82
C SER K 579 -40.43 -65.70 4.52
N TRP K 580 -40.58 -64.74 5.46
CA TRP K 580 -39.45 -64.09 6.12
C TRP K 580 -40.14 -63.36 7.25
N PHE K 581 -40.43 -64.13 8.30
CA PHE K 581 -41.24 -63.70 9.42
C PHE K 581 -40.42 -63.51 10.71
N PRO K 582 -40.87 -62.61 11.58
CA PRO K 582 -42.03 -61.75 11.46
C PRO K 582 -41.73 -60.39 10.83
N LEU K 583 -40.56 -60.18 10.23
CA LEU K 583 -40.27 -58.89 9.64
C LEU K 583 -41.35 -58.56 8.62
N TYR K 584 -41.61 -59.52 7.72
CA TYR K 584 -42.61 -59.35 6.70
C TYR K 584 -43.88 -60.13 7.04
N ASP K 585 -45.03 -59.49 6.85
CA ASP K 585 -46.29 -60.17 7.14
C ASP K 585 -46.42 -61.28 6.11
N ARG K 586 -47.07 -62.38 6.48
CA ARG K 586 -47.23 -63.56 5.62
C ARG K 586 -48.20 -63.41 4.46
N ASN K 587 -47.76 -63.87 3.30
CA ASN K 587 -48.62 -63.88 2.14
C ASN K 587 -49.51 -65.10 2.39
N PRO K 588 -50.82 -64.88 2.34
CA PRO K 588 -51.76 -65.96 2.60
C PRO K 588 -51.72 -67.03 1.53
N GLN K 589 -51.11 -66.70 0.40
CA GLN K 589 -50.99 -67.63 -0.71
C GLN K 589 -52.31 -67.96 -1.40
N LYS K 590 -53.22 -67.01 -1.24
CA LYS K 590 -54.55 -66.98 -1.84
C LYS K 590 -54.82 -65.49 -2.11
N PHE K 591 -55.19 -65.10 -3.32
CA PHE K 591 -55.40 -63.70 -3.61
C PHE K 591 -56.59 -63.08 -2.89
N VAL K 592 -56.31 -62.17 -1.96
CA VAL K 592 -57.38 -61.48 -1.25
C VAL K 592 -57.21 -60.02 -1.61
N PRO K 593 -58.29 -59.22 -1.52
CA PRO K 593 -58.22 -57.80 -1.87
C PRO K 593 -57.19 -57.02 -1.06
N ASN K 594 -57.10 -57.29 0.24
CA ASN K 594 -56.14 -56.60 1.09
C ASN K 594 -55.52 -57.55 2.10
N ILE K 595 -54.25 -57.87 1.91
CA ILE K 595 -53.57 -58.79 2.80
C ILE K 595 -53.58 -58.32 4.25
N PHE K 596 -53.67 -57.02 4.49
CA PHE K 596 -53.74 -56.51 5.86
C PHE K 596 -54.94 -57.10 6.58
N ASP K 597 -55.99 -57.39 5.83
CA ASP K 597 -57.24 -57.91 6.38
C ASP K 597 -57.45 -59.42 6.18
N ALA K 598 -56.38 -60.12 5.83
CA ALA K 598 -56.54 -61.55 5.63
C ALA K 598 -57.13 -62.21 6.86
N LYS K 599 -58.01 -63.18 6.62
CA LYS K 599 -58.61 -63.94 7.69
C LYS K 599 -57.92 -65.29 7.83
N PRO K 600 -58.08 -65.95 8.98
CA PRO K 600 -57.42 -67.24 9.23
C PRO K 600 -57.64 -68.28 8.16
N ALA K 601 -58.87 -68.40 7.67
CA ALA K 601 -59.16 -69.39 6.62
C ALA K 601 -58.45 -69.12 5.32
N ASP K 602 -58.04 -67.88 5.07
CA ASP K 602 -57.39 -67.50 3.82
C ASP K 602 -55.95 -68.00 3.69
N TYR K 603 -55.33 -68.34 4.81
CA TYR K 603 -53.94 -68.78 4.78
C TYR K 603 -53.87 -70.20 4.23
N THR K 604 -53.20 -70.37 3.11
CA THR K 604 -53.15 -71.67 2.45
C THR K 604 -51.75 -72.22 2.20
N VAL K 605 -51.61 -73.52 2.39
CA VAL K 605 -50.36 -74.20 2.13
C VAL K 605 -50.26 -74.29 0.60
N ALA K 606 -49.05 -74.13 0.07
CA ALA K 606 -48.82 -74.18 -1.37
C ALA K 606 -47.49 -74.82 -1.74
N THR K 607 -47.41 -75.38 -2.95
CA THR K 607 -46.19 -75.96 -3.46
C THR K 607 -45.69 -74.95 -4.48
N GLN K 608 -44.43 -74.56 -4.30
CA GLN K 608 -43.77 -73.59 -5.15
C GLN K 608 -42.78 -74.38 -6.00
N SER K 609 -42.51 -73.94 -7.21
CA SER K 609 -41.58 -74.63 -8.11
C SER K 609 -40.74 -73.59 -8.80
N ILE K 610 -39.41 -73.73 -8.72
CA ILE K 610 -38.48 -72.80 -9.35
C ILE K 610 -37.96 -73.46 -10.60
N HIS K 611 -38.18 -72.85 -11.75
CA HIS K 611 -37.72 -73.45 -13.01
C HIS K 611 -36.29 -73.07 -13.30
N HIS K 612 -35.55 -74.02 -13.87
CA HIS K 612 -34.17 -73.78 -14.30
C HIS K 612 -33.96 -74.35 -15.70
N GLY K 613 -33.08 -73.70 -16.46
CA GLY K 613 -32.76 -74.13 -17.81
C GLY K 613 -33.84 -73.82 -18.84
N GLY K 614 -33.45 -73.96 -20.10
CA GLY K 614 -34.38 -73.74 -21.21
C GLY K 614 -34.74 -72.29 -21.42
N LYS K 615 -35.99 -72.07 -21.83
CA LYS K 615 -36.49 -70.73 -22.05
C LYS K 615 -36.93 -70.07 -20.74
N GLU K 616 -37.01 -70.83 -19.65
CA GLU K 616 -37.42 -70.27 -18.36
C GLU K 616 -36.33 -70.52 -17.33
N ALA K 617 -35.12 -70.12 -17.71
CA ALA K 617 -33.92 -70.35 -16.91
C ALA K 617 -33.75 -69.27 -15.87
N THR K 618 -34.13 -69.61 -14.65
CA THR K 618 -33.98 -68.73 -13.51
C THR K 618 -32.50 -68.45 -13.29
N SER K 619 -32.17 -67.18 -13.03
CA SER K 619 -30.82 -66.78 -12.72
C SER K 619 -30.80 -65.46 -11.94
N ILE K 620 -29.61 -65.13 -11.42
CA ILE K 620 -29.36 -63.86 -10.77
C ILE K 620 -28.48 -63.17 -11.80
N LEU K 621 -28.92 -62.01 -12.27
CA LEU K 621 -28.11 -61.25 -13.22
C LEU K 621 -27.08 -60.47 -12.44
N LEU K 622 -25.86 -60.97 -12.43
CA LEU K 622 -24.75 -60.42 -11.68
C LEU K 622 -23.94 -59.35 -12.40
N PRO K 623 -23.60 -58.30 -11.65
CA PRO K 623 -22.78 -57.27 -12.27
C PRO K 623 -21.30 -57.66 -12.21
N VAL K 624 -20.92 -58.66 -12.99
CA VAL K 624 -19.55 -59.13 -12.98
C VAL K 624 -18.65 -58.10 -13.64
N VAL K 625 -17.48 -57.86 -13.04
CA VAL K 625 -16.51 -56.91 -13.55
C VAL K 625 -15.14 -57.57 -13.56
N LYS K 626 -14.26 -57.09 -14.43
CA LYS K 626 -12.90 -57.60 -14.57
C LYS K 626 -11.93 -56.87 -13.64
N HIS L 10 -13.74 -119.27 16.60
CA HIS L 10 -14.46 -118.08 17.16
C HIS L 10 -14.68 -117.01 16.09
N ASP L 11 -15.91 -116.52 16.01
CA ASP L 11 -16.31 -115.51 15.04
C ASP L 11 -15.66 -114.18 15.38
N PRO L 12 -14.80 -113.66 14.49
CA PRO L 12 -14.07 -112.43 14.76
C PRO L 12 -14.89 -111.14 14.73
N LEU L 13 -16.10 -111.22 14.19
CA LEU L 13 -16.97 -110.05 14.15
C LEU L 13 -17.85 -110.00 15.39
N SER L 14 -17.57 -110.89 16.33
CA SER L 14 -18.32 -110.97 17.59
C SER L 14 -17.40 -111.18 18.80
N VAL L 15 -16.38 -112.02 18.65
CA VAL L 15 -15.45 -112.30 19.74
C VAL L 15 -14.08 -111.74 19.40
N GLN L 16 -13.57 -110.86 20.27
CA GLN L 16 -12.24 -110.28 20.10
C GLN L 16 -11.34 -110.70 21.26
N THR L 17 -10.39 -111.59 20.98
CA THR L 17 -9.47 -112.10 21.99
C THR L 17 -8.13 -111.39 21.88
N GLY L 18 -7.99 -110.62 20.80
CA GLY L 18 -6.80 -109.82 20.54
C GLY L 18 -7.00 -108.36 20.94
N SER L 19 -6.46 -107.45 20.15
CA SER L 19 -6.52 -106.02 20.42
C SER L 19 -7.25 -105.17 19.38
N ASP L 20 -8.04 -104.23 19.85
CA ASP L 20 -8.79 -103.33 18.98
C ASP L 20 -7.92 -102.23 18.38
N ILE L 21 -6.72 -102.09 18.94
CA ILE L 21 -5.77 -101.09 18.47
C ILE L 21 -4.94 -101.64 17.33
N PRO L 22 -5.16 -101.14 16.11
CA PRO L 22 -4.44 -101.65 14.95
C PRO L 22 -2.95 -101.43 15.07
N GLN L 32 -6.93 -86.81 0.11
CA GLN L 32 -7.75 -85.61 0.15
C GLN L 32 -6.99 -84.31 0.47
N ARG L 33 -5.78 -84.42 1.03
CA ARG L 33 -4.99 -83.24 1.39
C ARG L 33 -4.47 -82.49 0.17
N ASP L 34 -4.19 -81.20 0.33
CA ASP L 34 -3.68 -80.41 -0.77
C ASP L 34 -2.17 -80.18 -0.60
N TYR L 35 -1.56 -81.00 0.24
CA TYR L 35 -0.14 -80.91 0.53
C TYR L 35 0.42 -82.26 0.95
N ILE L 36 1.75 -82.35 0.94
CA ILE L 36 2.42 -83.55 1.44
C ILE L 36 3.40 -83.14 2.54
N LYS L 37 3.57 -84.00 3.54
CA LYS L 37 4.48 -83.69 4.63
C LYS L 37 5.56 -84.75 4.68
N ARG L 38 6.83 -84.31 4.70
CA ARG L 38 7.99 -85.20 4.82
C ARG L 38 8.71 -84.95 6.15
N GLU L 39 9.14 -86.03 6.79
CA GLU L 39 9.88 -85.90 8.03
C GLU L 39 11.19 -86.57 7.70
N VAL L 40 12.28 -85.82 7.85
CA VAL L 40 13.59 -86.33 7.53
C VAL L 40 14.51 -85.98 8.67
N MET L 41 15.60 -86.71 8.79
CA MET L 41 16.62 -86.45 9.77
C MET L 41 17.83 -85.98 8.99
N VAL L 42 18.04 -84.66 8.94
CA VAL L 42 19.12 -84.08 8.16
C VAL L 42 20.42 -84.10 8.96
N PRO L 43 21.44 -84.77 8.42
CA PRO L 43 22.69 -84.85 9.16
C PRO L 43 23.50 -83.55 9.13
N MET L 44 24.13 -83.19 10.25
CA MET L 44 24.98 -82.02 10.31
C MET L 44 26.42 -82.47 10.08
N ARG L 45 27.34 -81.54 9.91
CA ARG L 45 28.73 -81.86 9.61
C ARG L 45 29.40 -82.80 10.61
N ASP L 46 28.91 -82.83 11.86
CA ASP L 46 29.53 -83.65 12.90
C ASP L 46 28.75 -84.95 13.14
N GLY L 47 27.86 -85.27 12.22
CA GLY L 47 27.06 -86.48 12.35
C GLY L 47 25.73 -86.37 13.07
N VAL L 48 25.53 -85.33 13.88
CA VAL L 48 24.25 -85.15 14.57
C VAL L 48 23.12 -84.90 13.58
N LYS L 49 21.99 -85.58 13.74
CA LYS L 49 20.89 -85.42 12.80
C LYS L 49 19.74 -84.60 13.38
N LEU L 50 19.25 -83.63 12.62
CA LEU L 50 18.16 -82.78 13.13
C LEU L 50 16.81 -83.11 12.50
N TYR L 51 15.78 -83.21 13.33
CA TYR L 51 14.44 -83.52 12.84
C TYR L 51 13.88 -82.36 12.01
N THR L 52 13.55 -82.67 10.75
CA THR L 52 13.08 -81.64 9.86
C THR L 52 11.78 -82.07 9.23
N VAL L 53 10.85 -81.11 9.20
CA VAL L 53 9.55 -81.30 8.63
C VAL L 53 9.42 -80.38 7.44
N ILE L 54 9.00 -80.94 6.30
CA ILE L 54 8.86 -80.20 5.06
C ILE L 54 7.44 -80.37 4.53
N VAL L 55 6.73 -79.25 4.37
CA VAL L 55 5.36 -79.24 3.91
C VAL L 55 5.35 -78.60 2.53
N ILE L 56 4.95 -79.41 1.55
CA ILE L 56 4.97 -79.06 0.15
C ILE L 56 3.59 -79.07 -0.47
N PRO L 57 3.23 -78.00 -1.19
CA PRO L 57 1.93 -77.97 -1.82
C PRO L 57 1.84 -79.01 -2.92
N LYS L 58 0.66 -79.60 -3.10
CA LYS L 58 0.52 -80.58 -4.17
C LYS L 58 0.77 -79.93 -5.52
N ASN L 59 1.43 -80.69 -6.38
CA ASN L 59 1.78 -80.20 -7.70
C ASN L 59 2.63 -78.93 -7.63
N ALA L 60 3.42 -78.82 -6.58
CA ALA L 60 4.32 -77.68 -6.47
C ALA L 60 5.54 -78.00 -7.33
N ARG L 61 6.00 -77.01 -8.09
CA ARG L 61 7.18 -77.19 -8.92
C ARG L 61 8.00 -75.89 -8.98
N ASN L 62 9.29 -75.99 -8.68
CA ASN L 62 10.15 -74.81 -8.68
C ASN L 62 9.69 -73.82 -7.63
N ALA L 63 9.23 -74.32 -6.49
CA ALA L 63 8.73 -73.44 -5.43
C ALA L 63 9.82 -73.11 -4.43
N PRO L 64 9.82 -71.85 -3.94
CA PRO L 64 10.79 -71.43 -2.94
C PRO L 64 10.51 -72.00 -1.56
N ILE L 65 11.56 -72.14 -0.76
CA ILE L 65 11.47 -72.67 0.59
C ILE L 65 11.56 -71.60 1.68
N LEU L 66 10.64 -71.65 2.64
CA LEU L 66 10.62 -70.73 3.78
C LEU L 66 10.99 -71.60 4.97
N LEU L 67 12.15 -71.29 5.55
CA LEU L 67 12.70 -72.07 6.65
C LEU L 67 12.74 -71.38 8.00
N THR L 68 12.45 -72.15 9.05
CA THR L 68 12.49 -71.69 10.43
C THR L 68 13.11 -72.81 11.26
N ARG L 69 14.01 -72.47 12.18
CA ARG L 69 14.68 -73.41 13.05
C ARG L 69 14.16 -73.07 14.44
N THR L 70 13.65 -74.06 15.18
CA THR L 70 13.01 -73.80 16.44
C THR L 70 13.25 -74.77 17.58
N PRO L 71 13.20 -74.26 18.83
CA PRO L 71 13.32 -75.08 20.02
C PRO L 71 11.94 -75.46 20.54
N TYR L 72 10.92 -75.02 19.83
CA TYR L 72 9.54 -75.23 20.25
C TYR L 72 8.73 -76.32 19.53
N ASN L 73 9.38 -77.42 19.18
CA ASN L 73 8.71 -78.57 18.58
C ASN L 73 8.25 -78.41 17.13
N ALA L 74 9.12 -78.70 16.18
CA ALA L 74 8.82 -78.51 14.76
C ALA L 74 7.60 -79.29 14.27
N LYS L 75 7.33 -80.44 14.89
CA LYS L 75 6.22 -81.30 14.52
C LYS L 75 4.91 -80.61 14.82
N GLY L 76 4.88 -79.95 15.97
CA GLY L 76 3.72 -79.22 16.43
C GLY L 76 3.54 -77.90 15.74
N ARG L 77 4.64 -77.20 15.44
CA ARG L 77 4.57 -75.92 14.76
C ARG L 77 3.94 -76.12 13.39
N ALA L 78 4.26 -77.24 12.75
CA ALA L 78 3.70 -77.54 11.43
C ALA L 78 2.42 -78.36 11.54
N ASN L 79 1.78 -78.27 12.70
CA ASN L 79 0.51 -78.95 12.98
C ASN L 79 -0.45 -78.04 13.73
N ARG L 80 -0.69 -76.83 13.22
CA ARG L 80 -1.56 -75.88 13.89
C ARG L 80 -2.93 -76.51 14.10
N VAL L 81 -3.41 -77.18 13.05
CA VAL L 81 -4.61 -78.01 13.10
C VAL L 81 -4.01 -79.37 12.76
N PRO L 82 -3.92 -80.26 13.75
CA PRO L 82 -3.29 -81.56 13.55
C PRO L 82 -3.80 -82.34 12.35
N ASN L 83 -2.89 -82.64 11.43
CA ASN L 83 -3.20 -83.45 10.27
C ASN L 83 -4.31 -82.88 9.37
N ALA L 84 -4.45 -81.56 9.34
CA ALA L 84 -5.52 -80.91 8.58
C ALA L 84 -5.56 -81.22 7.08
N LEU L 85 -6.72 -81.07 6.48
CA LEU L 85 -6.86 -81.40 5.08
C LEU L 85 -6.31 -80.32 4.15
N THR L 86 -6.05 -79.13 4.70
CA THR L 86 -5.48 -78.06 3.91
C THR L 86 -4.17 -77.56 4.51
N MET L 87 -3.29 -77.09 3.64
CA MET L 87 -2.01 -76.54 4.07
C MET L 87 -2.25 -75.28 4.90
N ARG L 88 -3.24 -74.49 4.51
CA ARG L 88 -3.59 -73.25 5.20
C ARG L 88 -3.93 -73.54 6.66
N GLU L 89 -4.58 -74.66 6.92
CA GLU L 89 -4.93 -75.04 8.28
C GLU L 89 -3.79 -75.66 9.07
N VAL L 90 -2.90 -76.39 8.38
CA VAL L 90 -1.82 -77.09 9.06
C VAL L 90 -0.69 -76.17 9.49
N LEU L 91 -0.51 -75.07 8.77
CA LEU L 91 0.52 -74.09 9.09
C LEU L 91 0.02 -72.89 9.92
N PRO L 92 0.92 -72.22 10.65
CA PRO L 92 0.54 -71.08 11.48
C PRO L 92 -0.10 -69.90 10.73
N GLN L 93 -0.81 -69.08 11.50
CA GLN L 93 -1.48 -67.93 10.93
C GLN L 93 -0.49 -67.08 10.15
N GLY L 94 0.69 -66.88 10.74
CA GLY L 94 1.70 -66.01 10.14
C GLY L 94 2.21 -66.41 8.77
N ASP L 95 1.95 -67.66 8.39
CA ASP L 95 2.40 -68.22 7.13
C ASP L 95 1.33 -68.11 6.06
N ASP L 96 0.19 -67.52 6.42
CA ASP L 96 -0.93 -67.36 5.48
C ASP L 96 -0.53 -66.89 4.08
N VAL L 97 0.19 -65.78 4.03
CA VAL L 97 0.55 -65.18 2.75
C VAL L 97 1.50 -66.01 1.90
N PHE L 98 2.22 -66.95 2.53
CA PHE L 98 3.17 -67.82 1.85
C PHE L 98 2.53 -69.12 1.39
N VAL L 99 1.43 -69.49 2.05
CA VAL L 99 0.68 -70.66 1.64
C VAL L 99 -0.07 -70.24 0.38
N GLU L 100 -0.52 -68.99 0.34
CA GLU L 100 -1.21 -68.44 -0.83
C GLU L 100 -0.27 -68.23 -2.02
N GLY L 101 1.02 -68.04 -1.74
CA GLY L 101 2.02 -67.85 -2.77
C GLY L 101 2.66 -69.14 -3.26
N GLY L 102 2.30 -70.28 -2.68
CA GLY L 102 2.84 -71.55 -3.12
C GLY L 102 4.19 -71.98 -2.59
N TYR L 103 4.60 -71.40 -1.46
CA TYR L 103 5.88 -71.73 -0.88
C TYR L 103 5.88 -73.04 -0.12
N ILE L 104 7.04 -73.69 -0.12
CA ILE L 104 7.31 -74.91 0.59
C ILE L 104 7.73 -74.39 1.95
N ARG L 105 7.16 -74.98 3.00
CA ARG L 105 7.45 -74.55 4.35
C ARG L 105 8.26 -75.59 5.12
N VAL L 106 9.35 -75.17 5.74
CA VAL L 106 10.17 -76.08 6.50
C VAL L 106 10.33 -75.60 7.94
N PHE L 107 10.13 -76.52 8.88
CA PHE L 107 10.32 -76.26 10.30
C PHE L 107 11.32 -77.31 10.70
N GLN L 108 12.33 -76.92 11.49
CA GLN L 108 13.37 -77.82 11.95
C GLN L 108 13.60 -77.64 13.45
N ASP L 109 13.78 -78.75 14.14
CA ASP L 109 14.07 -78.75 15.57
C ASP L 109 15.57 -78.53 15.71
N ILE L 110 15.96 -77.49 16.45
CA ILE L 110 17.36 -77.20 16.62
C ILE L 110 18.06 -78.29 17.41
N ARG L 111 19.39 -78.29 17.32
CA ARG L 111 20.23 -79.26 18.00
C ARG L 111 19.79 -79.42 19.45
N GLY L 112 19.56 -80.66 19.86
CA GLY L 112 19.22 -81.00 21.25
C GLY L 112 17.78 -80.92 21.70
N LYS L 113 16.89 -80.53 20.79
CA LYS L 113 15.48 -80.39 21.16
C LYS L 113 14.54 -81.29 20.37
N TYR L 114 13.51 -81.74 21.09
CA TYR L 114 12.46 -82.61 20.59
C TYR L 114 12.96 -83.84 19.83
N GLY L 115 12.84 -83.84 18.51
CA GLY L 115 13.21 -84.97 17.65
C GLY L 115 14.66 -84.99 17.18
N SER L 116 15.38 -83.91 17.45
CA SER L 116 16.78 -83.80 17.02
C SER L 116 17.70 -84.43 18.03
N GLN L 117 18.88 -84.80 17.55
CA GLN L 117 19.91 -85.39 18.38
C GLN L 117 20.80 -84.27 18.90
N GLY L 118 21.80 -84.60 19.69
CA GLY L 118 22.73 -83.57 20.16
C GLY L 118 22.51 -82.95 21.52
N ASP L 119 23.47 -82.11 21.91
CA ASP L 119 23.42 -81.45 23.19
C ASP L 119 22.77 -80.08 23.04
N TYR L 120 21.78 -79.81 23.88
CA TYR L 120 21.13 -78.51 23.83
C TYR L 120 21.89 -77.51 24.69
N VAL L 121 22.18 -76.33 24.12
CA VAL L 121 22.83 -75.25 24.85
C VAL L 121 21.98 -73.99 24.64
N MET L 122 21.43 -73.45 25.72
CA MET L 122 20.57 -72.24 25.63
C MET L 122 21.21 -71.10 24.85
N THR L 123 20.53 -70.66 23.79
CA THR L 123 21.02 -69.59 22.94
C THR L 123 22.52 -69.79 22.73
N ARG L 124 22.84 -70.96 22.19
CA ARG L 124 24.19 -71.38 21.91
C ARG L 124 25.05 -70.29 21.32
N PRO L 125 26.13 -69.95 22.01
CA PRO L 125 26.99 -68.90 21.49
C PRO L 125 27.60 -69.25 20.14
N PRO L 126 28.00 -68.22 19.38
CA PRO L 126 28.67 -68.47 18.11
C PRO L 126 30.08 -68.93 18.39
N HIS L 127 30.75 -69.50 17.39
CA HIS L 127 32.11 -70.01 17.55
C HIS L 127 33.00 -68.90 18.14
N GLY L 128 33.81 -69.26 19.12
CA GLY L 128 34.69 -68.26 19.73
C GLY L 128 35.03 -68.72 21.11
N PRO L 129 35.35 -67.77 21.99
CA PRO L 129 35.72 -68.10 23.37
C PRO L 129 34.63 -68.84 24.12
N LEU L 130 33.37 -68.60 23.77
CA LEU L 130 32.25 -69.23 24.47
C LEU L 130 31.75 -70.53 23.82
N ASN L 131 32.40 -70.94 22.73
CA ASN L 131 32.03 -72.15 22.00
C ASN L 131 33.23 -72.58 21.13
N PRO L 132 34.15 -73.35 21.71
CA PRO L 132 35.33 -73.80 20.98
C PRO L 132 35.14 -75.07 20.15
N THR L 133 33.89 -75.55 20.00
CA THR L 133 33.59 -76.72 19.20
C THR L 133 33.51 -76.34 17.72
N LYS L 134 33.35 -77.33 16.85
CA LYS L 134 33.30 -77.12 15.41
C LYS L 134 31.89 -76.76 14.91
N THR L 135 30.90 -76.79 15.80
CA THR L 135 29.55 -76.47 15.34
C THR L 135 28.85 -75.44 16.22
N ASP L 136 27.91 -74.74 15.60
CA ASP L 136 27.07 -73.76 16.28
C ASP L 136 25.78 -73.56 15.47
N GLU L 137 24.96 -72.58 15.83
CA GLU L 137 23.68 -72.37 15.14
C GLU L 137 23.86 -71.84 13.73
N THR L 138 25.06 -71.38 13.42
CA THR L 138 25.37 -70.88 12.10
C THR L 138 25.73 -72.02 11.14
N THR L 139 26.48 -72.98 11.64
CA THR L 139 26.88 -74.12 10.83
C THR L 139 25.73 -75.12 10.66
N ASP L 140 24.89 -75.21 11.69
CA ASP L 140 23.73 -76.09 11.63
C ASP L 140 22.76 -75.57 10.57
N ALA L 141 22.59 -74.26 10.49
CA ALA L 141 21.73 -73.65 9.48
C ALA L 141 22.35 -73.85 8.11
N TRP L 142 23.68 -73.70 8.04
CA TRP L 142 24.40 -73.82 6.77
C TRP L 142 24.17 -75.24 6.23
N ASP L 143 24.36 -76.23 7.09
CA ASP L 143 24.19 -77.63 6.69
C ASP L 143 22.75 -78.00 6.34
N THR L 144 21.80 -77.35 6.99
CA THR L 144 20.38 -77.57 6.72
C THR L 144 20.02 -77.02 5.35
N VAL L 145 20.44 -75.80 5.04
CA VAL L 145 20.13 -75.21 3.75
C VAL L 145 20.76 -76.01 2.61
N ASP L 146 22.01 -76.41 2.81
CA ASP L 146 22.70 -77.13 1.75
C ASP L 146 21.86 -78.35 1.45
N TRP L 147 21.51 -79.08 2.51
CA TRP L 147 20.74 -80.30 2.36
C TRP L 147 19.42 -80.06 1.66
N LEU L 148 18.74 -78.96 1.98
CA LEU L 148 17.45 -78.66 1.35
C LEU L 148 17.53 -78.45 -0.15
N VAL L 149 18.50 -77.64 -0.59
CA VAL L 149 18.62 -77.30 -1.99
C VAL L 149 19.10 -78.44 -2.87
N HIS L 150 19.61 -79.50 -2.24
CA HIS L 150 20.07 -80.70 -2.95
C HIS L 150 19.13 -81.90 -2.76
N ASN L 151 18.17 -81.79 -1.85
CA ASN L 151 17.28 -82.90 -1.58
C ASN L 151 15.76 -82.62 -1.61
N VAL L 152 15.34 -81.55 -2.27
CA VAL L 152 13.92 -81.20 -2.36
C VAL L 152 13.69 -80.77 -3.81
N PRO L 153 13.36 -81.75 -4.68
CA PRO L 153 13.11 -81.56 -6.09
C PRO L 153 11.98 -80.62 -6.46
N GLU L 154 11.00 -80.47 -5.58
CA GLU L 154 9.91 -79.54 -5.87
C GLU L 154 10.30 -78.07 -5.64
N SER L 155 11.50 -77.84 -5.09
CA SER L 155 11.92 -76.46 -4.84
C SER L 155 12.80 -75.92 -5.96
N ASN L 156 12.98 -74.61 -5.97
CA ASN L 156 13.81 -73.92 -6.95
C ASN L 156 15.20 -73.64 -6.40
N GLY L 157 15.48 -74.18 -5.23
CA GLY L 157 16.77 -74.06 -4.55
C GLY L 157 17.05 -72.74 -3.83
N ARG L 158 16.04 -71.88 -3.72
CA ARG L 158 16.20 -70.57 -3.11
C ARG L 158 15.52 -70.65 -1.76
N VAL L 159 16.21 -70.25 -0.70
CA VAL L 159 15.70 -70.31 0.66
C VAL L 159 15.59 -68.94 1.35
N GLY L 160 14.49 -68.76 2.07
CA GLY L 160 14.25 -67.56 2.82
C GLY L 160 14.10 -68.05 4.25
N MET L 161 14.63 -67.29 5.20
CA MET L 161 14.48 -67.67 6.59
C MET L 161 13.69 -66.62 7.36
N THR L 162 12.94 -67.09 8.33
CA THR L 162 12.17 -66.19 9.17
C THR L 162 11.92 -66.87 10.50
N GLY L 163 11.32 -66.12 11.41
CA GLY L 163 10.97 -66.63 12.71
C GLY L 163 10.97 -65.49 13.71
N SER L 164 10.23 -65.70 14.80
CA SER L 164 10.10 -64.71 15.85
C SER L 164 10.69 -65.24 17.15
N SER L 165 11.21 -64.33 17.96
CA SER L 165 11.78 -64.68 19.26
C SER L 165 12.99 -65.60 19.07
N TYR L 166 12.98 -66.79 19.69
CA TYR L 166 14.11 -67.71 19.56
C TYR L 166 14.20 -68.10 18.08
N GLU L 167 13.05 -68.24 17.42
CA GLU L 167 13.10 -68.60 16.01
C GLU L 167 13.71 -67.46 15.19
N GLY L 168 13.83 -66.29 15.79
CA GLY L 168 14.45 -65.15 15.12
C GLY L 168 15.93 -65.16 15.44
N PHE L 169 16.28 -65.68 16.61
CA PHE L 169 17.67 -65.79 17.05
C PHE L 169 18.41 -66.73 16.10
N THR L 170 17.71 -67.74 15.63
CA THR L 170 18.31 -68.67 14.68
C THR L 170 18.50 -68.06 13.31
N VAL L 171 17.68 -67.08 12.93
CA VAL L 171 17.86 -66.43 11.64
C VAL L 171 19.11 -65.57 11.71
N VAL L 172 19.25 -64.82 12.79
CA VAL L 172 20.41 -63.96 13.00
C VAL L 172 21.69 -64.78 12.98
N MET L 173 21.71 -65.91 13.68
CA MET L 173 22.88 -66.78 13.72
C MET L 173 23.24 -67.34 12.34
N ALA L 174 22.24 -67.42 11.48
CA ALA L 174 22.46 -67.91 10.13
C ALA L 174 23.09 -66.80 9.32
N LEU L 175 22.77 -65.56 9.66
CA LEU L 175 23.29 -64.37 8.96
C LEU L 175 24.76 -64.11 9.30
N LEU L 176 25.29 -64.79 10.31
CA LEU L 176 26.69 -64.62 10.63
C LEU L 176 27.52 -65.20 9.50
N ASP L 177 27.06 -66.30 8.89
CA ASP L 177 27.77 -66.93 7.77
C ASP L 177 26.76 -67.75 6.97
N PRO L 178 25.99 -67.06 6.12
CA PRO L 178 24.90 -67.65 5.35
C PRO L 178 25.24 -68.44 4.10
N HIS L 179 24.47 -69.50 3.90
CA HIS L 179 24.66 -70.35 2.74
C HIS L 179 24.32 -69.55 1.49
N PRO L 180 25.08 -69.74 0.41
CA PRO L 180 24.76 -68.95 -0.77
C PRO L 180 23.32 -69.10 -1.25
N ALA L 181 22.65 -70.16 -0.81
CA ALA L 181 21.25 -70.35 -1.25
C ALA L 181 20.25 -69.53 -0.44
N LEU L 182 20.71 -68.98 0.68
CA LEU L 182 19.85 -68.16 1.54
C LEU L 182 19.78 -66.79 0.90
N LYS L 183 18.70 -66.52 0.17
CA LYS L 183 18.55 -65.27 -0.56
C LYS L 183 17.94 -64.07 0.15
N VAL L 184 17.28 -64.30 1.29
CA VAL L 184 16.60 -63.23 2.01
C VAL L 184 16.31 -63.72 3.41
N ALA L 185 16.22 -62.80 4.37
CA ALA L 185 15.96 -63.11 5.78
C ALA L 185 15.04 -62.11 6.46
N ALA L 186 14.29 -62.58 7.47
CA ALA L 186 13.39 -61.69 8.22
C ALA L 186 13.32 -62.07 9.70
N PRO L 187 14.33 -61.66 10.46
CA PRO L 187 14.30 -61.93 11.89
C PRO L 187 13.18 -61.10 12.50
N GLU L 188 12.33 -61.74 13.30
CA GLU L 188 11.20 -61.07 13.94
C GLU L 188 11.40 -61.10 15.44
N SER L 189 11.38 -59.94 16.08
CA SER L 189 11.56 -59.82 17.51
C SER L 189 12.60 -60.81 18.00
N PRO L 190 13.80 -60.77 17.43
CA PRO L 190 14.83 -61.72 17.81
C PRO L 190 15.52 -61.42 19.12
N MET L 191 16.06 -62.50 19.70
CA MET L 191 16.82 -62.49 20.92
C MET L 191 18.22 -62.14 20.45
N VAL L 192 18.62 -60.89 20.66
CA VAL L 192 19.92 -60.39 20.22
C VAL L 192 20.90 -60.16 21.37
N ASP L 193 20.48 -59.41 22.38
CA ASP L 193 21.31 -59.16 23.54
C ASP L 193 20.41 -59.32 24.76
N GLY L 194 20.57 -60.47 25.40
CA GLY L 194 19.76 -60.83 26.56
C GLY L 194 20.00 -60.06 27.84
N TRP L 195 21.09 -59.30 27.92
CA TRP L 195 21.44 -58.55 29.11
C TRP L 195 21.05 -57.08 29.01
N MET L 196 21.27 -56.51 27.82
CA MET L 196 20.98 -55.10 27.60
C MET L 196 19.48 -54.84 27.64
N GLY L 197 18.70 -55.63 26.92
CA GLY L 197 17.27 -55.34 26.90
C GLY L 197 16.34 -56.30 26.22
N ASP L 198 16.70 -57.58 26.19
CA ASP L 198 15.85 -58.61 25.62
C ASP L 198 15.22 -59.48 26.72
N ASP L 199 15.53 -60.77 26.80
CA ASP L 199 14.82 -61.63 27.75
C ASP L 199 15.28 -61.72 29.20
N TRP L 200 16.57 -61.82 29.44
CA TRP L 200 17.04 -62.06 30.80
C TRP L 200 17.11 -60.80 31.65
N PHE L 201 17.70 -59.71 31.14
CA PHE L 201 17.80 -58.46 31.90
C PHE L 201 17.42 -57.29 30.99
N HIS L 202 17.19 -56.14 31.62
CA HIS L 202 16.97 -54.84 31.02
C HIS L 202 17.89 -53.90 31.76
N TYR L 203 18.99 -53.52 31.12
CA TYR L 203 19.99 -52.69 31.79
C TYR L 203 20.37 -53.28 33.14
N GLY L 204 20.62 -54.59 33.18
CA GLY L 204 21.07 -55.23 34.41
C GLY L 204 20.01 -55.70 35.37
N ALA L 205 18.79 -55.20 35.21
CA ALA L 205 17.68 -55.60 36.05
C ALA L 205 17.19 -56.97 35.56
N PHE L 206 17.15 -57.93 36.47
CA PHE L 206 16.75 -59.29 36.15
C PHE L 206 15.24 -59.49 36.06
N ARG L 207 14.85 -60.19 34.99
CA ARG L 207 13.46 -60.52 34.67
C ARG L 207 13.17 -61.91 35.20
N GLN L 208 12.31 -61.95 36.22
CA GLN L 208 11.97 -63.19 36.91
C GLN L 208 11.09 -64.20 36.21
N GLY L 209 10.57 -63.87 35.03
CA GLY L 209 9.73 -64.79 34.30
C GLY L 209 10.60 -65.82 33.63
N ALA L 210 11.91 -65.53 33.63
CA ALA L 210 12.87 -66.41 33.00
C ALA L 210 12.94 -67.76 33.66
N PHE L 211 12.64 -67.85 34.94
CA PHE L 211 12.72 -69.12 35.63
C PHE L 211 11.82 -70.19 35.00
N ASP L 212 10.56 -69.87 34.77
CA ASP L 212 9.65 -70.82 34.15
C ASP L 212 10.05 -71.21 32.74
N TYR L 213 10.75 -70.30 32.06
CA TYR L 213 11.20 -70.56 30.71
C TYR L 213 12.33 -71.57 30.75
N PHE L 214 13.15 -71.51 31.79
CA PHE L 214 14.25 -72.45 31.92
C PHE L 214 13.76 -73.87 32.16
N VAL L 215 12.90 -74.06 33.14
CA VAL L 215 12.41 -75.40 33.48
C VAL L 215 11.57 -75.97 32.33
N SER L 216 10.89 -75.09 31.61
CA SER L 216 10.03 -75.51 30.52
C SER L 216 10.81 -75.97 29.30
N GLN L 217 11.94 -75.32 29.05
CA GLN L 217 12.77 -75.62 27.90
C GLN L 217 14.03 -76.45 28.12
N MET L 218 14.46 -76.64 29.36
CA MET L 218 15.67 -77.43 29.63
C MET L 218 15.53 -78.58 30.62
N THR L 219 14.31 -78.98 30.94
CA THR L 219 14.09 -80.09 31.86
C THR L 219 14.31 -81.40 31.13
N ALA L 220 13.93 -81.43 29.86
CA ALA L 220 14.08 -82.59 29.02
C ALA L 220 14.31 -82.18 27.56
N ARG L 221 14.68 -83.14 26.72
CA ARG L 221 14.90 -82.91 25.29
C ARG L 221 13.61 -82.37 24.67
N GLY L 222 12.52 -83.01 25.07
CA GLY L 222 11.20 -82.64 24.58
C GLY L 222 10.55 -81.64 25.50
N GLY L 223 9.26 -81.82 25.73
CA GLY L 223 8.50 -80.91 26.56
C GLY L 223 8.77 -81.02 28.05
N GLY L 224 8.68 -79.90 28.75
CA GLY L 224 8.91 -79.89 30.20
C GLY L 224 7.67 -79.34 30.86
N ASN L 225 7.81 -78.92 32.12
CA ASN L 225 6.72 -78.34 32.87
C ASN L 225 7.07 -77.00 33.48
N ASP L 226 6.07 -76.33 34.05
CA ASP L 226 6.33 -75.07 34.73
C ASP L 226 6.73 -75.42 36.15
N ILE L 227 7.07 -74.40 36.91
CA ILE L 227 7.46 -74.53 38.29
C ILE L 227 6.21 -74.48 39.13
N PRO L 228 5.95 -75.51 39.96
CA PRO L 228 4.77 -75.51 40.81
C PRO L 228 4.78 -74.29 41.72
N ARG L 229 3.61 -73.74 41.98
CA ARG L 229 3.50 -72.56 42.82
C ARG L 229 2.64 -72.73 44.07
N ARG L 230 3.00 -71.98 45.11
CA ARG L 230 2.26 -71.99 46.36
C ARG L 230 1.01 -71.12 46.24
N ASP L 231 1.22 -69.89 45.79
CA ASP L 231 0.11 -68.95 45.69
C ASP L 231 -0.25 -68.68 44.23
N ALA L 232 -1.50 -68.32 43.99
CA ALA L 232 -1.97 -68.03 42.65
C ALA L 232 -1.29 -66.76 42.14
N ASP L 233 -0.90 -65.87 43.05
CA ASP L 233 -0.27 -64.61 42.70
C ASP L 233 1.25 -64.69 42.81
N ASP L 234 1.93 -64.41 41.70
CA ASP L 234 3.39 -64.40 41.73
C ASP L 234 3.97 -63.19 42.48
N TYR L 235 3.22 -62.13 42.70
CA TYR L 235 3.72 -61.02 43.50
C TYR L 235 3.98 -61.56 44.89
N THR L 236 3.08 -62.42 45.36
CA THR L 236 3.22 -63.05 46.68
C THR L 236 4.32 -64.08 46.66
N ASN L 237 4.29 -64.98 45.69
CA ASN L 237 5.32 -66.03 45.59
C ASN L 237 6.76 -65.52 45.58
N PHE L 238 7.03 -64.49 44.80
CA PHE L 238 8.39 -63.96 44.77
C PHE L 238 8.74 -63.09 45.98
N LEU L 239 7.74 -62.41 46.52
CA LEU L 239 8.00 -61.59 47.68
C LEU L 239 8.33 -62.48 48.86
N LYS L 240 7.59 -63.58 49.01
CA LYS L 240 7.85 -64.49 50.13
C LYS L 240 9.17 -65.25 50.02
N ALA L 241 9.62 -65.49 48.81
CA ALA L 241 10.86 -66.21 48.57
C ALA L 241 12.02 -65.30 48.92
N GLY L 242 11.82 -64.01 48.72
CA GLY L 242 12.86 -63.02 48.96
C GLY L 242 13.54 -62.67 47.64
N SER L 243 14.80 -63.06 47.50
CA SER L 243 15.60 -62.78 46.33
C SER L 243 15.31 -63.75 45.21
N ALA L 244 15.74 -63.38 44.01
CA ALA L 244 15.55 -64.24 42.83
C ALA L 244 16.30 -65.56 42.95
N GLY L 245 17.50 -65.49 43.53
CA GLY L 245 18.33 -66.67 43.76
C GLY L 245 17.71 -67.61 44.77
N SER L 246 17.03 -67.05 45.76
CA SER L 246 16.31 -67.85 46.75
C SER L 246 15.14 -68.59 46.08
N PHE L 247 14.39 -67.91 45.22
CA PHE L 247 13.30 -68.56 44.52
C PHE L 247 13.84 -69.67 43.64
N ALA L 248 14.92 -69.39 42.92
CA ALA L 248 15.52 -70.38 42.03
C ALA L 248 15.93 -71.64 42.80
N THR L 249 16.58 -71.45 43.94
CA THR L 249 16.99 -72.60 44.74
C THR L 249 15.78 -73.45 45.16
N GLN L 250 14.77 -72.78 45.71
CA GLN L 250 13.57 -73.47 46.16
C GLN L 250 12.91 -74.20 45.00
N ALA L 251 13.01 -73.67 43.80
CA ALA L 251 12.43 -74.32 42.63
C ALA L 251 13.31 -75.45 42.08
N GLY L 252 14.52 -75.63 42.61
CA GLY L 252 15.43 -76.67 42.12
C GLY L 252 16.32 -76.29 40.94
N LEU L 253 16.37 -75.01 40.62
CA LEU L 253 17.17 -74.53 39.49
C LEU L 253 18.68 -74.64 39.61
N ASP L 254 19.19 -74.85 40.82
CA ASP L 254 20.64 -74.93 41.00
C ASP L 254 21.26 -76.12 40.26
N GLN L 255 20.44 -77.03 39.74
CA GLN L 255 20.99 -78.15 39.02
C GLN L 255 20.96 -77.95 37.49
N TYR L 256 20.53 -76.77 37.07
CA TYR L 256 20.45 -76.43 35.66
C TYR L 256 21.66 -75.59 35.24
N PRO L 257 22.54 -76.15 34.41
CA PRO L 257 23.74 -75.46 34.01
C PRO L 257 23.53 -74.00 33.57
N PHE L 258 22.53 -73.77 32.73
CA PHE L 258 22.35 -72.41 32.26
C PHE L 258 22.13 -71.42 33.38
N TRP L 259 21.42 -71.83 34.43
CA TRP L 259 21.19 -70.94 35.55
C TRP L 259 22.48 -70.76 36.32
N GLN L 260 23.30 -71.81 36.40
CA GLN L 260 24.59 -71.70 37.09
C GLN L 260 25.42 -70.59 36.47
N ARG L 261 25.47 -70.52 35.15
CA ARG L 261 26.25 -69.51 34.43
C ARG L 261 25.68 -68.10 34.55
N MET L 262 24.37 -67.94 34.41
CA MET L 262 23.72 -66.64 34.57
C MET L 262 23.90 -66.10 36.00
N HIS L 263 23.81 -67.00 36.96
CA HIS L 263 23.97 -66.62 38.35
C HIS L 263 25.36 -66.07 38.65
N ALA L 264 26.36 -66.61 37.96
CA ALA L 264 27.76 -66.23 38.17
C ALA L 264 28.14 -65.00 37.35
N HIS L 265 27.27 -64.60 36.43
CA HIS L 265 27.51 -63.45 35.59
C HIS L 265 26.37 -62.42 35.57
N PRO L 266 26.11 -61.77 36.71
CA PRO L 266 25.06 -60.75 36.79
C PRO L 266 25.40 -59.49 35.99
N ALA L 267 26.69 -59.16 35.86
CA ALA L 267 27.12 -57.96 35.16
C ALA L 267 27.38 -58.20 33.69
N TYR L 268 27.58 -57.12 32.95
CA TYR L 268 27.79 -57.25 31.52
C TYR L 268 29.24 -57.57 31.19
N ASP L 269 29.70 -58.73 31.68
CA ASP L 269 31.08 -59.13 31.48
C ASP L 269 31.24 -59.94 30.19
N ALA L 270 32.44 -60.45 29.96
CA ALA L 270 32.75 -61.18 28.72
C ALA L 270 31.69 -62.20 28.32
N PHE L 271 31.04 -62.81 29.31
CA PHE L 271 30.04 -63.82 29.00
C PHE L 271 28.89 -63.27 28.15
N TRP L 272 28.41 -62.09 28.52
CA TRP L 272 27.31 -61.48 27.80
C TRP L 272 27.80 -60.73 26.56
N GLN L 273 28.92 -60.02 26.74
CA GLN L 273 29.49 -59.28 25.63
C GLN L 273 29.79 -60.20 24.47
N GLY L 274 30.12 -61.46 24.76
CA GLY L 274 30.41 -62.42 23.69
C GLY L 274 29.18 -62.97 22.99
N GLN L 275 28.01 -62.60 23.52
CA GLN L 275 26.74 -63.02 22.94
C GLN L 275 25.91 -61.86 22.40
N ALA L 276 26.48 -60.67 22.39
CA ALA L 276 25.77 -59.53 21.83
C ALA L 276 25.83 -59.67 20.32
N LEU L 277 24.74 -60.15 19.72
CA LEU L 277 24.73 -60.42 18.28
C LEU L 277 24.63 -59.21 17.38
N ASP L 278 24.19 -58.07 17.91
CA ASP L 278 24.16 -56.87 17.09
C ASP L 278 25.59 -56.45 16.75
N LYS L 279 26.49 -56.49 17.73
CA LYS L 279 27.89 -56.11 17.52
C LYS L 279 28.59 -57.06 16.54
N ILE L 280 28.41 -58.34 16.80
CA ILE L 280 29.02 -59.40 16.00
C ILE L 280 28.54 -59.35 14.56
N LEU L 281 27.24 -59.22 14.34
CA LEU L 281 26.72 -59.20 12.98
C LEU L 281 27.21 -57.99 12.17
N ALA L 282 27.39 -56.87 12.86
CA ALA L 282 27.89 -55.65 12.24
C ALA L 282 29.32 -55.86 11.77
N GLN L 283 30.09 -56.66 12.51
CA GLN L 283 31.48 -56.94 12.17
C GLN L 283 31.54 -57.85 10.94
N ARG L 284 30.57 -58.73 10.82
CA ARG L 284 30.52 -59.68 9.70
C ARG L 284 29.99 -59.07 8.41
N LYS L 285 29.19 -58.02 8.53
CA LYS L 285 28.59 -57.32 7.40
C LYS L 285 27.94 -58.21 6.35
N PRO L 286 26.77 -58.79 6.66
CA PRO L 286 26.15 -59.64 5.67
C PRO L 286 25.62 -58.87 4.46
N THR L 287 25.44 -59.57 3.35
CA THR L 287 24.93 -58.96 2.13
C THR L 287 23.60 -59.59 1.72
N VAL L 288 23.00 -60.35 2.62
CA VAL L 288 21.69 -60.97 2.36
C VAL L 288 20.67 -59.88 2.69
N PRO L 289 19.71 -59.61 1.80
CA PRO L 289 18.66 -58.64 2.11
C PRO L 289 17.93 -58.97 3.40
N MET L 290 17.76 -57.95 4.26
CA MET L 290 17.12 -58.16 5.56
C MET L 290 15.91 -57.29 5.84
N LEU L 291 14.97 -57.92 6.53
CA LEU L 291 13.76 -57.23 6.94
C LEU L 291 13.66 -57.49 8.44
N TRP L 292 14.03 -56.50 9.25
CA TRP L 292 14.03 -56.60 10.71
C TRP L 292 12.69 -56.15 11.28
N GLU L 293 12.14 -56.96 12.19
CA GLU L 293 10.83 -56.61 12.75
C GLU L 293 10.67 -56.78 14.26
N GLN L 294 9.91 -55.86 14.85
CA GLN L 294 9.58 -55.93 16.26
C GLN L 294 8.37 -55.05 16.51
N GLY L 295 7.66 -55.35 17.58
CA GLY L 295 6.49 -54.59 17.95
C GLY L 295 6.91 -53.35 18.70
N LEU L 296 6.07 -52.33 18.62
CA LEU L 296 6.29 -51.08 19.32
C LEU L 296 6.12 -51.33 20.80
N TRP L 297 5.31 -52.33 21.12
CA TRP L 297 5.05 -52.78 22.49
C TRP L 297 5.48 -54.23 22.71
N ASP L 298 6.66 -54.58 22.21
CA ASP L 298 7.26 -55.90 22.35
C ASP L 298 7.67 -56.07 23.79
N GLN L 299 6.95 -56.92 24.51
CA GLN L 299 7.18 -57.09 25.93
C GLN L 299 8.24 -58.14 26.30
N GLU L 300 8.89 -58.75 25.32
CA GLU L 300 9.96 -59.75 25.58
C GLU L 300 11.32 -59.50 24.95
N ASP L 301 11.36 -58.92 23.74
CA ASP L 301 12.61 -58.65 23.02
C ASP L 301 12.58 -57.28 22.37
N MET L 302 12.54 -56.24 23.19
CA MET L 302 12.44 -54.86 22.74
C MET L 302 13.74 -54.30 22.18
N TRP L 303 14.87 -54.87 22.57
CA TRP L 303 16.18 -54.39 22.14
C TRP L 303 16.68 -54.82 20.76
N GLY L 304 16.55 -56.12 20.55
CA GLY L 304 17.00 -56.82 19.37
C GLY L 304 16.98 -56.16 18.01
N ALA L 305 15.82 -56.25 17.38
CA ALA L 305 15.63 -55.82 16.01
C ALA L 305 16.09 -54.39 15.70
N ILE L 306 15.73 -53.43 16.53
CA ILE L 306 16.11 -52.06 16.26
C ILE L 306 17.62 -51.85 16.43
N HIS L 307 18.22 -52.49 17.42
CA HIS L 307 19.65 -52.35 17.59
C HIS L 307 20.47 -53.08 16.53
N ALA L 308 19.98 -54.22 16.05
CA ALA L 308 20.68 -55.00 15.04
C ALA L 308 20.62 -54.23 13.74
N TRP L 309 19.42 -53.73 13.47
CA TRP L 309 19.25 -52.92 12.27
C TRP L 309 20.09 -51.66 12.26
N GLN L 310 20.18 -50.99 13.40
CA GLN L 310 20.92 -49.75 13.51
C GLN L 310 22.41 -49.97 13.42
N ALA L 311 22.90 -51.07 13.99
CA ALA L 311 24.32 -51.42 13.96
C ALA L 311 24.76 -51.71 12.54
N LEU L 312 23.92 -52.39 11.80
CA LEU L 312 24.22 -52.71 10.41
C LEU L 312 24.24 -51.43 9.59
N LYS L 313 23.26 -50.56 9.83
CA LYS L 313 23.13 -49.29 9.13
C LYS L 313 24.36 -48.43 9.36
N ASP L 314 24.86 -48.44 10.59
CA ASP L 314 26.06 -47.69 10.93
C ASP L 314 27.32 -48.32 10.34
N ALA L 315 27.33 -49.62 10.09
CA ALA L 315 28.49 -50.29 9.51
C ALA L 315 28.37 -50.28 7.99
N ASP L 316 27.43 -49.47 7.50
CA ASP L 316 27.16 -49.28 6.07
C ASP L 316 27.06 -50.61 5.36
N VAL L 317 26.09 -51.42 5.78
CA VAL L 317 25.88 -52.73 5.18
C VAL L 317 25.54 -52.58 3.71
N LYS L 318 26.01 -53.52 2.90
CA LYS L 318 25.75 -53.48 1.46
C LYS L 318 24.64 -54.46 1.07
N ALA L 319 23.43 -54.14 1.54
CA ALA L 319 22.24 -54.92 1.23
C ALA L 319 21.01 -54.24 1.80
N PRO L 320 19.84 -54.51 1.18
CA PRO L 320 18.61 -53.98 1.74
C PRO L 320 18.57 -54.26 3.24
N ASN L 321 18.24 -53.24 4.01
CA ASN L 321 18.21 -53.34 5.45
C ASN L 321 17.11 -52.41 5.95
N THR L 322 15.93 -52.97 6.08
CA THR L 322 14.75 -52.23 6.49
C THR L 322 14.23 -52.66 7.85
N LEU L 323 13.77 -51.69 8.62
CA LEU L 323 13.19 -51.93 9.92
C LEU L 323 11.69 -51.74 9.85
N VAL L 324 10.97 -52.70 10.42
CA VAL L 324 9.51 -52.62 10.48
C VAL L 324 9.02 -52.76 11.91
N MET L 325 8.27 -51.76 12.38
CA MET L 325 7.70 -51.78 13.72
C MET L 325 6.21 -51.43 13.62
N GLY L 326 5.40 -52.35 14.09
CA GLY L 326 3.95 -52.30 14.09
C GLY L 326 3.44 -52.17 15.50
N PRO L 327 2.14 -51.90 15.66
CA PRO L 327 1.51 -51.71 16.95
C PRO L 327 1.19 -53.06 17.54
N TRP L 328 2.24 -53.79 17.87
CA TRP L 328 2.08 -55.16 18.32
C TRP L 328 2.81 -55.50 19.59
N ARG L 329 2.45 -56.63 20.16
CA ARG L 329 3.12 -57.18 21.32
C ARG L 329 4.14 -58.13 20.72
N HIS L 330 4.82 -58.91 21.55
CA HIS L 330 5.84 -59.84 21.10
C HIS L 330 5.28 -60.90 20.15
N SER L 331 5.88 -60.98 18.97
CA SER L 331 5.46 -61.95 17.97
C SER L 331 4.06 -61.69 17.43
N GLY L 332 3.52 -60.52 17.74
CA GLY L 332 2.19 -60.16 17.29
C GLY L 332 2.11 -60.08 15.77
N VAL L 333 3.24 -59.90 15.11
CA VAL L 333 3.23 -59.79 13.67
C VAL L 333 2.75 -61.09 13.02
N ASN L 334 2.74 -62.15 13.80
CA ASN L 334 2.32 -63.42 13.27
C ASN L 334 0.87 -63.76 13.53
N TYR L 335 0.10 -62.81 14.08
CA TYR L 335 -1.30 -63.03 14.40
C TYR L 335 -2.18 -61.87 13.92
N ASN L 336 -3.19 -61.49 14.71
CA ASN L 336 -4.07 -60.41 14.32
C ASN L 336 -3.61 -59.12 15.00
N GLY L 337 -3.35 -58.09 14.20
CA GLY L 337 -2.87 -56.83 14.77
C GLY L 337 -3.90 -55.75 14.74
N SER L 338 -5.16 -56.11 14.97
CA SER L 338 -6.25 -55.13 14.94
C SER L 338 -6.46 -54.43 16.27
N THR L 339 -5.98 -55.08 17.33
CA THR L 339 -6.11 -54.56 18.68
C THR L 339 -4.92 -54.99 19.53
N LEU L 340 -4.83 -54.43 20.74
CA LEU L 340 -3.80 -54.76 21.71
C LEU L 340 -4.36 -54.16 22.98
N GLY L 341 -4.73 -55.05 23.88
CA GLY L 341 -5.34 -54.65 25.13
C GLY L 341 -6.64 -53.99 24.71
N PRO L 342 -6.93 -52.83 25.32
CA PRO L 342 -8.12 -52.06 24.98
C PRO L 342 -7.93 -51.19 23.73
N LEU L 343 -6.71 -51.13 23.20
CA LEU L 343 -6.46 -50.28 22.03
C LEU L 343 -6.95 -50.94 20.74
N GLU L 344 -7.35 -50.09 19.80
CA GLU L 344 -7.85 -50.53 18.51
C GLU L 344 -7.05 -49.78 17.45
N PHE L 345 -6.61 -50.50 16.42
CA PHE L 345 -5.82 -49.92 15.36
C PHE L 345 -6.57 -49.94 14.04
N GLU L 346 -5.98 -49.44 12.96
CA GLU L 346 -6.70 -49.40 11.69
C GLU L 346 -6.53 -50.70 10.89
N GLY L 347 -7.37 -51.67 11.19
CA GLY L 347 -7.35 -52.94 10.50
C GLY L 347 -6.27 -53.86 11.05
N ASP L 348 -6.29 -55.08 10.54
CA ASP L 348 -5.32 -56.09 10.95
C ASP L 348 -3.96 -55.66 10.42
N THR L 349 -3.22 -54.90 11.22
CA THR L 349 -1.94 -54.34 10.83
C THR L 349 -0.87 -55.37 10.53
N ALA L 350 -1.00 -56.51 11.18
CA ALA L 350 -0.06 -57.63 11.00
C ALA L 350 -0.29 -58.25 9.63
N HIS L 351 -1.53 -58.54 9.32
CA HIS L 351 -1.81 -59.09 8.01
C HIS L 351 -1.38 -58.14 6.90
N GLN L 352 -1.60 -56.85 7.10
CA GLN L 352 -1.24 -55.78 6.16
C GLN L 352 0.26 -55.84 5.87
N TYR L 353 1.06 -55.96 6.91
CA TYR L 353 2.49 -56.02 6.73
C TYR L 353 2.87 -57.28 5.97
N ARG L 354 2.32 -58.41 6.41
CA ARG L 354 2.63 -59.70 5.79
C ARG L 354 2.33 -59.76 4.31
N ARG L 355 1.22 -59.15 3.92
CA ARG L 355 0.76 -59.11 2.53
C ARG L 355 1.41 -58.03 1.68
N ASP L 356 1.52 -56.81 2.20
CA ASP L 356 2.07 -55.67 1.46
C ASP L 356 3.58 -55.46 1.50
N VAL L 357 4.25 -55.96 2.53
CA VAL L 357 5.69 -55.78 2.62
C VAL L 357 6.51 -57.06 2.65
N PHE L 358 6.24 -57.92 3.64
CA PHE L 358 6.95 -59.18 3.87
C PHE L 358 6.96 -60.11 2.66
N ARG L 359 5.77 -60.42 2.14
CA ARG L 359 5.61 -61.31 0.98
C ARG L 359 6.28 -60.77 -0.29
N PRO L 360 5.95 -59.56 -0.75
CA PRO L 360 6.61 -59.03 -1.93
C PRO L 360 8.14 -58.95 -1.85
N PHE L 361 8.67 -58.70 -0.65
CA PHE L 361 10.10 -58.58 -0.41
C PHE L 361 10.76 -59.93 -0.57
N PHE L 362 10.11 -60.94 -0.02
CA PHE L 362 10.59 -62.30 -0.14
C PHE L 362 10.46 -62.82 -1.57
N ASP L 363 9.37 -62.48 -2.26
CA ASP L 363 9.19 -62.90 -3.65
C ASP L 363 10.23 -62.33 -4.61
N GLU L 364 10.74 -61.14 -4.34
CA GLU L 364 11.72 -60.51 -5.21
C GLU L 364 13.00 -61.32 -5.31
N TYR L 365 13.39 -61.90 -4.18
CA TYR L 365 14.61 -62.69 -4.10
C TYR L 365 14.42 -64.20 -4.15
N LEU L 366 13.19 -64.67 -3.93
CA LEU L 366 12.96 -66.11 -3.96
C LEU L 366 12.22 -66.60 -5.22
N LYS L 367 11.44 -65.73 -5.83
CA LYS L 367 10.71 -66.06 -7.05
C LYS L 367 11.21 -65.21 -8.21
N PRO L 368 12.28 -65.66 -8.88
CA PRO L 368 12.83 -64.95 -10.02
C PRO L 368 11.73 -64.50 -10.97
N GLY L 369 11.81 -63.25 -11.40
CA GLY L 369 10.83 -62.68 -12.31
C GLY L 369 9.79 -61.87 -11.60
N SER L 370 9.84 -61.86 -10.28
CA SER L 370 8.90 -61.09 -9.47
C SER L 370 9.33 -59.64 -9.41
N ALA L 371 8.33 -58.77 -9.33
CA ALA L 371 8.53 -57.35 -9.31
C ALA L 371 9.45 -56.95 -8.16
N SER L 372 10.28 -55.95 -8.42
CA SER L 372 11.21 -55.46 -7.43
C SER L 372 10.52 -54.49 -6.49
N VAL L 373 10.96 -54.48 -5.24
CA VAL L 373 10.38 -53.56 -4.28
C VAL L 373 11.52 -52.70 -3.75
N HIS L 374 11.24 -51.42 -3.55
CA HIS L 374 12.25 -50.51 -3.05
C HIS L 374 11.79 -49.99 -1.70
N LEU L 375 12.15 -50.70 -0.65
CA LEU L 375 11.78 -50.39 0.71
C LEU L 375 12.64 -49.30 1.32
N PRO L 376 12.03 -48.44 2.14
CA PRO L 376 12.78 -47.37 2.78
C PRO L 376 13.57 -47.88 3.97
N ASP L 377 14.20 -46.96 4.69
CA ASP L 377 14.96 -47.30 5.88
C ASP L 377 14.06 -47.95 6.91
N ALA L 378 12.84 -47.44 7.04
CA ALA L 378 11.93 -47.97 8.03
C ALA L 378 10.48 -47.72 7.64
N ILE L 379 9.62 -48.64 8.06
CA ILE L 379 8.20 -48.62 7.88
C ILE L 379 7.72 -48.81 9.31
N ILE L 380 7.18 -47.74 9.89
CA ILE L 380 6.73 -47.72 11.27
C ILE L 380 5.32 -47.17 11.43
N TYR L 381 4.46 -47.93 12.10
CA TYR L 381 3.08 -47.55 12.38
C TYR L 381 3.04 -46.35 13.31
N ASN L 382 2.10 -45.45 13.07
CA ASN L 382 2.02 -44.26 13.88
C ASN L 382 0.90 -44.42 14.88
N THR L 383 1.25 -44.55 16.15
CA THR L 383 0.26 -44.79 17.18
C THR L 383 -0.62 -43.60 17.51
N GLY L 384 -0.35 -42.45 16.88
CA GLY L 384 -1.13 -41.23 17.03
C GLY L 384 -2.03 -40.96 15.84
N ASP L 385 -1.48 -40.96 14.62
CA ASP L 385 -2.24 -40.78 13.39
C ASP L 385 -2.96 -42.05 12.94
N GLN L 386 -2.60 -43.20 13.50
CA GLN L 386 -3.20 -44.47 13.10
C GLN L 386 -3.02 -44.79 11.62
N LYS L 387 -1.77 -44.84 11.18
CA LYS L 387 -1.44 -45.15 9.79
C LYS L 387 0.02 -45.58 9.72
N TRP L 388 0.37 -46.20 8.60
CA TRP L 388 1.75 -46.61 8.37
C TRP L 388 2.58 -45.45 7.84
N ASP L 389 3.78 -45.30 8.38
CA ASP L 389 4.69 -44.26 7.93
C ASP L 389 5.84 -44.94 7.21
N TYR L 390 6.17 -44.41 6.02
CA TYR L 390 7.31 -44.90 5.26
C TYR L 390 8.37 -43.83 5.34
N TYR L 391 9.43 -44.15 6.06
CA TYR L 391 10.54 -43.23 6.26
C TYR L 391 11.79 -43.60 5.48
N ARG L 392 12.05 -42.79 4.46
CA ARG L 392 13.20 -42.96 3.59
C ARG L 392 14.48 -43.05 4.42
N SER L 393 14.65 -42.07 5.31
CA SER L 393 15.78 -42.04 6.26
C SER L 393 15.16 -42.00 7.64
N TRP L 394 15.68 -42.80 8.57
CA TRP L 394 15.13 -42.82 9.91
C TRP L 394 16.17 -43.32 10.91
N PRO L 395 16.21 -42.70 12.09
CA PRO L 395 15.37 -41.59 12.51
C PRO L 395 15.86 -40.24 11.97
N SER L 396 15.01 -39.22 11.99
CA SER L 396 15.45 -37.92 11.51
C SER L 396 16.05 -37.07 12.63
N VAL L 397 15.83 -37.50 13.86
CA VAL L 397 16.40 -36.80 15.01
C VAL L 397 16.97 -37.79 16.02
N CYS L 398 18.16 -37.50 16.54
CA CYS L 398 18.80 -38.32 17.57
C CYS L 398 19.91 -37.49 18.23
N GLU L 399 20.65 -38.09 19.15
CA GLU L 399 21.71 -37.39 19.90
C GLU L 399 22.93 -36.98 19.08
N SER L 400 23.29 -37.74 18.05
CA SER L 400 24.43 -37.34 17.25
C SER L 400 24.33 -37.93 15.85
N ASN L 401 24.94 -37.22 14.91
CA ASN L 401 24.98 -37.63 13.50
C ASN L 401 23.60 -37.77 12.85
N CYS L 402 22.72 -36.80 13.15
CA CYS L 402 21.39 -36.74 12.52
C CYS L 402 21.02 -35.38 11.93
N THR L 403 19.94 -35.38 11.18
CA THR L 403 19.49 -34.16 10.56
C THR L 403 19.15 -33.16 11.67
N GLY L 404 18.66 -33.68 12.78
CA GLY L 404 18.33 -32.83 13.91
C GLY L 404 18.62 -33.47 15.26
N GLY L 405 18.42 -32.72 16.33
CA GLY L 405 18.67 -33.26 17.66
C GLY L 405 17.39 -33.43 18.45
N LEU L 406 17.53 -33.97 19.65
CA LEU L 406 16.42 -34.21 20.54
C LEU L 406 15.97 -32.94 21.26
N THR L 407 14.68 -32.88 21.61
CA THR L 407 14.08 -31.73 22.28
C THR L 407 13.73 -32.12 23.72
N PRO L 408 14.42 -31.55 24.71
CA PRO L 408 14.15 -31.93 26.09
C PRO L 408 12.79 -31.49 26.62
N LEU L 409 12.10 -32.39 27.30
CA LEU L 409 10.84 -32.07 27.93
C LEU L 409 11.22 -32.17 29.40
N TYR L 410 11.35 -31.00 30.02
CA TYR L 410 11.81 -30.88 31.40
C TYR L 410 10.79 -31.06 32.52
N LEU L 411 11.25 -31.71 33.59
CA LEU L 411 10.43 -31.84 34.77
C LEU L 411 10.45 -30.46 35.43
N ALA L 412 9.35 -30.06 36.05
CA ALA L 412 9.29 -28.74 36.66
C ALA L 412 8.48 -28.73 37.96
N ASP L 413 8.43 -27.57 38.58
CA ASP L 413 7.63 -27.40 39.78
C ASP L 413 6.15 -27.64 39.57
N GLY L 414 5.49 -27.98 40.67
CA GLY L 414 4.07 -28.28 40.61
C GLY L 414 3.82 -29.57 39.88
N HIS L 415 4.81 -30.44 39.79
CA HIS L 415 4.65 -31.69 39.05
C HIS L 415 4.26 -31.48 37.60
N GLY L 416 4.89 -30.48 37.00
CA GLY L 416 4.65 -30.15 35.61
C GLY L 416 5.77 -30.62 34.72
N LEU L 417 5.54 -30.45 33.41
CA LEU L 417 6.48 -30.77 32.35
C LEU L 417 6.45 -29.57 31.42
N SER L 418 7.61 -29.14 30.95
CA SER L 418 7.68 -27.96 30.08
C SER L 418 8.89 -28.00 29.18
N PHE L 419 8.72 -27.53 27.94
CA PHE L 419 9.81 -27.48 26.98
C PHE L 419 10.77 -26.35 27.30
N THR L 420 10.43 -25.55 28.30
CA THR L 420 11.31 -24.47 28.73
C THR L 420 12.16 -24.88 29.93
N HIS L 421 13.47 -24.72 29.82
CA HIS L 421 14.37 -25.10 30.89
C HIS L 421 14.05 -24.29 32.15
N PRO L 422 13.73 -24.97 33.26
CA PRO L 422 13.51 -24.22 34.49
C PRO L 422 14.82 -23.72 35.07
N ALA L 423 14.90 -22.41 35.33
CA ALA L 423 16.15 -21.80 35.77
C ALA L 423 16.51 -22.11 37.22
N ALA L 424 15.50 -22.26 38.06
CA ALA L 424 15.65 -22.55 39.47
C ALA L 424 15.72 -24.02 39.83
N ASP L 425 16.53 -24.36 40.84
CA ASP L 425 16.70 -25.74 41.28
C ASP L 425 15.57 -26.19 42.16
N GLY L 426 15.28 -27.49 42.11
CA GLY L 426 14.22 -28.08 42.89
C GLY L 426 14.32 -29.60 42.89
N ALA L 427 13.50 -30.24 43.71
CA ALA L 427 13.51 -31.68 43.84
C ALA L 427 12.22 -32.18 44.47
N ASP L 428 11.77 -33.34 44.00
CA ASP L 428 10.61 -34.00 44.56
C ASP L 428 11.12 -35.32 45.06
N SER L 429 10.63 -35.79 46.20
CA SER L 429 11.06 -37.05 46.82
C SER L 429 9.93 -38.07 46.92
N TYR L 430 10.33 -39.33 47.03
CA TYR L 430 9.41 -40.44 47.24
C TYR L 430 10.16 -41.56 47.96
N VAL L 431 9.43 -42.30 48.79
CA VAL L 431 10.02 -43.37 49.56
C VAL L 431 9.82 -44.71 48.90
N SER L 432 10.92 -45.42 48.65
CA SER L 432 10.87 -46.72 48.03
C SER L 432 11.11 -47.83 49.06
N ASP L 433 10.08 -48.62 49.33
CA ASP L 433 10.15 -49.69 50.31
C ASP L 433 10.08 -51.05 49.63
N PRO L 434 11.18 -51.81 49.68
CA PRO L 434 11.21 -53.11 49.04
C PRO L 434 10.22 -54.15 49.55
N ALA L 435 9.59 -53.88 50.68
CA ALA L 435 8.60 -54.79 51.23
C ALA L 435 7.26 -54.52 50.51
N HIS L 436 7.11 -53.33 49.95
CA HIS L 436 5.90 -52.95 49.24
C HIS L 436 6.25 -52.43 47.87
N PRO L 437 6.79 -53.30 47.02
CA PRO L 437 7.17 -52.89 45.67
C PRO L 437 5.97 -52.67 44.76
N VAL L 438 6.14 -51.76 43.81
CA VAL L 438 5.08 -51.37 42.89
C VAL L 438 4.82 -52.48 41.86
N PRO L 439 3.57 -52.96 41.78
CA PRO L 439 3.22 -54.01 40.84
C PRO L 439 3.34 -53.48 39.42
N PHE L 440 3.99 -54.24 38.55
CA PHE L 440 4.13 -53.80 37.16
C PHE L 440 2.79 -53.81 36.44
N ILE L 441 1.92 -54.70 36.88
CA ILE L 441 0.53 -54.74 36.45
C ILE L 441 -0.26 -55.18 37.69
N SER L 442 -1.55 -54.85 37.69
CA SER L 442 -2.44 -55.09 38.81
C SER L 442 -2.45 -56.52 39.32
N ARG L 443 -2.48 -56.64 40.64
CA ARG L 443 -2.53 -57.93 41.33
C ARG L 443 -3.95 -58.48 41.25
N PRO L 444 -4.08 -59.79 41.19
CA PRO L 444 -2.99 -60.73 41.19
C PRO L 444 -2.48 -61.05 39.79
N PHE L 445 -1.24 -61.50 39.70
CA PHE L 445 -0.66 -61.88 38.41
C PHE L 445 0.30 -63.04 38.55
N ALA L 446 0.20 -63.99 37.63
CA ALA L 446 1.09 -65.15 37.58
C ALA L 446 1.69 -65.17 36.20
N PHE L 447 2.97 -65.51 36.07
CA PHE L 447 3.62 -65.52 34.78
C PHE L 447 2.89 -66.42 33.78
N ALA L 448 2.20 -67.43 34.30
CA ALA L 448 1.45 -68.39 33.47
C ALA L 448 0.30 -67.74 32.72
N GLN L 449 -0.25 -66.64 33.24
CA GLN L 449 -1.37 -65.94 32.63
C GLN L 449 -1.01 -65.15 31.38
N SER L 450 -0.89 -65.84 30.26
CA SER L 450 -0.50 -65.27 28.98
C SER L 450 -1.41 -64.14 28.50
N SER L 451 -2.69 -64.22 28.82
CA SER L 451 -3.62 -63.18 28.38
C SER L 451 -3.34 -61.84 29.04
N ARG L 452 -2.67 -61.89 30.19
CA ARG L 452 -2.40 -60.64 30.89
C ARG L 452 -0.98 -60.14 30.65
N TRP L 453 -0.07 -61.06 30.36
CA TRP L 453 1.31 -60.71 30.06
C TRP L 453 1.43 -60.04 28.69
N LYS L 454 0.87 -60.68 27.68
CA LYS L 454 1.03 -60.20 26.33
C LYS L 454 0.85 -58.71 26.10
N PRO L 455 -0.25 -58.11 26.59
CA PRO L 455 -0.46 -56.69 26.40
C PRO L 455 -0.13 -55.81 27.60
N TRP L 456 0.73 -56.25 28.51
CA TRP L 456 0.99 -55.48 29.73
C TRP L 456 1.54 -54.06 29.51
N LEU L 457 2.32 -53.84 28.45
CA LEU L 457 2.90 -52.51 28.18
C LEU L 457 1.91 -51.42 27.77
N VAL L 458 0.65 -51.77 27.47
CA VAL L 458 -0.34 -50.77 27.11
C VAL L 458 -1.37 -50.50 28.22
N GLN L 459 -1.15 -51.11 29.37
CA GLN L 459 -2.07 -50.93 30.50
C GLN L 459 -2.05 -49.52 31.11
N ASP L 460 -3.21 -49.10 31.59
CA ASP L 460 -3.38 -47.80 32.24
C ASP L 460 -2.42 -47.72 33.46
N GLN L 461 -1.74 -46.58 33.60
CA GLN L 461 -0.79 -46.35 34.68
C GLN L 461 -1.36 -45.54 35.83
N ARG L 462 -2.68 -45.37 35.86
CA ARG L 462 -3.32 -44.64 36.95
C ARG L 462 -3.15 -45.28 38.32
N GLU L 463 -3.05 -46.61 38.39
CA GLU L 463 -2.87 -47.29 39.67
C GLU L 463 -1.54 -46.83 40.27
N ALA L 464 -0.52 -46.80 39.42
CA ALA L 464 0.80 -46.38 39.85
C ALA L 464 0.81 -44.94 40.28
N GLU L 465 0.09 -44.08 39.55
CA GLU L 465 0.06 -42.65 39.83
C GLU L 465 -0.49 -42.34 41.22
N SER L 466 -1.41 -43.17 41.67
CA SER L 466 -2.08 -42.98 42.95
C SER L 466 -1.21 -43.30 44.16
N ARG L 467 -0.09 -43.99 43.96
CA ARG L 467 0.79 -44.38 45.07
C ARG L 467 1.81 -43.33 45.46
N PRO L 468 2.21 -43.30 46.74
CA PRO L 468 3.23 -42.36 47.16
C PRO L 468 4.66 -42.78 46.80
N ASP L 469 4.88 -44.00 46.33
CA ASP L 469 6.22 -44.44 45.92
C ASP L 469 6.45 -44.33 44.41
N VAL L 470 5.69 -43.42 43.81
CA VAL L 470 5.77 -43.12 42.39
C VAL L 470 5.58 -41.61 42.21
N VAL L 471 6.47 -40.95 41.47
CA VAL L 471 6.30 -39.53 41.20
C VAL L 471 5.81 -39.35 39.76
N THR L 472 4.82 -38.48 39.62
CA THR L 472 4.20 -38.20 38.33
C THR L 472 4.23 -36.73 37.95
N TYR L 473 4.59 -36.46 36.70
CA TYR L 473 4.68 -35.11 36.10
C TYR L 473 3.88 -35.08 34.79
N GLU L 474 3.23 -33.97 34.48
CA GLU L 474 2.44 -33.87 33.26
C GLU L 474 2.37 -32.45 32.74
N THR L 475 2.25 -32.33 31.42
CA THR L 475 2.12 -31.05 30.76
C THR L 475 0.67 -30.64 30.93
N GLU L 476 0.38 -29.41 30.50
CA GLU L 476 -0.98 -28.93 30.49
C GLU L 476 -1.67 -29.67 29.34
N VAL L 477 -2.99 -29.55 29.26
CA VAL L 477 -3.66 -30.16 28.13
C VAL L 477 -3.16 -29.46 26.88
N LEU L 478 -2.79 -30.24 25.88
CA LEU L 478 -2.16 -29.72 24.67
C LEU L 478 -3.08 -28.95 23.74
N ASP L 479 -2.64 -27.75 23.37
CA ASP L 479 -3.39 -26.91 22.44
C ASP L 479 -3.01 -27.22 21.00
N GLU L 480 -1.81 -27.75 20.83
CA GLU L 480 -1.25 -28.12 19.53
C GLU L 480 -0.58 -29.47 19.69
N PRO L 481 -0.72 -30.38 18.72
CA PRO L 481 -0.11 -31.71 18.84
C PRO L 481 1.42 -31.69 18.80
N VAL L 482 2.05 -32.65 19.45
CA VAL L 482 3.50 -32.77 19.37
C VAL L 482 3.77 -34.18 18.84
N ARG L 483 4.47 -34.22 17.70
CA ARG L 483 4.83 -35.42 16.99
C ARG L 483 6.16 -35.89 17.48
N VAL L 484 6.35 -37.20 17.64
CA VAL L 484 7.62 -37.72 18.08
C VAL L 484 7.90 -38.97 17.29
N SER L 485 9.12 -39.13 16.79
CA SER L 485 9.52 -40.29 15.99
C SER L 485 11.01 -40.53 16.13
N GLY L 486 11.37 -41.57 16.87
CA GLY L 486 12.78 -41.87 17.11
C GLY L 486 12.91 -42.45 18.49
N VAL L 487 14.10 -42.40 19.11
CA VAL L 487 14.23 -43.01 20.41
C VAL L 487 14.46 -41.98 21.50
N PRO L 488 13.56 -41.99 22.48
CA PRO L 488 13.71 -41.03 23.57
C PRO L 488 14.87 -41.46 24.45
N VAL L 489 15.41 -40.50 25.19
CA VAL L 489 16.49 -40.71 26.13
C VAL L 489 16.20 -40.06 27.49
N ALA L 490 16.23 -40.90 28.51
CA ALA L 490 15.97 -40.42 29.86
C ALA L 490 17.26 -39.75 30.33
N ASP L 491 17.16 -38.48 30.72
CA ASP L 491 18.30 -37.71 31.23
C ASP L 491 17.84 -37.41 32.67
N LEU L 492 18.20 -38.33 33.55
CA LEU L 492 17.76 -38.33 34.94
C LEU L 492 18.84 -37.91 35.93
N PHE L 493 18.46 -36.98 36.80
CA PHE L 493 19.31 -36.50 37.87
C PHE L 493 18.57 -36.88 39.14
N ALA L 494 19.05 -37.94 39.77
CA ALA L 494 18.39 -38.53 40.91
C ALA L 494 19.35 -39.00 41.99
N ALA L 495 18.86 -38.86 43.23
CA ALA L 495 19.57 -39.23 44.43
C ALA L 495 18.80 -40.28 45.24
N THR L 496 19.53 -41.19 45.87
CA THR L 496 18.93 -42.18 46.75
C THR L 496 19.68 -42.21 48.06
N SER L 497 18.98 -42.44 49.17
CA SER L 497 19.61 -42.48 50.48
C SER L 497 20.33 -43.79 50.67
N GLY L 498 20.08 -44.73 49.78
CA GLY L 498 20.76 -46.03 49.83
C GLY L 498 22.05 -46.02 49.03
N THR L 499 22.64 -47.19 48.85
CA THR L 499 23.87 -47.35 48.10
C THR L 499 23.60 -48.09 46.77
N ASP L 500 22.33 -48.31 46.44
CA ASP L 500 21.95 -48.89 45.15
C ASP L 500 20.49 -48.49 44.93
N SER L 501 20.02 -48.68 43.71
CA SER L 501 18.64 -48.37 43.35
C SER L 501 18.39 -48.59 41.88
N ASP L 502 17.13 -48.93 41.60
CA ASP L 502 16.62 -49.10 40.25
C ASP L 502 15.87 -47.82 39.96
N TRP L 503 15.79 -47.48 38.69
CA TRP L 503 15.08 -46.28 38.24
C TRP L 503 14.20 -46.64 37.05
N VAL L 504 12.90 -46.50 37.25
CA VAL L 504 11.95 -46.82 36.21
C VAL L 504 11.42 -45.52 35.69
N VAL L 505 11.50 -45.34 34.37
CA VAL L 505 11.02 -44.13 33.74
C VAL L 505 9.98 -44.46 32.68
N LYS L 506 8.83 -43.81 32.74
CA LYS L 506 7.74 -44.06 31.82
C LYS L 506 7.31 -42.80 31.09
N LEU L 507 7.24 -42.88 29.77
CA LEU L 507 6.76 -41.79 28.95
C LEU L 507 5.33 -42.22 28.62
N ILE L 508 4.38 -41.32 28.87
CA ILE L 508 2.95 -41.61 28.77
C ILE L 508 2.10 -40.61 28.01
N ASP L 509 1.13 -41.13 27.27
CA ASP L 509 0.17 -40.31 26.53
C ASP L 509 -1.14 -40.33 27.30
N VAL L 510 -1.51 -39.21 27.89
CA VAL L 510 -2.75 -39.17 28.66
C VAL L 510 -3.87 -38.83 27.69
N GLN L 511 -4.85 -39.73 27.58
CA GLN L 511 -5.96 -39.49 26.69
C GLN L 511 -6.77 -38.31 27.21
N PRO L 512 -7.66 -37.76 26.36
CA PRO L 512 -8.50 -36.66 26.76
C PRO L 512 -9.36 -36.99 27.98
N ALA L 513 -9.44 -36.05 28.90
CA ALA L 513 -10.18 -36.26 30.14
C ALA L 513 -11.42 -37.13 29.94
N MET L 514 -12.18 -36.86 28.87
CA MET L 514 -13.36 -37.63 28.50
C MET L 514 -13.24 -38.05 27.02
N THR L 515 -13.56 -39.31 26.72
CA THR L 515 -13.51 -39.87 25.37
C THR L 515 -14.86 -40.51 25.14
N PRO L 516 -15.86 -39.68 24.80
CA PRO L 516 -17.28 -40.03 24.73
C PRO L 516 -17.64 -41.14 23.76
N ASP L 517 -16.81 -41.35 22.76
CA ASP L 517 -17.05 -42.41 21.80
C ASP L 517 -16.63 -43.76 22.39
N ASP L 518 -15.79 -43.73 23.42
CA ASP L 518 -15.29 -44.94 24.11
C ASP L 518 -14.97 -44.49 25.53
N PRO L 519 -16.00 -44.34 26.37
CA PRO L 519 -15.89 -43.76 27.69
C PRO L 519 -14.78 -44.26 28.62
N LYS L 520 -14.45 -45.54 28.56
CA LYS L 520 -13.44 -46.12 29.43
C LYS L 520 -12.04 -45.55 29.25
N MET L 521 -11.78 -44.99 28.08
CA MET L 521 -10.46 -44.43 27.80
C MET L 521 -10.25 -43.02 28.34
N GLY L 522 -11.28 -42.44 28.94
CA GLY L 522 -11.14 -41.08 29.41
C GLY L 522 -10.07 -40.93 30.46
N GLY L 523 -9.04 -40.13 30.17
CA GLY L 523 -7.92 -39.90 31.09
C GLY L 523 -6.97 -41.07 31.26
N TYR L 524 -7.18 -42.11 30.47
CA TYR L 524 -6.34 -43.30 30.45
C TYR L 524 -4.87 -42.92 30.24
N GLU L 525 -4.00 -43.39 31.13
CA GLU L 525 -2.57 -43.15 31.04
C GLU L 525 -1.86 -44.27 30.28
N LEU L 526 -1.74 -44.08 28.98
CA LEU L 526 -1.14 -45.05 28.07
C LEU L 526 0.36 -44.87 27.92
N PRO L 527 1.13 -45.88 28.30
CA PRO L 527 2.57 -45.86 28.11
C PRO L 527 2.94 -46.03 26.65
N VAL L 528 3.75 -45.12 26.13
CA VAL L 528 4.18 -45.24 24.76
C VAL L 528 5.61 -45.74 24.78
N SER L 529 6.30 -45.58 25.91
CA SER L 529 7.68 -46.00 26.04
C SER L 529 8.14 -46.02 27.50
N MET L 530 8.55 -47.17 28.00
CA MET L 530 9.06 -47.26 29.38
C MET L 530 10.18 -48.27 29.53
N ASP L 531 11.06 -48.04 30.52
CA ASP L 531 12.15 -48.96 30.81
C ASP L 531 12.69 -48.73 32.21
N ILE L 532 13.56 -49.66 32.63
CA ILE L 532 14.17 -49.63 33.94
C ILE L 532 15.68 -49.70 33.77
N PHE L 533 16.39 -49.06 34.70
CA PHE L 533 17.85 -49.01 34.74
C PHE L 533 18.33 -49.35 36.15
N ARG L 534 19.22 -50.35 36.24
CA ARG L 534 19.77 -50.72 37.53
C ARG L 534 20.96 -49.83 37.84
N GLY L 535 20.78 -48.98 38.84
CA GLY L 535 21.76 -47.98 39.30
C GLY L 535 23.22 -48.35 39.39
N ARG L 536 23.53 -49.53 39.90
CA ARG L 536 24.91 -49.93 40.07
C ARG L 536 25.69 -49.91 38.76
N TYR L 537 24.99 -49.88 37.64
CA TYR L 537 25.67 -49.86 36.34
C TYR L 537 25.70 -48.48 35.71
N ARG L 538 25.60 -47.45 36.53
CA ARG L 538 25.52 -46.08 36.03
C ARG L 538 26.74 -45.63 35.22
N LYS L 539 27.93 -46.03 35.68
CA LYS L 539 29.17 -45.71 35.00
C LYS L 539 29.57 -46.77 33.97
N ASP L 540 29.49 -48.04 34.36
CA ASP L 540 29.94 -49.12 33.47
C ASP L 540 29.09 -50.36 33.65
N PHE L 541 28.54 -50.88 32.55
CA PHE L 541 27.69 -52.07 32.63
C PHE L 541 28.44 -53.35 33.01
N ALA L 542 29.76 -53.34 32.85
CA ALA L 542 30.61 -54.48 33.18
C ALA L 542 31.21 -54.36 34.58
N LYS L 543 31.15 -53.18 35.19
CA LYS L 543 31.75 -52.98 36.51
C LYS L 543 30.79 -52.27 37.45
N PRO L 544 30.02 -53.07 38.21
CA PRO L 544 29.10 -52.45 39.16
C PRO L 544 29.84 -51.79 40.34
N GLU L 545 29.26 -50.68 40.80
CA GLU L 545 29.78 -49.85 41.88
C GLU L 545 28.65 -49.26 42.69
N ALA L 546 28.87 -49.11 43.99
CA ALA L 546 27.87 -48.55 44.87
C ALA L 546 27.56 -47.13 44.47
N LEU L 547 26.35 -46.72 44.81
CA LEU L 547 25.92 -45.36 44.61
C LEU L 547 26.20 -44.59 45.90
N GLN L 548 26.57 -43.32 45.73
CA GLN L 548 26.87 -42.39 46.80
C GLN L 548 25.59 -41.93 47.49
N PRO L 549 25.42 -42.23 48.79
CA PRO L 549 24.18 -41.80 49.44
C PRO L 549 23.92 -40.30 49.39
N ASP L 550 22.66 -39.94 49.17
CA ASP L 550 22.18 -38.55 49.13
C ASP L 550 22.79 -37.63 48.06
N ALA L 551 23.54 -38.21 47.14
CA ALA L 551 24.18 -37.48 46.06
C ALA L 551 23.36 -37.57 44.78
N THR L 552 23.15 -36.44 44.14
CA THR L 552 22.40 -36.41 42.89
C THR L 552 23.32 -36.90 41.79
N LEU L 553 22.94 -38.01 41.17
CA LEU L 553 23.76 -38.61 40.13
C LEU L 553 23.04 -38.54 38.80
N HIS L 554 23.82 -38.54 37.72
CA HIS L 554 23.33 -38.47 36.35
C HIS L 554 23.21 -39.84 35.70
N TYR L 555 22.00 -40.16 35.25
CA TYR L 555 21.71 -41.39 34.54
C TYR L 555 21.24 -40.98 33.15
N HIS L 556 21.71 -41.69 32.14
CA HIS L 556 21.41 -41.33 30.77
C HIS L 556 21.23 -42.63 30.02
N PHE L 557 20.01 -42.94 29.63
CA PHE L 557 19.72 -44.18 28.93
C PHE L 557 18.53 -44.11 28.01
N THR L 558 18.64 -44.87 26.91
CA THR L 558 17.62 -44.91 25.89
C THR L 558 16.42 -45.73 26.28
N LEU L 559 15.27 -45.23 25.85
CA LEU L 559 14.00 -45.88 26.11
C LEU L 559 13.51 -46.45 24.79
N PRO L 560 12.47 -47.31 24.81
CA PRO L 560 11.90 -47.85 23.59
C PRO L 560 11.44 -46.81 22.57
N ALA L 561 11.65 -47.12 21.30
CA ALA L 561 11.28 -46.25 20.20
C ALA L 561 9.81 -45.82 20.15
N VAL L 562 9.57 -44.63 19.62
CA VAL L 562 8.21 -44.13 19.50
C VAL L 562 8.00 -43.52 18.11
N ASN L 563 6.76 -43.63 17.63
CA ASN L 563 6.31 -43.03 16.38
C ASN L 563 4.86 -42.67 16.74
N HIS L 564 4.74 -41.55 17.42
CA HIS L 564 3.46 -41.15 17.97
C HIS L 564 3.15 -39.68 17.80
N VAL L 565 1.90 -39.33 18.10
CA VAL L 565 1.45 -37.96 18.06
C VAL L 565 0.60 -37.77 19.32
N PHE L 566 0.98 -36.79 20.13
CA PHE L 566 0.24 -36.45 21.33
C PHE L 566 -0.66 -35.35 20.79
N ALA L 567 -1.93 -35.70 20.60
CA ALA L 567 -2.92 -34.83 19.99
C ALA L 567 -3.51 -33.77 20.90
N LYS L 568 -4.30 -32.89 20.31
CA LYS L 568 -4.97 -31.86 21.07
C LYS L 568 -5.86 -32.54 22.11
N GLY L 569 -5.86 -32.01 23.33
CA GLY L 569 -6.68 -32.55 24.40
C GLY L 569 -5.95 -33.59 25.24
N HIS L 570 -4.84 -34.11 24.75
CA HIS L 570 -4.03 -35.06 25.49
C HIS L 570 -3.02 -34.29 26.35
N ARG L 571 -2.26 -35.03 27.14
CA ARG L 571 -1.17 -34.49 27.93
C ARG L 571 0.00 -35.45 27.76
N ILE L 572 1.22 -34.96 27.98
CA ILE L 572 2.38 -35.81 27.96
C ILE L 572 2.61 -36.02 29.45
N MET L 573 2.97 -37.24 29.83
CA MET L 573 3.18 -37.57 31.23
C MET L 573 4.39 -38.42 31.43
N VAL L 574 5.09 -38.16 32.52
CA VAL L 574 6.27 -38.91 32.93
C VAL L 574 6.05 -39.40 34.37
N GLN L 575 6.32 -40.68 34.58
CA GLN L 575 6.24 -41.31 35.89
C GLN L 575 7.60 -41.93 36.14
N ILE L 576 8.05 -41.82 37.39
CA ILE L 576 9.30 -42.40 37.82
C ILE L 576 9.08 -43.13 39.15
N GLN L 577 9.66 -44.32 39.24
CA GLN L 577 9.53 -45.16 40.41
C GLN L 577 10.79 -46.02 40.48
N SER L 578 10.93 -46.83 41.53
CA SER L 578 12.13 -47.62 41.76
C SER L 578 11.93 -49.13 41.96
N SER L 579 10.74 -49.62 41.63
CA SER L 579 10.43 -51.05 41.65
C SER L 579 9.38 -51.32 40.60
N TRP L 580 9.27 -52.57 40.14
CA TRP L 580 8.37 -52.94 39.05
C TRP L 580 8.33 -54.45 39.23
N PHE L 581 7.50 -54.88 40.17
CA PHE L 581 7.44 -56.27 40.63
C PHE L 581 6.17 -57.00 40.22
N PRO L 582 6.23 -58.32 40.03
CA PRO L 582 7.41 -59.16 40.17
C PRO L 582 8.22 -59.32 38.87
N LEU L 583 7.87 -58.67 37.78
CA LEU L 583 8.64 -58.85 36.52
C LEU L 583 10.14 -58.71 36.77
N TYR L 584 10.51 -57.65 37.49
CA TYR L 584 11.90 -57.40 37.84
C TYR L 584 12.18 -57.72 39.30
N ASP L 585 13.34 -58.30 39.58
CA ASP L 585 13.66 -58.55 40.98
C ASP L 585 13.91 -57.21 41.66
N ARG L 586 13.63 -57.13 42.95
CA ARG L 586 13.79 -55.92 43.71
C ARG L 586 15.25 -55.55 43.95
N ASN L 587 15.52 -54.26 43.86
CA ASN L 587 16.86 -53.80 44.14
C ASN L 587 16.81 -53.61 45.64
N PRO L 588 17.73 -54.28 46.36
CA PRO L 588 17.72 -54.20 47.82
C PRO L 588 17.95 -52.79 48.31
N GLN L 589 18.54 -51.95 47.46
CA GLN L 589 18.82 -50.55 47.81
C GLN L 589 19.99 -50.36 48.77
N LYS L 590 20.81 -51.40 48.81
CA LYS L 590 22.03 -51.48 49.59
C LYS L 590 22.92 -52.20 48.60
N PHE L 591 24.13 -51.71 48.37
CA PHE L 591 25.02 -52.37 47.42
C PHE L 591 25.49 -53.70 47.99
N VAL L 592 25.20 -54.76 47.26
CA VAL L 592 25.62 -56.11 47.62
C VAL L 592 26.35 -56.63 46.40
N PRO L 593 27.31 -57.53 46.61
CA PRO L 593 28.06 -58.09 45.49
C PRO L 593 27.21 -58.66 44.37
N ASN L 594 26.21 -59.46 44.72
CA ASN L 594 25.32 -60.09 43.74
C ASN L 594 23.89 -60.02 44.26
N ILE L 595 23.05 -59.30 43.54
CA ILE L 595 21.65 -59.11 43.93
C ILE L 595 20.87 -60.41 43.94
N PHE L 596 21.27 -61.39 43.12
CA PHE L 596 20.60 -62.69 43.11
C PHE L 596 20.65 -63.28 44.51
N ASP L 597 21.79 -63.07 45.17
CA ASP L 597 22.02 -63.66 46.48
C ASP L 597 21.75 -62.73 47.66
N ALA L 598 20.96 -61.68 47.46
CA ALA L 598 20.64 -60.75 48.53
C ALA L 598 19.91 -61.48 49.63
N LYS L 599 20.20 -61.08 50.87
CA LYS L 599 19.60 -61.67 52.07
C LYS L 599 18.52 -60.77 52.64
N PRO L 600 17.60 -61.34 53.43
CA PRO L 600 16.51 -60.53 53.96
C PRO L 600 16.93 -59.22 54.62
N ALA L 601 18.01 -59.23 55.37
CA ALA L 601 18.48 -58.03 56.06
C ALA L 601 19.06 -56.97 55.13
N ASP L 602 19.37 -57.36 53.91
CA ASP L 602 19.94 -56.42 52.97
C ASP L 602 18.90 -55.48 52.34
N TYR L 603 17.63 -55.86 52.38
CA TYR L 603 16.59 -55.02 51.78
C TYR L 603 16.36 -53.79 52.62
N THR L 604 16.62 -52.62 52.04
CA THR L 604 16.52 -51.38 52.81
C THR L 604 15.62 -50.31 52.22
N VAL L 605 14.80 -49.70 53.08
CA VAL L 605 13.92 -48.62 52.68
C VAL L 605 14.81 -47.43 52.34
N ALA L 606 14.46 -46.66 51.32
CA ALA L 606 15.25 -45.49 50.94
C ALA L 606 14.38 -44.35 50.44
N THR L 607 14.86 -43.12 50.62
CA THR L 607 14.18 -41.94 50.13
C THR L 607 14.85 -41.58 48.82
N GLN L 608 14.05 -41.41 47.77
CA GLN L 608 14.57 -41.11 46.45
C GLN L 608 14.22 -39.66 46.14
N SER L 609 15.12 -38.94 45.48
CA SER L 609 14.88 -37.56 45.11
C SER L 609 15.18 -37.28 43.63
N ILE L 610 14.18 -36.81 42.88
CA ILE L 610 14.37 -36.50 41.46
C ILE L 610 14.55 -35.00 41.33
N HIS L 611 15.72 -34.56 40.86
CA HIS L 611 16.03 -33.15 40.71
C HIS L 611 15.47 -32.55 39.44
N HIS L 612 15.04 -31.29 39.52
CA HIS L 612 14.55 -30.61 38.34
C HIS L 612 15.03 -29.18 38.30
N GLY L 613 15.29 -28.69 37.10
CA GLY L 613 15.77 -27.33 36.93
C GLY L 613 17.26 -27.19 37.16
N GLY L 614 17.80 -26.03 36.76
CA GLY L 614 19.20 -25.75 36.96
C GLY L 614 20.13 -26.63 36.15
N LYS L 615 21.31 -26.88 36.71
CA LYS L 615 22.32 -27.68 36.05
C LYS L 615 22.04 -29.18 36.14
N GLU L 616 21.04 -29.54 36.94
CA GLU L 616 20.69 -30.95 37.11
C GLU L 616 19.23 -31.17 36.71
N ALA L 617 18.84 -30.52 35.61
CA ALA L 617 17.47 -30.54 35.11
C ALA L 617 16.99 -31.82 34.49
N THR L 618 16.35 -32.69 35.27
CA THR L 618 15.86 -33.97 34.74
C THR L 618 14.89 -33.70 33.60
N SER L 619 14.99 -34.52 32.56
CA SER L 619 14.13 -34.41 31.40
C SER L 619 14.15 -35.71 30.62
N ILE L 620 13.22 -35.78 29.66
CA ILE L 620 13.17 -36.88 28.73
C ILE L 620 13.52 -36.17 27.44
N LEU L 621 14.60 -36.59 26.79
CA LEU L 621 14.99 -36.04 25.52
C LEU L 621 14.09 -36.71 24.49
N LEU L 622 13.11 -35.93 23.99
CA LEU L 622 12.14 -36.44 23.03
C LEU L 622 12.50 -36.24 21.56
N PRO L 623 12.25 -37.24 20.72
CA PRO L 623 12.55 -37.04 19.31
C PRO L 623 11.41 -36.31 18.64
N VAL L 624 11.29 -35.01 18.90
CA VAL L 624 10.22 -34.19 18.37
C VAL L 624 10.48 -33.86 16.91
N VAL L 625 9.46 -34.06 16.08
CA VAL L 625 9.60 -33.81 14.64
C VAL L 625 8.53 -32.86 14.14
N LYS L 626 8.75 -32.26 12.99
CA LYS L 626 7.77 -31.34 12.43
C LYS L 626 6.85 -32.12 11.47
N HIS M 10 29.59 90.17 -31.99
CA HIS M 10 28.95 91.43 -31.48
C HIS M 10 28.64 91.36 -29.99
N ASP M 11 28.97 92.44 -29.28
CA ASP M 11 28.74 92.51 -27.85
C ASP M 11 27.24 92.64 -27.59
N PRO M 12 26.67 91.67 -26.86
CA PRO M 12 25.24 91.72 -26.57
C PRO M 12 24.80 92.80 -25.59
N LEU M 13 25.73 93.31 -24.79
CA LEU M 13 25.40 94.37 -23.83
C LEU M 13 25.49 95.74 -24.49
N SER M 14 25.62 95.77 -25.81
CA SER M 14 25.70 97.02 -26.57
C SER M 14 24.91 96.93 -27.86
N VAL M 15 25.07 95.84 -28.60
CA VAL M 15 24.38 95.68 -29.88
C VAL M 15 23.25 94.66 -29.81
N GLN M 16 22.02 95.11 -30.07
CA GLN M 16 20.87 94.20 -30.05
C GLN M 16 20.33 93.95 -31.46
N THR M 17 20.52 92.73 -31.97
CA THR M 17 20.02 92.41 -33.29
C THR M 17 18.74 91.59 -33.20
N GLY M 18 18.34 91.28 -31.99
CA GLY M 18 17.13 90.51 -31.76
C GLY M 18 16.00 91.36 -31.21
N SER M 19 15.28 90.85 -30.22
CA SER M 19 14.19 91.57 -29.56
C SER M 19 14.39 91.90 -28.09
N ASP M 20 13.90 93.07 -27.67
CA ASP M 20 14.01 93.48 -26.27
C ASP M 20 12.87 92.87 -25.45
N ILE M 21 11.92 92.25 -26.14
CA ILE M 21 10.79 91.64 -25.48
C ILE M 21 11.06 90.19 -25.15
N PRO M 22 11.18 89.86 -23.85
CA PRO M 22 11.52 88.48 -23.52
C PRO M 22 10.50 87.45 -24.01
N GLN M 32 6.70 86.88 -2.93
CA GLN M 32 6.27 87.97 -2.05
C GLN M 32 4.76 88.05 -1.77
N ARG M 33 3.94 87.40 -2.61
CA ARG M 33 2.49 87.40 -2.46
C ARG M 33 2.00 86.56 -1.30
N ASP M 34 0.82 86.90 -0.76
CA ASP M 34 0.24 86.16 0.37
C ASP M 34 -0.89 85.22 -0.10
N TYR M 35 -0.89 84.95 -1.40
CA TYR M 35 -1.88 84.10 -2.03
C TYR M 35 -1.33 83.49 -3.30
N ILE M 36 -1.98 82.42 -3.74
CA ILE M 36 -1.66 81.79 -5.00
C ILE M 36 -2.91 81.82 -5.89
N LYS M 37 -2.70 82.01 -7.19
CA LYS M 37 -3.79 82.04 -8.14
C LYS M 37 -3.66 80.89 -9.15
N ARG M 38 -4.73 80.13 -9.30
CA ARG M 38 -4.77 79.03 -10.25
C ARG M 38 -5.82 79.29 -11.30
N GLU M 39 -5.47 79.05 -12.55
CA GLU M 39 -6.40 79.22 -13.67
C GLU M 39 -6.61 77.83 -14.27
N VAL M 40 -7.85 77.37 -14.22
CA VAL M 40 -8.17 76.04 -14.72
C VAL M 40 -9.34 76.16 -15.69
N MET M 41 -9.45 75.14 -16.54
CA MET M 41 -10.56 75.05 -17.49
C MET M 41 -11.38 73.85 -17.03
N VAL M 42 -12.44 74.12 -16.28
CA VAL M 42 -13.30 73.07 -15.76
C VAL M 42 -14.23 72.56 -16.85
N PRO M 43 -14.25 71.24 -17.08
CA PRO M 43 -15.16 70.68 -18.08
C PRO M 43 -16.58 70.49 -17.57
N MET M 44 -17.56 70.82 -18.40
CA MET M 44 -18.97 70.63 -18.03
C MET M 44 -19.40 69.25 -18.49
N ARG M 45 -20.62 68.83 -18.18
CA ARG M 45 -21.09 67.50 -18.54
C ARG M 45 -21.13 67.27 -20.04
N ASP M 46 -21.17 68.34 -20.83
CA ASP M 46 -21.21 68.24 -22.28
C ASP M 46 -19.86 68.47 -22.97
N GLY M 47 -18.80 68.57 -22.17
CA GLY M 47 -17.47 68.76 -22.73
C GLY M 47 -16.97 70.19 -22.80
N VAL M 48 -17.88 71.16 -22.74
CA VAL M 48 -17.51 72.57 -22.82
C VAL M 48 -16.73 72.95 -21.57
N LYS M 49 -15.61 73.63 -21.74
CA LYS M 49 -14.76 73.99 -20.59
C LYS M 49 -14.94 75.44 -20.20
N LEU M 50 -15.02 75.71 -18.91
CA LEU M 50 -15.23 77.08 -18.43
C LEU M 50 -14.00 77.57 -17.70
N TYR M 51 -13.58 78.78 -18.04
CA TYR M 51 -12.40 79.39 -17.44
C TYR M 51 -12.69 79.73 -16.00
N THR M 52 -11.89 79.17 -15.10
CA THR M 52 -12.11 79.34 -13.67
C THR M 52 -10.83 79.80 -12.97
N VAL M 53 -10.95 80.85 -12.16
CA VAL M 53 -9.84 81.42 -11.43
C VAL M 53 -9.99 81.11 -9.97
N ILE M 54 -8.97 80.53 -9.34
CA ILE M 54 -9.07 80.20 -7.93
C ILE M 54 -7.98 80.95 -7.17
N VAL M 55 -8.36 81.75 -6.19
CA VAL M 55 -7.43 82.50 -5.36
C VAL M 55 -7.43 81.93 -3.95
N ILE M 56 -6.32 81.32 -3.56
CA ILE M 56 -6.16 80.65 -2.27
C ILE M 56 -5.13 81.34 -1.39
N PRO M 57 -5.48 81.63 -0.13
CA PRO M 57 -4.54 82.28 0.77
C PRO M 57 -3.37 81.34 1.00
N LYS M 58 -2.16 81.88 1.16
CA LYS M 58 -1.00 81.02 1.41
C LYS M 58 -1.19 80.27 2.71
N ASN M 59 -0.70 79.03 2.75
CA ASN M 59 -0.89 78.20 3.95
C ASN M 59 -2.34 78.04 4.36
N ALA M 60 -3.25 78.08 3.38
CA ALA M 60 -4.67 77.86 3.66
C ALA M 60 -4.89 76.35 3.75
N ARG M 61 -5.61 75.92 4.77
CA ARG M 61 -5.90 74.52 4.93
C ARG M 61 -7.31 74.38 5.51
N ASN M 62 -8.16 73.65 4.80
CA ASN M 62 -9.54 73.44 5.24
C ASN M 62 -10.33 74.74 5.15
N ALA M 63 -10.04 75.52 4.13
CA ALA M 63 -10.70 76.79 3.93
C ALA M 63 -11.95 76.65 3.06
N PRO M 64 -13.06 77.31 3.44
CA PRO M 64 -14.28 77.27 2.64
C PRO M 64 -14.11 78.04 1.33
N ILE M 65 -14.93 77.72 0.33
CA ILE M 65 -14.92 78.34 -0.98
C ILE M 65 -16.12 79.27 -1.21
N LEU M 66 -15.83 80.44 -1.74
CA LEU M 66 -16.84 81.46 -2.04
C LEU M 66 -16.85 81.58 -3.56
N LEU M 67 -17.89 81.09 -4.20
CA LEU M 67 -17.96 81.07 -5.66
C LEU M 67 -18.91 82.09 -6.31
N THR M 68 -18.48 82.65 -7.43
CA THR M 68 -19.28 83.59 -8.20
C THR M 68 -19.08 83.23 -9.67
N ARG M 69 -20.16 83.14 -10.43
CA ARG M 69 -20.13 82.85 -11.86
C ARG M 69 -20.54 84.15 -12.54
N THR M 70 -19.78 84.58 -13.54
CA THR M 70 -20.02 85.90 -14.11
C THR M 70 -19.82 86.07 -15.61
N PRO M 71 -20.56 87.00 -16.22
CA PRO M 71 -20.37 87.28 -17.62
C PRO M 71 -19.44 88.47 -17.82
N TYR M 72 -18.89 88.95 -16.70
CA TYR M 72 -18.04 90.15 -16.72
C TYR M 72 -16.51 89.96 -16.60
N ASN M 73 -15.95 88.94 -17.24
CA ASN M 73 -14.50 88.68 -17.22
C ASN M 73 -13.91 88.28 -15.87
N ALA M 74 -14.02 87.00 -15.57
CA ALA M 74 -13.49 86.45 -14.35
C ALA M 74 -12.04 86.84 -14.03
N LYS M 75 -11.20 86.85 -15.07
CA LYS M 75 -9.78 87.16 -14.87
C LYS M 75 -9.63 88.55 -14.27
N GLY M 76 -10.43 89.48 -14.79
CA GLY M 76 -10.44 90.86 -14.35
C GLY M 76 -11.11 91.07 -13.01
N ARG M 77 -12.16 90.31 -12.71
CA ARG M 77 -12.84 90.41 -11.43
C ARG M 77 -11.92 90.02 -10.29
N ALA M 78 -10.98 89.12 -10.57
CA ALA M 78 -10.06 88.67 -9.54
C ALA M 78 -8.72 89.36 -9.67
N ASN M 79 -8.75 90.53 -10.27
CA ASN M 79 -7.56 91.36 -10.47
C ASN M 79 -7.91 92.82 -10.27
N ARG M 80 -8.53 93.15 -9.14
CA ARG M 80 -8.95 94.52 -8.90
C ARG M 80 -7.74 95.43 -9.11
N VAL M 81 -6.67 95.08 -8.42
CA VAL M 81 -5.35 95.71 -8.53
C VAL M 81 -4.56 94.61 -9.19
N PRO M 82 -4.30 94.73 -10.50
CA PRO M 82 -3.66 93.66 -11.26
C PRO M 82 -2.40 93.06 -10.66
N ASN M 83 -2.43 91.74 -10.44
CA ASN M 83 -1.28 91.01 -9.95
C ASN M 83 -0.70 91.58 -8.68
N ALA M 84 -1.58 92.10 -7.82
CA ALA M 84 -1.19 92.71 -6.56
C ALA M 84 -0.47 91.73 -5.67
N LEU M 85 0.26 92.25 -4.68
CA LEU M 85 1.02 91.45 -3.76
C LEU M 85 0.19 90.89 -2.61
N THR M 86 -0.98 91.48 -2.35
CA THR M 86 -1.83 91.00 -1.26
C THR M 86 -3.19 90.61 -1.81
N MET M 87 -3.77 89.58 -1.19
CA MET M 87 -5.05 89.06 -1.60
C MET M 87 -6.10 90.15 -1.43
N ARG M 88 -5.99 90.94 -0.37
CA ARG M 88 -6.92 92.04 -0.12
C ARG M 88 -7.01 92.99 -1.33
N GLU M 89 -5.90 93.22 -2.01
CA GLU M 89 -5.88 94.12 -3.16
C GLU M 89 -6.37 93.54 -4.50
N VAL M 90 -6.11 92.25 -4.65
CA VAL M 90 -6.41 91.53 -5.87
C VAL M 90 -7.90 91.24 -6.01
N LEU M 91 -8.58 91.05 -4.88
CA LEU M 91 -10.02 90.80 -4.87
C LEU M 91 -10.83 92.08 -4.62
N PRO M 92 -12.08 92.12 -5.11
CA PRO M 92 -12.97 93.26 -4.96
C PRO M 92 -13.18 93.68 -3.50
N GLN M 93 -13.67 94.91 -3.33
CA GLN M 93 -13.92 95.48 -2.02
C GLN M 93 -14.94 94.66 -1.25
N GLY M 94 -15.96 94.18 -1.93
CA GLY M 94 -17.04 93.40 -1.31
C GLY M 94 -16.62 92.06 -0.75
N ASP M 95 -15.43 91.61 -1.12
CA ASP M 95 -14.91 90.34 -0.64
C ASP M 95 -14.02 90.55 0.57
N ASP M 96 -13.99 91.78 1.11
CA ASP M 96 -13.12 92.13 2.24
C ASP M 96 -13.22 91.24 3.46
N VAL M 97 -14.43 91.06 3.96
CA VAL M 97 -14.65 90.29 5.16
C VAL M 97 -14.29 88.82 5.02
N PHE M 98 -14.32 88.33 3.79
CA PHE M 98 -13.99 86.95 3.52
C PHE M 98 -12.48 86.74 3.40
N VAL M 99 -11.78 87.76 2.92
CA VAL M 99 -10.33 87.68 2.78
C VAL M 99 -9.79 87.62 4.19
N GLU M 100 -10.41 88.37 5.08
CA GLU M 100 -10.05 88.42 6.49
C GLU M 100 -10.35 87.09 7.16
N GLY M 101 -11.38 86.40 6.71
CA GLY M 101 -11.78 85.11 7.28
C GLY M 101 -11.04 83.90 6.74
N GLY M 102 -10.19 84.11 5.74
CA GLY M 102 -9.42 83.01 5.16
C GLY M 102 -10.13 82.16 4.12
N TYR M 103 -11.07 82.75 3.42
CA TYR M 103 -11.79 82.00 2.41
C TYR M 103 -11.00 81.88 1.13
N ILE M 104 -11.34 80.86 0.36
CA ILE M 104 -10.79 80.68 -0.96
C ILE M 104 -11.85 81.36 -1.84
N ARG M 105 -11.41 82.10 -2.86
CA ARG M 105 -12.33 82.84 -3.72
C ARG M 105 -12.23 82.35 -5.15
N VAL M 106 -13.37 81.99 -5.71
CA VAL M 106 -13.40 81.53 -7.07
C VAL M 106 -14.29 82.41 -7.92
N PHE M 107 -13.83 82.71 -9.13
CA PHE M 107 -14.58 83.49 -10.11
C PHE M 107 -14.55 82.68 -11.40
N GLN M 108 -15.70 82.46 -12.02
CA GLN M 108 -15.76 81.65 -13.24
C GLN M 108 -16.49 82.40 -14.33
N ASP M 109 -15.98 82.29 -15.56
CA ASP M 109 -16.61 82.87 -16.75
C ASP M 109 -17.75 81.92 -17.16
N ILE M 110 -18.96 82.44 -17.27
CA ILE M 110 -20.07 81.59 -17.64
C ILE M 110 -19.89 81.12 -19.06
N ARG M 111 -20.65 80.09 -19.43
CA ARG M 111 -20.59 79.52 -20.75
C ARG M 111 -20.72 80.62 -21.78
N GLY M 112 -19.79 80.65 -22.73
CA GLY M 112 -19.83 81.59 -23.84
C GLY M 112 -19.28 82.99 -23.65
N LYS M 113 -18.58 83.21 -22.55
CA LYS M 113 -18.03 84.54 -22.32
C LYS M 113 -16.55 84.48 -21.95
N TYR M 114 -15.84 85.48 -22.46
CA TYR M 114 -14.42 85.64 -22.20
C TYR M 114 -13.59 84.37 -22.38
N GLY M 115 -13.05 83.81 -21.30
CA GLY M 115 -12.18 82.64 -21.42
C GLY M 115 -12.83 81.28 -21.50
N SER M 116 -14.16 81.27 -21.47
CA SER M 116 -14.93 80.04 -21.53
C SER M 116 -15.37 79.72 -22.95
N GLN M 117 -15.58 78.42 -23.19
CA GLN M 117 -16.03 77.92 -24.47
C GLN M 117 -17.54 77.85 -24.39
N GLY M 118 -18.16 77.45 -25.50
CA GLY M 118 -19.60 77.30 -25.55
C GLY M 118 -20.34 78.48 -26.14
N ASP M 119 -21.64 78.30 -26.33
CA ASP M 119 -22.50 79.32 -26.89
C ASP M 119 -23.07 80.18 -25.79
N TYR M 120 -23.08 81.49 -25.97
CA TYR M 120 -23.64 82.38 -24.98
C TYR M 120 -25.10 82.72 -25.28
N VAL M 121 -25.94 82.56 -24.27
CA VAL M 121 -27.34 82.91 -24.38
C VAL M 121 -27.68 83.90 -23.24
N MET M 122 -28.15 85.09 -23.60
CA MET M 122 -28.52 86.11 -22.60
C MET M 122 -29.50 85.61 -21.53
N THR M 123 -29.12 85.73 -20.27
CA THR M 123 -29.90 85.22 -19.15
C THR M 123 -30.50 83.88 -19.55
N ARG M 124 -29.61 82.90 -19.82
CA ARG M 124 -30.03 81.58 -20.29
C ARG M 124 -31.19 80.98 -19.51
N PRO M 125 -32.28 80.66 -20.22
CA PRO M 125 -33.41 80.09 -19.52
C PRO M 125 -33.12 78.73 -18.95
N PRO M 126 -33.86 78.33 -17.91
CA PRO M 126 -33.66 77.00 -17.37
C PRO M 126 -34.20 75.92 -18.32
N HIS M 127 -33.86 74.67 -18.01
CA HIS M 127 -34.34 73.55 -18.83
C HIS M 127 -35.87 73.57 -18.87
N GLY M 128 -36.42 73.52 -20.07
CA GLY M 128 -37.85 73.56 -20.25
C GLY M 128 -38.18 73.99 -21.65
N PRO M 129 -39.36 74.57 -21.84
CA PRO M 129 -39.78 74.98 -23.18
C PRO M 129 -38.83 75.94 -23.88
N LEU M 130 -38.16 76.80 -23.11
CA LEU M 130 -37.27 77.80 -23.68
C LEU M 130 -35.82 77.30 -23.87
N ASN M 131 -35.52 76.12 -23.34
CA ASN M 131 -34.19 75.54 -23.39
C ASN M 131 -34.27 74.02 -23.35
N PRO M 132 -34.44 73.39 -24.51
CA PRO M 132 -34.53 71.93 -24.59
C PRO M 132 -33.20 71.17 -24.65
N THR M 133 -32.07 71.83 -24.37
CA THR M 133 -30.76 71.19 -24.36
C THR M 133 -30.56 70.48 -23.02
N LYS M 134 -29.42 69.80 -22.84
CA LYS M 134 -29.12 69.06 -21.61
C LYS M 134 -28.40 69.92 -20.58
N THR M 135 -28.07 71.15 -20.94
CA THR M 135 -27.38 72.03 -20.00
C THR M 135 -28.00 73.42 -19.88
N ASP M 136 -27.77 74.02 -18.71
CA ASP M 136 -28.22 75.37 -18.41
C ASP M 136 -27.29 75.97 -17.36
N GLU M 137 -27.66 77.12 -16.79
CA GLU M 137 -26.81 77.72 -15.76
C GLU M 137 -26.92 76.92 -14.47
N THR M 138 -27.94 76.09 -14.35
CA THR M 138 -28.07 75.28 -13.14
C THR M 138 -27.10 74.11 -13.15
N THR M 139 -27.02 73.40 -14.29
CA THR M 139 -26.13 72.23 -14.42
C THR M 139 -24.67 72.68 -14.46
N ASP M 140 -24.41 73.82 -15.09
CA ASP M 140 -23.06 74.36 -15.11
C ASP M 140 -22.57 74.63 -13.69
N ALA M 141 -23.40 75.24 -12.85
CA ALA M 141 -23.01 75.50 -11.46
C ALA M 141 -22.84 74.21 -10.68
N TRP M 142 -23.64 73.21 -11.01
CA TRP M 142 -23.58 71.91 -10.34
C TRP M 142 -22.23 71.25 -10.67
N ASP M 143 -21.91 71.20 -11.96
CA ASP M 143 -20.66 70.62 -12.43
C ASP M 143 -19.44 71.37 -11.92
N THR M 144 -19.57 72.68 -11.74
CA THR M 144 -18.47 73.49 -11.21
C THR M 144 -18.18 73.21 -9.75
N VAL M 145 -19.22 73.21 -8.92
CA VAL M 145 -19.08 72.88 -7.51
C VAL M 145 -18.53 71.46 -7.34
N ASP M 146 -18.96 70.51 -8.17
CA ASP M 146 -18.50 69.11 -8.04
C ASP M 146 -17.01 69.01 -8.36
N TRP M 147 -16.55 69.81 -9.32
CA TRP M 147 -15.13 69.82 -9.67
C TRP M 147 -14.28 70.43 -8.57
N LEU M 148 -14.79 71.49 -7.96
CA LEU M 148 -14.09 72.19 -6.90
C LEU M 148 -13.90 71.38 -5.63
N VAL M 149 -14.91 70.66 -5.17
CA VAL M 149 -14.78 69.90 -3.93
C VAL M 149 -13.94 68.63 -4.11
N HIS M 150 -13.63 68.31 -5.37
CA HIS M 150 -12.80 67.14 -5.63
C HIS M 150 -11.43 67.51 -6.19
N ASN M 151 -11.21 68.79 -6.44
CA ASN M 151 -9.94 69.24 -7.02
C ASN M 151 -9.26 70.42 -6.33
N VAL M 152 -9.63 70.75 -5.10
CA VAL M 152 -9.01 71.85 -4.36
C VAL M 152 -8.68 71.35 -2.96
N PRO M 153 -7.49 70.77 -2.80
CA PRO M 153 -7.02 70.18 -1.54
C PRO M 153 -6.91 71.14 -0.38
N GLU M 154 -6.78 72.44 -0.67
CA GLU M 154 -6.74 73.42 0.39
C GLU M 154 -8.11 73.78 0.95
N SER M 155 -9.18 73.34 0.29
CA SER M 155 -10.52 73.68 0.78
C SER M 155 -11.07 72.59 1.69
N ASN M 156 -12.19 72.87 2.37
CA ASN M 156 -12.84 71.91 3.25
C ASN M 156 -14.03 71.25 2.57
N GLY M 157 -14.17 71.49 1.28
CA GLY M 157 -15.27 70.92 0.49
C GLY M 157 -16.64 71.53 0.69
N ARG M 158 -16.70 72.71 1.31
CA ARG M 158 -17.97 73.41 1.53
C ARG M 158 -17.92 74.61 0.58
N VAL M 159 -18.97 74.83 -0.21
CA VAL M 159 -19.00 75.97 -1.13
C VAL M 159 -20.16 76.91 -0.83
N GLY M 160 -19.91 78.21 -0.87
CA GLY M 160 -20.94 79.22 -0.61
C GLY M 160 -20.95 80.02 -1.89
N MET M 161 -22.13 80.42 -2.38
CA MET M 161 -22.26 81.20 -3.61
C MET M 161 -22.84 82.59 -3.38
N THR M 162 -22.30 83.56 -4.09
CA THR M 162 -22.77 84.94 -3.95
C THR M 162 -22.54 85.71 -5.23
N GLY M 163 -23.07 86.92 -5.32
CA GLY M 163 -22.93 87.71 -6.55
C GLY M 163 -24.12 88.62 -6.75
N SER M 164 -23.84 89.77 -7.38
CA SER M 164 -24.84 90.78 -7.58
C SER M 164 -25.23 90.84 -9.04
N SER M 165 -26.46 91.28 -9.30
CA SER M 165 -26.90 91.47 -10.67
C SER M 165 -26.88 90.17 -11.47
N TYR M 166 -26.20 90.16 -12.62
CA TYR M 166 -26.11 88.95 -13.41
C TYR M 166 -25.40 87.89 -12.58
N GLU M 167 -24.48 88.30 -11.70
CA GLU M 167 -23.75 87.34 -10.85
C GLU M 167 -24.68 86.80 -9.76
N GLY M 168 -25.79 87.48 -9.53
CA GLY M 168 -26.82 87.06 -8.57
C GLY M 168 -27.72 86.11 -9.32
N PHE M 169 -28.01 86.42 -10.59
CA PHE M 169 -28.83 85.56 -11.44
C PHE M 169 -28.24 84.16 -11.49
N THR M 170 -26.92 84.04 -11.53
CA THR M 170 -26.27 82.72 -11.57
C THR M 170 -26.40 81.99 -10.23
N VAL M 171 -26.57 82.72 -9.14
CA VAL M 171 -26.77 82.09 -7.84
C VAL M 171 -28.19 81.52 -7.73
N VAL M 172 -29.16 82.27 -8.25
CA VAL M 172 -30.54 81.84 -8.23
C VAL M 172 -30.73 80.61 -9.10
N MET M 173 -30.04 80.60 -10.24
CA MET M 173 -30.13 79.46 -11.15
C MET M 173 -29.52 78.24 -10.50
N ALA M 174 -28.52 78.45 -9.66
CA ALA M 174 -27.88 77.30 -9.00
C ALA M 174 -28.85 76.71 -7.99
N LEU M 175 -29.62 77.57 -7.33
CA LEU M 175 -30.60 77.18 -6.31
C LEU M 175 -31.76 76.36 -6.84
N LEU M 176 -31.94 76.33 -8.17
CA LEU M 176 -33.01 75.55 -8.75
C LEU M 176 -32.74 74.08 -8.49
N ASP M 177 -31.47 73.69 -8.51
CA ASP M 177 -31.06 72.30 -8.24
C ASP M 177 -29.62 72.35 -7.81
N PRO M 178 -29.39 72.69 -6.53
CA PRO M 178 -28.05 72.84 -5.96
C PRO M 178 -27.26 71.57 -5.64
N HIS M 179 -25.96 71.63 -5.86
CA HIS M 179 -25.05 70.54 -5.53
C HIS M 179 -25.12 70.42 -4.01
N PRO M 180 -25.01 69.21 -3.47
CA PRO M 180 -25.02 69.01 -2.02
C PRO M 180 -23.89 69.73 -1.29
N ALA M 181 -22.82 70.04 -2.03
CA ALA M 181 -21.71 70.78 -1.43
C ALA M 181 -21.98 72.28 -1.34
N LEU M 182 -23.05 72.75 -1.99
CA LEU M 182 -23.43 74.17 -1.90
C LEU M 182 -24.18 74.33 -0.58
N LYS M 183 -23.54 74.92 0.44
CA LYS M 183 -24.15 75.00 1.77
C LYS M 183 -24.85 76.29 2.19
N VAL M 184 -24.74 77.35 1.40
CA VAL M 184 -25.39 78.61 1.71
C VAL M 184 -25.30 79.48 0.46
N ALA M 185 -26.26 80.40 0.30
CA ALA M 185 -26.27 81.28 -0.88
C ALA M 185 -26.64 82.71 -0.50
N ALA M 186 -26.17 83.67 -1.28
CA ALA M 186 -26.52 85.05 -1.05
C ALA M 186 -26.60 85.73 -2.40
N PRO M 187 -27.79 85.70 -3.04
CA PRO M 187 -28.07 86.43 -4.25
C PRO M 187 -28.21 87.91 -3.92
N GLU M 188 -27.47 88.77 -4.60
CA GLU M 188 -27.53 90.21 -4.38
C GLU M 188 -28.17 90.87 -5.60
N SER M 189 -29.15 91.74 -5.37
CA SER M 189 -29.85 92.44 -6.45
C SER M 189 -29.88 91.60 -7.71
N PRO M 190 -30.42 90.38 -7.64
CA PRO M 190 -30.43 89.49 -8.79
C PRO M 190 -31.46 89.80 -9.87
N MET M 191 -31.13 89.37 -11.08
CA MET M 191 -32.02 89.48 -12.24
C MET M 191 -32.92 88.28 -12.05
N VAL M 192 -34.20 88.53 -11.77
CA VAL M 192 -35.17 87.47 -11.49
C VAL M 192 -36.30 87.47 -12.50
N ASP M 193 -36.90 88.63 -12.74
CA ASP M 193 -37.95 88.78 -13.75
C ASP M 193 -37.66 90.08 -14.45
N GLY M 194 -37.11 89.97 -15.66
CA GLY M 194 -36.75 91.13 -16.47
C GLY M 194 -37.89 91.92 -17.05
N TRP M 195 -39.11 91.38 -17.05
CA TRP M 195 -40.25 92.09 -17.62
C TRP M 195 -41.06 92.82 -16.55
N MET M 196 -41.27 92.17 -15.41
CA MET M 196 -42.07 92.79 -14.35
C MET M 196 -41.42 94.02 -13.75
N GLY M 197 -40.15 93.92 -13.38
CA GLY M 197 -39.49 95.08 -12.77
C GLY M 197 -37.99 95.09 -12.60
N ASP M 198 -37.27 94.34 -13.43
CA ASP M 198 -35.82 94.33 -13.30
C ASP M 198 -35.17 95.13 -14.43
N ASP M 199 -34.38 94.47 -15.26
CA ASP M 199 -33.62 95.17 -16.29
C ASP M 199 -34.24 95.61 -17.60
N TRP M 200 -35.09 94.81 -18.22
CA TRP M 200 -35.61 95.17 -19.55
C TRP M 200 -36.88 96.04 -19.55
N PHE M 201 -37.83 95.72 -18.67
CA PHE M 201 -39.08 96.46 -18.56
C PHE M 201 -39.46 96.60 -17.09
N HIS M 202 -40.39 97.51 -16.83
CA HIS M 202 -40.99 97.77 -15.53
C HIS M 202 -42.48 97.88 -15.85
N TYR M 203 -43.23 96.83 -15.56
CA TYR M 203 -44.65 96.79 -15.88
C TYR M 203 -44.91 97.08 -17.34
N GLY M 204 -44.12 96.45 -18.20
CA GLY M 204 -44.30 96.60 -19.64
C GLY M 204 -43.59 97.78 -20.28
N ALA M 205 -43.17 98.75 -19.48
CA ALA M 205 -42.45 99.93 -19.97
C ALA M 205 -40.98 99.60 -20.16
N PHE M 206 -40.51 99.78 -21.40
CA PHE M 206 -39.15 99.45 -21.81
C PHE M 206 -38.04 100.44 -21.44
N ARG M 207 -36.98 99.88 -20.86
CA ARG M 207 -35.80 100.60 -20.42
C ARG M 207 -34.77 100.66 -21.53
N GLN M 208 -34.59 101.86 -22.04
CA GLN M 208 -33.73 102.10 -23.17
C GLN M 208 -32.24 101.94 -22.93
N GLY M 209 -31.79 101.85 -21.68
CA GLY M 209 -30.36 101.63 -21.43
C GLY M 209 -29.92 100.20 -21.75
N ALA M 210 -30.89 99.35 -22.08
CA ALA M 210 -30.63 97.97 -22.39
C ALA M 210 -29.81 97.84 -23.66
N PHE M 211 -30.01 98.77 -24.58
CA PHE M 211 -29.33 98.71 -25.86
C PHE M 211 -27.81 98.65 -25.69
N ASP M 212 -27.24 99.61 -24.99
CA ASP M 212 -25.81 99.63 -24.73
C ASP M 212 -25.36 98.33 -24.06
N TYR M 213 -26.19 97.76 -23.20
CA TYR M 213 -25.84 96.53 -22.51
C TYR M 213 -25.77 95.37 -23.48
N PHE M 214 -26.64 95.36 -24.47
CA PHE M 214 -26.61 94.28 -25.45
C PHE M 214 -25.33 94.29 -26.26
N VAL M 215 -24.98 95.45 -26.82
CA VAL M 215 -23.82 95.58 -27.68
C VAL M 215 -22.52 95.37 -26.92
N SER M 216 -22.57 95.71 -25.65
CA SER M 216 -21.41 95.54 -24.80
C SER M 216 -21.16 94.10 -24.37
N GLN M 217 -22.23 93.33 -24.22
CA GLN M 217 -22.09 91.95 -23.77
C GLN M 217 -22.26 90.86 -24.83
N MET M 218 -22.80 91.22 -25.99
CA MET M 218 -23.06 90.25 -27.05
C MET M 218 -22.45 90.58 -28.41
N THR M 219 -21.52 91.52 -28.43
CA THR M 219 -20.85 91.82 -29.69
C THR M 219 -19.81 90.74 -29.93
N ALA M 220 -19.18 90.26 -28.85
CA ALA M 220 -18.12 89.26 -28.90
C ALA M 220 -18.02 88.43 -27.63
N ARG M 221 -17.29 87.33 -27.75
CA ARG M 221 -17.09 86.42 -26.63
C ARG M 221 -16.57 87.26 -25.46
N GLY M 222 -15.53 88.02 -25.74
CA GLY M 222 -14.91 88.89 -24.76
C GLY M 222 -15.58 90.26 -24.69
N GLY M 223 -14.74 91.29 -24.57
CA GLY M 223 -15.19 92.66 -24.44
C GLY M 223 -15.79 93.26 -25.68
N GLY M 224 -16.80 94.10 -25.46
CA GLY M 224 -17.47 94.74 -26.59
C GLY M 224 -17.47 96.22 -26.30
N ASN M 225 -18.03 97.00 -27.24
CA ASN M 225 -18.10 98.44 -27.10
C ASN M 225 -19.51 98.97 -26.90
N ASP M 226 -19.61 100.27 -26.65
CA ASP M 226 -20.89 100.92 -26.53
C ASP M 226 -21.31 101.37 -27.93
N ILE M 227 -22.55 101.83 -28.03
CA ILE M 227 -23.07 102.31 -29.30
C ILE M 227 -22.61 103.75 -29.52
N PRO M 228 -21.93 104.01 -30.64
CA PRO M 228 -21.49 105.38 -30.95
C PRO M 228 -22.70 106.29 -30.98
N ARG M 229 -22.56 107.46 -30.37
CA ARG M 229 -23.65 108.43 -30.31
C ARG M 229 -23.42 109.70 -31.11
N ARG M 230 -24.50 110.30 -31.60
CA ARG M 230 -24.45 111.54 -32.34
C ARG M 230 -24.29 112.72 -31.37
N ASP M 231 -25.17 112.80 -30.39
CA ASP M 231 -25.21 113.91 -29.43
C ASP M 231 -24.78 113.41 -28.08
N ALA M 232 -24.29 114.33 -27.24
CA ALA M 232 -23.80 114.00 -25.93
C ALA M 232 -24.97 113.68 -25.01
N ASP M 233 -26.17 114.16 -25.34
CA ASP M 233 -27.35 114.00 -24.49
C ASP M 233 -28.24 112.93 -25.09
N ASP M 234 -28.51 111.88 -24.32
CA ASP M 234 -29.37 110.80 -24.78
C ASP M 234 -30.83 111.24 -24.86
N TYR M 235 -31.24 112.24 -24.10
CA TYR M 235 -32.60 112.71 -24.26
C TYR M 235 -32.76 113.06 -25.76
N THR M 236 -31.76 113.71 -26.33
CA THR M 236 -31.81 114.14 -27.72
C THR M 236 -31.64 112.95 -28.67
N ASN M 237 -30.69 112.08 -28.36
CA ASN M 237 -30.46 110.93 -29.23
C ASN M 237 -31.67 110.03 -29.41
N PHE M 238 -32.32 109.68 -28.30
CA PHE M 238 -33.51 108.82 -28.41
C PHE M 238 -34.74 109.54 -28.96
N LEU M 239 -34.90 110.81 -28.59
CA LEU M 239 -36.02 111.61 -29.08
C LEU M 239 -35.94 111.76 -30.59
N LYS M 240 -34.76 112.07 -31.14
CA LYS M 240 -34.60 112.23 -32.58
C LYS M 240 -34.80 110.93 -33.35
N ALA M 241 -34.41 109.80 -32.75
CA ALA M 241 -34.53 108.51 -33.39
C ALA M 241 -36.01 108.13 -33.48
N GLY M 242 -36.77 108.52 -32.47
CA GLY M 242 -38.21 108.27 -32.41
C GLY M 242 -38.63 107.19 -31.44
N SER M 243 -38.81 106.00 -31.99
CA SER M 243 -39.17 104.83 -31.21
C SER M 243 -37.91 104.10 -30.80
N ALA M 244 -38.08 103.16 -29.87
CA ALA M 244 -36.94 102.39 -29.40
C ALA M 244 -36.42 101.49 -30.51
N GLY M 245 -37.32 100.94 -31.30
CA GLY M 245 -36.95 100.03 -32.38
C GLY M 245 -36.19 100.77 -33.44
N SER M 246 -36.55 102.03 -33.63
CA SER M 246 -35.91 102.85 -34.63
C SER M 246 -34.46 103.09 -34.24
N PHE M 247 -34.22 103.35 -32.96
CA PHE M 247 -32.89 103.58 -32.43
C PHE M 247 -32.08 102.30 -32.56
N ALA M 248 -32.74 101.18 -32.29
CA ALA M 248 -32.10 99.88 -32.37
C ALA M 248 -31.68 99.55 -33.81
N THR M 249 -32.54 99.80 -34.77
CA THR M 249 -32.20 99.58 -36.18
C THR M 249 -31.05 100.48 -36.60
N GLN M 250 -31.04 101.72 -36.11
CA GLN M 250 -29.96 102.66 -36.44
C GLN M 250 -28.62 102.28 -35.81
N ALA M 251 -28.68 101.55 -34.70
CA ALA M 251 -27.49 101.07 -33.99
C ALA M 251 -27.03 99.70 -34.52
N GLY M 252 -27.79 99.16 -35.46
CA GLY M 252 -27.45 97.89 -36.07
C GLY M 252 -27.79 96.67 -35.25
N LEU M 253 -28.68 96.82 -34.27
CA LEU M 253 -29.09 95.72 -33.38
C LEU M 253 -30.01 94.67 -34.01
N ASP M 254 -30.59 94.98 -35.16
CA ASP M 254 -31.49 94.02 -35.77
C ASP M 254 -30.85 92.66 -36.08
N GLN M 255 -29.52 92.59 -36.00
CA GLN M 255 -28.74 91.38 -36.25
C GLN M 255 -28.42 90.61 -34.97
N TYR M 256 -28.79 91.17 -33.81
CA TYR M 256 -28.56 90.53 -32.51
C TYR M 256 -29.72 89.62 -32.10
N PRO M 257 -29.48 88.31 -32.06
CA PRO M 257 -30.58 87.39 -31.74
C PRO M 257 -31.44 87.71 -30.53
N PHE M 258 -30.84 88.18 -29.43
CA PHE M 258 -31.64 88.46 -28.25
C PHE M 258 -32.63 89.60 -28.47
N TRP M 259 -32.18 90.62 -29.18
CA TRP M 259 -33.02 91.76 -29.49
C TRP M 259 -34.16 91.29 -30.38
N GLN M 260 -33.87 90.38 -31.31
CA GLN M 260 -34.92 89.85 -32.17
C GLN M 260 -36.00 89.22 -31.28
N ARG M 261 -35.58 88.38 -30.33
CA ARG M 261 -36.57 87.77 -29.43
C ARG M 261 -37.37 88.79 -28.61
N MET M 262 -36.67 89.72 -27.95
CA MET M 262 -37.31 90.73 -27.12
C MET M 262 -38.26 91.62 -27.92
N HIS M 263 -37.86 91.99 -29.13
CA HIS M 263 -38.69 92.82 -30.02
C HIS M 263 -40.00 92.11 -30.35
N ALA M 264 -39.93 90.79 -30.49
CA ALA M 264 -41.11 90.02 -30.86
C ALA M 264 -42.02 89.70 -29.69
N HIS M 265 -41.51 89.95 -28.48
CA HIS M 265 -42.25 89.67 -27.25
C HIS M 265 -42.34 90.85 -26.29
N PRO M 266 -43.02 91.93 -26.71
CA PRO M 266 -43.21 93.11 -25.85
C PRO M 266 -44.10 92.85 -24.64
N ALA M 267 -45.00 91.88 -24.73
CA ALA M 267 -45.91 91.57 -23.63
C ALA M 267 -45.41 90.43 -22.76
N TYR M 268 -46.06 90.21 -21.62
CA TYR M 268 -45.61 89.22 -20.67
C TYR M 268 -46.12 87.82 -21.03
N ASP M 269 -45.75 87.40 -22.24
CA ASP M 269 -46.23 86.13 -22.77
C ASP M 269 -45.40 84.96 -22.26
N ALA M 270 -45.56 83.79 -22.87
CA ALA M 270 -44.83 82.59 -22.44
C ALA M 270 -43.31 82.80 -22.35
N PHE M 271 -42.77 83.59 -23.26
CA PHE M 271 -41.34 83.85 -23.28
C PHE M 271 -40.81 84.44 -21.99
N TRP M 272 -41.54 85.40 -21.43
CA TRP M 272 -41.15 86.04 -20.19
C TRP M 272 -41.61 85.25 -18.98
N GLN M 273 -42.83 84.73 -19.04
CA GLN M 273 -43.35 83.93 -17.94
C GLN M 273 -42.45 82.75 -17.62
N GLY M 274 -41.89 82.15 -18.66
CA GLY M 274 -41.01 81.00 -18.50
C GLY M 274 -39.65 81.33 -17.94
N GLN M 275 -39.36 82.62 -17.76
CA GLN M 275 -38.09 83.09 -17.23
C GLN M 275 -38.26 83.81 -15.89
N ALA M 276 -39.47 83.77 -15.35
CA ALA M 276 -39.76 84.39 -14.08
C ALA M 276 -39.21 83.49 -12.99
N LEU M 277 -37.97 83.71 -12.61
CA LEU M 277 -37.32 82.85 -11.64
C LEU M 277 -37.95 82.80 -10.26
N ASP M 278 -38.66 83.86 -9.86
CA ASP M 278 -39.29 83.85 -8.54
C ASP M 278 -40.37 82.76 -8.40
N LYS M 279 -41.17 82.60 -9.45
CA LYS M 279 -42.20 81.57 -9.48
C LYS M 279 -41.56 80.18 -9.56
N ILE M 280 -40.59 80.03 -10.45
CA ILE M 280 -39.93 78.74 -10.63
C ILE M 280 -39.23 78.28 -9.34
N LEU M 281 -38.53 79.19 -8.68
CA LEU M 281 -37.81 78.82 -7.48
C LEU M 281 -38.78 78.38 -6.38
N ALA M 282 -39.91 79.08 -6.28
CA ALA M 282 -40.95 78.79 -5.31
C ALA M 282 -41.51 77.37 -5.49
N GLN M 283 -41.53 76.90 -6.74
CA GLN M 283 -42.02 75.56 -7.07
C GLN M 283 -41.00 74.47 -6.75
N ARG M 284 -39.72 74.85 -6.68
CA ARG M 284 -38.63 73.94 -6.38
C ARG M 284 -38.34 73.83 -4.88
N LYS M 285 -38.68 74.88 -4.13
CA LYS M 285 -38.48 74.90 -2.68
C LYS M 285 -37.12 74.43 -2.21
N PRO M 286 -36.07 75.24 -2.43
CA PRO M 286 -34.74 74.84 -2.01
C PRO M 286 -34.62 74.76 -0.50
N THR M 287 -33.64 74.01 -0.03
CA THR M 287 -33.43 73.86 1.41
C THR M 287 -32.06 74.39 1.78
N VAL M 288 -31.45 75.18 0.89
CA VAL M 288 -30.15 75.80 1.16
C VAL M 288 -30.39 77.15 1.82
N PRO M 289 -29.79 77.38 2.98
CA PRO M 289 -30.02 78.68 3.64
C PRO M 289 -29.79 79.80 2.62
N MET M 290 -30.64 80.83 2.65
CA MET M 290 -30.55 82.00 1.77
C MET M 290 -30.59 83.34 2.47
N LEU M 291 -29.82 84.27 1.91
CA LEU M 291 -29.73 85.64 2.36
C LEU M 291 -29.97 86.45 1.10
N TRP M 292 -31.18 86.97 0.95
CA TRP M 292 -31.53 87.78 -0.21
C TRP M 292 -31.26 89.25 0.08
N GLU M 293 -30.59 89.93 -0.85
CA GLU M 293 -30.23 91.33 -0.67
C GLU M 293 -30.53 92.25 -1.84
N GLN M 294 -30.96 93.47 -1.50
CA GLN M 294 -31.15 94.48 -2.53
C GLN M 294 -31.14 95.87 -1.88
N GLY M 295 -30.78 96.88 -2.66
CA GLY M 295 -30.80 98.25 -2.16
C GLY M 295 -32.21 98.80 -2.17
N LEU M 296 -32.47 99.73 -1.28
CA LEU M 296 -33.77 100.37 -1.22
C LEU M 296 -33.94 101.25 -2.46
N TRP M 297 -32.80 101.69 -2.99
CA TRP M 297 -32.77 102.53 -4.17
C TRP M 297 -32.03 101.82 -5.32
N ASP M 298 -32.37 100.55 -5.52
CA ASP M 298 -31.75 99.76 -6.57
C ASP M 298 -32.34 100.21 -7.90
N GLN M 299 -31.53 100.92 -8.67
CA GLN M 299 -31.97 101.48 -9.93
C GLN M 299 -31.89 100.52 -11.11
N GLU M 300 -31.45 99.27 -10.89
CA GLU M 300 -31.41 98.26 -11.96
C GLU M 300 -32.24 96.99 -11.77
N ASP M 301 -32.25 96.44 -10.57
CA ASP M 301 -32.98 95.21 -10.24
C ASP M 301 -33.80 95.31 -8.96
N MET M 302 -34.84 96.13 -8.99
CA MET M 302 -35.66 96.43 -7.79
C MET M 302 -36.66 95.35 -7.43
N TRP M 303 -37.08 94.58 -8.43
CA TRP M 303 -38.08 93.52 -8.27
C TRP M 303 -37.54 92.25 -7.64
N GLY M 304 -36.42 91.80 -8.17
CA GLY M 304 -35.73 90.57 -7.82
C GLY M 304 -35.75 89.98 -6.43
N ALA M 305 -34.85 90.43 -5.56
CA ALA M 305 -34.69 89.87 -4.24
C ALA M 305 -35.94 89.83 -3.38
N ILE M 306 -36.68 90.94 -3.35
CA ILE M 306 -37.88 90.97 -2.53
C ILE M 306 -39.01 90.04 -3.03
N HIS M 307 -39.17 89.92 -4.34
CA HIS M 307 -40.20 89.03 -4.86
C HIS M 307 -39.80 87.56 -4.77
N ALA M 308 -38.52 87.26 -4.88
CA ALA M 308 -38.05 85.88 -4.76
C ALA M 308 -38.17 85.46 -3.30
N TRP M 309 -37.73 86.32 -2.39
CA TRP M 309 -37.84 86.06 -0.98
C TRP M 309 -39.29 85.89 -0.50
N GLN M 310 -40.19 86.73 -1.02
CA GLN M 310 -41.58 86.69 -0.63
C GLN M 310 -42.26 85.45 -1.17
N ALA M 311 -41.85 85.01 -2.35
CA ALA M 311 -42.40 83.82 -2.98
C ALA M 311 -41.99 82.55 -2.24
N LEU M 312 -40.76 82.55 -1.72
CA LEU M 312 -40.27 81.42 -0.96
C LEU M 312 -41.01 81.35 0.36
N LYS M 313 -41.13 82.52 0.99
CA LYS M 313 -41.79 82.63 2.28
C LYS M 313 -43.23 82.16 2.13
N ASP M 314 -43.89 82.53 1.04
CA ASP M 314 -45.28 82.14 0.88
C ASP M 314 -45.47 80.67 0.52
N ALA M 315 -44.40 80.02 0.09
CA ALA M 315 -44.42 78.61 -0.26
C ALA M 315 -43.83 77.84 0.90
N ASP M 316 -43.74 78.50 2.05
CA ASP M 316 -43.22 77.95 3.28
C ASP M 316 -41.99 77.12 3.02
N VAL M 317 -40.89 77.81 2.70
CA VAL M 317 -39.60 77.17 2.46
C VAL M 317 -39.05 76.72 3.81
N LYS M 318 -38.40 75.55 3.81
CA LYS M 318 -37.82 74.92 4.99
C LYS M 318 -36.31 75.15 5.11
N ALA M 319 -35.94 76.41 5.21
CA ALA M 319 -34.54 76.79 5.36
C ALA M 319 -34.51 78.27 5.70
N PRO M 320 -33.42 78.75 6.33
CA PRO M 320 -33.28 80.17 6.57
C PRO M 320 -33.50 80.92 5.25
N ASN M 321 -34.30 81.98 5.34
CA ASN M 321 -34.66 82.77 4.20
C ASN M 321 -34.86 84.19 4.70
N THR M 322 -33.77 84.97 4.69
CA THR M 322 -33.76 86.33 5.17
C THR M 322 -33.57 87.38 4.08
N LEU M 323 -34.27 88.50 4.24
CA LEU M 323 -34.19 89.60 3.30
C LEU M 323 -33.40 90.75 3.92
N VAL M 324 -32.43 91.28 3.18
CA VAL M 324 -31.69 92.43 3.67
C VAL M 324 -31.79 93.57 2.66
N MET M 325 -32.19 94.75 3.14
CA MET M 325 -32.28 95.90 2.27
C MET M 325 -31.61 97.06 2.98
N GLY M 326 -30.58 97.63 2.35
CA GLY M 326 -29.84 98.75 2.91
C GLY M 326 -30.13 99.98 2.05
N PRO M 327 -29.58 101.14 2.45
CA PRO M 327 -29.75 102.40 1.76
C PRO M 327 -28.72 102.47 0.66
N TRP M 328 -28.90 101.61 -0.35
CA TRP M 328 -27.92 101.47 -1.42
C TRP M 328 -28.48 101.50 -2.82
N ARG M 329 -27.58 101.71 -3.79
CA ARG M 329 -27.96 101.69 -5.17
C ARG M 329 -27.64 100.28 -5.58
N HIS M 330 -27.90 99.96 -6.84
CA HIS M 330 -27.62 98.64 -7.37
C HIS M 330 -26.20 98.18 -7.12
N SER M 331 -26.08 97.05 -6.43
CA SER M 331 -24.79 96.43 -6.13
C SER M 331 -23.96 97.28 -5.20
N GLY M 332 -24.59 98.25 -4.55
CA GLY M 332 -23.90 99.12 -3.62
C GLY M 332 -23.42 98.37 -2.41
N VAL M 333 -24.05 97.25 -2.12
CA VAL M 333 -23.69 96.48 -0.95
C VAL M 333 -22.23 96.05 -1.00
N ASN M 334 -21.67 96.03 -2.21
CA ASN M 334 -20.29 95.60 -2.41
C ASN M 334 -19.24 96.70 -2.40
N TYR M 335 -19.64 97.89 -1.98
CA TYR M 335 -18.77 99.05 -1.91
C TYR M 335 -19.00 99.81 -0.60
N ASN M 336 -18.93 101.13 -0.65
CA ASN M 336 -19.13 101.93 0.56
C ASN M 336 -20.57 102.43 0.64
N GLY M 337 -21.25 102.13 1.74
CA GLY M 337 -22.63 102.59 1.91
C GLY M 337 -22.81 103.74 2.88
N SER M 338 -21.86 104.66 2.87
CA SER M 338 -21.89 105.81 3.77
C SER M 338 -22.79 106.92 3.26
N THR M 339 -22.91 106.99 1.94
CA THR M 339 -23.71 107.99 1.24
C THR M 339 -24.31 107.44 -0.04
N LEU M 340 -25.17 108.24 -0.64
CA LEU M 340 -25.80 107.91 -1.91
C LEU M 340 -26.29 109.26 -2.40
N GLY M 341 -25.68 109.78 -3.46
CA GLY M 341 -26.06 111.10 -3.95
C GLY M 341 -25.73 112.05 -2.83
N PRO M 342 -26.61 113.02 -2.54
CA PRO M 342 -26.35 113.96 -1.45
C PRO M 342 -26.73 113.41 -0.07
N LEU M 343 -27.25 112.20 -0.01
CA LEU M 343 -27.68 111.65 1.27
C LEU M 343 -26.51 111.05 2.05
N GLU M 344 -26.62 111.13 3.38
CA GLU M 344 -25.60 110.62 4.30
C GLU M 344 -26.25 109.67 5.30
N PHE M 345 -25.67 108.48 5.45
CA PHE M 345 -26.21 107.46 6.35
C PHE M 345 -25.25 107.24 7.51
N GLU M 346 -25.65 106.43 8.49
CA GLU M 346 -24.84 106.25 9.68
C GLU M 346 -23.69 105.25 9.53
N GLY M 347 -22.59 105.71 8.97
CA GLY M 347 -21.45 104.84 8.75
C GLY M 347 -21.58 104.03 7.48
N ASP M 348 -20.56 103.24 7.19
CA ASP M 348 -20.53 102.39 6.00
C ASP M 348 -21.49 101.23 6.24
N THR M 349 -22.72 101.45 5.83
CA THR M 349 -23.78 100.49 6.07
C THR M 349 -23.48 99.19 5.31
N ALA M 350 -22.82 99.31 4.17
CA ALA M 350 -22.50 98.16 3.35
C ALA M 350 -21.49 97.29 4.08
N HIS M 351 -20.46 97.90 4.61
CA HIS M 351 -19.48 97.14 5.37
C HIS M 351 -20.09 96.57 6.64
N GLN M 352 -20.98 97.31 7.30
CA GLN M 352 -21.68 96.87 8.52
C GLN M 352 -22.43 95.58 8.22
N TYR M 353 -23.16 95.58 7.12
CA TYR M 353 -23.85 94.37 6.70
C TYR M 353 -22.91 93.20 6.37
N ARG M 354 -21.85 93.48 5.60
CA ARG M 354 -20.93 92.42 5.22
C ARG M 354 -20.26 91.78 6.43
N ARG M 355 -19.93 92.57 7.45
CA ARG M 355 -19.25 92.09 8.65
C ARG M 355 -20.17 91.51 9.71
N ASP M 356 -21.30 92.16 9.95
CA ASP M 356 -22.21 91.73 11.01
C ASP M 356 -23.26 90.68 10.66
N VAL M 357 -23.55 90.52 9.38
CA VAL M 357 -24.57 89.55 8.96
C VAL M 357 -24.08 88.56 7.89
N PHE M 358 -23.59 89.08 6.76
CA PHE M 358 -23.13 88.26 5.64
C PHE M 358 -22.09 87.21 6.03
N ARG M 359 -21.00 87.68 6.63
CA ARG M 359 -19.91 86.82 7.10
C ARG M 359 -20.31 85.79 8.17
N PRO M 360 -20.89 86.23 9.30
CA PRO M 360 -21.27 85.23 10.30
C PRO M 360 -22.26 84.19 9.80
N PHE M 361 -23.20 84.61 8.95
CA PHE M 361 -24.18 83.72 8.34
C PHE M 361 -23.49 82.68 7.44
N PHE M 362 -22.58 83.15 6.61
CA PHE M 362 -21.82 82.21 5.79
C PHE M 362 -20.93 81.30 6.65
N ASP M 363 -20.29 81.83 7.69
CA ASP M 363 -19.41 81.05 8.56
C ASP M 363 -20.17 79.88 9.21
N GLU M 364 -21.40 80.13 9.60
CA GLU M 364 -22.23 79.12 10.24
C GLU M 364 -22.31 77.84 9.42
N TYR M 365 -22.46 77.96 8.10
CA TYR M 365 -22.59 76.78 7.26
C TYR M 365 -21.34 76.36 6.48
N LEU M 366 -20.33 77.22 6.45
CA LEU M 366 -19.12 76.94 5.70
C LEU M 366 -17.90 76.64 6.57
N LYS M 367 -17.93 77.08 7.83
CA LYS M 367 -16.88 76.82 8.80
C LYS M 367 -17.45 76.10 10.03
N PRO M 368 -17.51 74.75 9.97
CA PRO M 368 -17.99 73.95 11.11
C PRO M 368 -17.37 74.41 12.41
N GLY M 369 -18.19 74.47 13.44
CA GLY M 369 -17.75 74.92 14.75
C GLY M 369 -18.07 76.38 14.99
N SER M 370 -18.38 77.11 13.92
CA SER M 370 -18.70 78.52 14.05
C SER M 370 -20.01 78.73 14.78
N ALA M 371 -20.10 79.84 15.49
CA ALA M 371 -21.29 80.18 16.24
C ALA M 371 -22.50 80.28 15.32
N SER M 372 -23.65 79.88 15.82
CA SER M 372 -24.88 79.97 15.02
C SER M 372 -25.52 81.34 15.16
N VAL M 373 -26.17 81.74 14.08
CA VAL M 373 -26.84 83.04 14.04
C VAL M 373 -28.30 82.79 13.76
N HIS M 374 -29.15 83.57 14.40
CA HIS M 374 -30.59 83.43 14.26
C HIS M 374 -31.18 84.69 13.64
N LEU M 375 -31.12 84.78 12.33
CA LEU M 375 -31.60 85.95 11.61
C LEU M 375 -33.12 86.00 11.52
N PRO M 376 -33.67 87.20 11.56
CA PRO M 376 -35.11 87.39 11.46
C PRO M 376 -35.57 87.35 10.01
N ASP M 377 -36.86 87.54 9.78
CA ASP M 377 -37.37 87.57 8.41
C ASP M 377 -36.64 88.61 7.56
N ALA M 378 -36.45 89.80 8.11
CA ALA M 378 -35.84 90.88 7.35
C ALA M 378 -35.07 91.86 8.22
N ILE M 379 -33.97 92.35 7.67
CA ILE M 379 -33.10 93.30 8.32
C ILE M 379 -33.13 94.45 7.32
N ILE M 380 -33.79 95.54 7.69
CA ILE M 380 -33.96 96.66 6.76
C ILE M 380 -33.52 97.97 7.38
N TYR M 381 -32.79 98.77 6.60
CA TYR M 381 -32.30 100.04 7.11
C TYR M 381 -33.47 101.02 7.14
N ASN M 382 -33.50 101.85 8.16
CA ASN M 382 -34.57 102.80 8.28
C ASN M 382 -34.09 104.15 7.78
N THR M 383 -34.58 104.53 6.61
CA THR M 383 -34.13 105.76 6.00
C THR M 383 -34.61 106.99 6.72
N GLY M 384 -35.40 106.82 7.78
CA GLY M 384 -35.88 107.95 8.58
C GLY M 384 -35.10 108.04 9.88
N ASP M 385 -35.16 106.99 10.69
CA ASP M 385 -34.44 106.90 11.97
C ASP M 385 -32.93 106.73 11.85
N GLN M 386 -32.46 106.35 10.65
CA GLN M 386 -31.04 106.15 10.37
C GLN M 386 -30.43 105.08 11.26
N LYS M 387 -31.01 103.90 11.17
CA LYS M 387 -30.57 102.73 11.94
C LYS M 387 -31.09 101.45 11.29
N TRP M 388 -30.44 100.35 11.63
CA TRP M 388 -30.88 99.07 11.14
C TRP M 388 -32.05 98.55 11.99
N ASP M 389 -33.07 98.04 11.32
CA ASP M 389 -34.22 97.47 11.98
C ASP M 389 -34.22 95.97 11.72
N TYR M 390 -34.35 95.19 12.78
CA TYR M 390 -34.45 93.74 12.71
C TYR M 390 -35.94 93.39 12.86
N TYR M 391 -36.54 92.82 11.82
CA TYR M 391 -37.95 92.46 11.89
C TYR M 391 -38.18 90.97 11.92
N ARG M 392 -38.60 90.49 13.08
CA ARG M 392 -38.88 89.08 13.28
C ARG M 392 -39.82 88.58 12.20
N SER M 393 -40.93 89.29 12.02
CA SER M 393 -41.90 88.99 10.95
C SER M 393 -41.97 90.25 10.11
N TRP M 394 -41.97 90.10 8.80
CA TRP M 394 -42.06 91.28 7.94
C TRP M 394 -42.65 90.87 6.61
N PRO M 395 -43.52 91.72 6.04
CA PRO M 395 -43.98 92.97 6.61
C PRO M 395 -45.12 92.74 7.61
N SER M 396 -45.39 93.71 8.47
CA SER M 396 -46.46 93.56 9.46
C SER M 396 -47.81 94.03 8.93
N VAL M 397 -47.78 94.72 7.79
CA VAL M 397 -48.97 95.22 7.14
C VAL M 397 -48.88 95.04 5.62
N CYS M 398 -49.99 94.65 5.01
CA CYS M 398 -50.07 94.50 3.57
C CYS M 398 -51.54 94.37 3.17
N GLU M 399 -51.80 94.17 1.89
CA GLU M 399 -53.17 94.06 1.42
C GLU M 399 -53.92 92.87 1.99
N SER M 400 -53.29 91.70 2.10
CA SER M 400 -53.98 90.52 2.60
C SER M 400 -53.09 89.57 3.40
N ASN M 401 -53.79 89.02 4.45
CA ASN M 401 -53.06 88.04 5.20
C ASN M 401 -51.81 88.52 5.91
N CYS M 402 -52.07 89.54 6.48
CA CYS M 402 -51.12 90.20 7.38
C CYS M 402 -51.77 90.58 8.70
N THR M 403 -50.92 90.96 9.64
CA THR M 403 -51.36 91.35 10.97
C THR M 403 -52.24 92.59 10.86
N GLY M 404 -51.91 93.45 9.91
CA GLY M 404 -52.68 94.66 9.67
C GLY M 404 -52.70 95.01 8.20
N GLY M 405 -53.52 95.99 7.85
CA GLY M 405 -53.65 96.40 6.46
C GLY M 405 -52.99 97.73 6.18
N LEU M 406 -53.11 98.14 4.92
CA LEU M 406 -52.55 99.38 4.44
C LEU M 406 -53.46 100.55 4.80
N THR M 407 -52.89 101.74 4.88
CA THR M 407 -53.63 102.95 5.20
C THR M 407 -53.56 103.83 3.98
N PRO M 408 -54.72 104.08 3.37
CA PRO M 408 -54.75 104.95 2.20
C PRO M 408 -54.49 106.41 2.50
N LEU M 409 -53.61 107.02 1.72
CA LEU M 409 -53.32 108.45 1.82
C LEU M 409 -53.99 108.95 0.55
N TYR M 410 -55.12 109.65 0.68
CA TYR M 410 -55.91 110.12 -0.44
C TYR M 410 -55.59 111.44 -1.10
N LEU M 411 -55.63 111.48 -2.44
CA LEU M 411 -55.44 112.76 -3.11
C LEU M 411 -56.68 113.59 -2.82
N ALA M 412 -56.51 114.90 -2.71
CA ALA M 412 -57.64 115.76 -2.38
C ALA M 412 -57.65 117.06 -3.15
N ASP M 413 -58.64 117.88 -2.86
CA ASP M 413 -58.70 119.20 -3.45
C ASP M 413 -57.56 120.06 -2.98
N GLY M 414 -57.21 121.04 -3.81
CA GLY M 414 -56.17 122.00 -3.49
C GLY M 414 -54.81 121.34 -3.59
N HIS M 415 -54.74 120.25 -4.35
CA HIS M 415 -53.51 119.49 -4.49
C HIS M 415 -52.98 119.02 -3.15
N GLY M 416 -53.89 118.64 -2.27
CA GLY M 416 -53.56 118.14 -0.95
C GLY M 416 -53.58 116.63 -0.89
N LEU M 417 -53.14 116.10 0.26
CA LEU M 417 -53.10 114.68 0.59
C LEU M 417 -53.64 114.54 2.01
N SER M 418 -54.56 113.59 2.20
CA SER M 418 -55.17 113.39 3.51
C SER M 418 -55.51 111.92 3.77
N PHE M 419 -55.44 111.53 5.04
CA PHE M 419 -55.77 110.17 5.45
C PHE M 419 -57.27 110.02 5.57
N THR M 420 -57.99 111.13 5.43
CA THR M 420 -59.45 111.12 5.47
C THR M 420 -59.96 111.00 4.04
N HIS M 421 -60.90 110.09 3.82
CA HIS M 421 -61.45 109.88 2.49
C HIS M 421 -62.31 111.07 2.08
N PRO M 422 -61.97 111.76 0.98
CA PRO M 422 -62.81 112.86 0.57
C PRO M 422 -64.14 112.38 0.00
N ALA M 423 -65.23 112.91 0.53
CA ALA M 423 -66.57 112.52 0.07
C ALA M 423 -66.87 112.95 -1.36
N ALA M 424 -66.54 114.21 -1.65
CA ALA M 424 -66.85 114.78 -2.95
C ALA M 424 -65.89 114.38 -4.07
N ASP M 425 -66.45 114.19 -5.25
CA ASP M 425 -65.67 113.83 -6.41
C ASP M 425 -64.92 115.05 -6.91
N GLY M 426 -63.88 114.81 -7.69
CA GLY M 426 -63.07 115.88 -8.26
C GLY M 426 -61.98 115.27 -9.14
N ALA M 427 -61.25 116.14 -9.83
CA ALA M 427 -60.20 115.69 -10.75
C ALA M 427 -59.27 116.84 -11.15
N ASP M 428 -57.99 116.49 -11.34
CA ASP M 428 -56.97 117.42 -11.77
C ASP M 428 -56.45 116.91 -13.12
N SER M 429 -56.23 117.82 -14.06
CA SER M 429 -55.76 117.44 -15.40
C SER M 429 -54.36 117.96 -15.67
N TYR M 430 -53.72 117.33 -16.64
CA TYR M 430 -52.41 117.76 -17.10
C TYR M 430 -52.29 117.22 -18.52
N VAL M 431 -51.55 117.96 -19.33
CA VAL M 431 -51.34 117.58 -20.72
C VAL M 431 -50.02 116.82 -20.83
N SER M 432 -50.04 115.72 -21.56
CA SER M 432 -48.86 114.89 -21.77
C SER M 432 -48.49 114.85 -23.25
N ASP M 433 -47.45 115.59 -23.60
CA ASP M 433 -46.96 115.73 -24.96
C ASP M 433 -45.68 114.94 -25.22
N PRO M 434 -45.76 113.87 -26.03
CA PRO M 434 -44.60 113.04 -26.32
C PRO M 434 -43.43 113.73 -27.00
N ALA M 435 -43.64 114.94 -27.51
CA ALA M 435 -42.59 115.72 -28.12
C ALA M 435 -41.76 116.47 -27.05
N HIS M 436 -42.26 116.50 -25.82
CA HIS M 436 -41.57 117.13 -24.71
C HIS M 436 -41.77 116.26 -23.48
N PRO M 437 -41.19 115.06 -23.49
CA PRO M 437 -41.31 114.13 -22.39
C PRO M 437 -40.50 114.63 -21.21
N VAL M 438 -40.98 114.26 -20.02
CA VAL M 438 -40.36 114.68 -18.77
C VAL M 438 -39.04 113.91 -18.60
N PRO M 439 -37.93 114.63 -18.38
CA PRO M 439 -36.64 114.00 -18.16
C PRO M 439 -36.63 113.24 -16.83
N PHE M 440 -36.17 111.99 -16.83
CA PHE M 440 -36.15 111.24 -15.57
C PHE M 440 -35.16 111.88 -14.59
N ILE M 441 -34.10 112.47 -15.14
CA ILE M 441 -33.13 113.25 -14.35
C ILE M 441 -32.74 114.40 -15.26
N SER M 442 -32.12 115.42 -14.67
CA SER M 442 -31.78 116.65 -15.38
C SER M 442 -30.91 116.47 -16.61
N ARG M 443 -31.24 117.21 -17.66
CA ARG M 443 -30.47 117.19 -18.89
C ARG M 443 -29.16 117.95 -18.67
N PRO M 444 -28.10 117.54 -19.38
CA PRO M 444 -28.07 116.42 -20.28
C PRO M 444 -27.68 115.13 -19.55
N PHE M 445 -28.13 114.03 -20.11
CA PHE M 445 -27.77 112.73 -19.58
C PHE M 445 -27.52 111.72 -20.67
N ALA M 446 -26.45 110.95 -20.49
CA ALA M 446 -26.10 109.86 -21.37
C ALA M 446 -26.00 108.64 -20.48
N PHE M 447 -26.48 107.51 -20.97
CA PHE M 447 -26.44 106.26 -20.20
C PHE M 447 -25.03 105.85 -19.81
N ALA M 448 -24.04 106.39 -20.53
CA ALA M 448 -22.62 106.14 -20.26
C ALA M 448 -22.16 106.84 -18.99
N GLN M 449 -22.91 107.84 -18.53
CA GLN M 449 -22.51 108.57 -17.33
C GLN M 449 -22.89 107.88 -16.02
N SER M 450 -22.05 106.92 -15.62
CA SER M 450 -22.30 106.10 -14.44
C SER M 450 -22.46 106.91 -13.17
N SER M 451 -21.67 107.95 -13.03
CA SER M 451 -21.76 108.74 -11.82
C SER M 451 -23.16 109.35 -11.67
N ARG M 452 -23.86 109.58 -12.77
CA ARG M 452 -25.20 110.15 -12.65
C ARG M 452 -26.31 109.10 -12.60
N TRP M 453 -26.04 107.95 -13.21
CA TRP M 453 -27.01 106.89 -13.27
C TRP M 453 -27.21 106.19 -11.94
N LYS M 454 -26.11 105.95 -11.24
CA LYS M 454 -26.17 105.20 -9.99
C LYS M 454 -27.11 105.71 -8.93
N PRO M 455 -27.03 107.01 -8.56
CA PRO M 455 -27.90 107.59 -7.55
C PRO M 455 -29.13 108.31 -8.06
N TRP M 456 -29.66 107.92 -9.21
CA TRP M 456 -30.75 108.71 -9.77
C TRP M 456 -32.05 108.61 -9.01
N LEU M 457 -32.25 107.52 -8.30
CA LEU M 457 -33.51 107.39 -7.56
C LEU M 457 -33.57 108.27 -6.30
N VAL M 458 -32.51 109.02 -5.96
CA VAL M 458 -32.57 109.89 -4.81
C VAL M 458 -32.46 111.38 -5.15
N GLN M 459 -32.52 111.69 -6.43
CA GLN M 459 -32.44 113.07 -6.90
C GLN M 459 -33.72 113.85 -6.59
N ASP M 460 -33.54 115.15 -6.39
CA ASP M 460 -34.63 116.08 -6.08
C ASP M 460 -35.62 116.13 -7.23
N GLN M 461 -36.91 116.08 -6.92
CA GLN M 461 -37.97 116.08 -7.91
C GLN M 461 -38.60 117.45 -8.12
N ARG M 462 -37.95 118.48 -7.59
CA ARG M 462 -38.45 119.83 -7.76
C ARG M 462 -38.51 120.26 -9.21
N GLU M 463 -37.59 119.79 -10.04
CA GLU M 463 -37.58 120.12 -11.47
C GLU M 463 -38.87 119.63 -12.08
N ALA M 464 -39.25 118.39 -11.79
CA ALA M 464 -40.49 117.84 -12.31
C ALA M 464 -41.71 118.60 -11.78
N GLU M 465 -41.70 118.97 -10.51
CA GLU M 465 -42.84 119.67 -9.91
C GLU M 465 -43.16 120.98 -10.62
N SER M 466 -42.14 121.62 -11.19
CA SER M 466 -42.37 122.92 -11.82
C SER M 466 -43.03 122.83 -13.19
N ARG M 467 -43.19 121.62 -13.69
CA ARG M 467 -43.76 121.44 -15.01
C ARG M 467 -45.27 121.30 -14.96
N PRO M 468 -45.92 121.74 -16.04
CA PRO M 468 -47.34 121.60 -16.13
C PRO M 468 -47.77 120.20 -16.58
N ASP M 469 -46.82 119.36 -16.95
CA ASP M 469 -47.15 117.98 -17.35
C ASP M 469 -46.86 116.95 -16.27
N VAL M 470 -46.90 117.45 -15.04
CA VAL M 470 -46.71 116.69 -13.84
C VAL M 470 -47.67 117.26 -12.81
N VAL M 471 -48.42 116.43 -12.10
CA VAL M 471 -49.29 116.93 -11.03
C VAL M 471 -48.66 116.55 -9.69
N THR M 472 -48.72 117.47 -8.73
CA THR M 472 -48.13 117.27 -7.41
C THR M 472 -49.12 117.53 -6.28
N TYR M 473 -49.14 116.60 -5.33
CA TYR M 473 -50.00 116.64 -4.15
C TYR M 473 -49.13 116.50 -2.93
N GLU M 474 -49.48 117.21 -1.86
CA GLU M 474 -48.71 117.16 -0.62
C GLU M 474 -49.56 117.38 0.63
N THR M 475 -49.14 116.76 1.73
CA THR M 475 -49.82 116.96 2.99
C THR M 475 -49.37 118.30 3.55
N GLU M 476 -50.01 118.73 4.62
CA GLU M 476 -49.55 119.92 5.33
C GLU M 476 -48.25 119.45 5.97
N VAL M 477 -47.46 120.39 6.48
CA VAL M 477 -46.24 119.99 7.15
C VAL M 477 -46.68 119.17 8.35
N LEU M 478 -45.99 118.06 8.60
CA LEU M 478 -46.38 117.12 9.66
C LEU M 478 -46.10 117.59 11.07
N ASP M 479 -47.08 117.37 11.96
CA ASP M 479 -46.99 117.68 13.39
C ASP M 479 -46.49 116.48 14.19
N GLU M 480 -46.77 115.29 13.65
CA GLU M 480 -46.42 114.02 14.25
C GLU M 480 -45.88 113.13 13.14
N PRO M 481 -44.83 112.36 13.42
CA PRO M 481 -44.23 111.53 12.38
C PRO M 481 -45.13 110.40 11.88
N VAL M 482 -44.95 109.95 10.64
CA VAL M 482 -45.73 108.79 10.24
C VAL M 482 -44.68 107.78 9.78
N ARG M 483 -44.75 106.58 10.36
CA ARG M 483 -43.82 105.52 10.07
C ARG M 483 -44.40 104.61 9.00
N VAL M 484 -43.57 104.23 8.05
CA VAL M 484 -44.04 103.32 7.01
C VAL M 484 -43.04 102.19 6.89
N SER M 485 -43.53 100.97 6.70
CA SER M 485 -42.67 99.82 6.55
C SER M 485 -43.45 98.75 5.81
N GLY M 486 -43.05 98.46 4.58
CA GLY M 486 -43.70 97.46 3.76
C GLY M 486 -43.75 97.92 2.31
N VAL M 487 -44.65 97.34 1.54
CA VAL M 487 -44.72 97.73 0.16
C VAL M 487 -45.96 98.58 -0.10
N PRO M 488 -45.76 99.83 -0.54
CA PRO M 488 -46.89 100.68 -0.83
C PRO M 488 -47.58 100.26 -2.11
N VAL M 489 -48.85 100.62 -2.28
CA VAL M 489 -49.57 100.27 -3.50
C VAL M 489 -50.28 101.49 -4.11
N ALA M 490 -50.09 101.72 -5.41
CA ALA M 490 -50.76 102.80 -6.09
C ALA M 490 -52.16 102.35 -6.45
N ASP M 491 -53.16 103.08 -5.98
CA ASP M 491 -54.56 102.80 -6.28
C ASP M 491 -54.91 104.04 -7.07
N LEU M 492 -54.78 103.95 -8.37
CA LEU M 492 -54.98 105.08 -9.25
C LEU M 492 -56.26 105.00 -10.09
N PHE M 493 -56.95 106.13 -10.15
CA PHE M 493 -58.17 106.29 -10.94
C PHE M 493 -57.84 107.43 -11.91
N ALA M 494 -57.47 107.06 -13.13
CA ALA M 494 -57.05 108.05 -14.10
C ALA M 494 -57.67 107.84 -15.47
N ALA M 495 -57.91 108.95 -16.15
CA ALA M 495 -58.46 108.91 -17.50
C ALA M 495 -57.45 109.59 -18.43
N THR M 496 -57.51 109.24 -19.71
CA THR M 496 -56.67 109.82 -20.74
C THR M 496 -57.50 110.00 -21.99
N SER M 497 -57.17 111.00 -22.81
CA SER M 497 -57.94 111.24 -24.02
C SER M 497 -57.45 110.35 -25.16
N GLY M 498 -56.32 109.70 -24.90
CA GLY M 498 -55.74 108.83 -25.88
C GLY M 498 -56.26 107.43 -25.64
N THR M 499 -55.64 106.49 -26.33
CA THR M 499 -55.99 105.08 -26.23
C THR M 499 -54.87 104.25 -25.68
N ASP M 500 -53.88 104.89 -25.07
CA ASP M 500 -52.81 104.18 -24.35
C ASP M 500 -52.14 105.27 -23.52
N SER M 501 -51.37 104.87 -22.52
CA SER M 501 -50.69 105.83 -21.66
C SER M 501 -49.88 105.13 -20.59
N ASP M 502 -48.85 105.83 -20.09
CA ASP M 502 -47.99 105.35 -19.01
C ASP M 502 -48.32 106.21 -17.82
N TRP M 503 -48.23 105.61 -16.65
CA TRP M 503 -48.53 106.29 -15.41
C TRP M 503 -47.37 106.12 -14.43
N VAL M 504 -46.71 107.23 -14.16
CA VAL M 504 -45.59 107.29 -13.23
C VAL M 504 -46.11 107.82 -11.90
N VAL M 505 -45.86 107.10 -10.82
CA VAL M 505 -46.30 107.51 -9.50
C VAL M 505 -45.12 107.53 -8.55
N LYS M 506 -44.95 108.66 -7.88
CA LYS M 506 -43.83 108.86 -6.98
C LYS M 506 -44.30 109.19 -5.59
N LEU M 507 -43.77 108.45 -4.61
CA LEU M 507 -44.03 108.74 -3.21
C LEU M 507 -42.77 109.47 -2.74
N ILE M 508 -42.95 110.67 -2.23
CA ILE M 508 -41.84 111.53 -1.82
C ILE M 508 -41.91 112.10 -0.39
N ASP M 509 -40.73 112.24 0.20
CA ASP M 509 -40.54 112.85 1.53
C ASP M 509 -40.00 114.25 1.30
N VAL M 510 -40.81 115.27 1.58
CA VAL M 510 -40.34 116.65 1.42
C VAL M 510 -39.57 116.99 2.69
N GLN M 511 -38.29 117.28 2.59
CA GLN M 511 -37.52 117.66 3.78
C GLN M 511 -38.06 118.98 4.28
N PRO M 512 -37.72 119.35 5.52
CA PRO M 512 -38.13 120.60 6.11
C PRO M 512 -37.76 121.79 5.22
N ALA M 513 -38.63 122.78 5.17
CA ALA M 513 -38.46 123.97 4.33
C ALA M 513 -37.02 124.49 4.37
N MET M 514 -36.46 124.50 5.57
CA MET M 514 -35.07 124.88 5.79
C MET M 514 -34.41 123.75 6.59
N THR M 515 -33.18 123.40 6.23
CA THR M 515 -32.34 122.42 6.93
C THR M 515 -31.02 123.16 7.20
N PRO M 516 -30.99 123.98 8.25
CA PRO M 516 -29.86 124.87 8.50
C PRO M 516 -28.50 124.21 8.67
N ASP M 517 -28.49 122.94 9.08
CA ASP M 517 -27.24 122.22 9.24
C ASP M 517 -26.69 121.72 7.89
N ASP M 518 -27.53 121.73 6.85
CA ASP M 518 -27.14 121.32 5.48
C ASP M 518 -28.10 122.04 4.53
N PRO M 519 -27.92 123.34 4.38
CA PRO M 519 -28.82 124.23 3.64
C PRO M 519 -29.36 123.74 2.30
N LYS M 520 -28.57 122.98 1.55
CA LYS M 520 -29.00 122.52 0.24
C LYS M 520 -30.18 121.56 0.27
N MET M 521 -30.42 120.91 1.40
CA MET M 521 -31.52 119.97 1.52
C MET M 521 -32.89 120.57 1.86
N GLY M 522 -32.95 121.88 2.06
CA GLY M 522 -34.19 122.56 2.41
C GLY M 522 -35.30 122.43 1.39
N GLY M 523 -36.38 121.77 1.75
CA GLY M 523 -37.48 121.59 0.81
C GLY M 523 -37.20 120.56 -0.28
N TYR M 524 -36.09 119.84 -0.15
CA TYR M 524 -35.67 118.83 -1.10
C TYR M 524 -36.77 117.78 -1.21
N GLU M 525 -37.15 117.40 -2.43
CA GLU M 525 -38.19 116.42 -2.64
C GLU M 525 -37.56 115.06 -2.94
N LEU M 526 -37.30 114.32 -1.87
CA LEU M 526 -36.63 113.02 -1.91
C LEU M 526 -37.57 111.86 -2.19
N PRO M 527 -37.42 111.18 -3.33
CA PRO M 527 -38.25 110.01 -3.63
C PRO M 527 -37.88 108.79 -2.82
N VAL M 528 -38.83 108.21 -2.12
CA VAL M 528 -38.55 107.04 -1.31
C VAL M 528 -39.05 105.81 -2.05
N SER M 529 -39.97 106.04 -2.98
CA SER M 529 -40.48 104.94 -3.79
C SER M 529 -41.26 105.46 -5.01
N MET M 530 -40.82 105.02 -6.19
CA MET M 530 -41.48 105.37 -7.44
C MET M 530 -41.48 104.29 -8.50
N ASP M 531 -42.50 104.29 -9.35
CA ASP M 531 -42.53 103.31 -10.42
C ASP M 531 -43.47 103.75 -11.53
N ILE M 532 -43.34 103.06 -12.66
CA ILE M 532 -44.11 103.33 -13.86
C ILE M 532 -44.95 102.12 -14.22
N PHE M 533 -46.12 102.38 -14.79
CA PHE M 533 -47.04 101.36 -15.24
C PHE M 533 -47.48 101.66 -16.67
N ARG M 534 -47.29 100.70 -17.57
CA ARG M 534 -47.72 100.87 -18.95
C ARG M 534 -49.19 100.44 -19.06
N GLY M 535 -50.05 101.44 -19.28
CA GLY M 535 -51.51 101.31 -19.33
C GLY M 535 -52.21 100.18 -20.09
N ARG M 536 -51.65 99.84 -21.25
CA ARG M 536 -52.23 98.81 -22.09
C ARG M 536 -52.28 97.50 -21.33
N TYR M 537 -51.53 97.38 -20.24
CA TYR M 537 -51.50 96.12 -19.48
C TYR M 537 -52.37 96.19 -18.22
N ARG M 538 -53.29 97.14 -18.16
CA ARG M 538 -54.11 97.33 -16.96
C ARG M 538 -54.85 96.07 -16.53
N LYS M 539 -55.45 95.36 -17.47
CA LYS M 539 -56.22 94.16 -17.16
C LYS M 539 -55.42 92.86 -17.12
N ASP M 540 -54.48 92.73 -18.04
CA ASP M 540 -53.67 91.52 -18.16
C ASP M 540 -52.31 91.88 -18.74
N PHE M 541 -51.25 91.40 -18.12
CA PHE M 541 -49.88 91.68 -18.58
C PHE M 541 -49.51 90.96 -19.85
N ALA M 542 -50.19 89.84 -20.10
CA ALA M 542 -49.96 89.02 -21.26
C ALA M 542 -50.82 89.40 -22.45
N LYS M 543 -51.86 90.21 -22.22
CA LYS M 543 -52.81 90.61 -23.27
C LYS M 543 -53.14 92.10 -23.33
N PRO M 544 -52.29 92.86 -24.02
CA PRO M 544 -52.52 94.29 -24.09
C PRO M 544 -53.82 94.64 -24.78
N GLU M 545 -54.45 95.70 -24.29
CA GLU M 545 -55.72 96.22 -24.80
C GLU M 545 -55.72 97.74 -24.71
N ALA M 546 -56.37 98.35 -25.69
CA ALA M 546 -56.45 99.80 -25.78
C ALA M 546 -57.29 100.33 -24.64
N LEU M 547 -57.02 101.57 -24.29
CA LEU M 547 -57.72 102.22 -23.20
C LEU M 547 -58.89 102.96 -23.83
N GLN M 548 -59.95 103.05 -23.05
CA GLN M 548 -61.17 103.75 -23.37
C GLN M 548 -60.92 105.26 -23.21
N PRO M 549 -60.92 106.05 -24.29
CA PRO M 549 -60.63 107.46 -24.17
C PRO M 549 -61.61 108.09 -23.22
N ASP M 550 -61.16 109.07 -22.45
CA ASP M 550 -61.93 109.87 -21.50
C ASP M 550 -62.63 109.14 -20.35
N ALA M 551 -62.40 107.84 -20.22
CA ALA M 551 -62.98 107.03 -19.15
C ALA M 551 -61.97 106.88 -18.01
N THR M 552 -62.44 107.09 -16.79
CA THR M 552 -61.64 106.94 -15.59
C THR M 552 -61.48 105.45 -15.29
N LEU M 553 -60.25 104.96 -15.41
CA LEU M 553 -59.93 103.56 -15.24
C LEU M 553 -59.08 103.36 -14.00
N HIS M 554 -59.26 102.19 -13.41
CA HIS M 554 -58.57 101.78 -12.20
C HIS M 554 -57.29 101.02 -12.47
N TYR M 555 -56.21 101.54 -11.91
CA TYR M 555 -54.90 100.92 -12.00
C TYR M 555 -54.47 100.61 -10.58
N HIS M 556 -53.92 99.42 -10.36
CA HIS M 556 -53.53 99.01 -9.02
C HIS M 556 -52.20 98.25 -9.13
N PHE M 557 -51.13 98.84 -8.63
CA PHE M 557 -49.84 98.20 -8.72
C PHE M 557 -48.94 98.60 -7.56
N THR M 558 -48.09 97.65 -7.19
CA THR M 558 -47.14 97.81 -6.11
C THR M 558 -45.95 98.67 -6.54
N LEU M 559 -45.47 99.43 -5.57
CA LEU M 559 -44.32 100.30 -5.69
C LEU M 559 -43.17 99.76 -4.86
N PRO M 560 -41.96 100.26 -5.12
CA PRO M 560 -40.84 99.73 -4.32
C PRO M 560 -41.06 99.81 -2.83
N ALA M 561 -40.47 98.87 -2.10
CA ALA M 561 -40.61 98.80 -0.66
C ALA M 561 -40.00 99.99 0.04
N VAL M 562 -40.60 100.35 1.16
CA VAL M 562 -40.12 101.44 2.00
C VAL M 562 -39.99 101.01 3.46
N ASN M 563 -39.12 101.67 4.20
CA ASN M 563 -38.88 101.45 5.63
C ASN M 563 -38.39 102.83 6.06
N HIS M 564 -39.35 103.74 6.24
CA HIS M 564 -39.03 105.12 6.47
C HIS M 564 -39.85 105.77 7.58
N VAL M 565 -39.49 107.00 7.91
CA VAL M 565 -40.28 107.79 8.85
C VAL M 565 -40.33 109.20 8.28
N PHE M 566 -41.53 109.72 8.05
CA PHE M 566 -41.72 111.08 7.58
C PHE M 566 -41.80 111.82 8.91
N ALA M 567 -40.71 112.44 9.31
CA ALA M 567 -40.62 113.12 10.59
C ALA M 567 -41.36 114.44 10.69
N LYS M 568 -41.34 115.03 11.88
CA LYS M 568 -41.96 116.33 12.06
C LYS M 568 -41.29 117.35 11.14
N GLY M 569 -42.08 118.27 10.58
CA GLY M 569 -41.49 119.28 9.74
C GLY M 569 -41.41 118.87 8.29
N HIS M 570 -41.55 117.57 8.02
CA HIS M 570 -41.53 117.09 6.65
C HIS M 570 -42.95 117.10 6.09
N ARG M 571 -43.08 116.76 4.81
CA ARG M 571 -44.37 116.59 4.19
C ARG M 571 -44.31 115.29 3.42
N ILE M 572 -45.46 114.68 3.18
CA ILE M 572 -45.51 113.50 2.32
C ILE M 572 -46.02 114.13 1.03
N MET M 573 -45.46 113.65 -0.08
CA MET M 573 -45.79 114.16 -1.40
C MET M 573 -45.97 113.05 -2.41
N VAL M 574 -46.91 113.31 -3.32
CA VAL M 574 -47.14 112.37 -4.42
C VAL M 574 -47.04 113.19 -5.71
N GLN M 575 -46.33 112.65 -6.70
CA GLN M 575 -46.24 113.26 -8.01
C GLN M 575 -46.67 112.21 -9.02
N ILE M 576 -47.48 112.63 -9.98
CA ILE M 576 -47.92 111.75 -11.07
C ILE M 576 -47.64 112.39 -12.43
N GLN M 577 -47.10 111.56 -13.33
CA GLN M 577 -46.80 112.00 -14.71
C GLN M 577 -46.94 110.81 -15.65
N SER M 578 -46.73 111.06 -16.94
CA SER M 578 -46.91 110.03 -17.95
C SER M 578 -45.73 109.80 -18.90
N SER M 579 -44.57 110.34 -18.54
CA SER M 579 -43.35 110.12 -19.30
C SER M 579 -42.16 110.17 -18.34
N TRP M 580 -41.06 109.51 -18.69
CA TRP M 580 -39.89 109.41 -17.79
C TRP M 580 -38.73 109.00 -18.69
N PHE M 581 -38.31 110.01 -19.44
CA PHE M 581 -37.38 109.88 -20.53
C PHE M 581 -35.97 110.36 -20.25
N PRO M 582 -34.98 109.76 -20.93
CA PRO M 582 -35.09 108.66 -21.87
C PRO M 582 -35.01 107.26 -21.26
N LEU M 583 -35.01 107.15 -19.94
CA LEU M 583 -34.90 105.82 -19.34
C LEU M 583 -36.00 104.89 -19.88
N TYR M 584 -37.22 105.41 -20.00
CA TYR M 584 -38.32 104.62 -20.52
C TYR M 584 -38.76 105.12 -21.87
N ASP M 585 -39.00 104.23 -22.82
CA ASP M 585 -39.46 104.71 -24.11
C ASP M 585 -40.82 105.39 -23.97
N ARG M 586 -41.08 106.34 -24.87
CA ARG M 586 -42.32 107.07 -24.77
C ARG M 586 -43.46 106.20 -25.22
N ASN M 587 -44.59 106.37 -24.55
CA ASN M 587 -45.83 105.72 -24.89
C ASN M 587 -46.39 106.68 -25.92
N PRO M 588 -46.73 106.17 -27.09
CA PRO M 588 -47.30 107.04 -28.11
C PRO M 588 -48.62 107.67 -27.68
N GLN M 589 -49.35 107.00 -26.78
CA GLN M 589 -50.65 107.49 -26.29
C GLN M 589 -51.78 107.21 -27.27
N LYS M 590 -51.45 106.35 -28.21
CA LYS M 590 -52.35 105.84 -29.24
C LYS M 590 -52.04 104.34 -29.21
N PHE M 591 -53.06 103.49 -29.10
CA PHE M 591 -52.78 102.06 -29.02
C PHE M 591 -52.26 101.55 -30.34
N VAL M 592 -51.05 101.01 -30.32
CA VAL M 592 -50.42 100.45 -31.52
C VAL M 592 -50.06 99.02 -31.13
N PRO M 593 -50.03 98.12 -32.13
CA PRO M 593 -49.72 96.73 -31.80
C PRO M 593 -48.47 96.53 -30.98
N ASN M 594 -47.37 97.16 -31.38
CA ASN M 594 -46.08 97.02 -30.74
C ASN M 594 -45.41 98.39 -30.63
N ILE M 595 -45.25 98.88 -29.41
CA ILE M 595 -44.68 100.18 -29.19
C ILE M 595 -43.27 100.33 -29.75
N PHE M 596 -42.48 99.26 -29.75
CA PHE M 596 -41.13 99.34 -30.28
C PHE M 596 -41.14 99.88 -31.70
N ASP M 597 -42.20 99.54 -32.42
CA ASP M 597 -42.33 99.91 -33.82
C ASP M 597 -43.23 101.13 -34.03
N ALA M 598 -43.41 101.96 -33.02
CA ALA M 598 -44.27 103.12 -33.24
C ALA M 598 -43.70 104.05 -34.30
N LYS M 599 -44.58 104.63 -35.11
CA LYS M 599 -44.16 105.55 -36.15
C LYS M 599 -44.37 106.98 -35.70
N PRO M 600 -43.65 107.94 -36.29
CA PRO M 600 -43.78 109.35 -35.90
C PRO M 600 -45.23 109.83 -35.79
N ALA M 601 -46.06 109.50 -36.77
CA ALA M 601 -47.45 109.95 -36.78
C ALA M 601 -48.29 109.36 -35.66
N ASP M 602 -47.81 108.30 -35.03
CA ASP M 602 -48.56 107.69 -33.93
C ASP M 602 -48.52 108.45 -32.63
N TYR M 603 -47.45 109.22 -32.44
CA TYR M 603 -47.28 109.96 -31.19
C TYR M 603 -48.28 111.10 -31.10
N THR M 604 -49.15 111.01 -30.08
CA THR M 604 -50.25 111.94 -29.89
C THR M 604 -50.27 112.64 -28.54
N VAL M 605 -50.62 113.91 -28.56
CA VAL M 605 -50.75 114.68 -27.34
C VAL M 605 -52.06 114.26 -26.68
N ALA M 606 -52.07 114.11 -25.36
CA ALA M 606 -53.27 113.71 -24.65
C ALA M 606 -53.44 114.46 -23.35
N THR M 607 -54.69 114.67 -22.96
CA THR M 607 -55.03 115.31 -21.70
C THR M 607 -55.29 114.16 -20.73
N GLN M 608 -54.58 114.16 -19.61
CA GLN M 608 -54.73 113.14 -18.58
C GLN M 608 -55.48 113.75 -17.41
N SER M 609 -56.28 112.94 -16.72
CA SER M 609 -57.05 113.43 -15.60
C SER M 609 -57.01 112.42 -14.47
N ILE M 610 -56.55 112.86 -13.29
CA ILE M 610 -56.46 112.03 -12.11
C ILE M 610 -57.65 112.36 -11.23
N HIS M 611 -58.52 111.39 -10.98
CA HIS M 611 -59.70 111.61 -10.15
C HIS M 611 -59.37 111.46 -8.67
N HIS M 612 -60.04 112.24 -7.85
CA HIS M 612 -59.85 112.14 -6.41
C HIS M 612 -61.20 112.20 -5.73
N GLY M 613 -61.32 111.54 -4.58
CA GLY M 613 -62.55 111.52 -3.81
C GLY M 613 -63.62 110.60 -4.34
N GLY M 614 -64.70 110.44 -3.57
CA GLY M 614 -65.82 109.60 -3.98
C GLY M 614 -65.51 108.12 -4.14
N LYS M 615 -66.11 107.50 -5.15
CA LYS M 615 -65.90 106.08 -5.41
C LYS M 615 -64.65 105.84 -6.25
N GLU M 616 -64.06 106.89 -6.82
CA GLU M 616 -62.84 106.80 -7.61
C GLU M 616 -61.70 107.62 -7.02
N ALA M 617 -61.56 107.49 -5.69
CA ALA M 617 -60.59 108.20 -4.90
C ALA M 617 -59.20 107.60 -5.00
N THR M 618 -58.39 108.24 -5.85
CA THR M 618 -57.00 107.90 -6.03
C THR M 618 -56.25 108.10 -4.71
N SER M 619 -55.40 107.13 -4.41
CA SER M 619 -54.58 107.20 -3.22
C SER M 619 -53.41 106.26 -3.35
N ILE M 620 -52.46 106.44 -2.45
CA ILE M 620 -51.33 105.51 -2.32
C ILE M 620 -51.66 104.73 -1.06
N LEU M 621 -51.78 103.42 -1.15
CA LEU M 621 -52.02 102.61 0.03
C LEU M 621 -50.68 102.47 0.72
N LEU M 622 -50.53 103.17 1.84
CA LEU M 622 -49.26 103.18 2.57
C LEU M 622 -49.22 102.17 3.68
N PRO M 623 -48.06 101.50 3.85
CA PRO M 623 -47.90 100.52 4.91
C PRO M 623 -47.57 101.23 6.20
N VAL M 624 -48.51 101.98 6.74
CA VAL M 624 -48.27 102.68 8.00
C VAL M 624 -48.15 101.72 9.19
N VAL M 625 -47.16 101.94 10.04
CA VAL M 625 -46.96 101.12 11.23
C VAL M 625 -46.86 102.01 12.45
N LYS M 626 -47.13 101.43 13.62
CA LYS M 626 -47.07 102.16 14.88
C LYS M 626 -45.69 102.05 15.52
N HIS N 10 -46.68 168.84 -3.39
CA HIS N 10 -45.91 167.76 -4.08
C HIS N 10 -46.52 166.39 -3.80
N ASP N 11 -46.62 165.59 -4.86
CA ASP N 11 -47.15 164.23 -4.76
C ASP N 11 -46.06 163.38 -4.12
N PRO N 12 -46.36 162.74 -2.98
CA PRO N 12 -45.37 161.90 -2.32
C PRO N 12 -45.05 160.61 -3.08
N LEU N 13 -45.96 160.15 -3.94
CA LEU N 13 -45.74 158.91 -4.71
C LEU N 13 -44.88 159.15 -5.96
N SER N 14 -44.40 160.38 -6.11
CA SER N 14 -43.53 160.72 -7.23
C SER N 14 -42.30 161.55 -6.87
N VAL N 15 -42.46 162.51 -5.96
CA VAL N 15 -41.36 163.36 -5.55
C VAL N 15 -40.97 163.15 -4.09
N GLN N 16 -39.76 162.67 -3.84
CA GLN N 16 -39.25 162.44 -2.50
C GLN N 16 -38.27 163.56 -2.14
N THR N 17 -38.64 164.37 -1.15
CA THR N 17 -37.76 165.42 -0.63
C THR N 17 -37.19 165.04 0.74
N GLY N 18 -37.61 163.88 1.25
CA GLY N 18 -37.17 163.36 2.55
C GLY N 18 -36.21 162.20 2.37
N SER N 19 -36.35 161.21 3.24
CA SER N 19 -35.49 160.03 3.17
C SER N 19 -36.30 158.78 2.80
N ASP N 20 -35.63 157.84 2.15
CA ASP N 20 -36.26 156.57 1.79
C ASP N 20 -36.00 155.52 2.86
N ILE N 21 -35.27 155.92 3.91
CA ILE N 21 -34.99 155.03 5.03
C ILE N 21 -36.05 155.29 6.10
N PRO N 22 -36.92 154.32 6.38
CA PRO N 22 -37.93 154.58 7.43
C PRO N 22 -37.28 154.91 8.75
N GLN N 32 -45.09 135.10 12.15
CA GLN N 32 -44.79 133.85 11.46
C GLN N 32 -43.77 132.95 12.16
N ARG N 33 -42.97 133.53 13.06
CA ARG N 33 -41.95 132.77 13.79
C ARG N 33 -42.49 131.81 14.83
N ASP N 34 -41.77 130.71 15.05
CA ASP N 34 -42.20 129.74 16.05
C ASP N 34 -41.48 129.97 17.36
N TYR N 35 -40.97 131.17 17.55
CA TYR N 35 -40.23 131.48 18.78
C TYR N 35 -40.27 132.99 19.01
N ILE N 36 -39.97 133.38 20.24
CA ILE N 36 -39.91 134.79 20.58
C ILE N 36 -38.54 134.99 21.18
N LYS N 37 -37.96 136.15 20.90
CA LYS N 37 -36.63 136.49 21.38
C LYS N 37 -36.72 137.71 22.28
N ARG N 38 -36.16 137.59 23.49
CA ARG N 38 -36.13 138.70 24.45
C ARG N 38 -34.73 139.17 24.77
N GLU N 39 -34.53 140.46 24.74
CA GLU N 39 -33.21 141.01 25.01
C GLU N 39 -33.35 141.75 26.33
N VAL N 40 -32.53 141.36 27.30
CA VAL N 40 -32.59 142.01 28.59
C VAL N 40 -31.19 142.30 29.12
N MET N 41 -31.12 143.34 29.93
CA MET N 41 -29.90 143.76 30.61
C MET N 41 -30.03 143.28 32.06
N VAL N 42 -29.40 142.15 32.38
CA VAL N 42 -29.50 141.58 33.71
C VAL N 42 -28.52 142.20 34.71
N PRO N 43 -29.05 142.82 35.76
CA PRO N 43 -28.09 143.42 36.67
C PRO N 43 -27.32 142.42 37.53
N MET N 44 -26.06 142.69 37.78
CA MET N 44 -25.24 141.87 38.64
C MET N 44 -25.25 142.50 40.04
N ARG N 45 -24.67 141.81 41.02
CA ARG N 45 -24.68 142.33 42.39
C ARG N 45 -24.02 143.70 42.54
N ASP N 46 -23.06 144.02 41.66
CA ASP N 46 -22.34 145.28 41.73
C ASP N 46 -22.91 146.40 40.84
N GLY N 47 -24.04 146.12 40.19
CA GLY N 47 -24.68 147.11 39.34
C GLY N 47 -24.40 147.01 37.86
N VAL N 48 -23.40 146.22 37.49
CA VAL N 48 -23.09 146.04 36.08
C VAL N 48 -24.15 145.13 35.45
N LYS N 49 -24.63 145.56 34.28
CA LYS N 49 -25.68 144.87 33.56
C LYS N 49 -25.08 144.11 32.38
N LEU N 50 -25.46 142.85 32.25
CA LEU N 50 -24.97 142.01 31.18
C LEU N 50 -26.09 141.85 30.14
N TYR N 51 -25.72 141.88 28.86
CA TYR N 51 -26.70 141.71 27.79
C TYR N 51 -26.99 140.22 27.70
N THR N 52 -28.28 139.91 27.75
CA THR N 52 -28.76 138.54 27.77
C THR N 52 -29.88 138.36 26.74
N VAL N 53 -29.81 137.29 25.97
CA VAL N 53 -30.77 137.00 24.92
C VAL N 53 -31.46 135.70 25.30
N ILE N 54 -32.78 135.73 25.37
CA ILE N 54 -33.57 134.56 25.73
C ILE N 54 -34.49 134.18 24.58
N VAL N 55 -34.32 132.97 24.06
CA VAL N 55 -35.08 132.45 22.93
C VAL N 55 -36.06 131.39 23.40
N ILE N 56 -37.35 131.72 23.28
CA ILE N 56 -38.40 130.88 23.82
C ILE N 56 -39.35 130.29 22.78
N PRO N 57 -39.52 128.96 22.80
CA PRO N 57 -40.42 128.40 21.83
C PRO N 57 -41.83 128.96 22.05
N LYS N 58 -42.57 129.21 20.97
CA LYS N 58 -43.95 129.68 21.15
C LYS N 58 -44.78 128.67 21.93
N ASN N 59 -45.69 129.16 22.74
CA ASN N 59 -46.45 128.22 23.56
C ASN N 59 -45.57 127.29 24.39
N ALA N 60 -44.43 127.78 24.86
CA ALA N 60 -43.61 126.98 25.78
C ALA N 60 -44.21 127.25 27.13
N ARG N 61 -44.28 126.22 27.96
CA ARG N 61 -44.79 126.39 29.31
C ARG N 61 -44.06 125.36 30.16
N ASN N 62 -43.43 125.82 31.24
CA ASN N 62 -42.69 124.95 32.15
C ASN N 62 -41.54 124.28 31.46
N ALA N 63 -40.81 125.07 30.66
CA ALA N 63 -39.68 124.57 29.89
C ALA N 63 -38.37 124.84 30.58
N PRO N 64 -37.46 123.86 30.55
CA PRO N 64 -36.18 124.11 31.19
C PRO N 64 -35.37 125.11 30.37
N ILE N 65 -34.37 125.73 30.98
CA ILE N 65 -33.46 126.67 30.34
C ILE N 65 -32.07 126.09 30.11
N LEU N 66 -31.48 126.40 28.96
CA LEU N 66 -30.14 125.96 28.64
C LEU N 66 -29.36 127.26 28.49
N LEU N 67 -28.40 127.50 29.39
CA LEU N 67 -27.61 128.72 29.42
C LEU N 67 -26.14 128.60 29.03
N THR N 68 -25.71 129.63 28.31
CA THR N 68 -24.32 129.77 27.91
C THR N 68 -23.88 131.21 28.12
N ARG N 69 -22.66 131.41 28.63
CA ARG N 69 -22.12 132.75 28.91
C ARG N 69 -20.90 132.85 28.00
N THR N 70 -20.87 133.88 27.17
CA THR N 70 -19.86 133.93 26.13
C THR N 70 -19.21 135.28 25.88
N PRO N 71 -17.94 135.27 25.43
CA PRO N 71 -17.22 136.44 25.03
C PRO N 71 -17.25 136.61 23.51
N TYR N 72 -18.03 135.78 22.81
CA TYR N 72 -18.12 135.80 21.37
C TYR N 72 -19.42 136.37 20.77
N ASN N 73 -20.02 137.37 21.40
CA ASN N 73 -21.22 138.03 20.88
C ASN N 73 -22.48 137.18 20.96
N ALA N 74 -23.22 137.41 22.05
CA ALA N 74 -24.43 136.67 22.33
C ALA N 74 -25.50 136.88 21.27
N LYS N 75 -25.65 138.11 20.79
CA LYS N 75 -26.67 138.43 19.78
C LYS N 75 -26.43 137.56 18.54
N GLY N 76 -25.16 137.42 18.16
CA GLY N 76 -24.80 136.64 16.99
C GLY N 76 -24.92 135.14 17.20
N ARG N 77 -24.58 134.68 18.39
CA ARG N 77 -24.65 133.26 18.71
C ARG N 77 -26.07 132.72 18.60
N ALA N 78 -27.03 133.58 18.93
CA ALA N 78 -28.45 133.26 18.85
C ALA N 78 -29.09 133.75 17.56
N ASN N 79 -28.27 133.94 16.54
CA ASN N 79 -28.66 134.35 15.19
C ASN N 79 -27.89 133.62 14.09
N ARG N 80 -27.70 132.33 14.22
CA ARG N 80 -26.97 131.53 13.24
C ARG N 80 -27.46 131.93 11.85
N VAL N 81 -28.78 131.96 11.69
CA VAL N 81 -29.45 132.46 10.50
C VAL N 81 -30.14 133.69 11.04
N PRO N 82 -29.65 134.88 10.67
CA PRO N 82 -30.22 136.10 11.22
C PRO N 82 -31.73 136.28 11.10
N ASN N 83 -32.39 136.43 12.24
CA ASN N 83 -33.84 136.66 12.29
C ASN N 83 -34.67 135.62 11.57
N ALA N 84 -34.21 134.38 11.62
CA ALA N 84 -34.87 133.27 10.97
C ALA N 84 -36.31 133.10 11.42
N LEU N 85 -37.07 132.36 10.62
CA LEU N 85 -38.46 132.11 10.93
C LEU N 85 -38.60 130.95 11.89
N THR N 86 -37.61 130.06 11.96
CA THR N 86 -37.69 128.94 12.88
C THR N 86 -36.58 128.96 13.94
N MET N 87 -36.91 128.43 15.11
CA MET N 87 -35.97 128.42 16.22
C MET N 87 -34.79 127.53 15.86
N ARG N 88 -35.05 126.47 15.13
CA ARG N 88 -34.01 125.55 14.69
C ARG N 88 -32.93 126.24 13.86
N GLU N 89 -33.34 127.21 13.05
CA GLU N 89 -32.43 127.96 12.20
C GLU N 89 -31.67 129.06 12.92
N VAL N 90 -32.34 129.65 13.90
CA VAL N 90 -31.76 130.78 14.62
C VAL N 90 -30.66 130.33 15.60
N LEU N 91 -30.82 129.13 16.16
CA LEU N 91 -29.83 128.60 17.08
C LEU N 91 -28.77 127.73 16.40
N PRO N 92 -27.61 127.57 17.03
CA PRO N 92 -26.53 126.73 16.52
C PRO N 92 -26.83 125.25 16.24
N GLN N 93 -26.03 124.66 15.38
CA GLN N 93 -26.21 123.26 15.05
C GLN N 93 -26.18 122.41 16.31
N GLY N 94 -25.36 122.81 17.28
CA GLY N 94 -25.22 122.03 18.53
C GLY N 94 -26.38 122.05 19.50
N ASP N 95 -27.31 122.98 19.30
CA ASP N 95 -28.49 123.09 20.13
C ASP N 95 -29.65 122.35 19.48
N ASP N 96 -29.36 121.57 18.45
CA ASP N 96 -30.42 120.88 17.71
C ASP N 96 -31.31 120.01 18.57
N VAL N 97 -30.71 119.17 19.38
CA VAL N 97 -31.50 118.26 20.20
C VAL N 97 -32.33 118.98 21.27
N PHE N 98 -31.94 120.19 21.63
CA PHE N 98 -32.64 120.94 22.66
C PHE N 98 -33.81 121.72 22.12
N VAL N 99 -33.70 122.08 20.85
CA VAL N 99 -34.77 122.74 20.13
C VAL N 99 -35.87 121.70 19.97
N GLU N 100 -35.49 120.49 19.57
CA GLU N 100 -36.46 119.42 19.44
C GLU N 100 -37.11 119.06 20.76
N GLY N 101 -36.42 119.30 21.87
CA GLY N 101 -36.98 119.02 23.19
C GLY N 101 -37.76 120.15 23.82
N GLY N 102 -37.82 121.29 23.16
CA GLY N 102 -38.61 122.39 23.69
C GLY N 102 -37.96 123.25 24.76
N TYR N 103 -36.63 123.26 24.81
CA TYR N 103 -35.92 124.05 25.80
C TYR N 103 -35.89 125.52 25.42
N ILE N 104 -35.76 126.38 26.44
CA ILE N 104 -35.58 127.80 26.26
C ILE N 104 -34.07 127.92 26.20
N ARG N 105 -33.55 128.72 25.27
CA ARG N 105 -32.12 128.90 25.13
C ARG N 105 -31.74 130.32 25.57
N VAL N 106 -30.66 130.45 26.32
CA VAL N 106 -30.17 131.74 26.77
C VAL N 106 -28.70 131.90 26.49
N PHE N 107 -28.34 133.02 25.86
CA PHE N 107 -26.96 133.35 25.59
C PHE N 107 -26.70 134.68 26.23
N GLN N 108 -25.61 134.79 26.98
CA GLN N 108 -25.28 136.01 27.68
C GLN N 108 -23.85 136.48 27.42
N ASP N 109 -23.70 137.76 27.13
CA ASP N 109 -22.42 138.40 26.95
C ASP N 109 -21.78 138.52 28.35
N ILE N 110 -20.59 137.97 28.49
CA ILE N 110 -19.88 138.08 29.76
C ILE N 110 -19.45 139.51 30.00
N ARG N 111 -19.13 139.78 31.26
CA ARG N 111 -18.71 141.11 31.69
C ARG N 111 -17.64 141.72 30.79
N GLY N 112 -17.91 142.93 30.31
CA GLY N 112 -16.98 143.69 29.48
C GLY N 112 -16.96 143.41 27.98
N LYS N 113 -17.81 142.49 27.51
CA LYS N 113 -17.82 142.19 26.09
C LYS N 113 -19.15 142.53 25.44
N TYR N 114 -19.06 142.92 24.17
CA TYR N 114 -20.18 143.29 23.30
C TYR N 114 -21.24 144.15 23.95
N GLY N 115 -22.42 143.59 24.22
CA GLY N 115 -23.50 144.38 24.82
C GLY N 115 -23.48 144.58 26.32
N SER N 116 -22.59 143.87 27.00
CA SER N 116 -22.49 143.97 28.45
C SER N 116 -21.61 145.13 28.89
N GLN N 117 -21.91 145.63 30.08
CA GLN N 117 -21.13 146.70 30.69
C GLN N 117 -19.99 146.05 31.45
N GLY N 118 -19.18 146.88 32.10
CA GLY N 118 -18.10 146.40 32.94
C GLY N 118 -16.75 146.29 32.29
N ASP N 119 -15.76 145.85 33.07
CA ASP N 119 -14.39 145.70 32.63
C ASP N 119 -14.08 144.26 32.22
N TYR N 120 -13.46 144.12 31.06
CA TYR N 120 -13.15 142.78 30.57
C TYR N 120 -11.78 142.31 31.03
N VAL N 121 -11.75 141.14 31.66
CA VAL N 121 -10.49 140.55 32.08
C VAL N 121 -10.38 139.16 31.44
N MET N 122 -9.36 138.93 30.62
CA MET N 122 -9.15 137.64 29.95
C MET N 122 -9.10 136.48 30.95
N THR N 123 -9.99 135.52 30.75
CA THR N 123 -10.13 134.35 31.61
C THR N 123 -9.99 134.82 33.04
N ARG N 124 -10.91 135.72 33.40
CA ARG N 124 -10.95 136.35 34.71
C ARG N 124 -10.76 135.34 35.83
N PRO N 125 -9.70 135.54 36.62
CA PRO N 125 -9.45 134.61 37.72
C PRO N 125 -10.53 134.67 38.79
N PRO N 126 -10.73 133.55 39.50
CA PRO N 126 -11.74 133.51 40.55
C PRO N 126 -11.31 134.37 41.72
N HIS N 127 -12.23 134.68 42.62
CA HIS N 127 -11.90 135.46 43.81
C HIS N 127 -10.73 134.80 44.50
N GLY N 128 -9.76 135.63 44.88
CA GLY N 128 -8.54 135.17 45.53
C GLY N 128 -7.44 136.19 45.30
N PRO N 129 -6.18 135.73 45.39
CA PRO N 129 -5.04 136.62 45.23
C PRO N 129 -5.06 137.34 43.89
N LEU N 130 -5.52 136.67 42.84
CA LEU N 130 -5.52 137.29 41.50
C LEU N 130 -6.75 138.12 41.15
N ASN N 131 -7.68 138.21 42.09
CA ASN N 131 -8.93 138.93 41.89
C ASN N 131 -9.50 139.23 43.25
N PRO N 132 -9.11 140.36 43.83
CA PRO N 132 -9.61 140.76 45.13
C PRO N 132 -10.96 141.45 45.11
N THR N 133 -11.59 141.58 43.95
CA THR N 133 -12.87 142.28 43.90
C THR N 133 -14.01 141.41 44.44
N LYS N 134 -15.21 141.98 44.50
CA LYS N 134 -16.38 141.28 45.00
C LYS N 134 -17.07 140.42 43.93
N THR N 135 -16.60 140.49 42.68
CA THR N 135 -17.22 139.69 41.64
C THR N 135 -16.22 138.89 40.80
N ASP N 136 -16.77 137.87 40.15
CA ASP N 136 -16.02 137.03 39.23
C ASP N 136 -17.00 136.33 38.27
N GLU N 137 -16.49 135.42 37.45
CA GLU N 137 -17.36 134.69 36.53
C GLU N 137 -18.30 133.75 37.27
N THR N 138 -17.91 133.38 38.49
CA THR N 138 -18.74 132.51 39.30
C THR N 138 -19.93 133.23 39.88
N THR N 139 -19.73 134.48 40.31
CA THR N 139 -20.81 135.26 40.88
C THR N 139 -21.74 135.76 39.77
N ASP N 140 -21.16 136.14 38.63
CA ASP N 140 -21.97 136.62 37.52
C ASP N 140 -22.96 135.55 37.10
N ALA N 141 -22.50 134.32 37.08
CA ALA N 141 -23.32 133.18 36.70
C ALA N 141 -24.37 132.88 37.75
N TRP N 142 -24.03 133.17 39.00
CA TRP N 142 -24.93 132.97 40.11
C TRP N 142 -26.10 133.93 39.97
N ASP N 143 -25.78 135.22 39.82
CA ASP N 143 -26.73 136.31 39.67
C ASP N 143 -27.59 136.12 38.42
N THR N 144 -26.98 135.64 37.33
CA THR N 144 -27.74 135.39 36.11
C THR N 144 -28.78 134.29 36.35
N VAL N 145 -28.37 133.17 36.91
CA VAL N 145 -29.31 132.09 37.16
C VAL N 145 -30.44 132.53 38.12
N ASP N 146 -30.12 133.40 39.07
CA ASP N 146 -31.13 133.85 40.04
C ASP N 146 -32.18 134.66 39.30
N TRP N 147 -31.72 135.58 38.45
CA TRP N 147 -32.62 136.41 37.69
C TRP N 147 -33.51 135.53 36.79
N LEU N 148 -32.91 134.56 36.11
CA LEU N 148 -33.69 133.72 35.20
C LEU N 148 -34.86 133.03 35.87
N VAL N 149 -34.60 132.35 36.98
CA VAL N 149 -35.68 131.64 37.65
C VAL N 149 -36.77 132.55 38.23
N HIS N 150 -36.50 133.83 38.40
CA HIS N 150 -37.50 134.75 38.91
C HIS N 150 -38.14 135.66 37.86
N ASN N 151 -37.63 135.64 36.63
CA ASN N 151 -38.14 136.51 35.58
C ASN N 151 -38.47 135.88 34.20
N VAL N 152 -38.61 134.56 34.11
CA VAL N 152 -38.97 133.91 32.84
C VAL N 152 -40.12 132.96 33.14
N PRO N 153 -41.36 133.47 33.11
CA PRO N 153 -42.55 132.69 33.45
C PRO N 153 -42.79 131.43 32.60
N GLU N 154 -42.23 131.39 31.40
CA GLU N 154 -42.41 130.22 30.57
C GLU N 154 -41.53 129.06 30.99
N SER N 155 -40.52 129.30 31.81
CA SER N 155 -39.61 128.23 32.23
C SER N 155 -40.12 127.57 33.50
N ASN N 156 -39.53 126.42 33.83
CA ASN N 156 -39.84 125.65 35.04
C ASN N 156 -38.86 125.94 36.18
N GLY N 157 -37.99 126.92 35.96
CA GLY N 157 -37.04 127.35 36.95
C GLY N 157 -35.81 126.50 37.11
N ARG N 158 -35.61 125.53 36.21
CA ARG N 158 -34.46 124.64 36.29
C ARG N 158 -33.50 125.04 35.17
N VAL N 159 -32.22 125.16 35.48
CA VAL N 159 -31.24 125.58 34.49
C VAL N 159 -30.12 124.58 34.27
N GLY N 160 -29.70 124.45 33.02
CA GLY N 160 -28.58 123.59 32.68
C GLY N 160 -27.61 124.49 31.95
N MET N 161 -26.32 124.33 32.21
CA MET N 161 -25.30 125.14 31.57
C MET N 161 -24.39 124.30 30.69
N THR N 162 -24.08 124.84 29.53
CA THR N 162 -23.19 124.18 28.60
C THR N 162 -22.39 125.24 27.85
N GLY N 163 -21.46 124.76 27.03
CA GLY N 163 -20.61 125.66 26.28
C GLY N 163 -19.25 125.05 26.04
N SER N 164 -18.64 125.43 24.93
CA SER N 164 -17.35 124.91 24.54
C SER N 164 -16.29 126.00 24.54
N SER N 165 -15.05 125.58 24.78
CA SER N 165 -13.90 126.48 24.77
C SER N 165 -14.08 127.53 25.86
N TYR N 166 -14.15 128.81 25.53
CA TYR N 166 -14.30 129.84 26.56
C TYR N 166 -15.66 129.74 27.23
N GLU N 167 -16.65 129.35 26.43
CA GLU N 167 -18.04 129.17 26.87
C GLU N 167 -18.05 128.03 27.89
N GLY N 168 -17.06 127.15 27.81
CA GLY N 168 -16.90 126.01 28.73
C GLY N 168 -16.22 126.46 30.00
N PHE N 169 -15.33 127.43 29.89
CA PHE N 169 -14.64 128.00 31.03
C PHE N 169 -15.65 128.64 31.95
N THR N 170 -16.66 129.29 31.36
CA THR N 170 -17.70 129.94 32.11
C THR N 170 -18.54 128.91 32.86
N VAL N 171 -18.66 127.70 32.32
CA VAL N 171 -19.41 126.63 32.98
C VAL N 171 -18.61 126.22 34.22
N VAL N 172 -17.34 125.90 34.02
CA VAL N 172 -16.48 125.52 35.13
C VAL N 172 -16.46 126.54 36.25
N MET N 173 -16.38 127.82 35.88
CA MET N 173 -16.40 128.88 36.87
C MET N 173 -17.68 128.81 37.67
N ALA N 174 -18.82 128.63 37.01
CA ALA N 174 -20.09 128.53 37.70
C ALA N 174 -20.14 127.35 38.69
N LEU N 175 -19.44 126.26 38.37
CA LEU N 175 -19.40 125.09 39.23
C LEU N 175 -18.61 125.30 40.52
N LEU N 176 -17.90 126.43 40.64
CA LEU N 176 -17.12 126.75 41.83
C LEU N 176 -18.09 127.10 42.95
N ASP N 177 -19.23 127.69 42.60
CA ASP N 177 -20.23 128.05 43.61
C ASP N 177 -21.57 128.24 42.92
N PRO N 178 -22.20 127.11 42.53
CA PRO N 178 -23.40 127.12 41.73
C PRO N 178 -24.69 127.54 42.41
N HIS N 179 -25.56 128.16 41.61
CA HIS N 179 -26.85 128.57 42.10
C HIS N 179 -27.68 127.31 42.30
N PRO N 180 -28.52 127.25 43.34
CA PRO N 180 -29.30 126.03 43.57
C PRO N 180 -30.20 125.62 42.42
N ALA N 181 -30.47 126.54 41.52
CA ALA N 181 -31.30 126.27 40.36
C ALA N 181 -30.53 125.66 39.20
N LEU N 182 -29.21 125.58 39.31
CA LEU N 182 -28.34 124.97 38.30
C LEU N 182 -28.30 123.47 38.55
N LYS N 183 -29.10 122.72 37.81
CA LYS N 183 -29.27 121.30 38.06
C LYS N 183 -28.35 120.37 37.28
N VAL N 184 -27.63 120.91 36.30
CA VAL N 184 -26.78 120.06 35.53
C VAL N 184 -25.85 120.93 34.67
N ALA N 185 -24.68 120.38 34.36
CA ALA N 185 -23.64 121.07 33.63
C ALA N 185 -22.86 120.19 32.66
N ALA N 186 -22.43 120.79 31.55
CA ALA N 186 -21.70 120.08 30.52
C ALA N 186 -20.63 120.96 29.91
N PRO N 187 -19.50 121.09 30.59
CA PRO N 187 -18.39 121.84 30.05
C PRO N 187 -17.80 121.06 28.89
N GLU N 188 -17.69 121.73 27.74
CA GLU N 188 -17.14 121.14 26.53
C GLU N 188 -15.77 121.75 26.22
N SER N 189 -14.76 120.91 26.03
CA SER N 189 -13.42 121.36 25.71
C SER N 189 -13.13 122.66 26.45
N PRO N 190 -13.26 122.68 27.78
CA PRO N 190 -13.06 123.96 28.47
C PRO N 190 -11.61 124.40 28.68
N MET N 191 -11.42 125.70 28.87
CA MET N 191 -10.12 126.31 29.13
C MET N 191 -9.93 126.17 30.63
N VAL N 192 -9.05 125.24 31.04
CA VAL N 192 -8.86 124.89 32.46
C VAL N 192 -7.52 125.29 33.06
N ASP N 193 -6.44 124.96 32.34
CA ASP N 193 -5.08 125.31 32.73
C ASP N 193 -4.32 125.70 31.48
N GLY N 194 -4.31 126.99 31.19
CA GLY N 194 -3.71 127.52 29.98
C GLY N 194 -2.22 127.42 29.84
N TRP N 195 -1.56 127.04 30.93
CA TRP N 195 -0.11 126.86 30.91
C TRP N 195 0.29 125.40 30.72
N MET N 196 -0.40 124.48 31.39
CA MET N 196 -0.03 123.07 31.30
C MET N 196 -0.34 122.44 29.95
N GLY N 197 -1.52 122.70 29.40
CA GLY N 197 -1.81 122.09 28.13
C GLY N 197 -3.04 122.57 27.41
N ASP N 198 -3.47 123.81 27.66
CA ASP N 198 -4.64 124.32 26.94
C ASP N 198 -4.23 125.31 25.85
N ASP N 199 -4.65 126.56 25.95
CA ASP N 199 -4.43 127.52 24.87
C ASP N 199 -3.11 128.27 24.76
N TRP N 200 -2.56 128.71 25.88
CA TRP N 200 -1.36 129.54 25.84
C TRP N 200 -0.03 128.79 25.73
N PHE N 201 0.13 127.76 26.55
CA PHE N 201 1.34 126.95 26.55
C PHE N 201 1.02 125.46 26.61
N HIS N 202 1.99 124.63 26.24
CA HIS N 202 1.90 123.19 26.41
C HIS N 202 3.22 122.85 27.06
N TYR N 203 3.17 122.51 28.35
CA TYR N 203 4.36 122.25 29.14
C TYR N 203 5.39 123.37 28.98
N GLY N 204 4.91 124.60 29.00
CA GLY N 204 5.78 125.77 28.90
C GLY N 204 6.19 126.25 27.53
N ALA N 205 5.80 125.51 26.49
CA ALA N 205 6.11 125.89 25.13
C ALA N 205 4.93 126.74 24.68
N PHE N 206 5.20 127.99 24.31
CA PHE N 206 4.22 128.97 23.91
C PHE N 206 3.61 128.75 22.52
N ARG N 207 2.30 128.92 22.45
CA ARG N 207 1.53 128.78 21.22
C ARG N 207 1.31 130.16 20.59
N GLN N 208 1.91 130.36 19.43
CA GLN N 208 1.92 131.65 18.75
C GLN N 208 0.59 132.11 18.11
N GLY N 209 -0.41 131.24 18.08
CA GLY N 209 -1.71 131.66 17.53
C GLY N 209 -2.44 132.54 18.53
N ALA N 210 -1.90 132.63 19.74
CA ALA N 210 -2.52 133.46 20.78
C ALA N 210 -2.52 134.95 20.47
N PHE N 211 -1.56 135.39 19.67
CA PHE N 211 -1.46 136.81 19.39
C PHE N 211 -2.67 137.31 18.62
N ASP N 212 -3.08 136.58 17.59
CA ASP N 212 -4.29 136.94 16.86
C ASP N 212 -5.51 136.95 17.75
N TYR N 213 -5.59 135.99 18.67
CA TYR N 213 -6.74 135.88 19.54
C TYR N 213 -6.82 137.10 20.47
N PHE N 214 -5.67 137.58 20.92
CA PHE N 214 -5.61 138.73 21.83
C PHE N 214 -6.13 139.99 21.16
N VAL N 215 -5.61 140.30 19.98
CA VAL N 215 -6.03 141.50 19.26
C VAL N 215 -7.49 141.39 18.85
N SER N 216 -7.94 140.17 18.54
CA SER N 216 -9.31 139.97 18.13
C SER N 216 -10.31 140.14 19.26
N GLN N 217 -9.95 139.70 20.47
CA GLN N 217 -10.86 139.74 21.60
C GLN N 217 -10.68 140.89 22.59
N MET N 218 -9.50 141.50 22.61
CA MET N 218 -9.22 142.60 23.52
C MET N 218 -8.88 143.94 22.91
N THR N 219 -9.21 144.16 21.65
CA THR N 219 -8.98 145.48 21.07
C THR N 219 -10.12 146.42 21.42
N ALA N 220 -11.32 145.86 21.48
CA ALA N 220 -12.51 146.64 21.80
C ALA N 220 -13.52 145.80 22.55
N ARG N 221 -14.50 146.51 23.11
CA ARG N 221 -15.57 145.86 23.84
C ARG N 221 -16.20 144.85 22.89
N GLY N 222 -16.56 145.33 21.71
CA GLY N 222 -17.15 144.51 20.68
C GLY N 222 -16.07 143.88 19.84
N GLY N 223 -16.32 143.74 18.55
CA GLY N 223 -15.38 143.09 17.65
C GLY N 223 -14.06 143.80 17.44
N GLY N 224 -13.04 143.02 17.12
CA GLY N 224 -11.72 143.56 16.84
C GLY N 224 -11.25 142.99 15.53
N ASN N 225 -9.98 143.18 15.20
CA ASN N 225 -9.43 142.65 13.95
C ASN N 225 -8.23 141.75 14.16
N ASP N 226 -7.78 141.11 13.11
CA ASP N 226 -6.59 140.27 13.21
C ASP N 226 -5.42 141.21 13.00
N ILE N 227 -4.22 140.64 13.09
CA ILE N 227 -2.98 141.38 12.92
C ILE N 227 -2.54 141.32 11.47
N PRO N 228 -2.35 142.50 10.85
CA PRO N 228 -1.89 142.59 9.47
C PRO N 228 -0.58 141.84 9.23
N ARG N 229 -0.56 141.03 8.19
CA ARG N 229 0.60 140.23 7.86
C ARG N 229 1.33 140.67 6.60
N ARG N 230 2.64 140.47 6.62
CA ARG N 230 3.53 140.77 5.51
C ARG N 230 3.47 139.65 4.47
N ASP N 231 3.59 138.42 4.96
CA ASP N 231 3.59 137.28 4.08
C ASP N 231 2.37 136.41 4.29
N ALA N 232 2.00 135.66 3.26
CA ALA N 232 0.85 134.76 3.28
C ALA N 232 1.11 133.56 4.17
N ASP N 233 2.38 133.22 4.37
CA ASP N 233 2.82 132.09 5.19
C ASP N 233 3.33 132.57 6.55
N ASP N 234 2.72 132.06 7.61
CA ASP N 234 3.13 132.37 8.98
C ASP N 234 4.48 131.78 9.38
N TYR N 235 4.89 130.70 8.75
CA TYR N 235 6.19 130.13 9.03
C TYR N 235 7.17 131.23 8.71
N THR N 236 7.00 131.88 7.56
CA THR N 236 7.85 132.99 7.15
C THR N 236 7.72 134.22 8.05
N ASN N 237 6.51 134.67 8.30
CA ASN N 237 6.29 135.83 9.17
C ASN N 237 6.92 135.72 10.54
N PHE N 238 6.76 134.57 11.21
CA PHE N 238 7.30 134.42 12.56
C PHE N 238 8.80 134.18 12.58
N LEU N 239 9.31 133.51 11.55
CA LEU N 239 10.74 133.24 11.49
C LEU N 239 11.50 134.54 11.20
N LYS N 240 10.92 135.44 10.41
CA LYS N 240 11.59 136.73 10.11
C LYS N 240 11.55 137.68 11.30
N ALA N 241 10.51 137.58 12.11
CA ALA N 241 10.33 138.43 13.26
C ALA N 241 11.29 138.04 14.38
N GLY N 242 11.65 136.76 14.41
CA GLY N 242 12.57 136.21 15.40
C GLY N 242 11.90 135.47 16.54
N SER N 243 11.88 136.14 17.70
CA SER N 243 11.27 135.59 18.88
C SER N 243 9.78 135.89 18.88
N ALA N 244 9.06 135.31 19.83
CA ALA N 244 7.63 135.57 19.96
C ALA N 244 7.39 136.99 20.47
N GLY N 245 8.24 137.47 21.37
CA GLY N 245 8.07 138.83 21.87
C GLY N 245 8.35 139.82 20.76
N SER N 246 9.25 139.48 19.86
CA SER N 246 9.62 140.39 18.79
C SER N 246 8.44 140.59 17.84
N PHE N 247 7.70 139.51 17.60
CA PHE N 247 6.52 139.58 16.76
C PHE N 247 5.42 140.37 17.47
N ALA N 248 5.34 140.19 18.79
CA ALA N 248 4.35 140.88 19.62
C ALA N 248 4.58 142.38 19.59
N THR N 249 5.82 142.80 19.77
CA THR N 249 6.14 144.23 19.75
C THR N 249 5.81 144.87 18.41
N GLN N 250 6.20 144.21 17.33
CA GLN N 250 5.95 144.64 15.97
C GLN N 250 4.47 144.73 15.67
N ALA N 251 3.68 143.92 16.34
CA ALA N 251 2.22 143.93 16.16
C ALA N 251 1.50 144.87 17.11
N GLY N 252 2.21 145.57 17.98
CA GLY N 252 1.61 146.52 18.92
C GLY N 252 1.02 145.95 20.20
N LEU N 253 1.32 144.68 20.47
CA LEU N 253 0.79 144.01 21.64
C LEU N 253 1.34 144.45 22.98
N ASP N 254 2.45 145.19 22.98
CA ASP N 254 3.01 145.66 24.23
C ASP N 254 2.05 146.59 25.00
N GLN N 255 1.06 147.15 24.33
CA GLN N 255 0.08 148.04 24.97
C GLN N 255 -1.14 147.29 25.47
N TYR N 256 -1.14 145.98 25.35
CA TYR N 256 -2.22 145.13 25.87
C TYR N 256 -1.86 144.55 27.24
N PRO N 257 -2.62 144.93 28.29
CA PRO N 257 -2.38 144.42 29.64
C PRO N 257 -2.24 142.90 29.82
N PHE N 258 -3.03 142.07 29.16
CA PHE N 258 -2.92 140.62 29.34
C PHE N 258 -1.60 140.09 28.78
N TRP N 259 -1.16 140.63 27.65
CA TRP N 259 0.11 140.19 27.10
C TRP N 259 1.24 140.62 28.01
N GLN N 260 1.10 141.78 28.65
CA GLN N 260 2.10 142.28 29.58
C GLN N 260 2.26 141.25 30.70
N ARG N 261 1.13 140.78 31.20
CA ARG N 261 1.16 139.81 32.26
C ARG N 261 1.75 138.49 31.80
N MET N 262 1.30 137.99 30.65
CA MET N 262 1.81 136.71 30.15
C MET N 262 3.31 136.77 29.97
N HIS N 263 3.78 137.86 29.39
CA HIS N 263 5.19 138.07 29.09
C HIS N 263 6.02 138.03 30.38
N ALA N 264 5.44 138.49 31.46
CA ALA N 264 6.14 138.52 32.75
C ALA N 264 6.14 137.18 33.49
N HIS N 265 5.31 136.25 33.07
CA HIS N 265 5.17 134.98 33.74
C HIS N 265 5.32 133.81 32.77
N PRO N 266 6.51 133.63 32.21
CA PRO N 266 6.68 132.50 31.29
C PRO N 266 6.62 131.09 31.90
N ALA N 267 6.94 131.03 33.19
CA ALA N 267 6.97 129.81 33.99
C ALA N 267 5.70 129.61 34.80
N TYR N 268 5.49 128.37 35.26
CA TYR N 268 4.31 128.01 36.02
C TYR N 268 4.39 128.55 37.45
N ASP N 269 4.38 129.87 37.59
CA ASP N 269 4.45 130.48 38.90
C ASP N 269 3.07 130.70 39.47
N ALA N 270 2.99 131.53 40.52
CA ALA N 270 1.75 131.77 41.23
C ALA N 270 0.65 132.27 40.33
N PHE N 271 1.01 133.02 39.31
CA PHE N 271 0.05 133.57 38.37
C PHE N 271 -0.74 132.48 37.66
N TRP N 272 -0.04 131.48 37.15
CA TRP N 272 -0.73 130.40 36.46
C TRP N 272 -1.31 129.34 37.39
N GLN N 273 -0.65 129.09 38.52
CA GLN N 273 -1.14 128.11 39.46
C GLN N 273 -2.48 128.55 40.05
N GLY N 274 -2.65 129.85 40.21
CA GLY N 274 -3.90 130.38 40.75
C GLY N 274 -5.05 130.34 39.75
N GLN N 275 -4.76 129.87 38.55
CA GLN N 275 -5.77 129.77 37.51
C GLN N 275 -5.92 128.32 37.01
N ALA N 276 -5.30 127.35 37.70
CA ALA N 276 -5.46 125.94 37.35
C ALA N 276 -6.81 125.52 37.90
N LEU N 277 -7.87 125.60 37.10
CA LEU N 277 -9.22 125.32 37.61
C LEU N 277 -9.48 123.87 37.97
N ASP N 278 -8.69 122.95 37.45
CA ASP N 278 -8.90 121.54 37.77
C ASP N 278 -8.63 121.31 39.24
N LYS N 279 -7.57 121.94 39.73
CA LYS N 279 -7.18 121.85 41.13
C LYS N 279 -8.25 122.53 41.99
N ILE N 280 -8.57 123.77 41.65
CA ILE N 280 -9.51 124.59 42.41
C ILE N 280 -10.91 124.00 42.46
N LEU N 281 -11.38 123.45 41.35
CA LEU N 281 -12.71 122.84 41.33
C LEU N 281 -12.74 121.58 42.20
N ALA N 282 -11.63 120.85 42.22
CA ALA N 282 -11.55 119.64 43.05
C ALA N 282 -11.67 119.97 44.53
N GLN N 283 -11.10 121.10 44.93
CA GLN N 283 -11.14 121.56 46.33
C GLN N 283 -12.52 122.04 46.71
N ARG N 284 -13.31 122.43 45.72
CA ARG N 284 -14.67 122.90 45.98
C ARG N 284 -15.71 121.79 45.96
N LYS N 285 -15.38 120.67 45.34
CA LYS N 285 -16.25 119.50 45.29
C LYS N 285 -17.72 119.83 45.02
N PRO N 286 -18.04 120.16 43.76
CA PRO N 286 -19.43 120.44 43.46
C PRO N 286 -20.29 119.17 43.53
N THR N 287 -21.59 119.36 43.75
CA THR N 287 -22.54 118.25 43.78
C THR N 287 -23.53 118.32 42.61
N VAL N 288 -23.19 119.10 41.59
CA VAL N 288 -24.01 119.22 40.39
C VAL N 288 -23.57 118.14 39.41
N PRO N 289 -24.53 117.38 38.86
CA PRO N 289 -24.19 116.37 37.85
C PRO N 289 -23.40 116.98 36.69
N MET N 290 -22.29 116.34 36.32
CA MET N 290 -21.41 116.85 35.28
C MET N 290 -21.10 115.87 34.17
N LEU N 291 -21.06 116.43 32.97
CA LEU N 291 -20.76 115.71 31.75
C LEU N 291 -19.61 116.49 31.13
N TRP N 292 -18.41 115.91 31.19
CA TRP N 292 -17.21 116.54 30.70
C TRP N 292 -16.90 116.03 29.30
N GLU N 293 -16.69 116.94 28.36
CA GLU N 293 -16.41 116.51 27.01
C GLU N 293 -15.20 117.14 26.35
N GLN N 294 -14.55 116.36 25.48
CA GLN N 294 -13.45 116.92 24.70
C GLN N 294 -13.18 116.00 23.55
N GLY N 295 -12.56 116.56 22.51
CA GLY N 295 -12.19 115.74 21.37
C GLY N 295 -10.92 114.94 21.61
N LEU N 296 -10.83 113.79 20.97
CA LEU N 296 -9.62 112.99 21.06
C LEU N 296 -8.53 113.75 20.32
N TRP N 297 -8.93 114.56 19.33
CA TRP N 297 -7.99 115.35 18.57
C TRP N 297 -8.25 116.84 18.75
N ASP N 298 -8.52 117.22 19.99
CA ASP N 298 -8.80 118.60 20.31
C ASP N 298 -7.51 119.41 20.15
N GLN N 299 -7.46 120.25 19.12
CA GLN N 299 -6.24 121.02 18.85
C GLN N 299 -6.07 122.31 19.65
N GLU N 300 -6.97 122.61 20.58
CA GLU N 300 -6.88 123.84 21.38
C GLU N 300 -6.96 123.66 22.91
N ASP N 301 -7.75 122.71 23.38
CA ASP N 301 -7.89 122.52 24.82
C ASP N 301 -7.89 121.02 25.17
N MET N 302 -6.73 120.40 24.98
CA MET N 302 -6.57 118.97 25.18
C MET N 302 -6.46 118.56 26.64
N TRP N 303 -6.05 119.51 27.48
CA TRP N 303 -5.83 119.27 28.89
C TRP N 303 -7.09 119.36 29.74
N GLY N 304 -7.85 120.44 29.54
CA GLY N 304 -9.04 120.74 30.32
C GLY N 304 -9.97 119.69 30.88
N ALA N 305 -10.83 119.15 30.02
CA ALA N 305 -11.86 118.19 30.41
C ALA N 305 -11.35 116.92 31.07
N ILE N 306 -10.34 116.28 30.52
CA ILE N 306 -9.88 115.04 31.13
C ILE N 306 -9.23 115.23 32.48
N HIS N 307 -8.49 116.31 32.67
CA HIS N 307 -7.87 116.63 33.96
C HIS N 307 -8.87 117.09 35.01
N ALA N 308 -9.87 117.86 34.62
CA ALA N 308 -10.87 118.35 35.56
C ALA N 308 -11.67 117.17 36.05
N TRP N 309 -12.07 116.33 35.10
CA TRP N 309 -12.84 115.14 35.45
C TRP N 309 -12.05 114.21 36.36
N GLN N 310 -10.78 113.98 36.04
CA GLN N 310 -9.96 113.07 36.82
C GLN N 310 -9.79 113.60 38.23
N ALA N 311 -9.60 114.91 38.37
CA ALA N 311 -9.38 115.54 39.66
C ALA N 311 -10.59 115.35 40.57
N LEU N 312 -11.77 115.51 39.97
CA LEU N 312 -13.04 115.33 40.67
C LEU N 312 -13.28 113.86 41.02
N LYS N 313 -12.81 112.97 40.17
CA LYS N 313 -12.99 111.55 40.43
C LYS N 313 -12.07 111.21 41.60
N ASP N 314 -10.84 111.72 41.57
CA ASP N 314 -9.87 111.46 42.63
C ASP N 314 -10.31 112.05 43.96
N ALA N 315 -10.98 113.20 43.95
CA ALA N 315 -11.43 113.85 45.18
C ALA N 315 -12.77 113.28 45.63
N ASP N 316 -13.17 112.20 44.97
CA ASP N 316 -14.39 111.44 45.24
C ASP N 316 -15.62 112.35 45.25
N VAL N 317 -15.89 112.99 44.13
CA VAL N 317 -17.03 113.92 44.02
C VAL N 317 -18.35 113.18 44.27
N LYS N 318 -19.29 113.83 44.94
CA LYS N 318 -20.56 113.20 45.24
C LYS N 318 -21.62 113.64 44.24
N ALA N 319 -21.46 113.19 43.01
CA ALA N 319 -22.39 113.53 41.94
C ALA N 319 -21.95 112.81 40.68
N PRO N 320 -22.87 112.59 39.74
CA PRO N 320 -22.49 112.01 38.46
C PRO N 320 -21.36 112.81 37.82
N ASN N 321 -20.38 112.12 37.28
CA ASN N 321 -19.19 112.76 36.73
C ASN N 321 -18.67 111.85 35.64
N THR N 322 -19.17 112.08 34.43
CA THR N 322 -18.81 111.30 33.27
C THR N 322 -18.02 112.07 32.22
N LEU N 323 -17.01 111.39 31.69
CA LEU N 323 -16.16 111.96 30.66
C LEU N 323 -16.57 111.42 29.32
N VAL N 324 -16.66 112.31 28.33
CA VAL N 324 -17.00 111.85 27.00
C VAL N 324 -15.98 112.37 26.00
N MET N 325 -15.40 111.44 25.23
CA MET N 325 -14.41 111.79 24.24
C MET N 325 -14.75 111.17 22.91
N GLY N 326 -14.93 112.02 21.91
CA GLY N 326 -15.26 111.56 20.59
C GLY N 326 -14.15 111.84 19.59
N PRO N 327 -14.33 111.36 18.35
CA PRO N 327 -13.31 111.53 17.33
C PRO N 327 -13.55 112.90 16.68
N TRP N 328 -13.32 113.94 17.47
CA TRP N 328 -13.55 115.33 17.09
C TRP N 328 -12.33 116.22 17.31
N ARG N 329 -12.32 117.33 16.59
CA ARG N 329 -11.36 118.40 16.74
C ARG N 329 -12.01 119.27 17.82
N HIS N 330 -11.38 120.38 18.18
CA HIS N 330 -11.90 121.29 19.20
C HIS N 330 -13.30 121.77 18.88
N SER N 331 -14.23 121.56 19.82
CA SER N 331 -15.62 121.99 19.68
C SER N 331 -16.38 121.21 18.63
N GLY N 332 -15.75 120.17 18.09
CA GLY N 332 -16.37 119.37 17.05
C GLY N 332 -17.69 118.73 17.43
N VAL N 333 -17.90 118.60 18.73
CA VAL N 333 -19.11 117.99 19.27
C VAL N 333 -20.38 118.78 18.93
N ASN N 334 -20.23 120.05 18.57
CA ASN N 334 -21.38 120.90 18.24
C ASN N 334 -21.69 120.97 16.74
N TYR N 335 -21.03 120.12 15.95
CA TYR N 335 -21.20 120.11 14.51
C TYR N 335 -21.33 118.69 13.97
N ASN N 336 -20.78 118.40 12.81
CA ASN N 336 -20.90 117.05 12.25
C ASN N 336 -19.61 116.29 12.50
N GLY N 337 -19.74 115.11 13.11
CA GLY N 337 -18.60 114.28 13.49
C GLY N 337 -18.41 113.05 12.66
N SER N 338 -18.80 113.12 11.40
CA SER N 338 -18.70 112.02 10.48
C SER N 338 -17.29 111.84 9.94
N THR N 339 -16.56 112.94 9.93
CA THR N 339 -15.22 112.99 9.41
C THR N 339 -14.34 113.97 10.15
N LEU N 340 -13.04 113.78 9.98
CA LEU N 340 -12.06 114.73 10.50
C LEU N 340 -10.87 114.63 9.57
N GLY N 341 -10.63 115.69 8.81
CA GLY N 341 -9.59 115.63 7.80
C GLY N 341 -9.97 114.50 6.86
N PRO N 342 -9.01 113.63 6.52
CA PRO N 342 -9.32 112.56 5.58
C PRO N 342 -9.94 111.33 6.21
N LEU N 343 -10.01 111.32 7.54
CA LEU N 343 -10.59 110.20 8.27
C LEU N 343 -12.10 110.22 8.16
N GLU N 344 -12.70 109.03 8.25
CA GLU N 344 -14.13 108.82 8.20
C GLU N 344 -14.52 107.90 9.34
N PHE N 345 -15.52 108.32 10.09
CA PHE N 345 -16.05 107.62 11.26
C PHE N 345 -17.44 107.04 11.01
N GLU N 346 -17.97 106.28 11.97
CA GLU N 346 -19.26 105.59 11.79
C GLU N 346 -20.47 106.46 12.15
N GLY N 347 -20.84 107.27 11.15
CA GLY N 347 -21.96 108.17 11.25
C GLY N 347 -21.50 109.41 11.97
N ASP N 348 -22.42 110.37 12.05
CA ASP N 348 -22.24 111.64 12.69
C ASP N 348 -22.17 111.37 14.17
N THR N 349 -20.97 111.07 14.62
CA THR N 349 -20.70 110.76 16.01
C THR N 349 -21.06 111.86 17.00
N ALA N 350 -21.05 113.11 16.54
CA ALA N 350 -21.38 114.24 17.40
C ALA N 350 -22.86 114.29 17.71
N HIS N 351 -23.67 114.11 16.66
CA HIS N 351 -25.10 114.08 16.81
C HIS N 351 -25.48 112.87 17.66
N GLN N 352 -24.81 111.74 17.43
CA GLN N 352 -25.08 110.51 18.19
C GLN N 352 -24.94 110.87 19.64
N TYR N 353 -23.84 111.51 20.01
CA TYR N 353 -23.64 111.91 21.40
C TYR N 353 -24.73 112.85 21.89
N ARG N 354 -24.99 113.91 21.14
CA ARG N 354 -25.98 114.90 21.55
C ARG N 354 -27.38 114.33 21.82
N ARG N 355 -27.79 113.43 20.93
CA ARG N 355 -29.08 112.76 21.03
C ARG N 355 -29.17 111.62 22.04
N ASP N 356 -28.13 110.80 22.11
CA ASP N 356 -28.14 109.62 22.98
C ASP N 356 -27.56 109.78 24.38
N VAL N 357 -26.72 110.78 24.59
CA VAL N 357 -26.15 110.94 25.90
C VAL N 357 -26.48 112.31 26.50
N PHE N 358 -26.06 113.37 25.81
CA PHE N 358 -26.22 114.74 26.29
C PHE N 358 -27.66 115.05 26.70
N ARG N 359 -28.58 114.96 25.73
CA ARG N 359 -30.01 115.29 25.91
C ARG N 359 -30.75 114.50 26.99
N PRO N 360 -30.67 113.17 26.96
CA PRO N 360 -31.30 112.42 28.03
C PRO N 360 -30.73 112.76 29.41
N PHE N 361 -29.42 112.97 29.50
CA PHE N 361 -28.76 113.30 30.76
C PHE N 361 -29.28 114.63 31.29
N PHE N 362 -29.37 115.61 30.40
CA PHE N 362 -29.93 116.90 30.76
C PHE N 362 -31.43 116.85 31.11
N ASP N 363 -32.20 116.03 30.40
CA ASP N 363 -33.63 115.89 30.67
C ASP N 363 -33.90 115.27 32.05
N GLU N 364 -33.03 114.37 32.51
CA GLU N 364 -33.21 113.73 33.82
C GLU N 364 -33.29 114.75 34.96
N TYR N 365 -32.45 115.78 34.90
CA TYR N 365 -32.38 116.80 35.93
C TYR N 365 -33.13 118.09 35.63
N LEU N 366 -33.55 118.26 34.38
CA LEU N 366 -34.23 119.48 33.98
C LEU N 366 -35.71 119.28 33.69
N LYS N 367 -36.08 118.06 33.32
CA LYS N 367 -37.47 117.75 33.02
C LYS N 367 -38.06 116.73 34.00
N PRO N 368 -38.57 117.20 35.15
CA PRO N 368 -39.10 116.29 36.16
C PRO N 368 -40.02 115.22 35.59
N GLY N 369 -39.75 113.98 35.95
CA GLY N 369 -40.54 112.86 35.47
C GLY N 369 -39.85 112.13 34.34
N SER N 370 -38.74 112.67 33.84
CA SER N 370 -37.99 112.05 32.75
C SER N 370 -37.30 110.77 33.20
N ALA N 371 -37.03 109.88 32.27
CA ALA N 371 -36.36 108.64 32.60
C ALA N 371 -34.98 108.96 33.15
N SER N 372 -34.49 108.17 34.10
CA SER N 372 -33.17 108.36 34.66
C SER N 372 -32.16 107.68 33.76
N VAL N 373 -30.93 108.16 33.75
CA VAL N 373 -29.87 107.55 32.97
C VAL N 373 -28.75 107.20 33.93
N HIS N 374 -28.07 106.09 33.66
CA HIS N 374 -26.97 105.63 34.50
C HIS N 374 -25.71 105.55 33.66
N LEU N 375 -25.00 106.67 33.57
CA LEU N 375 -23.80 106.76 32.78
C LEU N 375 -22.57 106.19 33.49
N PRO N 376 -21.66 105.59 32.72
CA PRO N 376 -20.44 105.02 33.27
C PRO N 376 -19.40 106.11 33.54
N ASP N 377 -18.19 105.71 33.93
CA ASP N 377 -17.13 106.66 34.20
C ASP N 377 -16.82 107.42 32.92
N ALA N 378 -16.81 106.69 31.81
CA ALA N 378 -16.45 107.33 30.56
C ALA N 378 -17.08 106.69 29.35
N ILE N 379 -17.38 107.54 28.38
CA ILE N 379 -17.90 107.10 27.09
C ILE N 379 -16.87 107.63 26.08
N ILE N 380 -16.16 106.71 25.45
CA ILE N 380 -15.08 107.10 24.56
C ILE N 380 -15.11 106.37 23.22
N TYR N 381 -15.05 107.12 22.13
CA TYR N 381 -15.07 106.54 20.80
C TYR N 381 -13.77 105.78 20.56
N ASN N 382 -13.88 104.64 19.91
CA ASN N 382 -12.71 103.83 19.61
C ASN N 382 -12.25 104.08 18.20
N THR N 383 -11.13 104.77 18.09
CA THR N 383 -10.60 105.13 16.80
C THR N 383 -10.02 103.95 16.02
N GLY N 384 -10.13 102.75 16.59
CA GLY N 384 -9.66 101.55 15.90
C GLY N 384 -10.82 100.66 15.47
N ASP N 385 -11.67 100.33 16.43
CA ASP N 385 -12.88 99.51 16.23
C ASP N 385 -13.98 100.34 15.60
N GLN N 386 -13.86 101.66 15.63
CA GLN N 386 -14.88 102.52 15.04
C GLN N 386 -16.22 102.24 15.68
N LYS N 387 -16.31 102.47 16.99
CA LYS N 387 -17.53 102.28 17.77
C LYS N 387 -17.34 102.92 19.14
N TRP N 388 -18.46 103.27 19.79
CA TRP N 388 -18.44 103.86 21.14
C TRP N 388 -18.25 102.80 22.21
N ASP N 389 -17.33 103.06 23.13
CA ASP N 389 -17.02 102.20 24.24
C ASP N 389 -17.53 102.86 25.53
N TYR N 390 -18.32 102.10 26.28
CA TYR N 390 -18.85 102.53 27.56
C TYR N 390 -17.98 101.88 28.64
N TYR N 391 -17.25 102.69 29.38
CA TYR N 391 -16.36 102.16 30.43
C TYR N 391 -16.84 102.47 31.83
N ARG N 392 -17.33 101.43 32.49
CA ARG N 392 -17.81 101.52 33.85
C ARG N 392 -16.77 102.13 34.78
N SER N 393 -15.53 101.66 34.65
CA SER N 393 -14.36 102.21 35.34
C SER N 393 -13.33 102.56 34.27
N TRP N 394 -12.78 103.77 34.36
CA TRP N 394 -11.78 104.21 33.41
C TRP N 394 -10.86 105.23 34.09
N PRO N 395 -9.56 105.14 33.78
CA PRO N 395 -8.97 104.11 32.93
C PRO N 395 -8.77 102.82 33.71
N SER N 396 -8.44 101.72 33.02
CA SER N 396 -8.20 100.47 33.73
C SER N 396 -6.69 100.26 33.94
N VAL N 397 -5.88 101.07 33.28
CA VAL N 397 -4.43 100.97 33.42
C VAL N 397 -3.83 102.36 33.48
N CYS N 398 -2.81 102.52 34.31
CA CYS N 398 -2.12 103.80 34.47
C CYS N 398 -0.85 103.62 35.31
N GLU N 399 -0.17 104.72 35.64
CA GLU N 399 1.05 104.62 36.43
C GLU N 399 0.87 104.18 37.87
N SER N 400 -0.21 104.63 38.52
CA SER N 400 -0.43 104.22 39.90
C SER N 400 -1.90 104.21 40.30
N ASN N 401 -2.26 103.35 41.25
CA ASN N 401 -3.63 103.24 41.74
C ASN N 401 -4.68 102.82 40.72
N CYS N 402 -4.28 101.92 39.82
CA CYS N 402 -5.18 101.35 38.83
C CYS N 402 -5.16 99.84 38.95
N THR N 403 -6.10 99.20 38.28
CA THR N 403 -6.20 97.75 38.28
C THR N 403 -4.91 97.18 37.71
N GLY N 404 -4.36 97.88 36.71
CA GLY N 404 -3.17 97.45 36.01
C GLY N 404 -2.19 98.55 35.71
N GLY N 405 -1.05 98.20 35.12
CA GLY N 405 -0.03 99.18 34.80
C GLY N 405 0.19 99.37 33.32
N LEU N 406 1.03 100.33 32.99
CA LEU N 406 1.36 100.68 31.62
C LEU N 406 2.39 99.69 31.12
N THR N 407 2.38 99.50 29.81
CA THR N 407 3.28 98.59 29.13
C THR N 407 4.25 99.38 28.26
N PRO N 408 5.54 99.34 28.62
CA PRO N 408 6.52 100.06 27.81
C PRO N 408 6.82 99.48 26.43
N LEU N 409 6.77 100.39 25.46
CA LEU N 409 7.09 100.10 24.07
C LEU N 409 8.43 100.82 23.89
N TYR N 410 9.50 100.04 23.91
CA TYR N 410 10.85 100.58 23.86
C TYR N 410 11.46 100.90 22.50
N LEU N 411 12.25 101.97 22.45
CA LEU N 411 12.99 102.30 21.23
C LEU N 411 14.12 101.27 21.14
N ALA N 412 14.52 100.90 19.93
CA ALA N 412 15.57 99.92 19.79
C ALA N 412 16.42 100.14 18.55
N ASP N 413 17.50 99.37 18.46
CA ASP N 413 18.35 99.49 17.29
C ASP N 413 17.61 99.32 15.99
N GLY N 414 18.20 99.86 14.92
CA GLY N 414 17.65 99.77 13.59
C GLY N 414 16.39 100.58 13.47
N HIS N 415 16.23 101.55 14.35
CA HIS N 415 15.02 102.37 14.33
C HIS N 415 13.77 101.52 14.40
N GLY N 416 13.78 100.62 15.38
CA GLY N 416 12.66 99.74 15.63
C GLY N 416 12.06 100.08 16.98
N LEU N 417 10.95 99.42 17.29
CA LEU N 417 10.23 99.58 18.56
C LEU N 417 9.93 98.16 19.00
N SER N 418 10.04 97.85 20.28
CA SER N 418 9.80 96.47 20.74
C SER N 418 9.34 96.48 22.16
N PHE N 419 8.42 95.58 22.50
CA PHE N 419 7.93 95.49 23.87
C PHE N 419 9.00 94.83 24.74
N THR N 420 10.09 94.38 24.12
CA THR N 420 11.19 93.75 24.87
C THR N 420 12.29 94.76 25.24
N HIS N 421 12.61 94.84 26.52
CA HIS N 421 13.60 95.80 27.00
C HIS N 421 14.96 95.46 26.43
N PRO N 422 15.49 96.34 25.57
CA PRO N 422 16.79 96.04 24.98
C PRO N 422 17.90 96.17 26.00
N ALA N 423 18.64 95.08 26.20
CA ALA N 423 19.69 95.06 27.22
C ALA N 423 20.85 96.04 26.94
N ALA N 424 21.31 96.09 25.69
CA ALA N 424 22.43 96.96 25.30
C ALA N 424 22.11 98.44 25.06
N ASP N 425 23.02 99.31 25.48
CA ASP N 425 22.84 100.75 25.34
C ASP N 425 23.10 101.22 23.92
N GLY N 426 22.45 102.31 23.55
CA GLY N 426 22.61 102.86 22.21
C GLY N 426 22.04 104.26 22.15
N ALA N 427 22.19 104.92 21.01
CA ALA N 427 21.67 106.27 20.83
C ALA N 427 21.62 106.70 19.38
N ASP N 428 20.57 107.43 19.03
CA ASP N 428 20.43 107.96 17.68
C ASP N 428 20.43 109.48 17.78
N SER N 429 21.18 110.12 16.90
CA SER N 429 21.32 111.56 16.92
C SER N 429 20.72 112.23 15.71
N TYR N 430 20.26 113.46 15.93
CA TYR N 430 19.73 114.29 14.87
C TYR N 430 20.09 115.75 15.15
N VAL N 431 20.30 116.55 14.12
CA VAL N 431 20.66 117.94 14.31
C VAL N 431 19.43 118.82 14.25
N SER N 432 19.28 119.66 15.26
CA SER N 432 18.19 120.60 15.39
C SER N 432 18.66 122.04 15.14
N ASP N 433 18.25 122.62 14.02
CA ASP N 433 18.62 123.98 13.63
C ASP N 433 17.41 124.92 13.64
N PRO N 434 17.42 125.86 14.59
CA PRO N 434 16.33 126.82 14.71
C PRO N 434 16.10 127.65 13.44
N ALA N 435 17.07 127.74 12.54
CA ALA N 435 16.91 128.50 11.31
C ALA N 435 16.09 127.73 10.28
N HIS N 436 15.83 126.46 10.58
CA HIS N 436 15.05 125.60 9.72
C HIS N 436 14.20 124.70 10.58
N PRO N 437 13.24 125.29 11.29
CA PRO N 437 12.40 124.51 12.16
C PRO N 437 11.48 123.61 11.35
N VAL N 438 11.03 122.54 12.00
CA VAL N 438 10.12 121.59 11.40
C VAL N 438 8.72 122.19 11.40
N PRO N 439 8.10 122.27 10.22
CA PRO N 439 6.73 122.77 10.14
C PRO N 439 5.77 121.78 10.79
N PHE N 440 4.85 122.29 11.62
CA PHE N 440 3.90 121.44 12.32
C PHE N 440 2.91 120.86 11.32
N ILE N 441 2.62 121.62 10.26
CA ILE N 441 1.83 121.13 9.13
C ILE N 441 2.47 121.77 7.91
N SER N 442 2.19 121.20 6.75
CA SER N 442 2.80 121.61 5.50
C SER N 442 2.74 123.08 5.16
N ARG N 443 3.83 123.66 4.66
CA ARG N 443 3.81 125.05 4.24
C ARG N 443 2.98 125.19 2.96
N PRO N 444 2.38 126.35 2.73
CA PRO N 444 2.37 127.50 3.62
C PRO N 444 1.16 127.38 4.54
N PHE N 445 1.25 127.99 5.72
CA PHE N 445 0.15 127.98 6.66
C PHE N 445 0.10 129.31 7.37
N ALA N 446 -1.11 129.85 7.51
CA ALA N 446 -1.38 131.07 8.27
C ALA N 446 -2.40 130.69 9.32
N PHE N 447 -2.29 131.28 10.52
CA PHE N 447 -3.22 130.97 11.59
C PHE N 447 -4.66 131.29 11.25
N ALA N 448 -4.84 132.14 10.24
CA ALA N 448 -6.17 132.54 9.79
C ALA N 448 -6.86 131.46 9.00
N GLN N 449 -6.09 130.49 8.53
CA GLN N 449 -6.63 129.41 7.71
C GLN N 449 -7.29 128.31 8.54
N SER N 450 -8.50 128.59 9.00
CA SER N 450 -9.26 127.70 9.87
C SER N 450 -9.40 126.27 9.30
N SER N 451 -9.62 126.19 8.00
CA SER N 451 -9.82 124.90 7.36
C SER N 451 -8.62 123.99 7.54
N ARG N 452 -7.43 124.55 7.69
CA ARG N 452 -6.23 123.75 7.86
C ARG N 452 -5.83 123.56 9.33
N TRP N 453 -6.22 124.49 10.18
CA TRP N 453 -5.93 124.43 11.59
C TRP N 453 -6.75 123.37 12.29
N LYS N 454 -8.06 123.37 12.04
CA LYS N 454 -8.99 122.46 12.70
C LYS N 454 -8.60 120.99 12.72
N PRO N 455 -8.30 120.42 11.56
CA PRO N 455 -7.89 119.04 11.57
C PRO N 455 -6.38 118.84 11.58
N TRP N 456 -5.59 119.71 12.20
CA TRP N 456 -4.16 119.52 12.07
C TRP N 456 -3.57 118.29 12.77
N LEU N 457 -4.23 117.86 13.85
CA LEU N 457 -3.73 116.71 14.61
C LEU N 457 -3.85 115.35 13.94
N VAL N 458 -4.58 115.24 12.83
CA VAL N 458 -4.74 113.97 12.15
C VAL N 458 -4.00 113.92 10.83
N GLN N 459 -3.17 114.93 10.55
CA GLN N 459 -2.45 114.98 9.27
C GLN N 459 -1.31 113.97 9.19
N ASP N 460 -1.05 113.43 7.99
CA ASP N 460 0.03 112.45 7.78
C ASP N 460 1.36 113.02 8.21
N GLN N 461 2.16 112.25 8.93
CA GLN N 461 3.46 112.68 9.43
C GLN N 461 4.60 112.23 8.54
N ARG N 462 4.31 111.88 7.29
CA ARG N 462 5.36 111.44 6.38
C ARG N 462 6.35 112.50 5.91
N GLU N 463 5.91 113.76 5.84
CA GLU N 463 6.79 114.88 5.54
C GLU N 463 7.88 114.97 6.62
N ALA N 464 7.47 114.85 7.89
CA ALA N 464 8.41 114.91 9.00
C ALA N 464 9.40 113.75 8.92
N GLU N 465 8.86 112.56 8.71
CA GLU N 465 9.71 111.38 8.66
C GLU N 465 10.86 111.57 7.69
N SER N 466 10.62 112.24 6.58
CA SER N 466 11.63 112.40 5.53
C SER N 466 12.76 113.36 5.84
N ARG N 467 12.69 114.03 6.98
CA ARG N 467 13.70 115.01 7.35
C ARG N 467 14.74 114.45 8.31
N PRO N 468 15.97 114.97 8.22
CA PRO N 468 17.04 114.56 9.11
C PRO N 468 17.01 115.21 10.49
N ASP N 469 16.07 116.12 10.75
CA ASP N 469 15.95 116.74 12.06
C ASP N 469 14.81 116.10 12.86
N VAL N 470 14.46 114.90 12.43
CA VAL N 470 13.39 114.10 12.99
C VAL N 470 13.88 112.66 13.00
N VAL N 471 13.73 111.97 14.15
CA VAL N 471 14.09 110.56 14.31
C VAL N 471 12.79 109.76 14.44
N THR N 472 12.67 108.73 13.61
CA THR N 472 11.48 107.89 13.54
C THR N 472 11.75 106.41 13.84
N TYR N 473 10.91 105.79 14.66
CA TYR N 473 11.03 104.39 15.06
C TYR N 473 9.73 103.64 14.80
N GLU N 474 9.80 102.40 14.34
CA GLU N 474 8.55 101.68 14.08
C GLU N 474 8.63 100.18 14.31
N THR N 475 7.52 99.60 14.75
CA THR N 475 7.48 98.17 14.98
C THR N 475 7.41 97.53 13.60
N GLU N 476 7.49 96.20 13.61
CA GLU N 476 7.33 95.43 12.40
C GLU N 476 5.85 95.47 12.15
N VAL N 477 5.42 95.08 10.95
CA VAL N 477 3.99 95.08 10.72
C VAL N 477 3.33 94.07 11.67
N LEU N 478 2.28 94.52 12.32
CA LEU N 478 1.60 93.73 13.35
C LEU N 478 0.87 92.49 12.84
N ASP N 479 1.09 91.39 13.55
CA ASP N 479 0.47 90.09 13.28
C ASP N 479 -0.74 89.89 14.18
N GLU N 480 -0.80 90.66 15.26
CA GLU N 480 -1.92 90.61 16.19
C GLU N 480 -2.12 92.06 16.63
N PRO N 481 -3.38 92.48 16.79
CA PRO N 481 -3.71 93.85 17.17
C PRO N 481 -3.36 94.24 18.61
N VAL N 482 -2.96 95.48 18.85
CA VAL N 482 -2.68 95.85 20.22
C VAL N 482 -3.63 96.98 20.56
N ARG N 483 -4.39 96.76 21.62
CA ARG N 483 -5.42 97.67 22.08
C ARG N 483 -4.81 98.52 23.16
N VAL N 484 -5.17 99.80 23.12
CA VAL N 484 -4.71 100.77 24.09
C VAL N 484 -5.89 101.63 24.50
N SER N 485 -5.96 101.94 25.79
CA SER N 485 -7.02 102.76 26.34
C SER N 485 -6.59 103.43 27.63
N GLY N 486 -6.25 104.71 27.56
CA GLY N 486 -5.81 105.45 28.76
C GLY N 486 -4.86 106.56 28.39
N VAL N 487 -4.00 107.01 29.30
CA VAL N 487 -3.09 108.09 28.89
C VAL N 487 -1.66 107.59 28.75
N PRO N 488 -1.08 107.70 27.54
CA PRO N 488 0.29 107.25 27.36
C PRO N 488 1.25 108.18 28.10
N VAL N 489 2.48 107.74 28.32
CA VAL N 489 3.46 108.55 29.02
C VAL N 489 4.82 108.44 28.33
N ALA N 490 5.37 109.59 27.94
CA ALA N 490 6.68 109.57 27.35
C ALA N 490 7.73 109.37 28.43
N ASP N 491 8.58 108.35 28.27
CA ASP N 491 9.66 108.12 29.21
C ASP N 491 10.92 108.29 28.36
N LEU N 492 11.34 109.55 28.24
CA LEU N 492 12.42 109.97 27.39
C LEU N 492 13.76 110.19 28.08
N PHE N 493 14.80 109.63 27.48
CA PHE N 493 16.18 109.78 27.96
C PHE N 493 16.89 110.43 26.77
N ALA N 494 17.07 111.75 26.88
CA ALA N 494 17.63 112.49 25.77
C ALA N 494 18.65 113.51 26.18
N ALA N 495 19.57 113.75 25.26
CA ALA N 495 20.61 114.72 25.50
C ALA N 495 20.65 115.74 24.38
N THR N 496 21.13 116.93 24.74
CA THR N 496 21.36 117.97 23.76
C THR N 496 22.74 118.58 23.92
N SER N 497 23.30 119.13 22.85
CA SER N 497 24.59 119.80 22.94
C SER N 497 24.41 121.24 23.38
N GLY N 498 23.15 121.65 23.55
CA GLY N 498 22.83 123.01 23.97
C GLY N 498 22.50 123.05 25.44
N THR N 499 21.98 124.18 25.92
CA THR N 499 21.62 124.33 27.32
C THR N 499 20.11 124.48 27.49
N ASP N 500 19.39 124.19 26.41
CA ASP N 500 17.94 124.19 26.48
C ASP N 500 17.44 123.43 25.26
N SER N 501 16.21 122.96 25.31
CA SER N 501 15.67 122.24 24.17
C SER N 501 14.22 121.87 24.39
N ASP N 502 13.51 121.75 23.27
CA ASP N 502 12.14 121.29 23.23
C ASP N 502 12.21 119.85 22.78
N TRP N 503 11.21 119.09 23.17
CA TRP N 503 11.12 117.69 22.81
C TRP N 503 9.70 117.36 22.40
N VAL N 504 9.59 117.01 21.12
CA VAL N 504 8.29 116.70 20.56
C VAL N 504 8.27 115.19 20.41
N VAL N 505 7.25 114.57 20.99
CA VAL N 505 7.09 113.12 20.91
C VAL N 505 5.74 112.80 20.30
N LYS N 506 5.73 111.93 19.28
CA LYS N 506 4.49 111.56 18.59
C LYS N 506 4.22 110.06 18.56
N LEU N 507 3.05 109.63 19.03
CA LEU N 507 2.64 108.24 18.95
C LEU N 507 1.79 108.09 17.69
N ILE N 508 2.19 107.23 16.76
CA ILE N 508 1.50 107.11 15.49
C ILE N 508 1.03 105.73 15.08
N ASP N 509 -0.12 105.69 14.39
CA ASP N 509 -0.64 104.45 13.82
C ASP N 509 -0.38 104.48 12.33
N VAL N 510 0.52 103.61 11.87
CA VAL N 510 0.82 103.58 10.45
C VAL N 510 -0.19 102.61 9.81
N GLN N 511 -0.96 103.11 8.86
CA GLN N 511 -1.96 102.32 8.18
C GLN N 511 -1.27 101.26 7.32
N PRO N 512 -1.97 100.17 6.97
CA PRO N 512 -1.39 99.13 6.14
C PRO N 512 -0.72 99.75 4.92
N ALA N 513 0.37 99.16 4.44
CA ALA N 513 1.12 99.65 3.30
C ALA N 513 0.25 99.99 2.09
N MET N 514 -0.80 99.21 1.87
CA MET N 514 -1.76 99.52 0.84
C MET N 514 -3.14 99.49 1.47
N THR N 515 -4.04 100.39 1.07
CA THR N 515 -5.43 100.41 1.54
C THR N 515 -6.26 100.59 0.27
N PRO N 516 -6.50 99.47 -0.41
CA PRO N 516 -7.11 99.46 -1.74
C PRO N 516 -8.52 100.01 -1.83
N ASP N 517 -9.23 99.99 -0.72
CA ASP N 517 -10.59 100.53 -0.68
C ASP N 517 -10.54 102.05 -0.62
N ASP N 518 -9.45 102.64 -0.10
CA ASP N 518 -9.20 104.09 -0.04
C ASP N 518 -7.69 104.27 -0.19
N PRO N 519 -7.19 104.21 -1.44
CA PRO N 519 -5.76 104.22 -1.77
C PRO N 519 -4.88 105.26 -1.10
N LYS N 520 -5.37 106.50 -1.00
CA LYS N 520 -4.56 107.57 -0.44
C LYS N 520 -4.13 107.35 1.01
N MET N 521 -4.73 106.39 1.69
CA MET N 521 -4.41 106.13 3.08
C MET N 521 -3.34 105.08 3.31
N GLY N 522 -2.80 104.56 2.22
CA GLY N 522 -1.75 103.56 2.27
C GLY N 522 -0.45 104.07 2.84
N GLY N 523 -0.09 103.51 3.99
CA GLY N 523 1.15 103.85 4.67
C GLY N 523 1.09 105.20 5.36
N TYR N 524 -0.14 105.71 5.51
CA TYR N 524 -0.44 106.99 6.13
C TYR N 524 -0.01 106.88 7.56
N GLU N 525 0.72 107.89 8.05
CA GLU N 525 1.20 107.95 9.44
C GLU N 525 0.28 108.88 10.21
N LEU N 526 -0.73 108.25 10.81
CA LEU N 526 -1.75 108.92 11.60
C LEU N 526 -1.43 109.09 13.07
N PRO N 527 -1.23 110.34 13.51
CA PRO N 527 -0.94 110.57 14.92
C PRO N 527 -2.12 110.36 15.85
N VAL N 528 -2.00 109.47 16.83
CA VAL N 528 -3.11 109.25 17.73
C VAL N 528 -2.90 110.07 19.00
N SER N 529 -1.64 110.43 19.26
CA SER N 529 -1.29 111.21 20.44
C SER N 529 0.10 111.83 20.29
N MET N 530 0.21 113.15 20.45
CA MET N 530 1.47 113.86 20.36
C MET N 530 1.49 115.06 21.28
N ASP N 531 2.67 115.43 21.78
CA ASP N 531 2.79 116.65 22.59
C ASP N 531 4.25 117.10 22.68
N ILE N 532 4.44 118.30 23.23
CA ILE N 532 5.75 118.89 23.31
C ILE N 532 6.05 119.27 24.76
N PHE N 533 7.33 119.20 25.10
CA PHE N 533 7.79 119.54 26.43
C PHE N 533 8.99 120.46 26.31
N ARG N 534 8.92 121.60 26.99
CA ARG N 534 9.98 122.59 27.00
C ARG N 534 10.98 122.23 28.09
N GLY N 535 12.16 121.76 27.66
CA GLY N 535 13.21 121.22 28.53
C GLY N 535 13.67 121.90 29.80
N ARG N 536 13.62 123.23 29.81
CA ARG N 536 14.02 123.97 30.99
C ARG N 536 13.16 123.63 32.20
N TYR N 537 11.98 123.05 31.99
CA TYR N 537 11.08 122.74 33.10
C TYR N 537 11.15 121.26 33.50
N ARG N 538 12.24 120.58 33.12
CA ARG N 538 12.38 119.15 33.40
C ARG N 538 12.26 118.77 34.85
N LYS N 539 12.74 119.63 35.75
CA LYS N 539 12.69 119.36 37.17
C LYS N 539 11.58 120.09 37.89
N ASP N 540 11.27 121.30 37.44
CA ASP N 540 10.20 122.06 38.06
C ASP N 540 9.58 123.01 37.04
N PHE N 541 8.25 123.00 36.98
CA PHE N 541 7.53 123.87 36.08
C PHE N 541 7.67 125.31 36.53
N ALA N 542 7.75 125.52 37.84
CA ALA N 542 7.82 126.86 38.39
C ALA N 542 9.24 127.41 38.49
N LYS N 543 10.24 126.54 38.29
CA LYS N 543 11.63 126.97 38.37
C LYS N 543 12.48 126.47 37.21
N PRO N 544 12.55 127.28 36.13
CA PRO N 544 13.35 126.84 35.00
C PRO N 544 14.84 126.78 35.30
N GLU N 545 15.52 125.77 34.76
CA GLU N 545 16.95 125.57 34.92
C GLU N 545 17.59 125.12 33.63
N ALA N 546 18.83 125.52 33.44
CA ALA N 546 19.55 125.15 32.23
C ALA N 546 19.80 123.65 32.23
N LEU N 547 19.91 123.09 31.02
CA LEU N 547 20.18 121.69 30.77
C LEU N 547 21.69 121.54 30.66
N GLN N 548 22.13 120.38 31.07
CA GLN N 548 23.53 120.01 31.10
C GLN N 548 23.93 119.55 29.72
N PRO N 549 24.87 120.24 29.05
CA PRO N 549 25.22 119.82 27.71
C PRO N 549 25.78 118.41 27.58
N ASP N 550 25.30 117.68 26.59
CA ASP N 550 25.77 116.33 26.29
C ASP N 550 25.41 115.27 27.33
N ALA N 551 24.63 115.66 28.33
CA ALA N 551 24.16 114.75 29.35
C ALA N 551 22.80 114.17 28.97
N THR N 552 22.65 112.86 29.16
CA THR N 552 21.39 112.18 28.91
C THR N 552 20.51 112.50 30.13
N LEU N 553 19.37 113.14 29.90
CA LEU N 553 18.49 113.50 31.00
C LEU N 553 17.10 112.87 30.84
N HIS N 554 16.45 112.65 31.97
CA HIS N 554 15.15 111.98 32.03
C HIS N 554 13.96 112.92 32.03
N TYR N 555 13.14 112.73 31.00
CA TYR N 555 11.93 113.52 30.85
C TYR N 555 10.79 112.52 31.00
N HIS N 556 9.78 112.91 31.75
CA HIS N 556 8.63 112.05 32.00
C HIS N 556 7.34 112.89 31.97
N PHE N 557 6.55 112.75 30.93
CA PHE N 557 5.32 113.53 30.84
C PHE N 557 4.17 112.78 30.18
N THR N 558 2.94 113.15 30.52
CA THR N 558 1.75 112.55 29.94
C THR N 558 1.39 113.14 28.57
N LEU N 559 0.90 112.28 27.69
CA LEU N 559 0.48 112.66 26.35
C LEU N 559 -1.04 112.61 26.29
N PRO N 560 -1.64 113.14 25.21
CA PRO N 560 -3.09 113.06 25.06
C PRO N 560 -3.64 111.63 25.18
N ALA N 561 -4.86 111.47 25.68
CA ALA N 561 -5.44 110.14 25.85
C ALA N 561 -5.66 109.43 24.53
N VAL N 562 -5.74 108.11 24.61
CA VAL N 562 -6.01 107.27 23.46
C VAL N 562 -6.99 106.16 23.80
N ASN N 563 -7.76 105.79 22.80
CA ASN N 563 -8.74 104.70 22.88
C ASN N 563 -8.70 104.12 21.49
N HIS N 564 -7.62 103.39 21.24
CA HIS N 564 -7.35 102.92 19.89
C HIS N 564 -6.98 101.46 19.86
N VAL N 565 -6.97 100.92 18.65
CA VAL N 565 -6.57 99.56 18.38
C VAL N 565 -5.69 99.65 17.17
N PHE N 566 -4.46 99.19 17.30
CA PHE N 566 -3.55 99.13 16.17
C PHE N 566 -3.89 97.73 15.66
N ALA N 567 -4.50 97.67 14.49
CA ALA N 567 -4.90 96.41 13.91
C ALA N 567 -3.80 95.71 13.11
N LYS N 568 -4.13 94.52 12.60
CA LYS N 568 -3.22 93.73 11.79
C LYS N 568 -2.87 94.44 10.47
N GLY N 569 -1.59 94.43 10.10
CA GLY N 569 -1.16 95.13 8.90
C GLY N 569 -0.62 96.53 9.18
N HIS N 570 -1.01 97.10 10.31
CA HIS N 570 -0.57 98.43 10.74
C HIS N 570 0.79 98.34 11.41
N ARG N 571 1.33 99.48 11.83
CA ARG N 571 2.58 99.53 12.58
C ARG N 571 2.34 100.58 13.65
N ILE N 572 3.06 100.49 14.76
CA ILE N 572 3.05 101.51 15.78
C ILE N 572 4.33 102.25 15.44
N MET N 573 4.25 103.58 15.43
CA MET N 573 5.40 104.45 15.15
C MET N 573 5.56 105.54 16.19
N VAL N 574 6.82 105.91 16.41
CA VAL N 574 7.17 106.97 17.34
C VAL N 574 8.13 107.88 16.59
N GLN N 575 7.89 109.18 16.67
CA GLN N 575 8.69 110.22 16.02
C GLN N 575 9.06 111.21 17.08
N ILE N 576 10.33 111.61 17.06
CA ILE N 576 10.82 112.61 18.00
C ILE N 576 11.54 113.72 17.22
N GLN N 577 11.26 114.96 17.58
CA GLN N 577 11.87 116.14 16.98
C GLN N 577 11.97 117.23 18.05
N SER N 578 12.53 118.40 17.71
CA SER N 578 12.75 119.44 18.69
C SER N 578 12.23 120.84 18.33
N SER N 579 11.38 120.89 17.32
CA SER N 579 10.71 122.12 16.88
C SER N 579 9.40 121.69 16.21
N TRP N 580 8.43 122.61 16.18
CA TRP N 580 7.06 122.37 15.70
C TRP N 580 6.55 123.77 15.43
N PHE N 581 6.99 124.33 14.32
CA PHE N 581 6.77 125.70 13.95
C PHE N 581 5.78 125.96 12.83
N PRO N 582 5.06 127.09 12.86
CA PRO N 582 5.13 128.18 13.83
C PRO N 582 4.20 128.08 15.02
N LEU N 583 3.43 127.02 15.14
CA LEU N 583 2.54 126.85 16.27
C LEU N 583 3.26 127.14 17.58
N TYR N 584 4.42 126.52 17.78
CA TYR N 584 5.20 126.74 18.99
C TYR N 584 6.43 127.58 18.69
N ASP N 585 6.69 128.59 19.52
CA ASP N 585 7.87 129.41 19.32
C ASP N 585 9.09 128.47 19.36
N ARG N 586 10.20 128.91 18.78
CA ARG N 586 11.39 128.09 18.77
C ARG N 586 12.17 128.17 20.08
N ASN N 587 12.63 127.03 20.57
CA ASN N 587 13.49 127.06 21.74
C ASN N 587 14.86 127.42 21.16
N PRO N 588 15.50 128.48 21.68
CA PRO N 588 16.80 128.91 21.16
C PRO N 588 17.90 127.86 21.27
N GLN N 589 17.71 126.90 22.17
CA GLN N 589 18.65 125.84 22.44
C GLN N 589 19.88 126.36 23.18
N LYS N 590 19.67 127.47 23.85
CA LYS N 590 20.63 128.14 24.72
C LYS N 590 19.75 128.68 25.82
N PHE N 591 20.10 128.45 27.08
CA PHE N 591 19.29 128.89 28.21
C PHE N 591 19.36 130.40 28.31
N VAL N 592 18.19 131.02 28.22
CA VAL N 592 18.04 132.47 28.34
C VAL N 592 16.95 132.67 29.39
N PRO N 593 17.02 133.78 30.13
CA PRO N 593 16.05 134.01 31.18
C PRO N 593 14.61 133.87 30.72
N ASN N 594 14.27 134.55 29.62
CA ASN N 594 12.91 134.55 29.10
C ASN N 594 12.92 134.35 27.59
N ILE N 595 12.44 133.19 27.16
CA ILE N 595 12.44 132.83 25.74
C ILE N 595 11.67 133.80 24.87
N PHE N 596 10.71 134.53 25.44
CA PHE N 596 9.94 135.52 24.70
C PHE N 596 10.85 136.61 24.15
N ASP N 597 11.91 136.90 24.90
CA ASP N 597 12.84 137.97 24.57
C ASP N 597 14.15 137.48 23.98
N ALA N 598 14.14 136.31 23.36
CA ALA N 598 15.37 135.78 22.80
C ALA N 598 15.86 136.62 21.64
N LYS N 599 17.17 136.87 21.60
CA LYS N 599 17.77 137.67 20.56
C LYS N 599 18.32 136.80 19.46
N PRO N 600 18.50 137.35 18.25
CA PRO N 600 18.96 136.59 17.11
C PRO N 600 20.20 135.74 17.40
N ALA N 601 21.12 136.32 18.16
CA ALA N 601 22.36 135.64 18.49
C ALA N 601 22.20 134.43 19.40
N ASP N 602 21.08 134.35 20.12
CA ASP N 602 20.82 133.27 21.07
C ASP N 602 20.44 131.92 20.46
N TYR N 603 19.93 131.98 19.24
CA TYR N 603 19.49 130.76 18.55
C TYR N 603 20.66 129.93 18.07
N THR N 604 20.82 128.77 18.71
CA THR N 604 21.95 127.89 18.47
C THR N 604 21.63 126.52 17.87
N VAL N 605 22.44 126.08 16.93
CA VAL N 605 22.26 124.78 16.29
C VAL N 605 22.75 123.77 17.32
N ALA N 606 22.04 122.65 17.46
CA ALA N 606 22.43 121.65 18.45
C ALA N 606 22.24 120.23 17.92
N THR N 607 23.00 119.29 18.49
CA THR N 607 22.91 117.87 18.18
C THR N 607 22.11 117.23 19.32
N GLN N 608 21.01 116.57 18.98
CA GLN N 608 20.16 115.92 19.97
C GLN N 608 20.42 114.43 19.88
N SER N 609 20.41 113.74 21.02
CA SER N 609 20.64 112.30 21.06
C SER N 609 19.58 111.64 21.92
N ILE N 610 18.85 110.69 21.34
CA ILE N 610 17.83 109.95 22.08
C ILE N 610 18.43 108.60 22.41
N HIS N 611 18.53 108.26 23.70
CA HIS N 611 19.08 106.99 24.12
C HIS N 611 18.04 105.86 24.14
N HIS N 612 18.48 104.67 23.76
CA HIS N 612 17.62 103.48 23.82
C HIS N 612 18.35 102.30 24.47
N GLY N 613 17.60 101.45 25.16
CA GLY N 613 18.18 100.30 25.86
C GLY N 613 18.90 100.66 27.13
N GLY N 614 19.25 99.63 27.89
CA GLY N 614 19.99 99.77 29.14
C GLY N 614 19.18 100.40 30.25
N LYS N 615 19.84 101.19 31.09
CA LYS N 615 19.19 101.87 32.22
C LYS N 615 18.54 103.19 31.79
N GLU N 616 18.78 103.58 30.54
CA GLU N 616 18.22 104.82 30.00
C GLU N 616 17.43 104.45 28.75
N ALA N 617 16.57 103.46 28.88
CA ALA N 617 15.79 102.96 27.76
C ALA N 617 14.58 103.87 27.50
N THR N 618 14.69 104.66 26.45
CA THR N 618 13.57 105.50 26.08
C THR N 618 12.42 104.63 25.61
N SER N 619 11.21 104.98 26.08
CA SER N 619 10.01 104.28 25.65
C SER N 619 8.74 105.11 25.81
N ILE N 620 7.66 104.65 25.18
CA ILE N 620 6.37 105.27 25.40
C ILE N 620 5.67 104.24 26.31
N LEU N 621 5.20 104.66 27.47
CA LEU N 621 4.49 103.76 28.35
C LEU N 621 3.03 103.71 27.88
N LEU N 622 2.68 102.65 27.17
CA LEU N 622 1.35 102.54 26.58
C LEU N 622 0.33 101.91 27.50
N PRO N 623 -0.90 102.45 27.48
CA PRO N 623 -1.97 101.84 28.27
C PRO N 623 -2.54 100.62 27.54
N VAL N 624 -1.77 99.55 27.45
CA VAL N 624 -2.19 98.36 26.72
C VAL N 624 -3.29 97.64 27.51
N VAL N 625 -4.34 97.22 26.81
CA VAL N 625 -5.43 96.53 27.48
C VAL N 625 -5.76 95.27 26.69
N LYS N 626 -6.41 94.34 27.36
CA LYS N 626 -6.80 93.06 26.75
C LYS N 626 -8.24 93.12 26.27
N HIS O 10 -38.83 73.91 -33.36
CA HIS O 10 -38.72 74.90 -32.27
C HIS O 10 -38.75 76.32 -32.82
N ASP O 11 -39.54 77.16 -32.14
CA ASP O 11 -39.69 78.56 -32.51
C ASP O 11 -38.41 79.30 -32.16
N PRO O 12 -37.74 79.87 -33.17
CA PRO O 12 -36.50 80.60 -32.91
C PRO O 12 -36.65 81.97 -32.23
N LEU O 13 -37.87 82.50 -32.16
CA LEU O 13 -38.12 83.79 -31.50
C LEU O 13 -38.47 83.57 -30.05
N SER O 14 -38.36 82.32 -29.58
CA SER O 14 -38.63 81.96 -28.21
C SER O 14 -37.51 81.06 -27.67
N VAL O 15 -37.21 79.98 -28.38
CA VAL O 15 -36.21 79.05 -27.89
C VAL O 15 -34.90 79.23 -28.64
N GLN O 16 -33.81 79.42 -27.90
CA GLN O 16 -32.49 79.61 -28.49
C GLN O 16 -31.59 78.47 -28.06
N THR O 17 -31.27 77.59 -28.99
CA THR O 17 -30.40 76.45 -28.68
C THR O 17 -28.99 76.74 -29.18
N GLY O 18 -28.83 77.89 -29.83
CA GLY O 18 -27.51 78.28 -30.32
C GLY O 18 -26.94 79.41 -29.47
N SER O 19 -26.21 80.32 -30.12
CA SER O 19 -25.54 81.43 -29.47
C SER O 19 -26.16 82.80 -29.79
N ASP O 20 -26.22 83.67 -28.79
CA ASP O 20 -26.75 85.02 -28.92
C ASP O 20 -25.69 85.99 -29.40
N ILE O 21 -24.46 85.50 -29.50
CA ILE O 21 -23.35 86.32 -30.00
C ILE O 21 -23.16 86.12 -31.50
N PRO O 22 -23.57 87.10 -32.33
CA PRO O 22 -23.49 86.88 -33.77
C PRO O 22 -22.05 86.55 -34.14
N GLN O 32 -23.47 106.74 -41.54
CA GLN O 32 -23.62 107.96 -40.76
C GLN O 32 -22.34 108.75 -40.50
N ARG O 33 -21.19 108.09 -40.52
CA ARG O 33 -19.90 108.73 -40.23
C ARG O 33 -19.48 109.74 -41.31
N ASP O 34 -18.63 110.67 -40.89
CA ASP O 34 -18.08 111.67 -41.81
C ASP O 34 -16.62 111.36 -42.16
N TYR O 35 -16.24 110.09 -42.02
CA TYR O 35 -14.89 109.62 -42.35
C TYR O 35 -14.93 108.13 -42.65
N ILE O 36 -13.85 107.62 -43.22
CA ILE O 36 -13.72 106.19 -43.47
C ILE O 36 -12.40 105.82 -42.82
N LYS O 37 -12.30 104.60 -42.31
CA LYS O 37 -11.08 104.14 -41.67
C LYS O 37 -10.58 102.87 -42.37
N ARG O 38 -9.33 102.89 -42.79
CA ARG O 38 -8.71 101.72 -43.44
C ARG O 38 -7.62 101.18 -42.54
N GLU O 39 -7.55 99.86 -42.40
CA GLU O 39 -6.50 99.26 -41.63
C GLU O 39 -5.78 98.46 -42.69
N VAL O 40 -4.48 98.66 -42.83
CA VAL O 40 -3.68 97.94 -43.82
C VAL O 40 -2.40 97.49 -43.15
N MET O 41 -1.76 96.46 -43.71
CA MET O 41 -0.47 95.98 -43.23
C MET O 41 0.50 96.40 -44.33
N VAL O 42 1.30 97.42 -44.07
CA VAL O 42 2.27 97.94 -45.03
C VAL O 42 3.57 97.14 -44.93
N PRO O 43 3.97 96.50 -46.03
CA PRO O 43 5.20 95.73 -45.95
C PRO O 43 6.41 96.64 -46.00
N MET O 44 7.43 96.33 -45.21
CA MET O 44 8.69 97.06 -45.21
C MET O 44 9.63 96.41 -46.23
N ARG O 45 10.84 96.93 -46.41
CA ARG O 45 11.79 96.39 -47.40
C ARG O 45 12.29 94.96 -47.13
N ASP O 46 12.20 94.52 -45.87
CA ASP O 46 12.64 93.19 -45.47
C ASP O 46 11.51 92.17 -45.31
N GLY O 47 10.29 92.58 -45.67
CA GLY O 47 9.12 91.72 -45.58
C GLY O 47 8.19 91.95 -44.39
N VAL O 48 8.73 92.51 -43.31
CA VAL O 48 7.92 92.74 -42.12
C VAL O 48 6.77 93.70 -42.39
N LYS O 49 5.59 93.37 -41.89
CA LYS O 49 4.43 94.23 -42.15
C LYS O 49 4.03 95.02 -40.91
N LEU O 50 3.77 96.31 -41.11
CA LEU O 50 3.39 97.19 -40.03
C LEU O 50 1.91 97.55 -40.07
N TYR O 51 1.27 97.48 -38.90
CA TYR O 51 -0.15 97.81 -38.82
C TYR O 51 -0.36 99.32 -39.01
N THR O 52 -1.19 99.65 -39.98
CA THR O 52 -1.41 101.05 -40.32
C THR O 52 -2.89 101.43 -40.38
N VAL O 53 -3.22 102.56 -39.77
CA VAL O 53 -4.59 103.04 -39.74
C VAL O 53 -4.69 104.39 -40.43
N ILE O 54 -5.52 104.45 -41.45
CA ILE O 54 -5.68 105.66 -42.25
C ILE O 54 -7.08 106.20 -42.08
N VAL O 55 -7.18 107.44 -41.61
CA VAL O 55 -8.49 108.06 -41.42
C VAL O 55 -8.64 109.14 -42.46
N ILE O 56 -9.61 108.94 -43.35
CA ILE O 56 -9.86 109.83 -44.47
C ILE O 56 -11.22 110.50 -44.42
N PRO O 57 -11.27 111.84 -44.54
CA PRO O 57 -12.57 112.53 -44.50
C PRO O 57 -13.42 112.13 -45.68
N LYS O 58 -14.73 111.97 -45.50
CA LYS O 58 -15.56 111.60 -46.64
C LYS O 58 -15.38 112.62 -47.73
N ASN O 59 -15.51 112.17 -48.97
CA ASN O 59 -15.38 113.08 -50.12
C ASN O 59 -14.08 113.86 -50.14
N ALA O 60 -13.05 113.28 -49.52
CA ALA O 60 -11.71 113.88 -49.49
C ALA O 60 -11.06 113.68 -50.85
N ARG O 61 -10.51 114.72 -51.43
CA ARG O 61 -9.87 114.59 -52.73
C ARG O 61 -8.65 115.51 -52.72
N ASN O 62 -7.49 114.95 -53.05
CA ASN O 62 -6.22 115.68 -53.07
C ASN O 62 -5.87 116.27 -51.71
N ALA O 63 -6.10 115.49 -50.66
CA ALA O 63 -5.83 115.91 -49.30
C ALA O 63 -4.45 115.47 -48.84
N PRO O 64 -3.75 116.34 -48.07
CA PRO O 64 -2.43 115.99 -47.57
C PRO O 64 -2.57 114.94 -46.47
N ILE O 65 -1.49 114.24 -46.17
CA ILE O 65 -1.44 113.21 -45.13
C ILE O 65 -0.64 113.72 -43.94
N LEU O 66 -1.09 113.40 -42.73
CA LEU O 66 -0.37 113.74 -41.52
C LEU O 66 -0.03 112.38 -40.90
N LEU O 67 1.24 112.03 -40.78
CA LEU O 67 1.65 110.72 -40.27
C LEU O 67 2.38 110.65 -38.93
N THR O 68 2.02 109.67 -38.10
CA THR O 68 2.67 109.47 -36.83
C THR O 68 2.95 107.97 -36.71
N ARG O 69 4.15 107.63 -36.24
CA ARG O 69 4.56 106.25 -36.05
C ARG O 69 4.68 106.09 -34.53
N THR O 70 3.97 105.12 -33.96
CA THR O 70 3.88 105.01 -32.51
C THR O 70 4.00 103.63 -31.88
N PRO O 71 4.57 103.56 -30.67
CA PRO O 71 4.66 102.31 -29.91
C PRO O 71 3.53 102.19 -28.90
N TYR O 72 2.54 103.09 -29.01
CA TYR O 72 1.41 103.15 -28.07
C TYR O 72 0.05 102.74 -28.64
N ASN O 73 0.01 101.74 -29.52
CA ASN O 73 -1.23 101.20 -30.07
C ASN O 73 -1.99 102.14 -30.98
N ALA O 74 -1.66 102.06 -32.26
CA ALA O 74 -2.23 102.90 -33.32
C ALA O 74 -3.74 102.82 -33.37
N LYS O 75 -4.24 101.59 -33.26
CA LYS O 75 -5.67 101.35 -33.34
C LYS O 75 -6.36 102.21 -32.30
N GLY O 76 -5.76 102.28 -31.11
CA GLY O 76 -6.29 103.03 -29.98
C GLY O 76 -6.09 104.53 -30.07
N ARG O 77 -4.98 104.95 -30.68
CA ARG O 77 -4.66 106.35 -30.91
C ARG O 77 -5.67 106.98 -31.87
N ALA O 78 -6.09 106.20 -32.87
CA ALA O 78 -7.10 106.64 -33.82
C ALA O 78 -8.52 106.28 -33.39
N ASN O 79 -8.73 106.11 -32.09
CA ASN O 79 -10.01 105.78 -31.48
C ASN O 79 -10.19 106.50 -30.14
N ARG O 80 -9.90 107.78 -30.10
CA ARG O 80 -10.06 108.52 -28.86
C ARG O 80 -11.46 108.18 -28.31
N VAL O 81 -12.48 108.33 -29.14
CA VAL O 81 -13.84 107.97 -28.80
C VAL O 81 -14.06 106.81 -29.76
N PRO O 82 -14.06 105.57 -29.23
CA PRO O 82 -14.16 104.36 -30.06
C PRO O 82 -15.26 104.34 -31.12
N ASN O 83 -14.87 104.21 -32.37
CA ASN O 83 -15.85 104.10 -33.46
C ASN O 83 -16.84 105.26 -33.48
N ALA O 84 -16.37 106.45 -33.16
CA ALA O 84 -17.23 107.64 -33.12
C ALA O 84 -17.81 107.97 -34.48
N LEU O 85 -18.86 108.79 -34.46
CA LEU O 85 -19.51 109.16 -35.71
C LEU O 85 -18.79 110.26 -36.46
N THR O 86 -18.01 111.07 -35.76
CA THR O 86 -17.31 112.15 -36.42
C THR O 86 -15.82 111.97 -36.27
N MET O 87 -15.08 112.52 -37.22
CA MET O 87 -13.64 112.37 -37.27
C MET O 87 -12.99 113.15 -36.13
N ARG O 88 -13.59 114.29 -35.82
CA ARG O 88 -13.13 115.15 -34.75
C ARG O 88 -13.09 114.35 -33.45
N GLU O 89 -14.09 113.50 -33.25
CA GLU O 89 -14.14 112.67 -32.04
C GLU O 89 -13.20 111.50 -32.09
N VAL O 90 -13.03 110.89 -33.26
CA VAL O 90 -12.20 109.68 -33.35
C VAL O 90 -10.69 109.95 -33.24
N LEU O 91 -10.28 111.15 -33.63
CA LEU O 91 -8.87 111.52 -33.55
C LEU O 91 -8.63 112.31 -32.26
N PRO O 92 -7.37 112.34 -31.78
CA PRO O 92 -6.96 113.05 -30.58
C PRO O 92 -7.25 114.54 -30.62
N GLN O 93 -7.15 115.18 -29.47
CA GLN O 93 -7.38 116.63 -29.34
C GLN O 93 -6.34 117.42 -30.14
N GLY O 94 -5.12 116.93 -30.17
CA GLY O 94 -4.06 117.65 -30.85
C GLY O 94 -4.22 117.64 -32.35
N ASP O 95 -5.13 116.83 -32.87
CA ASP O 95 -5.31 116.81 -34.30
C ASP O 95 -6.44 117.74 -34.71
N ASP O 96 -7.04 118.42 -33.75
CA ASP O 96 -8.20 119.25 -34.05
C ASP O 96 -8.05 120.12 -35.30
N VAL O 97 -6.97 120.88 -35.41
CA VAL O 97 -6.80 121.81 -36.53
C VAL O 97 -6.61 121.14 -37.88
N PHE O 98 -6.16 119.89 -37.85
CA PHE O 98 -5.97 119.13 -39.07
C PHE O 98 -7.29 118.52 -39.55
N VAL O 99 -8.15 118.15 -38.61
CA VAL O 99 -9.46 117.65 -38.97
C VAL O 99 -10.24 118.78 -39.66
N GLU O 100 -10.09 119.99 -39.10
CA GLU O 100 -10.75 121.16 -39.63
C GLU O 100 -10.16 121.56 -40.97
N GLY O 101 -8.91 121.17 -41.21
CA GLY O 101 -8.26 121.47 -42.49
C GLY O 101 -8.45 120.43 -43.58
N GLY O 102 -9.13 119.33 -43.26
CA GLY O 102 -9.38 118.28 -44.25
C GLY O 102 -8.24 117.32 -44.53
N TYR O 103 -7.30 117.21 -43.61
CA TYR O 103 -6.17 116.30 -43.75
C TYR O 103 -6.55 114.84 -43.54
N ILE O 104 -5.78 113.97 -44.18
CA ILE O 104 -5.95 112.52 -44.01
C ILE O 104 -4.99 112.19 -42.88
N ARG O 105 -5.41 111.41 -41.90
CA ARG O 105 -4.55 111.11 -40.76
C ARG O 105 -4.12 109.66 -40.77
N VAL O 106 -2.85 109.40 -40.49
CA VAL O 106 -2.30 108.05 -40.45
C VAL O 106 -1.50 107.78 -39.18
N PHE O 107 -1.83 106.66 -38.54
CA PHE O 107 -1.16 106.24 -37.33
C PHE O 107 -0.63 104.84 -37.65
N GLN O 108 0.62 104.61 -37.30
CA GLN O 108 1.22 103.33 -37.60
C GLN O 108 1.88 102.79 -36.36
N ASP O 109 1.74 101.49 -36.14
CA ASP O 109 2.39 100.80 -35.04
C ASP O 109 3.82 100.53 -35.51
N ILE O 110 4.83 100.92 -34.73
CA ILE O 110 6.19 100.68 -35.15
C ILE O 110 6.54 99.21 -35.09
N ARG O 111 7.70 98.88 -35.64
CA ARG O 111 8.16 97.49 -35.66
C ARG O 111 8.13 96.86 -34.27
N GLY O 112 7.47 95.72 -34.17
CA GLY O 112 7.43 94.92 -32.93
C GLY O 112 6.40 95.24 -31.86
N LYS O 113 5.51 96.17 -32.18
CA LYS O 113 4.48 96.56 -31.25
C LYS O 113 3.08 96.38 -31.85
N TYR O 114 2.17 96.04 -30.95
CA TYR O 114 0.73 95.85 -31.18
C TYR O 114 0.37 95.03 -32.41
N GLY O 115 -0.16 95.68 -33.44
CA GLY O 115 -0.53 94.98 -34.66
C GLY O 115 0.57 94.74 -35.69
N SER O 116 1.77 95.24 -35.43
CA SER O 116 2.92 95.09 -36.32
C SER O 116 3.80 93.86 -36.05
N GLN O 117 4.40 93.34 -37.11
CA GLN O 117 5.27 92.18 -37.02
C GLN O 117 6.66 92.69 -36.72
N GLY O 118 7.60 91.77 -36.58
CA GLY O 118 8.99 92.15 -36.32
C GLY O 118 9.41 92.09 -34.87
N ASP O 119 10.69 92.37 -34.66
CA ASP O 119 11.30 92.37 -33.34
C ASP O 119 11.29 93.83 -32.87
N TYR O 120 10.92 94.05 -31.61
CA TYR O 120 10.92 95.37 -31.04
C TYR O 120 12.22 95.61 -30.28
N VAL O 121 12.85 96.76 -30.56
CA VAL O 121 14.08 97.17 -29.90
C VAL O 121 13.80 98.56 -29.37
N MET O 122 13.95 98.75 -28.06
CA MET O 122 13.70 100.07 -27.45
C MET O 122 14.54 101.15 -28.13
N THR O 123 13.90 102.26 -28.49
CA THR O 123 14.56 103.37 -29.15
C THR O 123 15.64 102.77 -30.01
N ARG O 124 15.20 102.10 -31.06
CA ARG O 124 16.07 101.38 -31.98
C ARG O 124 17.08 102.30 -32.61
N PRO O 125 18.38 102.03 -32.38
CA PRO O 125 19.44 102.85 -32.93
C PRO O 125 19.48 102.93 -34.44
N PRO O 126 20.03 104.04 -34.95
CA PRO O 126 20.10 104.14 -36.41
C PRO O 126 21.16 103.18 -36.93
N HIS O 127 21.11 102.92 -38.23
CA HIS O 127 22.11 102.04 -38.84
C HIS O 127 23.49 102.53 -38.43
N GLY O 128 24.33 101.59 -38.01
CA GLY O 128 25.68 101.92 -37.58
C GLY O 128 26.15 100.86 -36.60
N PRO O 129 27.15 101.21 -35.76
CA PRO O 129 27.74 100.25 -34.83
C PRO O 129 26.74 99.61 -33.89
N LEU O 130 25.67 100.32 -33.54
CA LEU O 130 24.67 99.77 -32.63
C LEU O 130 23.51 99.06 -33.34
N ASN O 131 23.51 99.07 -34.67
CA ASN O 131 22.45 98.42 -35.44
C ASN O 131 22.99 98.02 -36.80
N PRO O 132 23.59 96.82 -36.89
CA PRO O 132 24.17 96.43 -38.18
C PRO O 132 23.21 95.79 -39.17
N THR O 133 21.91 95.82 -38.90
CA THR O 133 20.90 95.26 -39.81
C THR O 133 20.58 96.21 -40.95
N LYS O 134 19.79 95.74 -41.90
CA LYS O 134 19.42 96.53 -43.08
C LYS O 134 18.25 97.47 -42.82
N THR O 135 17.64 97.39 -41.64
CA THR O 135 16.51 98.28 -41.35
C THR O 135 16.62 98.99 -40.00
N ASP O 136 15.90 100.10 -39.92
CA ASP O 136 15.80 100.91 -38.71
C ASP O 136 14.53 101.78 -38.75
N GLU O 137 14.42 102.70 -37.80
CA GLU O 137 13.21 103.53 -37.77
C GLU O 137 13.20 104.46 -38.97
N THR O 138 14.37 104.70 -39.54
CA THR O 138 14.50 105.59 -40.69
C THR O 138 14.01 104.94 -41.96
N THR O 139 14.41 103.69 -42.19
CA THR O 139 13.99 102.98 -43.40
C THR O 139 12.51 102.62 -43.33
N ASP O 140 12.04 102.34 -42.10
CA ASP O 140 10.64 101.99 -41.87
C ASP O 140 9.71 103.13 -42.25
N ALA O 141 10.10 104.33 -41.86
CA ALA O 141 9.35 105.54 -42.21
C ALA O 141 9.39 105.78 -43.70
N TRP O 142 10.56 105.53 -44.30
CA TRP O 142 10.78 105.74 -45.72
C TRP O 142 9.80 104.86 -46.47
N ASP O 143 9.80 103.57 -46.16
CA ASP O 143 8.94 102.59 -46.80
C ASP O 143 7.47 102.89 -46.57
N THR O 144 7.17 103.44 -45.40
CA THR O 144 5.77 103.77 -45.09
C THR O 144 5.32 104.90 -45.98
N VAL O 145 6.13 105.95 -46.06
CA VAL O 145 5.78 107.10 -46.87
C VAL O 145 5.67 106.70 -48.34
N ASP O 146 6.57 105.85 -48.81
CA ASP O 146 6.53 105.42 -50.21
C ASP O 146 5.21 104.71 -50.54
N TRP O 147 4.79 103.84 -49.64
CA TRP O 147 3.54 103.13 -49.80
C TRP O 147 2.33 104.07 -49.78
N LEU O 148 2.32 105.02 -48.87
CA LEU O 148 1.19 105.95 -48.76
C LEU O 148 0.94 106.72 -50.05
N VAL O 149 2.00 107.30 -50.60
CA VAL O 149 1.81 108.16 -51.76
C VAL O 149 1.43 107.37 -53.00
N HIS O 150 1.66 106.06 -52.96
CA HIS O 150 1.30 105.22 -54.11
C HIS O 150 0.01 104.43 -53.88
N ASN O 151 -0.47 104.43 -52.65
CA ASN O 151 -1.66 103.63 -52.30
C ASN O 151 -2.82 104.34 -51.59
N VAL O 152 -2.89 105.66 -51.67
CA VAL O 152 -3.98 106.41 -51.05
C VAL O 152 -4.45 107.45 -52.06
N PRO O 153 -5.36 107.05 -52.96
CA PRO O 153 -5.86 107.89 -54.04
C PRO O 153 -6.46 109.22 -53.62
N GLU O 154 -7.05 109.27 -52.43
CA GLU O 154 -7.64 110.50 -51.95
C GLU O 154 -6.60 111.56 -51.56
N SER O 155 -5.35 111.16 -51.39
CA SER O 155 -4.34 112.14 -50.97
C SER O 155 -3.67 112.83 -52.15
N ASN O 156 -2.91 113.89 -51.86
CA ASN O 156 -2.18 114.65 -52.86
C ASN O 156 -0.70 114.26 -52.98
N GLY O 157 -0.36 113.19 -52.27
CA GLY O 157 0.99 112.63 -52.27
C GLY O 157 2.00 113.34 -51.40
N ARG O 158 1.57 114.34 -50.64
CA ARG O 158 2.45 115.12 -49.77
C ARG O 158 2.18 114.66 -48.34
N VAL O 159 3.25 114.34 -47.63
CA VAL O 159 3.21 113.82 -46.27
C VAL O 159 3.94 114.73 -45.29
N GLY O 160 3.30 114.95 -44.15
CA GLY O 160 3.86 115.76 -43.09
C GLY O 160 3.95 114.79 -41.93
N MET O 161 5.02 114.82 -41.13
CA MET O 161 5.11 113.93 -39.98
C MET O 161 5.09 114.71 -38.70
N THR O 162 4.50 114.12 -37.66
CA THR O 162 4.47 114.78 -36.35
C THR O 162 4.33 113.74 -35.25
N GLY O 163 4.42 114.19 -33.99
CA GLY O 163 4.28 113.25 -32.88
C GLY O 163 5.10 113.72 -31.70
N SER O 164 4.63 113.38 -30.50
CA SER O 164 5.30 113.82 -29.29
C SER O 164 5.98 112.61 -28.64
N SER O 165 6.97 112.90 -27.79
CA SER O 165 7.69 111.90 -27.02
C SER O 165 8.28 110.79 -27.90
N TYR O 166 7.87 109.54 -27.72
CA TYR O 166 8.41 108.46 -28.54
C TYR O 166 7.97 108.69 -29.99
N GLU O 167 6.78 109.26 -30.16
CA GLU O 167 6.22 109.57 -31.48
C GLU O 167 7.00 110.70 -32.12
N GLY O 168 7.73 111.47 -31.32
CA GLY O 168 8.60 112.54 -31.83
C GLY O 168 9.92 111.91 -32.26
N PHE O 169 10.40 110.94 -31.49
CA PHE O 169 11.62 110.20 -31.82
C PHE O 169 11.56 109.62 -33.23
N THR O 170 10.39 109.10 -33.59
CA THR O 170 10.16 108.48 -34.89
C THR O 170 10.19 109.52 -36.01
N VAL O 171 9.87 110.76 -35.65
CA VAL O 171 9.93 111.85 -36.60
C VAL O 171 11.40 112.20 -36.82
N VAL O 172 12.17 112.26 -35.74
CA VAL O 172 13.59 112.60 -35.86
C VAL O 172 14.35 111.56 -36.67
N MET O 173 13.97 110.30 -36.48
CA MET O 173 14.63 109.21 -37.19
C MET O 173 14.38 109.25 -38.68
N ALA O 174 13.18 109.69 -39.04
CA ALA O 174 12.82 109.80 -40.45
C ALA O 174 13.61 110.90 -41.12
N LEU O 175 13.92 111.94 -40.35
CA LEU O 175 14.65 113.09 -40.88
C LEU O 175 16.08 112.72 -41.20
N LEU O 176 16.54 111.60 -40.68
CA LEU O 176 17.93 111.23 -40.96
C LEU O 176 18.11 110.92 -42.44
N ASP O 177 17.03 110.52 -43.09
CA ASP O 177 17.02 110.21 -44.52
C ASP O 177 15.56 110.17 -44.93
N PRO O 178 14.96 111.35 -45.12
CA PRO O 178 13.55 111.44 -45.47
C PRO O 178 13.16 111.11 -46.90
N HIS O 179 12.00 110.49 -47.05
CA HIS O 179 11.45 110.21 -48.36
C HIS O 179 11.16 111.55 -49.00
N PRO O 180 11.40 111.66 -50.33
CA PRO O 180 11.15 112.94 -50.99
C PRO O 180 9.72 113.46 -50.83
N ALA O 181 8.75 112.61 -50.53
CA ALA O 181 7.37 113.10 -50.35
C ALA O 181 7.11 113.69 -48.95
N LEU O 182 8.06 113.51 -48.03
CA LEU O 182 7.96 114.07 -46.69
C LEU O 182 8.31 115.55 -46.80
N LYS O 183 7.29 116.38 -46.96
CA LYS O 183 7.51 117.80 -47.20
C LYS O 183 7.75 118.68 -45.98
N VAL O 184 7.39 118.20 -44.79
CA VAL O 184 7.51 119.01 -43.56
C VAL O 184 7.47 118.10 -42.33
N ALA O 185 8.01 118.55 -41.21
CA ALA O 185 8.08 117.74 -40.01
C ALA O 185 7.96 118.61 -38.76
N ALA O 186 7.40 118.02 -37.70
CA ALA O 186 7.19 118.67 -36.41
C ALA O 186 7.39 117.71 -35.24
N PRO O 187 8.64 117.50 -34.86
CA PRO O 187 8.95 116.71 -33.68
C PRO O 187 8.59 117.52 -32.42
N GLU O 188 7.77 116.93 -31.57
CA GLU O 188 7.29 117.53 -30.32
C GLU O 188 7.90 116.75 -29.16
N SER O 189 8.52 117.45 -28.22
CA SER O 189 9.14 116.81 -27.05
C SER O 189 9.73 115.45 -27.42
N PRO O 190 10.64 115.43 -28.40
CA PRO O 190 11.16 114.15 -28.84
C PRO O 190 12.28 113.58 -27.97
N MET O 191 12.38 112.26 -27.97
CA MET O 191 13.45 111.57 -27.25
C MET O 191 14.66 111.68 -28.19
N VAL O 192 15.65 112.50 -27.80
CA VAL O 192 16.83 112.77 -28.60
C VAL O 192 18.10 112.21 -27.95
N ASP O 193 18.34 112.51 -26.68
CA ASP O 193 19.50 111.98 -25.98
C ASP O 193 19.05 111.57 -24.59
N GLY O 194 18.76 110.29 -24.45
CA GLY O 194 18.29 109.74 -23.19
C GLY O 194 19.21 109.83 -21.99
N TRP O 195 20.50 110.08 -22.19
CA TRP O 195 21.45 110.13 -21.06
C TRP O 195 21.75 111.56 -20.60
N MET O 196 21.85 112.47 -21.57
CA MET O 196 22.15 113.86 -21.22
C MET O 196 21.03 114.58 -20.49
N GLY O 197 19.77 114.41 -20.89
CA GLY O 197 18.68 115.11 -20.23
C GLY O 197 17.27 114.77 -20.67
N ASP O 198 17.07 113.61 -21.26
CA ASP O 198 15.71 113.22 -21.67
C ASP O 198 15.15 112.17 -20.71
N ASP O 199 14.73 111.00 -21.17
CA ASP O 199 14.06 110.02 -20.28
C ASP O 199 14.81 109.19 -19.26
N TRP O 200 15.96 108.63 -19.63
CA TRP O 200 16.66 107.73 -18.74
C TRP O 200 17.51 108.37 -17.67
N PHE O 201 18.29 109.39 -18.02
CA PHE O 201 19.18 110.08 -17.09
C PHE O 201 19.09 111.58 -17.35
N HIS O 202 19.60 112.36 -16.40
CA HIS O 202 19.81 113.79 -16.50
C HIS O 202 21.26 113.93 -16.04
N TYR O 203 22.18 114.24 -16.96
CA TYR O 203 23.58 114.38 -16.56
C TYR O 203 24.11 113.26 -15.71
N GLY O 204 23.78 112.03 -16.10
CA GLY O 204 24.24 110.83 -15.40
C GLY O 204 23.34 110.41 -14.27
N ALA O 205 22.41 111.26 -13.82
CA ALA O 205 21.51 110.87 -12.74
C ALA O 205 20.33 110.09 -13.30
N PHE O 206 20.17 108.86 -12.81
CA PHE O 206 19.14 107.94 -13.28
C PHE O 206 17.75 108.19 -12.73
N ARG O 207 16.79 108.17 -13.64
CA ARG O 207 15.37 108.41 -13.39
C ARG O 207 14.67 107.09 -13.18
N GLN O 208 14.19 106.89 -11.96
CA GLN O 208 13.60 105.61 -11.55
C GLN O 208 12.20 105.27 -12.07
N GLY O 209 11.55 106.22 -12.73
CA GLY O 209 10.24 105.90 -13.27
C GLY O 209 10.35 104.99 -14.48
N ALA O 210 11.56 104.88 -15.02
CA ALA O 210 11.82 104.12 -16.22
C ALA O 210 11.46 102.65 -16.10
N PHE O 211 11.51 102.13 -14.88
CA PHE O 211 11.26 100.72 -14.64
C PHE O 211 9.86 100.32 -15.07
N ASP O 212 8.89 101.13 -14.66
CA ASP O 212 7.50 100.89 -15.00
C ASP O 212 7.30 100.95 -16.51
N TYR O 213 7.95 101.94 -17.13
CA TYR O 213 7.84 102.14 -18.56
C TYR O 213 8.41 100.90 -19.24
N PHE O 214 9.51 100.33 -18.74
CA PHE O 214 10.04 99.11 -19.35
C PHE O 214 9.07 97.93 -19.28
N VAL O 215 8.52 97.66 -18.10
CA VAL O 215 7.63 96.53 -17.96
C VAL O 215 6.30 96.76 -18.69
N SER O 216 5.94 98.01 -18.92
CA SER O 216 4.73 98.34 -19.64
C SER O 216 4.89 98.22 -21.15
N GLN O 217 6.07 98.58 -21.64
CA GLN O 217 6.26 98.56 -23.09
C GLN O 217 6.96 97.33 -23.62
N MET O 218 7.68 96.59 -22.77
CA MET O 218 8.45 95.45 -23.25
C MET O 218 8.12 94.06 -22.74
N THR O 219 7.01 93.96 -22.03
CA THR O 219 6.53 92.70 -21.48
C THR O 219 5.88 91.88 -22.58
N ALA O 220 5.25 92.59 -23.53
CA ALA O 220 4.62 91.94 -24.65
C ALA O 220 4.55 92.77 -25.94
N ARG O 221 4.21 92.13 -27.05
CA ARG O 221 4.10 92.83 -28.32
C ARG O 221 3.07 93.93 -28.14
N GLY O 222 1.98 93.57 -27.48
CA GLY O 222 0.89 94.46 -27.16
C GLY O 222 1.05 95.08 -25.79
N GLY O 223 -0.07 95.24 -25.10
CA GLY O 223 -0.10 95.87 -23.79
C GLY O 223 0.55 95.07 -22.69
N GLY O 224 1.12 95.77 -21.74
CA GLY O 224 1.76 95.15 -20.59
C GLY O 224 1.19 95.79 -19.33
N ASN O 225 1.77 95.44 -18.20
CA ASN O 225 1.33 95.98 -16.92
C ASN O 225 2.42 96.73 -16.18
N ASP O 226 2.03 97.38 -15.09
CA ASP O 226 2.98 98.10 -14.25
C ASP O 226 3.59 97.10 -13.28
N ILE O 227 4.51 97.59 -12.46
CA ILE O 227 5.19 96.76 -11.46
C ILE O 227 4.44 96.78 -10.14
N PRO O 228 4.00 95.60 -9.70
CA PRO O 228 3.26 95.53 -8.46
C PRO O 228 4.06 96.16 -7.32
N ARG O 229 3.36 96.90 -6.46
CA ARG O 229 4.01 97.61 -5.37
C ARG O 229 3.56 97.11 -4.01
N ARG O 230 4.46 97.23 -3.04
CA ARG O 230 4.24 96.89 -1.66
C ARG O 230 3.60 98.01 -0.85
N ASP O 231 4.05 99.23 -1.10
CA ASP O 231 3.56 100.41 -0.42
C ASP O 231 2.94 101.39 -1.41
N ALA O 232 2.04 102.26 -0.96
CA ALA O 232 1.40 103.22 -1.84
C ALA O 232 2.37 104.33 -2.19
N ASP O 233 3.37 104.53 -1.34
CA ASP O 233 4.33 105.61 -1.58
C ASP O 233 5.62 105.09 -2.20
N ASP O 234 5.97 105.56 -3.38
CA ASP O 234 7.20 105.12 -4.03
C ASP O 234 8.45 105.62 -3.32
N TYR O 235 8.33 106.65 -2.47
CA TYR O 235 9.46 107.12 -1.66
C TYR O 235 9.86 105.93 -0.77
N THR O 236 8.85 105.32 -0.14
CA THR O 236 9.06 104.12 0.67
C THR O 236 9.51 102.91 -0.16
N ASN O 237 8.81 102.58 -1.24
CA ASN O 237 9.19 101.43 -2.05
C ASN O 237 10.63 101.40 -2.57
N PHE O 238 11.14 102.54 -3.03
CA PHE O 238 12.51 102.63 -3.53
C PHE O 238 13.54 102.74 -2.41
N LEU O 239 13.20 103.47 -1.35
CA LEU O 239 14.11 103.63 -0.22
C LEU O 239 14.35 102.28 0.46
N LYS O 240 13.29 101.49 0.61
CA LYS O 240 13.40 100.17 1.23
C LYS O 240 14.11 99.15 0.34
N ALA O 241 14.00 99.29 -0.97
CA ALA O 241 14.72 98.41 -1.89
C ALA O 241 16.20 98.76 -1.96
N GLY O 242 16.52 99.99 -1.58
CA GLY O 242 17.90 100.48 -1.56
C GLY O 242 18.30 101.13 -2.86
N SER O 243 19.08 100.40 -3.67
CA SER O 243 19.59 100.92 -4.91
C SER O 243 18.60 100.68 -6.04
N ALA O 244 18.78 101.39 -7.14
CA ALA O 244 17.92 101.23 -8.31
C ALA O 244 17.99 99.81 -8.90
N GLY O 245 19.17 99.20 -8.85
CA GLY O 245 19.40 97.86 -9.39
C GLY O 245 18.75 96.78 -8.54
N SER O 246 18.71 97.05 -7.23
CA SER O 246 18.08 96.17 -6.28
C SER O 246 16.57 96.17 -6.52
N PHE O 247 16.03 97.31 -6.88
CA PHE O 247 14.58 97.38 -7.11
C PHE O 247 14.29 96.63 -8.40
N ALA O 248 15.10 96.87 -9.44
CA ALA O 248 14.90 96.21 -10.72
C ALA O 248 14.95 94.67 -10.59
N THR O 249 15.92 94.18 -9.83
CA THR O 249 16.05 92.74 -9.61
C THR O 249 14.78 92.20 -8.94
N GLN O 250 14.37 92.84 -7.86
CA GLN O 250 13.17 92.44 -7.13
C GLN O 250 11.93 92.43 -8.01
N ALA O 251 11.90 93.32 -9.00
CA ALA O 251 10.76 93.43 -9.90
C ALA O 251 10.88 92.49 -11.10
N GLY O 252 12.01 91.79 -11.18
CA GLY O 252 12.22 90.87 -12.28
C GLY O 252 12.78 91.41 -13.58
N LEU O 253 13.31 92.63 -13.55
CA LEU O 253 13.82 93.28 -14.76
C LEU O 253 15.12 92.71 -15.33
N ASP O 254 15.80 91.89 -14.54
CA ASP O 254 17.07 91.34 -15.01
C ASP O 254 16.90 90.49 -16.28
N GLN O 255 15.69 90.04 -16.57
CA GLN O 255 15.44 89.22 -17.76
C GLN O 255 15.02 90.06 -18.97
N TYR O 256 15.05 91.37 -18.83
CA TYR O 256 14.71 92.29 -19.93
C TYR O 256 15.97 92.83 -20.59
N PRO O 257 16.23 92.43 -21.84
CA PRO O 257 17.43 92.87 -22.55
C PRO O 257 17.78 94.37 -22.51
N PHE O 258 16.81 95.26 -22.65
CA PHE O 258 17.15 96.69 -22.61
C PHE O 258 17.73 97.10 -21.25
N TRP O 259 17.17 96.57 -20.16
CA TRP O 259 17.68 96.91 -18.84
C TRP O 259 19.08 96.34 -18.64
N GLN O 260 19.35 95.17 -19.22
CA GLN O 260 20.69 94.60 -19.17
C GLN O 260 21.71 95.52 -19.85
N ARG O 261 21.35 96.10 -20.99
CA ARG O 261 22.27 97.00 -21.68
C ARG O 261 22.45 98.29 -20.92
N MET O 262 21.36 98.85 -20.42
CA MET O 262 21.44 100.10 -19.67
C MET O 262 22.26 99.96 -18.42
N HIS O 263 22.02 98.89 -17.67
CA HIS O 263 22.72 98.60 -16.43
C HIS O 263 24.22 98.53 -16.71
N ALA O 264 24.59 97.97 -17.87
CA ALA O 264 26.00 97.82 -18.24
C ALA O 264 26.64 99.12 -18.73
N HIS O 265 25.82 100.10 -19.06
CA HIS O 265 26.34 101.38 -19.54
C HIS O 265 25.81 102.59 -18.76
N PRO O 266 26.19 102.75 -17.47
CA PRO O 266 25.78 103.92 -16.67
C PRO O 266 26.41 105.24 -17.09
N ALA O 267 27.53 105.17 -17.81
CA ALA O 267 28.23 106.38 -18.26
C ALA O 267 27.92 106.71 -19.71
N TYR O 268 28.34 107.89 -20.11
CA TYR O 268 28.06 108.33 -21.47
C TYR O 268 29.11 107.80 -22.45
N ASP O 269 29.11 106.47 -22.62
CA ASP O 269 30.08 105.81 -23.47
C ASP O 269 29.55 105.67 -24.89
N ALA O 270 30.22 104.85 -25.70
CA ALA O 270 29.82 104.63 -27.09
C ALA O 270 28.35 104.27 -27.24
N PHE O 271 27.82 103.53 -26.27
CA PHE O 271 26.44 103.08 -26.32
C PHE O 271 25.46 104.26 -26.38
N TRP O 272 25.69 105.31 -25.59
CA TRP O 272 24.79 106.45 -25.61
C TRP O 272 25.17 107.50 -26.66
N GLN O 273 26.47 107.69 -26.85
CA GLN O 273 26.97 108.65 -27.83
C GLN O 273 26.51 108.28 -29.24
N GLY O 274 26.37 106.98 -29.49
CA GLY O 274 25.87 106.50 -30.77
C GLY O 274 24.36 106.65 -30.95
N GLN O 275 23.67 107.14 -29.93
CA GLN O 275 22.23 107.33 -29.99
C GLN O 275 21.86 108.81 -29.81
N ALA O 276 22.86 109.69 -29.72
CA ALA O 276 22.60 111.12 -29.53
C ALA O 276 22.15 111.67 -30.86
N LEU O 277 20.83 111.68 -31.06
CA LEU O 277 20.29 112.10 -32.35
C LEU O 277 20.53 113.54 -32.73
N ASP O 278 20.76 114.40 -31.74
CA ASP O 278 21.01 115.80 -32.02
C ASP O 278 22.29 115.92 -32.83
N LYS O 279 23.33 115.23 -32.40
CA LYS O 279 24.62 115.27 -33.08
C LYS O 279 24.53 114.64 -34.46
N ILE O 280 23.96 113.44 -34.49
CA ILE O 280 23.86 112.71 -35.74
C ILE O 280 23.10 113.46 -36.82
N LEU O 281 21.96 114.04 -36.45
CA LEU O 281 21.07 114.75 -37.36
C LEU O 281 21.83 115.95 -37.92
N ALA O 282 22.57 116.65 -37.07
CA ALA O 282 23.35 117.82 -37.47
C ALA O 282 24.32 117.44 -38.59
N GLN O 283 24.89 116.25 -38.50
CA GLN O 283 25.82 115.74 -39.51
C GLN O 283 25.12 115.43 -40.82
N ARG O 284 23.85 115.08 -40.75
CA ARG O 284 23.06 114.79 -41.95
C ARG O 284 22.51 116.06 -42.61
N LYS O 285 22.35 117.13 -41.84
CA LYS O 285 21.80 118.39 -42.38
C LYS O 285 20.57 118.25 -43.26
N PRO O 286 19.40 117.94 -42.67
CA PRO O 286 18.23 117.79 -43.51
C PRO O 286 17.80 119.08 -44.16
N THR O 287 17.01 118.97 -45.22
CA THR O 287 16.50 120.16 -45.91
C THR O 287 14.98 120.18 -45.83
N VAL O 288 14.39 119.35 -44.98
CA VAL O 288 12.94 119.31 -44.79
C VAL O 288 12.63 120.38 -43.77
N PRO O 289 11.69 121.29 -44.08
CA PRO O 289 11.34 122.31 -43.10
C PRO O 289 11.00 121.63 -41.78
N MET O 290 11.43 122.24 -40.67
CA MET O 290 11.20 121.72 -39.33
C MET O 290 10.70 122.71 -38.29
N LEU O 291 9.77 122.23 -37.47
CA LEU O 291 9.19 123.00 -36.39
C LEU O 291 9.48 122.10 -35.18
N TRP O 292 10.40 122.52 -34.33
CA TRP O 292 10.76 121.79 -33.12
C TRP O 292 9.98 122.35 -31.93
N GLU O 293 9.35 121.49 -31.15
CA GLU O 293 8.55 121.95 -30.01
C GLU O 293 8.81 121.19 -28.73
N GLN O 294 8.73 121.94 -27.64
CA GLN O 294 8.84 121.39 -26.30
C GLN O 294 8.24 122.37 -25.28
N GLY O 295 7.80 121.84 -24.15
CA GLY O 295 7.21 122.68 -23.11
C GLY O 295 8.32 123.28 -22.27
N LEU O 296 8.07 124.43 -21.66
CA LEU O 296 9.06 125.07 -20.80
C LEU O 296 9.17 124.26 -19.48
N TRP O 297 8.10 123.54 -19.17
CA TRP O 297 8.13 122.69 -18.02
C TRP O 297 8.00 121.25 -18.46
N ASP O 298 8.74 120.86 -19.48
CA ASP O 298 8.65 119.49 -19.97
C ASP O 298 9.34 118.56 -18.97
N GLN O 299 8.56 117.72 -18.29
CA GLN O 299 9.09 116.88 -17.24
C GLN O 299 9.61 115.51 -17.67
N GLU O 300 9.64 115.25 -18.98
CA GLU O 300 10.15 113.98 -19.51
C GLU O 300 11.25 114.07 -20.58
N ASP O 301 11.19 115.10 -21.42
CA ASP O 301 12.14 115.28 -22.50
C ASP O 301 12.52 116.74 -22.66
N MET O 302 13.17 117.28 -21.63
CA MET O 302 13.57 118.68 -21.62
C MET O 302 14.75 119.02 -22.55
N TRP O 303 15.59 118.04 -22.84
CA TRP O 303 16.79 118.22 -23.65
C TRP O 303 16.58 118.22 -25.16
N GLY O 304 15.82 117.23 -25.61
CA GLY O 304 15.57 117.02 -27.02
C GLY O 304 15.46 118.16 -28.02
N ALA O 305 14.26 118.73 -28.09
CA ALA O 305 13.94 119.73 -29.10
C ALA O 305 14.91 120.88 -29.21
N ILE O 306 15.23 121.50 -28.08
CA ILE O 306 16.08 122.68 -28.08
C ILE O 306 17.52 122.36 -28.49
N HIS O 307 18.03 121.21 -28.09
CA HIS O 307 19.38 120.84 -28.46
C HIS O 307 19.48 120.44 -29.95
N ALA O 308 18.47 119.74 -30.45
CA ALA O 308 18.47 119.31 -31.84
C ALA O 308 18.26 120.56 -32.70
N TRP O 309 17.44 121.49 -32.23
CA TRP O 309 17.26 122.72 -32.98
C TRP O 309 18.54 123.56 -33.01
N GLN O 310 19.20 123.66 -31.86
CA GLN O 310 20.43 124.45 -31.81
C GLN O 310 21.53 123.84 -32.69
N ALA O 311 21.61 122.51 -32.69
CA ALA O 311 22.66 121.86 -33.46
C ALA O 311 22.48 122.10 -34.94
N LEU O 312 21.22 122.09 -35.38
CA LEU O 312 20.94 122.29 -36.79
C LEU O 312 21.30 123.72 -37.16
N LYS O 313 20.93 124.65 -36.27
CA LYS O 313 21.18 126.06 -36.45
C LYS O 313 22.69 126.26 -36.53
N ASP O 314 23.43 125.61 -35.62
CA ASP O 314 24.87 125.74 -35.63
C ASP O 314 25.55 125.15 -36.86
N ALA O 315 24.90 124.16 -37.48
CA ALA O 315 25.41 123.51 -38.70
C ALA O 315 24.86 124.21 -39.93
N ASP O 316 24.21 125.35 -39.69
CA ASP O 316 23.66 126.20 -40.73
C ASP O 316 22.76 125.45 -41.70
N VAL O 317 21.77 124.74 -41.15
CA VAL O 317 20.84 123.95 -41.94
C VAL O 317 20.16 124.86 -42.97
N LYS O 318 19.94 124.33 -44.16
CA LYS O 318 19.36 125.06 -45.27
C LYS O 318 17.87 124.79 -45.44
N ALA O 319 17.09 125.13 -44.42
CA ALA O 319 15.67 124.88 -44.44
C ALA O 319 15.09 125.52 -43.19
N PRO O 320 13.80 125.92 -43.23
CA PRO O 320 13.20 126.53 -42.06
C PRO O 320 13.50 125.62 -40.89
N ASN O 321 13.83 126.22 -39.76
CA ASN O 321 14.16 125.49 -38.56
C ASN O 321 13.81 126.40 -37.39
N THR O 322 12.60 126.21 -36.87
CA THR O 322 12.05 127.04 -35.80
C THR O 322 11.75 126.26 -34.54
N LEU O 323 12.08 126.87 -33.42
CA LEU O 323 11.81 126.31 -32.10
C LEU O 323 10.59 126.97 -31.46
N VAL O 324 9.68 126.14 -30.95
CA VAL O 324 8.50 126.65 -30.24
C VAL O 324 8.49 126.05 -28.85
N MET O 325 8.33 126.92 -27.85
CA MET O 325 8.26 126.52 -26.45
C MET O 325 7.12 127.27 -25.77
N GLY O 326 6.18 126.51 -25.24
CA GLY O 326 5.02 127.07 -24.57
C GLY O 326 5.04 126.70 -23.11
N PRO O 327 4.07 127.21 -22.32
CA PRO O 327 3.97 127.00 -20.90
C PRO O 327 3.28 125.67 -20.68
N TRP O 328 3.96 124.62 -21.12
CA TRP O 328 3.37 123.29 -21.07
C TRP O 328 4.20 122.21 -20.39
N ARG O 329 3.51 121.15 -19.99
CA ARG O 329 4.19 119.98 -19.46
C ARG O 329 4.51 119.11 -20.67
N HIS O 330 5.01 117.90 -20.45
CA HIS O 330 5.35 116.98 -21.53
C HIS O 330 4.15 116.63 -22.42
N SER O 331 4.26 116.94 -23.71
CA SER O 331 3.16 116.70 -24.66
C SER O 331 1.95 117.58 -24.43
N GLY O 332 2.08 118.60 -23.59
CA GLY O 332 0.95 119.47 -23.31
C GLY O 332 0.49 120.22 -24.55
N VAL O 333 1.38 120.28 -25.52
CA VAL O 333 1.05 121.00 -26.74
C VAL O 333 -0.12 120.33 -27.46
N ASN O 334 -0.42 119.07 -27.15
CA ASN O 334 -1.52 118.33 -27.78
C ASN O 334 -2.83 118.32 -27.02
N TYR O 335 -2.90 119.08 -25.93
CA TYR O 335 -4.09 119.18 -25.09
C TYR O 335 -4.42 120.66 -24.81
N ASN O 336 -4.92 120.97 -23.61
CA ASN O 336 -5.30 122.35 -23.28
C ASN O 336 -4.18 123.02 -22.51
N GLY O 337 -3.73 124.18 -22.98
CA GLY O 337 -2.64 124.89 -22.34
C GLY O 337 -3.03 126.14 -21.60
N SER O 338 -4.22 126.15 -21.01
CA SER O 338 -4.70 127.29 -20.25
C SER O 338 -4.07 127.37 -18.85
N THR O 339 -3.71 126.21 -18.33
CA THR O 339 -3.17 126.09 -17.00
C THR O 339 -2.16 124.96 -16.88
N LEU O 340 -1.46 124.97 -15.75
CA LEU O 340 -0.47 123.95 -15.41
C LEU O 340 -0.36 124.04 -13.90
N GLY O 341 -0.76 122.98 -13.23
CA GLY O 341 -0.77 122.99 -11.77
C GLY O 341 -1.72 124.10 -11.36
N PRO O 342 -1.28 124.99 -10.46
CA PRO O 342 -2.08 126.16 -10.05
C PRO O 342 -1.87 127.37 -10.96
N LEU O 343 -0.95 127.28 -11.90
CA LEU O 343 -0.69 128.40 -12.78
C LEU O 343 -1.78 128.61 -13.85
N GLU O 344 -2.03 129.88 -14.17
CA GLU O 344 -3.00 130.24 -15.18
C GLU O 344 -2.30 131.06 -16.24
N PHE O 345 -2.54 130.73 -17.50
CA PHE O 345 -1.92 131.40 -18.62
C PHE O 345 -3.00 132.17 -19.40
N GLU O 346 -2.61 132.85 -20.47
CA GLU O 346 -3.55 133.65 -21.25
C GLU O 346 -4.19 132.81 -22.35
N GLY O 347 -5.21 132.08 -21.96
CA GLY O 347 -5.95 131.24 -22.89
C GLY O 347 -5.32 129.89 -23.17
N ASP O 348 -5.96 129.12 -24.06
CA ASP O 348 -5.46 127.82 -24.41
C ASP O 348 -4.26 127.98 -25.35
N THR O 349 -3.09 128.15 -24.74
CA THR O 349 -1.86 128.39 -25.46
C THR O 349 -1.49 127.29 -26.45
N ALA O 350 -1.93 126.07 -26.16
CA ALA O 350 -1.64 124.93 -26.99
C ALA O 350 -2.46 125.05 -28.26
N HIS O 351 -3.77 125.30 -28.12
CA HIS O 351 -4.66 125.49 -29.26
C HIS O 351 -4.15 126.65 -30.14
N GLN O 352 -3.77 127.76 -29.52
CA GLN O 352 -3.25 128.93 -30.23
C GLN O 352 -2.10 128.52 -31.14
N TYR O 353 -1.11 127.84 -30.57
CA TYR O 353 0.03 127.37 -31.34
C TYR O 353 -0.41 126.48 -32.51
N ARG O 354 -1.26 125.49 -32.22
CA ARG O 354 -1.70 124.57 -33.27
C ARG O 354 -2.39 125.30 -34.42
N ARG O 355 -3.20 126.30 -34.08
CA ARG O 355 -3.99 127.04 -35.04
C ARG O 355 -3.19 128.12 -35.76
N ASP O 356 -2.37 128.86 -35.03
CA ASP O 356 -1.68 130.00 -35.63
C ASP O 356 -0.29 129.75 -36.19
N VAL O 357 0.31 128.64 -35.82
CA VAL O 357 1.66 128.35 -36.28
C VAL O 357 1.80 126.98 -36.91
N PHE O 358 1.44 125.95 -36.18
CA PHE O 358 1.57 124.56 -36.64
C PHE O 358 0.82 124.39 -37.97
N ARG O 359 -0.49 124.58 -37.95
CA ARG O 359 -1.36 124.43 -39.12
C ARG O 359 -0.86 125.21 -40.35
N PRO O 360 -0.78 126.55 -40.25
CA PRO O 360 -0.34 127.34 -41.40
C PRO O 360 1.02 126.94 -41.98
N PHE O 361 1.94 126.56 -41.10
CA PHE O 361 3.28 126.12 -41.48
C PHE O 361 3.23 124.81 -42.29
N PHE O 362 2.45 123.85 -41.81
CA PHE O 362 2.22 122.60 -42.53
C PHE O 362 1.49 122.83 -43.86
N ASP O 363 0.48 123.69 -43.87
CA ASP O 363 -0.27 123.97 -45.08
C ASP O 363 0.65 124.49 -46.19
N GLU O 364 1.62 125.32 -45.83
CA GLU O 364 2.50 125.91 -46.83
C GLU O 364 3.21 124.87 -47.67
N TYR O 365 3.56 123.76 -47.04
CA TYR O 365 4.26 122.72 -47.77
C TYR O 365 3.38 121.54 -48.17
N LEU O 366 2.22 121.39 -47.55
CA LEU O 366 1.38 120.25 -47.87
C LEU O 366 0.16 120.60 -48.70
N LYS O 367 -0.22 121.87 -48.75
CA LYS O 367 -1.38 122.31 -49.54
C LYS O 367 -0.97 123.37 -50.55
N PRO O 368 -0.49 122.92 -51.72
CA PRO O 368 -0.04 123.85 -52.74
C PRO O 368 -1.02 124.97 -52.98
N GLY O 369 -0.51 126.20 -53.01
CA GLY O 369 -1.34 127.37 -53.19
C GLY O 369 -1.60 128.11 -51.89
N SER O 370 -1.28 127.49 -50.76
CA SER O 370 -1.51 128.11 -49.46
C SER O 370 -0.54 129.26 -49.27
N ALA O 371 -0.94 130.18 -48.41
CA ALA O 371 -0.11 131.33 -48.06
C ALA O 371 1.17 130.84 -47.41
N SER O 372 2.25 131.56 -47.70
CA SER O 372 3.54 131.27 -47.12
C SER O 372 3.70 131.97 -45.78
N VAL O 373 4.42 131.32 -44.87
CA VAL O 373 4.62 131.88 -43.55
C VAL O 373 6.11 132.08 -43.39
N HIS O 374 6.49 133.11 -42.65
CA HIS O 374 7.90 133.41 -42.44
C HIS O 374 8.19 133.39 -40.95
N LEU O 375 8.37 132.18 -40.41
CA LEU O 375 8.58 132.01 -39.00
C LEU O 375 9.97 132.46 -38.58
N PRO O 376 10.09 132.98 -37.36
CA PRO O 376 11.37 133.43 -36.85
C PRO O 376 12.20 132.26 -36.36
N ASP O 377 13.30 132.56 -35.67
CA ASP O 377 14.15 131.54 -35.07
C ASP O 377 13.36 130.82 -33.99
N ALA O 378 12.67 131.58 -33.16
CA ALA O 378 11.92 130.99 -32.05
C ALA O 378 10.65 131.72 -31.70
N ILE O 379 9.65 130.93 -31.31
CA ILE O 379 8.36 131.44 -30.82
C ILE O 379 8.24 130.84 -29.42
N ILE O 380 8.44 131.68 -28.42
CA ILE O 380 8.43 131.26 -27.03
C ILE O 380 7.49 132.11 -26.21
N TYR O 381 6.68 131.42 -25.40
CA TYR O 381 5.72 132.05 -24.50
C TYR O 381 6.51 132.67 -23.36
N ASN O 382 6.07 133.85 -22.92
CA ASN O 382 6.74 134.54 -21.85
C ASN O 382 5.93 134.26 -20.61
N THR O 383 6.56 133.59 -19.67
CA THR O 383 5.90 133.23 -18.45
C THR O 383 5.86 134.38 -17.44
N GLY O 384 6.34 135.55 -17.82
CA GLY O 384 6.29 136.73 -16.97
C GLY O 384 5.25 137.68 -17.53
N ASP O 385 5.43 138.07 -18.79
CA ASP O 385 4.51 138.98 -19.47
C ASP O 385 3.23 138.31 -19.94
N GLN O 386 3.18 136.98 -19.92
CA GLN O 386 1.98 136.26 -20.30
C GLN O 386 1.55 136.54 -21.74
N LYS O 387 2.47 136.33 -22.67
CA LYS O 387 2.22 136.55 -24.09
C LYS O 387 3.26 135.79 -24.89
N TRP O 388 2.98 135.64 -26.17
CA TRP O 388 3.91 134.98 -27.08
C TRP O 388 4.93 135.96 -27.62
N ASP O 389 6.19 135.54 -27.60
CA ASP O 389 7.30 136.35 -28.10
C ASP O 389 7.85 135.78 -29.40
N TYR O 390 7.90 136.60 -30.42
CA TYR O 390 8.47 136.13 -31.66
C TYR O 390 9.90 136.66 -31.75
N TYR O 391 10.88 135.76 -31.67
CA TYR O 391 12.26 136.17 -31.74
C TYR O 391 12.94 135.82 -33.07
N ARG O 392 13.21 136.86 -33.84
CA ARG O 392 13.86 136.76 -35.13
C ARG O 392 15.18 136.01 -35.02
N SER O 393 15.98 136.38 -34.01
CA SER O 393 17.23 135.67 -33.72
C SER O 393 17.17 135.27 -32.27
N TRP O 394 17.44 134.01 -31.95
CA TRP O 394 17.38 133.57 -30.56
C TRP O 394 18.36 132.43 -30.33
N PRO O 395 19.03 132.43 -29.17
CA PRO O 395 18.94 133.45 -28.15
C PRO O 395 19.77 134.66 -28.51
N SER O 396 19.55 135.78 -27.81
CA SER O 396 20.32 137.00 -28.04
C SER O 396 21.51 137.03 -27.10
N VAL O 397 21.48 136.23 -26.04
CA VAL O 397 22.60 136.14 -25.12
C VAL O 397 22.94 134.68 -24.84
N CYS O 398 24.23 134.40 -24.62
CA CYS O 398 24.68 133.06 -24.25
C CYS O 398 26.16 133.15 -23.89
N GLU O 399 26.77 132.03 -23.53
CA GLU O 399 28.20 132.04 -23.19
C GLU O 399 29.14 132.45 -24.31
N SER O 400 28.87 132.06 -25.55
CA SER O 400 29.76 132.44 -26.65
C SER O 400 29.05 132.54 -27.99
N ASN O 401 29.60 133.36 -28.88
CA ASN O 401 29.07 133.57 -30.22
C ASN O 401 27.65 134.13 -30.31
N CYS O 402 27.31 134.98 -29.34
CA CYS O 402 26.02 135.65 -29.29
C CYS O 402 26.24 137.14 -29.20
N THR O 403 25.20 137.88 -29.54
CA THR O 403 25.20 139.33 -29.53
C THR O 403 25.63 139.85 -28.17
N GLY O 404 25.27 139.13 -27.11
CA GLY O 404 25.63 139.50 -25.76
C GLY O 404 25.98 138.31 -24.90
N GLY O 405 26.45 138.59 -23.69
CA GLY O 405 26.82 137.52 -22.78
C GLY O 405 25.83 137.41 -21.65
N LEU O 406 26.04 136.40 -20.82
CA LEU O 406 25.22 136.12 -19.66
C LEU O 406 25.57 137.10 -18.54
N THR O 407 24.65 137.25 -17.59
CA THR O 407 24.83 138.10 -16.44
C THR O 407 24.80 137.26 -15.17
N PRO O 408 25.97 137.08 -14.54
CA PRO O 408 25.98 136.27 -13.33
C PRO O 408 25.21 136.91 -12.16
N LEU O 409 24.40 136.09 -11.49
CA LEU O 409 23.67 136.39 -10.27
C LEU O 409 24.38 135.57 -9.19
N TYR O 410 25.20 136.26 -8.41
CA TYR O 410 26.04 135.65 -7.39
C TYR O 410 25.41 135.36 -6.05
N LEU O 411 25.74 134.18 -5.52
CA LEU O 411 25.34 133.84 -4.16
C LEU O 411 26.16 134.75 -3.28
N ALA O 412 25.63 135.09 -2.11
CA ALA O 412 26.34 135.98 -1.21
C ALA O 412 25.99 135.71 0.24
N ASP O 413 26.69 136.37 1.14
CA ASP O 413 26.47 136.20 2.56
C ASP O 413 25.03 136.48 2.92
N GLY O 414 24.63 136.01 4.10
CA GLY O 414 23.27 136.23 4.57
C GLY O 414 22.26 135.61 3.63
N HIS O 415 22.66 134.51 2.99
CA HIS O 415 21.79 133.80 2.08
C HIS O 415 21.14 134.74 1.08
N GLY O 416 21.97 135.61 0.52
CA GLY O 416 21.46 136.58 -0.42
C GLY O 416 21.86 136.24 -1.82
N LEU O 417 21.38 137.06 -2.74
CA LEU O 417 21.72 136.93 -4.16
C LEU O 417 21.83 138.32 -4.69
N SER O 418 22.88 138.56 -5.48
CA SER O 418 23.20 139.87 -5.99
C SER O 418 23.95 139.81 -7.31
N PHE O 419 23.78 140.86 -8.12
CA PHE O 419 24.48 140.95 -9.39
C PHE O 419 25.91 141.43 -9.20
N THR O 420 26.22 141.88 -7.98
CA THR O 420 27.56 142.32 -7.63
C THR O 420 28.39 141.12 -7.15
N HIS O 421 29.59 140.99 -7.72
CA HIS O 421 30.52 139.93 -7.37
C HIS O 421 31.03 140.22 -5.97
N PRO O 422 30.71 139.36 -4.99
CA PRO O 422 31.24 139.60 -3.65
C PRO O 422 32.75 139.44 -3.71
N ALA O 423 33.48 140.35 -3.07
CA ALA O 423 34.93 140.34 -3.08
C ALA O 423 35.54 139.27 -2.18
N ALA O 424 34.97 139.11 -0.99
CA ALA O 424 35.43 138.15 0.00
C ALA O 424 34.96 136.72 -0.24
N ASP O 425 35.68 135.76 0.32
CA ASP O 425 35.32 134.35 0.23
C ASP O 425 34.41 133.93 1.35
N GLY O 426 33.61 132.90 1.12
CA GLY O 426 32.67 132.42 2.13
C GLY O 426 32.03 131.12 1.74
N ALA O 427 31.33 130.49 2.67
CA ALA O 427 30.71 129.22 2.38
C ALA O 427 29.58 128.90 3.35
N ASP O 428 28.55 128.23 2.83
CA ASP O 428 27.43 127.75 3.62
C ASP O 428 27.45 126.22 3.47
N SER O 429 27.20 125.52 4.58
CA SER O 429 27.18 124.07 4.59
C SER O 429 25.81 123.50 4.93
N TYR O 430 25.55 122.30 4.42
CA TYR O 430 24.33 121.56 4.69
C TYR O 430 24.73 120.10 4.69
N VAL O 431 23.97 119.30 5.43
CA VAL O 431 24.25 117.87 5.57
C VAL O 431 23.30 117.06 4.70
N SER O 432 23.86 116.25 3.82
CA SER O 432 23.07 115.42 2.92
C SER O 432 23.13 113.95 3.38
N ASP O 433 22.01 113.45 3.90
CA ASP O 433 21.87 112.08 4.45
C ASP O 433 20.98 111.20 3.57
N PRO O 434 21.59 110.26 2.86
CA PRO O 434 20.86 109.39 1.95
C PRO O 434 19.70 108.60 2.57
N ALA O 435 19.66 108.51 3.89
CA ALA O 435 18.58 107.83 4.58
C ALA O 435 17.35 108.74 4.65
N HIS O 436 17.56 110.03 4.44
CA HIS O 436 16.49 110.99 4.48
C HIS O 436 16.60 111.90 3.28
N PRO O 437 16.38 111.35 2.09
CA PRO O 437 16.49 112.15 0.88
C PRO O 437 15.37 113.17 0.70
N VAL O 438 15.65 114.23 -0.04
CA VAL O 438 14.67 115.28 -0.27
C VAL O 438 13.64 114.81 -1.28
N PRO O 439 12.36 114.80 -0.88
CA PRO O 439 11.30 114.44 -1.83
C PRO O 439 11.24 115.41 -2.99
N PHE O 440 11.15 114.93 -4.22
CA PHE O 440 11.11 115.90 -5.33
C PHE O 440 9.77 116.63 -5.34
N ILE O 441 8.74 115.98 -4.81
CA ILE O 441 7.41 116.58 -4.59
C ILE O 441 6.90 115.91 -3.31
N SER O 442 5.94 116.53 -2.67
CA SER O 442 5.39 116.03 -1.41
C SER O 442 4.90 114.59 -1.34
N ARG O 443 5.20 113.96 -0.23
CA ARG O 443 4.83 112.58 -0.01
C ARG O 443 3.36 112.52 0.35
N PRO O 444 2.72 111.39 0.02
CA PRO O 444 3.25 110.24 -0.69
C PRO O 444 3.11 110.40 -2.18
N PHE O 445 4.01 109.78 -2.94
CA PHE O 445 3.93 109.84 -4.39
C PHE O 445 4.23 108.48 -5.00
N ALA O 446 3.47 108.10 -6.00
CA ALA O 446 3.69 106.88 -6.76
C ALA O 446 3.79 107.29 -8.21
N PHE O 447 4.74 106.73 -8.97
CA PHE O 447 4.88 107.06 -10.40
C PHE O 447 3.59 106.82 -11.19
N ALA O 448 2.68 106.05 -10.60
CA ALA O 448 1.42 105.75 -11.23
C ALA O 448 0.46 106.94 -11.25
N GLN O 449 0.65 107.85 -10.30
CA GLN O 449 -0.15 109.06 -10.12
C GLN O 449 0.14 110.14 -11.14
N SER O 450 -0.41 109.95 -12.34
CA SER O 450 -0.18 110.87 -13.45
C SER O 450 -0.55 112.32 -13.16
N SER O 451 -1.63 112.50 -12.41
CA SER O 451 -2.11 113.83 -12.08
C SER O 451 -1.05 114.60 -11.33
N ARG O 452 -0.25 113.90 -10.54
CA ARG O 452 0.79 114.61 -9.79
C ARG O 452 2.12 114.67 -10.51
N TRP O 453 2.33 113.76 -11.45
CA TRP O 453 3.58 113.71 -12.19
C TRP O 453 3.67 114.81 -13.22
N LYS O 454 2.64 114.93 -14.05
CA LYS O 454 2.61 115.91 -15.14
C LYS O 454 3.05 117.32 -14.78
N PRO O 455 2.46 117.93 -13.74
CA PRO O 455 2.83 119.29 -13.37
C PRO O 455 3.82 119.42 -12.23
N TRP O 456 4.71 118.45 -12.04
CA TRP O 456 5.61 118.55 -10.89
C TRP O 456 6.63 119.69 -10.90
N LEU O 457 7.05 120.12 -12.08
CA LEU O 457 8.04 121.18 -12.22
C LEU O 457 7.58 122.57 -11.77
N VAL O 458 6.27 122.78 -11.61
CA VAL O 458 5.73 124.08 -11.18
C VAL O 458 5.23 124.09 -9.74
N GLN O 459 5.54 123.03 -8.99
CA GLN O 459 5.10 122.96 -7.62
C GLN O 459 5.91 123.91 -6.75
N ASP O 460 5.31 124.33 -5.65
CA ASP O 460 5.91 125.25 -4.70
C ASP O 460 7.13 124.64 -4.03
N GLN O 461 8.26 125.36 -3.98
CA GLN O 461 9.46 124.78 -3.37
C GLN O 461 9.67 125.13 -1.91
N ARG O 462 8.62 125.64 -1.28
CA ARG O 462 8.71 126.00 0.12
C ARG O 462 8.95 124.83 1.06
N GLU O 463 8.45 123.65 0.74
CA GLU O 463 8.70 122.51 1.61
C GLU O 463 10.20 122.24 1.68
N ALA O 464 10.88 122.34 0.54
CA ALA O 464 12.31 122.11 0.49
C ALA O 464 13.08 123.14 1.29
N GLU O 465 12.67 124.39 1.16
CA GLU O 465 13.36 125.49 1.84
C GLU O 465 13.42 125.32 3.34
N SER O 466 12.40 124.68 3.88
CA SER O 466 12.28 124.53 5.32
C SER O 466 13.20 123.45 5.90
N ARG O 467 13.89 122.72 5.02
CA ARG O 467 14.76 121.64 5.45
C ARG O 467 16.20 122.09 5.63
N PRO O 468 16.90 121.49 6.59
CA PRO O 468 18.29 121.81 6.80
C PRO O 468 19.21 121.18 5.77
N ASP O 469 18.71 120.30 4.89
CA ASP O 469 19.55 119.68 3.88
C ASP O 469 19.42 120.33 2.50
N VAL O 470 18.90 121.56 2.52
CA VAL O 470 18.70 122.37 1.34
C VAL O 470 19.21 123.75 1.70
N VAL O 471 19.95 124.44 0.83
CA VAL O 471 20.37 125.81 1.10
C VAL O 471 19.63 126.72 0.11
N THR O 472 19.05 127.79 0.64
CA THR O 472 18.26 128.70 -0.17
C THR O 472 18.85 130.10 -0.14
N TYR O 473 18.83 130.77 -1.29
CA TYR O 473 19.34 132.13 -1.42
C TYR O 473 18.30 132.94 -2.18
N GLU O 474 18.21 134.24 -1.87
CA GLU O 474 17.26 135.10 -2.52
C GLU O 474 17.70 136.56 -2.57
N THR O 475 17.24 137.26 -3.60
CA THR O 475 17.51 138.68 -3.77
C THR O 475 16.54 139.38 -2.83
N GLU O 476 16.67 140.70 -2.74
CA GLU O 476 15.75 141.50 -1.95
C GLU O 476 14.50 141.56 -2.82
N VAL O 477 13.39 142.08 -2.31
CA VAL O 477 12.25 142.20 -3.20
C VAL O 477 12.58 143.22 -4.29
N LEU O 478 12.36 142.80 -5.54
CA LEU O 478 12.72 143.62 -6.70
C LEU O 478 11.97 144.94 -6.90
N ASP O 479 12.74 146.03 -7.04
CA ASP O 479 12.23 147.37 -7.32
C ASP O 479 12.05 147.57 -8.83
N GLU O 480 12.81 146.83 -9.63
CA GLU O 480 12.69 146.91 -11.06
C GLU O 480 12.64 145.48 -11.57
N PRO O 481 11.89 145.22 -12.64
CA PRO O 481 11.84 143.87 -13.17
C PRO O 481 13.14 143.42 -13.85
N VAL O 482 13.42 142.12 -13.86
CA VAL O 482 14.59 141.67 -14.61
C VAL O 482 14.06 140.64 -15.60
N ARG O 483 14.34 140.87 -16.88
CA ARG O 483 13.88 140.01 -17.97
C ARG O 483 14.98 139.06 -18.38
N VAL O 484 14.64 137.78 -18.52
CA VAL O 484 15.58 136.72 -18.90
C VAL O 484 15.01 135.95 -20.10
N SER O 485 15.87 135.61 -21.05
CA SER O 485 15.45 134.86 -22.22
C SER O 485 16.68 134.21 -22.80
N GLY O 486 16.79 132.90 -22.58
CA GLY O 486 17.94 132.13 -23.04
C GLY O 486 18.14 130.93 -22.15
N VAL O 487 19.33 130.35 -22.15
CA VAL O 487 19.55 129.21 -21.30
C VAL O 487 20.50 129.59 -20.17
N PRO O 488 20.07 129.43 -18.92
CA PRO O 488 20.89 129.74 -17.76
C PRO O 488 21.92 128.65 -17.51
N VAL O 489 23.03 129.03 -16.92
CA VAL O 489 24.09 128.08 -16.66
C VAL O 489 24.48 128.19 -15.20
N ALA O 490 24.50 127.03 -14.53
CA ALA O 490 24.95 126.92 -13.17
C ALA O 490 26.48 126.88 -13.18
N ASP O 491 27.09 127.80 -12.43
CA ASP O 491 28.53 127.90 -12.28
C ASP O 491 28.59 127.70 -10.78
N LEU O 492 28.77 126.43 -10.40
CA LEU O 492 28.77 126.02 -9.01
C LEU O 492 30.14 125.60 -8.58
N PHE O 493 30.52 126.11 -7.42
CA PHE O 493 31.77 125.84 -6.73
C PHE O 493 31.28 125.23 -5.44
N ALA O 494 31.45 123.92 -5.33
CA ALA O 494 30.99 123.17 -4.16
C ALA O 494 31.96 122.08 -3.73
N ALA O 495 31.99 121.80 -2.44
CA ALA O 495 32.80 120.76 -1.87
C ALA O 495 31.87 119.79 -1.15
N THR O 496 32.33 118.53 -1.08
CA THR O 496 31.61 117.46 -0.36
C THR O 496 32.69 116.74 0.42
N SER O 497 32.30 116.22 1.58
CA SER O 497 33.18 115.43 2.44
C SER O 497 33.25 113.99 1.94
N GLY O 498 32.37 113.63 1.03
CA GLY O 498 32.36 112.27 0.44
C GLY O 498 33.18 112.25 -0.84
N THR O 499 33.12 111.13 -1.57
CA THR O 499 33.86 110.99 -2.84
C THR O 499 32.95 111.01 -4.08
N ASP O 500 31.70 111.35 -3.86
CA ASP O 500 30.75 111.48 -4.97
C ASP O 500 29.59 112.30 -4.39
N SER O 501 28.80 112.89 -5.28
CA SER O 501 27.63 113.67 -4.89
C SER O 501 26.84 114.16 -6.09
N ASP O 502 25.55 114.34 -5.84
CA ASP O 502 24.68 114.91 -6.86
C ASP O 502 24.52 116.35 -6.48
N TRP O 503 24.20 117.20 -7.44
CA TRP O 503 24.00 118.58 -7.13
C TRP O 503 22.76 119.03 -7.87
N VAL O 504 21.75 119.43 -7.10
CA VAL O 504 20.51 119.91 -7.65
C VAL O 504 20.49 121.40 -7.46
N VAL O 505 20.22 122.12 -8.56
CA VAL O 505 20.18 123.57 -8.56
C VAL O 505 18.84 124.01 -9.14
N LYS O 506 18.20 124.93 -8.44
CA LYS O 506 16.89 125.45 -8.82
C LYS O 506 16.82 126.96 -8.88
N LEU O 507 16.41 127.49 -10.02
CA LEU O 507 16.21 128.93 -10.22
C LEU O 507 14.72 129.14 -10.02
N ILE O 508 14.38 129.99 -9.06
CA ILE O 508 13.01 130.22 -8.65
C ILE O 508 12.55 131.68 -8.72
N ASP O 509 11.28 131.87 -9.03
CA ASP O 509 10.62 133.18 -9.02
C ASP O 509 9.72 133.17 -7.79
N VAL O 510 10.04 133.93 -6.76
CA VAL O 510 9.21 133.99 -5.57
C VAL O 510 8.13 135.02 -5.85
N GLN O 511 6.87 134.60 -5.79
CA GLN O 511 5.75 135.51 -6.03
C GLN O 511 5.71 136.57 -4.92
N PRO O 512 5.01 137.69 -5.14
CA PRO O 512 4.93 138.73 -4.13
C PRO O 512 4.44 138.10 -2.83
N ALA O 513 4.91 138.61 -1.68
CA ALA O 513 4.56 138.08 -0.35
C ALA O 513 3.06 137.80 -0.22
N MET O 514 2.28 138.74 -0.73
CA MET O 514 0.83 138.61 -0.79
C MET O 514 0.36 138.82 -2.24
N THR O 515 -0.60 138.03 -2.68
CA THR O 515 -1.18 138.09 -4.00
C THR O 515 -2.67 138.05 -3.76
N PRO O 516 -3.26 139.19 -3.39
CA PRO O 516 -4.64 139.30 -2.92
C PRO O 516 -5.72 138.89 -3.91
N ASP O 517 -5.38 138.82 -5.18
CA ASP O 517 -6.33 138.39 -6.20
C ASP O 517 -6.40 136.86 -6.25
N ASP O 518 -5.36 136.17 -5.79
CA ASP O 518 -5.28 134.71 -5.73
C ASP O 518 -4.42 134.36 -4.52
N PRO O 519 -4.98 134.52 -3.30
CA PRO O 519 -4.27 134.40 -2.03
C PRO O 519 -3.31 133.22 -1.83
N LYS O 520 -3.62 132.07 -2.43
CA LYS O 520 -2.78 130.89 -2.26
C LYS O 520 -1.37 131.01 -2.88
N MET O 521 -1.21 131.95 -3.82
CA MET O 521 0.07 132.13 -4.50
C MET O 521 1.03 133.04 -3.74
N GLY O 522 0.57 133.64 -2.64
CA GLY O 522 1.42 134.53 -1.86
C GLY O 522 2.70 133.85 -1.40
N GLY O 523 3.83 134.41 -1.81
CA GLY O 523 5.14 133.87 -1.46
C GLY O 523 5.47 132.57 -2.16
N TYR O 524 4.65 132.12 -3.08
CA TYR O 524 4.88 130.85 -3.74
C TYR O 524 6.22 130.82 -4.47
N GLU O 525 6.97 129.73 -4.23
CA GLU O 525 8.28 129.60 -4.81
C GLU O 525 8.22 128.75 -6.06
N LEU O 526 8.01 129.44 -7.20
CA LEU O 526 7.85 128.84 -8.52
C LEU O 526 9.13 128.58 -9.31
N PRO O 527 9.47 127.30 -9.50
CA PRO O 527 10.69 127.03 -10.25
C PRO O 527 10.52 127.37 -11.72
N VAL O 528 11.43 128.13 -12.29
CA VAL O 528 11.32 128.41 -13.72
C VAL O 528 12.31 127.54 -14.47
N SER O 529 13.35 127.10 -13.75
CA SER O 529 14.37 126.23 -14.34
C SER O 529 15.13 125.48 -13.25
N MET O 530 15.16 124.15 -13.30
CA MET O 530 15.96 123.33 -12.36
C MET O 530 16.47 122.02 -12.97
N ASP O 531 17.65 121.56 -12.51
CA ASP O 531 18.18 120.28 -12.99
C ASP O 531 19.17 119.74 -11.97
N ILE O 532 19.64 118.54 -12.24
CA ILE O 532 20.56 117.84 -11.36
C ILE O 532 21.78 117.39 -12.14
N PHE O 533 22.93 117.33 -11.46
CA PHE O 533 24.15 116.93 -12.11
C PHE O 533 24.87 115.90 -11.25
N ARG O 534 25.19 114.74 -11.82
CA ARG O 534 25.87 113.70 -11.06
C ARG O 534 27.36 113.97 -11.03
N GLY O 535 27.85 114.35 -9.85
CA GLY O 535 29.24 114.73 -9.60
C GLY O 535 30.41 113.98 -10.22
N ARG O 536 30.31 112.66 -10.25
CA ARG O 536 31.38 111.84 -10.81
C ARG O 536 31.68 112.16 -12.27
N TYR O 537 30.72 112.80 -12.95
CA TYR O 537 30.94 113.19 -14.34
C TYR O 537 31.46 114.62 -14.52
N ARG O 538 31.97 115.22 -13.45
CA ARG O 538 32.41 116.62 -13.48
C ARG O 538 33.41 116.96 -14.58
N LYS O 539 34.38 116.08 -14.81
CA LYS O 539 35.41 116.32 -15.81
C LYS O 539 35.03 115.71 -17.17
N ASP O 540 34.50 114.49 -17.16
CA ASP O 540 34.14 113.79 -18.39
C ASP O 540 32.92 112.91 -18.19
N PHE O 541 31.90 113.07 -19.03
CA PHE O 541 30.69 112.26 -18.95
C PHE O 541 30.92 110.79 -19.28
N ALA O 542 31.95 110.53 -20.07
CA ALA O 542 32.29 109.18 -20.48
C ALA O 542 33.23 108.48 -19.50
N LYS O 543 33.87 109.24 -18.61
CA LYS O 543 34.85 108.67 -17.70
C LYS O 543 34.65 109.18 -16.29
N PRO O 544 33.81 108.47 -15.52
CA PRO O 544 33.56 108.90 -14.16
C PRO O 544 34.83 108.74 -13.33
N GLU O 545 34.96 109.67 -12.38
CA GLU O 545 36.07 109.75 -11.46
C GLU O 545 35.54 110.26 -10.14
N ALA O 546 36.20 109.83 -9.07
CA ALA O 546 35.83 110.18 -7.72
C ALA O 546 36.09 111.66 -7.48
N LEU O 547 35.38 112.20 -6.50
CA LEU O 547 35.55 113.59 -6.12
C LEU O 547 36.52 113.63 -4.97
N GLN O 548 37.30 114.69 -4.94
CA GLN O 548 38.29 114.94 -3.91
C GLN O 548 37.55 115.45 -2.68
N PRO O 549 37.61 114.73 -1.55
CA PRO O 549 36.93 115.16 -0.33
C PRO O 549 37.42 116.52 0.16
N ASP O 550 36.47 117.31 0.65
CA ASP O 550 36.74 118.62 1.24
C ASP O 550 37.33 119.69 0.30
N ALA O 551 37.44 119.34 -0.97
CA ALA O 551 37.96 120.27 -1.97
C ALA O 551 36.83 120.97 -2.73
N THR O 552 36.97 122.27 -2.94
CA THR O 552 35.98 123.05 -3.67
C THR O 552 36.19 122.87 -5.17
N LEU O 553 35.18 122.29 -5.81
CA LEU O 553 35.28 121.95 -7.22
C LEU O 553 34.30 122.71 -8.09
N HIS O 554 34.74 122.94 -9.31
CA HIS O 554 33.96 123.70 -10.25
C HIS O 554 33.10 122.85 -11.18
N TYR O 555 31.79 123.06 -11.06
CA TYR O 555 30.83 122.36 -11.90
C TYR O 555 30.23 123.43 -12.83
N HIS O 556 30.00 123.07 -14.07
CA HIS O 556 29.48 124.04 -15.03
C HIS O 556 28.54 123.30 -15.95
N PHE O 557 27.24 123.56 -15.82
CA PHE O 557 26.24 122.90 -16.64
C PHE O 557 24.99 123.72 -16.97
N THR O 558 24.41 123.49 -18.14
CA THR O 558 23.24 124.23 -18.57
C THR O 558 21.95 123.74 -17.88
N LEU O 559 21.04 124.69 -17.66
CA LEU O 559 19.74 124.43 -17.07
C LEU O 559 18.65 124.66 -18.13
N PRO O 560 17.43 124.18 -17.87
CA PRO O 560 16.36 124.38 -18.82
C PRO O 560 16.15 125.84 -19.16
N ALA O 561 15.82 126.06 -20.42
CA ALA O 561 15.62 127.39 -20.95
C ALA O 561 14.53 128.17 -20.24
N VAL O 562 14.67 129.50 -20.29
CA VAL O 562 13.71 130.43 -19.68
C VAL O 562 13.42 131.58 -20.63
N ASN O 563 12.18 132.07 -20.53
CA ASN O 563 11.68 133.22 -21.28
C ASN O 563 10.69 133.78 -20.26
N HIS O 564 11.23 134.47 -19.26
CA HIS O 564 10.47 134.95 -18.11
C HIS O 564 10.82 136.38 -17.72
N VAL O 565 10.00 136.95 -16.85
CA VAL O 565 10.26 138.27 -16.30
C VAL O 565 9.99 138.15 -14.80
N PHE O 566 10.95 138.55 -13.97
CA PHE O 566 10.78 138.55 -12.52
C PHE O 566 10.31 139.98 -12.34
N ALA O 567 9.04 140.13 -12.01
CA ALA O 567 8.42 141.45 -11.87
C ALA O 567 8.63 142.09 -10.52
N LYS O 568 8.32 143.38 -10.46
CA LYS O 568 8.45 144.12 -9.23
C LYS O 568 7.65 143.36 -8.16
N GLY O 569 8.21 143.35 -6.96
CA GLY O 569 7.55 142.73 -5.83
C GLY O 569 7.97 141.29 -5.65
N HIS O 570 8.48 140.67 -6.71
CA HIS O 570 8.92 139.29 -6.64
C HIS O 570 10.35 139.26 -6.15
N ARG O 571 10.91 138.05 -6.00
CA ARG O 571 12.31 137.86 -5.67
C ARG O 571 12.85 136.78 -6.61
N ILE O 572 14.16 136.77 -6.86
CA ILE O 572 14.78 135.70 -7.62
C ILE O 572 15.33 134.85 -6.48
N MET O 573 15.26 133.54 -6.64
CA MET O 573 15.75 132.60 -5.63
C MET O 573 16.47 131.40 -6.22
N VAL O 574 17.49 130.96 -5.50
CA VAL O 574 18.25 129.79 -5.88
C VAL O 574 18.22 128.85 -4.68
N GLN O 575 17.94 127.57 -4.97
CA GLN O 575 17.97 126.51 -3.97
C GLN O 575 18.90 125.43 -4.46
N ILE O 576 19.72 124.94 -3.55
CA ILE O 576 20.70 123.90 -3.85
C ILE O 576 20.55 122.77 -2.82
N GLN O 577 20.57 121.54 -3.35
CA GLN O 577 20.45 120.34 -2.52
C GLN O 577 21.17 119.23 -3.26
N SER O 578 21.26 118.06 -2.64
CA SER O 578 21.99 116.90 -3.16
C SER O 578 21.21 115.57 -3.36
N SER O 579 19.88 115.65 -3.32
CA SER O 579 19.01 114.50 -3.53
C SER O 579 17.63 114.99 -4.00
N TRP O 580 16.91 114.16 -4.74
CA TRP O 580 15.65 114.57 -5.36
C TRP O 580 14.93 113.26 -5.62
N PHE O 581 14.39 112.70 -4.54
CA PHE O 581 13.83 111.37 -4.47
C PHE O 581 12.29 111.26 -4.42
N PRO O 582 11.74 110.18 -5.00
CA PRO O 582 12.41 109.06 -5.66
C PRO O 582 12.67 109.18 -7.16
N LEU O 583 12.37 110.32 -7.75
CA LEU O 583 12.60 110.48 -9.18
C LEU O 583 14.02 110.06 -9.55
N TYR O 584 14.98 110.55 -8.79
CA TYR O 584 16.40 110.24 -9.08
C TYR O 584 16.96 109.25 -8.10
N ASP O 585 17.70 108.25 -8.56
CA ASP O 585 18.22 107.33 -7.56
C ASP O 585 19.15 108.12 -6.66
N ARG O 586 19.41 107.65 -5.44
CA ARG O 586 20.30 108.36 -4.53
C ARG O 586 21.78 108.17 -4.87
N ASN O 587 22.54 109.25 -4.72
CA ASN O 587 23.98 109.18 -4.90
C ASN O 587 24.46 108.67 -3.53
N PRO O 588 25.22 107.56 -3.49
CA PRO O 588 25.68 107.07 -2.19
C PRO O 588 26.64 108.02 -1.48
N GLN O 589 27.22 108.94 -2.23
CA GLN O 589 28.15 109.91 -1.70
C GLN O 589 29.51 109.28 -1.41
N LYS O 590 29.70 108.10 -1.99
CA LYS O 590 30.93 107.32 -1.92
C LYS O 590 31.08 106.86 -3.36
N PHE O 591 32.27 107.05 -3.93
CA PHE O 591 32.47 106.66 -5.32
C PHE O 591 32.51 105.14 -5.43
N VAL O 592 31.54 104.58 -6.15
CA VAL O 592 31.46 103.14 -6.37
C VAL O 592 31.46 102.95 -7.88
N PRO O 593 31.95 101.79 -8.33
CA PRO O 593 32.02 101.56 -9.78
C PRO O 593 30.72 101.79 -10.56
N ASN O 594 29.61 101.33 -10.01
CA ASN O 594 28.31 101.46 -10.67
C ASN O 594 27.24 101.66 -9.60
N ILE O 595 26.66 102.85 -9.59
CA ILE O 595 25.65 103.25 -8.63
C ILE O 595 24.39 102.38 -8.71
N PHE O 596 24.11 101.79 -9.86
CA PHE O 596 22.96 100.89 -9.93
C PHE O 596 23.12 99.72 -8.96
N ASP O 597 24.36 99.33 -8.68
CA ASP O 597 24.66 98.18 -7.83
C ASP O 597 25.10 98.59 -6.42
N ALA O 598 24.89 99.84 -6.06
CA ALA O 598 25.31 100.30 -4.74
C ALA O 598 24.69 99.44 -3.65
N LYS O 599 25.46 99.14 -2.61
CA LYS O 599 25.02 98.29 -1.49
C LYS O 599 24.71 99.18 -0.31
N PRO O 600 23.93 98.67 0.66
CA PRO O 600 23.49 99.45 1.81
C PRO O 600 24.61 100.09 2.60
N ALA O 601 25.77 99.44 2.65
CA ALA O 601 26.86 100.02 3.44
C ALA O 601 27.49 101.22 2.74
N ASP O 602 27.37 101.27 1.42
CA ASP O 602 27.95 102.32 0.61
C ASP O 602 27.31 103.69 0.76
N TYR O 603 26.07 103.74 1.26
CA TYR O 603 25.39 105.02 1.46
C TYR O 603 25.96 105.85 2.62
N THR O 604 26.59 106.97 2.28
CA THR O 604 27.25 107.76 3.30
C THR O 604 26.75 109.15 3.53
N VAL O 605 26.68 109.52 4.80
CA VAL O 605 26.24 110.86 5.15
C VAL O 605 27.41 111.78 4.82
N ALA O 606 27.14 112.98 4.28
CA ALA O 606 28.23 113.88 3.92
C ALA O 606 27.85 115.33 4.16
N THR O 607 28.84 116.18 4.37
CA THR O 607 28.63 117.61 4.60
C THR O 607 29.02 118.26 3.30
N GLN O 608 28.07 119.00 2.74
CA GLN O 608 28.25 119.73 1.50
C GLN O 608 28.53 121.21 1.79
N SER O 609 29.34 121.86 0.97
CA SER O 609 29.65 123.27 1.19
C SER O 609 29.65 124.06 -0.10
N ILE O 610 28.76 125.06 -0.17
CA ILE O 610 28.63 125.92 -1.34
C ILE O 610 29.41 127.22 -1.13
N HIS O 611 30.42 127.45 -1.96
CA HIS O 611 31.28 128.61 -1.83
C HIS O 611 30.63 129.80 -2.53
N HIS O 612 30.88 130.97 -1.98
CA HIS O 612 30.42 132.17 -2.62
C HIS O 612 31.47 133.25 -2.44
N GLY O 613 31.56 134.10 -3.45
CA GLY O 613 32.49 135.21 -3.41
C GLY O 613 33.87 134.78 -3.80
N GLY O 614 34.74 135.76 -4.06
CA GLY O 614 36.11 135.49 -4.41
C GLY O 614 36.27 134.83 -5.75
N LYS O 615 37.32 134.01 -5.86
CA LYS O 615 37.65 133.31 -7.08
C LYS O 615 36.75 132.08 -7.27
N GLU O 616 36.02 131.72 -6.23
CA GLU O 616 35.12 130.58 -6.30
C GLU O 616 33.69 131.05 -6.05
N ALA O 617 33.29 132.09 -6.76
CA ALA O 617 31.98 132.69 -6.61
C ALA O 617 30.85 131.94 -7.31
N THR O 618 30.16 131.09 -6.57
CA THR O 618 29.05 130.34 -7.16
C THR O 618 27.94 131.26 -7.66
N SER O 619 27.45 131.01 -8.87
CA SER O 619 26.40 131.81 -9.44
C SER O 619 25.58 131.07 -10.49
N ILE O 620 24.49 131.72 -10.85
CA ILE O 620 23.69 131.24 -11.96
C ILE O 620 23.92 132.28 -13.07
N LEU O 621 24.46 131.81 -14.18
CA LEU O 621 24.70 132.72 -15.29
C LEU O 621 23.35 132.92 -15.99
N LEU O 622 22.74 134.09 -15.77
CA LEU O 622 21.43 134.39 -16.33
C LEU O 622 21.40 135.12 -17.67
N PRO O 623 20.50 134.68 -18.54
CA PRO O 623 20.41 135.33 -19.82
C PRO O 623 19.54 136.60 -19.65
N VAL O 624 20.08 137.62 -19.03
CA VAL O 624 19.36 138.85 -18.79
C VAL O 624 19.30 139.63 -20.11
N VAL O 625 18.14 140.17 -20.43
CA VAL O 625 17.99 140.93 -21.65
C VAL O 625 17.33 142.26 -21.35
N LYS O 626 17.48 143.22 -22.24
CA LYS O 626 16.87 144.52 -22.03
C LYS O 626 15.45 144.56 -22.60
N HIS P 10 -0.74 147.09 44.86
CA HIS P 10 -0.97 145.92 43.96
C HIS P 10 -0.09 145.94 42.71
N ASP P 11 0.51 144.79 42.43
CA ASP P 11 1.40 144.62 41.29
C ASP P 11 0.58 144.60 40.00
N PRO P 12 0.85 145.54 39.10
CA PRO P 12 0.10 145.59 37.86
C PRO P 12 0.40 144.44 36.89
N LEU P 13 1.57 143.83 37.02
CA LEU P 13 1.93 142.71 36.14
C LEU P 13 1.36 141.36 36.61
N SER P 14 0.50 141.39 37.62
CA SER P 14 -0.13 140.18 38.12
C SER P 14 -1.60 140.34 38.47
N VAL P 15 -1.94 141.49 39.04
CA VAL P 15 -3.32 141.76 39.44
C VAL P 15 -3.91 142.89 38.62
N GLN P 16 -4.97 142.58 37.87
CA GLN P 16 -5.67 143.56 37.04
C GLN P 16 -7.02 143.85 37.67
N THR P 17 -7.23 145.10 38.09
CA THR P 17 -8.50 145.53 38.66
C THR P 17 -9.24 146.42 37.66
N GLY P 18 -8.54 146.81 36.59
CA GLY P 18 -9.06 147.64 35.53
C GLY P 18 -9.44 146.82 34.30
N SER P 19 -9.23 147.40 33.13
CA SER P 19 -9.60 146.73 31.89
C SER P 19 -8.39 146.29 31.07
N ASP P 20 -8.54 145.16 30.39
CA ASP P 20 -7.49 144.64 29.50
C ASP P 20 -7.64 145.20 28.07
N ILE P 21 -8.65 146.05 27.87
CA ILE P 21 -8.85 146.75 26.60
C ILE P 21 -8.27 148.16 26.72
N PRO P 22 -7.21 148.47 25.94
CA PRO P 22 -6.64 149.81 26.01
C PRO P 22 -7.68 150.80 25.59
N GLN P 32 5.27 150.74 8.36
CA GLN P 32 5.60 149.65 7.44
C GLN P 32 4.78 149.63 6.16
N ARG P 33 3.72 150.44 6.08
CA ARG P 33 2.87 150.50 4.89
C ARG P 33 3.52 151.22 3.71
N ASP P 34 3.02 150.96 2.51
CA ASP P 34 3.53 151.66 1.32
C ASP P 34 2.49 152.65 0.82
N TYR P 35 1.59 153.06 1.71
CA TYR P 35 0.57 154.04 1.39
C TYR P 35 0.09 154.69 2.67
N ILE P 36 -0.60 155.82 2.52
CA ILE P 36 -1.18 156.52 3.67
C ILE P 36 -2.65 156.71 3.35
N LYS P 37 -3.50 156.50 4.36
CA LYS P 37 -4.94 156.62 4.20
C LYS P 37 -5.49 157.76 5.03
N ARG P 38 -6.19 158.69 4.38
CA ARG P 38 -6.80 159.84 5.03
C ARG P 38 -8.30 159.67 4.96
N GLU P 39 -9.01 160.11 5.99
CA GLU P 39 -10.44 160.04 6.05
C GLU P 39 -10.80 161.48 6.29
N VAL P 40 -11.60 162.08 5.41
CA VAL P 40 -12.03 163.47 5.57
C VAL P 40 -13.56 163.61 5.43
N MET P 41 -14.12 164.66 5.98
CA MET P 41 -15.55 164.93 5.80
C MET P 41 -15.57 166.16 4.90
N VAL P 42 -15.84 165.93 3.62
CA VAL P 42 -15.88 166.97 2.58
C VAL P 42 -17.25 167.62 2.52
N PRO P 43 -17.36 168.93 2.81
CA PRO P 43 -18.64 169.61 2.83
C PRO P 43 -19.19 169.97 1.45
N MET P 44 -20.48 169.76 1.26
CA MET P 44 -21.13 170.06 -0.01
C MET P 44 -21.65 171.49 0.08
N ARG P 45 -22.16 172.03 -1.04
CA ARG P 45 -22.68 173.40 -1.08
C ARG P 45 -23.81 173.71 -0.12
N ASP P 46 -24.54 172.69 0.35
CA ASP P 46 -25.60 172.91 1.33
C ASP P 46 -25.19 172.60 2.77
N GLY P 47 -23.91 172.29 2.98
CA GLY P 47 -23.39 172.01 4.32
C GLY P 47 -23.32 170.55 4.72
N VAL P 48 -23.94 169.69 3.93
CA VAL P 48 -23.91 168.26 4.22
C VAL P 48 -22.50 167.73 3.96
N LYS P 49 -21.95 166.99 4.92
CA LYS P 49 -20.59 166.48 4.79
C LYS P 49 -20.57 165.02 4.36
N LEU P 50 -19.74 164.71 3.37
CA LEU P 50 -19.63 163.35 2.86
C LEU P 50 -18.31 162.73 3.27
N TYR P 51 -18.38 161.47 3.71
CA TYR P 51 -17.24 160.68 4.15
C TYR P 51 -16.39 160.28 2.96
N THR P 52 -15.14 160.73 3.02
CA THR P 52 -14.23 160.51 1.92
C THR P 52 -12.93 159.85 2.33
N VAL P 53 -12.63 158.73 1.68
CA VAL P 53 -11.40 158.01 1.93
C VAL P 53 -10.38 158.20 0.82
N ILE P 54 -9.18 158.63 1.20
CA ILE P 54 -8.12 158.90 0.25
C ILE P 54 -6.90 158.03 0.54
N VAL P 55 -6.58 157.18 -0.42
CA VAL P 55 -5.43 156.30 -0.31
C VAL P 55 -4.32 156.77 -1.25
N ILE P 56 -3.20 157.22 -0.66
CA ILE P 56 -2.07 157.80 -1.36
C ILE P 56 -0.79 156.96 -1.30
N PRO P 57 -0.16 156.73 -2.45
CA PRO P 57 1.06 155.95 -2.39
C PRO P 57 2.15 156.72 -1.69
N LYS P 58 3.02 156.07 -0.90
CA LYS P 58 4.07 156.84 -0.23
C LYS P 58 5.00 157.56 -1.19
N ASN P 59 5.40 158.77 -0.80
CA ASN P 59 6.28 159.56 -1.66
C ASN P 59 5.64 159.81 -3.02
N ALA P 60 4.31 159.93 -3.04
CA ALA P 60 3.60 160.21 -4.28
C ALA P 60 3.67 161.72 -4.45
N ARG P 61 3.95 162.16 -5.67
CA ARG P 61 4.02 163.59 -5.92
C ARG P 61 3.43 163.77 -7.32
N ASN P 62 2.60 164.79 -7.51
CA ASN P 62 1.97 165.05 -8.79
C ASN P 62 1.26 163.81 -9.33
N ALA P 63 0.55 163.09 -8.47
CA ALA P 63 -0.16 161.89 -8.89
C ALA P 63 -1.61 162.16 -9.28
N PRO P 64 -2.14 161.50 -10.31
CA PRO P 64 -3.54 161.71 -10.66
C PRO P 64 -4.51 161.01 -9.70
N ILE P 65 -5.74 161.48 -9.61
CA ILE P 65 -6.72 160.90 -8.72
C ILE P 65 -7.76 160.07 -9.46
N LEU P 66 -8.12 158.94 -8.87
CA LEU P 66 -9.12 158.05 -9.43
C LEU P 66 -10.21 158.05 -8.38
N LEU P 67 -11.38 158.62 -8.70
CA LEU P 67 -12.52 158.78 -7.82
C LEU P 67 -13.75 157.90 -8.11
N THR P 68 -14.33 157.37 -7.03
CA THR P 68 -15.55 156.56 -7.07
C THR P 68 -16.47 157.04 -5.94
N ARG P 69 -17.76 157.22 -6.25
CA ARG P 69 -18.75 157.65 -5.27
C ARG P 69 -19.69 156.45 -5.17
N THR P 70 -19.83 155.92 -3.95
CA THR P 70 -20.57 154.69 -3.68
C THR P 70 -21.58 154.73 -2.52
N PRO P 71 -22.62 153.89 -2.58
CA PRO P 71 -23.57 153.64 -1.49
C PRO P 71 -23.22 152.34 -0.79
N TYR P 72 -22.09 151.74 -1.13
CA TYR P 72 -21.72 150.44 -0.56
C TYR P 72 -20.55 150.48 0.41
N ASN P 73 -20.49 151.53 1.22
CA ASN P 73 -19.49 151.68 2.28
C ASN P 73 -18.06 151.92 1.84
N ALA P 74 -17.74 153.20 1.67
CA ALA P 74 -16.42 153.63 1.23
C ALA P 74 -15.25 153.12 2.11
N LYS P 75 -15.47 153.06 3.43
CA LYS P 75 -14.44 152.56 4.34
C LYS P 75 -14.10 151.11 4.03
N GLY P 76 -15.12 150.32 3.74
CA GLY P 76 -14.92 148.93 3.39
C GLY P 76 -14.38 148.75 1.99
N ARG P 77 -14.82 149.59 1.06
CA ARG P 77 -14.36 149.49 -0.33
C ARG P 77 -12.85 149.67 -0.43
N ALA P 78 -12.30 150.57 0.36
CA ALA P 78 -10.88 150.85 0.41
C ALA P 78 -10.19 150.01 1.47
N ASN P 79 -10.76 148.86 1.80
CA ASN P 79 -10.22 147.93 2.80
C ASN P 79 -10.45 146.48 2.41
N ARG P 80 -10.17 146.15 1.15
CA ARG P 80 -10.36 144.80 0.64
C ARG P 80 -9.75 143.81 1.63
N VAL P 81 -8.49 144.02 1.99
CA VAL P 81 -7.79 143.27 3.03
C VAL P 81 -7.62 144.35 4.10
N PRO P 82 -8.37 144.25 5.20
CA PRO P 82 -8.33 145.31 6.21
C PRO P 82 -6.98 145.76 6.74
N ASN P 83 -6.72 147.06 6.66
CA ASN P 83 -5.50 147.67 7.18
C ASN P 83 -4.24 146.98 6.65
N ALA P 84 -4.32 146.51 5.41
CA ALA P 84 -3.20 145.81 4.82
C ALA P 84 -1.95 146.64 4.78
N LEU P 85 -0.81 145.96 4.71
CA LEU P 85 0.49 146.62 4.64
C LEU P 85 0.82 147.13 3.24
N THR P 86 0.09 146.70 2.20
CA THR P 86 0.36 147.19 0.84
C THR P 86 -0.89 147.71 0.17
N MET P 87 -0.71 148.73 -0.66
CA MET P 87 -1.83 149.40 -1.30
C MET P 87 -2.55 148.42 -2.21
N ARG P 88 -1.76 147.57 -2.85
CA ARG P 88 -2.31 146.60 -3.78
C ARG P 88 -3.31 145.72 -3.05
N GLU P 89 -3.06 145.45 -1.77
CA GLU P 89 -3.97 144.62 -0.97
C GLU P 89 -5.20 145.35 -0.43
N VAL P 90 -5.01 146.61 -0.06
CA VAL P 90 -6.08 147.35 0.57
C VAL P 90 -7.13 147.77 -0.44
N LEU P 91 -6.75 147.94 -1.70
CA LEU P 91 -7.66 148.33 -2.76
C LEU P 91 -8.16 147.12 -3.55
N PRO P 92 -9.35 147.26 -4.15
CA PRO P 92 -9.96 146.18 -4.89
C PRO P 92 -9.12 145.65 -6.05
N GLN P 93 -9.43 144.45 -6.51
CA GLN P 93 -8.72 143.85 -7.64
C GLN P 93 -8.77 144.72 -8.91
N GLY P 94 -9.89 145.40 -9.14
CA GLY P 94 -10.07 146.22 -10.33
C GLY P 94 -9.19 147.45 -10.37
N ASP P 95 -8.62 147.79 -9.23
CA ASP P 95 -7.73 148.95 -9.13
C ASP P 95 -6.28 148.55 -9.35
N ASP P 96 -6.02 147.26 -9.61
CA ASP P 96 -4.66 146.76 -9.78
C ASP P 96 -3.77 147.59 -10.70
N VAL P 97 -4.24 147.90 -11.89
CA VAL P 97 -3.42 148.67 -12.85
C VAL P 97 -3.14 150.10 -12.41
N PHE P 98 -4.04 150.64 -11.60
CA PHE P 98 -3.86 152.00 -11.10
C PHE P 98 -2.89 152.07 -9.92
N VAL P 99 -2.82 150.99 -9.17
CA VAL P 99 -1.92 150.89 -8.04
C VAL P 99 -0.52 150.80 -8.61
N GLU P 100 -0.39 150.04 -9.69
CA GLU P 100 0.88 149.92 -10.38
C GLU P 100 1.28 151.24 -11.05
N GLY P 101 0.30 152.06 -11.43
CA GLY P 101 0.60 153.35 -12.07
C GLY P 101 0.80 154.49 -11.10
N GLY P 102 0.71 154.25 -9.80
CA GLY P 102 0.92 155.32 -8.83
C GLY P 102 -0.22 156.33 -8.69
N TYR P 103 -1.44 155.92 -8.99
CA TYR P 103 -2.55 156.84 -8.80
C TYR P 103 -2.95 156.91 -7.33
N ILE P 104 -3.60 158.01 -7.00
CA ILE P 104 -4.20 158.20 -5.69
C ILE P 104 -5.63 157.68 -5.88
N ARG P 105 -6.14 156.91 -4.94
CA ARG P 105 -7.48 156.37 -5.03
C ARG P 105 -8.40 157.00 -3.98
N VAL P 106 -9.59 157.42 -4.42
CA VAL P 106 -10.58 158.02 -3.56
C VAL P 106 -11.91 157.29 -3.69
N PHE P 107 -12.48 157.00 -2.53
CA PHE P 107 -13.78 156.40 -2.38
C PHE P 107 -14.61 157.29 -1.45
N GLN P 108 -15.80 157.65 -1.88
CA GLN P 108 -16.68 158.51 -1.12
C GLN P 108 -18.07 157.94 -0.97
N ASP P 109 -18.62 158.04 0.24
CA ASP P 109 -19.98 157.61 0.54
C ASP P 109 -20.92 158.70 0.03
N ILE P 110 -21.85 158.32 -0.83
CA ILE P 110 -22.81 159.28 -1.33
C ILE P 110 -23.72 159.75 -0.18
N ARG P 111 -24.35 160.89 -0.43
CA ARG P 111 -25.26 161.53 0.51
C ARG P 111 -26.22 160.50 1.09
N GLY P 112 -26.30 160.47 2.42
CA GLY P 112 -27.24 159.62 3.13
C GLY P 112 -26.82 158.21 3.45
N LYS P 113 -25.61 157.82 3.09
CA LYS P 113 -25.18 156.46 3.36
C LYS P 113 -23.88 156.35 4.17
N TYR P 114 -23.88 155.34 5.03
CA TYR P 114 -22.76 155.06 5.91
C TYR P 114 -22.19 156.26 6.62
N GLY P 115 -20.99 156.69 6.29
CA GLY P 115 -20.38 157.80 7.00
C GLY P 115 -20.83 159.20 6.67
N SER P 116 -21.60 159.33 5.58
CA SER P 116 -22.04 160.63 5.11
C SER P 116 -23.31 161.11 5.79
N GLN P 117 -23.48 162.42 5.84
CA GLN P 117 -24.69 163.03 6.41
C GLN P 117 -25.67 163.15 5.28
N GLY P 118 -26.85 163.68 5.57
CA GLY P 118 -27.86 163.91 4.56
C GLY P 118 -28.95 162.86 4.47
N ASP P 119 -29.86 163.11 3.54
CA ASP P 119 -30.99 162.22 3.30
C ASP P 119 -30.65 161.35 2.12
N TYR P 120 -30.95 160.06 2.25
CA TYR P 120 -30.66 159.18 1.14
C TYR P 120 -31.89 158.98 0.28
N VAL P 121 -31.72 159.16 -1.02
CA VAL P 121 -32.78 158.96 -2.01
C VAL P 121 -32.25 157.98 -3.06
N MET P 122 -32.91 156.83 -3.19
CA MET P 122 -32.48 155.81 -4.14
C MET P 122 -32.30 156.39 -5.54
N THR P 123 -31.14 156.13 -6.15
CA THR P 123 -30.87 156.67 -7.47
C THR P 123 -31.49 158.06 -7.57
N ARG P 124 -31.07 158.94 -6.67
CA ARG P 124 -31.58 160.30 -6.60
C ARG P 124 -31.68 160.96 -7.97
N PRO P 125 -32.88 161.39 -8.37
CA PRO P 125 -33.04 162.04 -9.66
C PRO P 125 -32.29 163.35 -9.82
N PRO P 126 -31.96 163.72 -11.07
CA PRO P 126 -31.27 164.97 -11.30
C PRO P 126 -32.19 166.15 -11.08
N HIS P 127 -31.63 167.34 -10.90
CA HIS P 127 -32.44 168.53 -10.68
C HIS P 127 -33.49 168.66 -11.76
N GLY P 128 -34.75 168.88 -11.37
CA GLY P 128 -35.84 168.97 -12.33
C GLY P 128 -37.15 168.66 -11.64
N PRO P 129 -38.14 168.17 -12.38
CA PRO P 129 -39.43 167.85 -11.77
C PRO P 129 -39.42 166.82 -10.65
N LEU P 130 -38.48 165.90 -10.65
CA LEU P 130 -38.41 164.85 -9.63
C LEU P 130 -37.49 165.18 -8.45
N ASN P 131 -36.85 166.33 -8.51
CA ASN P 131 -35.93 166.82 -7.49
C ASN P 131 -35.79 168.34 -7.57
N PRO P 132 -36.69 169.07 -6.89
CA PRO P 132 -36.67 170.53 -6.90
C PRO P 132 -35.70 171.19 -5.94
N THR P 133 -34.85 170.40 -5.26
CA THR P 133 -33.88 170.96 -4.31
C THR P 133 -32.70 171.55 -5.08
N LYS P 134 -31.76 172.14 -4.34
CA LYS P 134 -30.57 172.76 -4.89
C LYS P 134 -29.43 171.75 -5.13
N THR P 135 -29.55 170.52 -4.65
CA THR P 135 -28.48 169.56 -4.83
C THR P 135 -28.90 168.23 -5.45
N ASP P 136 -27.93 167.52 -5.98
CA ASP P 136 -28.18 166.21 -6.56
C ASP P 136 -26.86 165.49 -6.68
N GLU P 137 -26.84 164.31 -7.29
CA GLU P 137 -25.58 163.58 -7.40
C GLU P 137 -24.60 164.29 -8.33
N THR P 138 -25.11 165.16 -9.18
CA THR P 138 -24.25 165.92 -10.07
C THR P 138 -23.47 166.99 -9.30
N THR P 139 -24.19 167.78 -8.51
CA THR P 139 -23.57 168.84 -7.75
C THR P 139 -22.67 168.27 -6.64
N ASP P 140 -23.04 167.15 -6.05
CA ASP P 140 -22.24 166.53 -4.98
C ASP P 140 -20.90 166.13 -5.58
N ALA P 141 -20.92 165.55 -6.78
CA ALA P 141 -19.68 165.17 -7.45
C ALA P 141 -18.88 166.40 -7.87
N TRP P 142 -19.58 167.50 -8.16
CA TRP P 142 -18.88 168.71 -8.55
C TRP P 142 -18.12 169.28 -7.37
N ASP P 143 -18.81 169.36 -6.22
CA ASP P 143 -18.24 169.87 -5.00
C ASP P 143 -17.07 169.01 -4.56
N THR P 144 -17.18 167.71 -4.72
CA THR P 144 -16.14 166.77 -4.30
C THR P 144 -14.89 166.94 -5.16
N VAL P 145 -15.04 167.01 -6.47
CA VAL P 145 -13.86 167.20 -7.31
C VAL P 145 -13.20 168.55 -6.97
N ASP P 146 -14.01 169.57 -6.66
CA ASP P 146 -13.46 170.90 -6.38
C ASP P 146 -12.55 170.79 -5.16
N TRP P 147 -13.05 170.12 -4.12
CA TRP P 147 -12.31 169.94 -2.88
C TRP P 147 -11.02 169.14 -3.09
N LEU P 148 -11.10 168.03 -3.81
CA LEU P 148 -9.92 167.23 -4.04
C LEU P 148 -8.77 167.92 -4.75
N VAL P 149 -9.05 168.69 -5.78
CA VAL P 149 -7.97 169.37 -6.50
C VAL P 149 -7.35 170.52 -5.74
N HIS P 150 -8.00 171.03 -4.70
CA HIS P 150 -7.46 172.11 -3.88
C HIS P 150 -6.86 171.58 -2.54
N ASN P 151 -7.16 170.34 -2.16
CA ASN P 151 -6.75 169.82 -0.85
C ASN P 151 -6.02 168.49 -0.85
N VAL P 152 -5.35 168.16 -1.93
CA VAL P 152 -4.59 166.93 -1.99
C VAL P 152 -3.23 167.30 -2.61
N PRO P 153 -2.33 167.80 -1.77
CA PRO P 153 -1.04 168.27 -2.28
C PRO P 153 -0.22 167.25 -3.03
N GLU P 154 -0.42 165.97 -2.76
CA GLU P 154 0.33 164.97 -3.51
C GLU P 154 -0.19 164.74 -4.93
N SER P 155 -1.37 165.26 -5.26
CA SER P 155 -1.94 165.04 -6.59
C SER P 155 -1.55 166.12 -7.59
N ASN P 156 -1.90 165.88 -8.84
CA ASN P 156 -1.64 166.85 -9.89
C ASN P 156 -2.89 167.63 -10.28
N GLY P 157 -3.95 167.49 -9.50
CA GLY P 157 -5.19 168.23 -9.73
C GLY P 157 -6.01 167.78 -10.90
N ARG P 158 -5.75 166.56 -11.37
CA ARG P 158 -6.48 165.97 -12.48
C ARG P 158 -7.23 164.77 -11.90
N VAL P 159 -8.53 164.71 -12.12
CA VAL P 159 -9.34 163.62 -11.61
C VAL P 159 -9.99 162.77 -12.71
N GLY P 160 -10.03 161.46 -12.51
CA GLY P 160 -10.71 160.56 -13.41
C GLY P 160 -11.73 159.85 -12.54
N MET P 161 -12.94 159.62 -13.07
CA MET P 161 -13.98 158.93 -12.33
C MET P 161 -14.34 157.59 -12.90
N THR P 162 -14.57 156.64 -12.01
CA THR P 162 -14.95 155.31 -12.47
C THR P 162 -15.85 154.62 -11.46
N GLY P 163 -16.38 153.49 -11.88
CA GLY P 163 -17.22 152.70 -10.99
C GLY P 163 -18.23 151.86 -11.72
N SER P 164 -18.63 150.79 -11.04
CA SER P 164 -19.60 149.88 -11.60
C SER P 164 -20.94 149.95 -10.88
N SER P 165 -21.99 149.58 -11.60
CA SER P 165 -23.34 149.50 -11.09
C SER P 165 -23.85 150.85 -10.55
N TYR P 166 -24.12 150.93 -9.27
CA TYR P 166 -24.56 152.21 -8.71
C TYR P 166 -23.35 153.12 -8.76
N GLU P 167 -22.16 152.55 -8.63
CA GLU P 167 -20.93 153.33 -8.67
C GLU P 167 -20.78 153.88 -10.09
N GLY P 168 -21.40 153.25 -11.07
CA GLY P 168 -21.39 153.75 -12.47
C GLY P 168 -22.43 154.84 -12.67
N PHE P 169 -23.54 154.73 -11.95
CA PHE P 169 -24.60 155.73 -11.97
C PHE P 169 -24.05 157.08 -11.46
N THR P 170 -23.19 157.03 -10.43
CA THR P 170 -22.64 158.28 -9.91
C THR P 170 -21.72 158.95 -10.93
N VAL P 171 -21.06 158.16 -11.77
CA VAL P 171 -20.19 158.71 -12.80
C VAL P 171 -21.04 159.40 -13.87
N VAL P 172 -22.07 158.70 -14.33
CA VAL P 172 -22.96 159.27 -15.30
C VAL P 172 -23.57 160.57 -14.80
N MET P 173 -23.98 160.61 -13.53
CA MET P 173 -24.54 161.84 -12.98
C MET P 173 -23.52 162.97 -12.99
N ALA P 174 -22.26 162.64 -12.74
CA ALA P 174 -21.21 163.65 -12.74
C ALA P 174 -21.05 164.22 -14.15
N LEU P 175 -21.29 163.39 -15.16
CA LEU P 175 -21.13 163.81 -16.55
C LEU P 175 -22.22 164.79 -17.04
N LEU P 176 -23.28 164.97 -16.26
CA LEU P 176 -24.35 165.88 -16.62
C LEU P 176 -23.89 167.34 -16.48
N ASP P 177 -22.93 167.55 -15.59
CA ASP P 177 -22.35 168.88 -15.38
C ASP P 177 -21.02 168.72 -14.68
N PRO P 178 -20.02 168.25 -15.41
CA PRO P 178 -18.74 167.93 -14.79
C PRO P 178 -17.88 169.11 -14.37
N HIS P 179 -17.09 168.92 -13.32
CA HIS P 179 -16.17 169.94 -12.85
C HIS P 179 -15.08 169.99 -13.92
N PRO P 180 -14.50 171.16 -14.18
CA PRO P 180 -13.43 171.24 -15.17
C PRO P 180 -12.18 170.39 -14.94
N ALA P 181 -11.98 169.93 -13.70
CA ALA P 181 -10.84 169.10 -13.35
C ALA P 181 -11.11 167.63 -13.62
N LEU P 182 -12.33 167.28 -14.01
CA LEU P 182 -12.69 165.91 -14.35
C LEU P 182 -12.27 165.73 -15.80
N LYS P 183 -11.11 165.12 -15.97
CA LYS P 183 -10.52 164.98 -17.29
C LYS P 183 -10.95 163.74 -18.08
N VAL P 184 -11.52 162.75 -17.40
CA VAL P 184 -11.86 161.49 -18.09
C VAL P 184 -12.79 160.65 -17.22
N ALA P 185 -13.62 159.83 -17.87
CA ALA P 185 -14.60 159.03 -17.16
C ALA P 185 -14.83 157.64 -17.72
N ALA P 186 -15.08 156.66 -16.85
CA ALA P 186 -15.31 155.28 -17.22
C ALA P 186 -16.49 154.65 -16.48
N PRO P 187 -17.72 154.90 -16.92
CA PRO P 187 -18.87 154.28 -16.28
C PRO P 187 -18.93 152.79 -16.65
N GLU P 188 -19.00 151.94 -15.63
CA GLU P 188 -19.05 150.50 -15.84
C GLU P 188 -20.43 149.98 -15.49
N SER P 189 -20.99 149.14 -16.35
CA SER P 189 -22.31 148.59 -16.13
C SER P 189 -23.15 149.57 -15.32
N PRO P 190 -23.36 150.80 -15.81
CA PRO P 190 -24.13 151.74 -15.02
C PRO P 190 -25.65 151.56 -15.02
N MET P 191 -26.28 152.05 -13.97
CA MET P 191 -27.73 152.06 -13.88
C MET P 191 -28.15 153.32 -14.64
N VAL P 192 -28.76 153.16 -15.80
CA VAL P 192 -29.16 154.31 -16.63
C VAL P 192 -30.67 154.43 -16.78
N ASP P 193 -31.35 153.35 -17.13
CA ASP P 193 -32.81 153.36 -17.23
C ASP P 193 -33.36 152.14 -16.52
N GLY P 194 -33.78 152.34 -15.29
CA GLY P 194 -34.25 151.25 -14.44
C GLY P 194 -35.53 150.52 -14.81
N TRP P 195 -36.24 151.07 -15.80
CA TRP P 195 -37.50 150.48 -16.27
C TRP P 195 -37.37 149.81 -17.63
N MET P 196 -36.58 150.42 -18.53
CA MET P 196 -36.38 149.84 -19.85
C MET P 196 -35.61 148.50 -19.86
N GLY P 197 -34.50 148.42 -19.15
CA GLY P 197 -33.75 147.17 -19.12
C GLY P 197 -32.59 147.07 -18.13
N ASP P 198 -32.60 147.88 -17.10
CA ASP P 198 -31.54 147.78 -16.08
C ASP P 198 -32.04 146.99 -14.85
N ASP P 199 -32.05 147.57 -13.65
CA ASP P 199 -32.37 146.81 -12.44
C ASP P 199 -33.78 146.48 -12.00
N TRP P 200 -34.72 147.42 -12.12
CA TRP P 200 -36.09 147.20 -11.67
C TRP P 200 -37.04 146.49 -12.61
N PHE P 201 -37.01 146.84 -13.90
CA PHE P 201 -37.85 146.18 -14.90
C PHE P 201 -37.05 146.00 -16.18
N HIS P 202 -37.55 145.10 -17.03
CA HIS P 202 -37.08 144.83 -18.38
C HIS P 202 -38.36 144.94 -19.21
N TYR P 203 -38.47 145.96 -20.06
CA TYR P 203 -39.68 146.18 -20.87
C TYR P 203 -40.97 146.03 -20.03
N GLY P 204 -40.97 146.64 -18.85
CA GLY P 204 -42.13 146.58 -17.97
C GLY P 204 -42.29 145.34 -17.11
N ALA P 205 -41.44 144.33 -17.32
CA ALA P 205 -41.52 143.11 -16.51
C ALA P 205 -40.63 143.32 -15.29
N PHE P 206 -41.24 143.24 -14.10
CA PHE P 206 -40.58 143.44 -12.81
C PHE P 206 -39.66 142.31 -12.34
N ARG P 207 -38.50 142.73 -11.85
CA ARG P 207 -37.44 141.87 -11.37
C ARG P 207 -37.48 141.73 -9.84
N GLN P 208 -37.90 140.56 -9.39
CA GLN P 208 -38.16 140.35 -7.96
C GLN P 208 -37.00 140.37 -6.98
N GLY P 209 -35.77 140.34 -7.47
CA GLY P 209 -34.61 140.44 -6.60
C GLY P 209 -34.50 141.81 -5.96
N ALA P 210 -35.20 142.80 -6.52
CA ALA P 210 -35.17 144.16 -6.00
C ALA P 210 -35.57 144.31 -4.54
N PHE P 211 -36.45 143.44 -4.06
CA PHE P 211 -36.91 143.52 -2.69
C PHE P 211 -35.79 143.42 -1.66
N ASP P 212 -34.93 142.43 -1.86
CA ASP P 212 -33.78 142.24 -1.00
C ASP P 212 -32.84 143.44 -1.09
N TYR P 213 -32.69 144.00 -2.28
CA TYR P 213 -31.81 145.15 -2.41
C TYR P 213 -32.36 146.31 -1.60
N PHE P 214 -33.68 146.51 -1.65
CA PHE P 214 -34.30 147.62 -0.96
C PHE P 214 -34.10 147.56 0.54
N VAL P 215 -34.38 146.40 1.12
CA VAL P 215 -34.24 146.19 2.56
C VAL P 215 -32.79 146.26 3.00
N SER P 216 -31.90 145.80 2.13
CA SER P 216 -30.47 145.85 2.42
C SER P 216 -29.88 147.27 2.38
N GLN P 217 -30.36 148.09 1.46
CA GLN P 217 -29.79 149.42 1.28
C GLN P 217 -30.56 150.58 1.86
N MET P 218 -31.82 150.36 2.23
CA MET P 218 -32.65 151.44 2.75
C MET P 218 -33.23 151.21 4.14
N THR P 219 -32.72 150.20 4.83
CA THR P 219 -33.20 149.94 6.17
C THR P 219 -32.52 150.90 7.14
N ALA P 220 -31.26 151.21 6.89
CA ALA P 220 -30.50 152.13 7.71
C ALA P 220 -29.51 152.96 6.91
N ARG P 221 -28.98 153.99 7.55
CA ARG P 221 -27.94 154.81 6.93
C ARG P 221 -26.81 153.87 6.51
N GLY P 222 -26.45 153.00 7.44
CA GLY P 222 -25.41 152.00 7.26
C GLY P 222 -25.97 150.68 6.78
N GLY P 223 -25.34 149.60 7.21
CA GLY P 223 -25.73 148.28 6.76
C GLY P 223 -27.16 147.94 7.14
N GLY P 224 -27.79 147.11 6.31
CA GLY P 224 -29.13 146.60 6.56
C GLY P 224 -29.03 145.09 6.52
N ASN P 225 -30.16 144.40 6.49
CA ASN P 225 -30.24 142.94 6.38
C ASN P 225 -31.10 142.49 5.20
N ASP P 226 -31.12 141.19 4.96
CA ASP P 226 -31.97 140.63 3.92
C ASP P 226 -33.33 140.35 4.55
N ILE P 227 -34.23 139.88 3.70
CA ILE P 227 -35.57 139.52 4.07
C ILE P 227 -35.58 138.06 4.47
N PRO P 228 -36.04 137.79 5.70
CA PRO P 228 -36.13 136.43 6.20
C PRO P 228 -37.03 135.54 5.34
N ARG P 229 -36.52 134.39 4.95
CA ARG P 229 -37.27 133.46 4.09
C ARG P 229 -37.83 132.21 4.76
N ARG P 230 -38.96 131.73 4.25
CA ARG P 230 -39.61 130.54 4.76
C ARG P 230 -39.01 129.26 4.17
N ASP P 231 -38.81 129.28 2.85
CA ASP P 231 -38.27 128.16 2.16
C ASP P 231 -36.90 128.51 1.60
N ALA P 232 -36.08 127.50 1.39
CA ALA P 232 -34.76 127.68 0.83
C ALA P 232 -34.80 128.07 -0.65
N ASP P 233 -35.91 127.77 -1.32
CA ASP P 233 -36.11 128.00 -2.76
C ASP P 233 -37.02 129.20 -2.97
N ASP P 234 -36.50 130.23 -3.61
CA ASP P 234 -37.31 131.41 -3.88
C ASP P 234 -38.43 131.14 -4.88
N TYR P 235 -38.26 130.12 -5.71
CA TYR P 235 -39.31 129.70 -6.64
C TYR P 235 -40.53 129.39 -5.77
N THR P 236 -40.30 128.68 -4.67
CA THR P 236 -41.39 128.38 -3.76
C THR P 236 -41.87 129.60 -2.97
N ASN P 237 -40.96 130.38 -2.41
CA ASN P 237 -41.33 131.53 -1.63
C ASN P 237 -42.17 132.54 -2.40
N PHE P 238 -41.78 132.87 -3.63
CA PHE P 238 -42.56 133.85 -4.38
C PHE P 238 -43.85 133.26 -4.95
N LEU P 239 -43.82 131.99 -5.36
CA LEU P 239 -45.02 131.37 -5.85
C LEU P 239 -46.08 131.26 -4.76
N LYS P 240 -45.69 130.98 -3.52
CA LYS P 240 -46.68 130.89 -2.46
C LYS P 240 -47.21 132.25 -2.04
N ALA P 241 -46.40 133.30 -2.15
CA ALA P 241 -46.81 134.64 -1.78
C ALA P 241 -47.77 135.22 -2.81
N GLY P 242 -47.69 134.72 -4.04
CA GLY P 242 -48.57 135.14 -5.12
C GLY P 242 -47.98 136.26 -5.98
N SER P 243 -48.50 137.45 -5.83
CA SER P 243 -48.03 138.58 -6.62
C SER P 243 -46.81 139.19 -5.97
N ALA P 244 -46.10 140.01 -6.73
CA ALA P 244 -44.93 140.70 -6.22
C ALA P 244 -45.30 141.62 -5.07
N GLY P 245 -46.43 142.32 -5.17
CA GLY P 245 -46.88 143.26 -4.13
C GLY P 245 -47.28 142.55 -2.85
N SER P 246 -47.71 141.32 -3.00
CA SER P 246 -48.12 140.52 -1.87
C SER P 246 -46.90 140.09 -1.08
N PHE P 247 -45.80 139.79 -1.77
CA PHE P 247 -44.57 139.38 -1.13
C PHE P 247 -43.98 140.59 -0.40
N ALA P 248 -44.08 141.75 -1.05
CA ALA P 248 -43.58 142.99 -0.51
C ALA P 248 -44.28 143.31 0.79
N THR P 249 -45.60 143.19 0.79
CA THR P 249 -46.38 143.50 1.97
C THR P 249 -45.97 142.57 3.12
N GLN P 250 -45.84 141.28 2.81
CA GLN P 250 -45.44 140.32 3.83
C GLN P 250 -44.05 140.60 4.41
N ALA P 251 -43.17 141.17 3.60
CA ALA P 251 -41.81 141.47 4.04
C ALA P 251 -41.71 142.85 4.70
N GLY P 252 -42.83 143.56 4.84
CA GLY P 252 -42.81 144.86 5.48
C GLY P 252 -42.34 146.02 4.63
N LEU P 253 -42.30 145.83 3.31
CA LEU P 253 -41.84 146.89 2.40
C LEU P 253 -42.79 148.06 2.19
N ASP P 254 -44.04 147.95 2.66
CA ASP P 254 -45.01 149.01 2.47
C ASP P 254 -44.69 150.29 3.23
N GLN P 255 -43.70 150.21 4.12
CA GLN P 255 -43.26 151.38 4.88
C GLN P 255 -42.01 152.02 4.29
N TYR P 256 -41.53 151.49 3.16
CA TYR P 256 -40.34 152.02 2.49
C TYR P 256 -40.74 152.97 1.35
N PRO P 257 -40.46 154.28 1.48
CA PRO P 257 -40.88 155.26 0.47
C PRO P 257 -40.58 154.90 -0.97
N PHE P 258 -39.40 154.40 -1.27
CA PHE P 258 -39.10 154.08 -2.67
C PHE P 258 -40.04 153.05 -3.25
N TRP P 259 -40.37 152.04 -2.45
CA TRP P 259 -41.28 151.00 -2.92
C TRP P 259 -42.67 151.54 -3.14
N GLN P 260 -43.03 152.55 -2.35
CA GLN P 260 -44.33 153.17 -2.45
C GLN P 260 -44.38 153.89 -3.77
N ARG P 261 -43.30 154.56 -4.16
CA ARG P 261 -43.23 155.23 -5.45
C ARG P 261 -43.25 154.26 -6.63
N MET P 262 -42.39 153.25 -6.61
CA MET P 262 -42.35 152.25 -7.67
C MET P 262 -43.69 151.53 -7.84
N HIS P 263 -44.34 151.22 -6.72
CA HIS P 263 -45.62 150.53 -6.76
C HIS P 263 -46.69 151.35 -7.46
N ALA P 264 -46.61 152.67 -7.29
CA ALA P 264 -47.56 153.58 -7.93
C ALA P 264 -47.24 153.84 -9.40
N HIS P 265 -46.06 153.47 -9.86
CA HIS P 265 -45.68 153.73 -11.24
C HIS P 265 -45.17 152.50 -11.98
N PRO P 266 -46.04 151.51 -12.20
CA PRO P 266 -45.66 150.32 -12.90
C PRO P 266 -45.35 150.57 -14.36
N ALA P 267 -45.95 151.62 -14.94
CA ALA P 267 -45.72 151.96 -16.34
C ALA P 267 -44.65 153.03 -16.52
N TYR P 268 -44.12 153.10 -17.75
CA TYR P 268 -43.09 154.06 -18.09
C TYR P 268 -43.65 155.46 -18.25
N ASP P 269 -44.09 156.02 -17.13
CA ASP P 269 -44.66 157.35 -17.11
C ASP P 269 -43.60 158.39 -16.83
N ALA P 270 -44.02 159.61 -16.48
CA ALA P 270 -43.12 160.71 -16.20
C ALA P 270 -42.09 160.40 -15.12
N PHE P 271 -42.49 159.59 -14.15
CA PHE P 271 -41.60 159.20 -13.06
C PHE P 271 -40.36 158.49 -13.59
N TRP P 272 -40.53 157.55 -14.51
CA TRP P 272 -39.40 156.81 -15.08
C TRP P 272 -38.74 157.55 -16.22
N GLN P 273 -39.55 158.28 -17.00
CA GLN P 273 -38.98 159.02 -18.13
C GLN P 273 -38.03 160.09 -17.64
N GLY P 274 -38.34 160.72 -16.52
CA GLY P 274 -37.49 161.76 -15.96
C GLY P 274 -36.22 161.25 -15.32
N GLN P 275 -36.02 159.94 -15.37
CA GLN P 275 -34.83 159.33 -14.78
C GLN P 275 -34.03 158.54 -15.81
N ALA P 276 -34.43 158.61 -17.07
CA ALA P 276 -33.76 157.92 -18.17
C ALA P 276 -32.49 158.73 -18.49
N LEU P 277 -31.38 158.35 -17.88
CA LEU P 277 -30.16 159.12 -18.05
C LEU P 277 -29.60 159.15 -19.47
N ASP P 278 -29.88 158.14 -20.28
CA ASP P 278 -29.36 158.15 -21.64
C ASP P 278 -29.88 159.33 -22.44
N LYS P 279 -31.17 159.62 -22.26
CA LYS P 279 -31.80 160.72 -22.99
C LYS P 279 -31.32 162.07 -22.47
N ILE P 280 -31.20 162.17 -21.15
CA ILE P 280 -30.80 163.41 -20.50
C ILE P 280 -29.36 163.74 -20.82
N LEU P 281 -28.51 162.72 -20.81
CA LEU P 281 -27.10 162.93 -21.08
C LEU P 281 -26.88 163.36 -22.52
N ALA P 282 -27.72 162.84 -23.41
CA ALA P 282 -27.62 163.17 -24.83
C ALA P 282 -28.00 164.60 -25.11
N GLN P 283 -28.83 165.17 -24.24
CA GLN P 283 -29.24 166.54 -24.35
C GLN P 283 -28.12 167.46 -23.84
N ARG P 284 -27.36 166.96 -22.87
CA ARG P 284 -26.28 167.72 -22.26
C ARG P 284 -24.95 167.71 -23.02
N LYS P 285 -24.75 166.68 -23.84
CA LYS P 285 -23.55 166.58 -24.65
C LYS P 285 -22.24 166.89 -23.91
N PRO P 286 -21.76 165.97 -23.05
CA PRO P 286 -20.50 166.23 -22.37
C PRO P 286 -19.28 166.19 -23.30
N THR P 287 -18.20 166.87 -22.90
CA THR P 287 -16.99 166.88 -23.71
C THR P 287 -15.84 166.18 -22.98
N VAL P 288 -16.20 165.42 -21.95
CA VAL P 288 -15.23 164.68 -21.17
C VAL P 288 -15.07 163.37 -21.91
N PRO P 289 -13.83 162.95 -22.19
CA PRO P 289 -13.59 161.67 -22.85
C PRO P 289 -14.24 160.55 -22.05
N MET P 290 -14.94 159.65 -22.72
CA MET P 290 -15.67 158.55 -22.07
C MET P 290 -15.33 157.15 -22.56
N LEU P 291 -15.37 156.20 -21.62
CA LEU P 291 -15.14 154.79 -21.93
C LEU P 291 -16.33 154.12 -21.25
N TRP P 292 -17.28 153.69 -22.05
CA TRP P 292 -18.49 153.05 -21.56
C TRP P 292 -18.23 151.55 -21.59
N GLU P 293 -18.49 150.86 -20.48
CA GLU P 293 -18.29 149.41 -20.40
C GLU P 293 -19.45 148.61 -19.81
N GLN P 294 -19.58 147.39 -20.32
CA GLN P 294 -20.58 146.46 -19.82
C GLN P 294 -20.21 145.08 -20.32
N GLY P 295 -20.71 144.08 -19.62
CA GLY P 295 -20.47 142.72 -19.99
C GLY P 295 -21.52 142.27 -20.99
N LEU P 296 -21.12 141.39 -21.89
CA LEU P 296 -22.00 140.82 -22.88
C LEU P 296 -23.06 140.04 -22.13
N TRP P 297 -22.70 139.49 -20.97
CA TRP P 297 -23.65 138.75 -20.13
C TRP P 297 -23.94 139.46 -18.81
N ASP P 298 -24.17 140.76 -18.91
CA ASP P 298 -24.47 141.57 -17.76
C ASP P 298 -25.90 141.27 -17.30
N GLN P 299 -26.00 140.56 -16.16
CA GLN P 299 -27.29 140.13 -15.63
C GLN P 299 -28.01 141.11 -14.70
N GLU P 300 -27.49 142.33 -14.57
CA GLU P 300 -28.11 143.38 -13.77
C GLU P 300 -28.37 144.72 -14.48
N ASP P 301 -27.44 145.16 -15.32
CA ASP P 301 -27.59 146.43 -16.03
C ASP P 301 -27.19 146.29 -17.48
N MET P 302 -27.96 145.53 -18.26
CA MET P 302 -27.66 145.27 -19.67
C MET P 302 -27.95 146.46 -20.60
N TRP P 303 -28.86 147.32 -20.18
CA TRP P 303 -29.32 148.47 -20.99
C TRP P 303 -28.42 149.70 -21.01
N GLY P 304 -28.01 150.06 -19.81
CA GLY P 304 -27.19 151.22 -19.51
C GLY P 304 -26.11 151.69 -20.45
N ALA P 305 -24.94 151.07 -20.38
CA ALA P 305 -23.78 151.49 -21.15
C ALA P 305 -24.00 151.59 -22.66
N ILE P 306 -24.58 150.57 -23.27
CA ILE P 306 -24.74 150.61 -24.73
C ILE P 306 -25.73 151.68 -25.20
N HIS P 307 -26.82 151.88 -24.47
CA HIS P 307 -27.78 152.90 -24.84
C HIS P 307 -27.25 154.32 -24.62
N ALA P 308 -26.52 154.52 -23.53
CA ALA P 308 -25.99 155.83 -23.23
C ALA P 308 -24.95 156.20 -24.30
N TRP P 309 -24.12 155.20 -24.59
CA TRP P 309 -23.09 155.39 -25.61
C TRP P 309 -23.64 155.72 -26.99
N GLN P 310 -24.65 154.97 -27.43
CA GLN P 310 -25.27 155.16 -28.73
C GLN P 310 -26.00 156.50 -28.82
N ALA P 311 -26.52 156.94 -27.69
CA ALA P 311 -27.25 158.20 -27.64
C ALA P 311 -26.28 159.36 -27.82
N LEU P 312 -25.10 159.21 -27.23
CA LEU P 312 -24.07 160.23 -27.33
C LEU P 312 -23.46 160.25 -28.71
N LYS P 313 -23.35 159.06 -29.30
CA LYS P 313 -22.82 158.91 -30.64
C LYS P 313 -23.80 159.56 -31.63
N ASP P 314 -25.10 159.33 -31.45
CA ASP P 314 -26.14 159.92 -32.31
C ASP P 314 -26.21 161.45 -32.15
N ALA P 315 -25.95 161.95 -30.95
CA ALA P 315 -25.98 163.39 -30.69
C ALA P 315 -24.65 164.03 -31.05
N ASP P 316 -23.83 163.25 -31.75
CA ASP P 316 -22.53 163.68 -32.23
C ASP P 316 -21.71 164.39 -31.16
N VAL P 317 -21.47 163.68 -30.07
CA VAL P 317 -20.72 164.20 -28.94
C VAL P 317 -19.30 164.54 -29.39
N LYS P 318 -18.78 165.66 -28.91
CA LYS P 318 -17.46 166.16 -29.29
C LYS P 318 -16.35 165.74 -28.33
N ALA P 319 -16.21 164.42 -28.14
CA ALA P 319 -15.19 163.88 -27.27
C ALA P 319 -15.08 162.39 -27.54
N PRO P 320 -13.92 161.79 -27.19
CA PRO P 320 -13.78 160.34 -27.32
C PRO P 320 -14.96 159.71 -26.60
N ASN P 321 -15.53 158.68 -27.22
CA ASN P 321 -16.72 158.03 -26.72
C ASN P 321 -16.60 156.62 -27.27
N THR P 322 -16.03 155.74 -26.45
CA THR P 322 -15.82 154.36 -26.88
C THR P 322 -16.61 153.38 -26.03
N LEU P 323 -17.14 152.34 -26.67
CA LEU P 323 -17.85 151.29 -25.97
C LEU P 323 -16.96 150.06 -25.85
N VAL P 324 -16.95 149.45 -24.67
CA VAL P 324 -16.17 148.24 -24.45
C VAL P 324 -17.10 147.18 -23.86
N MET P 325 -17.14 145.99 -24.47
CA MET P 325 -17.98 144.90 -23.98
C MET P 325 -17.14 143.63 -24.05
N GLY P 326 -16.99 142.98 -22.90
CA GLY P 326 -16.21 141.76 -22.76
C GLY P 326 -17.08 140.59 -22.35
N PRO P 327 -16.47 139.40 -22.23
CA PRO P 327 -17.23 138.20 -21.91
C PRO P 327 -17.39 138.09 -20.41
N TRP P 328 -18.09 139.05 -19.84
CA TRP P 328 -18.24 139.16 -18.42
C TRP P 328 -19.67 139.23 -17.90
N ARG P 329 -19.80 138.99 -16.60
CA ARG P 329 -21.06 139.14 -15.90
C ARG P 329 -21.07 140.56 -15.32
N HIS P 330 -22.15 140.96 -14.67
CA HIS P 330 -22.21 142.30 -14.12
C HIS P 330 -21.00 142.60 -13.24
N SER P 331 -20.27 143.66 -13.55
CA SER P 331 -19.09 144.09 -12.80
C SER P 331 -17.92 143.13 -12.90
N GLY P 332 -18.01 142.17 -13.81
CA GLY P 332 -16.93 141.23 -13.99
C GLY P 332 -15.67 141.88 -14.54
N VAL P 333 -15.79 143.08 -15.10
CA VAL P 333 -14.64 143.82 -15.59
C VAL P 333 -13.66 144.05 -14.46
N ASN P 334 -14.16 144.13 -13.23
CA ASN P 334 -13.32 144.38 -12.06
C ASN P 334 -12.77 143.14 -11.33
N TYR P 335 -12.82 141.97 -11.96
CA TYR P 335 -12.31 140.74 -11.34
C TYR P 335 -11.57 139.94 -12.38
N ASN P 336 -11.67 138.61 -12.35
CA ASN P 336 -11.03 137.76 -13.33
C ASN P 336 -12.02 137.41 -14.43
N GLY P 337 -11.64 137.61 -15.69
CA GLY P 337 -12.52 137.34 -16.81
C GLY P 337 -12.08 136.19 -17.69
N SER P 338 -11.41 135.21 -17.06
CA SER P 338 -10.94 134.02 -17.73
C SER P 338 -12.07 133.07 -18.05
N THR P 339 -13.09 133.06 -17.20
CA THR P 339 -14.21 132.13 -17.33
C THR P 339 -15.51 132.82 -16.97
N LEU P 340 -16.60 132.10 -17.19
CA LEU P 340 -17.94 132.53 -16.82
C LEU P 340 -18.79 131.27 -16.79
N GLY P 341 -19.25 130.86 -15.62
CA GLY P 341 -19.95 129.59 -15.53
C GLY P 341 -18.98 128.56 -16.05
N PRO P 342 -19.40 127.67 -16.96
CA PRO P 342 -18.55 126.66 -17.55
C PRO P 342 -17.76 127.15 -18.77
N LEU P 343 -18.01 128.37 -19.24
CA LEU P 343 -17.30 128.87 -20.42
C LEU P 343 -15.88 129.32 -20.12
N GLU P 344 -14.98 129.12 -21.07
CA GLU P 344 -13.58 129.53 -20.88
C GLU P 344 -13.22 130.47 -22.00
N PHE P 345 -12.57 131.57 -21.65
CA PHE P 345 -12.18 132.57 -22.63
C PHE P 345 -10.66 132.55 -22.81
N GLU P 346 -10.14 133.38 -23.70
CA GLU P 346 -8.70 133.46 -23.93
C GLU P 346 -8.01 134.42 -22.96
N GLY P 347 -7.69 133.91 -21.77
CA GLY P 347 -6.98 134.64 -20.73
C GLY P 347 -7.91 135.48 -19.88
N ASP P 348 -7.32 136.21 -18.94
CA ASP P 348 -8.06 137.09 -18.06
C ASP P 348 -8.39 138.32 -18.89
N THR P 349 -9.50 138.22 -19.62
CA THR P 349 -9.98 139.27 -20.48
C THR P 349 -10.25 140.57 -19.70
N ALA P 350 -10.61 140.47 -18.44
CA ALA P 350 -10.88 141.66 -17.64
C ALA P 350 -9.59 142.41 -17.40
N HIS P 351 -8.55 141.65 -17.06
CA HIS P 351 -7.25 142.24 -16.79
C HIS P 351 -6.70 142.82 -18.07
N GLN P 352 -6.85 142.12 -19.19
CA GLN P 352 -6.42 142.61 -20.51
C GLN P 352 -7.00 144.00 -20.77
N TYR P 353 -8.31 144.12 -20.67
CA TYR P 353 -8.92 145.43 -20.82
C TYR P 353 -8.31 146.50 -19.90
N ARG P 354 -8.24 146.21 -18.60
CA ARG P 354 -7.72 147.16 -17.64
C ARG P 354 -6.33 147.66 -17.97
N ARG P 355 -5.45 146.74 -18.35
CA ARG P 355 -4.08 147.04 -18.65
C ARG P 355 -3.87 147.66 -20.04
N ASP P 356 -4.55 147.16 -21.06
CA ASP P 356 -4.29 147.61 -22.42
C ASP P 356 -5.17 148.72 -22.97
N VAL P 357 -6.32 148.95 -22.35
CA VAL P 357 -7.22 150.01 -22.80
C VAL P 357 -7.55 151.02 -21.70
N PHE P 358 -8.12 150.55 -20.59
CA PHE P 358 -8.54 151.44 -19.50
C PHE P 358 -7.41 152.33 -19.02
N ARG P 359 -6.32 151.69 -18.58
CA ARG P 359 -5.18 152.39 -18.03
C ARG P 359 -4.54 153.43 -18.95
N PRO P 360 -4.14 153.05 -20.18
CA PRO P 360 -3.55 154.00 -21.13
C PRO P 360 -4.50 155.16 -21.45
N PHE P 361 -5.78 154.86 -21.60
CA PHE P 361 -6.78 155.87 -21.92
C PHE P 361 -6.84 156.91 -20.80
N PHE P 362 -6.85 156.45 -19.57
CA PHE P 362 -6.84 157.33 -18.39
C PHE P 362 -5.53 158.09 -18.29
N ASP P 363 -4.40 157.42 -18.47
CA ASP P 363 -3.12 158.13 -18.44
C ASP P 363 -2.99 159.28 -19.45
N GLU P 364 -3.60 159.15 -20.61
CA GLU P 364 -3.50 160.19 -21.63
C GLU P 364 -4.01 161.52 -21.10
N TYR P 365 -5.09 161.48 -20.32
CA TYR P 365 -5.74 162.69 -19.82
C TYR P 365 -5.40 163.06 -18.38
N LEU P 366 -4.85 162.09 -17.65
CA LEU P 366 -4.50 162.28 -16.24
C LEU P 366 -3.00 162.37 -15.94
N LYS P 367 -2.16 161.92 -16.87
CA LYS P 367 -0.72 162.02 -16.71
C LYS P 367 -0.10 162.76 -17.89
N PRO P 368 -0.08 164.11 -17.81
CA PRO P 368 0.46 164.92 -18.88
C PRO P 368 1.80 164.41 -19.34
N GLY P 369 1.94 164.23 -20.64
CA GLY P 369 3.16 163.69 -21.22
C GLY P 369 3.00 162.24 -21.62
N SER P 370 1.87 161.64 -21.24
CA SER P 370 1.64 160.24 -21.61
C SER P 370 1.31 160.10 -23.10
N ALA P 371 1.55 158.91 -23.64
CA ALA P 371 1.27 158.64 -25.04
C ALA P 371 -0.22 158.72 -25.33
N SER P 372 -0.57 159.23 -26.49
CA SER P 372 -1.97 159.35 -26.87
C SER P 372 -2.46 158.03 -27.46
N VAL P 373 -3.72 157.72 -27.21
CA VAL P 373 -4.34 156.49 -27.70
C VAL P 373 -5.50 156.91 -28.57
N HIS P 374 -5.70 156.15 -29.63
CA HIS P 374 -6.74 156.43 -30.59
C HIS P 374 -7.68 155.24 -30.64
N LEU P 375 -8.67 155.28 -29.76
CA LEU P 375 -9.61 154.19 -29.63
C LEU P 375 -10.69 154.25 -30.69
N PRO P 376 -11.16 153.10 -31.16
CA PRO P 376 -12.22 153.03 -32.14
C PRO P 376 -13.60 153.30 -31.52
N ASP P 377 -14.64 153.10 -32.31
CA ASP P 377 -16.00 153.27 -31.79
C ASP P 377 -16.25 152.27 -30.67
N ALA P 378 -15.82 151.03 -30.88
CA ALA P 378 -16.06 149.97 -29.90
C ALA P 378 -15.00 148.89 -29.94
N ILE P 379 -14.69 148.36 -28.77
CA ILE P 379 -13.77 147.24 -28.61
C ILE P 379 -14.65 146.18 -27.95
N ILE P 380 -14.90 145.08 -28.64
CA ILE P 380 -15.80 144.05 -28.16
C ILE P 380 -15.16 142.69 -28.27
N TYR P 381 -15.31 141.88 -27.24
CA TYR P 381 -14.76 140.53 -27.31
C TYR P 381 -15.66 139.70 -28.19
N ASN P 382 -15.08 138.81 -29.00
CA ASN P 382 -15.86 137.97 -29.90
C ASN P 382 -15.99 136.60 -29.22
N THR P 383 -17.22 136.26 -28.86
CA THR P 383 -17.49 135.03 -28.13
C THR P 383 -17.36 133.80 -28.99
N GLY P 384 -17.10 133.98 -30.28
CA GLY P 384 -16.95 132.86 -31.21
C GLY P 384 -15.50 132.66 -31.58
N ASP P 385 -14.86 133.72 -32.03
CA ASP P 385 -13.47 133.66 -32.42
C ASP P 385 -12.54 133.65 -31.22
N GLN P 386 -13.05 134.06 -30.06
CA GLN P 386 -12.22 134.09 -28.86
C GLN P 386 -11.05 135.05 -29.02
N LYS P 387 -11.38 136.31 -29.28
CA LYS P 387 -10.41 137.37 -29.44
C LYS P 387 -11.13 138.70 -29.38
N TRP P 388 -10.37 139.76 -29.12
CA TRP P 388 -10.91 141.10 -29.07
C TRP P 388 -11.02 141.67 -30.46
N ASP P 389 -12.12 142.35 -30.74
CA ASP P 389 -12.31 143.00 -32.04
C ASP P 389 -12.37 144.49 -31.80
N TYR P 390 -11.57 145.24 -32.56
CA TYR P 390 -11.57 146.69 -32.56
C TYR P 390 -12.36 147.17 -33.77
N TYR P 391 -13.52 147.76 -33.51
CA TYR P 391 -14.36 148.23 -34.58
C TYR P 391 -14.37 149.74 -34.70
N ARG P 392 -13.68 150.21 -35.74
CA ARG P 392 -13.60 151.62 -36.05
C ARG P 392 -14.97 152.27 -36.04
N SER P 393 -15.93 151.64 -36.72
CA SER P 393 -17.31 152.13 -36.77
C SER P 393 -18.14 150.96 -36.29
N TRP P 394 -19.06 151.19 -35.36
CA TRP P 394 -19.88 150.10 -34.87
C TRP P 394 -21.22 150.64 -34.39
N PRO P 395 -22.31 149.91 -34.65
CA PRO P 395 -22.35 148.66 -35.40
C PRO P 395 -22.34 148.96 -36.89
N SER P 396 -22.04 147.95 -37.69
CA SER P 396 -22.00 148.12 -39.14
C SER P 396 -23.38 147.83 -39.71
N VAL P 397 -24.18 147.08 -38.96
CA VAL P 397 -25.53 146.75 -39.40
C VAL P 397 -26.56 147.10 -38.31
N CYS P 398 -27.72 147.59 -38.72
CA CYS P 398 -28.83 147.88 -37.82
C CYS P 398 -30.10 148.20 -38.60
N GLU P 399 -31.20 148.45 -37.89
CA GLU P 399 -32.45 148.72 -38.58
C GLU P 399 -32.51 149.94 -39.48
N SER P 400 -31.78 150.99 -39.14
CA SER P 400 -31.79 152.19 -39.98
C SER P 400 -30.52 153.02 -39.79
N ASN P 401 -30.15 153.75 -40.83
CA ASN P 401 -28.97 154.61 -40.82
C ASN P 401 -27.65 153.90 -40.54
N CYS P 402 -27.48 152.71 -41.11
CA CYS P 402 -26.25 151.94 -41.00
C CYS P 402 -25.74 151.51 -42.37
N THR P 403 -24.49 151.07 -42.42
CA THR P 403 -23.91 150.65 -43.69
C THR P 403 -24.78 149.54 -44.28
N GLY P 404 -25.30 148.67 -43.42
CA GLY P 404 -26.14 147.58 -43.86
C GLY P 404 -27.30 147.38 -42.91
N GLY P 405 -28.17 146.46 -43.28
CA GLY P 405 -29.33 146.11 -42.49
C GLY P 405 -29.25 144.74 -41.84
N LEU P 406 -30.27 144.41 -41.06
CA LEU P 406 -30.39 143.16 -40.34
C LEU P 406 -30.95 142.05 -41.22
N THR P 407 -30.46 140.84 -40.96
CA THR P 407 -30.86 139.65 -41.71
C THR P 407 -31.82 138.79 -40.89
N PRO P 408 -33.07 138.67 -41.36
CA PRO P 408 -34.05 137.88 -40.65
C PRO P 408 -33.81 136.38 -40.72
N LEU P 409 -33.82 135.74 -39.56
CA LEU P 409 -33.71 134.29 -39.40
C LEU P 409 -35.14 133.89 -39.03
N TYR P 410 -35.84 133.30 -39.99
CA TYR P 410 -37.24 132.98 -39.83
C TYR P 410 -37.58 131.66 -39.16
N LEU P 411 -38.66 131.69 -38.40
CA LEU P 411 -39.19 130.48 -37.80
C LEU P 411 -39.87 129.78 -38.96
N ALA P 412 -39.82 128.45 -38.94
CA ALA P 412 -40.39 127.65 -40.00
C ALA P 412 -40.98 126.35 -39.50
N ASP P 413 -41.65 125.65 -40.41
CA ASP P 413 -42.25 124.36 -40.13
C ASP P 413 -41.23 123.35 -39.62
N GLY P 414 -41.74 122.40 -38.83
CA GLY P 414 -40.90 121.37 -38.24
C GLY P 414 -39.99 121.95 -37.17
N HIS P 415 -40.38 123.07 -36.58
CA HIS P 415 -39.56 123.73 -35.57
C HIS P 415 -38.15 124.01 -36.10
N GLY P 416 -38.09 124.52 -37.31
CA GLY P 416 -36.83 124.85 -37.93
C GLY P 416 -36.66 126.35 -38.00
N LEU P 417 -35.48 126.76 -38.43
CA LEU P 417 -35.10 128.16 -38.64
C LEU P 417 -34.44 128.22 -40.00
N SER P 418 -34.76 129.26 -40.75
CA SER P 418 -34.21 129.40 -42.09
C SER P 418 -34.11 130.85 -42.51
N PHE P 419 -33.06 131.17 -43.26
CA PHE P 419 -32.86 132.52 -43.77
C PHE P 419 -33.80 132.84 -44.92
N THR P 420 -34.53 131.83 -45.39
CA THR P 420 -35.49 131.94 -46.46
C THR P 420 -36.89 132.15 -45.92
N HIS P 421 -37.54 133.24 -46.31
CA HIS P 421 -38.88 133.53 -45.85
C HIS P 421 -39.82 132.41 -46.29
N PRO P 422 -40.50 131.73 -45.34
CA PRO P 422 -41.46 130.70 -45.70
C PRO P 422 -42.77 131.27 -46.24
N ALA P 423 -43.12 130.87 -47.45
CA ALA P 423 -44.30 131.43 -48.13
C ALA P 423 -45.60 131.16 -47.40
N ALA P 424 -45.79 129.92 -47.00
CA ALA P 424 -47.02 129.48 -46.34
C ALA P 424 -47.13 129.80 -44.85
N ASP P 425 -48.33 130.15 -44.42
CA ASP P 425 -48.62 130.48 -43.04
C ASP P 425 -48.61 129.24 -42.16
N GLY P 426 -48.34 129.43 -40.88
CA GLY P 426 -48.30 128.33 -39.94
C GLY P 426 -48.17 128.85 -38.53
N ALA P 427 -48.32 127.96 -37.56
CA ALA P 427 -48.24 128.35 -36.16
C ALA P 427 -48.01 127.15 -35.26
N ASP P 428 -47.30 127.38 -34.16
CA ASP P 428 -47.05 126.37 -33.14
C ASP P 428 -47.55 126.96 -31.83
N SER P 429 -48.29 126.17 -31.04
CA SER P 429 -48.88 126.60 -29.77
C SER P 429 -48.26 125.89 -28.59
N TYR P 430 -48.26 126.55 -27.44
CA TYR P 430 -47.79 126.00 -26.19
C TYR P 430 -48.66 126.58 -25.11
N VAL P 431 -48.84 125.87 -24.00
CA VAL P 431 -49.67 126.37 -22.90
C VAL P 431 -48.82 127.00 -21.81
N SER P 432 -49.30 128.13 -21.28
CA SER P 432 -48.64 128.88 -20.25
C SER P 432 -49.52 128.94 -19.00
N ASP P 433 -49.14 128.11 -18.03
CA ASP P 433 -49.85 127.99 -16.77
C ASP P 433 -49.05 128.68 -15.68
N PRO P 434 -49.56 129.82 -15.18
CA PRO P 434 -48.90 130.58 -14.14
C PRO P 434 -48.65 129.84 -12.84
N ALA P 435 -49.34 128.72 -12.63
CA ALA P 435 -49.12 127.94 -11.42
C ALA P 435 -47.87 127.09 -11.57
N HIS P 436 -47.38 127.00 -12.81
CA HIS P 436 -46.21 126.21 -13.10
C HIS P 436 -45.30 126.98 -14.00
N PRO P 437 -44.77 128.11 -13.52
CA PRO P 437 -43.90 128.96 -14.33
C PRO P 437 -42.52 128.36 -14.59
N VAL P 438 -41.95 128.70 -15.74
CA VAL P 438 -40.66 128.20 -16.12
C VAL P 438 -39.54 128.77 -15.25
N PRO P 439 -38.77 127.90 -14.60
CA PRO P 439 -37.67 128.40 -13.81
C PRO P 439 -36.61 129.06 -14.67
N PHE P 440 -36.17 130.26 -14.30
CA PHE P 440 -35.19 130.98 -15.10
C PHE P 440 -33.83 130.27 -15.04
N ILE P 441 -33.61 129.54 -13.97
CA ILE P 441 -32.45 128.68 -13.84
C ILE P 441 -32.99 127.56 -12.98
N SER P 442 -32.31 126.42 -13.01
CA SER P 442 -32.72 125.23 -12.29
C SER P 442 -32.98 125.33 -10.80
N ARG P 443 -34.13 124.81 -10.34
CA ARG P 443 -34.49 124.80 -8.93
C ARG P 443 -33.56 123.90 -8.12
N PRO P 444 -33.30 124.24 -6.84
CA PRO P 444 -33.77 125.40 -6.14
C PRO P 444 -32.85 126.59 -6.31
N PHE P 445 -33.38 127.79 -6.19
CA PHE P 445 -32.57 128.99 -6.28
C PHE P 445 -33.14 130.01 -5.33
N ALA P 446 -32.23 130.70 -4.64
CA ALA P 446 -32.56 131.80 -3.75
C ALA P 446 -31.74 132.99 -4.23
N PHE P 447 -32.31 134.19 -4.20
CA PHE P 447 -31.57 135.36 -4.66
C PHE P 447 -30.26 135.52 -3.90
N ALA P 448 -30.17 134.98 -2.70
CA ALA P 448 -28.96 135.13 -1.88
C ALA P 448 -27.77 134.33 -2.42
N GLN P 449 -28.06 133.37 -3.28
CA GLN P 449 -27.01 132.55 -3.87
C GLN P 449 -26.30 133.26 -5.02
N SER P 450 -25.37 134.15 -4.64
CA SER P 450 -24.59 134.91 -5.59
C SER P 450 -23.85 134.04 -6.60
N SER P 451 -23.39 132.87 -6.17
CA SER P 451 -22.61 132.02 -7.07
C SER P 451 -23.45 131.50 -8.23
N ARG P 452 -24.76 131.44 -8.06
CA ARG P 452 -25.65 130.99 -9.12
C ARG P 452 -26.29 132.14 -9.91
N TRP P 453 -26.37 133.29 -9.26
CA TRP P 453 -26.93 134.46 -9.89
C TRP P 453 -25.97 135.01 -10.93
N LYS P 454 -24.71 135.16 -10.55
CA LYS P 454 -23.73 135.80 -11.42
C LYS P 454 -23.67 135.32 -12.86
N PRO P 455 -23.48 134.01 -13.08
CA PRO P 455 -23.38 133.50 -14.43
C PRO P 455 -24.69 132.95 -14.95
N TRP P 456 -25.82 133.44 -14.47
CA TRP P 456 -27.06 132.82 -14.91
C TRP P 456 -27.27 132.88 -16.41
N LEU P 457 -26.85 133.95 -17.07
CA LEU P 457 -27.14 134.13 -18.49
C LEU P 457 -26.44 133.16 -19.41
N VAL P 458 -25.46 132.42 -18.89
CA VAL P 458 -24.73 131.50 -19.74
C VAL P 458 -25.05 130.03 -19.48
N GLN P 459 -26.09 129.79 -18.70
CA GLN P 459 -26.50 128.43 -18.37
C GLN P 459 -27.20 127.71 -19.52
N ASP P 460 -27.08 126.38 -19.54
CA ASP P 460 -27.66 125.53 -20.57
C ASP P 460 -29.17 125.68 -20.60
N GLN P 461 -29.76 125.85 -21.78
CA GLN P 461 -31.21 125.99 -21.89
C GLN P 461 -31.88 124.68 -22.30
N ARG P 462 -31.23 123.55 -22.10
CA ARG P 462 -31.88 122.27 -22.37
C ARG P 462 -33.05 121.91 -21.45
N GLU P 463 -33.04 122.37 -20.21
CA GLU P 463 -34.14 122.07 -19.30
C GLU P 463 -35.41 122.70 -19.83
N ALA P 464 -35.32 123.95 -20.27
CA ALA P 464 -36.47 124.67 -20.80
C ALA P 464 -36.95 124.01 -22.10
N GLU P 465 -36.02 123.47 -22.87
CA GLU P 465 -36.37 122.85 -24.15
C GLU P 465 -37.28 121.64 -23.93
N SER P 466 -37.05 120.90 -22.85
CA SER P 466 -37.83 119.70 -22.59
C SER P 466 -39.26 119.96 -22.15
N ARG P 467 -39.62 121.21 -21.87
CA ARG P 467 -40.95 121.51 -21.37
C ARG P 467 -41.98 121.81 -22.44
N PRO P 468 -43.24 121.47 -22.18
CA PRO P 468 -44.27 121.80 -23.16
C PRO P 468 -44.71 123.26 -23.12
N ASP P 469 -44.22 124.01 -22.15
CA ASP P 469 -44.54 125.43 -22.04
C ASP P 469 -43.40 126.29 -22.60
N VAL P 470 -42.69 125.71 -23.54
CA VAL P 470 -41.59 126.36 -24.24
C VAL P 470 -41.59 125.85 -25.69
N VAL P 471 -41.43 126.73 -26.67
CA VAL P 471 -41.33 126.28 -28.06
C VAL P 471 -39.91 126.52 -28.50
N THR P 472 -39.32 125.54 -29.16
CA THR P 472 -37.94 125.67 -29.59
C THR P 472 -37.81 125.42 -31.08
N TYR P 473 -36.98 126.24 -31.73
CA TYR P 473 -36.72 126.16 -33.16
C TYR P 473 -35.22 126.12 -33.39
N GLU P 474 -34.77 125.39 -34.40
CA GLU P 474 -33.34 125.35 -34.65
C GLU P 474 -33.00 125.13 -36.12
N THR P 475 -31.84 125.65 -36.50
CA THR P 475 -31.36 125.46 -37.86
C THR P 475 -30.80 124.06 -37.98
N GLU P 476 -30.45 123.66 -39.19
CA GLU P 476 -29.80 122.38 -39.38
C GLU P 476 -28.42 122.63 -38.83
N VAL P 477 -27.59 121.60 -38.67
CA VAL P 477 -26.23 121.92 -38.26
C VAL P 477 -25.58 122.72 -39.40
N LEU P 478 -24.86 123.77 -39.01
CA LEU P 478 -24.21 124.68 -39.93
C LEU P 478 -22.99 124.11 -40.64
N ASP P 479 -22.98 124.28 -41.96
CA ASP P 479 -21.88 123.87 -42.86
C ASP P 479 -20.87 125.01 -43.02
N GLU P 480 -21.35 126.24 -42.90
CA GLU P 480 -20.55 127.46 -43.00
C GLU P 480 -20.92 128.36 -41.80
N PRO P 481 -19.93 129.00 -41.16
CA PRO P 481 -20.18 129.82 -39.99
C PRO P 481 -20.97 131.08 -40.27
N VAL P 482 -21.75 131.55 -39.30
CA VAL P 482 -22.46 132.80 -39.55
C VAL P 482 -22.05 133.78 -38.48
N ARG P 483 -21.51 134.92 -38.92
CA ARG P 483 -21.02 135.94 -38.03
C ARG P 483 -22.05 136.99 -37.67
N VAL P 484 -22.12 137.36 -36.40
CA VAL P 484 -23.10 138.36 -35.98
C VAL P 484 -22.39 139.41 -35.14
N SER P 485 -22.79 140.67 -35.31
CA SER P 485 -22.19 141.74 -34.54
C SER P 485 -23.11 142.97 -34.59
N GLY P 486 -23.78 143.21 -33.47
CA GLY P 486 -24.73 144.28 -33.35
C GLY P 486 -25.83 143.96 -32.36
N VAL P 487 -26.99 144.61 -32.53
CA VAL P 487 -28.09 144.31 -31.63
C VAL P 487 -29.19 143.63 -32.43
N PRO P 488 -29.52 142.40 -32.03
CA PRO P 488 -30.61 141.67 -32.67
C PRO P 488 -31.94 142.24 -32.26
N VAL P 489 -32.95 141.95 -33.08
CA VAL P 489 -34.29 142.46 -32.85
C VAL P 489 -35.26 141.31 -33.00
N ALA P 490 -36.13 141.16 -32.03
CA ALA P 490 -37.16 140.12 -32.08
C ALA P 490 -38.33 140.69 -32.85
N ASP P 491 -38.76 140.01 -33.90
CA ASP P 491 -39.87 140.47 -34.71
C ASP P 491 -40.87 139.36 -34.53
N LEU P 492 -41.64 139.47 -33.46
CA LEU P 492 -42.57 138.43 -33.02
C LEU P 492 -44.03 138.63 -33.36
N PHE P 493 -44.63 137.61 -33.94
CA PHE P 493 -46.03 137.59 -34.27
C PHE P 493 -46.62 136.51 -33.36
N ALA P 494 -47.28 136.94 -32.32
CA ALA P 494 -47.82 135.99 -31.35
C ALA P 494 -49.18 136.35 -30.80
N ALA P 495 -49.93 135.30 -30.52
CA ALA P 495 -51.28 135.39 -30.00
C ALA P 495 -51.37 134.63 -28.67
N THR P 496 -52.28 135.11 -27.84
CA THR P 496 -52.56 134.48 -26.58
C THR P 496 -54.06 134.49 -26.40
N SER P 497 -54.56 133.45 -25.73
CA SER P 497 -55.97 133.34 -25.43
C SER P 497 -56.39 134.21 -24.24
N GLY P 498 -55.43 134.80 -23.55
CA GLY P 498 -55.69 135.72 -22.45
C GLY P 498 -55.68 137.15 -22.95
N THR P 499 -55.67 138.09 -22.01
CA THR P 499 -55.67 139.52 -22.29
C THR P 499 -54.36 140.23 -21.89
N ASP P 500 -53.35 139.44 -21.54
CA ASP P 500 -52.04 139.97 -21.22
C ASP P 500 -51.11 138.77 -21.37
N SER P 501 -49.82 139.01 -21.39
CA SER P 501 -48.82 137.98 -21.49
C SER P 501 -47.45 138.58 -21.59
N ASP P 502 -46.49 137.78 -21.15
CA ASP P 502 -45.09 138.14 -21.27
C ASP P 502 -44.56 137.25 -22.36
N TRP P 503 -43.58 137.76 -23.08
CA TRP P 503 -42.95 137.04 -24.15
C TRP P 503 -41.45 137.05 -23.93
N VAL P 504 -40.91 135.85 -23.74
CA VAL P 504 -39.49 135.67 -23.50
C VAL P 504 -38.88 135.10 -24.75
N VAL P 505 -37.88 135.78 -25.32
CA VAL P 505 -37.22 135.32 -26.54
C VAL P 505 -35.74 135.09 -26.28
N LYS P 506 -35.24 133.94 -26.72
CA LYS P 506 -33.83 133.58 -26.51
C LYS P 506 -33.12 133.22 -27.78
N LEU P 507 -31.97 133.83 -28.02
CA LEU P 507 -31.16 133.49 -29.19
C LEU P 507 -30.03 132.62 -28.68
N ILE P 508 -29.94 131.41 -29.19
CA ILE P 508 -28.96 130.44 -28.66
C ILE P 508 -28.02 129.83 -29.68
N ASP P 509 -26.80 129.54 -29.22
CA ASP P 509 -25.75 128.90 -29.99
C ASP P 509 -25.65 127.49 -29.45
N VAL P 510 -26.14 126.52 -30.23
CA VAL P 510 -26.10 125.13 -29.81
C VAL P 510 -24.70 124.65 -30.17
N GLN P 511 -23.97 124.13 -29.18
CA GLN P 511 -22.62 123.65 -29.42
C GLN P 511 -22.68 122.37 -30.23
N PRO P 512 -21.55 121.92 -30.80
CA PRO P 512 -21.57 120.69 -31.60
C PRO P 512 -22.14 119.51 -30.80
N ALA P 513 -22.86 118.59 -31.45
CA ALA P 513 -23.48 117.44 -30.78
C ALA P 513 -22.56 116.78 -29.77
N MET P 514 -21.29 116.71 -30.15
CA MET P 514 -20.23 116.21 -29.27
C MET P 514 -19.08 117.20 -29.25
N THR P 515 -18.53 117.44 -28.07
CA THR P 515 -17.36 118.29 -27.89
C THR P 515 -16.40 117.41 -27.11
N PRO P 516 -15.62 116.59 -27.82
CA PRO P 516 -14.75 115.59 -27.19
C PRO P 516 -13.60 116.18 -26.38
N ASP P 517 -13.24 117.43 -26.60
CA ASP P 517 -12.17 118.02 -25.79
C ASP P 517 -12.70 118.46 -24.42
N ASP P 518 -14.02 118.60 -24.31
CA ASP P 518 -14.70 119.02 -23.08
C ASP P 518 -16.12 118.46 -23.19
N PRO P 519 -16.25 117.14 -23.00
CA PRO P 519 -17.48 116.38 -23.20
C PRO P 519 -18.79 117.00 -22.68
N LYS P 520 -18.75 117.66 -21.53
CA LYS P 520 -19.95 118.22 -20.93
C LYS P 520 -20.61 119.31 -21.78
N MET P 521 -19.87 119.89 -22.71
CA MET P 521 -20.42 120.96 -23.52
C MET P 521 -21.16 120.50 -24.78
N GLY P 522 -21.23 119.19 -24.97
CA GLY P 522 -21.87 118.60 -26.15
C GLY P 522 -23.35 118.91 -26.25
N GLY P 523 -23.75 119.59 -27.32
CA GLY P 523 -25.16 119.93 -27.51
C GLY P 523 -25.67 121.00 -26.55
N TYR P 524 -24.74 121.61 -25.83
CA TYR P 524 -25.06 122.66 -24.84
C TYR P 524 -25.66 123.88 -25.49
N GLU P 525 -26.87 124.23 -25.04
CA GLU P 525 -27.65 125.36 -25.53
C GLU P 525 -27.28 126.65 -24.79
N LEU P 526 -26.26 127.33 -25.34
CA LEU P 526 -25.72 128.53 -24.74
C LEU P 526 -26.42 129.78 -25.21
N PRO P 527 -27.10 130.52 -24.31
CA PRO P 527 -27.72 131.76 -24.72
C PRO P 527 -26.70 132.86 -24.98
N VAL P 528 -26.78 133.49 -26.15
CA VAL P 528 -25.90 134.61 -26.47
C VAL P 528 -26.70 135.88 -26.25
N SER P 529 -28.02 135.82 -26.38
CA SER P 529 -28.86 136.98 -26.20
C SER P 529 -30.30 136.61 -25.90
N MET P 530 -30.82 137.12 -24.79
CA MET P 530 -32.21 136.87 -24.39
C MET P 530 -32.82 138.01 -23.58
N ASP P 531 -34.14 138.17 -23.71
CA ASP P 531 -34.86 139.17 -22.92
C ASP P 531 -36.34 138.85 -22.90
N ILE P 532 -37.08 139.63 -22.13
CA ILE P 532 -38.51 139.45 -21.92
C ILE P 532 -39.25 140.74 -22.25
N PHE P 533 -40.48 140.65 -22.73
CA PHE P 533 -41.28 141.84 -23.05
C PHE P 533 -42.63 141.68 -22.36
N ARG P 534 -43.13 142.68 -21.64
CA ARG P 534 -44.45 142.61 -21.02
C ARG P 534 -45.48 143.12 -22.04
N GLY P 535 -46.26 142.19 -22.55
CA GLY P 535 -47.24 142.42 -23.61
C GLY P 535 -48.14 143.64 -23.53
N ARG P 536 -48.57 144.01 -22.33
CA ARG P 536 -49.49 145.14 -22.16
C ARG P 536 -48.89 146.44 -22.68
N TYR P 537 -47.58 146.45 -22.89
CA TYR P 537 -46.89 147.63 -23.38
C TYR P 537 -46.52 147.57 -24.87
N ARG P 538 -47.18 146.70 -25.62
CA ARG P 538 -46.88 146.50 -27.05
C ARG P 538 -46.91 147.75 -27.93
N LYS P 539 -47.90 148.61 -27.69
CA LYS P 539 -48.06 149.85 -28.44
C LYS P 539 -47.39 151.03 -27.77
N ASP P 540 -47.44 151.11 -26.44
CA ASP P 540 -46.89 152.26 -25.70
C ASP P 540 -46.46 151.88 -24.29
N PHE P 541 -45.21 152.14 -23.97
CA PHE P 541 -44.63 151.85 -22.67
C PHE P 541 -45.33 152.62 -21.56
N ALA P 542 -45.77 153.83 -21.88
CA ALA P 542 -46.43 154.71 -20.92
C ALA P 542 -47.91 154.37 -20.72
N LYS P 543 -48.52 153.77 -21.73
CA LYS P 543 -49.95 153.51 -21.71
C LYS P 543 -50.30 152.05 -21.97
N PRO P 544 -50.43 151.27 -20.88
CA PRO P 544 -50.75 149.86 -21.03
C PRO P 544 -52.16 149.59 -21.52
N GLU P 545 -52.30 148.57 -22.36
CA GLU P 545 -53.58 148.17 -22.91
C GLU P 545 -53.72 146.67 -23.02
N ALA P 546 -54.93 146.20 -22.81
CA ALA P 546 -55.22 144.80 -22.85
C ALA P 546 -54.94 144.19 -24.22
N LEU P 547 -54.56 142.92 -24.23
CA LEU P 547 -54.30 142.23 -25.49
C LEU P 547 -55.55 141.58 -26.00
N GLN P 548 -55.69 141.55 -27.32
CA GLN P 548 -56.83 140.97 -27.99
C GLN P 548 -56.76 139.45 -27.97
N PRO P 549 -57.72 138.80 -27.30
CA PRO P 549 -57.62 137.35 -27.23
C PRO P 549 -57.68 136.68 -28.60
N ASP P 550 -56.80 135.71 -28.76
CA ASP P 550 -56.72 134.91 -29.98
C ASP P 550 -56.27 135.66 -31.24
N ALA P 551 -55.80 136.89 -31.09
CA ALA P 551 -55.30 137.65 -32.21
C ALA P 551 -53.78 137.57 -32.24
N THR P 552 -53.24 137.43 -33.44
CA THR P 552 -51.79 137.43 -33.64
C THR P 552 -51.35 138.89 -33.67
N LEU P 553 -50.53 139.29 -32.71
CA LEU P 553 -50.08 140.65 -32.60
C LEU P 553 -48.59 140.77 -32.86
N HIS P 554 -48.20 141.95 -33.33
CA HIS P 554 -46.82 142.25 -33.70
C HIS P 554 -46.05 142.95 -32.59
N TYR P 555 -45.00 142.28 -32.14
CA TYR P 555 -44.15 142.81 -31.07
C TYR P 555 -42.79 142.97 -31.72
N HIS P 556 -42.14 144.09 -31.42
CA HIS P 556 -40.87 144.43 -32.05
C HIS P 556 -39.99 145.07 -30.98
N PHE P 557 -38.96 144.35 -30.55
CA PHE P 557 -38.08 144.89 -29.51
C PHE P 557 -36.64 144.40 -29.59
N THR P 558 -35.70 145.20 -29.11
CA THR P 558 -34.30 144.86 -29.17
C THR P 558 -33.87 143.92 -28.05
N LEU P 559 -32.94 143.04 -28.40
CA LEU P 559 -32.36 142.08 -27.49
C LEU P 559 -30.92 142.51 -27.18
N PRO P 560 -30.32 141.95 -26.13
CA PRO P 560 -28.92 142.27 -25.83
C PRO P 560 -27.96 142.10 -27.00
N ALA P 561 -26.92 142.94 -27.07
CA ALA P 561 -25.91 142.90 -28.15
C ALA P 561 -25.09 141.62 -28.25
N VAL P 562 -24.71 141.30 -29.47
CA VAL P 562 -23.92 140.10 -29.72
C VAL P 562 -22.71 140.45 -30.56
N ASN P 563 -21.64 139.67 -30.36
CA ASN P 563 -20.44 139.78 -31.17
C ASN P 563 -20.03 138.34 -31.10
N HIS P 564 -20.62 137.55 -31.98
CA HIS P 564 -20.42 136.10 -31.93
C HIS P 564 -20.25 135.53 -33.31
N VAL P 565 -19.82 134.26 -33.33
CA VAL P 565 -19.70 133.49 -34.56
C VAL P 565 -20.25 132.11 -34.30
N PHE P 566 -21.30 131.71 -35.04
CA PHE P 566 -21.87 130.39 -34.89
C PHE P 566 -21.08 129.60 -35.92
N ALA P 567 -20.14 128.81 -35.42
CA ALA P 567 -19.22 128.01 -36.22
C ALA P 567 -19.80 126.75 -36.89
N LYS P 568 -18.99 126.10 -37.72
CA LYS P 568 -19.42 124.87 -38.36
C LYS P 568 -19.66 123.82 -37.29
N GLY P 569 -20.74 123.06 -37.44
CA GLY P 569 -21.10 122.04 -36.49
C GLY P 569 -22.03 122.53 -35.42
N HIS P 570 -22.21 123.85 -35.27
CA HIS P 570 -23.12 124.39 -34.27
C HIS P 570 -24.49 124.54 -34.92
N ARG P 571 -25.47 125.04 -34.17
CA ARG P 571 -26.80 125.37 -34.67
C ARG P 571 -27.18 126.73 -34.08
N ILE P 572 -28.10 127.42 -34.74
CA ILE P 572 -28.65 128.65 -34.20
C ILE P 572 -29.98 128.14 -33.71
N MET P 573 -30.38 128.59 -32.53
CA MET P 573 -31.64 128.14 -31.95
C MET P 573 -32.38 129.29 -31.32
N VAL P 574 -33.69 129.26 -31.41
CA VAL P 574 -34.54 130.27 -30.82
C VAL P 574 -35.49 129.51 -29.91
N GLN P 575 -35.66 130.00 -28.68
CA GLN P 575 -36.63 129.48 -27.71
C GLN P 575 -37.56 130.60 -27.31
N ILE P 576 -38.87 130.34 -27.27
CA ILE P 576 -39.81 131.37 -26.83
C ILE P 576 -40.69 130.77 -25.71
N GLN P 577 -40.94 131.55 -24.66
CA GLN P 577 -41.77 131.10 -23.54
C GLN P 577 -42.49 132.33 -22.98
N SER P 578 -43.32 132.14 -21.95
CA SER P 578 -44.06 133.25 -21.41
C SER P 578 -43.96 133.47 -19.89
N SER P 579 -42.96 132.87 -19.26
CA SER P 579 -42.65 133.06 -17.84
C SER P 579 -41.15 132.81 -17.66
N TRP P 580 -40.57 133.34 -16.58
CA TRP P 580 -39.13 133.27 -16.31
C TRP P 580 -39.04 133.59 -14.83
N PHE P 581 -39.28 132.57 -14.00
CA PHE P 581 -39.49 132.73 -12.56
C PHE P 581 -38.45 132.05 -11.65
N PRO P 582 -38.20 132.64 -10.48
CA PRO P 582 -38.78 133.86 -9.89
C PRO P 582 -38.11 135.19 -10.19
N LEU P 583 -37.23 135.25 -11.18
CA LEU P 583 -36.57 136.50 -11.50
C LEU P 583 -37.58 137.58 -11.86
N TYR P 584 -38.54 137.22 -12.70
CA TYR P 584 -39.60 138.12 -13.13
C TYR P 584 -40.92 137.66 -12.57
N ASP P 585 -41.69 138.61 -12.04
CA ASP P 585 -43.01 138.30 -11.52
C ASP P 585 -43.84 137.79 -12.69
N ARG P 586 -44.79 136.92 -12.37
CA ARG P 586 -45.66 136.28 -13.33
C ARG P 586 -46.72 137.22 -13.90
N ASN P 587 -46.92 137.12 -15.20
CA ASN P 587 -47.95 137.89 -15.84
C ASN P 587 -49.17 137.03 -15.57
N PRO P 588 -50.22 137.59 -14.98
CA PRO P 588 -51.44 136.83 -14.71
C PRO P 588 -52.14 136.35 -15.98
N GLN P 589 -51.78 136.95 -17.11
CA GLN P 589 -52.40 136.59 -18.38
C GLN P 589 -53.87 137.01 -18.47
N LYS P 590 -54.19 138.04 -17.69
CA LYS P 590 -55.52 138.65 -17.65
C LYS P 590 -55.14 140.09 -17.40
N PHE P 591 -55.67 141.03 -18.18
CA PHE P 591 -55.33 142.42 -17.98
C PHE P 591 -55.92 142.94 -16.68
N VAL P 592 -55.05 143.40 -15.79
CA VAL P 592 -55.44 144.00 -14.52
C VAL P 592 -54.77 145.35 -14.52
N PRO P 593 -55.34 146.30 -13.78
CA PRO P 593 -54.72 147.62 -13.73
C PRO P 593 -53.25 147.63 -13.30
N ASN P 594 -52.91 146.84 -12.29
CA ASN P 594 -51.56 146.84 -11.78
C ASN P 594 -51.13 145.42 -11.40
N ILE P 595 -50.17 144.88 -12.12
CA ILE P 595 -49.71 143.50 -11.86
C ILE P 595 -49.04 143.29 -10.50
N PHE P 596 -48.65 144.37 -9.83
CA PHE P 596 -48.11 144.21 -8.49
C PHE P 596 -49.25 143.79 -7.57
N ASP P 597 -50.46 144.24 -7.87
CA ASP P 597 -51.62 143.96 -7.03
C ASP P 597 -52.48 142.80 -7.52
N ALA P 598 -51.97 141.98 -8.42
CA ALA P 598 -52.80 140.87 -8.89
C ALA P 598 -53.26 140.00 -7.72
N LYS P 599 -54.46 139.45 -7.86
CA LYS P 599 -55.04 138.57 -6.86
C LYS P 599 -54.99 137.15 -7.41
N PRO P 600 -55.02 136.14 -6.52
CA PRO P 600 -54.93 134.74 -6.90
C PRO P 600 -55.87 134.31 -8.04
N ALA P 601 -57.09 134.83 -8.03
CA ALA P 601 -58.09 134.48 -9.04
C ALA P 601 -57.78 135.09 -10.41
N ASP P 602 -56.94 136.10 -10.46
CA ASP P 602 -56.59 136.74 -11.72
C ASP P 602 -55.67 135.86 -12.57
N TYR P 603 -54.89 135.00 -11.93
CA TYR P 603 -53.94 134.17 -12.66
C TYR P 603 -54.68 133.15 -13.52
N THR P 604 -54.52 133.28 -14.82
CA THR P 604 -55.23 132.44 -15.77
C THR P 604 -54.31 131.66 -16.71
N VAL P 605 -54.67 130.41 -16.97
CA VAL P 605 -53.96 129.54 -17.91
C VAL P 605 -54.31 130.03 -19.32
N ALA P 606 -53.33 130.05 -20.22
CA ALA P 606 -53.55 130.50 -21.59
C ALA P 606 -52.80 129.64 -22.60
N THR P 607 -53.34 129.60 -23.81
CA THR P 607 -52.68 128.91 -24.90
C THR P 607 -52.06 130.01 -25.74
N GLN P 608 -50.75 129.90 -25.98
CA GLN P 608 -50.00 130.90 -26.75
C GLN P 608 -49.69 130.29 -28.11
N SER P 609 -49.68 131.12 -29.14
CA SER P 609 -49.41 130.69 -30.50
C SER P 609 -48.45 131.64 -31.21
N ILE P 610 -47.34 131.07 -31.70
CA ILE P 610 -46.33 131.81 -32.43
C ILE P 610 -46.50 131.51 -33.92
N HIS P 611 -46.79 132.56 -34.67
CA HIS P 611 -47.01 132.40 -36.10
C HIS P 611 -45.67 132.40 -36.82
N HIS P 612 -45.60 131.62 -37.89
CA HIS P 612 -44.44 131.63 -38.77
C HIS P 612 -44.91 131.62 -40.22
N GLY P 613 -44.10 132.25 -41.08
CA GLY P 613 -44.39 132.35 -42.51
C GLY P 613 -45.46 133.35 -42.89
N GLY P 614 -45.57 133.61 -44.18
CA GLY P 614 -46.58 134.54 -44.70
C GLY P 614 -46.33 135.96 -44.25
N LYS P 615 -47.40 136.76 -44.13
CA LYS P 615 -47.30 138.16 -43.73
C LYS P 615 -47.04 138.37 -42.24
N GLU P 616 -47.08 137.29 -41.47
CA GLU P 616 -46.85 137.34 -40.03
C GLU P 616 -45.71 136.37 -39.65
N ALA P 617 -44.63 136.44 -40.41
CA ALA P 617 -43.50 135.54 -40.24
C ALA P 617 -42.60 135.97 -39.10
N THR P 618 -42.78 135.33 -37.95
CA THR P 618 -41.92 135.60 -36.82
C THR P 618 -40.48 135.27 -37.17
N SER P 619 -39.54 136.12 -36.74
CA SER P 619 -38.10 135.89 -36.94
C SER P 619 -37.30 136.70 -35.93
N ILE P 620 -35.99 136.45 -35.88
CA ILE P 620 -35.03 137.24 -35.12
C ILE P 620 -34.19 137.96 -36.20
N LEU P 621 -34.23 139.29 -36.20
CA LEU P 621 -33.48 140.08 -37.13
C LEU P 621 -32.04 140.08 -36.63
N LEU P 622 -31.21 139.25 -37.25
CA LEU P 622 -29.82 139.09 -36.85
C LEU P 622 -28.89 140.10 -37.49
N PRO P 623 -27.94 140.62 -36.70
CA PRO P 623 -26.97 141.50 -37.31
C PRO P 623 -25.85 140.68 -37.95
N VAL P 624 -26.18 140.03 -39.06
CA VAL P 624 -25.19 139.24 -39.79
C VAL P 624 -24.22 140.17 -40.51
N VAL P 625 -22.95 139.81 -40.41
CA VAL P 625 -21.85 140.56 -41.02
C VAL P 625 -20.96 139.58 -41.77
N LYS P 626 -20.23 140.08 -42.77
CA LYS P 626 -19.34 139.25 -43.57
C LYS P 626 -17.95 139.15 -42.95
#